data_5W5T
#
_entry.id   5W5T
#
_cell.length_a   93.781
_cell.length_b   140.145
_cell.length_c   228.855
_cell.angle_alpha   107.81
_cell.angle_beta   101.84
_cell.angle_gamma   90.06
#
_symmetry.space_group_name_H-M   'P 1'
#
loop_
_entity.id
_entity.type
_entity.pdbx_description
1 polymer 'Glucose-1-phosphate adenylyltransferase'
2 non-polymer 'SULFATE ION'
3 non-polymer GLYCEROL
4 non-polymer 'ethyl 2-oxopropanoate'
5 water water
#
_entity_poly.entity_id   1
_entity_poly.type   'polypeptide(L)'
_entity_poly.pdbx_seq_one_letter_code
;VQPLARDAMAYVLAGGRGSRLKELTDRRAKPAVYFGGKARIIDFALSNALNSGIRRIGVATQYKAHSLIRHLQRGWDFFR
PERNESFDILPASQRVSETQWYEGTADAVYQNIDIIEPYAPEYMVILAGDHIYKMDYEYMLQQHVDSGADVTIGCLEVPR
MEATGFGVMHVNEKDEIIDFIEKPADPPGIPGNEGFALASMGIYVFHTKFLMEALRRDAADPTSSRDFGKDIIPYIVEHG
KAVAHRFADSCVRSDFEHEPYWRDVGTIDAYWQANIDLTDVVPDLDIYDKSWPIWTYAEITPPAKFVHDDEDRRGSAVSS
VVSGDCIISGAALNRSLLFTGVRANSYSRLENAVVLPSVKIGRHAQLSNVVIDHGVVIPEGLIVGEDPELDAKRFRRTES
GICLITQSMIDKLDL
;
_entity_poly.pdbx_strand_id   A,B,C,D,E,F,G,H,I,J,K,L,M,N,O,P,Q,R,Z,T
#
# COMPACT_ATOMS: atom_id res chain seq x y z
N VAL A 1 -27.65 7.26 -42.67
CA VAL A 1 -27.46 8.26 -41.60
C VAL A 1 -26.51 7.77 -40.45
N GLN A 2 -26.99 6.90 -39.55
CA GLN A 2 -26.15 5.97 -38.75
C GLN A 2 -24.97 5.30 -39.44
N PRO A 3 -23.75 5.59 -38.93
CA PRO A 3 -22.47 5.01 -39.36
C PRO A 3 -22.49 3.49 -39.24
N LEU A 4 -22.03 2.86 -40.30
CA LEU A 4 -21.93 1.42 -40.37
C LEU A 4 -20.95 0.87 -39.34
N ALA A 5 -19.96 1.67 -38.95
CA ALA A 5 -18.96 1.23 -37.98
C ALA A 5 -19.57 0.79 -36.65
N ARG A 6 -20.69 1.41 -36.27
CA ARG A 6 -21.37 1.06 -35.02
C ARG A 6 -21.70 -0.41 -34.98
N ASP A 7 -21.90 -1.00 -36.16
CA ASP A 7 -22.31 -2.39 -36.26
C ASP A 7 -21.22 -3.28 -36.85
N ALA A 8 -19.98 -2.82 -36.78
CA ALA A 8 -18.87 -3.58 -37.32
C ALA A 8 -18.00 -4.19 -36.23
N MET A 9 -17.38 -5.32 -36.55
CA MET A 9 -16.32 -5.88 -35.72
C MET A 9 -15.04 -5.98 -36.55
N ALA A 10 -13.96 -5.38 -36.08
CA ALA A 10 -12.67 -5.51 -36.74
C ALA A 10 -11.95 -6.74 -36.21
N TYR A 11 -11.55 -7.63 -37.10
CA TYR A 11 -10.93 -8.88 -36.71
C TYR A 11 -9.50 -8.95 -37.27
N VAL A 12 -8.52 -8.84 -36.39
CA VAL A 12 -7.14 -8.69 -36.79
C VAL A 12 -6.41 -10.02 -36.83
N LEU A 13 -5.87 -10.35 -38.00
CA LEU A 13 -5.07 -11.55 -38.16
C LEU A 13 -3.62 -11.19 -37.84
N ALA A 14 -3.13 -11.70 -36.72
CA ALA A 14 -1.87 -11.24 -36.16
C ALA A 14 -0.89 -12.39 -35.96
N GLY A 15 -0.98 -13.40 -36.83
CA GLY A 15 -0.16 -14.58 -36.68
C GLY A 15 1.03 -14.63 -37.62
N GLY A 16 1.12 -13.64 -38.51
CA GLY A 16 2.21 -13.56 -39.48
C GLY A 16 3.58 -13.67 -38.85
N ARG A 17 4.44 -14.48 -39.45
CA ARG A 17 5.72 -14.79 -38.82
C ARG A 17 6.81 -13.78 -39.14
N GLY A 18 6.70 -13.08 -40.27
CA GLY A 18 7.75 -12.19 -40.68
C GLY A 18 9.05 -12.95 -40.87
N SER A 19 8.99 -13.97 -41.72
CA SER A 19 10.10 -14.89 -41.94
C SER A 19 11.40 -14.16 -42.30
N ARG A 20 11.34 -13.35 -43.35
CA ARG A 20 12.53 -12.68 -43.89
C ARG A 20 13.13 -11.63 -42.94
N LEU A 21 12.49 -11.38 -41.79
CA LEU A 21 13.05 -10.47 -40.80
C LEU A 21 14.05 -11.22 -39.91
N LYS A 22 14.14 -12.54 -40.12
CA LYS A 22 15.14 -13.37 -39.45
C LYS A 22 15.16 -13.17 -37.95
N GLU A 23 16.31 -12.82 -37.40
CA GLU A 23 16.45 -12.82 -35.94
C GLU A 23 15.58 -11.77 -35.25
N LEU A 24 15.12 -10.78 -36.00
CA LEU A 24 14.25 -9.76 -35.43
C LEU A 24 12.96 -10.40 -34.95
N THR A 25 12.47 -11.39 -35.70
CA THR A 25 11.26 -12.11 -35.32
C THR A 25 11.53 -13.52 -34.78
N ASP A 26 12.68 -13.74 -34.15
CA ASP A 26 13.01 -15.07 -33.65
C ASP A 26 12.20 -15.44 -32.40
N ARG A 27 11.84 -14.45 -31.58
CA ARG A 27 10.97 -14.73 -30.44
C ARG A 27 9.88 -13.68 -30.26
N ARG A 28 9.35 -13.19 -31.37
CA ARG A 28 8.20 -12.30 -31.36
C ARG A 28 7.55 -12.39 -32.72
N ALA A 29 6.23 -12.24 -32.76
CA ALA A 29 5.51 -12.25 -34.01
C ALA A 29 5.74 -10.94 -34.75
N LYS A 30 5.60 -10.97 -36.07
CA LYS A 30 5.85 -9.75 -36.84
C LYS A 30 5.00 -8.57 -36.33
N PRO A 31 3.70 -8.78 -36.04
CA PRO A 31 2.94 -7.63 -35.52
C PRO A 31 3.45 -7.05 -34.21
N ALA A 32 4.30 -7.77 -33.48
CA ALA A 32 4.82 -7.24 -32.22
C ALA A 32 6.14 -6.50 -32.40
N VAL A 33 6.64 -6.46 -33.62
CA VAL A 33 7.87 -5.73 -33.90
C VAL A 33 7.67 -4.23 -33.72
N TYR A 34 8.62 -3.59 -33.04
CA TYR A 34 8.60 -2.17 -32.78
C TYR A 34 8.70 -1.31 -34.02
N PHE A 35 8.05 -0.14 -33.99
CA PHE A 35 8.15 0.78 -35.11
C PHE A 35 7.95 2.23 -34.69
N GLY A 36 8.76 3.12 -35.27
CA GLY A 36 8.49 4.54 -35.16
C GLY A 36 8.98 5.24 -33.91
N GLY A 37 9.55 4.49 -32.98
CA GLY A 37 10.06 5.07 -31.75
C GLY A 37 9.24 4.72 -30.51
N LYS A 38 7.94 4.50 -30.69
CA LYS A 38 7.04 4.33 -29.54
C LYS A 38 6.06 3.18 -29.68
N ALA A 39 5.75 2.79 -30.90
CA ALA A 39 4.66 1.85 -31.14
C ALA A 39 5.16 0.51 -31.66
N ARG A 40 4.22 -0.43 -31.84
CA ARG A 40 4.52 -1.67 -32.51
C ARG A 40 3.67 -1.72 -33.76
N ILE A 41 3.99 -2.62 -34.67
CA ILE A 41 3.34 -2.66 -35.97
C ILE A 41 1.82 -2.85 -35.85
N ILE A 42 1.39 -3.72 -34.95
CA ILE A 42 -0.03 -4.01 -34.82
C ILE A 42 -0.88 -2.81 -34.38
N ASP A 43 -0.26 -1.81 -33.74
CA ASP A 43 -1.00 -0.65 -33.24
C ASP A 43 -1.65 0.16 -34.36
N PHE A 44 -1.17 -0.01 -35.59
CA PHE A 44 -1.70 0.74 -36.70
C PHE A 44 -3.07 0.19 -37.12
N ALA A 45 -3.16 -1.10 -37.39
CA ALA A 45 -4.46 -1.68 -37.72
C ALA A 45 -5.43 -1.46 -36.56
N LEU A 46 -4.96 -1.56 -35.32
CA LEU A 46 -5.83 -1.38 -34.16
C LEU A 46 -6.33 0.07 -34.04
N SER A 47 -5.42 1.01 -34.25
CA SER A 47 -5.78 2.43 -34.18
C SER A 47 -6.71 2.82 -35.32
N ASN A 48 -6.48 2.25 -36.50
CA ASN A 48 -7.40 2.48 -37.61
C ASN A 48 -8.83 2.06 -37.27
N ALA A 49 -8.97 0.89 -36.65
CA ALA A 49 -10.27 0.39 -36.23
C ALA A 49 -10.93 1.36 -35.25
N LEU A 50 -10.19 1.72 -34.21
CA LEU A 50 -10.69 2.65 -33.20
C LEU A 50 -11.09 3.99 -33.84
N ASN A 51 -10.19 4.56 -34.64
CA ASN A 51 -10.43 5.88 -35.21
C ASN A 51 -11.57 5.87 -36.22
N SER A 52 -11.79 4.72 -36.87
CA SER A 52 -12.91 4.53 -37.80
C SER A 52 -14.25 4.37 -37.11
N GLY A 53 -14.24 4.28 -35.79
CA GLY A 53 -15.46 4.11 -35.04
C GLY A 53 -15.85 2.67 -34.80
N ILE A 54 -14.93 1.75 -35.05
CA ILE A 54 -15.20 0.35 -34.76
C ILE A 54 -14.83 0.08 -33.29
N ARG A 55 -15.83 -0.31 -32.49
CA ARG A 55 -15.64 -0.47 -31.05
C ARG A 55 -15.38 -1.93 -30.63
N ARG A 56 -15.63 -2.88 -31.53
CA ARG A 56 -15.36 -4.29 -31.21
C ARG A 56 -14.18 -4.80 -32.03
N ILE A 57 -13.15 -5.29 -31.33
CA ILE A 57 -11.94 -5.79 -31.97
C ILE A 57 -11.61 -7.19 -31.47
N GLY A 58 -11.33 -8.09 -32.40
CA GLY A 58 -10.78 -9.38 -32.08
C GLY A 58 -9.38 -9.46 -32.68
N VAL A 59 -8.45 -10.09 -31.97
CA VAL A 59 -7.10 -10.26 -32.48
C VAL A 59 -6.71 -11.73 -32.41
N ALA A 60 -6.55 -12.35 -33.56
CA ALA A 60 -6.13 -13.74 -33.62
C ALA A 60 -4.61 -13.82 -33.72
N THR A 61 -4.01 -14.58 -32.83
CA THR A 61 -2.57 -14.76 -32.87
C THR A 61 -2.24 -16.22 -33.12
N GLN A 62 -1.00 -16.48 -33.50
CA GLN A 62 -0.56 -17.82 -33.80
C GLN A 62 0.78 -18.08 -33.11
N TYR A 63 1.87 -17.91 -33.84
CA TYR A 63 3.18 -18.31 -33.34
C TYR A 63 3.89 -17.20 -32.59
N LYS A 64 4.73 -17.59 -31.63
CA LYS A 64 5.54 -16.68 -30.84
C LYS A 64 4.74 -15.49 -30.34
N ALA A 65 3.55 -15.75 -29.80
CA ALA A 65 2.57 -14.70 -29.50
C ALA A 65 2.71 -14.06 -28.13
N HIS A 66 3.63 -14.55 -27.29
CA HIS A 66 3.70 -14.09 -25.91
C HIS A 66 3.77 -12.58 -25.73
N SER A 67 4.77 -11.94 -26.31
CA SER A 67 4.97 -10.53 -26.04
C SER A 67 3.93 -9.69 -26.77
N LEU A 68 3.41 -10.22 -27.88
CA LEU A 68 2.32 -9.56 -28.60
C LEU A 68 1.09 -9.51 -27.72
N ILE A 69 0.83 -10.62 -27.03
CA ILE A 69 -0.33 -10.70 -26.17
C ILE A 69 -0.16 -9.83 -24.93
N ARG A 70 1.05 -9.76 -24.39
CA ARG A 70 1.30 -8.88 -23.24
C ARG A 70 1.16 -7.41 -23.64
N HIS A 71 1.65 -7.05 -24.82
CA HIS A 71 1.43 -5.72 -25.35
C HIS A 71 -0.07 -5.40 -25.42
N LEU A 72 -0.88 -6.33 -25.93
CA LEU A 72 -2.30 -6.07 -26.06
C LEU A 72 -2.98 -5.92 -24.69
N GLN A 73 -2.59 -6.75 -23.73
CA GLN A 73 -3.10 -6.70 -22.35
C GLN A 73 -2.78 -5.37 -21.66
N ARG A 74 -1.57 -4.87 -21.89
CA ARG A 74 -1.11 -3.65 -21.23
C ARG A 74 -1.62 -2.40 -21.91
N GLY A 75 -1.61 -2.40 -23.24
CA GLY A 75 -1.92 -1.20 -23.99
C GLY A 75 -3.37 -1.03 -24.44
N TRP A 76 -4.04 -2.13 -24.75
CA TRP A 76 -5.38 -2.05 -25.31
C TRP A 76 -6.41 -2.56 -24.31
N ASP A 77 -6.42 -1.88 -23.16
CA ASP A 77 -7.10 -2.38 -21.99
C ASP A 77 -8.31 -1.54 -21.59
N PHE A 78 -8.71 -0.61 -22.45
CA PHE A 78 -9.70 0.40 -22.08
C PHE A 78 -11.10 0.19 -22.66
N PHE A 79 -11.36 -1.00 -23.18
CA PHE A 79 -12.68 -1.33 -23.74
C PHE A 79 -13.59 -1.97 -22.69
N ARG A 80 -14.82 -1.48 -22.59
CA ARG A 80 -15.78 -2.03 -21.63
C ARG A 80 -17.04 -2.53 -22.34
N PRO A 81 -17.39 -3.81 -22.12
CA PRO A 81 -18.57 -4.40 -22.77
C PRO A 81 -19.91 -3.68 -22.46
N GLU A 82 -20.01 -2.97 -21.34
CA GLU A 82 -21.27 -2.28 -21.07
C GLU A 82 -21.41 -1.02 -21.93
N ARG A 83 -20.36 -0.65 -22.64
CA ARG A 83 -20.41 0.47 -23.57
C ARG A 83 -20.45 -0.05 -25.03
N ASN A 84 -20.70 -1.35 -25.17
CA ASN A 84 -20.71 -2.05 -26.45
C ASN A 84 -19.36 -2.03 -27.16
N GLU A 85 -18.31 -1.93 -26.36
CA GLU A 85 -16.94 -2.03 -26.81
C GLU A 85 -16.42 -3.39 -26.39
N SER A 86 -15.54 -3.98 -27.18
CA SER A 86 -14.90 -5.22 -26.75
C SER A 86 -13.54 -5.35 -27.41
N PHE A 87 -12.66 -6.09 -26.75
CA PHE A 87 -11.34 -6.35 -27.27
C PHE A 87 -10.98 -7.75 -26.82
N ASP A 88 -11.06 -8.69 -27.76
CA ASP A 88 -10.82 -10.09 -27.44
C ASP A 88 -9.49 -10.57 -27.99
N ILE A 89 -8.66 -11.13 -27.13
CA ILE A 89 -7.37 -11.70 -27.53
C ILE A 89 -7.53 -13.21 -27.70
N LEU A 90 -7.33 -13.69 -28.92
CA LEU A 90 -7.76 -15.03 -29.31
C LEU A 90 -6.64 -15.92 -29.82
N PRO A 91 -5.81 -16.43 -28.90
CA PRO A 91 -4.63 -17.23 -29.23
C PRO A 91 -4.98 -18.64 -29.67
N ALA A 92 -4.11 -19.24 -30.47
CA ALA A 92 -4.25 -20.63 -30.88
C ALA A 92 -4.10 -21.57 -29.68
N THR A 99 -0.65 -29.58 -30.61
CA THR A 99 -1.91 -30.08 -31.17
C THR A 99 -3.02 -29.03 -31.03
N GLN A 100 -2.67 -27.76 -31.17
CA GLN A 100 -3.64 -26.67 -31.09
C GLN A 100 -3.04 -25.37 -31.67
N TRP A 101 -3.07 -25.28 -33.00
CA TRP A 101 -2.83 -24.05 -33.72
C TRP A 101 -4.01 -23.78 -34.63
N TYR A 102 -4.07 -22.60 -35.24
CA TYR A 102 -5.03 -22.38 -36.31
C TYR A 102 -4.51 -23.06 -37.56
N GLU A 103 -5.41 -23.46 -38.45
CA GLU A 103 -5.01 -24.13 -39.68
C GLU A 103 -5.01 -23.20 -40.88
N GLY A 104 -5.01 -21.90 -40.62
CA GLY A 104 -4.99 -20.90 -41.68
C GLY A 104 -5.64 -19.63 -41.20
N THR A 105 -5.78 -18.62 -42.05
CA THR A 105 -6.41 -17.36 -41.63
C THR A 105 -7.93 -17.49 -41.50
N ALA A 106 -8.53 -18.37 -42.30
CA ALA A 106 -9.96 -18.62 -42.21
C ALA A 106 -10.31 -19.40 -40.94
N ASP A 107 -9.47 -20.36 -40.58
CA ASP A 107 -9.71 -21.15 -39.38
C ASP A 107 -9.92 -20.28 -38.13
N ALA A 108 -9.04 -19.29 -37.94
CA ALA A 108 -9.05 -18.42 -36.75
C ALA A 108 -10.36 -17.65 -36.60
N VAL A 109 -11.08 -17.48 -37.68
CA VAL A 109 -12.42 -16.95 -37.54
C VAL A 109 -13.34 -18.11 -37.20
N TYR A 110 -13.18 -19.22 -37.94
CA TYR A 110 -14.06 -20.37 -37.75
C TYR A 110 -14.03 -20.88 -36.31
N GLN A 111 -12.85 -21.01 -35.74
CA GLN A 111 -12.72 -21.51 -34.38
C GLN A 111 -13.26 -20.54 -33.34
N ASN A 112 -13.55 -19.31 -33.76
CA ASN A 112 -13.95 -18.27 -32.82
C ASN A 112 -15.33 -17.71 -33.09
N ILE A 113 -16.11 -18.45 -33.87
CA ILE A 113 -17.47 -18.05 -34.18
C ILE A 113 -18.29 -17.86 -32.89
N ASP A 114 -18.05 -18.73 -31.91
CA ASP A 114 -18.79 -18.72 -30.65
C ASP A 114 -18.52 -17.46 -29.84
N ILE A 115 -17.45 -16.75 -30.16
CA ILE A 115 -17.12 -15.51 -29.47
C ILE A 115 -17.65 -14.33 -30.28
N ILE A 116 -17.64 -14.48 -31.60
CA ILE A 116 -18.16 -13.45 -32.50
C ILE A 116 -19.67 -13.30 -32.38
N GLU A 117 -20.39 -14.41 -32.50
CA GLU A 117 -21.85 -14.34 -32.67
C GLU A 117 -22.65 -13.75 -31.49
N PRO A 118 -22.21 -13.94 -30.23
CA PRO A 118 -22.86 -13.21 -29.14
C PRO A 118 -22.90 -11.69 -29.37
N TYR A 119 -21.82 -11.13 -29.91
CA TYR A 119 -21.77 -9.71 -30.23
C TYR A 119 -22.72 -9.40 -31.38
N ALA A 120 -22.96 -10.42 -32.20
CA ALA A 120 -23.78 -10.30 -33.41
C ALA A 120 -23.51 -9.02 -34.20
N PRO A 121 -22.26 -8.84 -34.68
CA PRO A 121 -22.04 -7.66 -35.52
C PRO A 121 -22.70 -7.81 -36.88
N GLU A 122 -23.11 -6.71 -37.51
CA GLU A 122 -23.69 -6.82 -38.84
C GLU A 122 -22.61 -7.02 -39.88
N TYR A 123 -21.47 -6.35 -39.70
CA TYR A 123 -20.35 -6.40 -40.64
C TYR A 123 -19.08 -6.88 -39.97
N MET A 124 -18.28 -7.66 -40.68
CA MET A 124 -16.95 -8.03 -40.21
C MET A 124 -15.91 -7.34 -41.06
N VAL A 125 -14.95 -6.69 -40.42
CA VAL A 125 -13.83 -6.10 -41.13
C VAL A 125 -12.59 -6.90 -40.77
N ILE A 126 -12.17 -7.78 -41.69
CA ILE A 126 -11.00 -8.63 -41.48
C ILE A 126 -9.75 -7.87 -41.89
N LEU A 127 -8.76 -7.84 -40.99
CA LEU A 127 -7.59 -6.98 -41.17
C LEU A 127 -6.30 -7.76 -41.07
N ALA A 128 -5.30 -7.35 -41.82
CA ALA A 128 -3.96 -7.87 -41.64
C ALA A 128 -3.26 -6.97 -40.63
N GLY A 129 -2.66 -7.58 -39.60
CA GLY A 129 -2.06 -6.82 -38.52
C GLY A 129 -0.56 -6.61 -38.59
N ASP A 130 0.03 -6.80 -39.77
CA ASP A 130 1.48 -6.64 -39.90
C ASP A 130 1.89 -5.59 -40.94
N HIS A 131 0.98 -4.66 -41.23
CA HIS A 131 1.26 -3.54 -42.13
C HIS A 131 1.19 -2.22 -41.38
N ILE A 132 1.91 -1.22 -41.88
CA ILE A 132 1.88 0.13 -41.35
C ILE A 132 1.17 1.02 -42.34
N TYR A 133 -0.02 1.46 -41.94
CA TYR A 133 -0.85 2.30 -42.79
C TYR A 133 -1.93 2.95 -41.94
N LYS A 134 -2.53 4.02 -42.48
CA LYS A 134 -3.67 4.67 -41.84
C LYS A 134 -4.82 4.68 -42.83
N MET A 135 -5.99 4.21 -42.38
CA MET A 135 -7.14 4.01 -43.25
C MET A 135 -8.45 4.09 -42.49
N ASP A 136 -9.41 4.85 -43.04
CA ASP A 136 -10.73 5.02 -42.44
C ASP A 136 -11.67 3.96 -42.99
N TYR A 137 -11.92 2.92 -42.19
CA TYR A 137 -12.67 1.76 -42.69
C TYR A 137 -14.14 2.04 -43.02
N GLU A 138 -14.68 3.16 -42.54
CA GLU A 138 -16.08 3.51 -42.82
C GLU A 138 -16.33 3.61 -44.34
N TYR A 139 -15.36 4.11 -45.10
CA TYR A 139 -15.46 4.13 -46.57
C TYR A 139 -15.72 2.75 -47.14
N MET A 140 -14.94 1.79 -46.68
CA MET A 140 -15.03 0.44 -47.22
C MET A 140 -16.34 -0.24 -46.83
N LEU A 141 -16.81 0.05 -45.63
CA LEU A 141 -18.10 -0.45 -45.17
C LEU A 141 -19.23 0.06 -46.05
N GLN A 142 -19.17 1.35 -46.40
CA GLN A 142 -20.23 1.97 -47.17
C GLN A 142 -20.24 1.51 -48.63
N GLN A 143 -19.06 1.30 -49.21
CA GLN A 143 -19.00 0.72 -50.55
C GLN A 143 -19.57 -0.70 -50.52
N HIS A 144 -19.31 -1.44 -49.46
CA HIS A 144 -19.76 -2.82 -49.37
C HIS A 144 -21.29 -2.96 -49.36
N VAL A 145 -21.96 -2.22 -48.48
CA VAL A 145 -23.41 -2.34 -48.39
C VAL A 145 -24.08 -1.74 -49.63
N ASP A 146 -23.47 -0.72 -50.21
CA ASP A 146 -24.08 -0.02 -51.34
C ASP A 146 -23.83 -0.75 -52.64
N SER A 147 -22.83 -1.62 -52.67
CA SER A 147 -22.49 -2.34 -53.90
C SER A 147 -23.15 -3.70 -53.96
N GLY A 148 -23.63 -4.18 -52.81
CA GLY A 148 -24.25 -5.49 -52.74
C GLY A 148 -23.26 -6.63 -52.86
N ALA A 149 -21.98 -6.30 -52.86
CA ALA A 149 -20.92 -7.29 -52.93
C ALA A 149 -21.05 -8.32 -51.81
N ASP A 150 -20.65 -9.55 -52.11
CA ASP A 150 -20.41 -10.54 -51.07
C ASP A 150 -19.19 -10.12 -50.26
N VAL A 151 -18.16 -9.68 -50.97
CA VAL A 151 -16.89 -9.36 -50.34
C VAL A 151 -16.30 -8.09 -50.97
N THR A 152 -15.79 -7.19 -50.13
CA THR A 152 -15.09 -6.00 -50.63
C THR A 152 -13.62 -6.09 -50.20
N ILE A 153 -12.71 -5.97 -51.16
CA ILE A 153 -11.29 -6.22 -50.89
C ILE A 153 -10.49 -4.95 -51.04
N GLY A 154 -9.70 -4.63 -50.03
CA GLY A 154 -8.86 -3.46 -50.10
C GLY A 154 -7.62 -3.70 -50.93
N CYS A 155 -7.30 -2.76 -51.81
CA CYS A 155 -6.22 -2.92 -52.78
C CYS A 155 -5.38 -1.67 -52.96
N LEU A 156 -4.07 -1.84 -53.03
CA LEU A 156 -3.18 -0.75 -53.42
C LEU A 156 -3.09 -0.72 -54.94
N GLU A 157 -2.91 0.47 -55.52
CA GLU A 157 -2.55 0.55 -56.93
C GLU A 157 -1.04 0.60 -57.02
N VAL A 158 -0.44 -0.46 -57.55
CA VAL A 158 1.01 -0.46 -57.66
C VAL A 158 1.40 -0.67 -59.12
N PRO A 159 2.54 -0.10 -59.53
CA PRO A 159 3.07 -0.36 -60.87
C PRO A 159 3.14 -1.86 -61.12
N ARG A 160 2.71 -2.30 -62.31
CA ARG A 160 2.63 -3.73 -62.63
C ARG A 160 3.89 -4.52 -62.23
N MET A 161 5.06 -3.91 -62.32
CA MET A 161 6.26 -4.64 -61.94
C MET A 161 6.32 -4.94 -60.44
N GLU A 162 5.78 -4.04 -59.61
CA GLU A 162 5.83 -4.26 -58.17
C GLU A 162 4.78 -5.28 -57.73
N ALA A 163 3.70 -5.38 -58.49
CA ALA A 163 2.60 -6.28 -58.15
C ALA A 163 3.02 -7.74 -58.15
N THR A 164 4.17 -8.05 -58.75
CA THR A 164 4.60 -9.43 -58.91
C THR A 164 4.83 -10.14 -57.57
N GLY A 165 4.90 -9.38 -56.49
CA GLY A 165 5.08 -9.97 -55.17
C GLY A 165 3.80 -9.98 -54.35
N PHE A 166 2.75 -9.40 -54.91
CA PHE A 166 1.49 -9.35 -54.21
C PHE A 166 0.52 -10.39 -54.74
N GLY A 167 -0.50 -10.71 -53.95
CA GLY A 167 -1.65 -11.42 -54.48
C GLY A 167 -2.41 -10.37 -55.27
N VAL A 168 -2.65 -10.65 -56.54
CA VAL A 168 -3.20 -9.61 -57.41
C VAL A 168 -4.64 -9.95 -57.82
N MET A 169 -5.49 -8.94 -57.79
CA MET A 169 -6.89 -9.10 -58.17
C MET A 169 -7.09 -8.65 -59.60
N HIS A 170 -7.65 -9.56 -60.40
CA HIS A 170 -8.03 -9.23 -61.76
C HIS A 170 -9.47 -8.74 -61.76
N VAL A 171 -9.67 -7.46 -62.09
CA VAL A 171 -11.00 -6.89 -62.08
C VAL A 171 -11.41 -6.39 -63.46
N ASN A 172 -12.66 -5.97 -63.59
CA ASN A 172 -13.13 -5.38 -64.83
C ASN A 172 -13.25 -3.87 -64.74
N GLU A 173 -14.13 -3.29 -65.55
CA GLU A 173 -14.23 -1.85 -65.65
C GLU A 173 -15.08 -1.29 -64.51
N LYS A 174 -15.73 -2.17 -63.76
CA LYS A 174 -16.51 -1.73 -62.60
C LYS A 174 -15.89 -2.17 -61.28
N ASP A 175 -14.63 -2.59 -61.34
CA ASP A 175 -13.87 -3.03 -60.17
C ASP A 175 -14.47 -4.23 -59.47
N GLU A 176 -15.25 -5.02 -60.20
CA GLU A 176 -15.62 -6.35 -59.72
C GLU A 176 -14.48 -7.31 -60.08
N ILE A 177 -14.08 -8.15 -59.12
CA ILE A 177 -12.91 -8.99 -59.29
C ILE A 177 -13.25 -10.29 -60.03
N ILE A 178 -12.54 -10.55 -61.13
CA ILE A 178 -12.84 -11.65 -62.03
C ILE A 178 -11.83 -12.79 -61.94
N ASP A 179 -10.69 -12.53 -61.31
CA ASP A 179 -9.73 -13.57 -60.97
C ASP A 179 -8.73 -13.04 -59.96
N PHE A 180 -8.11 -13.98 -59.23
CA PHE A 180 -7.07 -13.67 -58.28
C PHE A 180 -5.87 -14.53 -58.59
N ILE A 181 -4.68 -13.94 -58.57
CA ILE A 181 -3.46 -14.69 -58.85
C ILE A 181 -2.41 -14.39 -57.81
N GLU A 182 -1.88 -15.42 -57.18
CA GLU A 182 -0.80 -15.24 -56.23
C GLU A 182 0.53 -14.95 -56.91
N LYS A 183 1.08 -13.77 -56.63
CA LYS A 183 2.37 -13.34 -57.15
C LYS A 183 2.51 -13.55 -58.65
N PRO A 184 1.56 -13.04 -59.44
CA PRO A 184 1.67 -13.28 -60.89
C PRO A 184 2.93 -12.66 -61.40
N ALA A 185 3.65 -13.44 -62.19
CA ALA A 185 4.94 -13.03 -62.67
C ALA A 185 4.78 -12.01 -63.81
N ASP A 186 3.62 -12.09 -64.46
CA ASP A 186 3.16 -11.06 -65.39
C ASP A 186 1.80 -10.56 -64.92
N PRO A 187 1.79 -9.62 -63.96
CA PRO A 187 0.55 -9.24 -63.25
C PRO A 187 -0.53 -8.66 -64.14
N PRO A 188 -1.76 -9.15 -63.98
CA PRO A 188 -2.88 -8.59 -64.75
C PRO A 188 -3.07 -7.13 -64.43
N GLY A 189 -3.16 -6.29 -65.46
CA GLY A 189 -3.30 -4.87 -65.26
C GLY A 189 -4.75 -4.43 -65.10
N ILE A 190 -4.93 -3.19 -64.67
CA ILE A 190 -6.26 -2.62 -64.54
C ILE A 190 -6.80 -2.28 -65.92
N PRO A 191 -7.95 -2.84 -66.29
CA PRO A 191 -8.56 -2.55 -67.60
C PRO A 191 -8.72 -1.04 -67.85
N GLY A 192 -8.00 -0.53 -68.85
CA GLY A 192 -8.02 0.88 -69.16
C GLY A 192 -6.90 1.63 -68.47
N ASN A 193 -6.07 0.89 -67.72
CA ASN A 193 -4.97 1.48 -66.98
C ASN A 193 -3.86 0.45 -66.73
N GLU A 194 -3.34 -0.12 -67.82
CA GLU A 194 -2.28 -1.11 -67.74
C GLU A 194 -1.05 -0.50 -67.10
N GLY A 195 -0.09 -1.34 -66.76
CA GLY A 195 1.08 -0.84 -66.06
C GLY A 195 0.76 -0.46 -64.63
N PHE A 196 -0.49 -0.69 -64.24
CA PHE A 196 -0.91 -0.63 -62.85
C PHE A 196 -1.76 -1.85 -62.56
N ALA A 197 -1.55 -2.43 -61.39
CA ALA A 197 -2.33 -3.58 -60.96
C ALA A 197 -2.94 -3.30 -59.60
N LEU A 198 -3.99 -4.06 -59.25
CA LEU A 198 -4.57 -3.95 -57.92
C LEU A 198 -4.00 -5.03 -57.01
N ALA A 199 -3.23 -4.60 -56.01
CA ALA A 199 -2.55 -5.50 -55.09
C ALA A 199 -3.29 -5.61 -53.76
N SER A 200 -3.64 -6.83 -53.37
CA SER A 200 -4.46 -7.07 -52.18
C SER A 200 -3.76 -6.65 -50.89
N MET A 201 -4.47 -5.94 -50.02
CA MET A 201 -3.91 -5.52 -48.73
C MET A 201 -4.15 -6.52 -47.60
N GLY A 202 -4.87 -7.60 -47.88
CA GLY A 202 -5.25 -8.52 -46.83
C GLY A 202 -6.32 -7.92 -45.91
N ILE A 203 -7.16 -7.07 -46.48
CA ILE A 203 -8.29 -6.47 -45.78
C ILE A 203 -9.58 -6.90 -46.46
N TYR A 204 -10.51 -7.46 -45.69
CA TYR A 204 -11.75 -8.01 -46.24
C TYR A 204 -12.99 -7.62 -45.45
N VAL A 205 -13.93 -6.95 -46.10
CA VAL A 205 -15.20 -6.56 -45.48
C VAL A 205 -16.33 -7.48 -45.88
N PHE A 206 -16.99 -8.09 -44.88
CA PHE A 206 -18.12 -8.98 -45.09
C PHE A 206 -19.38 -8.53 -44.34
N HIS A 207 -20.56 -8.90 -44.83
CA HIS A 207 -21.71 -9.02 -43.94
C HIS A 207 -21.35 -10.17 -43.02
N THR A 208 -21.84 -10.18 -41.79
CA THR A 208 -21.35 -11.19 -40.84
C THR A 208 -21.94 -12.57 -41.07
N LYS A 209 -23.19 -12.65 -41.49
CA LYS A 209 -23.83 -13.96 -41.66
C LYS A 209 -23.30 -14.72 -42.90
N PHE A 210 -23.01 -13.99 -43.99
CA PHE A 210 -22.43 -14.60 -45.22
C PHE A 210 -21.08 -15.25 -44.91
N LEU A 211 -20.22 -14.51 -44.20
CA LEU A 211 -18.89 -14.94 -43.79
C LEU A 211 -18.97 -16.20 -42.94
N MET A 212 -19.83 -16.16 -41.92
CA MET A 212 -20.03 -17.30 -41.02
C MET A 212 -20.26 -18.59 -41.82
N GLU A 213 -21.19 -18.54 -42.78
CA GLU A 213 -21.42 -19.68 -43.65
C GLU A 213 -20.20 -19.96 -44.52
N ALA A 214 -19.59 -18.91 -45.04
CA ALA A 214 -18.42 -19.03 -45.88
C ALA A 214 -17.26 -19.73 -45.17
N LEU A 215 -17.16 -19.53 -43.86
CA LEU A 215 -16.12 -20.22 -43.10
C LEU A 215 -16.53 -21.59 -42.62
N ARG A 216 -17.83 -21.79 -42.49
CA ARG A 216 -18.36 -23.11 -42.16
C ARG A 216 -18.10 -24.01 -43.35
N ARG A 217 -18.45 -23.51 -44.53
CA ARG A 217 -18.23 -24.22 -45.78
C ARG A 217 -16.77 -24.62 -45.91
N ASP A 218 -15.88 -23.72 -45.52
CA ASP A 218 -14.44 -23.93 -45.65
C ASP A 218 -13.93 -24.98 -44.67
N ALA A 219 -14.55 -25.03 -43.49
CA ALA A 219 -14.18 -26.02 -42.49
C ALA A 219 -14.49 -27.42 -42.98
N ALA A 220 -15.58 -27.55 -43.73
CA ALA A 220 -16.06 -28.84 -44.25
C ALA A 220 -15.23 -29.36 -45.42
N ASP A 221 -14.73 -28.44 -46.25
CA ASP A 221 -14.03 -28.83 -47.47
C ASP A 221 -12.57 -29.25 -47.27
N PRO A 222 -12.26 -30.50 -47.61
CA PRO A 222 -10.95 -31.15 -47.51
C PRO A 222 -9.87 -30.46 -48.33
N THR A 223 -10.28 -29.85 -49.44
CA THR A 223 -9.36 -29.18 -50.37
C THR A 223 -8.71 -27.96 -49.75
N SER A 224 -9.45 -27.32 -48.85
CA SER A 224 -9.11 -25.98 -48.39
C SER A 224 -7.88 -25.89 -47.51
N SER A 225 -6.98 -24.97 -47.88
CA SER A 225 -5.83 -24.61 -47.05
C SER A 225 -6.24 -23.67 -45.90
N ARG A 226 -7.53 -23.40 -45.80
CA ARG A 226 -8.14 -22.65 -44.70
C ARG A 226 -7.64 -21.20 -44.59
N ASP A 227 -7.33 -20.58 -45.73
CA ASP A 227 -6.88 -19.19 -45.77
C ASP A 227 -7.90 -18.28 -46.44
N PHE A 228 -7.92 -17.00 -46.10
CA PHE A 228 -8.77 -16.05 -46.83
C PHE A 228 -8.27 -15.85 -48.26
N GLY A 229 -6.97 -15.65 -48.39
CA GLY A 229 -6.36 -15.28 -49.67
C GLY A 229 -6.49 -16.33 -50.77
N LYS A 230 -6.33 -17.59 -50.40
CA LYS A 230 -6.32 -18.67 -51.38
C LYS A 230 -7.60 -19.49 -51.40
N ASP A 231 -8.26 -19.61 -50.25
CA ASP A 231 -9.45 -20.45 -50.15
C ASP A 231 -10.75 -19.66 -50.17
N ILE A 232 -10.97 -18.84 -49.15
CA ILE A 232 -12.21 -18.08 -49.06
C ILE A 232 -12.41 -17.19 -50.28
N ILE A 233 -11.51 -16.24 -50.49
CA ILE A 233 -11.69 -15.22 -51.51
C ILE A 233 -11.82 -15.79 -52.93
N PRO A 234 -10.87 -16.64 -53.37
CA PRO A 234 -10.99 -17.11 -54.75
C PRO A 234 -12.30 -17.84 -54.99
N TYR A 235 -12.74 -18.60 -54.00
CA TYR A 235 -14.02 -19.26 -54.08
C TYR A 235 -15.10 -18.22 -54.36
N ILE A 236 -15.13 -17.15 -53.56
CA ILE A 236 -16.09 -16.05 -53.78
C ILE A 236 -15.91 -15.45 -55.17
N VAL A 237 -14.65 -15.26 -55.58
CA VAL A 237 -14.38 -14.63 -56.86
C VAL A 237 -14.98 -15.47 -57.97
N GLU A 238 -14.86 -16.79 -57.82
CA GLU A 238 -15.30 -17.75 -58.83
C GLU A 238 -16.79 -18.09 -58.74
N HIS A 239 -17.37 -18.03 -57.55
CA HIS A 239 -18.76 -18.46 -57.37
C HIS A 239 -19.69 -17.36 -56.88
N GLY A 240 -19.14 -16.21 -56.55
CA GLY A 240 -19.96 -15.12 -56.00
C GLY A 240 -19.51 -13.75 -56.47
N LYS A 241 -19.87 -12.72 -55.70
CA LYS A 241 -19.60 -11.35 -56.11
C LYS A 241 -18.51 -10.68 -55.27
N ALA A 242 -17.35 -10.50 -55.88
CA ALA A 242 -16.21 -9.85 -55.22
C ALA A 242 -15.95 -8.48 -55.82
N VAL A 243 -15.66 -7.49 -54.99
CA VAL A 243 -15.45 -6.12 -55.47
C VAL A 243 -14.22 -5.50 -54.82
N ALA A 244 -13.50 -4.69 -55.58
CA ALA A 244 -12.28 -4.02 -55.10
C ALA A 244 -12.54 -2.66 -54.50
N HIS A 245 -11.87 -2.38 -53.38
CA HIS A 245 -11.84 -1.05 -52.84
C HIS A 245 -10.42 -0.53 -52.94
N ARG A 246 -10.25 0.68 -53.43
CA ARG A 246 -8.92 1.21 -53.62
C ARG A 246 -8.45 2.04 -52.43
N PHE A 247 -7.28 1.69 -51.91
CA PHE A 247 -6.67 2.34 -50.74
C PHE A 247 -6.64 3.86 -50.87
N ALA A 248 -6.42 4.37 -52.07
CA ALA A 248 -6.39 5.81 -52.27
C ALA A 248 -7.71 6.46 -51.87
N ASP A 249 -8.81 5.70 -51.93
CA ASP A 249 -10.13 6.23 -51.60
C ASP A 249 -10.38 6.36 -50.07
N SER A 250 -9.63 5.59 -49.27
CA SER A 250 -9.88 5.48 -47.83
C SER A 250 -8.72 5.96 -46.99
N CYS A 251 -7.54 6.01 -47.62
CA CYS A 251 -6.31 6.34 -46.91
C CYS A 251 -6.42 7.64 -46.18
N VAL A 252 -6.01 7.64 -44.92
CA VAL A 252 -5.97 8.87 -44.17
C VAL A 252 -4.58 9.46 -44.26
N ARG A 253 -4.37 10.36 -45.21
CA ARG A 253 -3.04 10.93 -45.36
C ARG A 253 -3.05 12.36 -44.88
N SER A 254 -2.01 12.71 -44.15
CA SER A 254 -1.80 14.07 -43.70
C SER A 254 -1.52 14.94 -44.93
N ASP A 255 -1.76 16.25 -44.82
CA ASP A 255 -1.34 17.17 -45.88
C ASP A 255 0.16 17.08 -46.10
N PHE A 256 0.86 16.61 -45.07
CA PHE A 256 2.31 16.55 -45.06
C PHE A 256 2.82 15.16 -45.42
N GLU A 257 1.92 14.38 -46.01
CA GLU A 257 2.29 13.09 -46.57
C GLU A 257 2.05 13.13 -48.08
N HIS A 258 3.14 13.10 -48.85
CA HIS A 258 3.07 13.41 -50.28
C HIS A 258 2.38 12.34 -51.13
N GLU A 259 1.99 11.24 -50.50
CA GLU A 259 1.27 10.15 -51.17
C GLU A 259 0.66 9.22 -50.12
N PRO A 260 -0.25 8.30 -50.53
CA PRO A 260 -0.74 7.35 -49.53
C PRO A 260 0.38 6.51 -48.96
N TYR A 261 0.38 6.28 -47.64
CA TYR A 261 1.45 5.53 -46.99
C TYR A 261 1.00 4.14 -46.66
N TRP A 262 1.75 3.15 -47.13
CA TRP A 262 1.53 1.77 -46.75
C TRP A 262 2.88 1.07 -46.79
N ARG A 263 3.22 0.33 -45.75
CA ARG A 263 4.48 -0.42 -45.72
C ARG A 263 4.29 -1.78 -45.09
N ASP A 264 4.90 -2.79 -45.71
CA ASP A 264 4.89 -4.16 -45.24
C ASP A 264 6.08 -4.45 -44.32
N VAL A 265 7.10 -3.60 -44.38
CA VAL A 265 8.41 -3.81 -43.73
C VAL A 265 8.78 -5.30 -43.64
N GLY A 266 8.76 -5.98 -44.79
CA GLY A 266 8.92 -7.42 -44.84
C GLY A 266 10.34 -7.95 -44.88
N THR A 267 11.31 -7.05 -44.94
CA THR A 267 12.73 -7.43 -44.94
C THR A 267 13.50 -6.48 -44.05
N ILE A 268 14.68 -6.87 -43.59
CA ILE A 268 15.50 -6.00 -42.74
C ILE A 268 15.78 -4.65 -43.43
N ASP A 269 16.02 -4.67 -44.73
CA ASP A 269 16.23 -3.44 -45.48
C ASP A 269 15.00 -2.53 -45.46
N ALA A 270 13.83 -3.11 -45.73
CA ALA A 270 12.61 -2.32 -45.78
C ALA A 270 12.25 -1.83 -44.39
N TYR A 271 12.51 -2.65 -43.39
CA TYR A 271 12.27 -2.28 -41.99
C TYR A 271 13.19 -1.16 -41.53
N TRP A 272 14.49 -1.31 -41.80
CA TRP A 272 15.45 -0.28 -41.46
C TRP A 272 15.09 1.03 -42.16
N GLN A 273 14.80 0.96 -43.46
CA GLN A 273 14.51 2.16 -44.25
C GLN A 273 13.26 2.89 -43.75
N ALA A 274 12.19 2.14 -43.47
CA ALA A 274 10.94 2.74 -43.03
C ALA A 274 11.11 3.53 -41.73
N ASN A 275 11.88 2.99 -40.78
CA ASN A 275 12.17 3.72 -39.53
C ASN A 275 13.12 4.88 -39.74
N ILE A 276 14.19 4.66 -40.50
CA ILE A 276 15.19 5.68 -40.66
C ILE A 276 14.62 6.84 -41.51
N ASP A 277 13.63 6.55 -42.34
CA ASP A 277 13.00 7.59 -43.16
C ASP A 277 12.30 8.62 -42.26
N LEU A 278 11.85 8.18 -41.09
CA LEU A 278 11.22 9.08 -40.12
C LEU A 278 12.19 10.16 -39.63
N THR A 279 13.46 10.04 -40.00
CA THR A 279 14.43 11.03 -39.58
C THR A 279 14.53 12.19 -40.58
N ASP A 280 13.87 12.05 -41.74
CA ASP A 280 13.86 13.09 -42.78
C ASP A 280 13.32 14.44 -42.33
N VAL A 281 13.67 15.49 -43.09
CA VAL A 281 13.06 16.79 -42.87
C VAL A 281 11.59 16.69 -43.24
N VAL A 282 11.31 15.97 -44.33
CA VAL A 282 9.93 15.73 -44.74
C VAL A 282 9.61 14.24 -44.84
N PRO A 283 9.31 13.61 -43.70
CA PRO A 283 9.08 12.16 -43.74
C PRO A 283 7.85 11.77 -44.54
N ASP A 284 7.90 10.60 -45.18
CA ASP A 284 6.74 10.02 -45.85
C ASP A 284 5.57 9.82 -44.90
N LEU A 285 5.87 9.44 -43.67
CA LEU A 285 4.86 9.23 -42.64
C LEU A 285 4.84 10.40 -41.66
N ASP A 286 3.68 11.01 -41.49
CA ASP A 286 3.51 12.15 -40.61
C ASP A 286 3.04 11.66 -39.26
N ILE A 287 3.99 11.42 -38.36
CA ILE A 287 3.65 10.90 -37.06
C ILE A 287 3.10 11.99 -36.14
N TYR A 288 2.91 13.18 -36.70
CA TYR A 288 2.36 14.31 -35.93
C TYR A 288 0.94 14.63 -36.34
N ASP A 289 0.31 13.73 -37.08
CA ASP A 289 -1.05 13.95 -37.52
C ASP A 289 -2.01 13.56 -36.38
N LYS A 290 -2.39 14.56 -35.58
CA LYS A 290 -3.22 14.35 -34.39
C LYS A 290 -4.67 14.09 -34.76
N SER A 291 -4.99 14.21 -36.03
CA SER A 291 -6.34 13.92 -36.50
C SER A 291 -6.58 12.41 -36.59
N TRP A 292 -5.51 11.63 -36.75
CA TRP A 292 -5.65 10.18 -36.85
C TRP A 292 -4.55 9.54 -36.02
N PRO A 293 -4.68 9.60 -34.69
CA PRO A 293 -3.57 9.21 -33.81
C PRO A 293 -3.39 7.71 -33.69
N ILE A 294 -2.15 7.30 -33.41
CA ILE A 294 -1.83 5.91 -33.20
C ILE A 294 -1.70 5.67 -31.71
N TRP A 295 -2.67 4.94 -31.15
CA TRP A 295 -2.62 4.57 -29.75
C TRP A 295 -1.66 3.41 -29.58
N THR A 296 -0.93 3.37 -28.46
CA THR A 296 -0.04 2.24 -28.18
C THR A 296 0.11 2.02 -26.68
N TYR A 297 0.95 1.07 -26.30
CA TYR A 297 1.35 0.95 -24.91
C TYR A 297 2.52 1.86 -24.62
N ALA A 298 2.36 2.72 -23.63
CA ALA A 298 3.43 3.62 -23.23
C ALA A 298 3.33 3.91 -21.75
N GLU A 299 4.48 4.02 -21.11
CA GLU A 299 4.53 4.33 -19.71
C GLU A 299 5.06 5.73 -19.52
N ILE A 300 4.81 6.28 -18.34
CA ILE A 300 5.43 7.53 -17.94
C ILE A 300 6.93 7.34 -17.85
N THR A 301 7.68 8.18 -18.57
CA THR A 301 9.14 8.08 -18.56
C THR A 301 9.70 9.46 -18.28
N PRO A 302 10.97 9.53 -17.87
CA PRO A 302 11.67 10.81 -17.86
C PRO A 302 11.94 11.30 -19.30
N PRO A 303 12.20 12.60 -19.46
CA PRO A 303 12.50 13.11 -20.81
C PRO A 303 13.88 12.65 -21.28
N ALA A 304 14.22 12.94 -22.53
CA ALA A 304 15.53 12.58 -23.05
C ALA A 304 16.59 13.54 -22.50
N LYS A 305 17.81 13.02 -22.30
CA LYS A 305 18.86 13.80 -21.66
C LYS A 305 20.13 13.73 -22.50
N PHE A 306 20.78 14.88 -22.66
CA PHE A 306 22.04 14.96 -23.40
C PHE A 306 23.06 15.59 -22.51
N VAL A 307 24.24 15.01 -22.43
CA VAL A 307 25.23 15.50 -21.50
C VAL A 307 26.65 15.40 -22.10
N HIS A 308 27.55 16.26 -21.59
CA HIS A 308 28.96 16.39 -22.00
C HIS A 308 29.10 17.15 -23.30
N ASP A 309 30.08 18.04 -23.33
CA ASP A 309 30.35 18.88 -24.48
C ASP A 309 31.73 19.50 -24.37
N ASP A 310 32.76 18.75 -24.75
CA ASP A 310 34.10 19.29 -24.75
C ASP A 310 34.87 18.90 -26.00
N GLU A 311 36.20 18.96 -25.90
CA GLU A 311 37.11 18.71 -27.01
C GLU A 311 36.77 17.43 -27.76
N ASP A 312 36.62 16.33 -27.02
CA ASP A 312 36.57 15.02 -27.63
C ASP A 312 35.22 14.31 -27.50
N ARG A 313 34.31 14.88 -26.73
CA ARG A 313 32.98 14.30 -26.63
C ARG A 313 31.90 15.35 -26.46
N ARG A 314 30.75 15.06 -27.05
CA ARG A 314 29.58 15.90 -26.98
C ARG A 314 28.39 15.00 -27.12
N GLY A 315 27.58 14.90 -26.07
CA GLY A 315 26.37 14.12 -26.14
C GLY A 315 25.35 14.91 -26.93
N SER A 316 25.05 14.46 -28.15
CA SER A 316 24.11 15.19 -28.97
C SER A 316 23.51 14.36 -30.08
N ALA A 317 22.33 14.76 -30.52
CA ALA A 317 21.66 14.10 -31.63
C ALA A 317 21.41 15.10 -32.75
N VAL A 318 21.67 14.66 -33.97
CA VAL A 318 21.52 15.51 -35.15
C VAL A 318 20.79 14.68 -36.20
N SER A 319 19.80 15.28 -36.86
CA SER A 319 18.96 14.56 -37.83
C SER A 319 18.50 13.24 -37.27
N SER A 320 18.04 13.26 -36.02
CA SER A 320 17.72 12.03 -35.31
C SER A 320 16.43 12.18 -34.51
N VAL A 321 15.86 11.04 -34.12
CA VAL A 321 14.62 10.99 -33.36
C VAL A 321 14.87 10.22 -32.07
N VAL A 322 14.60 10.84 -30.92
CA VAL A 322 14.96 10.23 -29.64
C VAL A 322 13.78 10.17 -28.68
N SER A 323 13.50 8.98 -28.16
CA SER A 323 12.40 8.79 -27.21
C SER A 323 12.79 9.09 -25.77
N GLY A 324 11.81 9.01 -24.88
CA GLY A 324 12.06 9.26 -23.48
C GLY A 324 12.89 8.18 -22.84
N ASP A 325 13.33 8.47 -21.61
CA ASP A 325 14.19 7.57 -20.85
C ASP A 325 15.49 7.28 -21.62
N CYS A 326 15.87 8.17 -22.52
CA CYS A 326 17.14 8.02 -23.24
C CYS A 326 18.19 8.95 -22.66
N ILE A 327 19.35 8.41 -22.33
CA ILE A 327 20.42 9.28 -21.85
C ILE A 327 21.56 9.22 -22.85
N ILE A 328 21.81 10.36 -23.48
CA ILE A 328 22.86 10.48 -24.49
C ILE A 328 24.08 11.16 -23.87
N SER A 329 24.98 10.34 -23.32
CA SER A 329 26.08 10.84 -22.50
C SER A 329 27.40 10.80 -23.25
N GLY A 330 27.75 11.90 -23.92
CA GLY A 330 28.99 11.99 -24.66
C GLY A 330 28.94 11.19 -25.95
N ALA A 331 27.73 10.77 -26.33
CA ALA A 331 27.55 10.01 -27.56
C ALA A 331 27.01 10.91 -28.67
N ALA A 332 27.62 10.78 -29.86
CA ALA A 332 27.20 11.55 -31.02
C ALA A 332 26.29 10.71 -31.91
N LEU A 333 25.05 11.14 -32.08
CA LEU A 333 24.09 10.44 -32.93
C LEU A 333 23.77 11.22 -34.20
N ASN A 334 23.73 10.52 -35.33
CA ASN A 334 23.34 11.13 -36.59
C ASN A 334 22.48 10.18 -37.40
N ARG A 335 21.41 10.72 -37.97
CA ARG A 335 20.48 9.93 -38.79
C ARG A 335 20.10 8.62 -38.11
N SER A 336 19.69 8.72 -36.85
CA SER A 336 19.34 7.56 -36.07
C SER A 336 18.01 7.74 -35.38
N LEU A 337 17.33 6.63 -35.15
CA LEU A 337 16.07 6.62 -34.43
C LEU A 337 16.25 5.75 -33.18
N LEU A 338 16.01 6.35 -32.01
CA LEU A 338 16.17 5.67 -30.73
C LEU A 338 14.84 5.47 -30.05
N PHE A 339 14.49 4.22 -29.79
CA PHE A 339 13.30 3.89 -29.02
C PHE A 339 13.55 4.16 -27.54
N THR A 340 12.52 3.99 -26.72
CA THR A 340 12.61 4.32 -25.30
C THR A 340 13.69 3.56 -24.52
N GLY A 341 14.41 4.27 -23.68
CA GLY A 341 15.30 3.64 -22.72
C GLY A 341 16.74 3.45 -23.13
N VAL A 342 17.15 4.04 -24.24
CA VAL A 342 18.51 3.79 -24.72
C VAL A 342 19.55 4.58 -23.92
N ARG A 343 20.64 3.90 -23.54
CA ARG A 343 21.76 4.53 -22.88
C ARG A 343 22.96 4.49 -23.82
N ALA A 344 23.42 5.64 -24.27
CA ALA A 344 24.59 5.69 -25.14
C ALA A 344 25.68 6.45 -24.41
N ASN A 345 26.87 5.86 -24.32
CA ASN A 345 27.89 6.37 -23.43
C ASN A 345 29.02 7.05 -24.16
N SER A 346 29.94 7.61 -23.37
CA SER A 346 30.96 8.51 -23.88
C SER A 346 31.77 7.97 -25.03
N TYR A 347 31.98 8.82 -26.02
CA TYR A 347 32.87 8.54 -27.16
C TYR A 347 32.29 7.50 -28.12
N SER A 348 31.05 7.07 -27.90
CA SER A 348 30.41 6.21 -28.88
C SER A 348 29.79 7.07 -30.00
N ARG A 349 29.58 6.46 -31.16
CA ARG A 349 28.97 7.14 -32.29
C ARG A 349 27.94 6.23 -32.97
N LEU A 350 26.79 6.81 -33.31
CA LEU A 350 25.75 6.09 -34.05
C LEU A 350 25.43 6.81 -35.35
N GLU A 351 25.38 6.08 -36.45
CA GLU A 351 24.92 6.65 -37.70
C GLU A 351 24.07 5.64 -38.44
N ASN A 352 22.99 6.13 -39.05
CA ASN A 352 22.08 5.28 -39.80
C ASN A 352 21.61 4.12 -38.92
N ALA A 353 21.32 4.43 -37.66
CA ALA A 353 21.03 3.42 -36.66
C ALA A 353 19.57 3.42 -36.20
N VAL A 354 18.94 2.25 -36.27
CA VAL A 354 17.63 2.06 -35.69
C VAL A 354 17.83 1.26 -34.41
N VAL A 355 17.63 1.93 -33.27
CA VAL A 355 17.98 1.35 -31.98
C VAL A 355 16.73 1.05 -31.15
N LEU A 356 16.45 -0.25 -30.96
CA LEU A 356 15.23 -0.71 -30.31
C LEU A 356 15.27 -0.48 -28.79
N PRO A 357 14.14 -0.70 -28.08
CA PRO A 357 14.11 -0.27 -26.67
C PRO A 357 15.21 -0.84 -25.77
N SER A 358 15.73 0.01 -24.90
CA SER A 358 16.55 -0.38 -23.75
C SER A 358 17.98 -0.80 -24.10
N VAL A 359 18.40 -0.56 -25.34
CA VAL A 359 19.77 -0.87 -25.75
C VAL A 359 20.80 -0.03 -24.99
N LYS A 360 21.93 -0.64 -24.63
CA LYS A 360 23.07 0.12 -24.12
C LYS A 360 24.22 0.09 -25.12
N ILE A 361 24.75 1.27 -25.45
CA ILE A 361 25.93 1.38 -26.29
C ILE A 361 27.12 1.76 -25.40
N GLY A 362 28.12 0.89 -25.35
CA GLY A 362 29.28 1.14 -24.49
C GLY A 362 30.20 2.21 -25.04
N ARG A 363 31.01 2.80 -24.17
CA ARG A 363 31.99 3.78 -24.59
C ARG A 363 32.78 3.35 -25.82
N HIS A 364 33.08 4.32 -26.68
CA HIS A 364 33.96 4.14 -27.83
C HIS A 364 33.41 3.25 -28.95
N ALA A 365 32.24 2.65 -28.76
CA ALA A 365 31.66 1.86 -29.83
C ALA A 365 31.27 2.74 -31.03
N GLN A 366 31.47 2.25 -32.24
CA GLN A 366 31.06 3.00 -33.42
C GLN A 366 30.26 2.13 -34.35
N LEU A 367 29.03 2.54 -34.63
CA LEU A 367 28.08 1.72 -35.37
C LEU A 367 27.45 2.49 -36.52
N SER A 368 27.35 1.85 -37.67
CA SER A 368 26.74 2.47 -38.83
C SER A 368 25.86 1.48 -39.59
N ASN A 369 24.72 1.99 -40.08
CA ASN A 369 23.78 1.22 -40.89
C ASN A 369 23.37 -0.08 -40.21
N VAL A 370 22.74 0.07 -39.04
CA VAL A 370 22.39 -1.06 -38.19
C VAL A 370 20.94 -0.99 -37.68
N VAL A 371 20.41 -2.16 -37.38
CA VAL A 371 19.22 -2.31 -36.57
C VAL A 371 19.63 -3.09 -35.33
N ILE A 372 19.57 -2.44 -34.18
CA ILE A 372 19.94 -3.11 -32.93
C ILE A 372 18.69 -3.58 -32.21
N ASP A 373 18.63 -4.88 -31.92
CA ASP A 373 17.47 -5.53 -31.30
C ASP A 373 17.21 -5.06 -29.86
N HIS A 374 15.98 -5.24 -29.40
CA HIS A 374 15.57 -4.90 -28.06
C HIS A 374 16.58 -5.34 -27.00
N GLY A 375 17.04 -4.41 -26.17
CA GLY A 375 17.80 -4.76 -24.99
C GLY A 375 19.25 -5.20 -25.19
N VAL A 376 19.72 -5.23 -26.43
CA VAL A 376 21.10 -5.59 -26.73
C VAL A 376 22.09 -4.67 -26.01
N VAL A 377 23.09 -5.27 -25.36
CA VAL A 377 24.16 -4.47 -24.77
C VAL A 377 25.36 -4.50 -25.72
N ILE A 378 25.70 -3.35 -26.30
CA ILE A 378 26.82 -3.25 -27.21
C ILE A 378 28.12 -3.06 -26.43
N PRO A 379 29.08 -3.99 -26.59
CA PRO A 379 30.30 -3.91 -25.80
C PRO A 379 31.13 -2.67 -26.14
N GLU A 380 31.89 -2.18 -25.17
CA GLU A 380 32.75 -1.03 -25.38
C GLU A 380 33.71 -1.26 -26.54
N GLY A 381 33.78 -0.30 -27.46
CA GLY A 381 34.72 -0.38 -28.56
C GLY A 381 34.28 -1.06 -29.84
N LEU A 382 33.16 -1.78 -29.82
CA LEU A 382 32.72 -2.51 -31.02
C LEU A 382 32.63 -1.58 -32.24
N ILE A 383 33.07 -2.08 -33.40
CA ILE A 383 32.97 -1.33 -34.64
C ILE A 383 32.11 -2.06 -35.67
N VAL A 384 31.03 -1.42 -36.10
CA VAL A 384 30.21 -1.98 -37.17
C VAL A 384 30.00 -0.95 -38.25
N GLY A 385 30.20 -1.36 -39.49
CA GLY A 385 30.06 -0.44 -40.61
C GLY A 385 31.40 -0.01 -41.15
N GLU A 386 32.47 -0.66 -40.69
CA GLU A 386 33.81 -0.39 -41.20
C GLU A 386 34.31 -1.53 -42.08
N ASP A 387 34.07 -2.76 -41.66
CA ASP A 387 34.59 -3.95 -42.34
C ASP A 387 33.44 -4.85 -42.79
N PRO A 388 32.96 -4.65 -44.03
CA PRO A 388 31.79 -5.39 -44.51
C PRO A 388 31.88 -6.90 -44.31
N GLU A 389 33.08 -7.44 -44.35
CA GLU A 389 33.27 -8.89 -44.34
C GLU A 389 33.32 -9.46 -42.91
N LEU A 390 33.98 -8.75 -42.01
CA LEU A 390 33.92 -9.10 -40.59
C LEU A 390 32.49 -8.94 -40.06
N ASP A 391 31.83 -7.85 -40.46
CA ASP A 391 30.45 -7.60 -40.06
C ASP A 391 29.53 -8.73 -40.48
N ALA A 392 29.71 -9.19 -41.71
CA ALA A 392 28.85 -10.25 -42.25
C ALA A 392 29.09 -11.57 -41.51
N LYS A 393 30.27 -11.73 -40.94
CA LYS A 393 30.59 -12.95 -40.21
C LYS A 393 30.01 -12.91 -38.80
N ARG A 394 30.04 -11.73 -38.18
CA ARG A 394 29.57 -11.55 -36.81
C ARG A 394 28.06 -11.38 -36.70
N PHE A 395 27.45 -10.71 -37.67
CA PHE A 395 26.03 -10.35 -37.53
C PHE A 395 25.25 -10.72 -38.77
N ARG A 396 23.95 -10.52 -38.72
CA ARG A 396 23.10 -10.69 -39.89
C ARG A 396 23.22 -9.44 -40.76
N ARG A 397 23.94 -9.55 -41.87
CA ARG A 397 24.17 -8.39 -42.73
C ARG A 397 23.46 -8.55 -44.08
N THR A 398 22.78 -7.49 -44.50
CA THR A 398 22.07 -7.49 -45.78
C THR A 398 23.02 -7.16 -46.92
N GLU A 399 22.62 -7.50 -48.14
CA GLU A 399 23.40 -7.16 -49.33
C GLU A 399 23.61 -5.66 -49.41
N SER A 400 22.58 -4.90 -49.07
CA SER A 400 22.69 -3.45 -49.02
C SER A 400 23.61 -3.00 -47.90
N GLY A 401 23.95 -3.91 -46.98
CA GLY A 401 24.91 -3.63 -45.95
C GLY A 401 24.34 -3.15 -44.62
N ILE A 402 23.12 -3.55 -44.30
CA ILE A 402 22.56 -3.27 -42.98
C ILE A 402 22.84 -4.46 -42.08
N CYS A 403 23.43 -4.23 -40.91
CA CYS A 403 23.59 -5.32 -39.93
C CYS A 403 22.51 -5.32 -38.87
N LEU A 404 21.74 -6.41 -38.84
CA LEU A 404 20.83 -6.68 -37.73
C LEU A 404 21.63 -7.29 -36.59
N ILE A 405 21.61 -6.63 -35.44
CA ILE A 405 22.39 -7.06 -34.30
C ILE A 405 21.52 -7.57 -33.15
N THR A 406 21.78 -8.81 -32.72
CA THR A 406 21.05 -9.36 -31.57
C THR A 406 22.01 -9.74 -30.46
N GLN A 407 21.48 -9.94 -29.27
CA GLN A 407 22.31 -10.26 -28.12
C GLN A 407 23.02 -11.61 -28.31
N SER A 408 22.31 -12.56 -28.91
CA SER A 408 22.91 -13.85 -29.25
C SER A 408 24.17 -13.69 -30.10
N MET A 409 24.13 -12.75 -31.04
CA MET A 409 25.27 -12.51 -31.92
C MET A 409 26.44 -11.92 -31.15
N ILE A 410 26.15 -11.01 -30.24
CA ILE A 410 27.18 -10.33 -29.45
C ILE A 410 27.91 -11.30 -28.53
N ASP A 411 27.16 -12.20 -27.90
CA ASP A 411 27.73 -13.14 -26.95
C ASP A 411 28.83 -14.01 -27.57
N LYS A 412 28.64 -14.38 -28.83
CA LYS A 412 29.57 -15.23 -29.55
C LYS A 412 30.83 -14.52 -30.01
N LEU A 413 31.00 -13.26 -29.64
CA LEU A 413 32.15 -12.50 -30.13
C LEU A 413 33.44 -12.92 -29.41
N VAL B 1 3.20 -6.00 13.16
CA VAL B 1 3.31 -6.58 11.82
C VAL B 1 2.72 -5.63 10.77
N GLN B 2 1.48 -5.20 10.98
CA GLN B 2 0.77 -4.39 9.98
C GLN B 2 1.38 -3.00 9.79
N PRO B 3 1.59 -2.60 8.52
CA PRO B 3 2.02 -1.23 8.20
C PRO B 3 0.95 -0.21 8.60
N LEU B 4 1.39 0.88 9.21
CA LEU B 4 0.47 1.91 9.66
C LEU B 4 -0.14 2.68 8.49
N ALA B 5 0.53 2.64 7.35
CA ALA B 5 0.07 3.38 6.17
C ALA B 5 -1.29 2.90 5.72
N ARG B 6 -1.57 1.61 5.90
CA ARG B 6 -2.90 1.08 5.60
C ARG B 6 -4.00 1.86 6.31
N ASP B 7 -3.68 2.42 7.47
CA ASP B 7 -4.67 3.06 8.33
C ASP B 7 -4.58 4.57 8.29
N ALA B 8 -3.95 5.11 7.25
CA ALA B 8 -3.70 6.55 7.19
C ALA B 8 -4.37 7.20 6.01
N MET B 9 -4.69 8.48 6.19
CA MET B 9 -5.14 9.32 5.09
C MET B 9 -4.16 10.46 4.93
N ALA B 10 -3.74 10.73 3.69
CA ALA B 10 -2.90 11.89 3.41
C ALA B 10 -3.78 13.04 2.97
N TYR B 11 -3.62 14.19 3.62
CA TYR B 11 -4.45 15.34 3.34
C TYR B 11 -3.56 16.51 2.87
N VAL B 12 -3.58 16.80 1.58
CA VAL B 12 -2.64 17.72 0.98
C VAL B 12 -3.20 19.13 0.88
N LEU B 13 -2.52 20.09 1.49
CA LEU B 13 -2.94 21.48 1.39
C LEU B 13 -2.35 22.08 0.12
N ALA B 14 -3.22 22.46 -0.81
CA ALA B 14 -2.77 22.82 -2.14
C ALA B 14 -3.34 24.15 -2.58
N GLY B 15 -3.39 25.11 -1.65
CA GLY B 15 -3.87 26.44 -1.95
C GLY B 15 -2.75 27.45 -2.11
N GLY B 16 -1.50 26.99 -2.10
CA GLY B 16 -0.34 27.85 -2.20
C GLY B 16 -0.36 28.80 -3.39
N ARG B 17 -0.20 30.09 -3.10
CA ARG B 17 -0.30 31.11 -4.14
C ARG B 17 0.99 31.23 -4.93
N GLY B 18 2.12 31.05 -4.25
CA GLY B 18 3.42 31.27 -4.87
C GLY B 18 3.55 32.71 -5.34
N SER B 19 3.31 33.64 -4.43
CA SER B 19 3.25 35.06 -4.77
C SER B 19 4.52 35.58 -5.41
N ARG B 20 5.68 35.14 -4.90
CA ARG B 20 6.96 35.60 -5.41
C ARG B 20 7.32 34.98 -6.75
N LEU B 21 6.46 34.09 -7.26
CA LEU B 21 6.66 33.49 -8.57
C LEU B 21 6.05 34.38 -9.65
N LYS B 22 5.32 35.38 -9.19
CA LYS B 22 4.80 36.45 -10.03
C LYS B 22 3.88 35.95 -11.13
N GLU B 23 4.17 36.26 -12.38
CA GLU B 23 3.23 35.94 -13.45
C GLU B 23 3.07 34.44 -13.67
N LEU B 24 4.06 33.67 -13.21
CA LEU B 24 3.99 32.22 -13.32
C LEU B 24 2.77 31.64 -12.60
N THR B 25 2.29 32.34 -11.56
CA THR B 25 1.11 31.89 -10.83
C THR B 25 -0.06 32.88 -10.87
N ASP B 26 -0.10 33.73 -11.88
CA ASP B 26 -1.23 34.66 -11.99
C ASP B 26 -2.51 33.92 -12.37
N ARG B 27 -2.39 32.75 -12.98
CA ARG B 27 -3.56 31.99 -13.39
C ARG B 27 -3.51 30.51 -12.95
N ARG B 28 -2.65 30.21 -11.98
CA ARG B 28 -2.53 28.86 -11.46
C ARG B 28 -1.98 28.90 -10.05
N ALA B 29 -2.38 27.92 -9.23
CA ALA B 29 -1.84 27.78 -7.89
C ALA B 29 -0.41 27.24 -8.00
N LYS B 30 0.40 27.48 -6.98
CA LYS B 30 1.77 27.00 -7.00
C LYS B 30 1.89 25.47 -7.18
N PRO B 31 1.03 24.66 -6.51
CA PRO B 31 1.20 23.21 -6.73
C PRO B 31 1.02 22.77 -8.18
N ALA B 32 0.33 23.57 -8.98
CA ALA B 32 0.10 23.25 -10.38
C ALA B 32 1.27 23.70 -11.26
N VAL B 33 2.27 24.33 -10.67
CA VAL B 33 3.39 24.80 -11.48
C VAL B 33 4.21 23.60 -11.97
N TYR B 34 4.52 23.61 -13.27
CA TYR B 34 5.29 22.55 -13.93
C TYR B 34 6.69 22.41 -13.37
N PHE B 35 7.21 21.19 -13.36
CA PHE B 35 8.58 21.00 -12.92
C PHE B 35 9.24 19.79 -13.55
N GLY B 36 10.47 19.96 -13.99
CA GLY B 36 11.30 18.83 -14.37
C GLY B 36 11.06 18.23 -15.73
N GLY B 37 10.19 18.84 -16.52
CA GLY B 37 9.94 18.36 -17.87
C GLY B 37 8.61 17.68 -18.08
N LYS B 38 8.09 17.02 -17.04
CA LYS B 38 6.85 16.27 -17.17
C LYS B 38 5.81 16.56 -16.08
N ALA B 39 6.24 16.61 -14.83
CA ALA B 39 5.31 16.66 -13.71
C ALA B 39 4.91 18.09 -13.30
N ARG B 40 4.03 18.18 -12.31
CA ARG B 40 3.76 19.44 -11.65
C ARG B 40 4.20 19.26 -10.21
N ILE B 41 4.38 20.37 -9.49
CA ILE B 41 4.89 20.33 -8.13
C ILE B 41 4.11 19.38 -7.23
N ILE B 42 2.78 19.49 -7.27
CA ILE B 42 1.95 18.70 -6.36
C ILE B 42 2.15 17.19 -6.50
N ASP B 43 2.68 16.75 -7.64
CA ASP B 43 2.86 15.32 -7.90
C ASP B 43 3.88 14.62 -7.00
N PHE B 44 4.70 15.41 -6.33
CA PHE B 44 5.71 14.84 -5.44
C PHE B 44 5.06 14.41 -4.12
N ALA B 45 4.32 15.30 -3.48
CA ALA B 45 3.62 14.92 -2.25
C ALA B 45 2.64 13.75 -2.47
N LEU B 46 1.94 13.75 -3.61
CA LEU B 46 0.99 12.70 -3.92
C LEU B 46 1.71 11.39 -4.20
N SER B 47 2.85 11.46 -4.88
CA SER B 47 3.64 10.25 -5.14
C SER B 47 4.29 9.72 -3.86
N ASN B 48 4.72 10.62 -2.97
CA ASN B 48 5.17 10.20 -1.65
C ASN B 48 4.10 9.42 -0.87
N ALA B 49 2.89 9.96 -0.84
CA ALA B 49 1.77 9.31 -0.16
C ALA B 49 1.48 7.93 -0.77
N LEU B 50 1.42 7.87 -2.09
CA LEU B 50 1.21 6.61 -2.82
C LEU B 50 2.32 5.57 -2.54
N ASN B 51 3.56 5.98 -2.75
CA ASN B 51 4.72 5.11 -2.58
C ASN B 51 4.90 4.66 -1.13
N SER B 52 4.40 5.45 -0.18
CA SER B 52 4.51 5.08 1.22
C SER B 52 3.45 4.06 1.64
N GLY B 53 2.49 3.80 0.76
CA GLY B 53 1.42 2.86 1.05
C GLY B 53 0.12 3.49 1.53
N ILE B 54 0.05 4.82 1.54
CA ILE B 54 -1.18 5.50 1.92
C ILE B 54 -2.17 5.42 0.74
N ARG B 55 -3.40 4.98 1.03
CA ARG B 55 -4.40 4.67 0.00
C ARG B 55 -5.53 5.69 -0.11
N ARG B 56 -5.63 6.57 0.87
CA ARG B 56 -6.66 7.60 0.89
C ARG B 56 -6.00 8.97 0.87
N ILE B 57 -6.35 9.77 -0.13
CA ILE B 57 -5.78 11.10 -0.24
C ILE B 57 -6.90 12.14 -0.36
N GLY B 58 -6.76 13.24 0.39
CA GLY B 58 -7.60 14.41 0.19
C GLY B 58 -6.72 15.56 -0.25
N VAL B 59 -7.21 16.39 -1.18
CA VAL B 59 -6.46 17.55 -1.62
C VAL B 59 -7.35 18.77 -1.56
N ALA B 60 -6.99 19.71 -0.69
CA ALA B 60 -7.77 20.93 -0.50
C ALA B 60 -7.21 22.05 -1.34
N THR B 61 -8.03 22.61 -2.23
CA THR B 61 -7.55 23.68 -3.09
C THR B 61 -8.22 24.99 -2.71
N GLN B 62 -7.59 26.09 -3.12
CA GLN B 62 -8.05 27.43 -2.77
C GLN B 62 -8.03 28.28 -4.04
N TYR B 63 -7.02 29.14 -4.19
CA TYR B 63 -7.07 30.13 -5.27
C TYR B 63 -6.56 29.60 -6.62
N LYS B 64 -7.13 30.13 -7.71
CA LYS B 64 -6.67 29.89 -9.08
C LYS B 64 -6.52 28.38 -9.38
N ALA B 65 -7.57 27.61 -9.06
CA ALA B 65 -7.37 26.18 -8.93
C ALA B 65 -7.84 25.32 -10.11
N HIS B 66 -8.47 25.90 -11.12
CA HIS B 66 -9.06 25.05 -12.16
C HIS B 66 -8.05 24.13 -12.85
N SER B 67 -6.86 24.65 -13.18
CA SER B 67 -5.91 23.81 -13.89
C SER B 67 -5.31 22.75 -12.97
N LEU B 68 -5.10 23.10 -11.70
CA LEU B 68 -4.69 22.09 -10.71
C LEU B 68 -5.74 21.01 -10.61
N ILE B 69 -6.99 21.43 -10.50
CA ILE B 69 -8.05 20.47 -10.31
C ILE B 69 -8.16 19.61 -11.57
N ARG B 70 -8.17 20.22 -12.76
CA ARG B 70 -8.13 19.45 -14.02
C ARG B 70 -6.99 18.42 -14.06
N HIS B 71 -5.78 18.86 -13.72
CA HIS B 71 -4.64 17.96 -13.58
C HIS B 71 -4.94 16.78 -12.65
N LEU B 72 -5.56 17.05 -11.51
CA LEU B 72 -5.82 15.99 -10.54
C LEU B 72 -6.86 15.04 -11.08
N GLN B 73 -7.81 15.56 -11.91
CA GLN B 73 -9.01 14.71 -12.27
C GLN B 73 -8.53 13.70 -13.28
N ARG B 74 -7.54 14.15 -14.05
CA ARG B 74 -7.03 13.40 -15.20
C ARG B 74 -5.84 12.53 -14.85
N GLY B 75 -4.98 12.98 -13.95
CA GLY B 75 -3.79 12.21 -13.64
C GLY B 75 -3.96 11.28 -12.45
N TRP B 76 -4.74 11.70 -11.47
CA TRP B 76 -4.92 10.90 -10.27
C TRP B 76 -6.33 10.29 -10.22
N ASP B 77 -6.58 9.42 -11.19
CA ASP B 77 -7.92 8.92 -11.47
C ASP B 77 -8.06 7.41 -11.31
N PHE B 78 -7.10 6.78 -10.63
CA PHE B 78 -7.01 5.32 -10.63
C PHE B 78 -7.31 4.69 -9.27
N PHE B 79 -7.82 5.48 -8.32
CA PHE B 79 -8.17 4.97 -6.99
C PHE B 79 -9.62 4.49 -6.97
N ARG B 80 -9.84 3.27 -6.47
CA ARG B 80 -11.20 2.75 -6.38
C ARG B 80 -11.62 2.50 -4.94
N PRO B 81 -12.75 3.10 -4.53
CA PRO B 81 -13.23 3.01 -3.14
C PRO B 81 -13.50 1.60 -2.63
N GLU B 82 -13.89 0.66 -3.48
CA GLU B 82 -14.24 -0.64 -2.93
C GLU B 82 -12.96 -1.47 -2.74
N ARG B 83 -11.81 -0.91 -3.12
CA ARG B 83 -10.52 -1.48 -2.73
C ARG B 83 -9.93 -0.72 -1.53
N ASN B 84 -10.77 0.07 -0.87
CA ASN B 84 -10.37 0.92 0.26
C ASN B 84 -9.30 1.95 -0.09
N GLU B 85 -9.41 2.48 -1.29
CA GLU B 85 -8.64 3.61 -1.76
C GLU B 85 -9.60 4.77 -1.93
N SER B 86 -9.08 5.99 -1.97
CA SER B 86 -9.89 7.14 -2.31
C SER B 86 -9.02 8.32 -2.68
N PHE B 87 -9.56 9.19 -3.51
CA PHE B 87 -8.87 10.40 -3.89
C PHE B 87 -9.92 11.49 -4.00
N ASP B 88 -9.93 12.38 -3.01
CA ASP B 88 -10.95 13.43 -2.91
C ASP B 88 -10.40 14.80 -3.24
N ILE B 89 -11.01 15.47 -4.21
CA ILE B 89 -10.62 16.82 -4.60
C ILE B 89 -11.57 17.81 -3.97
N LEU B 90 -11.05 18.68 -3.10
CA LEU B 90 -11.88 19.45 -2.17
C LEU B 90 -11.66 20.95 -2.23
N PRO B 91 -12.30 21.62 -3.21
CA PRO B 91 -12.26 23.07 -3.32
C PRO B 91 -13.17 23.71 -2.28
N ALA B 92 -12.86 24.95 -1.86
CA ALA B 92 -13.57 25.66 -0.79
C ALA B 92 -15.02 25.26 -0.58
N SER B 93 -15.94 25.95 -1.23
CA SER B 93 -17.35 25.64 -1.06
C SER B 93 -17.84 24.70 -2.15
N GLN B 94 -17.91 23.41 -1.80
CA GLN B 94 -18.58 22.38 -2.61
C GLN B 94 -18.06 22.22 -4.04
N ARG B 95 -16.95 21.50 -4.18
CA ARG B 95 -16.31 21.17 -5.46
C ARG B 95 -16.61 22.14 -6.61
N THR B 99 -16.68 34.49 -1.59
CA THR B 99 -17.31 34.10 -0.33
C THR B 99 -17.06 32.63 0.00
N GLN B 100 -17.20 32.31 1.28
CA GLN B 100 -17.11 30.95 1.79
C GLN B 100 -15.86 30.17 1.31
N TRP B 101 -14.75 30.90 1.10
CA TRP B 101 -13.42 30.29 0.95
C TRP B 101 -13.04 29.57 2.24
N TYR B 102 -11.99 28.76 2.20
CA TYR B 102 -11.42 28.24 3.44
C TYR B 102 -10.82 29.42 4.19
N GLU B 103 -11.08 29.51 5.48
CA GLU B 103 -10.57 30.60 6.28
C GLU B 103 -9.11 30.40 6.62
N GLY B 104 -8.62 29.19 6.35
CA GLY B 104 -7.24 28.85 6.64
C GLY B 104 -7.01 27.37 6.40
N THR B 105 -5.81 26.90 6.71
CA THR B 105 -5.46 25.51 6.44
C THR B 105 -6.18 24.55 7.39
N ALA B 106 -6.38 24.94 8.63
CA ALA B 106 -7.10 24.10 9.56
C ALA B 106 -8.58 24.06 9.16
N ASP B 107 -9.08 25.18 8.66
CA ASP B 107 -10.44 25.22 8.16
C ASP B 107 -10.60 24.27 6.98
N ALA B 108 -9.57 24.19 6.14
CA ALA B 108 -9.56 23.27 5.00
C ALA B 108 -9.81 21.84 5.41
N VAL B 109 -9.40 21.47 6.64
CA VAL B 109 -9.74 20.16 7.15
C VAL B 109 -11.13 20.21 7.78
N TYR B 110 -11.31 21.18 8.67
CA TYR B 110 -12.55 21.29 9.43
C TYR B 110 -13.78 21.25 8.53
N GLN B 111 -13.73 21.95 7.41
CA GLN B 111 -14.87 22.00 6.52
C GLN B 111 -15.14 20.65 5.91
N ASN B 112 -14.11 19.79 5.90
CA ASN B 112 -14.20 18.51 5.23
C ASN B 112 -14.19 17.33 6.20
N ILE B 113 -14.62 17.58 7.44
CA ILE B 113 -14.68 16.52 8.43
C ILE B 113 -15.63 15.43 7.97
N ASP B 114 -16.74 15.83 7.35
CA ASP B 114 -17.74 14.86 6.91
C ASP B 114 -17.29 14.01 5.72
N ILE B 115 -16.21 14.40 5.05
CA ILE B 115 -15.61 13.57 4.02
C ILE B 115 -14.69 12.57 4.67
N ILE B 116 -13.94 13.04 5.65
CA ILE B 116 -12.93 12.26 6.32
C ILE B 116 -13.51 11.17 7.20
N GLU B 117 -14.43 11.54 8.07
CA GLU B 117 -15.01 10.62 9.06
C GLU B 117 -15.55 9.28 8.52
N PRO B 118 -16.27 9.28 7.37
CA PRO B 118 -16.72 7.98 6.86
C PRO B 118 -15.58 6.98 6.61
N TYR B 119 -14.39 7.46 6.27
CA TYR B 119 -13.25 6.57 6.02
C TYR B 119 -12.64 6.08 7.32
N ALA B 120 -12.91 6.82 8.40
CA ALA B 120 -12.38 6.53 9.72
C ALA B 120 -10.91 6.12 9.70
N PRO B 121 -10.04 6.94 9.10
CA PRO B 121 -8.63 6.53 9.14
C PRO B 121 -8.07 6.66 10.56
N GLU B 122 -7.09 5.84 10.93
CA GLU B 122 -6.52 5.91 12.28
C GLU B 122 -5.56 7.08 12.41
N TYR B 123 -4.96 7.51 11.29
CA TYR B 123 -3.99 8.59 11.32
C TYR B 123 -4.21 9.54 10.16
N MET B 124 -3.88 10.81 10.40
CA MET B 124 -3.93 11.84 9.36
C MET B 124 -2.54 12.38 9.10
N VAL B 125 -2.12 12.40 7.83
CA VAL B 125 -0.86 12.99 7.44
C VAL B 125 -1.15 14.28 6.68
N ILE B 126 -0.94 15.43 7.33
CA ILE B 126 -1.18 16.72 6.71
C ILE B 126 0.06 17.10 5.90
N LEU B 127 -0.12 17.38 4.60
CA LEU B 127 0.99 17.66 3.69
C LEU B 127 0.90 19.02 3.00
N ALA B 128 2.03 19.68 2.83
CA ALA B 128 2.08 20.86 1.99
C ALA B 128 2.28 20.41 0.54
N GLY B 129 1.44 20.88 -0.37
CA GLY B 129 1.52 20.45 -1.75
C GLY B 129 2.39 21.31 -2.66
N ASP B 130 3.21 22.18 -2.08
CA ASP B 130 3.98 23.11 -2.88
C ASP B 130 5.49 22.96 -2.73
N HIS B 131 5.96 21.78 -2.29
CA HIS B 131 7.38 21.49 -2.20
C HIS B 131 7.77 20.29 -3.04
N ILE B 132 9.02 20.27 -3.49
CA ILE B 132 9.57 19.15 -4.25
C ILE B 132 10.52 18.35 -3.35
N TYR B 133 10.16 17.10 -3.08
CA TYR B 133 10.90 16.25 -2.14
C TYR B 133 10.35 14.84 -2.17
N LYS B 134 11.19 13.88 -1.76
CA LYS B 134 10.79 12.48 -1.66
C LYS B 134 10.98 11.98 -0.24
N MET B 135 9.93 11.39 0.31
CA MET B 135 9.89 11.01 1.71
C MET B 135 9.00 9.78 1.89
N ASP B 136 9.42 8.88 2.77
CA ASP B 136 8.63 7.69 3.08
C ASP B 136 7.89 7.94 4.39
N TYR B 137 6.60 8.24 4.31
CA TYR B 137 5.84 8.67 5.50
C TYR B 137 5.66 7.57 6.54
N GLU B 138 5.98 6.34 6.18
CA GLU B 138 5.79 5.24 7.13
C GLU B 138 6.71 5.41 8.36
N TYR B 139 7.95 5.85 8.16
CA TYR B 139 8.84 6.11 9.29
C TYR B 139 8.24 7.14 10.23
N MET B 140 7.66 8.19 9.66
CA MET B 140 7.09 9.28 10.45
C MET B 140 5.84 8.81 11.20
N LEU B 141 5.08 7.90 10.59
CA LEU B 141 3.94 7.29 11.27
C LEU B 141 4.43 6.43 12.44
N GLN B 142 5.44 5.60 12.17
CA GLN B 142 6.05 4.75 13.20
C GLN B 142 6.48 5.55 14.40
N GLN B 143 7.23 6.62 14.16
CA GLN B 143 7.71 7.44 15.26
C GLN B 143 6.53 8.01 16.02
N HIS B 144 5.50 8.45 15.31
CA HIS B 144 4.36 9.09 15.95
C HIS B 144 3.66 8.16 16.94
N VAL B 145 3.45 6.91 16.57
CA VAL B 145 2.78 6.00 17.51
C VAL B 145 3.78 5.54 18.57
N ASP B 146 5.02 5.25 18.17
CA ASP B 146 6.00 4.69 19.09
C ASP B 146 6.51 5.71 20.09
N SER B 147 6.22 6.99 19.83
CA SER B 147 6.63 8.07 20.72
C SER B 147 5.49 8.59 21.57
N GLY B 148 4.26 8.30 21.17
CA GLY B 148 3.11 8.80 21.91
C GLY B 148 2.84 10.30 21.79
N ALA B 149 3.44 10.94 20.78
CA ALA B 149 3.24 12.38 20.60
C ALA B 149 1.81 12.73 20.20
N ASP B 150 1.43 13.98 20.42
CA ASP B 150 0.17 14.52 19.92
C ASP B 150 0.31 14.88 18.45
N VAL B 151 1.44 15.49 18.12
CA VAL B 151 1.76 15.84 16.73
C VAL B 151 3.22 15.57 16.45
N THR B 152 3.49 14.86 15.37
CA THR B 152 4.84 14.72 14.87
C THR B 152 5.00 15.71 13.72
N ILE B 153 6.08 16.49 13.72
CA ILE B 153 6.26 17.52 12.71
C ILE B 153 7.53 17.24 11.91
N GLY B 154 7.40 17.24 10.60
CA GLY B 154 8.54 17.02 9.73
C GLY B 154 9.40 18.26 9.67
N CYS B 155 10.69 18.07 9.89
CA CYS B 155 11.63 19.18 10.05
C CYS B 155 12.86 19.00 9.19
N LEU B 156 13.23 20.06 8.49
CA LEU B 156 14.52 20.16 7.83
C LEU B 156 15.59 20.57 8.83
N GLU B 157 16.72 19.87 8.80
CA GLU B 157 17.87 20.25 9.62
C GLU B 157 18.80 21.13 8.79
N VAL B 158 18.67 22.45 8.92
CA VAL B 158 19.45 23.37 8.10
C VAL B 158 20.33 24.29 8.96
N PRO B 159 21.45 24.77 8.38
CA PRO B 159 22.29 25.75 9.08
C PRO B 159 21.46 26.98 9.43
N ARG B 160 21.76 27.58 10.58
CA ARG B 160 20.88 28.61 11.14
C ARG B 160 20.66 29.84 10.27
N MET B 161 21.63 30.16 9.43
CA MET B 161 21.47 31.29 8.55
C MET B 161 20.35 31.06 7.53
N GLU B 162 20.12 29.80 7.15
CA GLU B 162 19.03 29.47 6.22
C GLU B 162 17.67 29.41 6.91
N ALA B 163 17.67 29.11 8.20
CA ALA B 163 16.42 28.85 8.92
C ALA B 163 15.65 30.13 9.15
N THR B 164 16.23 31.26 8.78
CA THR B 164 15.64 32.55 9.11
C THR B 164 14.38 32.81 8.31
N GLY B 165 14.22 32.14 7.17
CA GLY B 165 13.02 32.26 6.37
C GLY B 165 12.00 31.16 6.62
N PHE B 166 12.30 30.31 7.59
CA PHE B 166 11.44 29.19 7.92
C PHE B 166 10.70 29.38 9.23
N GLY B 167 9.68 28.56 9.46
CA GLY B 167 9.16 28.36 10.80
C GLY B 167 10.10 27.39 11.48
N VAL B 168 10.53 27.72 12.69
CA VAL B 168 11.59 26.93 13.33
C VAL B 168 11.12 26.31 14.65
N MET B 169 11.41 25.02 14.81
CA MET B 169 11.05 24.31 16.03
C MET B 169 12.25 24.28 16.96
N HIS B 170 12.07 24.63 18.22
CA HIS B 170 13.15 24.45 19.17
C HIS B 170 13.16 23.07 19.78
N VAL B 171 14.36 22.53 19.84
CA VAL B 171 14.64 21.15 20.18
C VAL B 171 15.14 20.98 21.61
N ASN B 172 14.75 19.92 22.30
CA ASN B 172 15.48 19.53 23.49
C ASN B 172 16.37 18.33 23.17
N GLU B 173 16.84 17.66 24.21
CA GLU B 173 17.70 16.50 24.04
C GLU B 173 17.01 15.35 23.30
N LYS B 174 15.71 15.21 23.49
CA LYS B 174 14.97 14.07 22.95
C LYS B 174 14.14 14.42 21.71
N ASP B 175 14.49 15.53 21.07
CA ASP B 175 13.79 16.03 19.89
C ASP B 175 12.32 16.34 20.14
N GLU B 176 11.95 16.53 21.41
CA GLU B 176 10.62 17.05 21.71
C GLU B 176 10.63 18.55 21.49
N ILE B 177 9.62 19.05 20.80
CA ILE B 177 9.58 20.48 20.46
C ILE B 177 9.13 21.28 21.66
N ILE B 178 9.93 22.27 22.04
CA ILE B 178 9.67 23.03 23.26
C ILE B 178 9.18 24.45 22.98
N ASP B 179 9.38 24.96 21.76
CA ASP B 179 8.60 26.10 21.27
C ASP B 179 8.73 26.22 19.74
N PHE B 180 8.00 27.18 19.16
CA PHE B 180 7.95 27.38 17.72
C PHE B 180 8.05 28.85 17.36
N ILE B 181 8.97 29.20 16.47
CA ILE B 181 9.16 30.59 16.08
C ILE B 181 9.05 30.78 14.58
N GLU B 182 8.25 31.75 14.17
CA GLU B 182 8.06 32.02 12.76
C GLU B 182 9.08 33.03 12.25
N LYS B 183 9.98 32.55 11.39
CA LYS B 183 11.07 33.36 10.84
C LYS B 183 11.90 34.06 11.93
N PRO B 184 12.65 33.28 12.72
CA PRO B 184 13.51 33.87 13.76
C PRO B 184 14.74 34.57 13.18
N ALA B 185 15.00 35.79 13.63
CA ALA B 185 16.16 36.57 13.17
C ALA B 185 17.46 35.84 13.45
N ASP B 186 17.53 35.22 14.62
CA ASP B 186 18.67 34.37 14.96
C ASP B 186 18.11 33.05 15.48
N PRO B 187 17.93 32.08 14.58
CA PRO B 187 17.28 30.81 14.91
C PRO B 187 17.93 30.05 16.06
N PRO B 188 17.10 29.55 16.99
CA PRO B 188 17.56 28.60 18.00
C PRO B 188 18.16 27.37 17.36
N GLY B 189 19.12 26.75 18.04
CA GLY B 189 19.82 25.62 17.47
C GLY B 189 19.48 24.28 18.10
N ILE B 190 19.94 23.21 17.45
CA ILE B 190 19.80 21.84 17.92
C ILE B 190 20.83 21.51 19.00
N PRO B 191 20.36 21.12 20.19
CA PRO B 191 21.22 20.58 21.26
C PRO B 191 22.18 19.49 20.77
N GLY B 192 23.47 19.64 21.05
CA GLY B 192 24.45 18.65 20.63
C GLY B 192 25.26 19.13 19.45
N ASN B 193 24.56 19.51 18.39
CA ASN B 193 25.22 20.23 17.32
C ASN B 193 24.48 21.52 17.11
N GLU B 194 25.00 22.57 17.75
CA GLU B 194 24.62 23.94 17.48
C GLU B 194 25.17 24.21 16.09
N GLY B 195 24.68 25.24 15.41
CA GLY B 195 25.09 25.43 14.04
C GLY B 195 24.00 25.05 13.06
N PHE B 196 23.05 24.24 13.52
CA PHE B 196 21.91 23.88 12.70
C PHE B 196 20.60 24.20 13.40
N ALA B 197 19.53 24.25 12.62
CA ALA B 197 18.21 24.47 13.18
C ALA B 197 17.22 23.50 12.55
N LEU B 198 16.08 23.31 13.19
CA LEU B 198 15.04 22.45 12.65
C LEU B 198 13.94 23.31 12.07
N ALA B 199 13.85 23.31 10.74
CA ALA B 199 12.88 24.14 10.02
C ALA B 199 11.67 23.31 9.57
N SER B 200 10.47 23.81 9.86
CA SER B 200 9.23 23.06 9.63
C SER B 200 8.97 22.87 8.15
N MET B 201 8.59 21.66 7.78
CA MET B 201 8.27 21.34 6.39
C MET B 201 6.80 21.56 6.10
N GLY B 202 6.00 21.79 7.12
CA GLY B 202 4.56 21.86 6.97
C GLY B 202 3.97 20.48 6.75
N ILE B 203 4.57 19.48 7.40
CA ILE B 203 4.10 18.11 7.40
C ILE B 203 3.74 17.71 8.83
N TYR B 204 2.49 17.33 9.07
CA TYR B 204 2.04 17.02 10.42
C TYR B 204 1.29 15.70 10.48
N VAL B 205 1.69 14.81 11.37
CA VAL B 205 1.03 13.52 11.55
C VAL B 205 0.23 13.52 12.84
N PHE B 206 -1.06 13.20 12.75
CA PHE B 206 -1.94 13.13 13.91
C PHE B 206 -2.53 11.74 14.07
N HIS B 207 -3.02 11.42 15.27
CA HIS B 207 -4.11 10.45 15.41
C HIS B 207 -5.36 11.19 14.98
N THR B 208 -6.14 10.57 14.10
CA THR B 208 -7.28 11.25 13.47
C THR B 208 -8.28 11.84 14.47
N LYS B 209 -8.61 11.07 15.50
CA LYS B 209 -9.56 11.54 16.50
C LYS B 209 -9.04 12.80 17.20
N PHE B 210 -7.77 12.76 17.59
CA PHE B 210 -7.10 13.91 18.18
C PHE B 210 -7.22 15.13 17.27
N LEU B 211 -6.98 14.91 15.98
CA LEU B 211 -6.97 16.01 15.03
C LEU B 211 -8.35 16.64 14.88
N MET B 212 -9.39 15.81 14.86
CA MET B 212 -10.76 16.30 14.70
C MET B 212 -11.13 17.24 15.83
N GLU B 213 -10.73 16.90 17.05
CA GLU B 213 -11.03 17.72 18.21
C GLU B 213 -10.33 19.07 18.10
N ALA B 214 -9.08 19.05 17.65
CA ALA B 214 -8.32 20.29 17.50
C ALA B 214 -9.04 21.27 16.58
N LEU B 215 -9.35 20.81 15.37
CA LEU B 215 -9.93 21.67 14.37
C LEU B 215 -11.32 22.16 14.75
N ARG B 216 -12.04 21.38 15.56
CA ARG B 216 -13.31 21.84 16.13
C ARG B 216 -13.05 22.95 17.14
N ARG B 217 -12.03 22.74 17.98
CA ARG B 217 -11.61 23.72 18.98
C ARG B 217 -11.12 24.99 18.32
N ASP B 218 -10.37 24.83 17.24
CA ASP B 218 -9.87 25.97 16.48
C ASP B 218 -11.02 26.72 15.81
N ALA B 219 -12.00 25.97 15.34
CA ALA B 219 -13.17 26.57 14.71
C ALA B 219 -13.96 27.40 15.70
N ALA B 220 -13.99 26.96 16.95
CA ALA B 220 -14.79 27.61 17.99
C ALA B 220 -14.06 28.79 18.65
N ASP B 221 -12.79 28.98 18.29
CA ASP B 221 -12.00 30.10 18.79
C ASP B 221 -12.09 31.30 17.87
N PRO B 222 -12.73 32.38 18.36
CA PRO B 222 -13.01 33.59 17.59
C PRO B 222 -11.77 34.42 17.27
N THR B 223 -10.66 34.20 17.96
CA THR B 223 -9.44 34.94 17.65
C THR B 223 -8.42 34.10 16.89
N SER B 224 -8.83 32.94 16.41
CA SER B 224 -7.94 32.09 15.64
C SER B 224 -7.90 32.49 14.18
N SER B 225 -6.73 32.38 13.55
CA SER B 225 -6.59 32.68 12.14
C SER B 225 -6.85 31.43 11.29
N ARG B 226 -7.11 30.32 11.98
CA ARG B 226 -7.55 29.06 11.37
C ARG B 226 -6.47 28.31 10.58
N ASP B 227 -5.21 28.47 10.98
CA ASP B 227 -4.11 27.79 10.29
C ASP B 227 -3.39 26.80 11.20
N PHE B 228 -2.82 25.76 10.62
CA PHE B 228 -1.98 24.85 11.41
C PHE B 228 -0.75 25.57 11.94
N GLY B 229 -0.03 26.23 11.05
CA GLY B 229 1.21 26.89 11.40
C GLY B 229 1.07 27.90 12.53
N LYS B 230 0.08 28.78 12.43
CA LYS B 230 -0.07 29.86 13.39
C LYS B 230 -0.92 29.46 14.60
N ASP B 231 -1.99 28.70 14.36
CA ASP B 231 -2.97 28.42 15.41
C ASP B 231 -2.86 27.01 16.02
N ILE B 232 -3.15 25.98 15.24
CA ILE B 232 -3.20 24.62 15.78
C ILE B 232 -1.89 24.21 16.44
N ILE B 233 -0.79 24.32 15.69
CA ILE B 233 0.48 23.76 16.12
C ILE B 233 1.06 24.46 17.35
N PRO B 234 1.06 25.81 17.38
CA PRO B 234 1.57 26.43 18.61
C PRO B 234 0.81 26.02 19.87
N TYR B 235 -0.49 25.77 19.73
CA TYR B 235 -1.32 25.30 20.84
C TYR B 235 -0.81 23.99 21.43
N ILE B 236 -0.46 23.04 20.58
CA ILE B 236 -0.02 21.73 21.06
C ILE B 236 1.41 21.77 21.62
N VAL B 237 2.30 22.48 20.93
CA VAL B 237 3.69 22.60 21.35
C VAL B 237 3.75 22.99 22.82
N GLU B 238 2.91 23.96 23.19
CA GLU B 238 2.80 24.41 24.58
C GLU B 238 2.01 23.42 25.45
N HIS B 239 0.73 23.25 25.12
CA HIS B 239 -0.21 22.56 25.99
C HIS B 239 -0.41 21.10 25.64
N GLY B 240 0.50 20.55 24.85
CA GLY B 240 0.42 19.15 24.54
C GLY B 240 1.81 18.63 24.27
N LYS B 241 1.90 17.52 23.54
CA LYS B 241 3.22 16.99 23.24
C LYS B 241 3.53 16.98 21.75
N ALA B 242 4.42 17.88 21.35
CA ALA B 242 4.86 17.96 19.97
C ALA B 242 6.28 17.43 19.85
N VAL B 243 6.53 16.65 18.80
CA VAL B 243 7.85 16.05 18.60
C VAL B 243 8.29 16.26 17.15
N ALA B 244 9.59 16.48 16.95
CA ALA B 244 10.09 16.71 15.60
C ALA B 244 10.56 15.43 14.95
N HIS B 245 10.21 15.27 13.67
CA HIS B 245 10.75 14.19 12.87
C HIS B 245 11.80 14.76 11.92
N ARG B 246 12.93 14.07 11.80
CA ARG B 246 14.03 14.55 10.96
C ARG B 246 13.90 14.09 9.51
N PHE B 247 13.85 15.04 8.60
CA PHE B 247 13.68 14.73 7.18
C PHE B 247 14.72 13.71 6.71
N ALA B 248 15.94 13.83 7.22
CA ALA B 248 17.02 12.94 6.79
C ALA B 248 16.72 11.47 7.10
N ASP B 249 15.95 11.24 8.16
CA ASP B 249 15.65 9.89 8.60
C ASP B 249 14.62 9.19 7.69
N SER B 250 13.80 9.97 6.99
CA SER B 250 12.73 9.41 6.14
C SER B 250 12.91 9.69 4.67
N CYS B 251 13.81 10.61 4.36
CA CYS B 251 14.06 11.01 3.00
C CYS B 251 14.41 9.80 2.15
N VAL B 252 13.85 9.74 0.95
CA VAL B 252 14.18 8.65 0.05
C VAL B 252 15.22 9.11 -0.96
N ARG B 253 16.49 8.81 -0.70
CA ARG B 253 17.55 9.18 -1.64
C ARG B 253 17.91 8.07 -2.60
N SER B 254 17.96 8.41 -3.88
CA SER B 254 18.59 7.56 -4.88
C SER B 254 20.06 7.44 -4.50
N ASP B 255 20.75 6.41 -4.98
CA ASP B 255 22.18 6.38 -4.68
C ASP B 255 22.93 7.27 -5.66
N PHE B 256 22.18 8.02 -6.47
CA PHE B 256 22.75 9.04 -7.33
C PHE B 256 22.47 10.45 -6.77
N GLU B 257 21.90 10.52 -5.57
CA GLU B 257 21.61 11.81 -4.92
C GLU B 257 22.51 12.01 -3.71
N HIS B 258 23.38 13.02 -3.79
CA HIS B 258 24.48 13.15 -2.84
C HIS B 258 23.99 13.59 -1.46
N GLU B 259 22.79 14.16 -1.42
CA GLU B 259 22.21 14.69 -0.18
C GLU B 259 20.69 14.64 -0.25
N PRO B 260 20.01 14.69 0.92
CA PRO B 260 18.56 14.73 0.93
C PRO B 260 18.02 15.95 0.18
N TYR B 261 17.15 15.71 -0.78
CA TYR B 261 16.67 16.76 -1.66
C TYR B 261 15.36 17.34 -1.18
N TRP B 262 15.32 18.65 -1.02
CA TRP B 262 14.07 19.34 -0.74
C TRP B 262 14.18 20.73 -1.31
N ARG B 263 13.21 21.13 -2.12
CA ARG B 263 13.19 22.47 -2.71
C ARG B 263 11.84 23.12 -2.57
N ASP B 264 11.87 24.40 -2.23
CA ASP B 264 10.67 25.22 -2.07
C ASP B 264 10.24 25.91 -3.37
N VAL B 265 11.20 26.07 -4.29
CA VAL B 265 11.08 26.96 -5.47
C VAL B 265 10.18 28.17 -5.22
N GLY B 266 10.48 28.93 -4.17
CA GLY B 266 9.64 30.06 -3.79
C GLY B 266 9.82 31.32 -4.61
N THR B 267 10.88 31.36 -5.43
CA THR B 267 11.19 32.51 -6.27
C THR B 267 11.47 32.07 -7.70
N ILE B 268 11.50 33.03 -8.62
CA ILE B 268 11.78 32.72 -10.01
C ILE B 268 13.22 32.22 -10.19
N ASP B 269 14.19 32.85 -9.53
CA ASP B 269 15.55 32.30 -9.50
C ASP B 269 15.60 30.86 -9.00
N ALA B 270 14.94 30.60 -7.88
CA ALA B 270 14.91 29.25 -7.30
C ALA B 270 14.23 28.28 -8.25
N TYR B 271 13.12 28.72 -8.84
CA TYR B 271 12.40 27.93 -9.82
C TYR B 271 13.29 27.61 -11.02
N TRP B 272 13.86 28.65 -11.59
CA TRP B 272 14.76 28.48 -12.70
C TRP B 272 15.93 27.58 -12.29
N GLN B 273 16.52 27.85 -11.14
CA GLN B 273 17.70 27.10 -10.72
C GLN B 273 17.40 25.61 -10.50
N ALA B 274 16.26 25.29 -9.91
CA ALA B 274 15.93 23.89 -9.63
C ALA B 274 15.72 23.08 -10.92
N ASN B 275 15.13 23.70 -11.93
CA ASN B 275 14.91 23.03 -13.21
C ASN B 275 16.19 22.90 -14.01
N ILE B 276 16.93 24.00 -14.13
CA ILE B 276 18.12 24.00 -14.95
C ILE B 276 19.18 23.06 -14.34
N ASP B 277 19.17 22.89 -13.02
CA ASP B 277 20.09 21.96 -12.37
C ASP B 277 19.89 20.51 -12.85
N LEU B 278 18.70 20.21 -13.36
CA LEU B 278 18.43 18.87 -13.87
C LEU B 278 19.23 18.56 -15.12
N THR B 279 19.84 19.59 -15.72
CA THR B 279 20.64 19.36 -16.92
C THR B 279 22.09 18.95 -16.59
N ASP B 280 22.46 18.99 -15.30
CA ASP B 280 23.82 18.58 -14.91
C ASP B 280 24.11 17.12 -15.24
N VAL B 281 25.39 16.78 -15.31
CA VAL B 281 25.80 15.39 -15.49
C VAL B 281 25.39 14.58 -14.26
N VAL B 282 25.56 15.17 -13.09
CA VAL B 282 25.12 14.56 -11.83
C VAL B 282 24.20 15.51 -11.11
N PRO B 283 22.90 15.45 -11.42
CA PRO B 283 21.98 16.39 -10.76
C PRO B 283 21.69 15.98 -9.32
N ASP B 284 21.32 16.97 -8.51
CA ASP B 284 20.97 16.74 -7.13
C ASP B 284 19.71 15.89 -6.99
N LEU B 285 18.79 16.04 -7.94
CA LEU B 285 17.60 15.20 -8.01
C LEU B 285 17.73 14.17 -9.11
N ASP B 286 17.53 12.90 -8.74
CA ASP B 286 17.64 11.81 -9.71
C ASP B 286 16.25 11.48 -10.29
N ILE B 287 15.97 11.93 -11.50
CA ILE B 287 14.65 11.68 -12.09
C ILE B 287 14.61 10.35 -12.84
N TYR B 288 15.78 9.74 -13.05
CA TYR B 288 15.85 8.44 -13.72
C TYR B 288 15.78 7.30 -12.72
N ASP B 289 15.40 7.61 -11.49
CA ASP B 289 15.21 6.58 -10.46
C ASP B 289 13.83 5.91 -10.59
N LYS B 290 13.78 4.63 -10.23
CA LYS B 290 12.57 3.83 -10.33
C LYS B 290 12.11 3.26 -9.00
N SER B 291 12.94 3.38 -7.97
CA SER B 291 12.60 2.77 -6.67
C SER B 291 11.67 3.68 -5.87
N TRP B 292 11.46 4.91 -6.36
CA TRP B 292 10.50 5.82 -5.73
C TRP B 292 9.94 6.74 -6.79
N PRO B 293 9.10 6.20 -7.68
CA PRO B 293 8.72 6.91 -8.89
C PRO B 293 7.73 8.03 -8.63
N ILE B 294 7.77 9.04 -9.47
CA ILE B 294 6.85 10.17 -9.37
C ILE B 294 5.78 10.00 -10.44
N TRP B 295 4.55 9.76 -10.01
CA TRP B 295 3.44 9.62 -10.94
C TRP B 295 2.97 11.01 -11.36
N THR B 296 2.49 11.16 -12.59
CA THR B 296 1.91 12.43 -13.01
C THR B 296 0.90 12.19 -14.13
N TYR B 297 0.31 13.27 -14.62
CA TYR B 297 -0.50 13.19 -15.82
C TYR B 297 0.41 13.28 -17.03
N ALA B 298 0.39 12.23 -17.84
CA ALA B 298 1.24 12.13 -19.02
C ALA B 298 0.43 11.58 -20.17
N GLU B 299 0.62 12.14 -21.36
CA GLU B 299 -0.08 11.62 -22.52
C GLU B 299 0.90 10.95 -23.44
N ILE B 300 0.41 10.01 -24.23
CA ILE B 300 1.21 9.35 -25.22
C ILE B 300 1.62 10.38 -26.25
N THR B 301 2.92 10.51 -26.48
CA THR B 301 3.39 11.52 -27.41
C THR B 301 4.37 10.92 -28.40
N PRO B 302 4.50 11.54 -29.57
CA PRO B 302 5.59 11.14 -30.44
C PRO B 302 6.91 11.54 -29.80
N PRO B 303 8.03 10.95 -30.25
CA PRO B 303 9.32 11.23 -29.61
C PRO B 303 9.84 12.65 -29.89
N ALA B 304 11.03 12.96 -29.40
CA ALA B 304 11.69 14.21 -29.73
C ALA B 304 12.40 14.08 -31.09
N LYS B 305 12.39 15.16 -31.85
CA LYS B 305 12.95 15.15 -33.20
C LYS B 305 13.90 16.31 -33.36
N PHE B 306 15.06 16.03 -33.96
CA PHE B 306 16.09 17.03 -34.22
C PHE B 306 16.39 17.04 -35.69
N VAL B 307 16.35 18.20 -36.32
CA VAL B 307 16.51 18.21 -37.76
C VAL B 307 17.31 19.43 -38.25
N HIS B 308 17.84 19.31 -39.47
CA HIS B 308 18.69 20.27 -40.15
C HIS B 308 20.09 20.14 -39.64
N ASP B 309 21.03 20.21 -40.58
CA ASP B 309 22.41 19.92 -40.31
C ASP B 309 23.22 20.53 -41.44
N ASP B 310 23.08 21.83 -41.64
CA ASP B 310 23.83 22.45 -42.70
C ASP B 310 24.72 23.54 -42.15
N GLU B 311 25.18 24.39 -43.05
CA GLU B 311 26.13 25.44 -42.72
C GLU B 311 25.52 26.40 -41.72
N ASP B 312 24.26 26.73 -41.94
CA ASP B 312 23.63 27.82 -41.22
C ASP B 312 22.85 27.35 -40.00
N ARG B 313 22.39 26.10 -40.03
CA ARG B 313 21.46 25.62 -39.00
C ARG B 313 21.59 24.15 -38.67
N ARG B 314 21.59 23.86 -37.37
CA ARG B 314 21.64 22.50 -36.88
C ARG B 314 20.70 22.35 -35.71
N GLY B 315 19.68 21.51 -35.86
CA GLY B 315 18.79 21.22 -34.77
C GLY B 315 19.48 20.28 -33.79
N SER B 316 19.80 20.78 -32.60
CA SER B 316 20.54 19.97 -31.66
C SER B 316 20.42 20.45 -30.23
N ALA B 317 20.47 19.51 -29.29
CA ALA B 317 20.43 19.83 -27.86
C ALA B 317 21.70 19.35 -27.17
N VAL B 318 22.35 20.26 -26.48
CA VAL B 318 23.60 19.97 -25.80
C VAL B 318 23.46 20.31 -24.32
N SER B 319 23.89 19.40 -23.45
CA SER B 319 23.76 19.56 -21.99
C SER B 319 22.34 19.97 -21.65
N SER B 320 21.39 19.23 -22.21
CA SER B 320 19.98 19.63 -22.15
C SER B 320 19.07 18.44 -21.89
N VAL B 321 17.85 18.76 -21.48
CA VAL B 321 16.80 17.78 -21.27
C VAL B 321 15.62 18.14 -22.18
N VAL B 322 15.11 17.19 -22.94
CA VAL B 322 14.08 17.47 -23.96
C VAL B 322 12.98 16.41 -23.89
N SER B 323 11.73 16.86 -23.91
CA SER B 323 10.60 15.95 -23.70
C SER B 323 9.94 15.47 -24.99
N GLY B 324 8.88 14.69 -24.84
CA GLY B 324 8.15 14.20 -26.00
C GLY B 324 7.46 15.31 -26.76
N ASP B 325 7.16 15.04 -28.03
CA ASP B 325 6.45 15.97 -28.89
C ASP B 325 7.21 17.29 -29.07
N CYS B 326 8.53 17.25 -28.92
CA CYS B 326 9.35 18.41 -29.20
C CYS B 326 9.95 18.29 -30.57
N ILE B 327 9.89 19.37 -31.36
CA ILE B 327 10.55 19.38 -32.65
C ILE B 327 11.56 20.49 -32.68
N ILE B 328 12.83 20.11 -32.72
CA ILE B 328 13.95 21.01 -32.63
C ILE B 328 14.48 21.19 -34.06
N SER B 329 13.93 22.18 -34.76
CA SER B 329 14.17 22.32 -36.18
C SER B 329 15.17 23.42 -36.48
N GLY B 330 16.42 23.06 -36.72
CA GLY B 330 17.45 24.04 -37.02
C GLY B 330 17.79 24.95 -35.85
N ALA B 331 17.36 24.55 -34.66
CA ALA B 331 17.57 25.37 -33.46
C ALA B 331 18.66 24.79 -32.57
N ALA B 332 19.51 25.66 -32.04
CA ALA B 332 20.54 25.26 -31.09
C ALA B 332 20.02 25.32 -29.66
N LEU B 333 20.08 24.20 -28.96
CA LEU B 333 19.76 24.17 -27.53
C LEU B 333 20.99 23.89 -26.71
N ASN B 334 21.21 24.71 -25.69
CA ASN B 334 22.32 24.54 -24.79
C ASN B 334 21.87 24.80 -23.37
N ARG B 335 22.21 23.91 -22.46
CA ARG B 335 21.84 24.03 -21.05
C ARG B 335 20.38 24.46 -20.89
N SER B 336 19.46 23.69 -21.48
CA SER B 336 18.06 24.04 -21.40
C SER B 336 17.21 22.84 -21.03
N LEU B 337 16.04 23.12 -20.49
CA LEU B 337 15.08 22.11 -20.10
C LEU B 337 13.78 22.35 -20.85
N LEU B 338 13.43 21.45 -21.77
CA LEU B 338 12.21 21.63 -22.56
C LEU B 338 11.12 20.67 -22.12
N PHE B 339 9.95 21.22 -21.82
CA PHE B 339 8.79 20.41 -21.49
C PHE B 339 8.11 19.89 -22.77
N THR B 340 7.02 19.15 -22.59
CA THR B 340 6.29 18.54 -23.69
CA THR B 340 6.35 18.53 -23.71
C THR B 340 5.80 19.54 -24.74
N GLY B 341 5.95 19.21 -26.01
CA GLY B 341 5.32 19.99 -27.05
C GLY B 341 5.98 21.27 -27.55
N VAL B 342 7.26 21.46 -27.28
CA VAL B 342 7.96 22.66 -27.76
C VAL B 342 8.31 22.54 -29.24
N ARG B 343 8.15 23.64 -29.97
CA ARG B 343 8.53 23.70 -31.38
C ARG B 343 9.55 24.81 -31.57
N ALA B 344 10.83 24.47 -31.66
CA ALA B 344 11.88 25.47 -31.81
C ALA B 344 12.32 25.50 -33.25
N ASN B 345 12.29 26.70 -33.86
CA ASN B 345 12.39 26.79 -35.30
C ASN B 345 13.74 27.30 -35.78
N SER B 346 13.95 27.24 -37.10
CA SER B 346 15.29 27.40 -37.69
C SER B 346 16.01 28.69 -37.33
N TYR B 347 17.31 28.56 -37.03
CA TYR B 347 18.22 29.66 -36.70
C TYR B 347 17.99 30.24 -35.31
N SER B 348 17.05 29.66 -34.55
CA SER B 348 16.84 30.14 -33.19
C SER B 348 17.89 29.56 -32.26
N ARG B 349 18.03 30.17 -31.08
CA ARG B 349 18.98 29.72 -30.08
C ARG B 349 18.39 29.81 -28.68
N LEU B 350 18.65 28.80 -27.85
CA LEU B 350 18.23 28.78 -26.45
C LEU B 350 19.40 28.38 -25.55
N GLU B 351 19.71 29.23 -24.56
CA GLU B 351 20.75 28.91 -23.59
C GLU B 351 20.22 29.21 -22.20
N ASN B 352 20.46 28.30 -21.25
CA ASN B 352 20.04 28.49 -19.86
C ASN B 352 18.55 28.78 -19.78
N ALA B 353 17.75 28.01 -20.51
CA ALA B 353 16.32 28.24 -20.59
C ALA B 353 15.49 27.11 -19.97
N VAL B 354 14.49 27.49 -19.18
CA VAL B 354 13.46 26.55 -18.80
C VAL B 354 12.22 26.88 -19.63
N VAL B 355 11.80 25.93 -20.46
CA VAL B 355 10.78 26.20 -21.46
C VAL B 355 9.57 25.29 -21.22
N LEU B 356 8.47 25.88 -20.78
CA LEU B 356 7.28 25.14 -20.33
C LEU B 356 6.49 24.58 -21.51
N PRO B 357 5.43 23.76 -21.27
CA PRO B 357 4.88 23.06 -22.43
C PRO B 357 4.31 23.91 -23.56
N SER B 358 4.46 23.41 -24.78
CA SER B 358 3.82 23.93 -25.98
C SER B 358 4.34 25.30 -26.44
N VAL B 359 5.50 25.72 -25.94
CA VAL B 359 6.11 26.96 -26.38
C VAL B 359 6.50 26.82 -27.85
N LYS B 360 6.39 27.90 -28.61
CA LYS B 360 6.91 27.94 -29.97
C LYS B 360 7.99 29.00 -30.07
N ILE B 361 9.18 28.61 -30.53
CA ILE B 361 10.28 29.54 -30.70
C ILE B 361 10.46 29.89 -32.17
N GLY B 362 10.10 31.12 -32.55
CA GLY B 362 10.20 31.52 -33.94
C GLY B 362 11.61 31.56 -34.49
N ARG B 363 11.73 31.41 -35.80
CA ARG B 363 13.02 31.51 -36.45
C ARG B 363 13.82 32.71 -36.00
N HIS B 364 15.13 32.50 -35.84
CA HIS B 364 16.10 33.56 -35.54
C HIS B 364 16.04 34.09 -34.12
N ALA B 365 15.06 33.66 -33.32
CA ALA B 365 14.95 34.19 -31.96
C ALA B 365 16.11 33.70 -31.11
N GLN B 366 16.65 34.57 -30.26
CA GLN B 366 17.74 34.20 -29.39
C GLN B 366 17.43 34.55 -27.94
N LEU B 367 17.30 33.52 -27.10
CA LEU B 367 16.91 33.72 -25.70
C LEU B 367 17.91 33.10 -24.73
N SER B 368 18.33 33.87 -23.73
CA SER B 368 19.24 33.36 -22.71
C SER B 368 18.76 33.72 -21.31
N ASN B 369 18.93 32.76 -20.39
CA ASN B 369 18.58 32.91 -18.97
C ASN B 369 17.11 33.24 -18.77
N VAL B 370 16.25 32.33 -19.21
CA VAL B 370 14.83 32.58 -19.25
C VAL B 370 13.98 31.45 -18.71
N VAL B 371 12.80 31.82 -18.27
CA VAL B 371 11.70 30.92 -18.03
C VAL B 371 10.60 31.37 -18.97
N ILE B 372 10.13 30.47 -19.83
CA ILE B 372 9.08 30.80 -20.77
C ILE B 372 7.80 30.09 -20.35
N ASP B 373 6.74 30.86 -20.12
CA ASP B 373 5.46 30.33 -19.64
C ASP B 373 4.82 29.33 -20.62
N HIS B 374 3.94 28.50 -20.08
CA HIS B 374 3.10 27.58 -20.85
C HIS B 374 2.44 28.19 -22.10
N GLY B 375 2.77 27.66 -23.28
CA GLY B 375 2.04 28.01 -24.49
C GLY B 375 2.48 29.28 -25.22
N VAL B 376 3.48 29.97 -24.69
CA VAL B 376 3.96 31.21 -25.26
C VAL B 376 4.48 31.04 -26.69
N VAL B 377 4.10 31.97 -27.57
CA VAL B 377 4.59 31.97 -28.94
C VAL B 377 5.61 33.08 -29.07
N ILE B 378 6.89 32.70 -29.05
CA ILE B 378 7.99 33.63 -29.19
C ILE B 378 8.06 34.15 -30.61
N PRO B 379 7.86 35.46 -30.81
CA PRO B 379 7.90 35.97 -32.18
C PRO B 379 9.29 35.87 -32.79
N GLU B 380 9.32 35.71 -34.11
CA GLU B 380 10.55 35.57 -34.85
C GLU B 380 11.56 36.69 -34.58
N GLY B 381 12.83 36.33 -34.48
CA GLY B 381 13.91 37.27 -34.29
C GLY B 381 14.06 37.92 -32.92
N LEU B 382 13.19 37.56 -31.97
CA LEU B 382 13.26 38.18 -30.64
C LEU B 382 14.59 37.89 -29.98
N ILE B 383 15.17 38.90 -29.32
CA ILE B 383 16.42 38.73 -28.58
C ILE B 383 16.22 39.02 -27.11
N VAL B 384 16.64 38.08 -26.26
CA VAL B 384 16.57 38.23 -24.81
C VAL B 384 17.86 37.71 -24.18
N GLY B 385 18.40 38.47 -23.23
CA GLY B 385 19.55 38.03 -22.48
C GLY B 385 20.76 38.85 -22.82
N GLU B 386 20.51 39.92 -23.58
CA GLU B 386 21.61 40.70 -24.13
C GLU B 386 21.54 42.15 -23.68
N ASP B 387 20.34 42.72 -23.68
CA ASP B 387 20.12 44.10 -23.25
C ASP B 387 19.30 44.12 -21.96
N PRO B 388 19.99 44.05 -20.82
CA PRO B 388 19.36 43.93 -19.50
C PRO B 388 18.28 44.97 -19.24
N GLU B 389 18.53 46.22 -19.61
CA GLU B 389 17.57 47.28 -19.36
C GLU B 389 16.36 47.16 -20.26
N LEU B 390 16.60 46.79 -21.51
CA LEU B 390 15.53 46.46 -22.42
C LEU B 390 14.89 45.16 -21.96
N ASP B 391 15.71 44.24 -21.47
CA ASP B 391 15.20 42.96 -20.97
C ASP B 391 14.39 43.18 -19.70
N ALA B 392 14.79 44.13 -18.86
CA ALA B 392 14.00 44.48 -17.69
C ALA B 392 12.72 45.21 -18.09
N LYS B 393 12.76 45.90 -19.22
CA LYS B 393 11.63 46.72 -19.67
C LYS B 393 10.40 45.91 -20.11
N ARG B 394 10.60 44.91 -20.98
CA ARG B 394 9.47 44.16 -21.57
C ARG B 394 9.03 42.97 -20.72
N PHE B 395 9.91 42.45 -19.87
CA PHE B 395 9.61 41.23 -19.13
C PHE B 395 9.83 41.36 -17.63
N ARG B 396 9.34 40.39 -16.88
CA ARG B 396 9.74 40.23 -15.49
C ARG B 396 11.21 39.86 -15.42
N ARG B 397 12.05 40.70 -14.83
CA ARG B 397 13.47 40.33 -14.79
C ARG B 397 13.99 40.35 -13.35
N THR B 398 14.62 39.25 -12.94
CA THR B 398 15.16 39.14 -11.59
C THR B 398 16.54 39.77 -11.47
N GLU B 399 16.94 40.07 -10.24
CA GLU B 399 18.23 40.71 -9.99
C GLU B 399 19.39 39.92 -10.58
N SER B 400 19.33 38.59 -10.49
CA SER B 400 20.36 37.72 -11.04
C SER B 400 20.32 37.59 -12.57
N GLY B 401 19.35 38.23 -13.20
CA GLY B 401 19.31 38.31 -14.64
C GLY B 401 18.45 37.27 -15.35
N ILE B 402 17.50 36.69 -14.63
CA ILE B 402 16.59 35.71 -15.20
C ILE B 402 15.40 36.44 -15.78
N CYS B 403 14.98 36.10 -17.01
CA CYS B 403 13.77 36.69 -17.56
C CYS B 403 12.61 35.68 -17.57
N LEU B 404 11.53 36.00 -16.89
CA LEU B 404 10.29 35.25 -17.03
C LEU B 404 9.45 35.87 -18.14
N ILE B 405 9.04 35.05 -19.11
CA ILE B 405 8.32 35.54 -20.28
C ILE B 405 6.92 34.96 -20.41
N THR B 406 5.91 35.84 -20.37
CA THR B 406 4.52 35.46 -20.50
CA THR B 406 4.54 35.39 -20.56
C THR B 406 3.98 35.93 -21.86
N GLN B 407 2.84 35.39 -22.29
CA GLN B 407 2.27 35.80 -23.55
C GLN B 407 1.73 37.21 -23.45
N SER B 408 1.19 37.54 -22.28
CA SER B 408 0.72 38.89 -22.06
C SER B 408 1.86 39.91 -22.18
N MET B 409 3.08 39.51 -21.78
CA MET B 409 4.25 40.36 -21.98
C MET B 409 4.56 40.51 -23.46
N ILE B 410 4.55 39.40 -24.19
CA ILE B 410 4.81 39.41 -25.62
C ILE B 410 3.78 40.25 -26.39
N ASP B 411 2.50 40.13 -26.02
CA ASP B 411 1.42 40.85 -26.68
C ASP B 411 1.65 42.35 -26.62
N LYS B 412 2.30 42.81 -25.56
CA LYS B 412 2.55 44.23 -25.34
C LYS B 412 3.70 44.76 -26.18
N LEU B 413 4.42 43.87 -26.85
CA LEU B 413 5.65 44.23 -27.52
C LEU B 413 5.44 45.08 -28.76
N ASP B 414 6.04 46.25 -28.74
CA ASP B 414 6.16 47.12 -29.91
C ASP B 414 7.48 47.84 -29.77
N LEU B 415 8.03 47.78 -28.56
CA LEU B 415 9.34 48.35 -28.27
C LEU B 415 10.10 47.46 -27.30
N VAL C 1 -20.07 10.61 -46.23
CA VAL C 1 -19.48 9.37 -45.73
C VAL C 1 -19.15 9.44 -44.24
N GLN C 2 -18.46 10.51 -43.84
CA GLN C 2 -17.96 10.62 -42.47
C GLN C 2 -19.02 11.11 -41.49
N PRO C 3 -19.31 10.31 -40.46
CA PRO C 3 -20.27 10.66 -39.41
C PRO C 3 -19.92 12.00 -38.78
N LEU C 4 -20.93 12.85 -38.62
CA LEU C 4 -20.69 14.22 -38.21
C LEU C 4 -20.31 14.26 -36.73
N ALA C 5 -20.70 13.23 -36.00
CA ALA C 5 -20.43 13.12 -34.58
C ALA C 5 -18.95 13.20 -34.28
N ARG C 6 -18.11 12.71 -35.19
CA ARG C 6 -16.66 12.83 -35.04
C ARG C 6 -16.23 14.28 -34.89
N ASP C 7 -17.05 15.18 -35.41
CA ASP C 7 -16.68 16.59 -35.47
C ASP C 7 -17.47 17.45 -34.47
N ALA C 8 -18.19 16.79 -33.57
CA ALA C 8 -19.06 17.52 -32.65
C ALA C 8 -18.58 17.43 -31.21
N MET C 9 -18.86 18.46 -30.44
CA MET C 9 -18.66 18.43 -29.01
C MET C 9 -20.03 18.58 -28.35
N ALA C 10 -20.34 17.71 -27.39
CA ALA C 10 -21.56 17.85 -26.61
C ALA C 10 -21.27 18.78 -25.46
N TYR C 11 -22.20 19.68 -25.17
CA TYR C 11 -22.02 20.64 -24.09
C TYR C 11 -23.25 20.57 -23.20
N VAL C 12 -23.08 20.05 -21.99
CA VAL C 12 -24.19 19.75 -21.11
C VAL C 12 -24.40 20.82 -20.04
N LEU C 13 -25.58 21.43 -20.07
CA LEU C 13 -25.94 22.44 -19.08
C LEU C 13 -26.49 21.71 -17.86
N ALA C 14 -25.66 21.57 -16.82
CA ALA C 14 -26.00 20.75 -15.68
C ALA C 14 -26.14 21.62 -14.44
N GLY C 15 -26.84 22.75 -14.62
CA GLY C 15 -27.00 23.72 -13.55
C GLY C 15 -28.41 23.81 -13.02
N GLY C 16 -29.28 22.89 -13.43
CA GLY C 16 -30.66 22.90 -12.99
C GLY C 16 -30.78 22.75 -11.48
N ARG C 17 -31.63 23.55 -10.86
CA ARG C 17 -31.72 23.58 -9.41
C ARG C 17 -32.76 22.59 -8.90
N GLY C 18 -33.79 22.35 -9.71
CA GLY C 18 -34.85 21.43 -9.35
C GLY C 18 -35.56 21.94 -8.11
N SER C 19 -35.97 23.21 -8.19
CA SER C 19 -36.55 23.87 -7.04
C SER C 19 -37.81 23.18 -6.54
N ARG C 20 -38.68 22.78 -7.46
CA ARG C 20 -39.94 22.13 -7.10
C ARG C 20 -39.73 20.73 -6.52
N LEU C 21 -38.52 20.19 -6.63
CA LEU C 21 -38.20 18.91 -6.00
C LEU C 21 -37.92 19.12 -4.52
N LYS C 22 -37.87 20.38 -4.12
CA LYS C 22 -37.74 20.74 -2.71
C LYS C 22 -36.52 20.12 -2.03
N GLU C 23 -36.72 19.42 -0.93
CA GLU C 23 -35.58 18.98 -0.12
C GLU C 23 -34.67 18.00 -0.87
N LEU C 24 -35.22 17.35 -1.88
CA LEU C 24 -34.45 16.41 -2.69
C LEU C 24 -33.23 17.07 -3.32
N THR C 25 -33.34 18.37 -3.57
CA THR C 25 -32.24 19.10 -4.19
C THR C 25 -31.71 20.22 -3.31
N ASP C 26 -31.91 20.13 -2.01
CA ASP C 26 -31.40 21.14 -1.10
C ASP C 26 -29.87 21.09 -0.99
N ARG C 27 -29.27 19.94 -1.30
CA ARG C 27 -27.82 19.85 -1.24
C ARG C 27 -27.21 19.26 -2.51
N ARG C 28 -28.05 18.93 -3.48
CA ARG C 28 -27.55 18.43 -4.77
C ARG C 28 -28.27 19.15 -5.90
N ALA C 29 -27.59 19.35 -7.02
CA ALA C 29 -28.26 19.89 -8.20
C ALA C 29 -29.15 18.81 -8.82
N LYS C 30 -30.13 19.22 -9.63
CA LYS C 30 -31.05 18.26 -10.23
C LYS C 30 -30.35 17.18 -11.08
N PRO C 31 -29.33 17.54 -11.88
CA PRO C 31 -28.70 16.46 -12.65
C PRO C 31 -28.04 15.37 -11.79
N ALA C 32 -27.75 15.66 -10.52
CA ALA C 32 -27.15 14.68 -9.61
C ALA C 32 -28.18 13.79 -8.92
N VAL C 33 -29.47 14.05 -9.14
CA VAL C 33 -30.50 13.26 -8.49
C VAL C 33 -30.52 11.82 -9.02
N TYR C 34 -30.66 10.87 -8.11
CA TYR C 34 -30.68 9.45 -8.44
C TYR C 34 -31.88 9.00 -9.25
N PHE C 35 -31.64 8.13 -10.22
CA PHE C 35 -32.77 7.58 -10.95
C PHE C 35 -32.59 6.12 -11.32
N GLY C 36 -33.61 5.32 -11.04
CA GLY C 36 -33.73 3.99 -11.60
C GLY C 36 -33.06 2.88 -10.81
N GLY C 37 -32.39 3.22 -9.72
CA GLY C 37 -31.75 2.22 -8.90
C GLY C 37 -30.24 2.34 -8.83
N LYS C 38 -29.63 2.88 -9.87
CA LYS C 38 -28.17 2.92 -9.94
C LYS C 38 -27.64 4.28 -10.43
N ALA C 39 -28.28 4.87 -11.43
CA ALA C 39 -27.71 6.01 -12.14
C ALA C 39 -28.12 7.34 -11.54
N ARG C 40 -27.67 8.42 -12.18
CA ARG C 40 -28.13 9.75 -11.85
C ARG C 40 -28.69 10.35 -13.12
N ILE C 41 -29.50 11.40 -13.00
CA ILE C 41 -30.20 11.96 -14.16
C ILE C 41 -29.21 12.39 -15.26
N ILE C 42 -28.12 13.03 -14.87
CA ILE C 42 -27.12 13.47 -15.85
C ILE C 42 -26.57 12.34 -16.73
N ASP C 43 -26.64 11.09 -16.27
CA ASP C 43 -26.07 9.97 -17.03
C ASP C 43 -26.79 9.67 -18.33
N PHE C 44 -27.99 10.21 -18.49
CA PHE C 44 -28.74 9.96 -19.72
C PHE C 44 -28.22 10.84 -20.83
N ALA C 45 -28.12 12.15 -20.60
CA ALA C 45 -27.55 13.03 -21.62
C ALA C 45 -26.12 12.60 -21.96
N LEU C 46 -25.32 12.26 -20.96
CA LEU C 46 -23.93 11.86 -21.21
C LEU C 46 -23.85 10.55 -22.00
N SER C 47 -24.68 9.59 -21.66
CA SER C 47 -24.64 8.32 -22.37
C SER C 47 -25.21 8.47 -23.77
N ASN C 48 -26.17 9.39 -23.94
CA ASN C 48 -26.63 9.70 -25.30
C ASN C 48 -25.49 10.25 -26.15
N ALA C 49 -24.71 11.17 -25.58
CA ALA C 49 -23.61 11.74 -26.35
C ALA C 49 -22.62 10.65 -26.74
N LEU C 50 -22.27 9.82 -25.78
CA LEU C 50 -21.33 8.73 -25.98
C LEU C 50 -21.82 7.69 -27.01
N ASN C 51 -23.08 7.27 -26.89
CA ASN C 51 -23.67 6.31 -27.82
C ASN C 51 -23.86 6.86 -29.22
N SER C 52 -23.99 8.18 -29.32
CA SER C 52 -24.09 8.83 -30.62
C SER C 52 -22.73 9.04 -31.26
N GLY C 53 -21.67 8.71 -30.52
CA GLY C 53 -20.32 8.80 -31.06
C GLY C 53 -19.64 10.13 -30.84
N ILE C 54 -20.22 10.96 -29.98
CA ILE C 54 -19.59 12.23 -29.63
C ILE C 54 -18.49 11.99 -28.60
N ARG C 55 -17.25 12.30 -28.97
CA ARG C 55 -16.07 11.99 -28.17
C ARG C 55 -15.63 13.14 -27.26
N ARG C 56 -16.12 14.34 -27.54
CA ARG C 56 -15.81 15.48 -26.69
C ARG C 56 -17.06 15.98 -25.98
N ILE C 57 -16.98 16.04 -24.65
CA ILE C 57 -18.10 16.41 -23.80
C ILE C 57 -17.63 17.43 -22.77
N GLY C 58 -18.41 18.51 -22.59
CA GLY C 58 -18.20 19.44 -21.50
C GLY C 58 -19.42 19.51 -20.60
N VAL C 59 -19.22 19.66 -19.30
CA VAL C 59 -20.33 19.80 -18.39
C VAL C 59 -20.20 21.08 -17.58
N ALA C 60 -21.18 21.96 -17.73
CA ALA C 60 -21.19 23.24 -17.04
C ALA C 60 -22.10 23.15 -15.82
N THR C 61 -21.53 23.34 -14.64
CA THR C 61 -22.33 23.24 -13.43
C THR C 61 -22.45 24.60 -12.75
N GLN C 62 -23.39 24.68 -11.82
CA GLN C 62 -23.73 25.94 -11.17
C GLN C 62 -23.87 25.71 -9.68
N TYR C 63 -25.11 25.65 -9.19
CA TYR C 63 -25.31 25.60 -7.75
C TYR C 63 -25.32 24.16 -7.22
N LYS C 64 -24.86 24.00 -5.98
CA LYS C 64 -24.89 22.73 -5.24
C LYS C 64 -24.25 21.57 -6.02
N ALA C 65 -23.19 21.88 -6.77
CA ALA C 65 -22.62 20.97 -7.74
C ALA C 65 -21.57 20.03 -7.16
N HIS C 66 -21.39 20.05 -5.85
CA HIS C 66 -20.39 19.21 -5.19
C HIS C 66 -20.52 17.74 -5.53
N SER C 67 -21.68 17.15 -5.25
CA SER C 67 -21.84 15.70 -5.44
C SER C 67 -21.92 15.38 -6.92
N LEU C 68 -22.38 16.33 -7.73
CA LEU C 68 -22.41 16.15 -9.18
C LEU C 68 -21.01 16.06 -9.73
N ILE C 69 -20.15 16.97 -9.30
CA ILE C 69 -18.78 17.01 -9.78
C ILE C 69 -18.04 15.73 -9.39
N ARG C 70 -18.26 15.28 -8.16
CA ARG C 70 -17.68 14.04 -7.64
C ARG C 70 -18.09 12.81 -8.49
N HIS C 71 -19.37 12.71 -8.82
CA HIS C 71 -19.91 11.66 -9.70
C HIS C 71 -19.23 11.67 -11.07
N LEU C 72 -19.09 12.84 -11.65
CA LEU C 72 -18.49 12.98 -12.96
C LEU C 72 -17.01 12.60 -12.92
N GLN C 73 -16.35 12.91 -11.81
CA GLN C 73 -14.93 12.60 -11.64
C GLN C 73 -14.66 11.10 -11.58
N ARG C 74 -15.53 10.38 -10.88
CA ARG C 74 -15.33 8.95 -10.65
C ARG C 74 -15.99 8.08 -11.70
N GLY C 75 -17.11 8.55 -12.25
CA GLY C 75 -17.83 7.78 -13.24
C GLY C 75 -17.39 8.00 -14.68
N TRP C 76 -17.14 9.26 -15.03
CA TRP C 76 -16.86 9.59 -16.43
C TRP C 76 -15.38 9.91 -16.65
N ASP C 77 -14.53 8.94 -16.29
CA ASP C 77 -13.10 9.15 -16.18
C ASP C 77 -12.27 8.40 -17.22
N PHE C 78 -12.93 7.91 -18.27
CA PHE C 78 -12.26 7.06 -19.24
C PHE C 78 -11.96 7.73 -20.60
N PHE C 79 -12.14 9.03 -20.73
CA PHE C 79 -11.79 9.71 -21.99
C PHE C 79 -10.30 10.06 -22.02
N ARG C 80 -9.62 9.80 -23.13
CA ARG C 80 -8.22 10.20 -23.26
C ARG C 80 -8.02 11.16 -24.44
N PRO C 81 -7.43 12.33 -24.18
CA PRO C 81 -7.26 13.35 -25.23
C PRO C 81 -6.39 12.96 -26.42
N GLU C 82 -5.44 12.06 -26.24
CA GLU C 82 -4.59 11.71 -27.36
C GLU C 82 -5.34 10.76 -28.32
N ARG C 83 -6.48 10.20 -27.88
CA ARG C 83 -7.40 9.50 -28.79
C ARG C 83 -8.52 10.42 -29.32
N ASN C 84 -8.29 11.73 -29.25
CA ASN C 84 -9.28 12.77 -29.56
C ASN C 84 -10.61 12.61 -28.82
N GLU C 85 -10.50 12.45 -27.50
CA GLU C 85 -11.64 12.36 -26.63
C GLU C 85 -11.38 13.32 -25.51
N SER C 86 -12.42 13.87 -24.92
CA SER C 86 -12.19 14.76 -23.79
C SER C 86 -13.44 14.91 -22.97
N PHE C 87 -13.26 15.03 -21.66
CA PHE C 87 -14.36 15.26 -20.75
C PHE C 87 -13.95 16.40 -19.82
N ASP C 88 -14.55 17.56 -20.01
CA ASP C 88 -14.23 18.73 -19.21
C ASP C 88 -15.35 19.05 -18.23
N ILE C 89 -15.00 19.11 -16.96
CA ILE C 89 -15.93 19.54 -15.94
C ILE C 89 -15.68 21.03 -15.71
N LEU C 90 -16.70 21.84 -15.93
CA LEU C 90 -16.54 23.30 -15.96
C LEU C 90 -17.41 23.98 -14.92
N PRO C 91 -16.96 23.95 -13.66
CA PRO C 91 -17.76 24.51 -12.57
C PRO C 91 -17.81 26.01 -12.69
N ALA C 92 -18.89 26.61 -12.17
CA ALA C 92 -19.11 28.03 -12.30
C ALA C 92 -18.03 28.85 -11.63
N SER C 93 -17.03 28.20 -11.04
CA SER C 93 -16.06 28.92 -10.24
C SER C 93 -14.67 28.30 -10.25
N GLN C 94 -13.96 28.41 -11.38
CA GLN C 94 -12.56 27.98 -11.51
C GLN C 94 -12.30 26.62 -10.87
N GLU C 98 -18.38 30.82 -5.57
CA GLU C 98 -17.91 31.99 -4.83
C GLU C 98 -18.39 33.28 -5.47
N THR C 99 -17.60 33.80 -6.41
CA THR C 99 -17.90 35.06 -7.09
C THR C 99 -18.42 34.83 -8.50
N GLN C 100 -17.69 34.02 -9.26
CA GLN C 100 -18.14 33.67 -10.59
C GLN C 100 -19.35 32.75 -10.42
N TRP C 101 -20.49 33.21 -10.91
CA TRP C 101 -21.58 32.32 -11.22
C TRP C 101 -21.88 32.61 -12.67
N TYR C 102 -22.29 31.61 -13.41
CA TYR C 102 -22.67 31.84 -14.78
C TYR C 102 -23.90 32.74 -14.74
N GLU C 103 -24.02 33.66 -15.70
CA GLU C 103 -25.13 34.59 -15.73
C GLU C 103 -26.34 33.95 -16.39
N GLY C 104 -26.10 32.84 -17.08
CA GLY C 104 -27.14 32.08 -17.72
C GLY C 104 -26.52 30.95 -18.52
N THR C 105 -27.36 30.17 -19.19
CA THR C 105 -26.87 29.02 -19.95
C THR C 105 -25.99 29.45 -21.11
N ALA C 106 -26.20 30.67 -21.60
CA ALA C 106 -25.36 31.17 -22.68
C ALA C 106 -24.01 31.63 -22.13
N ASP C 107 -24.00 32.22 -20.94
CA ASP C 107 -22.74 32.61 -20.32
C ASP C 107 -21.92 31.36 -20.00
N ALA C 108 -22.60 30.23 -19.81
CA ALA C 108 -21.92 28.98 -19.46
C ALA C 108 -21.01 28.52 -20.58
N VAL C 109 -21.37 28.84 -21.81
CA VAL C 109 -20.52 28.50 -22.94
C VAL C 109 -19.49 29.61 -23.13
N TYR C 110 -19.96 30.86 -23.18
CA TYR C 110 -19.11 32.00 -23.45
C TYR C 110 -17.87 32.05 -22.55
N GLN C 111 -18.06 31.79 -21.27
CA GLN C 111 -16.94 31.78 -20.33
C GLN C 111 -15.93 30.67 -20.62
N ASN C 112 -16.33 29.69 -21.43
CA ASN C 112 -15.46 28.53 -21.63
C ASN C 112 -15.03 28.36 -23.08
N ILE C 113 -15.15 29.42 -23.85
CA ILE C 113 -14.67 29.44 -25.23
C ILE C 113 -13.23 28.96 -25.31
N ASP C 114 -12.42 29.34 -24.33
CA ASP C 114 -11.01 28.97 -24.38
C ASP C 114 -10.79 27.50 -24.01
N ILE C 115 -11.87 26.79 -23.70
CA ILE C 115 -11.82 25.35 -23.53
C ILE C 115 -12.23 24.69 -24.84
N ILE C 116 -13.20 25.29 -25.50
CA ILE C 116 -13.76 24.76 -26.73
C ILE C 116 -12.91 25.02 -27.97
N GLU C 117 -12.46 26.24 -28.18
CA GLU C 117 -11.80 26.57 -29.43
C GLU C 117 -10.50 25.80 -29.68
N PRO C 118 -9.70 25.54 -28.63
CA PRO C 118 -8.55 24.64 -28.82
C PRO C 118 -8.88 23.29 -29.45
N TYR C 119 -10.04 22.72 -29.15
CA TYR C 119 -10.45 21.46 -29.76
C TYR C 119 -10.96 21.67 -31.19
N ALA C 120 -11.34 22.92 -31.47
CA ALA C 120 -11.93 23.31 -32.74
C ALA C 120 -12.95 22.32 -33.28
N PRO C 121 -13.98 21.97 -32.50
CA PRO C 121 -14.98 21.10 -33.10
C PRO C 121 -15.75 21.87 -34.17
N GLU C 122 -16.28 21.16 -35.16
CA GLU C 122 -17.09 21.80 -36.19
C GLU C 122 -18.51 22.08 -35.69
N TYR C 123 -19.01 21.19 -34.83
CA TYR C 123 -20.39 21.28 -34.34
C TYR C 123 -20.43 21.34 -32.82
N MET C 124 -21.36 22.13 -32.30
CA MET C 124 -21.69 22.10 -30.88
C MET C 124 -23.08 21.50 -30.73
N VAL C 125 -23.24 20.61 -29.75
CA VAL C 125 -24.55 20.10 -29.38
C VAL C 125 -24.81 20.50 -27.93
N ILE C 126 -25.71 21.48 -27.74
CA ILE C 126 -26.04 21.97 -26.41
C ILE C 126 -27.17 21.13 -25.80
N LEU C 127 -26.94 20.58 -24.61
CA LEU C 127 -27.89 19.66 -24.00
C LEU C 127 -28.27 20.10 -22.60
N ALA C 128 -29.55 19.95 -22.24
CA ALA C 128 -29.95 20.09 -20.85
C ALA C 128 -29.56 18.80 -20.13
N GLY C 129 -28.96 18.89 -18.94
CA GLY C 129 -28.54 17.70 -18.23
C GLY C 129 -29.51 17.21 -17.16
N ASP C 130 -30.78 17.61 -17.23
CA ASP C 130 -31.72 17.24 -16.19
C ASP C 130 -32.99 16.53 -16.67
N HIS C 131 -32.94 15.97 -17.88
CA HIS C 131 -34.06 15.17 -18.41
C HIS C 131 -33.63 13.71 -18.57
N ILE C 132 -34.59 12.80 -18.52
CA ILE C 132 -34.34 11.38 -18.70
C ILE C 132 -34.88 10.93 -20.06
N TYR C 133 -33.99 10.54 -20.96
CA TYR C 133 -34.39 10.21 -22.34
C TYR C 133 -33.25 9.57 -23.11
N LYS C 134 -33.57 8.83 -24.16
CA LYS C 134 -32.56 8.28 -25.06
C LYS C 134 -32.76 8.80 -26.48
N MET C 135 -31.68 9.26 -27.10
CA MET C 135 -31.73 9.93 -28.39
C MET C 135 -30.38 9.84 -29.09
N ASP C 136 -30.40 9.62 -30.41
CA ASP C 136 -29.20 9.51 -31.23
C ASP C 136 -28.92 10.85 -31.91
N TYR C 137 -27.93 11.59 -31.43
CA TYR C 137 -27.76 12.96 -31.88
C TYR C 137 -27.23 13.08 -33.33
N GLU C 138 -26.82 11.97 -33.93
CA GLU C 138 -26.30 12.04 -35.30
C GLU C 138 -27.42 12.49 -36.25
N TYR C 139 -28.64 12.08 -35.92
CA TYR C 139 -29.79 12.47 -36.73
C TYR C 139 -29.97 13.98 -36.75
N MET C 140 -29.78 14.59 -35.59
CA MET C 140 -29.96 16.03 -35.48
C MET C 140 -28.84 16.81 -36.17
N LEU C 141 -27.61 16.29 -36.06
CA LEU C 141 -26.46 16.85 -36.75
C LEU C 141 -26.66 16.85 -38.25
N GLN C 142 -27.03 15.70 -38.80
CA GLN C 142 -27.26 15.62 -40.23
C GLN C 142 -28.31 16.62 -40.69
N GLN C 143 -29.44 16.68 -39.98
CA GLN C 143 -30.51 17.60 -40.35
C GLN C 143 -29.99 19.03 -40.35
N HIS C 144 -29.16 19.35 -39.37
CA HIS C 144 -28.60 20.69 -39.26
C HIS C 144 -27.77 21.06 -40.49
N VAL C 145 -26.87 20.16 -40.91
CA VAL C 145 -26.01 20.48 -42.04
C VAL C 145 -26.84 20.46 -43.32
N ASP C 146 -27.81 19.56 -43.43
CA ASP C 146 -28.64 19.51 -44.63
C ASP C 146 -29.53 20.74 -44.74
N SER C 147 -30.09 21.18 -43.62
CA SER C 147 -31.08 22.26 -43.65
C SER C 147 -30.45 23.62 -43.85
N GLY C 148 -29.13 23.71 -43.63
CA GLY C 148 -28.44 24.99 -43.67
C GLY C 148 -28.80 25.96 -42.56
N ALA C 149 -29.47 25.47 -41.52
CA ALA C 149 -29.97 26.33 -40.46
C ALA C 149 -28.87 26.95 -39.59
N ASP C 150 -29.22 27.99 -38.85
CA ASP C 150 -28.31 28.61 -37.90
C ASP C 150 -28.37 27.90 -36.55
N VAL C 151 -29.52 27.32 -36.25
CA VAL C 151 -29.67 26.46 -35.06
C VAL C 151 -30.76 25.43 -35.31
N THR C 152 -30.50 24.20 -34.92
CA THR C 152 -31.51 23.16 -34.95
C THR C 152 -31.96 22.89 -33.52
N ILE C 153 -33.29 22.83 -33.32
CA ILE C 153 -33.82 22.70 -31.98
C ILE C 153 -34.63 21.43 -31.82
N GLY C 154 -34.29 20.65 -30.80
CA GLY C 154 -34.93 19.37 -30.53
C GLY C 154 -36.25 19.56 -29.82
N CYS C 155 -37.29 18.92 -30.36
CA CYS C 155 -38.66 19.20 -29.93
C CYS C 155 -39.49 17.95 -29.68
N LEU C 156 -40.26 17.97 -28.60
CA LEU C 156 -41.23 16.92 -28.35
C LEU C 156 -42.46 17.19 -29.17
N GLU C 157 -43.19 16.14 -29.51
CA GLU C 157 -44.52 16.31 -30.07
C GLU C 157 -45.52 16.03 -28.98
N VAL C 158 -46.18 17.09 -28.47
CA VAL C 158 -47.08 16.94 -27.33
C VAL C 158 -48.48 17.45 -27.66
N PRO C 159 -49.51 16.81 -27.09
CA PRO C 159 -50.88 17.29 -27.31
C PRO C 159 -51.01 18.71 -26.77
N ARG C 160 -51.79 19.56 -27.44
CA ARG C 160 -51.70 21.00 -27.21
C ARG C 160 -51.99 21.42 -25.79
N MET C 161 -52.91 20.74 -25.12
CA MET C 161 -53.26 21.16 -23.79
C MET C 161 -52.16 20.82 -22.77
N GLU C 162 -51.27 19.90 -23.13
CA GLU C 162 -50.12 19.60 -22.27
C GLU C 162 -48.98 20.54 -22.68
N ALA C 163 -49.06 21.05 -23.90
CA ALA C 163 -48.05 21.98 -24.41
C ALA C 163 -48.03 23.31 -23.66
N THR C 164 -49.12 23.63 -22.95
CA THR C 164 -49.22 24.90 -22.24
C THR C 164 -48.10 25.07 -21.21
N GLY C 165 -47.52 23.96 -20.77
CA GLY C 165 -46.50 23.98 -19.74
C GLY C 165 -45.07 24.10 -20.27
N PHE C 166 -44.94 24.28 -21.59
CA PHE C 166 -43.63 24.25 -22.25
C PHE C 166 -43.26 25.53 -22.97
N GLY C 167 -41.99 25.63 -23.36
CA GLY C 167 -41.56 26.63 -24.30
C GLY C 167 -41.92 26.08 -25.67
N VAL C 168 -42.78 26.78 -26.41
CA VAL C 168 -43.31 26.23 -27.65
C VAL C 168 -42.81 27.00 -28.88
N MET C 169 -42.38 26.29 -29.91
CA MET C 169 -41.91 26.87 -31.15
C MET C 169 -43.06 26.91 -32.15
N HIS C 170 -43.28 28.04 -32.85
CA HIS C 170 -44.35 27.99 -33.86
C HIS C 170 -43.62 27.27 -35.01
N VAL C 171 -44.29 26.44 -35.80
CA VAL C 171 -43.61 25.85 -36.93
C VAL C 171 -44.40 26.02 -38.23
N ASN C 172 -43.68 26.14 -39.34
CA ASN C 172 -44.33 26.10 -40.64
C ASN C 172 -44.23 24.70 -41.25
N GLU C 173 -44.67 24.57 -42.49
CA GLU C 173 -44.79 23.26 -43.13
C GLU C 173 -43.43 22.61 -43.38
N LYS C 174 -42.37 23.39 -43.25
CA LYS C 174 -41.01 22.89 -43.45
C LYS C 174 -40.28 22.68 -42.11
N ASP C 175 -41.06 22.70 -41.02
CA ASP C 175 -40.55 22.63 -39.66
C ASP C 175 -39.61 23.78 -39.35
N GLU C 176 -39.77 24.89 -40.07
CA GLU C 176 -38.98 26.09 -39.81
C GLU C 176 -39.69 26.90 -38.74
N ILE C 177 -38.94 27.37 -37.75
CA ILE C 177 -39.54 27.99 -36.57
C ILE C 177 -39.77 29.49 -36.77
N ILE C 178 -41.04 29.87 -36.83
CA ILE C 178 -41.39 31.25 -37.12
C ILE C 178 -41.65 32.05 -35.85
N ASP C 179 -41.82 31.36 -34.73
CA ASP C 179 -42.07 32.03 -33.47
C ASP C 179 -41.79 31.08 -32.32
N PHE C 180 -41.43 31.64 -31.18
CA PHE C 180 -41.24 30.87 -29.97
C PHE C 180 -42.08 31.46 -28.85
N ILE C 181 -42.86 30.63 -28.16
CA ILE C 181 -43.74 31.10 -27.09
C ILE C 181 -43.50 30.35 -25.79
N GLU C 182 -43.18 31.09 -24.73
CA GLU C 182 -43.01 30.50 -23.42
C GLU C 182 -44.35 30.29 -22.74
N LYS C 183 -44.70 29.02 -22.53
CA LYS C 183 -45.95 28.62 -21.88
C LYS C 183 -47.21 29.29 -22.45
N PRO C 184 -47.47 29.07 -23.75
CA PRO C 184 -48.66 29.64 -24.39
C PRO C 184 -49.95 29.11 -23.78
N ALA C 185 -50.91 29.99 -23.46
CA ALA C 185 -52.21 29.54 -22.99
C ALA C 185 -52.90 28.71 -24.08
N ASP C 186 -52.68 29.12 -25.32
CA ASP C 186 -53.13 28.35 -26.46
C ASP C 186 -51.96 28.10 -27.41
N PRO C 187 -51.29 26.96 -27.23
CA PRO C 187 -50.10 26.58 -28.00
C PRO C 187 -50.41 26.40 -29.47
N PRO C 188 -49.67 27.07 -30.34
CA PRO C 188 -49.96 26.84 -31.75
C PRO C 188 -49.74 25.41 -32.16
N GLY C 189 -50.63 24.85 -32.96
CA GLY C 189 -50.52 23.46 -33.34
C GLY C 189 -49.59 23.33 -34.51
N ILE C 190 -49.25 22.09 -34.85
CA ILE C 190 -48.44 21.80 -36.02
C ILE C 190 -49.33 21.91 -37.26
N PRO C 191 -48.84 22.59 -38.32
CA PRO C 191 -49.61 22.64 -39.57
C PRO C 191 -49.93 21.25 -40.10
N GLY C 192 -51.20 20.95 -40.33
CA GLY C 192 -51.61 19.64 -40.82
C GLY C 192 -51.71 18.64 -39.69
N ASN C 193 -51.21 19.03 -38.52
CA ASN C 193 -51.26 18.17 -37.36
C ASN C 193 -51.59 18.98 -36.10
N GLU C 194 -52.71 19.70 -36.16
CA GLU C 194 -53.22 20.42 -35.00
C GLU C 194 -53.51 19.39 -33.92
N GLY C 195 -53.76 19.84 -32.71
CA GLY C 195 -53.92 18.88 -31.64
C GLY C 195 -52.57 18.49 -31.06
N PHE C 196 -51.49 18.69 -31.83
CA PHE C 196 -50.12 18.54 -31.32
C PHE C 196 -49.30 19.80 -31.53
N ALA C 197 -48.38 20.05 -30.60
CA ALA C 197 -47.51 21.21 -30.66
C ALA C 197 -46.06 20.76 -30.42
N LEU C 198 -45.10 21.58 -30.83
CA LEU C 198 -43.69 21.25 -30.62
C LEU C 198 -43.13 21.96 -29.40
N ALA C 199 -42.75 21.18 -28.40
CA ALA C 199 -42.17 21.72 -27.18
C ALA C 199 -40.66 21.57 -27.22
N SER C 200 -39.94 22.67 -26.98
CA SER C 200 -38.49 22.64 -26.96
C SER C 200 -37.96 21.72 -25.87
N MET C 201 -36.93 20.94 -26.22
CA MET C 201 -36.26 20.09 -25.25
C MET C 201 -35.03 20.77 -24.67
N GLY C 202 -34.77 21.99 -25.11
CA GLY C 202 -33.58 22.67 -24.64
C GLY C 202 -32.34 22.01 -25.18
N ILE C 203 -32.49 21.41 -26.36
CA ILE C 203 -31.43 20.77 -27.11
C ILE C 203 -31.17 21.55 -28.40
N TYR C 204 -29.94 22.02 -28.60
CA TYR C 204 -29.63 22.88 -29.73
C TYR C 204 -28.36 22.47 -30.42
N VAL C 205 -28.42 22.32 -31.74
CA VAL C 205 -27.23 22.06 -32.55
C VAL C 205 -26.82 23.32 -33.31
N PHE C 206 -25.55 23.71 -33.18
CA PHE C 206 -24.96 24.82 -33.92
C PHE C 206 -23.71 24.41 -34.68
N HIS C 207 -23.30 25.20 -35.67
CA HIS C 207 -21.90 25.16 -36.08
C HIS C 207 -21.15 25.93 -35.00
N THR C 208 -19.97 25.47 -34.63
CA THR C 208 -19.24 26.12 -33.55
C THR C 208 -18.91 27.59 -33.85
N LYS C 209 -18.53 27.89 -35.08
CA LYS C 209 -18.17 29.26 -35.44
C LYS C 209 -19.35 30.23 -35.27
N PHE C 210 -20.54 29.79 -35.67
CA PHE C 210 -21.77 30.56 -35.49
C PHE C 210 -22.11 30.78 -34.02
N LEU C 211 -21.97 29.72 -33.23
CA LEU C 211 -22.30 29.77 -31.82
C LEU C 211 -21.35 30.70 -31.07
N MET C 212 -20.07 30.66 -31.40
CA MET C 212 -19.13 31.54 -30.73
C MET C 212 -19.48 32.99 -31.08
N GLU C 213 -19.86 33.21 -32.34
CA GLU C 213 -20.36 34.51 -32.79
C GLU C 213 -21.53 34.99 -31.94
N ALA C 214 -22.57 34.16 -31.87
CA ALA C 214 -23.76 34.48 -31.10
C ALA C 214 -23.44 34.73 -29.64
N LEU C 215 -22.56 33.91 -29.08
CA LEU C 215 -22.24 34.07 -27.67
C LEU C 215 -21.46 35.32 -27.37
N ARG C 216 -20.66 35.76 -28.34
CA ARG C 216 -19.91 36.99 -28.16
C ARG C 216 -20.83 38.20 -28.36
N ARG C 217 -21.83 38.06 -29.22
CA ARG C 217 -22.80 39.14 -29.39
C ARG C 217 -23.67 39.27 -28.14
N ASP C 218 -23.99 38.15 -27.52
CA ASP C 218 -24.86 38.14 -26.37
C ASP C 218 -24.18 38.75 -25.15
N ALA C 219 -22.90 38.44 -24.96
CA ALA C 219 -22.18 38.92 -23.78
C ALA C 219 -22.02 40.45 -23.76
N ALA C 220 -21.97 41.05 -24.94
CA ALA C 220 -21.76 42.49 -25.04
C ALA C 220 -23.09 43.25 -25.03
N ASP C 221 -24.19 42.51 -25.00
CA ASP C 221 -25.52 43.09 -24.91
C ASP C 221 -26.00 43.11 -23.45
N PRO C 222 -25.94 44.29 -22.81
CA PRO C 222 -26.19 44.42 -21.37
C PRO C 222 -27.63 44.16 -20.97
N THR C 223 -28.53 44.05 -21.95
CA THR C 223 -29.93 43.80 -21.65
C THR C 223 -30.20 42.31 -21.57
N SER C 224 -29.31 41.53 -22.16
CA SER C 224 -29.48 40.08 -22.25
C SER C 224 -29.47 39.40 -20.88
N SER C 225 -30.36 38.42 -20.72
CA SER C 225 -30.34 37.58 -19.53
C SER C 225 -29.35 36.44 -19.71
N ARG C 226 -28.63 36.49 -20.82
CA ARG C 226 -27.53 35.56 -21.09
C ARG C 226 -27.97 34.10 -21.08
N ASP C 227 -29.22 33.86 -21.47
CA ASP C 227 -29.73 32.49 -21.56
C ASP C 227 -29.94 32.08 -23.02
N PHE C 228 -29.78 30.79 -23.32
CA PHE C 228 -30.14 30.28 -24.65
C PHE C 228 -31.64 30.44 -24.87
N GLY C 229 -32.41 30.12 -23.85
CA GLY C 229 -33.87 30.18 -23.92
C GLY C 229 -34.49 31.54 -24.08
N LYS C 230 -34.20 32.45 -23.17
CA LYS C 230 -34.79 33.78 -23.24
C LYS C 230 -34.14 34.63 -24.32
N ASP C 231 -32.83 34.49 -24.50
CA ASP C 231 -32.12 35.45 -25.35
C ASP C 231 -31.65 34.89 -26.69
N ILE C 232 -30.71 33.96 -26.70
CA ILE C 232 -30.06 33.52 -27.93
C ILE C 232 -31.00 32.94 -28.97
N ILE C 233 -31.80 31.97 -28.58
CA ILE C 233 -32.69 31.28 -29.52
C ILE C 233 -33.78 32.20 -30.08
N PRO C 234 -34.45 33.00 -29.22
CA PRO C 234 -35.47 33.88 -29.81
C PRO C 234 -34.89 34.91 -30.79
N TYR C 235 -33.64 35.30 -30.60
CA TYR C 235 -33.02 36.25 -31.53
C TYR C 235 -32.83 35.61 -32.90
N ILE C 236 -32.39 34.36 -32.91
CA ILE C 236 -32.20 33.66 -34.18
C ILE C 236 -33.56 33.36 -34.80
N VAL C 237 -34.57 33.17 -33.95
CA VAL C 237 -35.89 32.82 -34.48
C VAL C 237 -36.45 33.94 -35.36
N GLU C 238 -36.30 35.18 -34.93
CA GLU C 238 -36.84 36.30 -35.70
C GLU C 238 -35.88 36.79 -36.77
N HIS C 239 -34.59 36.79 -36.47
CA HIS C 239 -33.58 37.39 -37.36
C HIS C 239 -32.81 36.40 -38.24
N GLY C 240 -32.86 35.11 -37.91
CA GLY C 240 -32.09 34.13 -38.64
C GLY C 240 -32.90 32.91 -39.01
N LYS C 241 -32.23 31.76 -39.08
CA LYS C 241 -32.88 30.53 -39.48
C LYS C 241 -32.82 29.46 -38.37
N ALA C 242 -33.96 29.22 -37.75
CA ALA C 242 -34.12 28.14 -36.78
C ALA C 242 -35.05 27.08 -37.37
N VAL C 243 -34.69 25.82 -37.20
CA VAL C 243 -35.54 24.73 -37.65
C VAL C 243 -35.71 23.74 -36.51
N ALA C 244 -36.91 23.18 -36.39
CA ALA C 244 -37.19 22.22 -35.34
C ALA C 244 -36.77 20.83 -35.79
N HIS C 245 -36.29 20.03 -34.85
CA HIS C 245 -35.99 18.63 -35.12
C HIS C 245 -36.88 17.73 -34.25
N ARG C 246 -37.47 16.68 -34.83
CA ARG C 246 -38.48 15.89 -34.12
C ARG C 246 -37.85 14.79 -33.28
N PHE C 247 -38.11 14.84 -31.98
CA PHE C 247 -37.61 13.84 -31.02
C PHE C 247 -37.98 12.43 -31.48
N ALA C 248 -39.20 12.28 -31.97
CA ALA C 248 -39.68 10.98 -32.45
C ALA C 248 -38.74 10.37 -33.48
N ASP C 249 -38.13 11.22 -34.31
CA ASP C 249 -37.23 10.79 -35.36
C ASP C 249 -35.86 10.29 -34.84
N SER C 250 -35.42 10.79 -33.69
CA SER C 250 -34.09 10.53 -33.14
C SER C 250 -34.08 9.64 -31.92
N CYS C 251 -35.21 9.63 -31.21
CA CYS C 251 -35.33 8.85 -29.99
C CYS C 251 -34.97 7.41 -30.25
N VAL C 252 -34.21 6.81 -29.32
CA VAL C 252 -33.83 5.42 -29.45
C VAL C 252 -34.76 4.56 -28.62
N ARG C 253 -35.86 4.14 -29.24
CA ARG C 253 -36.89 3.35 -28.57
C ARG C 253 -36.56 1.86 -28.60
N SER C 254 -36.58 1.22 -27.44
CA SER C 254 -36.37 -0.22 -27.35
C SER C 254 -37.57 -0.98 -27.88
N ASP C 255 -37.40 -2.25 -28.22
CA ASP C 255 -38.52 -3.09 -28.63
C ASP C 255 -39.60 -3.08 -27.55
N PHE C 256 -39.15 -2.96 -26.30
CA PHE C 256 -40.02 -3.06 -25.14
C PHE C 256 -40.42 -1.71 -24.55
N GLU C 257 -40.34 -0.65 -25.36
CA GLU C 257 -40.87 0.65 -24.93
C GLU C 257 -42.03 1.05 -25.84
N HIS C 258 -43.21 1.24 -25.24
CA HIS C 258 -44.43 1.40 -26.02
C HIS C 258 -44.53 2.74 -26.74
N GLU C 259 -43.63 3.67 -26.41
CA GLU C 259 -43.60 4.99 -27.05
C GLU C 259 -42.24 5.63 -26.78
N PRO C 260 -41.94 6.77 -27.43
CA PRO C 260 -40.72 7.50 -27.07
C PRO C 260 -40.74 8.00 -25.62
N TYR C 261 -39.69 7.71 -24.87
CA TYR C 261 -39.66 8.02 -23.44
C TYR C 261 -38.91 9.30 -23.16
N TRP C 262 -39.59 10.27 -22.56
CA TRP C 262 -38.95 11.48 -22.08
C TRP C 262 -39.65 11.86 -20.77
N ARG C 263 -38.86 12.27 -19.78
CA ARG C 263 -39.37 12.66 -18.46
C ARG C 263 -38.56 13.83 -17.92
N ASP C 264 -39.26 14.84 -17.44
CA ASP C 264 -38.66 16.00 -16.83
C ASP C 264 -38.32 15.73 -15.36
N VAL C 265 -39.07 14.83 -14.75
CA VAL C 265 -39.17 14.64 -13.29
C VAL C 265 -38.98 15.96 -12.53
N GLY C 266 -39.88 16.91 -12.81
CA GLY C 266 -39.78 18.25 -12.26
C GLY C 266 -40.41 18.45 -10.90
N THR C 267 -41.27 17.51 -10.51
CA THR C 267 -41.96 17.57 -9.23
C THR C 267 -41.70 16.29 -8.44
N ILE C 268 -41.92 16.35 -7.14
CA ILE C 268 -41.73 15.16 -6.32
C ILE C 268 -42.64 14.03 -6.77
N ASP C 269 -43.87 14.36 -7.13
CA ASP C 269 -44.77 13.33 -7.62
C ASP C 269 -44.26 12.68 -8.90
N ALA C 270 -43.80 13.50 -9.83
CA ALA C 270 -43.32 13.00 -11.12
C ALA C 270 -42.10 12.15 -10.92
N TYR C 271 -41.22 12.59 -10.03
CA TYR C 271 -40.02 11.86 -9.70
C TYR C 271 -40.39 10.52 -9.13
N TRP C 272 -41.28 10.53 -8.14
CA TRP C 272 -41.77 9.28 -7.55
C TRP C 272 -42.38 8.38 -8.63
N GLN C 273 -43.23 8.98 -9.47
CA GLN C 273 -43.93 8.20 -10.49
C GLN C 273 -42.98 7.53 -11.48
N ALA C 274 -42.01 8.29 -11.98
CA ALA C 274 -41.07 7.75 -12.96
C ALA C 274 -40.21 6.61 -12.42
N ASN C 275 -39.84 6.66 -11.15
CA ASN C 275 -39.09 5.56 -10.55
C ASN C 275 -39.94 4.34 -10.28
N ILE C 276 -41.10 4.56 -9.68
CA ILE C 276 -41.95 3.44 -9.30
C ILE C 276 -42.44 2.70 -10.55
N ASP C 277 -42.57 3.42 -11.65
CA ASP C 277 -43.04 2.80 -12.90
C ASP C 277 -42.10 1.70 -13.39
N LEU C 278 -40.86 1.72 -12.92
CA LEU C 278 -39.89 0.71 -13.31
C LEU C 278 -40.19 -0.64 -12.66
N THR C 279 -41.06 -0.66 -11.65
CA THR C 279 -41.42 -1.93 -11.02
C THR C 279 -42.60 -2.59 -11.77
N ASP C 280 -43.10 -1.95 -12.82
CA ASP C 280 -44.18 -2.53 -13.63
C ASP C 280 -43.75 -3.83 -14.32
N VAL C 281 -44.73 -4.66 -14.69
CA VAL C 281 -44.47 -5.83 -15.52
C VAL C 281 -43.88 -5.39 -16.85
N VAL C 282 -44.51 -4.41 -17.50
CA VAL C 282 -43.95 -3.84 -18.73
C VAL C 282 -43.71 -2.33 -18.57
N PRO C 283 -42.53 -1.96 -18.09
CA PRO C 283 -42.23 -0.54 -17.86
C PRO C 283 -42.20 0.28 -19.14
N ASP C 284 -42.51 1.57 -19.04
CA ASP C 284 -42.32 2.50 -20.15
C ASP C 284 -40.84 2.62 -20.51
N LEU C 285 -39.97 2.57 -19.51
CA LEU C 285 -38.52 2.60 -19.71
C LEU C 285 -37.91 1.21 -19.60
N ASP C 286 -37.27 0.75 -20.68
CA ASP C 286 -36.62 -0.54 -20.68
C ASP C 286 -35.17 -0.39 -20.29
N ILE C 287 -34.87 -0.68 -19.02
CA ILE C 287 -33.51 -0.53 -18.48
C ILE C 287 -32.64 -1.72 -18.80
N TYR C 288 -33.24 -2.79 -19.32
CA TYR C 288 -32.50 -4.02 -19.60
C TYR C 288 -31.98 -4.05 -21.02
N ASP C 289 -32.31 -3.00 -21.78
CA ASP C 289 -31.76 -2.73 -23.10
C ASP C 289 -30.24 -2.72 -23.05
N LYS C 290 -29.61 -3.27 -24.08
CA LYS C 290 -28.16 -3.25 -24.15
C LYS C 290 -27.71 -2.61 -25.45
N SER C 291 -28.68 -2.18 -26.26
CA SER C 291 -28.37 -1.60 -27.55
C SER C 291 -28.14 -0.09 -27.46
N TRP C 292 -28.51 0.50 -26.32
CA TRP C 292 -28.26 1.91 -26.09
C TRP C 292 -28.04 2.08 -24.59
N PRO C 293 -26.89 1.60 -24.11
CA PRO C 293 -26.66 1.48 -22.67
C PRO C 293 -26.43 2.83 -21.99
N ILE C 294 -26.85 2.89 -20.73
CA ILE C 294 -26.62 4.08 -19.93
C ILE C 294 -25.45 3.77 -19.00
N TRP C 295 -24.36 4.50 -19.19
CA TRP C 295 -23.19 4.35 -18.31
C TRP C 295 -23.39 5.18 -17.05
N THR C 296 -22.79 4.76 -15.94
CA THR C 296 -22.87 5.54 -14.71
C THR C 296 -21.67 5.24 -13.82
N TYR C 297 -21.58 5.86 -12.65
CA TYR C 297 -20.58 5.41 -11.69
C TYR C 297 -21.14 4.25 -10.90
N ALA C 298 -20.48 3.09 -10.98
CA ALA C 298 -20.90 1.94 -10.21
C ALA C 298 -19.74 1.26 -9.52
N GLU C 299 -19.96 0.84 -8.28
CA GLU C 299 -18.95 0.08 -7.57
C GLU C 299 -19.32 -1.40 -7.50
N ILE C 300 -18.31 -2.26 -7.43
CA ILE C 300 -18.53 -3.67 -7.15
C ILE C 300 -19.18 -3.81 -5.78
N THR C 301 -20.33 -4.45 -5.71
CA THR C 301 -21.04 -4.61 -4.44
C THR C 301 -21.38 -6.08 -4.25
N PRO C 302 -21.68 -6.48 -3.01
CA PRO C 302 -22.23 -7.83 -2.89
C PRO C 302 -23.63 -7.91 -3.48
N PRO C 303 -24.15 -9.13 -3.68
CA PRO C 303 -25.49 -9.27 -4.23
C PRO C 303 -26.56 -8.78 -3.26
N ALA C 304 -27.83 -8.87 -3.65
CA ALA C 304 -28.92 -8.59 -2.73
C ALA C 304 -29.18 -9.84 -1.88
N LYS C 305 -29.54 -9.66 -0.62
CA LYS C 305 -29.76 -10.79 0.27
C LYS C 305 -31.11 -10.69 0.96
N PHE C 306 -31.80 -11.82 1.04
CA PHE C 306 -33.13 -11.87 1.65
C PHE C 306 -33.09 -12.91 2.74
N VAL C 307 -33.38 -12.51 3.97
CA VAL C 307 -33.23 -13.45 5.06
C VAL C 307 -34.47 -13.40 5.99
N HIS C 308 -34.71 -14.53 6.67
CA HIS C 308 -35.80 -14.78 7.62
C HIS C 308 -37.04 -15.28 6.89
N ASP C 309 -37.68 -16.26 7.49
CA ASP C 309 -38.80 -16.91 6.88
C ASP C 309 -39.65 -17.59 7.95
N ASP C 310 -39.66 -17.02 9.16
CA ASP C 310 -40.33 -17.65 10.28
C ASP C 310 -41.78 -17.20 10.35
N GLU C 311 -42.48 -17.54 11.42
CA GLU C 311 -43.90 -17.27 11.50
C GLU C 311 -44.19 -15.77 11.59
N ASP C 312 -43.22 -15.01 12.09
CA ASP C 312 -43.43 -13.60 12.39
C ASP C 312 -42.75 -12.63 11.40
N ARG C 313 -41.80 -13.12 10.62
CA ARG C 313 -41.05 -12.24 9.73
C ARG C 313 -40.51 -12.98 8.52
N ARG C 314 -40.60 -12.32 7.37
CA ARG C 314 -40.07 -12.86 6.14
C ARG C 314 -39.46 -11.73 5.32
N GLY C 315 -38.19 -11.87 4.98
CA GLY C 315 -37.55 -10.92 4.10
C GLY C 315 -37.74 -11.33 2.65
N SER C 316 -38.56 -10.59 1.91
CA SER C 316 -38.68 -10.77 0.46
C SER C 316 -39.28 -9.55 -0.20
N ALA C 317 -39.08 -9.46 -1.51
CA ALA C 317 -39.54 -8.33 -2.29
C ALA C 317 -40.48 -8.80 -3.38
N VAL C 318 -41.62 -8.15 -3.49
CA VAL C 318 -42.60 -8.50 -4.49
C VAL C 318 -42.87 -7.25 -5.33
N SER C 319 -43.00 -7.43 -6.65
CA SER C 319 -43.20 -6.32 -7.57
C SER C 319 -42.24 -5.20 -7.27
N SER C 320 -40.96 -5.54 -7.12
CA SER C 320 -39.96 -4.57 -6.71
C SER C 320 -38.66 -4.74 -7.47
N VAL C 321 -37.86 -3.69 -7.41
CA VAL C 321 -36.53 -3.65 -7.98
C VAL C 321 -35.55 -3.36 -6.85
N VAL C 322 -34.50 -4.19 -6.73
CA VAL C 322 -33.57 -4.14 -5.59
C VAL C 322 -32.14 -4.19 -6.11
N SER C 323 -31.29 -3.28 -5.63
CA SER C 323 -29.90 -3.20 -6.08
C SER C 323 -28.94 -3.98 -5.21
N GLY C 324 -27.65 -3.88 -5.54
CA GLY C 324 -26.61 -4.58 -4.81
C GLY C 324 -26.40 -4.01 -3.43
N ASP C 325 -25.72 -4.77 -2.58
CA ASP C 325 -25.46 -4.39 -1.19
C ASP C 325 -26.74 -4.14 -0.39
N CYS C 326 -27.87 -4.67 -0.86
CA CYS C 326 -29.11 -4.58 -0.09
C CYS C 326 -29.32 -5.83 0.75
N ILE C 327 -29.64 -5.66 2.02
CA ILE C 327 -29.95 -6.78 2.89
C ILE C 327 -31.36 -6.61 3.41
N ILE C 328 -32.26 -7.48 2.94
CA ILE C 328 -33.67 -7.41 3.29
C ILE C 328 -33.93 -8.44 4.38
N SER C 329 -33.84 -8.00 5.64
CA SER C 329 -33.80 -8.92 6.78
C SER C 329 -35.14 -8.98 7.50
N GLY C 330 -35.96 -9.97 7.17
CA GLY C 330 -37.26 -10.10 7.80
C GLY C 330 -38.20 -8.96 7.47
N ALA C 331 -37.87 -8.22 6.41
CA ALA C 331 -38.65 -7.07 5.97
C ALA C 331 -39.47 -7.36 4.70
N ALA C 332 -40.69 -6.85 4.64
CA ALA C 332 -41.52 -7.04 3.46
C ALA C 332 -41.45 -5.84 2.51
N LEU C 333 -41.07 -6.08 1.25
CA LEU C 333 -41.12 -5.03 0.24
C LEU C 333 -42.18 -5.34 -0.79
N ASN C 334 -42.96 -4.33 -1.15
CA ASN C 334 -43.99 -4.48 -2.16
C ASN C 334 -44.01 -3.21 -3.00
N ARG C 335 -43.98 -3.37 -4.31
CA ARG C 335 -43.98 -2.25 -5.25
C ARG C 335 -43.01 -1.14 -4.85
N SER C 336 -41.75 -1.51 -4.68
CA SER C 336 -40.74 -0.55 -4.25
C SER C 336 -39.48 -0.65 -5.10
N LEU C 337 -38.71 0.42 -5.09
CA LEU C 337 -37.45 0.50 -5.82
C LEU C 337 -36.35 0.89 -4.83
N LEU C 338 -35.39 -0.01 -4.64
CA LEU C 338 -34.29 0.23 -3.70
C LEU C 338 -32.98 0.41 -4.44
N PHE C 339 -32.30 1.53 -4.16
CA PHE C 339 -30.97 1.77 -4.67
C PHE C 339 -29.93 0.98 -3.86
N THR C 340 -28.67 1.15 -4.21
CA THR C 340 -27.57 0.41 -3.58
CA THR C 340 -27.62 0.36 -3.57
C THR C 340 -27.51 0.59 -2.06
N GLY C 341 -27.24 -0.49 -1.34
CA GLY C 341 -26.90 -0.40 0.07
C GLY C 341 -28.01 -0.19 1.08
N VAL C 342 -29.23 -0.52 0.71
CA VAL C 342 -30.35 -0.38 1.63
C VAL C 342 -30.40 -1.53 2.62
N ARG C 343 -30.56 -1.20 3.90
CA ARG C 343 -30.71 -2.21 4.94
C ARG C 343 -32.09 -2.11 5.54
N ALA C 344 -32.95 -3.08 5.26
CA ALA C 344 -34.29 -3.07 5.81
C ALA C 344 -34.43 -4.18 6.84
N ASN C 345 -34.77 -3.84 8.08
CA ASN C 345 -34.69 -4.80 9.18
C ASN C 345 -36.03 -5.44 9.56
N SER C 346 -35.98 -6.39 10.50
CA SER C 346 -37.10 -7.29 10.82
C SER C 346 -38.39 -6.58 11.22
N TYR C 347 -39.49 -7.09 10.68
CA TYR C 347 -40.86 -6.67 10.98
C TYR C 347 -41.22 -5.34 10.30
N SER C 348 -40.29 -4.80 9.52
CA SER C 348 -40.57 -3.58 8.77
C SER C 348 -41.26 -3.90 7.47
N ARG C 349 -41.94 -2.90 6.90
CA ARG C 349 -42.62 -3.05 5.63
C ARG C 349 -42.46 -1.78 4.78
N LEU C 350 -42.16 -1.94 3.50
CA LEU C 350 -42.13 -0.83 2.55
C LEU C 350 -43.09 -1.12 1.41
N GLU C 351 -43.91 -0.15 1.07
CA GLU C 351 -44.83 -0.26 -0.06
C GLU C 351 -44.85 1.04 -0.86
N ASN C 352 -44.81 0.94 -2.19
CA ASN C 352 -44.83 2.13 -3.03
C ASN C 352 -43.76 3.10 -2.61
N ALA C 353 -42.56 2.57 -2.37
CA ALA C 353 -41.47 3.36 -1.81
C ALA C 353 -40.31 3.42 -2.78
N VAL C 354 -39.82 4.63 -3.01
CA VAL C 354 -38.58 4.85 -3.74
C VAL C 354 -37.50 5.11 -2.70
N VAL C 355 -36.52 4.21 -2.59
CA VAL C 355 -35.60 4.27 -1.45
C VAL C 355 -34.16 4.48 -1.96
N LEU C 356 -33.62 5.68 -1.76
CA LEU C 356 -32.33 6.08 -2.31
C LEU C 356 -31.17 5.33 -1.59
N PRO C 357 -29.90 5.47 -2.08
CA PRO C 357 -28.84 4.62 -1.52
C PRO C 357 -28.57 4.79 -0.02
N SER C 358 -28.15 3.71 0.62
CA SER C 358 -27.70 3.70 2.01
C SER C 358 -28.80 4.01 3.02
N VAL C 359 -30.05 3.87 2.62
CA VAL C 359 -31.12 4.07 3.59
C VAL C 359 -31.23 2.87 4.51
N LYS C 360 -31.45 3.11 5.79
CA LYS C 360 -31.65 2.03 6.73
C LYS C 360 -33.06 2.08 7.31
N ILE C 361 -33.75 0.95 7.32
CA ILE C 361 -35.13 0.91 7.79
C ILE C 361 -35.21 0.14 9.10
N GLY C 362 -35.44 0.85 10.19
CA GLY C 362 -35.50 0.22 11.50
C GLY C 362 -36.61 -0.78 11.65
N ARG C 363 -36.42 -1.75 12.55
CA ARG C 363 -37.42 -2.76 12.86
C ARG C 363 -38.79 -2.15 13.09
N HIS C 364 -39.82 -2.85 12.65
CA HIS C 364 -41.22 -2.49 12.88
C HIS C 364 -41.71 -1.27 12.12
N ALA C 365 -40.83 -0.58 11.40
CA ALA C 365 -41.26 0.61 10.66
C ALA C 365 -42.15 0.19 9.49
N GLN C 366 -43.16 1.00 9.16
CA GLN C 366 -44.05 0.69 8.04
C GLN C 366 -44.33 1.93 7.20
N LEU C 367 -43.70 2.02 6.03
CA LEU C 367 -43.74 3.22 5.20
C LEU C 367 -44.44 2.97 3.86
N SER C 368 -45.38 3.85 3.52
CA SER C 368 -46.14 3.74 2.28
C SER C 368 -46.18 5.05 1.51
N ASN C 369 -45.97 4.97 0.19
CA ASN C 369 -46.05 6.11 -0.73
C ASN C 369 -45.01 7.18 -0.41
N VAL C 370 -43.75 6.81 -0.47
CA VAL C 370 -42.68 7.69 -0.02
C VAL C 370 -41.52 7.75 -0.98
N VAL C 371 -40.74 8.81 -0.82
CA VAL C 371 -39.41 8.91 -1.38
C VAL C 371 -38.48 9.13 -0.19
N ILE C 372 -37.56 8.21 0.04
CA ILE C 372 -36.66 8.38 1.16
C ILE C 372 -35.31 8.85 0.63
N ASP C 373 -34.81 9.95 1.18
CA ASP C 373 -33.55 10.53 0.71
C ASP C 373 -32.35 9.63 1.04
N HIS C 374 -31.26 9.88 0.34
CA HIS C 374 -30.04 9.13 0.55
C HIS C 374 -29.56 9.11 1.97
N GLY C 375 -29.21 7.93 2.48
CA GLY C 375 -28.55 7.83 3.77
C GLY C 375 -29.41 7.98 5.00
N VAL C 376 -30.69 8.28 4.80
CA VAL C 376 -31.64 8.40 5.89
C VAL C 376 -31.72 7.12 6.73
N VAL C 377 -31.61 7.27 8.04
CA VAL C 377 -31.89 6.21 8.98
C VAL C 377 -33.31 6.40 9.50
N ILE C 378 -34.19 5.48 9.14
CA ILE C 378 -35.58 5.51 9.59
C ILE C 378 -35.67 4.84 10.96
N PRO C 379 -36.07 5.61 11.99
CA PRO C 379 -36.08 5.01 13.33
C PRO C 379 -37.07 3.86 13.45
N GLU C 380 -36.78 2.94 14.35
CA GLU C 380 -37.63 1.77 14.55
C GLU C 380 -39.06 2.15 14.83
N GLY C 381 -39.99 1.49 14.13
CA GLY C 381 -41.40 1.66 14.40
C GLY C 381 -42.09 2.89 13.83
N LEU C 382 -41.40 3.69 13.03
CA LEU C 382 -42.03 4.84 12.38
C LEU C 382 -43.10 4.37 11.40
N ILE C 383 -44.24 5.05 11.39
CA ILE C 383 -45.33 4.75 10.46
C ILE C 383 -45.59 5.95 9.56
N VAL C 384 -45.56 5.70 8.25
CA VAL C 384 -45.81 6.72 7.24
C VAL C 384 -46.80 6.17 6.23
N GLY C 385 -47.83 6.94 5.93
CA GLY C 385 -48.81 6.55 4.93
C GLY C 385 -50.11 6.12 5.56
N GLU C 386 -50.25 6.38 6.85
CA GLU C 386 -51.42 5.96 7.61
C GLU C 386 -52.26 7.16 8.02
N ASP C 387 -51.59 8.25 8.40
CA ASP C 387 -52.24 9.48 8.86
C ASP C 387 -51.75 10.68 8.06
N PRO C 388 -52.56 11.14 7.10
CA PRO C 388 -52.24 12.28 6.24
C PRO C 388 -51.76 13.52 6.99
N GLU C 389 -52.48 13.95 8.03
CA GLU C 389 -52.17 15.18 8.73
C GLU C 389 -50.89 15.06 9.53
N LEU C 390 -50.70 13.92 10.18
CA LEU C 390 -49.46 13.68 10.90
C LEU C 390 -48.30 13.63 9.93
N ASP C 391 -48.49 12.90 8.84
CA ASP C 391 -47.44 12.76 7.81
C ASP C 391 -47.11 14.13 7.20
N ALA C 392 -48.13 14.94 6.95
CA ALA C 392 -47.92 16.28 6.41
C ALA C 392 -47.17 17.18 7.39
N LYS C 393 -47.51 17.06 8.67
CA LYS C 393 -46.82 17.84 9.70
C LYS C 393 -45.33 17.49 9.74
N ARG C 394 -45.03 16.21 9.66
CA ARG C 394 -43.67 15.73 9.84
C ARG C 394 -42.82 15.88 8.58
N PHE C 395 -43.40 15.63 7.41
CA PHE C 395 -42.60 15.50 6.20
C PHE C 395 -43.09 16.38 5.07
N ARG C 396 -42.36 16.35 3.96
CA ARG C 396 -42.83 16.96 2.72
C ARG C 396 -43.85 16.04 2.06
N ARG C 397 -45.14 16.39 2.14
CA ARG C 397 -46.18 15.57 1.57
C ARG C 397 -46.83 16.23 0.36
N THR C 398 -46.85 15.53 -0.77
CA THR C 398 -47.47 16.07 -1.98
C THR C 398 -48.96 16.00 -1.85
N GLU C 399 -49.66 16.72 -2.73
CA GLU C 399 -51.11 16.72 -2.75
C GLU C 399 -51.64 15.31 -2.93
N SER C 400 -50.95 14.52 -3.76
CA SER C 400 -51.36 13.15 -4.06
C SER C 400 -50.97 12.17 -2.94
N GLY C 401 -50.29 12.67 -1.91
CA GLY C 401 -50.00 11.88 -0.73
C GLY C 401 -48.64 11.19 -0.71
N ILE C 402 -47.71 11.69 -1.50
CA ILE C 402 -46.35 11.18 -1.50
C ILE C 402 -45.56 11.92 -0.43
N CYS C 403 -44.90 11.19 0.46
CA CYS C 403 -44.04 11.83 1.45
C CYS C 403 -42.58 11.71 1.08
N LEU C 404 -41.93 12.86 0.93
CA LEU C 404 -40.48 12.91 0.87
C LEU C 404 -39.92 12.94 2.28
N ILE C 405 -39.03 12.02 2.60
CA ILE C 405 -38.44 11.95 3.93
C ILE C 405 -36.95 12.19 3.87
N THR C 406 -36.48 13.21 4.60
CA THR C 406 -35.05 13.52 4.68
C THR C 406 -34.58 13.36 6.12
N GLN C 407 -33.27 13.25 6.32
CA GLN C 407 -32.77 13.04 7.67
C GLN C 407 -33.06 14.23 8.58
N SER C 408 -33.09 15.43 8.02
CA SER C 408 -33.37 16.61 8.85
C SER C 408 -34.81 16.62 9.34
N MET C 409 -35.72 16.04 8.56
CA MET C 409 -37.09 15.84 9.01
C MET C 409 -37.17 14.80 10.13
N ILE C 410 -36.39 13.74 10.00
CA ILE C 410 -36.34 12.69 11.00
C ILE C 410 -35.74 13.23 12.28
N ASP C 411 -34.72 14.07 12.14
CA ASP C 411 -34.00 14.61 13.28
C ASP C 411 -34.88 15.46 14.19
N LYS C 412 -35.79 16.22 13.59
CA LYS C 412 -36.71 17.08 14.34
C LYS C 412 -37.82 16.30 15.02
N LEU C 413 -37.90 15.01 14.74
CA LEU C 413 -39.07 14.24 15.14
C LEU C 413 -39.15 13.81 16.59
N ASP C 414 -40.40 13.56 16.98
CA ASP C 414 -40.79 12.64 18.04
C ASP C 414 -42.30 12.71 18.11
N LEU C 415 -42.93 12.33 16.99
CA LEU C 415 -44.32 12.66 16.63
C LEU C 415 -44.38 14.12 16.25
N VAL D 1 10.88 -1.32 9.93
CA VAL D 1 9.89 -0.33 9.53
C VAL D 1 9.26 -0.64 8.17
N GLN D 2 10.11 -0.84 7.15
CA GLN D 2 9.63 -1.09 5.78
C GLN D 2 8.86 -2.41 5.67
N PRO D 3 7.55 -2.33 5.38
CA PRO D 3 6.74 -3.54 5.20
C PRO D 3 7.34 -4.43 4.11
N LEU D 4 7.39 -5.73 4.36
CA LEU D 4 8.07 -6.65 3.47
C LEU D 4 7.31 -6.85 2.17
N ALA D 5 6.01 -6.59 2.19
CA ALA D 5 5.17 -6.76 1.00
C ALA D 5 5.67 -5.88 -0.16
N ARG D 6 6.28 -4.74 0.19
CA ARG D 6 6.88 -3.87 -0.81
C ARG D 6 7.84 -4.64 -1.72
N ASP D 7 8.56 -5.59 -1.15
CA ASP D 7 9.59 -6.34 -1.88
C ASP D 7 9.14 -7.73 -2.31
N ALA D 8 7.86 -8.03 -2.17
CA ALA D 8 7.40 -9.38 -2.47
C ALA D 8 6.68 -9.45 -3.81
N MET D 9 6.64 -10.66 -4.36
CA MET D 9 5.85 -10.96 -5.56
C MET D 9 5.04 -12.23 -5.36
N ALA D 10 3.73 -12.13 -5.56
CA ALA D 10 2.84 -13.28 -5.43
C ALA D 10 2.77 -14.03 -6.73
N TYR D 11 2.95 -15.33 -6.68
CA TYR D 11 2.92 -16.13 -7.89
C TYR D 11 1.81 -17.15 -7.70
N VAL D 12 0.77 -17.07 -8.52
CA VAL D 12 -0.41 -17.88 -8.26
C VAL D 12 -0.52 -19.05 -9.21
N LEU D 13 -0.55 -20.26 -8.64
CA LEU D 13 -0.67 -21.47 -9.42
C LEU D 13 -2.15 -21.75 -9.76
N ALA D 14 -2.52 -21.52 -11.01
CA ALA D 14 -3.92 -21.51 -11.39
C ALA D 14 -4.21 -22.49 -12.53
N GLY D 15 -3.65 -23.68 -12.46
CA GLY D 15 -3.85 -24.67 -13.50
C GLY D 15 -4.62 -25.89 -13.03
N GLY D 16 -5.11 -25.87 -11.80
CA GLY D 16 -5.88 -26.96 -11.24
C GLY D 16 -7.07 -27.34 -12.11
N ARG D 17 -7.28 -28.64 -12.29
CA ARG D 17 -8.35 -29.14 -13.14
C ARG D 17 -9.67 -29.16 -12.38
N GLY D 18 -9.57 -29.35 -11.06
CA GLY D 18 -10.73 -29.55 -10.22
C GLY D 18 -11.46 -30.77 -10.72
N SER D 19 -10.76 -31.90 -10.71
CA SER D 19 -11.25 -33.07 -11.41
C SER D 19 -12.55 -33.62 -10.81
N ARG D 20 -12.67 -33.58 -9.49
CA ARG D 20 -13.87 -34.11 -8.84
C ARG D 20 -15.11 -33.25 -9.10
N LEU D 21 -14.94 -32.04 -9.63
CA LEU D 21 -16.08 -31.17 -9.93
C LEU D 21 -16.72 -31.52 -11.27
N LYS D 22 -16.18 -32.54 -11.93
CA LYS D 22 -16.77 -33.08 -13.16
C LYS D 22 -17.10 -32.05 -14.22
N GLU D 23 -18.36 -32.01 -14.67
CA GLU D 23 -18.71 -31.21 -15.85
C GLU D 23 -18.60 -29.71 -15.58
N LEU D 24 -18.53 -29.36 -14.29
CA LEU D 24 -18.46 -27.97 -13.86
C LEU D 24 -17.10 -27.38 -14.25
N THR D 25 -16.13 -28.27 -14.44
CA THR D 25 -14.81 -27.88 -14.95
C THR D 25 -14.55 -28.53 -16.31
N ASP D 26 -15.61 -28.78 -17.08
CA ASP D 26 -15.45 -29.39 -18.40
C ASP D 26 -14.60 -28.51 -19.30
N ARG D 27 -14.93 -27.22 -19.36
CA ARG D 27 -14.24 -26.31 -20.26
C ARG D 27 -13.55 -25.14 -19.52
N ARG D 28 -13.43 -25.25 -18.21
CA ARG D 28 -12.80 -24.18 -17.44
C ARG D 28 -11.95 -24.76 -16.32
N ALA D 29 -10.89 -24.07 -15.94
CA ALA D 29 -10.05 -24.51 -14.84
C ALA D 29 -10.76 -24.20 -13.54
N LYS D 30 -10.40 -24.89 -12.48
CA LYS D 30 -11.04 -24.66 -11.18
C LYS D 30 -10.97 -23.20 -10.67
N PRO D 31 -9.80 -22.53 -10.79
CA PRO D 31 -9.75 -21.13 -10.34
C PRO D 31 -10.78 -20.23 -11.02
N ALA D 32 -11.28 -20.65 -12.18
CA ALA D 32 -12.25 -19.87 -12.93
C ALA D 32 -13.69 -20.17 -12.50
N VAL D 33 -13.87 -21.16 -11.65
CA VAL D 33 -15.22 -21.52 -11.21
C VAL D 33 -15.81 -20.36 -10.38
N TYR D 34 -17.04 -20.00 -10.71
CA TYR D 34 -17.78 -18.94 -10.04
C TYR D 34 -18.05 -19.22 -8.56
N PHE D 35 -17.97 -18.19 -7.73
CA PHE D 35 -18.25 -18.38 -6.32
C PHE D 35 -18.82 -17.14 -5.65
N GLY D 36 -19.82 -17.34 -4.80
CA GLY D 36 -20.33 -16.27 -3.96
C GLY D 36 -21.37 -15.37 -4.60
N GLY D 37 -21.58 -15.50 -5.89
CA GLY D 37 -22.58 -14.70 -6.58
C GLY D 37 -22.02 -13.74 -7.62
N LYS D 38 -20.77 -13.29 -7.41
CA LYS D 38 -20.18 -12.29 -8.29
C LYS D 38 -18.72 -12.55 -8.69
N ALA D 39 -18.04 -13.39 -7.93
CA ALA D 39 -16.60 -13.58 -8.12
C ALA D 39 -16.26 -14.98 -8.63
N ARG D 40 -14.98 -15.20 -8.90
CA ARG D 40 -14.48 -16.53 -9.22
C ARG D 40 -13.49 -16.89 -8.14
N ILE D 41 -13.20 -18.19 -7.98
CA ILE D 41 -12.33 -18.64 -6.90
C ILE D 41 -10.95 -17.99 -6.92
N ILE D 42 -10.40 -17.74 -8.11
CA ILE D 42 -9.08 -17.14 -8.18
C ILE D 42 -8.99 -15.75 -7.50
N ASP D 43 -10.12 -15.02 -7.44
CA ASP D 43 -10.12 -13.64 -6.94
C ASP D 43 -9.76 -13.53 -5.47
N PHE D 44 -9.93 -14.63 -4.73
CA PHE D 44 -9.61 -14.63 -3.32
C PHE D 44 -8.10 -14.52 -3.10
N ALA D 45 -7.33 -15.43 -3.68
CA ALA D 45 -5.87 -15.34 -3.60
C ALA D 45 -5.39 -13.98 -4.08
N LEU D 46 -5.95 -13.52 -5.21
CA LEU D 46 -5.52 -12.25 -5.80
C LEU D 46 -5.87 -11.06 -4.91
N SER D 47 -7.03 -11.09 -4.28
CA SER D 47 -7.42 -9.98 -3.42
C SER D 47 -6.62 -10.01 -2.13
N ASN D 48 -6.31 -11.21 -1.64
CA ASN D 48 -5.37 -11.33 -0.52
C ASN D 48 -4.02 -10.69 -0.83
N ALA D 49 -3.50 -10.93 -2.02
CA ALA D 49 -2.20 -10.38 -2.41
C ALA D 49 -2.26 -8.85 -2.39
N LEU D 50 -3.21 -8.29 -3.12
CA LEU D 50 -3.41 -6.85 -3.17
C LEU D 50 -3.66 -6.21 -1.80
N ASN D 51 -4.56 -6.81 -1.01
CA ASN D 51 -4.90 -6.27 0.32
C ASN D 51 -3.71 -6.34 1.28
N SER D 52 -2.82 -7.31 1.07
CA SER D 52 -1.63 -7.47 1.91
C SER D 52 -0.53 -6.51 1.52
N GLY D 53 -0.70 -5.84 0.39
CA GLY D 53 0.28 -4.88 -0.10
C GLY D 53 1.25 -5.47 -1.12
N ILE D 54 0.92 -6.64 -1.65
CA ILE D 54 1.77 -7.23 -2.67
C ILE D 54 1.27 -6.78 -4.05
N ARG D 55 1.97 -5.81 -4.63
CA ARG D 55 1.53 -5.19 -5.86
C ARG D 55 2.17 -5.84 -7.08
N ARG D 56 3.04 -6.85 -6.89
CA ARG D 56 3.53 -7.66 -8.01
C ARG D 56 2.91 -9.06 -8.00
N ILE D 57 2.20 -9.39 -9.07
CA ILE D 57 1.47 -10.66 -9.16
C ILE D 57 1.69 -11.33 -10.51
N GLY D 58 1.96 -12.63 -10.47
CA GLY D 58 2.02 -13.45 -11.68
C GLY D 58 1.04 -14.59 -11.52
N VAL D 59 0.46 -15.02 -12.62
CA VAL D 59 -0.49 -16.13 -12.58
C VAL D 59 -0.11 -17.13 -13.65
N ALA D 60 0.23 -18.35 -13.21
CA ALA D 60 0.54 -19.44 -14.13
C ALA D 60 -0.70 -20.29 -14.37
N THR D 61 -1.04 -20.51 -15.63
CA THR D 61 -2.21 -21.30 -15.96
C THR D 61 -1.84 -22.51 -16.83
N GLN D 62 -2.73 -23.47 -16.90
CA GLN D 62 -2.46 -24.68 -17.67
C GLN D 62 -3.65 -25.03 -18.54
N TYR D 63 -4.37 -26.09 -18.18
CA TYR D 63 -5.42 -26.58 -19.05
C TYR D 63 -6.69 -25.75 -18.93
N LYS D 64 -7.42 -25.66 -20.04
CA LYS D 64 -8.72 -25.03 -20.15
C LYS D 64 -8.77 -23.61 -19.60
N ALA D 65 -7.72 -22.84 -19.86
CA ALA D 65 -7.55 -21.54 -19.21
C ALA D 65 -8.10 -20.33 -19.97
N HIS D 66 -8.85 -20.55 -21.03
CA HIS D 66 -9.39 -19.42 -21.81
C HIS D 66 -10.18 -18.43 -20.97
N SER D 67 -11.26 -18.89 -20.35
CA SER D 67 -12.13 -18.01 -19.59
C SER D 67 -11.40 -17.43 -18.39
N LEU D 68 -10.50 -18.21 -17.80
CA LEU D 68 -9.68 -17.73 -16.69
C LEU D 68 -8.83 -16.57 -17.14
N ILE D 69 -8.21 -16.73 -18.31
CA ILE D 69 -7.33 -15.70 -18.84
C ILE D 69 -8.14 -14.46 -19.21
N ARG D 70 -9.31 -14.65 -19.80
CA ARG D 70 -10.20 -13.53 -20.14
C ARG D 70 -10.62 -12.75 -18.89
N HIS D 71 -11.01 -13.49 -17.85
CA HIS D 71 -11.38 -12.90 -16.56
C HIS D 71 -10.25 -12.04 -16.00
N LEU D 72 -9.02 -12.54 -16.07
CA LEU D 72 -7.90 -11.81 -15.52
C LEU D 72 -7.61 -10.53 -16.30
N GLN D 73 -7.62 -10.63 -17.62
CA GLN D 73 -7.40 -9.47 -18.47
C GLN D 73 -8.46 -8.41 -18.26
N ARG D 74 -9.70 -8.84 -18.02
CA ARG D 74 -10.82 -7.90 -17.91
C ARG D 74 -10.94 -7.26 -16.53
N GLY D 75 -10.70 -8.06 -15.51
CA GLY D 75 -10.92 -7.63 -14.14
C GLY D 75 -9.67 -7.13 -13.43
N TRP D 76 -8.53 -7.78 -13.65
CA TRP D 76 -7.31 -7.41 -12.95
C TRP D 76 -6.36 -6.58 -13.83
N ASP D 77 -6.85 -5.41 -14.25
CA ASP D 77 -6.20 -4.63 -15.30
C ASP D 77 -5.71 -3.25 -14.85
N PHE D 78 -5.61 -3.06 -13.54
CA PHE D 78 -5.33 -1.74 -12.99
C PHE D 78 -3.93 -1.59 -12.39
N PHE D 79 -3.02 -2.50 -12.70
CA PHE D 79 -1.63 -2.38 -12.24
C PHE D 79 -0.82 -1.66 -13.31
N ARG D 80 0.05 -0.74 -12.88
CA ARG D 80 0.93 -0.02 -13.80
C ARG D 80 2.39 -0.18 -13.36
N PRO D 81 3.27 -0.58 -14.29
CA PRO D 81 4.68 -0.80 -13.96
C PRO D 81 5.41 0.43 -13.43
N GLU D 82 5.01 1.62 -13.85
CA GLU D 82 5.71 2.82 -13.40
C GLU D 82 5.31 3.21 -11.97
N ARG D 83 4.33 2.51 -11.41
CA ARG D 83 4.05 2.60 -9.97
C ARG D 83 4.60 1.37 -9.24
N ASN D 84 5.50 0.65 -9.91
CA ASN D 84 6.06 -0.60 -9.42
C ASN D 84 4.97 -1.64 -9.13
N GLU D 85 3.94 -1.63 -9.96
CA GLU D 85 2.88 -2.62 -9.95
C GLU D 85 2.93 -3.40 -11.25
N SER D 86 2.60 -4.68 -11.19
CA SER D 86 2.60 -5.51 -12.38
C SER D 86 1.71 -6.72 -12.16
N PHE D 87 1.07 -7.13 -13.24
CA PHE D 87 0.23 -8.31 -13.25
C PHE D 87 0.55 -9.08 -14.52
N ASP D 88 1.22 -10.23 -14.36
CA ASP D 88 1.61 -11.03 -15.52
C ASP D 88 0.78 -12.30 -15.61
N ILE D 89 0.16 -12.49 -16.77
CA ILE D 89 -0.62 -13.70 -17.03
C ILE D 89 0.24 -14.64 -17.85
N LEU D 90 0.49 -15.84 -17.31
CA LEU D 90 1.56 -16.72 -17.80
C LEU D 90 1.10 -18.10 -18.23
N PRO D 91 0.43 -18.19 -19.37
CA PRO D 91 -0.09 -19.47 -19.85
C PRO D 91 1.02 -20.39 -20.34
N ALA D 92 0.80 -21.69 -20.27
CA ALA D 92 1.74 -22.67 -20.81
C ALA D 92 1.94 -22.47 -22.31
N GLN D 94 3.99 -19.72 -23.54
CA GLN D 94 4.00 -18.35 -24.04
C GLN D 94 2.59 -17.82 -24.19
N THR D 99 3.09 -28.34 -27.43
CA THR D 99 4.33 -28.66 -26.75
C THR D 99 4.54 -27.79 -25.53
N GLN D 100 5.40 -28.26 -24.64
CA GLN D 100 5.85 -27.49 -23.48
C GLN D 100 4.70 -26.96 -22.62
N TRP D 101 3.73 -27.83 -22.30
CA TRP D 101 2.86 -27.61 -21.15
C TRP D 101 3.78 -27.45 -19.94
N TYR D 102 3.26 -26.91 -18.85
CA TYR D 102 4.07 -26.88 -17.65
C TYR D 102 4.22 -28.33 -17.21
N GLU D 103 5.39 -28.68 -16.69
CA GLU D 103 5.65 -30.05 -16.24
C GLU D 103 5.10 -30.27 -14.86
N GLY D 104 4.62 -29.19 -14.25
CA GLY D 104 4.18 -29.19 -12.87
C GLY D 104 4.30 -27.78 -12.29
N THR D 105 3.90 -27.61 -11.05
CA THR D 105 3.81 -26.28 -10.45
C THR D 105 5.20 -25.68 -10.27
N ALA D 106 6.20 -26.55 -10.10
CA ALA D 106 7.57 -26.09 -10.05
C ALA D 106 8.03 -25.60 -11.42
N ASP D 107 7.70 -26.36 -12.46
CA ASP D 107 8.06 -26.00 -13.82
C ASP D 107 7.33 -24.73 -14.26
N ALA D 108 6.14 -24.52 -13.73
CA ALA D 108 5.38 -23.30 -13.98
C ALA D 108 6.18 -22.06 -13.58
N VAL D 109 6.97 -22.18 -12.52
CA VAL D 109 7.87 -21.11 -12.11
C VAL D 109 9.16 -21.07 -12.93
N TYR D 110 9.74 -22.25 -13.18
CA TYR D 110 11.05 -22.33 -13.83
C TYR D 110 11.08 -21.70 -15.23
N GLN D 111 10.05 -21.95 -16.02
CA GLN D 111 9.96 -21.38 -17.36
C GLN D 111 9.92 -19.85 -17.34
N ASN D 112 9.42 -19.30 -16.24
CA ASN D 112 9.14 -17.87 -16.18
C ASN D 112 10.08 -17.12 -15.25
N ILE D 113 11.28 -17.66 -15.07
CA ILE D 113 12.36 -16.88 -14.50
C ILE D 113 12.60 -15.63 -15.34
N ASP D 114 12.38 -15.76 -16.66
CA ASP D 114 12.58 -14.65 -17.58
C ASP D 114 11.59 -13.50 -17.33
N ILE D 115 10.50 -13.79 -16.65
CA ILE D 115 9.51 -12.77 -16.31
C ILE D 115 9.80 -12.16 -14.94
N ILE D 116 10.33 -12.99 -14.04
CA ILE D 116 10.49 -12.63 -12.64
C ILE D 116 11.70 -11.75 -12.35
N GLU D 117 12.88 -12.14 -12.86
CA GLU D 117 14.13 -11.45 -12.54
C GLU D 117 14.17 -9.92 -12.81
N PRO D 118 13.57 -9.43 -13.92
CA PRO D 118 13.59 -7.97 -14.11
C PRO D 118 12.96 -7.19 -12.96
N TYR D 119 11.93 -7.76 -12.34
CA TYR D 119 11.32 -7.13 -11.18
C TYR D 119 12.22 -7.26 -9.96
N ALA D 120 13.06 -8.30 -9.96
CA ALA D 120 14.00 -8.63 -8.89
C ALA D 120 13.44 -8.54 -7.47
N PRO D 121 12.28 -9.17 -7.22
CA PRO D 121 11.71 -9.05 -5.88
C PRO D 121 12.56 -9.78 -4.84
N GLU D 122 12.46 -9.39 -3.57
CA GLU D 122 13.19 -10.09 -2.53
C GLU D 122 12.56 -11.44 -2.20
N TYR D 123 11.23 -11.48 -2.14
CA TYR D 123 10.48 -12.66 -1.70
C TYR D 123 9.51 -13.17 -2.74
N MET D 124 9.30 -14.48 -2.76
CA MET D 124 8.27 -15.04 -3.63
C MET D 124 7.22 -15.70 -2.75
N VAL D 125 5.96 -15.37 -3.01
CA VAL D 125 4.85 -15.96 -2.27
C VAL D 125 4.09 -16.86 -3.24
N ILE D 126 4.30 -18.16 -3.10
CA ILE D 126 3.69 -19.14 -3.99
C ILE D 126 2.30 -19.50 -3.49
N LEU D 127 1.27 -19.29 -4.31
CA LEU D 127 -0.11 -19.38 -3.84
C LEU D 127 -0.92 -20.38 -4.66
N ALA D 128 -1.72 -21.19 -3.97
CA ALA D 128 -2.72 -21.98 -4.66
C ALA D 128 -3.87 -21.06 -5.04
N GLY D 129 -4.26 -21.09 -6.31
CA GLY D 129 -5.34 -20.24 -6.80
C GLY D 129 -6.72 -20.89 -6.83
N ASP D 130 -6.90 -21.99 -6.11
CA ASP D 130 -8.17 -22.71 -6.17
C ASP D 130 -8.80 -22.90 -4.80
N HIS D 131 -8.40 -22.07 -3.84
CA HIS D 131 -8.99 -22.07 -2.49
C HIS D 131 -9.70 -20.75 -2.18
N ILE D 132 -10.70 -20.82 -1.30
CA ILE D 132 -11.44 -19.63 -0.86
C ILE D 132 -11.08 -19.33 0.59
N TYR D 133 -10.39 -18.22 0.81
CA TYR D 133 -9.93 -17.85 2.14
C TYR D 133 -9.44 -16.40 2.14
N LYS D 134 -9.36 -15.80 3.33
CA LYS D 134 -8.80 -14.46 3.50
C LYS D 134 -7.59 -14.51 4.45
N MET D 135 -6.48 -13.96 3.98
CA MET D 135 -5.20 -14.05 4.69
C MET D 135 -4.39 -12.81 4.42
N ASP D 136 -3.70 -12.32 5.45
CA ASP D 136 -2.80 -11.17 5.36
C ASP D 136 -1.36 -11.68 5.26
N TYR D 137 -0.82 -11.74 4.06
CA TYR D 137 0.45 -12.39 3.85
C TYR D 137 1.65 -11.67 4.47
N GLU D 138 1.44 -10.47 5.02
CA GLU D 138 2.54 -9.74 5.66
C GLU D 138 3.02 -10.48 6.92
N TYR D 139 2.12 -11.16 7.61
CA TYR D 139 2.47 -11.95 8.78
C TYR D 139 3.39 -13.12 8.43
N MET D 140 3.05 -13.85 7.38
CA MET D 140 3.85 -14.97 6.93
C MET D 140 5.22 -14.51 6.41
N LEU D 141 5.28 -13.35 5.74
CA LEU D 141 6.53 -12.78 5.29
C LEU D 141 7.43 -12.41 6.48
N GLN D 142 6.85 -11.76 7.48
CA GLN D 142 7.59 -11.36 8.66
C GLN D 142 8.14 -12.57 9.41
N GLN D 143 7.42 -13.68 9.39
CA GLN D 143 7.87 -14.89 10.07
C GLN D 143 9.02 -15.50 9.31
N HIS D 144 8.89 -15.55 7.98
CA HIS D 144 9.91 -16.16 7.16
C HIS D 144 11.28 -15.49 7.27
N VAL D 145 11.31 -14.16 7.22
CA VAL D 145 12.60 -13.50 7.24
C VAL D 145 13.22 -13.68 8.62
N ASP D 146 12.39 -13.68 9.66
CA ASP D 146 12.91 -13.83 11.01
C ASP D 146 13.36 -15.26 11.28
N SER D 147 12.54 -16.23 10.92
CA SER D 147 12.85 -17.64 11.18
C SER D 147 14.14 -18.10 10.50
N GLY D 148 14.53 -17.37 9.47
CA GLY D 148 15.72 -17.73 8.72
C GLY D 148 15.57 -19.02 7.92
N ALA D 149 14.34 -19.41 7.63
CA ALA D 149 14.15 -20.70 6.98
C ALA D 149 14.17 -20.62 5.46
N ASP D 150 14.34 -21.77 4.83
CA ASP D 150 14.43 -21.87 3.39
C ASP D 150 13.05 -21.75 2.74
N VAL D 151 12.03 -22.31 3.37
CA VAL D 151 10.66 -22.13 2.92
C VAL D 151 9.73 -22.10 4.12
N THR D 152 8.75 -21.20 4.09
CA THR D 152 7.70 -21.16 5.09
C THR D 152 6.39 -21.65 4.49
N ILE D 153 5.74 -22.57 5.18
CA ILE D 153 4.55 -23.19 4.62
C ILE D 153 3.30 -22.86 5.42
N GLY D 154 2.28 -22.34 4.74
CA GLY D 154 1.02 -22.03 5.38
C GLY D 154 0.23 -23.29 5.67
N CYS D 155 -0.29 -23.39 6.88
CA CYS D 155 -0.93 -24.62 7.34
C CYS D 155 -2.21 -24.36 8.11
N LEU D 156 -3.25 -25.14 7.81
CA LEU D 156 -4.48 -25.15 8.59
C LEU D 156 -4.32 -26.02 9.80
N GLU D 157 -4.88 -25.57 10.91
CA GLU D 157 -4.96 -26.39 12.12
C GLU D 157 -6.24 -27.21 12.10
N VAL D 158 -6.12 -28.51 11.82
CA VAL D 158 -7.31 -29.35 11.69
C VAL D 158 -7.28 -30.53 12.68
N PRO D 159 -8.46 -30.92 13.19
CA PRO D 159 -8.57 -32.16 13.96
C PRO D 159 -8.06 -33.37 13.18
N ARG D 160 -7.36 -34.29 13.83
CA ARG D 160 -6.63 -35.32 13.10
C ARG D 160 -7.55 -36.20 12.26
N MET D 161 -8.77 -36.39 12.72
CA MET D 161 -9.73 -37.23 12.00
C MET D 161 -9.99 -36.67 10.60
N GLU D 162 -9.83 -35.36 10.45
CA GLU D 162 -10.06 -34.72 9.14
C GLU D 162 -8.76 -34.42 8.41
N ALA D 163 -7.63 -34.61 9.09
CA ALA D 163 -6.32 -34.38 8.49
C ALA D 163 -5.91 -35.52 7.56
N THR D 164 -6.68 -36.60 7.52
CA THR D 164 -6.29 -37.80 6.79
C THR D 164 -6.41 -37.61 5.26
N GLY D 165 -7.06 -36.53 4.86
CA GLY D 165 -7.27 -36.26 3.45
C GLY D 165 -6.40 -35.11 2.99
N PHE D 166 -5.42 -34.75 3.81
CA PHE D 166 -4.54 -33.63 3.53
C PHE D 166 -3.09 -34.05 3.33
N GLY D 167 -2.32 -33.15 2.73
CA GLY D 167 -0.88 -33.21 2.83
C GLY D 167 -0.55 -32.67 4.21
N VAL D 168 -0.05 -33.52 5.09
CA VAL D 168 0.18 -33.15 6.48
C VAL D 168 1.65 -32.97 6.78
N MET D 169 1.98 -31.91 7.51
CA MET D 169 3.36 -31.63 7.88
C MET D 169 3.64 -32.06 9.31
N HIS D 170 4.65 -32.92 9.54
CA HIS D 170 5.01 -33.28 10.91
C HIS D 170 5.52 -31.94 11.43
N VAL D 171 5.37 -31.67 12.71
CA VAL D 171 6.02 -30.51 13.22
C VAL D 171 6.67 -30.83 14.56
N ASN D 172 7.76 -30.13 14.89
CA ASN D 172 8.30 -30.16 16.25
C ASN D 172 7.83 -28.96 17.06
N GLU D 173 8.41 -28.77 18.26
CA GLU D 173 7.85 -27.83 19.22
C GLU D 173 8.08 -26.36 18.87
N LYS D 174 8.93 -26.11 17.87
CA LYS D 174 9.11 -24.74 17.36
C LYS D 174 8.60 -24.64 15.93
N ASP D 175 7.68 -25.52 15.59
CA ASP D 175 7.02 -25.60 14.29
C ASP D 175 7.96 -25.83 13.11
N GLU D 176 9.17 -26.34 13.38
CA GLU D 176 10.01 -26.83 12.30
C GLU D 176 9.42 -28.09 11.70
N ILE D 177 9.29 -28.10 10.38
CA ILE D 177 8.71 -29.26 9.71
C ILE D 177 9.75 -30.38 9.60
N ILE D 178 9.49 -31.50 10.27
CA ILE D 178 10.46 -32.57 10.25
C ILE D 178 10.03 -33.73 9.33
N ASP D 179 8.81 -33.65 8.81
CA ASP D 179 8.36 -34.62 7.82
C ASP D 179 7.10 -34.11 7.08
N PHE D 180 6.90 -34.58 5.87
CA PHE D 180 5.64 -34.31 5.19
C PHE D 180 5.02 -35.62 4.74
N ILE D 181 3.74 -35.83 5.06
CA ILE D 181 3.07 -37.06 4.68
C ILE D 181 1.81 -36.80 3.86
N GLU D 182 1.71 -37.42 2.69
CA GLU D 182 0.52 -37.28 1.85
C GLU D 182 -0.61 -38.22 2.29
N LYS D 183 -1.67 -37.63 2.82
CA LYS D 183 -2.86 -38.34 3.31
C LYS D 183 -2.57 -39.46 4.32
N PRO D 184 -1.97 -39.12 5.47
CA PRO D 184 -1.65 -40.10 6.49
C PRO D 184 -2.90 -40.74 7.12
N ALA D 185 -2.86 -42.05 7.33
CA ALA D 185 -3.96 -42.74 8.00
C ALA D 185 -4.04 -42.34 9.47
N ASP D 186 -2.88 -42.14 10.07
CA ASP D 186 -2.81 -41.60 11.41
C ASP D 186 -1.96 -40.34 11.37
N PRO D 187 -2.61 -39.20 11.09
CA PRO D 187 -1.89 -37.94 10.90
C PRO D 187 -1.18 -37.54 12.14
N PRO D 188 0.10 -37.18 12.01
CA PRO D 188 0.84 -36.79 13.21
C PRO D 188 0.26 -35.54 13.87
N GLY D 189 0.20 -35.57 15.20
CA GLY D 189 -0.39 -34.49 15.95
C GLY D 189 0.62 -33.41 16.30
N ILE D 190 0.10 -32.23 16.62
CA ILE D 190 0.92 -31.10 17.05
C ILE D 190 1.46 -31.33 18.45
N PRO D 191 2.78 -31.13 18.63
CA PRO D 191 3.40 -31.27 19.95
C PRO D 191 2.65 -30.52 21.04
N GLY D 192 2.06 -31.26 21.97
CA GLY D 192 1.34 -30.65 23.09
C GLY D 192 -0.05 -30.24 22.69
N ASN D 193 -0.44 -30.59 21.47
CA ASN D 193 -1.77 -30.28 20.96
C ASN D 193 -2.19 -31.39 20.00
N GLU D 194 -2.10 -32.62 20.51
CA GLU D 194 -2.49 -33.80 19.77
C GLU D 194 -3.96 -33.69 19.44
N GLY D 195 -4.45 -34.50 18.52
CA GLY D 195 -5.81 -34.30 18.07
C GLY D 195 -5.94 -33.15 17.06
N PHE D 196 -4.90 -32.33 16.93
CA PHE D 196 -4.79 -31.40 15.82
C PHE D 196 -3.56 -31.68 14.99
N ALA D 197 -3.73 -31.66 13.68
CA ALA D 197 -2.63 -31.83 12.76
C ALA D 197 -2.50 -30.60 11.89
N LEU D 198 -1.29 -30.33 11.39
CA LEU D 198 -1.06 -29.21 10.50
C LEU D 198 -1.22 -29.65 9.05
N ALA D 199 -2.20 -29.08 8.36
CA ALA D 199 -2.49 -29.44 6.98
C ALA D 199 -2.03 -28.33 6.03
N SER D 200 -1.20 -28.68 5.05
CA SER D 200 -0.62 -27.67 4.17
C SER D 200 -1.67 -27.04 3.28
N MET D 201 -1.65 -25.70 3.22
CA MET D 201 -2.53 -24.93 2.36
C MET D 201 -1.96 -24.74 0.95
N GLY D 202 -0.75 -25.22 0.72
CA GLY D 202 -0.11 -25.02 -0.57
C GLY D 202 0.36 -23.59 -0.75
N ILE D 203 0.63 -22.94 0.37
CA ILE D 203 1.13 -21.57 0.41
C ILE D 203 2.58 -21.60 0.88
N TYR D 204 3.50 -21.14 0.03
CA TYR D 204 4.92 -21.19 0.37
C TYR D 204 5.57 -19.83 0.22
N VAL D 205 6.36 -19.45 1.22
CA VAL D 205 7.18 -18.25 1.13
C VAL D 205 8.65 -18.63 0.97
N PHE D 206 9.32 -18.00 0.00
CA PHE D 206 10.74 -18.24 -0.28
C PHE D 206 11.50 -16.92 -0.40
N HIS D 207 12.82 -16.96 -0.26
CA HIS D 207 13.65 -15.91 -0.83
C HIS D 207 13.75 -16.19 -2.31
N THR D 208 13.70 -15.15 -3.14
CA THR D 208 13.67 -15.34 -4.58
C THR D 208 14.91 -16.07 -5.10
N LYS D 209 16.09 -15.68 -4.63
CA LYS D 209 17.33 -16.30 -5.09
C LYS D 209 17.30 -17.79 -4.78
N PHE D 210 16.96 -18.10 -3.54
CA PHE D 210 16.87 -19.48 -3.07
C PHE D 210 15.91 -20.32 -3.93
N LEU D 211 14.77 -19.74 -4.28
CA LEU D 211 13.77 -20.44 -5.06
C LEU D 211 14.23 -20.67 -6.51
N MET D 212 14.93 -19.71 -7.10
CA MET D 212 15.43 -19.88 -8.46
C MET D 212 16.43 -21.03 -8.53
N GLU D 213 17.35 -21.09 -7.57
CA GLU D 213 18.29 -22.20 -7.49
C GLU D 213 17.56 -23.52 -7.38
N ALA D 214 16.57 -23.55 -6.48
CA ALA D 214 15.85 -24.76 -6.16
C ALA D 214 15.08 -25.26 -7.36
N LEU D 215 14.55 -24.33 -8.13
CA LEU D 215 13.79 -24.72 -9.30
C LEU D 215 14.71 -25.05 -10.46
N ARG D 216 15.90 -24.49 -10.46
CA ARG D 216 16.90 -24.85 -11.46
C ARG D 216 17.45 -26.26 -11.19
N ARG D 217 17.70 -26.60 -9.92
CA ARG D 217 18.11 -27.96 -9.60
C ARG D 217 17.04 -28.96 -10.02
N ASP D 218 15.78 -28.64 -9.74
CA ASP D 218 14.68 -29.54 -10.01
C ASP D 218 14.56 -29.80 -11.51
N ALA D 219 14.79 -28.75 -12.29
CA ALA D 219 14.68 -28.84 -13.74
C ALA D 219 15.77 -29.72 -14.33
N ALA D 220 16.88 -29.85 -13.61
CA ALA D 220 18.01 -30.62 -14.10
C ALA D 220 17.75 -32.13 -13.92
N ASP D 221 17.10 -32.48 -12.83
CA ASP D 221 16.71 -33.85 -12.54
C ASP D 221 15.61 -34.32 -13.48
N PRO D 222 15.95 -35.21 -14.44
CA PRO D 222 15.01 -35.69 -15.46
C PRO D 222 13.98 -36.66 -14.87
N THR D 223 14.22 -37.03 -13.63
CA THR D 223 13.38 -37.92 -12.86
C THR D 223 12.17 -37.21 -12.24
N SER D 224 12.39 -35.96 -11.85
CA SER D 224 11.42 -35.20 -11.08
C SER D 224 10.07 -35.08 -11.77
N SER D 225 9.04 -34.92 -10.96
CA SER D 225 7.69 -34.68 -11.47
C SER D 225 7.42 -33.19 -11.49
N ARG D 226 8.46 -32.40 -11.20
CA ARG D 226 8.46 -30.95 -11.39
C ARG D 226 7.32 -30.24 -10.66
N ASP D 227 7.03 -30.70 -9.45
CA ASP D 227 5.95 -30.12 -8.66
C ASP D 227 6.45 -29.70 -7.27
N PHE D 228 5.97 -28.56 -6.78
CA PHE D 228 6.30 -28.10 -5.44
C PHE D 228 5.95 -29.14 -4.39
N GLY D 229 4.74 -29.67 -4.46
CA GLY D 229 4.26 -30.64 -3.48
C GLY D 229 5.01 -31.96 -3.43
N LYS D 230 5.25 -32.56 -4.59
CA LYS D 230 5.84 -33.89 -4.65
C LYS D 230 7.37 -33.86 -4.72
N ASP D 231 7.94 -32.76 -5.20
CA ASP D 231 9.39 -32.72 -5.43
C ASP D 231 10.15 -31.69 -4.59
N ILE D 232 9.82 -30.41 -4.76
CA ILE D 232 10.62 -29.35 -4.14
C ILE D 232 10.46 -29.27 -2.63
N ILE D 233 9.22 -29.21 -2.17
CA ILE D 233 8.95 -29.15 -0.74
C ILE D 233 9.42 -30.42 -0.01
N PRO D 234 9.22 -31.63 -0.58
CA PRO D 234 9.79 -32.81 0.12
C PRO D 234 11.32 -32.79 0.21
N TYR D 235 11.98 -32.07 -0.69
CA TYR D 235 13.44 -31.97 -0.64
C TYR D 235 13.93 -31.04 0.48
N ILE D 236 13.20 -29.97 0.75
CA ILE D 236 13.67 -28.98 1.72
C ILE D 236 13.51 -29.44 3.18
N VAL D 237 12.38 -30.06 3.52
CA VAL D 237 12.18 -30.63 4.85
C VAL D 237 13.30 -31.59 5.20
N GLU D 238 13.65 -32.45 4.25
CA GLU D 238 14.65 -33.48 4.50
C GLU D 238 16.09 -32.97 4.49
N HIS D 239 16.41 -32.03 3.62
CA HIS D 239 17.80 -31.55 3.47
C HIS D 239 18.01 -30.11 3.90
N GLY D 240 16.92 -29.36 4.06
CA GLY D 240 17.02 -27.95 4.41
C GLY D 240 16.17 -27.54 5.59
N LYS D 241 15.66 -26.31 5.55
CA LYS D 241 14.97 -25.73 6.69
C LYS D 241 13.53 -25.29 6.31
N ALA D 242 12.55 -26.13 6.64
CA ALA D 242 11.15 -25.83 6.37
C ALA D 242 10.42 -25.53 7.68
N VAL D 243 9.60 -24.49 7.69
CA VAL D 243 8.89 -24.11 8.90
C VAL D 243 7.42 -23.83 8.55
N ALA D 244 6.52 -24.16 9.47
CA ALA D 244 5.09 -23.98 9.27
C ALA D 244 4.62 -22.60 9.72
N HIS D 245 3.67 -22.05 8.99
CA HIS D 245 2.96 -20.85 9.43
C HIS D 245 1.48 -21.19 9.63
N ARG D 246 0.97 -20.88 10.82
CA ARG D 246 -0.40 -21.22 11.19
C ARG D 246 -1.39 -20.27 10.56
N PHE D 247 -2.33 -20.82 9.80
CA PHE D 247 -3.37 -20.01 9.18
C PHE D 247 -4.06 -19.10 10.20
N ALA D 248 -4.31 -19.62 11.39
CA ALA D 248 -4.94 -18.85 12.45
C ALA D 248 -4.15 -17.59 12.81
N ASP D 249 -2.85 -17.58 12.50
CA ASP D 249 -1.98 -16.45 12.83
C ASP D 249 -2.08 -15.28 11.84
N SER D 250 -2.68 -15.51 10.67
CA SER D 250 -2.73 -14.46 9.65
C SER D 250 -4.08 -14.33 8.94
N CYS D 251 -4.99 -15.27 9.19
CA CYS D 251 -6.36 -15.17 8.68
C CYS D 251 -7.01 -13.82 8.97
N VAL D 252 -7.71 -13.26 7.99
CA VAL D 252 -8.43 -12.01 8.24
C VAL D 252 -9.88 -12.36 8.56
N ARG D 253 -10.15 -12.64 9.83
CA ARG D 253 -11.47 -13.13 10.24
C ARG D 253 -12.39 -11.98 10.64
N SER D 254 -13.47 -11.82 9.89
CA SER D 254 -14.48 -10.80 10.18
C SER D 254 -15.04 -11.02 11.59
N ASP D 255 -15.49 -9.95 12.24
CA ASP D 255 -16.12 -10.07 13.55
C ASP D 255 -17.37 -10.94 13.48
N PHE D 256 -17.94 -11.01 12.28
CA PHE D 256 -19.14 -11.80 12.04
C PHE D 256 -18.81 -13.13 11.36
N GLU D 257 -17.59 -13.61 11.60
CA GLU D 257 -17.18 -14.94 11.18
C GLU D 257 -16.74 -15.72 12.42
N HIS D 258 -17.44 -16.83 12.71
CA HIS D 258 -17.25 -17.57 13.96
C HIS D 258 -15.92 -18.32 14.07
N GLU D 259 -15.29 -18.57 12.93
CA GLU D 259 -14.00 -19.25 12.88
C GLU D 259 -13.27 -18.84 11.60
N PRO D 260 -11.93 -19.00 11.57
CA PRO D 260 -11.17 -18.77 10.34
C PRO D 260 -11.79 -19.53 9.16
N TYR D 261 -11.99 -18.86 8.04
CA TYR D 261 -12.68 -19.48 6.91
C TYR D 261 -11.70 -19.91 5.83
N TRP D 262 -11.74 -21.19 5.50
CA TRP D 262 -10.98 -21.75 4.39
C TRP D 262 -11.81 -22.85 3.75
N ARG D 263 -11.98 -22.78 2.43
CA ARG D 263 -12.71 -23.80 1.69
C ARG D 263 -11.96 -24.19 0.43
N ASP D 264 -11.96 -25.49 0.16
CA ASP D 264 -11.30 -26.07 -0.99
C ASP D 264 -12.29 -26.27 -2.12
N VAL D 265 -13.57 -26.33 -1.76
CA VAL D 265 -14.66 -26.72 -2.66
C VAL D 265 -14.22 -27.75 -3.71
N GLY D 266 -13.68 -28.88 -3.25
CA GLY D 266 -13.11 -29.88 -4.14
C GLY D 266 -14.10 -30.78 -4.85
N THR D 267 -15.29 -30.94 -4.27
CA THR D 267 -16.31 -31.84 -4.81
C THR D 267 -17.60 -31.10 -5.07
N ILE D 268 -18.50 -31.68 -5.84
CA ILE D 268 -19.76 -31.02 -6.17
C ILE D 268 -20.58 -30.70 -4.91
N ASP D 269 -20.62 -31.61 -3.95
CA ASP D 269 -21.36 -31.33 -2.71
C ASP D 269 -20.74 -30.18 -1.93
N ALA D 270 -19.41 -30.13 -1.88
CA ALA D 270 -18.72 -29.08 -1.12
C ALA D 270 -18.92 -27.72 -1.77
N TYR D 271 -18.85 -27.69 -3.10
CA TYR D 271 -19.09 -26.47 -3.85
C TYR D 271 -20.52 -25.98 -3.64
N TRP D 272 -21.49 -26.88 -3.73
CA TRP D 272 -22.87 -26.51 -3.49
C TRP D 272 -23.02 -26.00 -2.07
N GLN D 273 -22.45 -26.71 -1.12
CA GLN D 273 -22.58 -26.37 0.30
C GLN D 273 -22.01 -24.99 0.61
N ALA D 274 -20.82 -24.68 0.11
CA ALA D 274 -20.17 -23.41 0.42
C ALA D 274 -20.95 -22.22 -0.15
N ASN D 275 -21.55 -22.41 -1.32
CA ASN D 275 -22.39 -21.39 -1.91
C ASN D 275 -23.73 -21.23 -1.21
N ILE D 276 -24.40 -22.34 -0.92
CA ILE D 276 -25.72 -22.26 -0.33
C ILE D 276 -25.61 -21.74 1.10
N ASP D 277 -24.47 -21.99 1.75
CA ASP D 277 -24.24 -21.48 3.10
C ASP D 277 -24.26 -19.96 3.17
N LEU D 278 -24.04 -19.31 2.03
CA LEU D 278 -24.09 -17.85 1.99
C LEU D 278 -25.51 -17.32 2.16
N THR D 279 -26.51 -18.19 2.07
CA THR D 279 -27.88 -17.76 2.23
C THR D 279 -28.30 -17.80 3.70
N ASP D 280 -27.44 -18.35 4.57
CA ASP D 280 -27.72 -18.42 6.02
C ASP D 280 -28.01 -17.05 6.63
N VAL D 281 -28.75 -17.05 7.75
CA VAL D 281 -28.94 -15.82 8.50
C VAL D 281 -27.59 -15.33 9.02
N VAL D 282 -26.78 -16.26 9.52
CA VAL D 282 -25.42 -15.97 9.95
C VAL D 282 -24.40 -16.81 9.16
N PRO D 283 -23.99 -16.34 7.97
CA PRO D 283 -23.09 -17.17 7.15
C PRO D 283 -21.70 -17.29 7.78
N ASP D 284 -21.00 -18.38 7.47
CA ASP D 284 -19.62 -18.56 7.92
C ASP D 284 -18.71 -17.53 7.25
N LEU D 285 -19.01 -17.20 6.00
CA LEU D 285 -18.23 -16.22 5.25
C LEU D 285 -19.01 -14.92 5.18
N ASP D 286 -18.42 -13.86 5.70
CA ASP D 286 -19.06 -12.55 5.70
C ASP D 286 -18.68 -11.81 4.45
N ILE D 287 -19.55 -11.84 3.45
CA ILE D 287 -19.22 -11.21 2.18
C ILE D 287 -19.48 -9.71 2.23
N TYR D 288 -19.60 -9.18 3.45
CA TYR D 288 -19.82 -7.76 3.69
C TYR D 288 -18.71 -7.09 4.50
N ASP D 289 -17.63 -7.81 4.75
CA ASP D 289 -16.51 -7.24 5.50
C ASP D 289 -15.69 -6.34 4.58
N LYS D 290 -16.05 -5.05 4.55
CA LYS D 290 -15.43 -4.05 3.66
C LYS D 290 -13.97 -3.82 4.00
N SER D 291 -13.54 -4.35 5.14
CA SER D 291 -12.18 -4.12 5.60
C SER D 291 -11.17 -4.97 4.84
N TRP D 292 -11.60 -6.11 4.30
CA TRP D 292 -10.72 -6.95 3.49
C TRP D 292 -11.46 -7.39 2.23
N PRO D 293 -11.63 -6.45 1.29
CA PRO D 293 -12.60 -6.68 0.19
C PRO D 293 -12.08 -7.57 -0.93
N ILE D 294 -12.99 -8.26 -1.59
CA ILE D 294 -12.64 -9.16 -2.68
C ILE D 294 -12.94 -8.50 -4.01
N TRP D 295 -11.90 -8.11 -4.73
CA TRP D 295 -12.05 -7.52 -6.05
C TRP D 295 -12.31 -8.60 -7.09
N THR D 296 -13.08 -8.28 -8.12
CA THR D 296 -13.32 -9.24 -9.19
C THR D 296 -13.67 -8.48 -10.47
N TYR D 297 -14.04 -9.21 -11.52
CA TYR D 297 -14.57 -8.56 -12.71
C TYR D 297 -16.07 -8.35 -12.53
N ALA D 298 -16.50 -7.10 -12.55
CA ALA D 298 -17.91 -6.78 -12.44
C ALA D 298 -18.24 -5.74 -13.49
N GLU D 299 -19.39 -5.90 -14.13
CA GLU D 299 -19.90 -4.90 -15.05
C GLU D 299 -21.04 -4.15 -14.40
N ILE D 300 -21.35 -2.99 -14.91
CA ILE D 300 -22.58 -2.31 -14.55
C ILE D 300 -23.77 -3.12 -15.07
N THR D 301 -24.69 -3.48 -14.19
CA THR D 301 -25.88 -4.20 -14.60
C THR D 301 -27.08 -3.55 -13.95
N PRO D 302 -28.27 -3.74 -14.52
CA PRO D 302 -29.49 -3.33 -13.83
C PRO D 302 -29.69 -4.06 -12.50
N PRO D 303 -30.46 -3.47 -11.58
CA PRO D 303 -30.78 -4.15 -10.32
C PRO D 303 -31.62 -5.40 -10.56
N ALA D 304 -31.74 -6.26 -9.56
CA ALA D 304 -32.62 -7.42 -9.66
C ALA D 304 -34.08 -6.97 -9.68
N LYS D 305 -34.92 -7.72 -10.38
CA LYS D 305 -36.32 -7.35 -10.54
C LYS D 305 -37.20 -8.51 -10.18
N PHE D 306 -38.26 -8.24 -9.42
CA PHE D 306 -39.23 -9.24 -9.03
C PHE D 306 -40.57 -8.78 -9.54
N VAL D 307 -41.27 -9.64 -10.25
CA VAL D 307 -42.54 -9.23 -10.82
C VAL D 307 -43.58 -10.36 -10.74
N HIS D 308 -44.85 -9.96 -10.72
CA HIS D 308 -46.04 -10.82 -10.62
C HIS D 308 -46.34 -11.19 -9.17
N ASP D 309 -47.63 -11.12 -8.85
CA ASP D 309 -48.09 -11.35 -7.50
C ASP D 309 -49.58 -11.62 -7.52
N ASP D 310 -49.98 -12.78 -8.04
CA ASP D 310 -51.37 -13.16 -7.97
C ASP D 310 -51.51 -14.51 -7.30
N GLU D 311 -52.72 -15.05 -7.31
CA GLU D 311 -53.02 -16.29 -6.61
C GLU D 311 -52.19 -17.47 -7.12
N ASP D 312 -51.86 -17.46 -8.41
CA ASP D 312 -51.20 -18.60 -9.01
C ASP D 312 -49.70 -18.40 -9.24
N ARG D 313 -49.24 -17.16 -9.19
CA ARG D 313 -47.80 -16.90 -9.33
C ARG D 313 -47.34 -15.68 -8.56
N ARG D 314 -46.10 -15.76 -8.08
CA ARG D 314 -45.51 -14.68 -7.30
C ARG D 314 -44.01 -14.70 -7.48
N GLY D 315 -43.48 -13.65 -8.10
CA GLY D 315 -42.05 -13.51 -8.24
C GLY D 315 -41.42 -12.96 -6.98
N SER D 316 -40.75 -13.81 -6.21
CA SER D 316 -40.03 -13.34 -5.02
C SER D 316 -39.01 -14.34 -4.55
N ALA D 317 -38.08 -13.88 -3.72
CA ALA D 317 -37.02 -14.73 -3.23
C ALA D 317 -37.02 -14.72 -1.71
N VAL D 318 -36.89 -15.88 -1.11
CA VAL D 318 -36.88 -15.98 0.34
C VAL D 318 -35.64 -16.78 0.74
N SER D 319 -34.96 -16.36 1.80
CA SER D 319 -33.74 -17.03 2.26
C SER D 319 -32.75 -17.23 1.12
N SER D 320 -32.60 -16.19 0.33
CA SER D 320 -31.89 -16.28 -0.94
C SER D 320 -30.94 -15.12 -1.14
N VAL D 321 -29.97 -15.35 -2.01
CA VAL D 321 -29.03 -14.33 -2.43
C VAL D 321 -29.20 -14.15 -3.95
N VAL D 322 -29.33 -12.90 -4.42
CA VAL D 322 -29.65 -12.64 -5.82
C VAL D 322 -28.84 -11.48 -6.39
N SER D 323 -28.21 -11.68 -7.54
CA SER D 323 -27.36 -10.67 -8.16
C SER D 323 -28.08 -9.74 -9.12
N GLY D 324 -27.29 -8.89 -9.77
CA GLY D 324 -27.84 -7.93 -10.71
C GLY D 324 -28.27 -8.56 -12.01
N ASP D 325 -29.08 -7.83 -12.79
CA ASP D 325 -29.57 -8.32 -14.08
C ASP D 325 -30.36 -9.64 -13.95
N CYS D 326 -30.87 -9.95 -12.75
CA CYS D 326 -31.77 -11.07 -12.59
C CYS D 326 -33.21 -10.62 -12.60
N ILE D 327 -34.05 -11.30 -13.38
CA ILE D 327 -35.47 -11.02 -13.41
C ILE D 327 -36.20 -12.26 -12.93
N ILE D 328 -36.81 -12.14 -11.75
CA ILE D 328 -37.56 -13.20 -11.11
C ILE D 328 -39.03 -12.97 -11.44
N SER D 329 -39.46 -13.55 -12.57
CA SER D 329 -40.75 -13.22 -13.15
C SER D 329 -41.76 -14.31 -12.86
N GLY D 330 -42.52 -14.13 -11.78
CA GLY D 330 -43.51 -15.11 -11.39
C GLY D 330 -42.88 -16.39 -10.90
N ALA D 331 -41.60 -16.32 -10.55
CA ALA D 331 -40.85 -17.48 -10.07
C ALA D 331 -40.62 -17.39 -8.56
N ALA D 332 -40.73 -18.53 -7.87
CA ALA D 332 -40.56 -18.59 -6.42
C ALA D 332 -39.24 -19.25 -6.03
N LEU D 333 -38.33 -18.45 -5.46
CA LEU D 333 -37.04 -18.95 -5.00
C LEU D 333 -37.01 -19.12 -3.48
N ASN D 334 -36.43 -20.22 -3.02
CA ASN D 334 -36.16 -20.43 -1.60
C ASN D 334 -34.80 -21.04 -1.44
N ARG D 335 -34.04 -20.57 -0.46
CA ARG D 335 -32.70 -21.06 -0.16
C ARG D 335 -31.85 -21.23 -1.43
N SER D 336 -31.78 -20.18 -2.23
CA SER D 336 -31.06 -20.25 -3.49
C SER D 336 -30.10 -19.09 -3.64
N LEU D 337 -29.04 -19.32 -4.39
CA LEU D 337 -28.07 -18.30 -4.70
C LEU D 337 -28.01 -18.16 -6.21
N LEU D 338 -28.27 -16.96 -6.71
CA LEU D 338 -28.29 -16.70 -8.14
C LEU D 338 -27.20 -15.71 -8.49
N PHE D 339 -26.41 -16.05 -9.49
CA PHE D 339 -25.39 -15.17 -10.03
C PHE D 339 -26.02 -14.20 -11.01
N THR D 340 -25.21 -13.39 -11.69
CA THR D 340 -25.72 -12.33 -12.55
C THR D 340 -26.50 -12.83 -13.76
N GLY D 341 -27.57 -12.14 -14.11
CA GLY D 341 -28.24 -12.36 -15.37
C GLY D 341 -29.21 -13.52 -15.43
N VAL D 342 -29.56 -14.07 -14.27
CA VAL D 342 -30.46 -15.23 -14.25
C VAL D 342 -31.92 -14.85 -14.46
N ARG D 343 -32.55 -15.46 -15.45
CA ARG D 343 -33.96 -15.25 -15.71
C ARG D 343 -34.73 -16.45 -15.21
N ALA D 344 -35.71 -16.23 -14.35
CA ALA D 344 -36.55 -17.32 -13.89
C ALA D 344 -37.98 -16.96 -14.22
N ASN D 345 -38.67 -17.82 -14.96
CA ASN D 345 -39.95 -17.44 -15.54
C ASN D 345 -41.15 -18.01 -14.82
N SER D 346 -42.34 -17.60 -15.26
CA SER D 346 -43.59 -17.79 -14.50
C SER D 346 -43.88 -19.24 -14.15
N TYR D 347 -44.34 -19.43 -12.91
CA TYR D 347 -44.79 -20.71 -12.36
C TYR D 347 -43.61 -21.64 -12.08
N SER D 348 -42.38 -21.15 -12.23
CA SER D 348 -41.23 -21.98 -11.90
C SER D 348 -40.89 -21.84 -10.42
N ARG D 349 -40.10 -22.81 -9.92
CA ARG D 349 -39.71 -22.86 -8.51
C ARG D 349 -38.29 -23.39 -8.35
N LEU D 350 -37.47 -22.65 -7.62
CA LEU D 350 -36.12 -23.09 -7.27
C LEU D 350 -36.01 -23.25 -5.77
N GLU D 351 -35.40 -24.35 -5.33
CA GLU D 351 -35.10 -24.55 -3.90
C GLU D 351 -33.73 -25.18 -3.78
N ASN D 352 -32.97 -24.75 -2.78
CA ASN D 352 -31.62 -25.25 -2.54
C ASN D 352 -30.82 -25.24 -3.83
N ALA D 353 -30.90 -24.14 -4.56
CA ALA D 353 -30.36 -24.08 -5.92
C ALA D 353 -29.24 -23.05 -6.05
N VAL D 354 -28.08 -23.50 -6.53
CA VAL D 354 -26.99 -22.59 -6.87
C VAL D 354 -26.99 -22.39 -8.39
N VAL D 355 -27.28 -21.19 -8.84
CA VAL D 355 -27.55 -20.96 -10.26
C VAL D 355 -26.52 -20.00 -10.85
N LEU D 356 -25.64 -20.50 -11.72
CA LEU D 356 -24.51 -19.72 -12.24
C LEU D 356 -25.00 -18.68 -13.26
N PRO D 357 -24.12 -17.78 -13.75
CA PRO D 357 -24.64 -16.68 -14.58
C PRO D 357 -25.45 -17.02 -15.82
N SER D 358 -26.37 -16.13 -16.17
CA SER D 358 -27.12 -16.18 -17.42
C SER D 358 -27.96 -17.43 -17.64
N VAL D 359 -28.37 -18.09 -16.57
CA VAL D 359 -29.24 -19.27 -16.68
C VAL D 359 -30.67 -18.83 -16.94
N LYS D 360 -31.37 -19.58 -17.78
CA LYS D 360 -32.78 -19.36 -18.01
C LYS D 360 -33.57 -20.50 -17.38
N ILE D 361 -34.60 -20.17 -16.61
CA ILE D 361 -35.48 -21.20 -16.07
C ILE D 361 -36.82 -21.08 -16.77
N GLY D 362 -37.18 -22.10 -17.54
CA GLY D 362 -38.46 -22.10 -18.25
C GLY D 362 -39.67 -22.13 -17.33
N ARG D 363 -40.78 -21.59 -17.83
CA ARG D 363 -42.05 -21.63 -17.12
C ARG D 363 -42.36 -23.04 -16.60
N HIS D 364 -42.99 -23.09 -15.42
CA HIS D 364 -43.51 -24.32 -14.83
C HIS D 364 -42.44 -25.29 -14.35
N ALA D 365 -41.17 -24.97 -14.59
CA ALA D 365 -40.09 -25.84 -14.14
C ALA D 365 -39.99 -25.83 -12.61
N GLN D 366 -39.61 -26.96 -12.03
CA GLN D 366 -39.43 -27.03 -10.57
C GLN D 366 -38.16 -27.76 -10.20
N LEU D 367 -37.19 -27.06 -9.63
CA LEU D 367 -35.89 -27.65 -9.33
C LEU D 367 -35.53 -27.57 -7.86
N SER D 368 -35.02 -28.67 -7.30
CA SER D 368 -34.53 -28.68 -5.92
C SER D 368 -33.17 -29.35 -5.84
N ASN D 369 -32.31 -28.80 -4.98
CA ASN D 369 -30.98 -29.35 -4.68
C ASN D 369 -30.12 -29.50 -5.93
N VAL D 370 -29.77 -28.37 -6.54
CA VAL D 370 -29.09 -28.36 -7.81
C VAL D 370 -27.96 -27.34 -7.88
N VAL D 371 -27.01 -27.60 -8.77
CA VAL D 371 -26.02 -26.63 -9.25
C VAL D 371 -26.22 -26.48 -10.76
N ILE D 372 -26.66 -25.31 -11.19
CA ILE D 372 -26.92 -25.14 -12.61
C ILE D 372 -25.77 -24.38 -13.25
N ASP D 373 -25.14 -24.97 -14.27
CA ASP D 373 -23.97 -24.39 -14.89
C ASP D 373 -24.30 -23.13 -15.70
N HIS D 374 -23.27 -22.37 -16.04
CA HIS D 374 -23.38 -21.09 -16.73
C HIS D 374 -24.19 -21.16 -18.03
N GLY D 375 -25.14 -20.24 -18.19
CA GLY D 375 -25.84 -20.09 -19.45
C GLY D 375 -26.85 -21.17 -19.81
N VAL D 376 -26.96 -22.21 -18.99
CA VAL D 376 -27.91 -23.29 -19.20
C VAL D 376 -29.36 -22.77 -19.38
N VAL D 377 -30.06 -23.32 -20.37
CA VAL D 377 -31.47 -23.00 -20.53
C VAL D 377 -32.31 -24.18 -20.07
N ILE D 378 -33.05 -23.98 -18.98
CA ILE D 378 -33.83 -25.04 -18.38
C ILE D 378 -35.18 -25.11 -19.06
N PRO D 379 -35.48 -26.28 -19.66
CA PRO D 379 -36.69 -26.38 -20.47
C PRO D 379 -37.93 -26.23 -19.61
N GLU D 380 -38.99 -25.68 -20.19
CA GLU D 380 -40.23 -25.48 -19.47
C GLU D 380 -40.76 -26.77 -18.87
N GLY D 381 -41.18 -26.71 -17.61
CA GLY D 381 -41.79 -27.84 -16.95
C GLY D 381 -40.86 -28.91 -16.42
N LEU D 382 -39.56 -28.72 -16.58
CA LEU D 382 -38.58 -29.69 -16.09
C LEU D 382 -38.70 -29.85 -14.58
N ILE D 383 -38.68 -31.08 -14.11
CA ILE D 383 -38.70 -31.34 -12.67
C ILE D 383 -37.43 -32.06 -12.24
N VAL D 384 -36.70 -31.46 -11.30
CA VAL D 384 -35.49 -32.08 -10.75
C VAL D 384 -35.61 -32.07 -9.23
N GLY D 385 -35.24 -33.18 -8.60
CA GLY D 385 -35.31 -33.30 -7.16
C GLY D 385 -36.55 -34.01 -6.64
N GLU D 386 -37.36 -34.54 -7.56
CA GLU D 386 -38.56 -35.26 -7.20
C GLU D 386 -38.29 -36.76 -7.24
N ASP D 387 -37.54 -37.18 -8.25
CA ASP D 387 -37.37 -38.59 -8.54
C ASP D 387 -35.89 -38.91 -8.70
N PRO D 388 -35.29 -39.46 -7.64
CA PRO D 388 -33.83 -39.62 -7.59
C PRO D 388 -33.25 -40.46 -8.72
N GLU D 389 -33.94 -41.52 -9.14
CA GLU D 389 -33.37 -42.36 -10.18
C GLU D 389 -33.58 -41.74 -11.54
N LEU D 390 -34.67 -41.00 -11.74
CA LEU D 390 -34.84 -40.30 -12.99
C LEU D 390 -33.82 -39.16 -13.11
N ASP D 391 -33.34 -38.67 -11.98
CA ASP D 391 -32.38 -37.57 -11.96
C ASP D 391 -30.94 -38.04 -12.17
N ALA D 392 -30.59 -39.18 -11.56
CA ALA D 392 -29.21 -39.66 -11.59
C ALA D 392 -28.75 -40.10 -12.99
N LYS D 393 -29.70 -40.39 -13.87
CA LYS D 393 -29.38 -40.82 -15.23
C LYS D 393 -29.53 -39.64 -16.19
N ARG D 394 -30.37 -38.68 -15.81
CA ARG D 394 -30.50 -37.46 -16.59
C ARG D 394 -29.31 -36.55 -16.36
N PHE D 395 -28.84 -36.46 -15.11
CA PHE D 395 -27.78 -35.50 -14.78
C PHE D 395 -26.70 -36.13 -13.92
N ARG D 396 -25.67 -35.35 -13.60
CA ARG D 396 -24.72 -35.82 -12.61
C ARG D 396 -25.31 -35.58 -11.22
N ARG D 397 -25.55 -36.66 -10.49
CA ARG D 397 -26.18 -36.56 -9.18
C ARG D 397 -25.25 -37.16 -8.12
N THR D 398 -24.94 -36.37 -7.10
CA THR D 398 -24.04 -36.82 -6.04
C THR D 398 -24.75 -37.82 -5.12
N GLU D 399 -23.97 -38.49 -4.27
CA GLU D 399 -24.52 -39.40 -3.28
C GLU D 399 -25.50 -38.71 -2.36
N SER D 400 -25.22 -37.45 -2.03
CA SER D 400 -26.07 -36.70 -1.11
C SER D 400 -27.30 -36.14 -1.80
N GLY D 401 -27.35 -36.21 -3.13
CA GLY D 401 -28.55 -35.87 -3.86
C GLY D 401 -28.59 -34.51 -4.54
N ILE D 402 -27.42 -33.90 -4.70
CA ILE D 402 -27.32 -32.66 -5.46
C ILE D 402 -27.16 -33.00 -6.95
N CYS D 403 -27.92 -32.34 -7.80
CA CYS D 403 -27.76 -32.50 -9.25
C CYS D 403 -26.96 -31.36 -9.87
N LEU D 404 -25.87 -31.72 -10.56
CA LEU D 404 -25.18 -30.79 -11.45
C LEU D 404 -25.83 -30.87 -12.83
N ILE D 405 -26.38 -29.76 -13.31
CA ILE D 405 -27.06 -29.71 -14.60
C ILE D 405 -26.29 -28.86 -15.61
N THR D 406 -25.88 -29.47 -16.72
CA THR D 406 -25.21 -28.71 -17.76
C THR D 406 -26.01 -28.74 -19.05
N GLN D 407 -25.71 -27.83 -19.97
CA GLN D 407 -26.46 -27.74 -21.21
C GLN D 407 -26.41 -29.02 -22.05
N SER D 408 -25.27 -29.68 -22.07
CA SER D 408 -25.15 -30.93 -22.84
C SER D 408 -26.03 -32.03 -22.24
N MET D 409 -26.31 -31.97 -20.95
CA MET D 409 -27.22 -32.94 -20.33
C MET D 409 -28.67 -32.65 -20.70
N ILE D 410 -29.02 -31.38 -20.72
CA ILE D 410 -30.38 -30.97 -21.08
C ILE D 410 -30.64 -31.31 -22.55
N ASP D 411 -29.63 -31.14 -23.38
CA ASP D 411 -29.79 -31.33 -24.81
C ASP D 411 -30.05 -32.81 -25.14
N LYS D 412 -29.61 -33.72 -24.26
CA LYS D 412 -29.91 -35.14 -24.44
C LYS D 412 -31.32 -35.51 -24.02
N LEU D 413 -32.05 -34.58 -23.41
CA LEU D 413 -33.37 -34.88 -22.89
C LEU D 413 -34.41 -35.16 -23.98
N ASP D 414 -34.98 -36.35 -23.89
CA ASP D 414 -36.27 -36.67 -24.46
C ASP D 414 -36.86 -37.67 -23.45
N LEU D 415 -36.20 -37.70 -22.29
CA LEU D 415 -36.65 -38.36 -21.06
C LEU D 415 -35.66 -38.06 -19.96
N VAL E 1 49.27 66.52 -20.24
CA VAL E 1 49.64 65.26 -19.57
C VAL E 1 49.86 65.45 -18.07
N GLN E 2 50.65 66.46 -17.70
CA GLN E 2 51.02 66.66 -16.30
C GLN E 2 49.84 67.13 -15.44
N PRO E 3 49.67 66.50 -14.27
CA PRO E 3 48.64 66.96 -13.34
C PRO E 3 48.90 68.38 -12.86
N LEU E 4 47.83 69.15 -12.73
CA LEU E 4 47.93 70.56 -12.42
C LEU E 4 48.27 70.82 -10.95
N ALA E 5 47.95 69.86 -10.10
CA ALA E 5 48.19 70.00 -8.67
C ALA E 5 49.68 70.12 -8.35
N ARG E 6 50.52 69.62 -9.23
CA ARG E 6 51.97 69.76 -9.08
C ARG E 6 52.39 71.20 -8.96
N ASP E 7 51.69 72.09 -9.67
CA ASP E 7 52.10 73.48 -9.78
C ASP E 7 51.25 74.39 -8.92
N ALA E 8 50.61 73.83 -7.91
CA ALA E 8 49.66 74.61 -7.12
C ALA E 8 50.03 74.65 -5.66
N MET E 9 49.57 75.69 -5.01
CA MET E 9 49.67 75.83 -3.57
C MET E 9 48.29 76.00 -2.98
N ALA E 10 48.02 75.29 -1.89
CA ALA E 10 46.79 75.49 -1.13
C ALA E 10 47.03 76.52 -0.05
N TYR E 11 46.11 77.46 0.09
CA TYR E 11 46.25 78.51 1.08
C TYR E 11 45.01 78.51 1.97
N VAL E 12 45.10 77.82 3.11
CA VAL E 12 43.95 77.60 3.98
C VAL E 12 43.71 78.78 4.94
N LEU E 13 42.54 79.40 4.83
CA LEU E 13 42.16 80.48 5.74
C LEU E 13 41.60 79.86 7.01
N ALA E 14 42.34 80.00 8.10
CA ALA E 14 42.06 79.25 9.31
C ALA E 14 41.86 80.18 10.48
N GLY E 15 41.19 81.30 10.26
CA GLY E 15 40.98 82.30 11.29
C GLY E 15 39.54 82.43 11.73
N GLY E 16 38.70 81.46 11.35
CA GLY E 16 37.32 81.44 11.80
C GLY E 16 37.16 81.33 13.31
N ARG E 17 36.25 82.09 13.87
CA ARG E 17 36.06 82.09 15.32
C ARG E 17 34.94 81.16 15.77
N GLY E 18 34.01 80.87 14.86
CA GLY E 18 32.82 80.11 15.23
C GLY E 18 32.12 80.70 16.46
N SER E 19 31.80 81.98 16.40
CA SER E 19 31.22 82.68 17.55
C SER E 19 29.91 82.04 18.01
N ARG E 20 29.13 81.53 17.06
CA ARG E 20 27.88 80.85 17.39
C ARG E 20 28.09 79.49 18.06
N LEU E 21 29.35 79.07 18.19
CA LEU E 21 29.67 77.83 18.90
C LEU E 21 29.97 78.14 20.37
N LYS E 22 29.86 79.41 20.72
CA LYS E 22 29.87 79.87 22.10
C LYS E 22 31.11 79.41 22.84
N GLU E 23 30.95 78.67 23.93
CA GLU E 23 32.10 78.33 24.76
C GLU E 23 33.05 77.31 24.10
N LEU E 24 32.55 76.58 23.10
CA LEU E 24 33.38 75.58 22.42
C LEU E 24 34.57 76.22 21.72
N THR E 25 34.45 77.52 21.40
CA THR E 25 35.55 78.24 20.78
C THR E 25 36.00 79.48 21.57
N ASP E 26 35.76 79.47 22.88
CA ASP E 26 36.24 80.56 23.74
C ASP E 26 37.76 80.55 23.80
N ARG E 27 38.37 79.38 23.67
CA ARG E 27 39.82 79.30 23.77
C ARG E 27 40.49 78.59 22.57
N ARG E 28 39.74 78.35 21.50
CA ARG E 28 40.28 77.72 20.31
C ARG E 28 39.58 78.26 19.08
N ALA E 29 40.27 78.33 17.94
CA ALA E 29 39.63 78.76 16.71
C ALA E 29 38.74 77.63 16.20
N LYS E 30 37.76 77.96 15.37
CA LYS E 30 36.87 76.94 14.84
C LYS E 30 37.60 75.83 14.09
N PRO E 31 38.63 76.15 13.27
CA PRO E 31 39.31 75.04 12.59
C PRO E 31 39.92 74.03 13.55
N ALA E 32 40.12 74.45 14.78
CA ALA E 32 40.77 73.60 15.77
C ALA E 32 39.73 72.75 16.51
N VAL E 33 38.46 72.95 16.22
CA VAL E 33 37.42 72.22 16.92
C VAL E 33 37.46 70.74 16.51
N TYR E 34 37.45 69.87 17.51
CA TYR E 34 37.46 68.43 17.33
C TYR E 34 36.24 67.91 16.58
N PHE E 35 36.44 66.99 15.63
CA PHE E 35 35.33 66.36 14.93
C PHE E 35 35.54 64.90 14.60
N GLY E 36 34.61 64.05 15.01
CA GLY E 36 34.53 62.72 14.45
C GLY E 36 35.22 61.65 15.25
N GLY E 37 35.77 62.02 16.40
CA GLY E 37 36.39 61.04 17.27
C GLY E 37 37.91 61.18 17.38
N LYS E 38 38.56 61.59 16.30
CA LYS E 38 40.01 61.72 16.34
C LYS E 38 40.55 63.01 15.70
N ALA E 39 39.92 63.51 14.65
CA ALA E 39 40.46 64.66 13.92
C ALA E 39 39.95 66.03 14.40
N ARG E 40 40.49 67.08 13.81
CA ARG E 40 39.99 68.43 13.98
C ARG E 40 39.45 68.88 12.63
N ILE E 41 38.55 69.85 12.63
CA ILE E 41 37.92 70.33 11.40
C ILE E 41 38.94 70.71 10.31
N ILE E 42 40.05 71.32 10.70
CA ILE E 42 41.07 71.75 9.73
C ILE E 42 41.68 70.58 8.93
N ASP E 43 41.62 69.38 9.49
CA ASP E 43 42.22 68.21 8.86
C ASP E 43 41.55 67.80 7.54
N PHE E 44 40.33 68.27 7.30
CA PHE E 44 39.63 67.93 6.07
C PHE E 44 40.14 68.74 4.88
N ALA E 45 40.15 70.06 4.98
CA ALA E 45 40.73 70.89 3.93
C ALA E 45 42.18 70.50 3.66
N LEU E 46 42.95 70.27 4.72
CA LEU E 46 44.35 69.88 4.56
C LEU E 46 44.51 68.51 3.89
N SER E 47 43.70 67.53 4.29
CA SER E 47 43.77 66.22 3.67
C SER E 47 43.31 66.25 2.21
N ASN E 48 42.28 67.04 1.91
CA ASN E 48 41.84 67.26 0.53
C ASN E 48 42.99 67.74 -0.36
N ALA E 49 43.78 68.68 0.16
CA ALA E 49 44.92 69.22 -0.57
C ALA E 49 45.97 68.15 -0.84
N LEU E 50 46.31 67.41 0.20
CA LEU E 50 47.28 66.33 0.14
C LEU E 50 46.83 65.23 -0.83
N ASN E 51 45.61 64.75 -0.66
CA ASN E 51 45.05 63.69 -1.50
C ASN E 51 44.89 64.13 -2.95
N SER E 52 44.69 65.43 -3.15
CA SER E 52 44.62 66.00 -4.48
C SER E 52 45.99 66.15 -5.14
N GLY E 53 47.06 65.90 -4.41
CA GLY E 53 48.39 66.06 -4.97
C GLY E 53 49.02 67.44 -4.80
N ILE E 54 48.38 68.30 -4.02
CA ILE E 54 48.94 69.63 -3.72
C ILE E 54 49.89 69.54 -2.52
N ARG E 55 51.19 69.66 -2.80
CA ARG E 55 52.20 69.43 -1.77
C ARG E 55 52.81 70.72 -1.24
N ARG E 56 52.24 71.87 -1.64
CA ARG E 56 52.57 73.16 -1.02
C ARG E 56 51.34 73.72 -0.32
N ILE E 57 51.44 73.89 1.00
CA ILE E 57 50.32 74.33 1.80
C ILE E 57 50.73 75.49 2.73
N GLY E 58 49.91 76.53 2.78
CA GLY E 58 50.08 77.60 3.75
C GLY E 58 48.81 77.74 4.57
N VAL E 59 48.95 77.90 5.88
CA VAL E 59 47.80 78.05 6.75
C VAL E 59 47.87 79.36 7.52
N ALA E 60 46.99 80.30 7.18
CA ALA E 60 46.91 81.59 7.87
C ALA E 60 45.95 81.52 9.05
N THR E 61 46.46 81.84 10.23
CA THR E 61 45.67 81.82 11.45
C THR E 61 45.45 83.25 11.98
N GLN E 62 44.49 83.43 12.87
CA GLN E 62 44.19 84.76 13.40
C GLN E 62 43.91 84.63 14.88
N TYR E 63 42.64 84.74 15.27
CA TYR E 63 42.33 84.80 16.70
C TYR E 63 42.43 83.41 17.33
N LYS E 64 42.78 83.37 18.60
CA LYS E 64 42.81 82.16 19.43
C LYS E 64 43.53 80.96 18.79
N ALA E 65 44.64 81.22 18.12
CA ALA E 65 45.29 80.20 17.30
C ALA E 65 46.13 79.24 18.14
N SER E 67 46.15 76.40 20.14
CA SER E 67 45.92 74.96 20.07
C SER E 67 45.92 74.52 18.61
N LEU E 68 45.43 75.38 17.72
CA LEU E 68 45.48 75.09 16.28
C LEU E 68 46.92 75.00 15.78
N ILE E 69 47.71 76.04 16.03
CA ILE E 69 49.08 76.07 15.55
C ILE E 69 49.83 74.86 16.10
N ARG E 70 49.63 74.57 17.38
CA ARG E 70 50.22 73.41 18.03
C ARG E 70 49.84 72.10 17.33
N HIS E 71 48.57 71.97 16.95
CA HIS E 71 48.09 70.83 16.17
C HIS E 71 48.82 70.70 14.82
N LEU E 72 48.97 71.81 14.11
CA LEU E 72 49.59 71.80 12.80
C LEU E 72 51.06 71.43 12.89
N GLN E 73 51.72 71.89 13.95
CA GLN E 73 53.14 71.59 14.18
C GLN E 73 53.40 70.12 14.41
N ARG E 74 52.53 69.49 15.19
CA ARG E 74 52.72 68.11 15.58
C ARG E 74 52.18 67.12 14.56
N GLY E 75 51.07 67.47 13.93
CA GLY E 75 50.41 66.56 13.02
C GLY E 75 50.82 66.70 11.56
N TRP E 76 51.10 67.91 11.12
CA TRP E 76 51.37 68.15 9.70
C TRP E 76 52.85 68.52 9.50
N ASP E 77 53.70 67.62 9.97
CA ASP E 77 55.13 67.87 10.09
C ASP E 77 56.00 67.09 9.11
N PHE E 78 55.40 66.51 8.09
CA PHE E 78 56.11 65.56 7.24
C PHE E 78 56.46 66.07 5.84
N PHE E 79 56.25 67.36 5.57
CA PHE E 79 56.63 67.96 4.29
C PHE E 79 58.11 68.35 4.28
N ARG E 80 58.83 68.00 3.22
CA ARG E 80 60.25 68.37 3.07
C ARG E 80 60.45 69.26 1.84
N PRO E 81 61.00 70.48 2.03
CA PRO E 81 61.17 71.41 0.92
C PRO E 81 62.08 70.93 -0.20
N GLU E 82 63.08 70.11 0.09
CA GLU E 82 63.94 69.70 -1.01
C GLU E 82 63.23 68.63 -1.87
N ARG E 83 62.05 68.16 -1.44
CA ARG E 83 61.17 67.37 -2.31
C ARG E 83 60.07 68.23 -2.97
N ASN E 84 60.28 69.55 -2.98
CA ASN E 84 59.26 70.53 -3.40
C ASN E 84 57.92 70.37 -2.70
N GLU E 85 58.01 70.18 -1.38
CA GLU E 85 56.89 70.13 -0.46
C GLU E 85 57.08 71.26 0.53
N SER E 86 56.01 71.91 0.96
CA SER E 86 56.17 72.87 2.05
C SER E 86 54.91 72.97 2.87
N PHE E 87 55.07 73.12 4.18
CA PHE E 87 53.94 73.40 5.04
C PHE E 87 54.28 74.64 5.86
N ASP E 88 53.60 75.74 5.56
CA ASP E 88 53.85 77.01 6.25
C ASP E 88 52.69 77.40 7.16
N ILE E 89 52.98 77.64 8.43
CA ILE E 89 51.99 78.13 9.40
C ILE E 89 52.18 79.62 9.57
N LEU E 90 51.14 80.40 9.27
CA LEU E 90 51.28 81.86 9.09
C LEU E 90 50.34 82.73 9.93
N PRO E 91 50.60 82.84 11.24
CA PRO E 91 49.88 83.72 12.17
C PRO E 91 50.14 85.18 11.86
N ALA E 92 49.17 86.05 12.12
CA ALA E 92 49.21 87.49 11.75
C ALA E 92 50.58 88.12 11.78
N SER E 93 50.92 88.73 12.91
CA SER E 93 52.24 89.33 13.04
C SER E 93 53.30 88.30 13.34
N GLN E 94 53.98 87.85 12.29
CA GLN E 94 55.22 87.07 12.43
C GLN E 94 55.02 85.85 13.29
N ARG E 95 54.48 84.82 12.66
CA ARG E 95 54.45 83.46 13.20
C ARG E 95 54.02 83.33 14.67
N GLU E 98 48.25 89.23 17.98
CA GLU E 98 49.08 90.41 18.22
C GLU E 98 48.38 91.67 17.78
N THR E 99 49.11 92.79 17.82
CA THR E 99 48.72 93.92 17.01
C THR E 99 48.99 93.49 15.56
N GLN E 100 48.51 94.26 14.59
CA GLN E 100 48.75 93.96 13.17
C GLN E 100 48.07 92.61 12.88
N TRP E 101 46.81 92.49 13.28
CA TRP E 101 45.99 91.35 12.87
C TRP E 101 45.84 91.40 11.37
N TYR E 102 45.50 90.28 10.76
CA TYR E 102 45.15 90.30 9.36
C TYR E 102 43.90 91.15 9.22
N GLU E 103 43.96 92.18 8.38
CA GLU E 103 42.82 93.06 8.19
C GLU E 103 41.68 92.35 7.49
N GLY E 104 41.99 91.21 6.87
CA GLY E 104 40.99 90.45 6.16
C GLY E 104 41.59 89.20 5.56
N THR E 105 40.75 88.38 4.94
CA THR E 105 41.22 87.13 4.36
C THR E 105 42.10 87.40 3.14
N ALA E 106 41.82 88.47 2.41
CA ALA E 106 42.66 88.85 1.30
C ALA E 106 44.00 89.39 1.83
N ASP E 107 43.94 90.05 2.99
CA ASP E 107 45.14 90.57 3.61
C ASP E 107 45.96 89.42 4.19
N ALA E 108 45.30 88.29 4.47
CA ALA E 108 46.01 87.11 4.92
C ALA E 108 46.89 86.56 3.78
N VAL E 109 46.53 86.88 2.54
CA VAL E 109 47.36 86.50 1.41
C VAL E 109 48.38 87.60 1.14
N TYR E 110 47.93 88.85 1.18
CA TYR E 110 48.78 89.99 0.88
C TYR E 110 50.04 90.01 1.73
N GLN E 111 49.88 89.83 3.03
CA GLN E 111 51.00 89.93 3.96
C GLN E 111 52.07 88.88 3.76
N ASN E 112 51.72 87.80 3.04
CA ASN E 112 52.64 86.68 2.89
C ASN E 112 53.05 86.41 1.46
N ILE E 113 52.99 87.43 0.62
CA ILE E 113 53.46 87.33 -0.75
C ILE E 113 54.92 86.87 -0.79
N ASP E 114 55.70 87.31 0.19
CA ASP E 114 57.11 86.96 0.26
C ASP E 114 57.35 85.55 0.82
N ILE E 115 56.28 84.86 1.23
CA ILE E 115 56.37 83.44 1.55
C ILE E 115 56.02 82.67 0.29
N ILE E 116 55.06 83.20 -0.45
CA ILE E 116 54.52 82.53 -1.63
C ILE E 116 55.41 82.67 -2.86
N GLU E 117 55.92 83.87 -3.12
CA GLU E 117 56.65 84.11 -4.36
C GLU E 117 57.90 83.24 -4.55
N PRO E 118 58.72 83.04 -3.50
CA PRO E 118 59.85 82.11 -3.66
C PRO E 118 59.50 80.71 -4.17
N TYR E 119 58.28 80.24 -3.91
CA TYR E 119 57.87 78.90 -4.36
C TYR E 119 57.40 78.91 -5.81
N ALA E 120 57.04 80.11 -6.28
CA ALA E 120 56.54 80.31 -7.65
C ALA E 120 55.51 79.28 -8.13
N PRO E 121 54.45 79.04 -7.35
CA PRO E 121 53.44 78.08 -7.82
C PRO E 121 52.62 78.67 -8.97
N GLU E 122 52.21 77.86 -9.93
CA GLU E 122 51.45 78.35 -11.08
C GLU E 122 50.03 78.75 -10.70
N TYR E 123 49.48 78.08 -9.68
CA TYR E 123 48.12 78.31 -9.24
C TYR E 123 48.02 78.46 -7.73
N MET E 124 47.00 79.16 -7.29
CA MET E 124 46.68 79.26 -5.87
C MET E 124 45.28 78.72 -5.63
N VAL E 125 45.13 77.89 -4.60
CA VAL E 125 43.83 77.35 -4.24
C VAL E 125 43.50 77.82 -2.83
N ILE E 126 42.59 78.79 -2.74
CA ILE E 126 42.20 79.37 -1.45
C ILE E 126 41.08 78.56 -0.82
N LEU E 127 41.31 78.04 0.39
CA LEU E 127 40.37 77.15 1.06
C LEU E 127 39.94 77.69 2.42
N ALA E 128 38.68 77.50 2.78
CA ALA E 128 38.23 77.78 4.13
C ALA E 128 38.56 76.56 4.99
N GLY E 129 39.18 76.78 6.14
CA GLY E 129 39.62 75.68 6.97
C GLY E 129 38.61 75.27 8.03
N ASP E 130 37.36 75.71 7.88
CA ASP E 130 36.38 75.49 8.92
C ASP E 130 35.16 74.67 8.47
N HIS E 131 35.31 73.88 7.41
CA HIS E 131 34.24 73.02 6.95
C HIS E 131 34.68 71.57 6.85
N ILE E 132 33.73 70.65 6.97
CA ILE E 132 33.99 69.23 6.88
C ILE E 132 33.45 68.71 5.56
N TYR E 133 34.35 68.30 4.68
CA TYR E 133 33.96 67.88 3.33
C TYR E 133 35.16 67.23 2.64
N LYS E 134 34.88 66.40 1.64
CA LYS E 134 35.92 65.72 0.86
C LYS E 134 35.84 66.09 -0.62
N MET E 135 36.94 66.60 -1.15
CA MET E 135 36.95 67.15 -2.50
C MET E 135 38.32 66.95 -3.18
N ASP E 136 38.29 66.62 -4.47
CA ASP E 136 39.50 66.44 -5.27
C ASP E 136 39.74 67.71 -6.10
N TYR E 137 40.67 68.54 -5.67
CA TYR E 137 40.83 69.86 -6.26
C TYR E 137 41.38 69.86 -7.70
N GLU E 138 41.82 68.71 -8.20
CA GLU E 138 42.39 68.65 -9.55
C GLU E 138 41.32 68.96 -10.59
N TYR E 139 40.09 68.53 -10.32
CA TYR E 139 38.97 68.84 -11.20
C TYR E 139 38.76 70.34 -11.28
N MET E 140 38.88 71.00 -10.14
CA MET E 140 38.69 72.44 -10.09
C MET E 140 39.80 73.17 -10.82
N LEU E 141 41.02 72.68 -10.67
CA LEU E 141 42.15 73.27 -11.36
C LEU E 141 41.97 73.11 -12.87
N GLN E 142 41.49 71.94 -13.27
CA GLN E 142 41.29 71.67 -14.69
C GLN E 142 40.25 72.61 -15.27
N GLN E 143 39.13 72.78 -14.58
CA GLN E 143 38.10 73.68 -15.05
C GLN E 143 38.62 75.10 -15.22
N HIS E 144 39.39 75.58 -14.23
CA HIS E 144 39.92 76.93 -14.24
C HIS E 144 40.85 77.20 -15.42
N VAL E 145 41.76 76.27 -15.71
CA VAL E 145 42.67 76.51 -16.82
C VAL E 145 41.91 76.39 -18.13
N ASP E 146 40.97 75.43 -18.20
CA ASP E 146 40.20 75.21 -19.41
C ASP E 146 39.32 76.40 -19.73
N SER E 147 38.66 76.93 -18.70
CA SER E 147 37.68 77.99 -18.89
C SER E 147 38.33 79.32 -19.23
N GLY E 148 39.56 79.54 -18.79
CA GLY E 148 40.18 80.85 -18.93
C GLY E 148 39.71 81.88 -17.91
N ALA E 149 39.16 81.42 -16.79
CA ALA E 149 38.59 82.32 -15.80
C ALA E 149 39.65 83.10 -15.03
N ASP E 150 39.27 84.27 -14.51
CA ASP E 150 40.12 84.99 -13.56
C ASP E 150 40.03 84.40 -12.14
N VAL E 151 38.87 83.85 -11.80
CA VAL E 151 38.70 83.10 -10.56
C VAL E 151 37.62 82.03 -10.74
N THR E 152 37.87 80.83 -10.22
CA THR E 152 36.89 79.75 -10.27
C THR E 152 36.43 79.48 -8.84
N ILE E 153 35.12 79.44 -8.63
CA ILE E 153 34.59 79.36 -7.27
C ILE E 153 33.85 78.05 -7.04
N GLY E 154 34.12 77.41 -5.91
CA GLY E 154 33.39 76.23 -5.58
C GLY E 154 32.02 76.55 -4.99
N CYS E 155 31.00 75.82 -5.44
CA CYS E 155 29.62 76.08 -5.05
C CYS E 155 28.84 74.82 -4.70
N LEU E 156 28.10 74.89 -3.61
CA LEU E 156 27.11 73.88 -3.29
C LEU E 156 25.84 74.12 -4.08
N GLU E 157 25.25 73.06 -4.59
CA GLU E 157 23.93 73.15 -5.20
C GLU E 157 22.91 72.83 -4.14
N VAL E 158 22.17 73.84 -3.71
CA VAL E 158 21.29 73.67 -2.57
C VAL E 158 19.91 74.18 -2.92
N PRO E 159 18.87 73.66 -2.23
CA PRO E 159 17.52 74.24 -2.38
C PRO E 159 17.53 75.72 -2.03
N ARG E 160 16.78 76.54 -2.75
CA ARG E 160 16.82 77.98 -2.53
C ARG E 160 16.45 78.46 -1.13
N MET E 161 15.53 77.78 -0.45
CA MET E 161 15.27 78.14 0.93
C MET E 161 16.48 77.91 1.83
N GLU E 162 17.26 76.89 1.52
CA GLU E 162 18.49 76.61 2.24
C GLU E 162 19.57 77.68 2.01
N ALA E 163 19.55 78.27 0.82
CA ALA E 163 20.63 79.15 0.38
C ALA E 163 20.62 80.54 1.03
N THR E 164 19.54 80.89 1.70
CA THR E 164 19.41 82.22 2.29
C THR E 164 20.50 82.50 3.30
N GLY E 165 21.12 81.45 3.83
CA GLY E 165 22.17 81.59 4.82
C GLY E 165 23.58 81.53 4.28
N PHE E 166 23.70 81.69 2.96
CA PHE E 166 25.00 81.61 2.31
C PHE E 166 25.32 82.88 1.53
N GLY E 167 26.51 82.91 0.95
CA GLY E 167 26.80 83.81 -0.15
C GLY E 167 26.41 83.08 -1.42
N VAL E 168 25.57 83.68 -2.24
CA VAL E 168 24.98 82.95 -3.36
C VAL E 168 25.50 83.43 -4.72
N MET E 169 25.87 82.48 -5.56
CA MET E 169 26.24 82.80 -6.93
C MET E 169 25.03 82.82 -7.83
N HIS E 170 24.86 83.90 -8.59
CA HIS E 170 23.88 83.93 -9.67
C HIS E 170 24.59 83.57 -10.96
N VAL E 171 24.01 82.62 -11.68
CA VAL E 171 24.71 81.89 -12.71
C VAL E 171 23.98 82.02 -14.05
N ASN E 172 24.73 82.01 -15.15
CA ASN E 172 24.09 81.96 -16.45
C ASN E 172 24.06 80.54 -17.01
N GLU E 173 23.78 80.49 -18.31
CA GLU E 173 23.76 79.27 -19.09
C GLU E 173 25.05 78.46 -18.96
N LYS E 174 26.18 79.16 -18.88
CA LYS E 174 27.48 78.51 -18.96
C LYS E 174 28.14 78.41 -17.61
N ASP E 175 27.35 78.59 -16.55
CA ASP E 175 27.82 78.57 -15.17
C ASP E 175 28.77 79.73 -14.89
N GLU E 176 28.71 80.76 -15.74
CA GLU E 176 29.50 81.96 -15.52
C GLU E 176 28.78 82.86 -14.53
N ILE E 177 29.49 83.29 -13.51
CA ILE E 177 28.89 84.05 -12.42
C ILE E 177 28.71 85.51 -12.83
N ILE E 178 27.46 85.95 -12.85
CA ILE E 178 27.13 87.32 -13.26
C ILE E 178 26.81 88.19 -12.07
N ASP E 179 26.54 87.58 -10.93
CA ASP E 179 26.25 88.33 -9.72
C ASP E 179 26.58 87.53 -8.46
N PHE E 180 26.98 88.22 -7.39
CA PHE E 180 27.14 87.60 -6.09
C PHE E 180 26.35 88.36 -5.03
N ILE E 181 25.59 87.64 -4.21
CA ILE E 181 24.78 88.24 -3.15
C ILE E 181 25.02 87.53 -1.84
N GLU E 182 25.30 88.27 -0.77
CA GLU E 182 25.40 87.64 0.54
C GLU E 182 24.03 87.51 1.19
N LYS E 183 23.75 86.32 1.71
CA LYS E 183 22.49 85.98 2.36
C LYS E 183 21.26 86.64 1.75
N PRO E 184 21.02 86.38 0.46
CA PRO E 184 19.81 86.95 -0.14
C PRO E 184 18.57 86.38 0.54
N ALA E 185 17.62 87.24 0.87
CA ALA E 185 16.38 86.77 1.49
C ALA E 185 15.64 85.86 0.51
N ASP E 186 15.74 86.16 -0.77
CA ASP E 186 15.22 85.28 -1.81
C ASP E 186 16.31 85.11 -2.85
N PRO E 187 17.11 84.03 -2.70
CA PRO E 187 18.25 83.71 -3.56
C PRO E 187 17.85 83.40 -4.99
N PRO E 188 18.61 83.95 -5.96
CA PRO E 188 18.37 83.57 -7.35
C PRO E 188 18.70 82.10 -7.59
N GLY E 189 18.01 81.48 -8.53
CA GLY E 189 18.23 80.07 -8.81
C GLY E 189 19.03 79.78 -10.06
N ILE E 190 19.41 78.52 -10.21
CA ILE E 190 20.10 78.02 -11.39
C ILE E 190 19.18 77.96 -12.60
N PRO E 191 19.56 78.65 -13.69
CA PRO E 191 18.85 78.53 -14.97
C PRO E 191 18.61 77.08 -15.36
N GLY E 192 17.36 76.73 -15.60
CA GLY E 192 17.01 75.37 -15.99
C GLY E 192 16.81 74.44 -14.81
N ASN E 193 17.41 74.79 -13.67
CA ASN E 193 17.19 74.05 -12.43
C ASN E 193 16.78 75.01 -11.34
N GLU E 194 15.86 75.90 -11.69
CA GLU E 194 15.18 76.72 -10.71
C GLU E 194 14.70 75.81 -9.58
N GLY E 195 14.70 76.30 -8.35
CA GLY E 195 14.40 75.45 -7.23
C GLY E 195 15.69 75.06 -6.54
N PHE E 196 16.80 75.44 -7.15
CA PHE E 196 18.11 75.28 -6.53
C PHE E 196 18.96 76.51 -6.74
N ALA E 197 19.87 76.76 -5.81
CA ALA E 197 20.79 77.89 -5.90
C ALA E 197 22.23 77.44 -5.70
N LEU E 198 23.19 78.25 -6.16
CA LEU E 198 24.61 77.97 -5.96
C LEU E 198 25.15 78.76 -4.79
N ALA E 199 25.55 78.04 -3.74
CA ALA E 199 26.08 78.67 -2.54
C ALA E 199 27.61 78.52 -2.49
N SER E 200 28.30 79.64 -2.27
CA SER E 200 29.76 79.68 -2.28
C SER E 200 30.35 78.90 -1.11
N MET E 201 31.31 78.04 -1.41
CA MET E 201 31.95 77.24 -0.36
C MET E 201 33.15 77.97 0.24
N GLY E 202 33.46 79.13 -0.32
CA GLY E 202 34.66 79.84 0.08
C GLY E 202 35.92 79.19 -0.48
N ILE E 203 35.78 78.52 -1.62
CA ILE E 203 36.89 77.89 -2.30
C ILE E 203 37.15 78.58 -3.62
N TYR E 204 38.33 79.19 -3.74
CA TYR E 204 38.68 79.96 -4.93
C TYR E 204 39.94 79.43 -5.57
N VAL E 205 39.98 79.47 -6.88
CA VAL E 205 41.17 79.04 -7.60
C VAL E 205 41.58 80.14 -8.55
N PHE E 206 42.83 80.58 -8.41
CA PHE E 206 43.44 81.59 -9.26
C PHE E 206 44.69 81.09 -9.99
N HIS E 207 45.12 81.87 -10.99
CA HIS E 207 46.51 81.87 -11.42
C HIS E 207 47.25 82.75 -10.42
N THR E 208 48.42 82.32 -9.97
CA THR E 208 49.09 83.06 -8.91
C THR E 208 49.41 84.50 -9.33
N LYS E 209 49.82 84.69 -10.59
CA LYS E 209 50.18 86.02 -11.07
C LYS E 209 48.98 86.93 -10.94
N PHE E 210 47.82 86.42 -11.33
CA PHE E 210 46.60 87.20 -11.19
C PHE E 210 46.31 87.54 -9.73
N LEU E 211 46.58 86.60 -8.83
CA LEU E 211 46.15 86.77 -7.44
C LEU E 211 46.97 87.82 -6.69
N MET E 212 48.28 87.87 -6.95
CA MET E 212 49.12 88.82 -6.24
C MET E 212 48.76 90.24 -6.66
N GLU E 213 48.55 90.45 -7.96
CA GLU E 213 48.20 91.78 -8.45
C GLU E 213 46.78 92.14 -8.03
N ALA E 214 45.86 91.17 -8.02
CA ALA E 214 44.51 91.44 -7.54
C ALA E 214 44.51 91.86 -6.08
N LEU E 215 45.48 91.38 -5.33
CA LEU E 215 45.49 91.62 -3.89
C LEU E 215 46.40 92.76 -3.49
N ARG E 216 47.35 93.10 -4.35
CA ARG E 216 48.10 94.33 -4.16
C ARG E 216 47.16 95.51 -4.42
N ARG E 217 46.31 95.35 -5.43
CA ARG E 217 45.30 96.36 -5.76
C ARG E 217 44.30 96.49 -4.62
N ASP E 218 43.92 95.36 -4.04
CA ASP E 218 43.03 95.33 -2.90
C ASP E 218 43.62 96.06 -1.72
N ALA E 219 44.92 95.91 -1.54
CA ALA E 219 45.63 96.61 -0.47
C ALA E 219 45.68 98.10 -0.77
N ALA E 220 45.51 98.46 -2.04
CA ALA E 220 45.72 99.83 -2.48
C ALA E 220 44.48 100.71 -2.42
N ASP E 221 43.30 100.12 -2.36
CA ASP E 221 42.10 100.94 -2.18
C ASP E 221 41.66 100.93 -0.72
N PRO E 222 41.53 102.12 -0.15
CA PRO E 222 41.19 102.29 1.26
C PRO E 222 39.75 101.90 1.56
N THR E 223 38.91 101.81 0.54
CA THR E 223 37.50 101.48 0.75
C THR E 223 37.27 100.03 1.11
N SER E 224 38.16 99.16 0.63
CA SER E 224 37.99 97.72 0.79
C SER E 224 38.18 97.24 2.21
N SER E 225 37.41 96.24 2.58
CA SER E 225 37.50 95.62 3.88
C SER E 225 38.51 94.47 3.90
N ARG E 226 39.24 94.34 2.78
CA ARG E 226 40.36 93.40 2.64
C ARG E 226 39.96 91.91 2.64
N ASP E 227 38.84 91.58 1.98
CA ASP E 227 38.36 90.18 1.94
C ASP E 227 38.18 89.60 0.55
N PHE E 228 38.14 88.28 0.48
CA PHE E 228 37.84 87.61 -0.78
C PHE E 228 36.37 87.69 -1.12
N GLY E 229 35.55 87.04 -0.31
CA GLY E 229 34.13 86.90 -0.61
C GLY E 229 33.39 88.20 -0.82
N LYS E 230 33.77 89.23 -0.04
CA LYS E 230 33.08 90.50 -0.06
C LYS E 230 33.80 91.61 -0.79
N ASP E 231 35.03 91.37 -1.23
CA ASP E 231 35.77 92.39 -1.96
C ASP E 231 36.42 91.85 -3.24
N ILE E 232 37.44 91.01 -3.09
CA ILE E 232 38.12 90.44 -4.26
C ILE E 232 37.15 89.83 -5.26
N ILE E 233 36.34 88.90 -4.79
CA ILE E 233 35.46 88.14 -5.67
C ILE E 233 34.40 89.03 -6.32
N PRO E 234 33.71 89.90 -5.53
CA PRO E 234 32.76 90.77 -6.21
C PRO E 234 33.40 91.61 -7.32
N TYR E 235 34.62 92.09 -7.06
CA TYR E 235 35.34 92.87 -8.06
C TYR E 235 35.57 92.09 -9.37
N ILE E 236 35.93 90.81 -9.26
CA ILE E 236 36.18 89.99 -10.44
C ILE E 236 34.90 89.70 -11.21
N VAL E 237 33.83 89.37 -10.48
CA VAL E 237 32.55 89.08 -11.11
C VAL E 237 32.12 90.26 -11.99
N GLU E 238 32.30 91.46 -11.46
CA GLU E 238 32.05 92.70 -12.20
C GLU E 238 32.89 92.79 -13.48
N HIS E 239 34.19 93.02 -13.30
CA HIS E 239 35.04 93.47 -14.38
C HIS E 239 35.89 92.36 -15.00
N GLY E 240 35.70 91.12 -14.57
CA GLY E 240 36.47 90.02 -15.13
C GLY E 240 35.60 88.81 -15.42
N LYS E 241 36.20 87.63 -15.36
CA LYS E 241 35.42 86.42 -15.52
C LYS E 241 35.52 85.50 -14.30
N ALA E 242 34.41 85.38 -13.58
CA ALA E 242 34.29 84.43 -12.48
C ALA E 242 33.36 83.32 -12.92
N VAL E 243 33.73 82.08 -12.58
CA VAL E 243 32.98 80.91 -13.01
C VAL E 243 32.76 79.99 -11.81
N ALA E 244 31.63 79.29 -11.80
CA ALA E 244 31.31 78.37 -10.70
C ALA E 244 31.75 76.96 -11.02
N ARG E 246 30.93 73.52 -9.28
CA ARG E 246 29.95 72.59 -8.72
C ARG E 246 30.58 71.50 -7.86
N PHE E 247 30.27 71.55 -6.56
CA PHE E 247 30.84 70.60 -5.59
C PHE E 247 30.62 69.14 -6.00
N ALA E 248 29.43 68.84 -6.51
CA ALA E 248 29.09 67.45 -6.83
C ALA E 248 30.00 66.87 -7.91
N ASP E 249 30.59 67.73 -8.73
CA ASP E 249 31.50 67.28 -9.79
C ASP E 249 32.86 66.80 -9.27
N SER E 250 33.29 67.28 -8.11
CA SER E 250 34.62 66.96 -7.58
C SER E 250 34.59 66.29 -6.22
N CYS E 251 33.41 66.27 -5.59
CA CYS E 251 33.26 65.66 -4.29
C CYS E 251 33.74 64.22 -4.34
N VAL E 252 34.43 63.77 -3.30
CA VAL E 252 34.89 62.39 -3.28
C VAL E 252 33.91 61.53 -2.48
N ARG E 253 33.02 60.82 -3.17
CA ARG E 253 32.01 59.99 -2.51
C ARG E 253 32.46 58.54 -2.34
N SER E 254 32.44 58.08 -1.09
CA SER E 254 32.65 56.68 -0.78
C SER E 254 31.52 55.83 -1.36
N ASP E 255 31.72 54.52 -1.46
CA ASP E 255 30.62 53.63 -1.87
C ASP E 255 29.52 53.69 -0.83
N PHE E 256 29.87 54.10 0.39
CA PHE E 256 28.95 54.08 1.51
C PHE E 256 28.40 55.46 1.88
N GLU E 257 28.51 56.41 0.96
CA GLU E 257 27.97 57.75 1.17
C GLU E 257 26.89 58.06 0.14
N HIS E 258 25.68 58.34 0.61
CA HIS E 258 24.52 58.41 -0.28
C HIS E 258 24.42 59.72 -1.07
N GLU E 259 25.22 60.71 -0.68
CA GLU E 259 25.19 62.01 -1.35
C GLU E 259 26.48 62.77 -1.01
N PRO E 260 26.82 63.82 -1.79
CA PRO E 260 27.96 64.67 -1.44
C PRO E 260 27.82 65.30 -0.06
N TYR E 261 28.81 65.09 0.79
CA TYR E 261 28.75 65.49 2.19
C TYR E 261 29.51 66.78 2.41
N TRP E 262 28.81 67.79 2.93
CA TRP E 262 29.45 69.02 3.33
C TRP E 262 28.77 69.54 4.59
N ARG E 263 29.54 69.80 5.64
CA ARG E 263 28.96 70.35 6.87
C ARG E 263 29.69 71.60 7.33
N ASP E 264 28.90 72.56 7.79
CA ASP E 264 29.39 73.84 8.30
C ASP E 264 29.65 73.78 9.82
N VAL E 265 28.90 72.93 10.50
CA VAL E 265 28.81 72.87 11.97
C VAL E 265 28.96 74.23 12.67
N GLY E 266 28.19 75.22 12.22
CA GLY E 266 28.32 76.58 12.71
C GLY E 266 27.50 76.92 13.95
N THR E 267 26.64 75.99 14.36
CA THR E 267 25.88 76.11 15.60
C THR E 267 26.11 74.88 16.45
N ILE E 268 25.73 74.95 17.71
CA ILE E 268 25.97 73.84 18.62
C ILE E 268 25.05 72.66 18.27
N ASP E 269 23.82 72.94 17.86
CA ASP E 269 22.96 71.88 17.34
C ASP E 269 23.61 71.16 16.16
N ALA E 270 24.13 71.94 15.22
CA ALA E 270 24.70 71.39 13.99
C ALA E 270 25.95 70.57 14.28
N TYR E 271 26.76 71.05 15.23
CA TYR E 271 27.93 70.31 15.65
C TYR E 271 27.57 68.99 16.29
N TRP E 272 26.68 69.05 17.28
CA TRP E 272 26.21 67.85 17.94
C TRP E 272 25.64 66.87 16.91
N GLN E 273 24.82 67.39 16.00
CA GLN E 273 24.17 66.54 15.00
C GLN E 273 25.18 65.86 14.09
N ALA E 274 26.16 66.59 13.59
CA ALA E 274 27.17 66.04 12.68
C ALA E 274 28.00 64.91 13.32
N ASN E 275 28.30 65.05 14.60
CA ASN E 275 29.07 64.03 15.32
C ASN E 275 28.24 62.79 15.62
N ILE E 276 27.02 63.01 16.10
CA ILE E 276 26.19 61.91 16.55
C ILE E 276 25.68 61.11 15.34
N ASP E 277 25.61 61.75 14.19
CA ASP E 277 25.25 61.06 12.96
C ASP E 277 26.24 59.94 12.61
N LEU E 278 27.45 60.03 13.15
CA LEU E 278 28.46 59.01 12.90
C LEU E 278 28.18 57.71 13.67
N THR E 279 27.26 57.76 14.63
CA THR E 279 26.91 56.56 15.37
C THR E 279 25.84 55.73 14.63
N ASP E 280 25.27 56.29 13.57
CA ASP E 280 24.25 55.60 12.75
C ASP E 280 24.76 54.30 12.14
N VAL E 281 23.83 53.39 11.83
CA VAL E 281 24.17 52.15 11.17
C VAL E 281 24.76 52.42 9.78
N VAL E 282 24.16 53.35 9.04
CA VAL E 282 24.72 53.78 7.75
C VAL E 282 24.95 55.30 7.77
N PRO E 283 26.14 55.72 8.22
CA PRO E 283 26.42 57.16 8.39
C PRO E 283 26.48 57.91 7.07
N ASP E 284 26.09 59.19 7.10
CA ASP E 284 26.22 60.06 5.94
C ASP E 284 27.68 60.23 5.53
N LEU E 285 28.57 60.22 6.52
CA LEU E 285 30.01 60.31 6.28
C LEU E 285 30.68 58.99 6.62
N ASP E 286 31.42 58.44 5.66
CA ASP E 286 32.11 57.18 5.88
C ASP E 286 33.51 57.43 6.42
N ILE E 287 33.69 57.33 7.74
CA ILE E 287 35.00 57.58 8.33
C ILE E 287 35.86 56.33 8.29
N TYR E 288 35.34 55.27 7.65
CA TYR E 288 36.08 54.02 7.54
C TYR E 288 36.66 53.82 6.15
N ASP E 289 36.43 54.80 5.28
CA ASP E 289 36.95 54.77 3.92
C ASP E 289 38.46 55.00 3.89
N LYS E 290 39.14 54.29 2.99
CA LYS E 290 40.59 54.34 2.88
C LYS E 290 41.03 54.94 1.55
N SER E 291 40.07 55.22 0.68
CA SER E 291 40.39 55.71 -0.66
C SER E 291 40.60 57.22 -0.68
N TRP E 292 40.12 57.91 0.35
CA TRP E 292 40.32 59.34 0.46
C TRP E 292 40.52 59.66 1.93
N PRO E 293 41.68 59.23 2.47
CA PRO E 293 41.87 59.23 3.92
C PRO E 293 42.08 60.63 4.49
N ILE E 294 41.65 60.82 5.75
CA ILE E 294 41.83 62.07 6.46
C ILE E 294 42.98 61.94 7.44
N TRP E 295 44.07 62.64 7.18
CA TRP E 295 45.22 62.61 8.08
C TRP E 295 44.96 63.52 9.26
N THR E 296 45.59 63.25 10.39
CA THR E 296 45.47 64.11 11.55
C THR E 296 46.64 63.88 12.50
N TYR E 297 46.68 64.62 13.61
CA TYR E 297 47.63 64.29 14.66
C TYR E 297 47.04 63.18 15.52
N ALA E 298 47.74 62.06 15.60
CA ALA E 298 47.27 60.95 16.40
C ALA E 298 48.41 60.29 17.15
N GLU E 299 48.18 59.99 18.41
CA GLU E 299 49.20 59.32 19.19
C GLU E 299 48.90 57.85 19.34
N ILE E 300 49.94 57.08 19.61
CA ILE E 300 49.76 55.69 19.96
C ILE E 300 49.10 55.63 21.32
N THR E 301 47.91 55.04 21.37
CA THR E 301 47.18 54.92 22.62
C THR E 301 46.78 53.46 22.85
N PRO E 302 46.56 53.09 24.11
CA PRO E 302 46.00 51.75 24.36
C PRO E 302 44.62 51.59 23.74
N PRO E 303 44.15 50.33 23.62
CA PRO E 303 42.80 50.11 23.09
C PRO E 303 41.72 50.64 24.03
N ALA E 304 40.46 50.56 23.60
CA ALA E 304 39.33 50.89 24.47
C ALA E 304 38.98 49.70 25.35
N LYS E 305 38.64 49.97 26.60
CA LYS E 305 38.44 48.93 27.61
C LYS E 305 37.06 49.02 28.23
N PHE E 306 36.42 47.87 28.38
CA PHE E 306 35.07 47.78 28.92
C PHE E 306 35.09 46.83 30.09
N VAL E 307 34.66 47.27 31.26
CA VAL E 307 34.78 46.44 32.43
C VAL E 307 33.51 46.51 33.31
N HIS E 308 33.30 45.45 34.10
CA HIS E 308 32.18 45.26 35.01
C HIS E 308 30.96 44.77 34.27
N ASP E 309 30.27 43.83 34.92
CA ASP E 309 29.24 43.06 34.27
C ASP E 309 28.43 42.42 35.37
N ASP E 310 28.04 43.21 36.35
CA ASP E 310 27.22 42.66 37.41
C ASP E 310 25.82 43.24 37.32
N GLU E 311 25.04 42.96 38.34
CA GLU E 311 23.62 43.27 38.35
C GLU E 311 23.40 44.78 38.31
N ASP E 312 24.28 45.52 38.97
CA ASP E 312 24.10 46.94 39.17
C ASP E 312 24.82 47.78 38.10
N ARG E 313 25.89 47.24 37.52
CA ARG E 313 26.69 47.99 36.57
C ARG E 313 27.28 47.11 35.48
N ARG E 314 27.30 47.65 34.27
CA ARG E 314 27.88 46.99 33.11
C ARG E 314 28.54 48.03 32.22
N GLY E 315 29.85 47.93 32.07
CA GLY E 315 30.56 48.83 31.19
C GLY E 315 30.40 48.36 29.76
N SER E 316 29.63 49.08 28.96
CA SER E 316 29.54 48.76 27.54
C SER E 316 28.94 49.91 26.73
N ALA E 317 29.19 49.86 25.42
CA ALA E 317 28.72 50.88 24.50
C ALA E 317 27.82 50.25 23.44
N VAL E 318 26.71 50.90 23.18
CA VAL E 318 25.73 50.43 22.23
C VAL E 318 25.40 51.59 21.28
N SER E 319 25.26 51.31 19.99
CA SER E 319 25.04 52.33 18.96
C SER E 319 25.97 53.51 19.18
N SER E 320 27.25 53.20 19.41
CA SER E 320 28.21 54.21 19.81
C SER E 320 29.52 54.07 19.05
N VAL E 321 30.32 55.12 19.11
CA VAL E 321 31.67 55.13 18.56
C VAL E 321 32.61 55.51 19.70
N VAL E 322 33.64 54.71 19.92
CA VAL E 322 34.51 54.88 21.09
C VAL E 322 35.98 54.84 20.64
N SER E 323 36.77 55.81 21.07
CA SER E 323 38.15 55.89 20.60
C SER E 323 39.15 55.20 21.51
N GLY E 324 40.43 55.39 21.20
CA GLY E 324 41.52 54.83 21.99
C GLY E 324 41.68 55.50 23.33
N ASP E 325 42.34 54.80 24.25
CA ASP E 325 42.58 55.26 25.62
C ASP E 325 41.28 55.57 26.38
N CYS E 326 40.17 54.96 25.96
CA CYS E 326 38.91 55.10 26.69
C CYS E 326 38.70 53.94 27.63
N ILE E 327 38.32 54.24 28.87
CA ILE E 327 37.95 53.18 29.81
C ILE E 327 36.51 53.37 30.27
N ILE E 328 35.68 52.40 29.93
CA ILE E 328 34.26 52.44 30.22
C ILE E 328 33.95 51.50 31.37
N SER E 329 34.10 51.99 32.59
CA SER E 329 34.09 51.16 33.78
C SER E 329 32.73 51.15 34.45
N GLY E 330 31.93 50.13 34.19
CA GLY E 330 30.62 50.04 34.82
C GLY E 330 29.66 51.12 34.33
N ALA E 331 30.02 51.76 33.21
CA ALA E 331 29.23 52.82 32.63
C ALA E 331 28.49 52.34 31.39
N ALA E 332 27.25 52.81 31.23
CA ALA E 332 26.49 52.51 30.03
C ALA E 332 26.56 53.66 29.03
N LEU E 333 26.96 53.33 27.80
CA LEU E 333 26.94 54.29 26.71
C LEU E 333 25.92 53.87 25.65
N ASN E 334 25.10 54.82 25.23
CA ASN E 334 24.16 54.58 24.15
C ASN E 334 24.12 55.81 23.26
N ARG E 335 24.25 55.58 21.96
CA ARG E 335 24.22 56.64 20.96
C ARG E 335 25.12 57.80 21.34
N SER E 336 26.37 57.47 21.62
CA SER E 336 27.35 58.49 21.98
C SER E 336 28.63 58.34 21.17
N LEU E 337 29.37 59.44 21.06
CA LEU E 337 30.65 59.44 20.38
C LEU E 337 31.73 59.89 21.36
N LEU E 338 32.69 59.01 21.65
CA LEU E 338 33.75 59.35 22.60
C LEU E 338 35.09 59.51 21.90
N PHE E 339 35.69 60.68 22.11
CA PHE E 339 37.03 60.97 21.61
C PHE E 339 38.06 60.31 22.52
N THR E 340 39.34 60.50 22.20
CA THR E 340 40.43 59.85 22.93
C THR E 340 40.46 60.12 24.43
N GLY E 341 40.69 59.08 25.21
CA GLY E 341 41.02 59.27 26.60
C GLY E 341 39.92 59.51 27.61
N VAL E 342 38.69 59.13 27.26
CA VAL E 342 37.57 59.30 28.19
C VAL E 342 37.58 58.22 29.26
N ARG E 343 37.32 58.64 30.49
CA ARG E 343 37.19 57.72 31.62
C ARG E 343 35.79 57.87 32.17
N ALA E 344 34.91 56.94 31.85
CA ALA E 344 33.55 56.97 32.35
C ALA E 344 33.45 55.93 33.46
N ASN E 345 32.90 56.33 34.60
CA ASN E 345 32.97 55.46 35.77
C ASN E 345 31.65 54.81 36.17
N SER E 346 31.71 53.97 37.21
CA SER E 346 30.63 53.04 37.54
C SER E 346 29.30 53.71 37.82
N TYR E 347 28.25 53.11 37.26
CA TYR E 347 26.86 53.52 37.43
C TYR E 347 26.56 54.80 36.65
N SER E 348 27.54 55.32 35.92
CA SER E 348 27.25 56.47 35.06
C SER E 348 26.51 56.04 33.80
N ARG E 349 25.81 56.98 33.19
CA ARG E 349 25.07 56.72 31.96
C ARG E 349 25.25 57.90 31.01
N LEU E 350 25.62 57.60 29.76
CA LEU E 350 25.71 58.62 28.73
C LEU E 350 24.80 58.25 27.57
N GLU E 351 23.92 59.15 27.18
CA GLU E 351 23.13 58.92 25.98
C GLU E 351 23.10 60.16 25.12
N ASN E 352 23.20 59.98 23.80
CA ASN E 352 23.13 61.09 22.86
C ASN E 352 24.17 62.14 23.22
N ALA E 353 25.38 61.65 23.50
CA ALA E 353 26.46 62.49 23.99
C ALA E 353 27.61 62.58 23.01
N VAL E 354 28.12 63.79 22.80
CA VAL E 354 29.38 63.96 22.09
C VAL E 354 30.42 64.32 23.14
N VAL E 355 31.37 63.42 23.38
CA VAL E 355 32.29 63.61 24.50
C VAL E 355 33.73 63.81 24.02
N LEU E 356 34.20 65.05 24.08
CA LEU E 356 35.50 65.45 23.53
C LEU E 356 36.66 64.84 24.34
N PRO E 357 37.93 65.00 23.89
CA PRO E 357 38.96 64.17 24.55
C PRO E 357 39.17 64.47 26.04
N SER E 358 39.59 63.44 26.77
CA SER E 358 40.12 63.58 28.12
C SER E 358 39.06 63.83 29.18
N VAL E 359 37.79 63.70 28.81
CA VAL E 359 36.71 63.93 29.75
C VAL E 359 36.67 62.83 30.79
N LYS E 360 36.34 63.19 32.02
CA LYS E 360 36.14 62.21 33.08
C LYS E 360 34.68 62.26 33.51
N ILE E 361 34.03 61.11 33.58
CA ILE E 361 32.62 61.06 33.98
C ILE E 361 32.50 60.35 35.32
N GLY E 362 32.13 61.09 36.35
CA GLY E 362 32.11 60.54 37.71
C GLY E 362 31.00 59.54 37.92
N ARG E 363 31.18 58.65 38.88
CA ARG E 363 30.16 57.65 39.18
C ARG E 363 28.78 58.25 39.31
N HIS E 364 27.77 57.49 38.89
CA HIS E 364 26.37 57.83 39.08
C HIS E 364 25.89 59.02 38.25
N ALA E 365 26.79 59.66 37.51
CA ALA E 365 26.39 60.75 36.64
C ALA E 365 25.47 60.23 35.54
N GLN E 366 24.49 61.03 35.14
CA GLN E 366 23.60 60.64 34.06
C GLN E 366 23.38 61.80 33.09
N LEU E 367 24.10 61.76 31.97
CA LEU E 367 24.06 62.87 31.03
C LEU E 367 23.41 62.46 29.72
N SER E 368 22.50 63.29 29.22
CA SER E 368 21.82 63.02 27.96
C SER E 368 21.65 64.28 27.13
N ASN E 369 21.88 64.15 25.82
CA ASN E 369 21.78 65.23 24.84
C ASN E 369 22.75 66.37 25.13
N VAL E 370 24.03 66.04 25.04
CA VAL E 370 25.07 66.96 25.47
C VAL E 370 26.25 66.99 24.52
N VAL E 371 27.04 68.05 24.65
CA VAL E 371 28.38 68.12 24.15
C VAL E 371 29.27 68.48 25.32
N ILE E 372 30.24 67.64 25.61
CA ILE E 372 31.12 67.88 26.76
C ILE E 372 32.49 68.33 26.26
N ASP E 373 32.92 69.51 26.68
CA ASP E 373 34.17 70.12 26.22
C ASP E 373 35.41 69.29 26.59
N HIS E 374 36.51 69.55 25.90
CA HIS E 374 37.75 68.82 26.09
C HIS E 374 38.31 68.95 27.52
N GLY E 375 38.47 67.82 28.21
CA GLY E 375 39.14 67.79 29.50
C GLY E 375 38.24 67.95 30.71
N VAL E 376 36.95 68.15 30.47
CA VAL E 376 35.99 68.39 31.54
C VAL E 376 35.92 67.23 32.54
N VAL E 377 35.87 67.55 33.83
CA VAL E 377 35.65 66.53 34.85
C VAL E 377 34.23 66.64 35.38
N ILE E 378 33.36 65.70 34.98
CA ILE E 378 31.98 65.69 35.43
C ILE E 378 31.92 65.14 36.85
N PRO E 379 31.45 65.95 37.80
CA PRO E 379 31.40 65.47 39.18
C PRO E 379 30.44 64.30 39.36
N GLU E 380 30.71 63.45 40.35
CA GLU E 380 29.89 62.27 40.59
C GLU E 380 28.41 62.60 40.81
N GLY E 381 27.55 61.74 40.30
CA GLY E 381 26.12 61.89 40.46
C GLY E 381 25.44 63.02 39.71
N LEU E 382 26.18 63.73 38.86
CA LEU E 382 25.58 64.86 38.14
C LEU E 382 24.50 64.39 37.14
N ILE E 383 23.36 65.08 37.13
CA ILE E 383 22.29 64.77 36.18
C ILE E 383 22.07 65.92 35.20
N VAL E 384 22.18 65.60 33.91
CA VAL E 384 21.85 66.54 32.84
C VAL E 384 20.92 65.86 31.85
N GLY E 385 19.89 66.58 31.41
CA GLY E 385 18.99 66.07 30.41
C GLY E 385 17.69 65.59 31.00
N GLU E 386 17.51 65.85 32.30
CA GLU E 386 16.28 65.50 33.00
C GLU E 386 15.40 66.72 33.24
N ASP E 387 16.00 67.85 33.61
CA ASP E 387 15.24 69.04 33.94
C ASP E 387 15.66 70.23 33.08
N PRO E 388 14.85 70.56 32.07
CA PRO E 388 15.19 71.58 31.08
C PRO E 388 15.50 72.94 31.70
N GLU E 389 14.77 73.25 32.76
CA GLU E 389 14.88 74.57 33.40
C GLU E 389 16.21 74.71 34.13
N LEU E 390 16.54 73.68 34.90
CA LEU E 390 17.79 73.65 35.65
C LEU E 390 18.99 73.56 34.70
N ASP E 391 18.86 72.75 33.66
CA ASP E 391 19.95 72.54 32.72
C ASP E 391 20.30 73.84 32.02
N ALA E 392 19.26 74.62 31.70
CA ALA E 392 19.46 75.89 31.03
C ALA E 392 20.16 76.89 31.94
N LYS E 393 19.84 76.84 33.23
CA LYS E 393 20.47 77.75 34.18
C LYS E 393 21.96 77.42 34.37
N ARG E 394 22.28 76.12 34.42
CA ARG E 394 23.64 75.66 34.72
C ARG E 394 24.57 75.61 33.50
N PHE E 395 24.01 75.38 32.33
CA PHE E 395 24.85 75.15 31.16
C PHE E 395 24.38 75.92 29.93
N ARG E 396 25.10 75.75 28.83
CA ARG E 396 24.67 76.32 27.56
C ARG E 396 23.67 75.38 26.89
N ARG E 397 22.42 75.80 26.80
CA ARG E 397 21.39 74.94 26.23
C ARG E 397 20.79 75.51 24.94
N THR E 398 20.74 74.69 23.89
CA THR E 398 20.15 75.08 22.61
C THR E 398 18.64 74.97 22.71
N GLU E 399 17.92 75.62 21.79
CA GLU E 399 16.47 75.48 21.73
C GLU E 399 16.03 74.03 21.64
N SER E 400 16.83 73.19 20.97
CA SER E 400 16.45 71.81 20.74
C SER E 400 16.84 70.86 21.88
N GLY E 401 17.43 71.40 22.95
CA GLY E 401 17.71 70.60 24.12
C GLY E 401 19.15 70.18 24.35
N ILE E 402 20.06 70.58 23.46
CA ILE E 402 21.45 70.17 23.62
C ILE E 402 22.16 71.05 24.64
N CYS E 403 22.84 70.42 25.60
CA CYS E 403 23.65 71.16 26.56
C CYS E 403 25.14 71.08 26.23
N LEU E 404 25.78 72.24 26.05
CA LEU E 404 27.23 72.30 25.99
C LEU E 404 27.77 72.44 27.40
N ILE E 405 28.60 71.50 27.84
CA ILE E 405 29.14 71.53 29.20
C ILE E 405 30.64 71.79 29.23
N THR E 406 31.02 72.90 29.87
CA THR E 406 32.42 73.34 29.96
CA THR E 406 32.44 73.28 29.98
C THR E 406 32.87 73.32 31.43
N GLN E 407 34.16 73.15 31.67
CA GLN E 407 34.71 73.11 33.02
C GLN E 407 34.36 74.34 33.86
N SER E 408 34.42 75.52 33.25
CA SER E 408 34.06 76.74 33.97
C SER E 408 32.56 76.83 34.30
N MET E 409 31.73 76.06 33.60
CA MET E 409 30.32 75.92 33.98
C MET E 409 30.21 74.99 35.16
N ILE E 410 30.97 73.91 35.12
CA ILE E 410 31.05 72.97 36.23
C ILE E 410 31.64 73.63 37.47
N ASP E 411 32.60 74.55 37.26
CA ASP E 411 33.25 75.24 38.37
C ASP E 411 32.27 76.05 39.22
N LYS E 412 31.23 76.56 38.57
CA LYS E 412 30.22 77.41 39.21
C LYS E 412 29.14 76.64 39.94
N LEU E 413 29.36 75.37 40.21
CA LEU E 413 28.27 74.56 40.75
C LEU E 413 28.40 74.24 42.22
N ASP E 414 27.30 74.47 42.93
CA ASP E 414 26.94 73.71 44.10
C ASP E 414 25.45 73.44 43.93
N LEU E 415 24.94 73.89 42.77
CA LEU E 415 23.56 73.68 42.33
C LEU E 415 23.41 74.31 40.96
N VAL F 1 78.65 60.08 37.72
CA VAL F 1 77.66 61.11 37.39
C VAL F 1 76.86 60.78 36.14
N GLN F 2 77.55 60.40 35.06
CA GLN F 2 76.88 60.14 33.79
C GLN F 2 76.17 58.79 33.79
N PRO F 3 74.92 58.79 33.31
CA PRO F 3 74.16 57.54 33.18
C PRO F 3 74.89 56.59 32.26
N LEU F 4 74.94 55.33 32.64
CA LEU F 4 75.70 54.34 31.89
C LEU F 4 75.06 54.01 30.55
N ALA F 5 73.75 54.22 30.45
CA ALA F 5 73.02 53.92 29.23
C ALA F 5 73.59 54.66 28.02
N ARG F 6 74.20 55.81 28.26
CA ARG F 6 74.78 56.62 27.19
C ARG F 6 75.84 55.89 26.37
N ASP F 7 76.52 54.92 26.99
CA ASP F 7 77.62 54.23 26.32
C ASP F 7 77.27 52.77 26.04
N ALA F 8 75.99 52.45 26.07
CA ALA F 8 75.57 51.09 25.87
C ALA F 8 74.89 50.87 24.52
N MET F 9 74.87 49.62 24.11
CA MET F 9 74.11 49.20 22.96
C MET F 9 73.28 47.99 23.33
N ALA F 10 71.97 48.05 23.11
CA ALA F 10 71.13 46.87 23.30
C ALA F 10 71.23 46.02 22.06
N TYR F 11 71.36 44.71 22.25
CA TYR F 11 71.45 43.80 21.12
C TYR F 11 70.40 42.70 21.29
N VAL F 12 69.33 42.78 20.51
CA VAL F 12 68.17 41.92 20.69
C VAL F 12 68.23 40.68 19.81
N LEU F 13 68.21 39.51 20.45
CA LEU F 13 68.19 38.23 19.73
C LEU F 13 66.74 37.85 19.46
N ALA F 14 66.32 38.01 18.21
CA ALA F 14 64.93 37.84 17.84
C ALA F 14 64.76 36.65 16.93
N GLY F 15 65.54 35.60 17.17
CA GLY F 15 65.59 34.45 16.29
C GLY F 15 64.79 33.24 16.74
N GLY F 16 64.24 33.29 17.94
CA GLY F 16 63.48 32.18 18.49
C GLY F 16 62.28 31.79 17.64
N ARG F 17 61.94 30.51 17.64
CA ARG F 17 60.91 30.00 16.73
C ARG F 17 59.48 30.00 17.28
N GLY F 18 59.32 29.86 18.59
CA GLY F 18 57.99 29.72 19.17
C GLY F 18 57.30 28.52 18.57
N SER F 19 58.02 27.39 18.51
CA SER F 19 57.51 26.21 17.82
C SER F 19 56.26 25.65 18.48
N ARG F 20 56.19 25.73 19.82
CA ARG F 20 55.01 25.25 20.53
C ARG F 20 53.81 26.19 20.37
N LEU F 21 53.99 27.30 19.66
CA LEU F 21 52.87 28.16 19.28
C LEU F 21 52.24 27.61 18.01
N LYS F 22 52.88 26.57 17.48
CA LYS F 22 52.39 25.84 16.32
C LYS F 22 52.05 26.79 15.17
N GLU F 23 50.80 26.75 14.69
CA GLU F 23 50.48 27.48 13.46
C GLU F 23 50.59 28.99 13.62
N LEU F 24 50.52 29.48 14.84
CA LEU F 24 50.62 30.90 15.12
C LEU F 24 51.98 31.48 14.70
N THR F 25 52.99 30.61 14.63
CA THR F 25 54.32 30.99 14.15
C THR F 25 54.79 30.23 12.91
N ASP F 26 53.86 29.73 12.09
CA ASP F 26 54.24 29.00 10.90
C ASP F 26 54.78 29.93 9.81
N ARG F 27 54.44 31.21 9.86
CA ARG F 27 55.01 32.15 8.90
C ARG F 27 55.44 33.47 9.53
N ARG F 28 55.66 33.47 10.83
CA ARG F 28 56.19 34.64 11.48
C ARG F 28 57.04 34.17 12.64
N ALA F 29 58.03 34.98 13.00
CA ALA F 29 58.88 34.70 14.13
C ALA F 29 58.12 34.95 15.43
N LYS F 30 58.51 34.27 16.51
CA LYS F 30 57.86 34.52 17.79
C LYS F 30 57.90 36.00 18.22
N PRO F 31 59.04 36.70 18.05
CA PRO F 31 59.01 38.12 18.44
C PRO F 31 58.02 38.95 17.64
N ALA F 32 57.58 38.44 16.51
CA ALA F 32 56.63 39.17 15.67
C ALA F 32 55.17 38.85 16.05
N VAL F 33 54.94 37.92 16.96
CA VAL F 33 53.59 37.56 17.34
C VAL F 33 52.91 38.75 18.06
N TYR F 34 51.64 38.98 17.73
CA TYR F 34 50.87 40.09 18.29
C TYR F 34 50.57 39.90 19.76
N PHE F 35 50.67 40.97 20.55
CA PHE F 35 50.31 40.87 21.96
C PHE F 35 49.72 42.14 22.51
N GLY F 36 48.59 42.03 23.19
CA GLY F 36 48.10 43.13 23.99
C GLY F 36 47.09 44.03 23.33
N GLY F 37 46.85 43.85 22.04
CA GLY F 37 45.89 44.68 21.34
C GLY F 37 46.46 45.52 20.22
N LYS F 38 47.68 46.03 20.37
CA LYS F 38 48.28 46.87 19.33
C LYS F 38 49.77 46.66 19.08
N ALA F 39 50.42 45.84 19.90
CA ALA F 39 51.87 45.71 19.85
C ALA F 39 52.30 44.30 19.44
N ARG F 40 53.61 44.12 19.25
CA ARG F 40 54.16 42.79 19.07
C ARG F 40 55.16 42.55 20.19
N ILE F 41 55.39 41.28 20.49
CA ILE F 41 56.23 40.88 21.63
C ILE F 41 57.60 41.58 21.62
N ILE F 42 58.17 41.79 20.44
CA ILE F 42 59.48 42.42 20.36
C ILE F 42 59.49 43.87 20.87
N ASP F 43 58.33 44.52 20.87
CA ASP F 43 58.26 45.94 21.24
C ASP F 43 58.60 46.17 22.72
N PHE F 44 58.43 45.14 23.54
CA PHE F 44 58.73 45.28 24.96
C PHE F 44 60.24 45.39 25.23
N ALA F 45 61.03 44.44 24.75
CA ALA F 45 62.49 44.57 24.87
C ALA F 45 62.96 45.89 24.26
N LEU F 46 62.48 46.20 23.06
CA LEU F 46 62.84 47.45 22.37
C LEU F 46 62.45 48.68 23.17
N SER F 47 61.25 48.70 23.76
CA SER F 47 60.81 49.85 24.54
C SER F 47 61.60 49.98 25.84
N ASN F 48 61.92 48.84 26.47
CA ASN F 48 62.78 48.85 27.66
C ASN F 48 64.13 49.51 27.40
N ALA F 49 64.75 49.18 26.27
CA ALA F 49 66.01 49.79 25.88
C ALA F 49 65.87 51.30 25.73
N LEU F 50 64.85 51.74 24.99
CA LEU F 50 64.58 53.15 24.78
C LEU F 50 64.29 53.88 26.10
N ASN F 51 63.38 53.34 26.89
CA ASN F 51 63.00 53.94 28.17
C ASN F 51 64.14 53.91 29.17
N SER F 52 65.09 53.00 28.96
CA SER F 52 66.29 52.93 29.80
C SER F 52 67.40 53.85 29.33
N GLY F 53 67.14 54.64 28.29
CA GLY F 53 68.15 55.54 27.75
C GLY F 53 69.20 54.90 26.85
N ILE F 54 68.94 53.68 26.36
CA ILE F 54 69.86 53.03 25.41
C ILE F 54 69.43 53.33 23.97
N ARG F 55 70.15 54.25 23.32
CA ARG F 55 69.76 54.77 22.01
C ARG F 55 70.39 54.05 20.83
N ARG F 56 71.20 53.04 21.09
CA ARG F 56 71.74 52.19 20.03
C ARG F 56 71.19 50.78 20.19
N ILE F 57 70.45 50.34 19.19
CA ILE F 57 69.80 49.05 19.19
C ILE F 57 70.15 48.27 17.90
N GLY F 58 70.49 47.00 18.07
CA GLY F 58 70.65 46.11 16.94
C GLY F 58 69.72 44.92 17.13
N VAL F 59 69.08 44.47 16.05
CA VAL F 59 68.20 43.32 16.12
C VAL F 59 68.66 42.24 15.15
N ALA F 60 69.11 41.11 15.71
CA ALA F 60 69.46 39.96 14.89
C ALA F 60 68.25 39.05 14.71
N THR F 61 67.96 38.70 13.46
CA THR F 61 66.83 37.84 13.19
C THR F 61 67.30 36.55 12.50
N GLN F 62 66.37 35.65 12.20
CA GLN F 62 66.73 34.43 11.49
C GLN F 62 65.54 33.92 10.72
N TYR F 63 64.86 32.91 11.28
CA TYR F 63 63.83 32.22 10.53
C TYR F 63 62.53 33.01 10.47
N LYS F 64 61.86 32.91 9.32
CA LYS F 64 60.53 33.48 9.10
C LYS F 64 60.48 34.98 9.43
N ALA F 65 61.57 35.68 9.15
CA ALA F 65 61.75 37.05 9.59
C ALA F 65 61.12 38.13 8.68
N HIS F 66 60.25 37.74 7.74
CA HIS F 66 59.68 38.75 6.85
C HIS F 66 58.88 39.84 7.59
N SER F 67 57.82 39.43 8.28
CA SER F 67 56.94 40.41 8.90
C SER F 67 57.62 41.10 10.08
N LEU F 68 58.49 40.39 10.79
CA LEU F 68 59.28 41.00 11.86
C LEU F 68 60.07 42.19 11.33
N ILE F 69 60.79 41.97 10.24
CA ILE F 69 61.64 43.01 9.67
C ILE F 69 60.80 44.18 9.15
N ARG F 70 59.63 43.88 8.57
CA ARG F 70 58.76 44.95 8.09
C ARG F 70 58.22 45.77 9.24
N HIS F 71 57.94 45.11 10.37
CA HIS F 71 57.51 45.79 11.58
C HIS F 71 58.59 46.77 12.05
N LEU F 72 59.82 46.30 12.19
CA LEU F 72 60.91 47.15 12.63
C LEU F 72 61.09 48.33 11.68
N GLN F 73 61.07 48.07 10.37
CA GLN F 73 61.20 49.14 9.39
C GLN F 73 60.12 50.21 9.54
N ARG F 74 58.87 49.77 9.74
CA ARG F 74 57.76 50.72 9.83
C ARG F 74 57.66 51.43 11.18
N GLY F 75 57.90 50.70 12.25
CA GLY F 75 57.69 51.24 13.58
C GLY F 75 58.89 51.86 14.27
N TRP F 76 60.07 51.30 14.06
CA TRP F 76 61.25 51.71 14.81
C TRP F 76 62.21 52.50 13.93
N ASP F 77 61.69 53.57 13.35
CA ASP F 77 62.32 54.25 12.23
C ASP F 77 62.82 55.66 12.58
N PHE F 78 62.81 56.00 13.86
CA PHE F 78 63.03 57.38 14.29
C PHE F 78 64.41 57.63 14.90
N PHE F 79 65.35 56.73 14.66
CA PHE F 79 66.73 56.86 15.15
C PHE F 79 67.62 57.55 14.12
N ARG F 80 68.37 58.57 14.54
CA ARG F 80 69.26 59.29 13.62
C ARG F 80 70.70 59.21 14.12
N PRO F 81 71.61 58.63 13.32
CA PRO F 81 73.01 58.50 13.70
C PRO F 81 73.70 59.80 14.05
N GLU F 82 73.23 60.94 13.55
CA GLU F 82 73.89 62.19 13.91
C GLU F 82 73.53 62.60 15.34
N ARG F 83 72.51 61.97 15.91
CA ARG F 83 72.19 62.18 17.33
C ARG F 83 72.73 61.03 18.21
N ASN F 84 73.70 60.31 17.66
CA ASN F 84 74.24 59.08 18.27
C ASN F 84 73.17 58.04 18.60
N GLU F 85 72.13 58.00 17.77
CA GLU F 85 71.11 56.98 17.85
C GLU F 85 71.28 56.06 16.65
N SER F 86 71.06 54.77 16.83
CA SER F 86 71.07 53.87 15.68
C SER F 86 70.13 52.70 15.91
N PHE F 87 69.47 52.25 14.86
CA PHE F 87 68.67 51.04 14.93
C PHE F 87 69.04 50.17 13.74
N ASP F 88 69.76 49.08 13.99
CA ASP F 88 70.20 48.21 12.90
C ASP F 88 69.46 46.89 12.93
N ILE F 89 68.88 46.51 11.80
CA ILE F 89 68.21 45.24 11.63
C ILE F 89 69.17 44.28 10.95
N LEU F 90 69.45 43.14 11.58
CA LEU F 90 70.56 42.30 11.15
C LEU F 90 70.18 40.86 10.83
N PRO F 91 69.51 40.66 9.69
CA PRO F 91 69.04 39.35 9.25
C PRO F 91 70.17 38.47 8.79
N ALA F 92 69.92 37.15 8.80
CA ALA F 92 70.91 36.17 8.36
C ALA F 92 71.25 36.36 6.87
N SER F 93 72.54 36.55 6.59
CA SER F 93 73.05 36.82 5.25
C SER F 93 72.54 38.14 4.66
N GLN F 94 73.43 39.15 4.65
CA GLN F 94 73.23 40.47 4.04
C GLN F 94 71.81 41.02 4.17
N THR F 99 70.69 30.16 1.92
CA THR F 99 72.14 30.39 2.02
C THR F 99 72.51 31.43 3.03
N GLN F 100 72.61 30.96 4.29
CA GLN F 100 73.47 31.46 5.33
C GLN F 100 72.60 32.06 6.45
N TRP F 101 72.36 31.17 7.44
CA TRP F 101 71.67 31.44 8.73
C TRP F 101 72.73 31.61 9.81
N TYR F 102 72.37 32.20 10.95
CA TYR F 102 73.31 32.26 12.06
C TYR F 102 73.48 30.86 12.62
N GLU F 103 74.63 30.57 13.21
CA GLU F 103 74.86 29.27 13.83
C GLU F 103 74.56 29.28 15.32
N GLY F 104 73.85 30.31 15.78
CA GLY F 104 73.53 30.42 17.19
C GLY F 104 73.57 31.84 17.68
N THR F 105 73.03 32.07 18.87
CA THR F 105 72.87 33.41 19.40
C THR F 105 74.21 34.11 19.56
N ALA F 106 75.25 33.34 19.83
CA ALA F 106 76.59 33.91 19.91
C ALA F 106 77.03 34.32 18.51
N ASP F 107 76.91 33.40 17.57
CA ASP F 107 77.28 33.66 16.18
C ASP F 107 76.58 34.91 15.66
N ALA F 108 75.37 35.17 16.15
CA ALA F 108 74.62 36.38 15.78
C ALA F 108 75.36 37.66 16.19
N VAL F 109 76.15 37.60 17.24
CA VAL F 109 76.94 38.76 17.63
C VAL F 109 78.25 38.74 16.86
N TYR F 110 78.87 37.57 16.76
CA TYR F 110 80.14 37.42 16.05
C TYR F 110 80.10 38.00 14.64
N GLN F 111 79.09 37.58 13.88
CA GLN F 111 78.96 37.93 12.49
C GLN F 111 78.80 39.43 12.23
N ASN F 112 78.53 40.20 13.28
CA ASN F 112 78.19 41.61 13.11
C ASN F 112 79.07 42.53 13.93
N ILE F 113 80.22 42.03 14.34
CA ILE F 113 81.24 42.84 14.98
C ILE F 113 81.53 44.10 14.17
N ASP F 114 81.51 43.97 12.85
CA ASP F 114 81.78 45.08 11.94
C ASP F 114 80.63 46.09 11.88
N ILE F 115 79.46 45.70 12.35
CA ILE F 115 78.37 46.65 12.54
C ILE F 115 78.55 47.34 13.89
N ILE F 116 78.95 46.55 14.88
CA ILE F 116 79.01 46.99 16.26
C ILE F 116 80.14 47.97 16.52
N GLU F 117 81.37 47.57 16.19
CA GLU F 117 82.54 48.30 16.65
C GLU F 117 82.72 49.74 16.08
N PRO F 118 82.19 50.04 14.88
CA PRO F 118 82.14 51.46 14.50
C PRO F 118 81.42 52.37 15.48
N TYR F 119 80.47 51.84 16.26
CA TYR F 119 79.75 52.63 17.26
C TYR F 119 80.57 52.74 18.54
N ALA F 120 81.43 51.75 18.74
CA ALA F 120 82.30 51.68 19.92
C ALA F 120 81.55 51.87 21.26
N PRO F 121 80.50 51.08 21.50
CA PRO F 121 79.81 51.25 22.79
C PRO F 121 80.62 50.65 23.93
N GLU F 122 80.57 51.24 25.12
CA GLU F 122 81.31 50.69 26.25
C GLU F 122 80.71 49.38 26.73
N TYR F 123 79.40 49.26 26.62
CA TYR F 123 78.67 48.09 27.12
C TYR F 123 77.76 47.46 26.08
N MET F 124 77.54 46.16 26.21
CA MET F 124 76.58 45.44 25.40
C MET F 124 75.51 44.89 26.33
N VAL F 125 74.26 45.18 26.02
CA VAL F 125 73.14 44.60 26.74
C VAL F 125 72.43 43.65 25.79
N ILE F 126 72.58 42.35 26.04
CA ILE F 126 71.98 41.32 25.21
C ILE F 126 70.60 41.01 25.75
N LEU F 127 69.60 41.09 24.89
CA LEU F 127 68.21 40.89 25.29
C LEU F 127 67.57 39.75 24.51
N ALA F 128 66.68 39.01 25.15
CA ALA F 128 65.84 38.06 24.43
C ALA F 128 64.63 38.84 23.93
N GLY F 129 64.33 38.72 22.64
CA GLY F 129 63.26 39.52 22.05
C GLY F 129 61.88 38.89 22.03
N ASP F 130 61.70 37.80 22.76
CA ASP F 130 60.44 37.08 22.70
C ASP F 130 59.78 36.94 24.07
N HIS F 131 60.03 37.91 24.94
CA HIS F 131 59.38 37.95 26.26
C HIS F 131 58.64 39.26 26.49
N ILE F 132 57.64 39.21 27.36
CA ILE F 132 56.85 40.40 27.68
C ILE F 132 57.14 40.83 29.11
N TYR F 133 57.84 41.95 29.24
CA TYR F 133 58.24 42.44 30.55
C TYR F 133 58.67 43.90 30.44
N LYS F 134 58.70 44.59 31.58
CA LYS F 134 59.20 45.96 31.64
C LYS F 134 60.32 46.06 32.66
N MET F 135 61.42 46.72 32.28
CA MET F 135 62.65 46.67 33.03
C MET F 135 63.63 47.78 32.65
N ASP F 136 64.14 48.48 33.66
CA ASP F 136 65.06 49.59 33.47
C ASP F 136 66.49 49.07 33.54
N TYR F 137 67.16 49.01 32.40
CA TYR F 137 68.46 48.35 32.36
C TYR F 137 69.59 49.17 32.97
N GLU F 138 69.33 50.41 33.36
CA GLU F 138 70.37 51.23 34.01
C GLU F 138 70.80 50.56 35.33
N TYR F 139 69.89 49.84 35.96
CA TYR F 139 70.19 49.12 37.19
C TYR F 139 71.17 48.01 36.95
N MET F 140 70.99 47.30 35.85
CA MET F 140 71.86 46.17 35.55
C MET F 140 73.24 46.64 35.12
N LEU F 141 73.30 47.74 34.39
CA LEU F 141 74.57 48.30 33.94
C LEU F 141 75.41 48.71 35.15
N GLN F 142 74.75 49.33 36.12
CA GLN F 142 75.42 49.80 37.30
C GLN F 142 75.98 48.63 38.10
N GLN F 143 75.17 47.60 38.31
CA GLN F 143 75.65 46.41 39.01
C GLN F 143 76.86 45.82 38.32
N HIS F 144 76.82 45.73 37.00
CA HIS F 144 77.91 45.11 36.25
C HIS F 144 79.23 45.82 36.46
N VAL F 145 79.24 47.14 36.28
CA VAL F 145 80.50 47.88 36.39
C VAL F 145 81.02 47.81 37.83
N ASP F 146 80.13 47.90 38.81
CA ASP F 146 80.52 47.91 40.21
C ASP F 146 81.00 46.55 40.68
N SER F 147 80.40 45.49 40.15
CA SER F 147 80.73 44.14 40.57
C SER F 147 82.01 43.64 39.94
N GLY F 148 82.46 44.29 38.87
CA GLY F 148 83.65 43.86 38.17
C GLY F 148 83.51 42.56 37.40
N ALA F 149 82.27 42.12 37.21
CA ALA F 149 81.99 40.84 36.59
C ALA F 149 82.35 40.82 35.11
N ASP F 150 82.63 39.63 34.59
CA ASP F 150 82.78 39.43 33.16
C ASP F 150 81.39 39.46 32.49
N VAL F 151 80.39 38.91 33.17
CA VAL F 151 79.01 38.97 32.67
C VAL F 151 78.01 39.04 33.82
N THR F 152 76.96 39.84 33.64
CA THR F 152 75.89 39.96 34.61
C THR F 152 74.59 39.47 33.97
N ILE F 153 73.90 38.55 34.64
CA ILE F 153 72.75 37.87 34.04
C ILE F 153 71.45 38.20 34.74
N GLY F 154 70.43 38.56 33.97
CA GLY F 154 69.13 38.84 34.53
C GLY F 154 68.45 37.54 34.88
N CYS F 155 67.83 37.50 36.05
CA CYS F 155 67.24 36.28 36.57
C CYS F 155 65.91 36.53 37.28
N LEU F 156 64.93 35.67 37.02
CA LEU F 156 63.70 35.63 37.81
C LEU F 156 63.94 34.83 39.07
N GLU F 157 63.33 35.26 40.17
CA GLU F 157 63.27 34.45 41.37
C GLU F 157 61.96 33.68 41.32
N VAL F 158 62.04 32.39 41.04
CA VAL F 158 60.83 31.61 40.83
C VAL F 158 60.75 30.49 41.86
N PRO F 159 59.53 30.03 42.18
CA PRO F 159 59.39 28.83 43.02
C PRO F 159 60.18 27.68 42.39
N ARG F 160 60.92 26.90 43.17
CA ARG F 160 61.79 25.88 42.62
C ARG F 160 61.09 24.84 41.74
N MET F 161 59.80 24.61 42.01
CA MET F 161 59.04 23.71 41.16
C MET F 161 58.87 24.25 39.75
N GLU F 162 58.75 25.57 39.63
CA GLU F 162 58.51 26.19 38.33
C GLU F 162 59.82 26.39 37.56
N ALA F 163 60.93 26.28 38.28
CA ALA F 163 62.25 26.49 37.70
C ALA F 163 62.66 25.36 36.78
N THR F 164 61.98 24.23 36.85
CA THR F 164 62.37 23.05 36.06
C THR F 164 62.30 23.31 34.57
N GLY F 165 61.55 24.34 34.18
CA GLY F 165 61.39 24.66 32.78
C GLY F 165 62.35 25.70 32.24
N PHE F 166 63.26 26.17 33.10
CA PHE F 166 64.16 27.25 32.74
C PHE F 166 65.62 26.81 32.65
N GLY F 167 66.48 27.73 32.26
CA GLY F 167 67.91 27.59 32.48
C GLY F 167 68.18 28.21 33.84
N VAL F 168 68.69 27.41 34.76
CA VAL F 168 68.73 27.83 36.16
C VAL F 168 70.15 28.15 36.62
N MET F 169 70.31 29.29 37.29
CA MET F 169 71.60 29.69 37.80
C MET F 169 71.79 29.15 39.21
N HIS F 170 72.84 28.36 39.42
CA HIS F 170 73.21 28.03 40.80
C HIS F 170 74.21 29.08 41.28
N VAL F 171 73.90 29.68 42.41
CA VAL F 171 74.54 30.89 42.85
C VAL F 171 75.04 30.73 44.28
N ASN F 172 76.13 31.43 44.65
CA ASN F 172 76.58 31.38 46.04
C ASN F 172 75.98 32.49 46.89
N GLU F 173 76.61 32.78 48.02
CA GLU F 173 76.06 33.72 48.98
C GLU F 173 76.12 35.15 48.44
N LYS F 174 76.98 35.37 47.46
CA LYS F 174 77.23 36.70 46.91
C LYS F 174 76.54 36.90 45.57
N ASP F 175 75.59 36.01 45.27
CA ASP F 175 74.90 35.98 43.98
C ASP F 175 75.87 35.81 42.82
N GLU F 176 77.03 35.23 43.10
CA GLU F 176 77.96 34.88 42.03
C GLU F 176 77.60 33.49 41.53
N ILE F 177 77.55 33.33 40.21
CA ILE F 177 77.08 32.10 39.57
C ILE F 177 78.14 31.01 39.49
N ILE F 178 77.91 29.89 40.17
CA ILE F 178 78.92 28.84 40.24
C ILE F 178 78.59 27.64 39.35
N ASP F 179 77.32 27.49 38.98
CA ASP F 179 76.96 26.53 37.95
C ASP F 179 75.69 26.97 37.23
N PHE F 180 75.50 26.41 36.04
CA PHE F 180 74.30 26.64 35.24
C PHE F 180 73.80 25.30 34.73
N ILE F 181 72.53 25.01 35.01
CA ILE F 181 71.93 23.76 34.59
C ILE F 181 70.74 24.02 33.69
N GLU F 182 70.78 23.48 32.49
CA GLU F 182 69.64 23.52 31.61
C GLU F 182 68.51 22.63 32.15
N LYS F 183 67.33 23.24 32.35
CA LYS F 183 66.12 22.55 32.81
C LYS F 183 66.32 21.44 33.85
N PRO F 184 66.85 21.78 35.02
CA PRO F 184 67.03 20.74 36.04
C PRO F 184 65.72 20.20 36.55
N ALA F 185 65.59 18.87 36.63
CA ALA F 185 64.44 18.26 37.28
C ALA F 185 64.45 18.62 38.75
N ASP F 186 65.64 18.78 39.31
CA ASP F 186 65.81 19.26 40.66
C ASP F 186 66.66 20.52 40.62
N PRO F 187 66.01 21.67 40.40
CA PRO F 187 66.66 22.99 40.35
C PRO F 187 67.33 23.36 41.65
N PRO F 188 68.59 23.78 41.58
CA PRO F 188 69.32 24.23 42.77
C PRO F 188 68.75 25.49 43.36
N GLY F 189 68.46 25.48 44.66
CA GLY F 189 67.85 26.62 45.31
C GLY F 189 68.83 27.72 45.67
N ILE F 190 68.29 28.90 45.96
CA ILE F 190 69.09 30.00 46.46
C ILE F 190 69.60 29.66 47.86
N PRO F 191 70.93 29.67 48.07
CA PRO F 191 71.48 29.43 49.41
C PRO F 191 70.85 30.35 50.45
N GLY F 192 70.11 29.77 51.38
CA GLY F 192 69.41 30.54 52.40
C GLY F 192 68.00 30.92 51.99
N ASN F 193 67.62 30.59 50.76
CA ASN F 193 66.26 30.82 50.29
C ASN F 193 65.81 29.66 49.42
N GLU F 194 66.03 28.45 49.93
CA GLU F 194 65.73 27.22 49.24
C GLU F 194 64.28 27.19 48.82
N GLY F 195 63.99 26.41 47.80
CA GLY F 195 62.64 26.39 47.28
C GLY F 195 62.36 27.59 46.41
N PHE F 196 63.37 28.44 46.24
CA PHE F 196 63.37 29.45 45.19
C PHE F 196 64.65 29.31 44.42
N ALA F 197 64.55 29.31 43.10
CA ALA F 197 65.72 29.22 42.24
C ALA F 197 65.82 30.43 41.32
N LEU F 198 67.02 30.68 40.82
CA LEU F 198 67.24 31.80 39.91
C LEU F 198 67.14 31.33 38.47
N ALA F 199 66.05 31.72 37.82
CA ALA F 199 65.83 31.36 36.43
C ALA F 199 66.31 32.47 35.50
N SER F 200 67.18 32.13 34.55
CA SER F 200 67.76 33.10 33.62
C SER F 200 66.76 33.62 32.61
N MET F 201 66.72 34.94 32.48
CA MET F 201 65.83 35.61 31.52
C MET F 201 66.45 35.72 30.13
N GLY F 202 67.69 35.27 29.99
CA GLY F 202 68.43 35.44 28.76
C GLY F 202 68.86 36.88 28.53
N ILE F 203 69.02 37.63 29.62
CA ILE F 203 69.52 39.01 29.54
C ILE F 203 70.94 39.08 30.09
N TYR F 204 71.89 39.46 29.24
CA TYR F 204 73.30 39.48 29.63
C TYR F 204 73.90 40.85 29.44
N VAL F 205 74.71 41.29 30.42
CA VAL F 205 75.39 42.57 30.34
C VAL F 205 76.88 42.32 30.24
N PHE F 206 77.53 42.95 29.27
CA PHE F 206 78.95 42.78 29.01
C PHE F 206 79.66 44.11 28.84
N HIS F 207 80.95 44.16 29.17
CA HIS F 207 81.84 45.14 28.58
C HIS F 207 82.05 44.69 27.14
N THR F 208 82.02 45.63 26.20
CA THR F 208 82.11 45.26 24.80
C THR F 208 83.44 44.56 24.47
N LYS F 209 84.55 45.11 24.97
CA LYS F 209 85.87 44.50 24.79
C LYS F 209 85.79 43.00 25.07
N PHE F 210 85.35 42.66 26.27
CA PHE F 210 85.27 41.27 26.67
C PHE F 210 84.42 40.44 25.72
N LEU F 211 83.21 40.90 25.41
CA LEU F 211 82.29 40.12 24.59
C LEU F 211 82.86 39.82 23.21
N MET F 212 83.56 40.80 22.62
CA MET F 212 84.14 40.63 21.30
C MET F 212 85.14 39.49 21.29
N GLU F 213 86.08 39.51 22.23
CA GLU F 213 87.07 38.45 22.32
C GLU F 213 86.39 37.14 22.72
N ALA F 214 85.51 37.22 23.71
CA ALA F 214 84.81 36.04 24.23
C ALA F 214 84.07 35.31 23.13
N LEU F 215 83.72 36.04 22.07
CA LEU F 215 82.97 35.45 20.98
C LEU F 215 83.83 35.19 19.75
N ARG F 216 84.90 35.97 19.56
CA ARG F 216 85.84 35.69 18.50
C ARG F 216 86.52 34.35 18.74
N ARG F 217 86.80 34.06 20.00
CA ARG F 217 87.40 32.79 20.35
C ARG F 217 86.33 31.70 20.34
N ASP F 218 85.07 32.11 20.49
CA ASP F 218 83.97 31.15 20.40
C ASP F 218 83.78 30.71 18.96
N ALA F 219 83.98 31.64 18.03
CA ALA F 219 83.96 31.31 16.62
C ALA F 219 85.07 30.30 16.30
N ALA F 220 86.16 30.39 17.03
CA ALA F 220 87.35 29.58 16.79
C ALA F 220 87.28 28.20 17.43
N ASP F 221 86.33 28.02 18.36
CA ASP F 221 86.18 26.75 19.09
C ASP F 221 85.19 25.83 18.37
N PRO F 222 85.72 24.96 17.51
CA PRO F 222 84.97 24.20 16.49
C PRO F 222 83.98 23.20 17.08
N THR F 223 84.09 22.95 18.38
CA THR F 223 83.20 22.00 19.02
C THR F 223 81.94 22.67 19.56
N SER F 224 81.89 23.98 19.45
CA SER F 224 80.82 24.74 20.09
C SER F 224 79.61 24.97 19.22
N SER F 225 78.45 24.98 19.86
CA SER F 225 77.17 25.18 19.19
C SER F 225 76.89 26.67 18.98
N ARG F 226 77.83 27.49 19.42
CA ARG F 226 77.82 28.94 19.17
C ARG F 226 76.62 29.66 19.82
N ASP F 227 76.30 29.32 21.07
CA ASP F 227 75.19 29.97 21.79
C ASP F 227 75.64 30.66 23.08
N PHE F 228 74.93 31.70 23.49
CA PHE F 228 75.22 32.39 24.74
C PHE F 228 74.97 31.48 25.95
N GLY F 229 73.74 30.99 26.09
CA GLY F 229 73.36 30.19 27.23
C GLY F 229 74.07 28.85 27.38
N LYS F 230 74.49 28.27 26.26
CA LYS F 230 75.08 26.93 26.27
C LYS F 230 76.59 26.93 26.05
N ASP F 231 77.11 27.94 25.35
CA ASP F 231 78.53 27.99 25.02
C ASP F 231 79.27 29.20 25.59
N ILE F 232 78.64 30.38 25.63
CA ILE F 232 79.35 31.54 26.12
C ILE F 232 79.26 31.67 27.64
N ILE F 233 78.04 31.60 28.17
CA ILE F 233 77.83 31.85 29.59
C ILE F 233 78.43 30.76 30.49
N PRO F 234 78.20 29.47 30.17
CA PRO F 234 78.84 28.45 31.02
C PRO F 234 80.36 28.58 31.15
N TYR F 235 81.07 28.89 30.06
CA TYR F 235 82.52 29.09 30.11
C TYR F 235 82.88 30.17 31.11
N ILE F 236 82.17 31.29 31.05
CA ILE F 236 82.43 32.38 31.98
C ILE F 236 82.10 31.93 33.40
N VAL F 237 81.08 31.08 33.53
CA VAL F 237 80.72 30.50 34.82
C VAL F 237 81.89 29.70 35.38
N GLU F 238 82.51 28.91 34.51
CA GLU F 238 83.58 27.99 34.89
C GLU F 238 84.93 28.64 35.08
N HIS F 239 85.34 29.46 34.11
CA HIS F 239 86.71 29.98 34.07
C HIS F 239 86.76 31.48 34.23
N GLY F 240 85.69 32.09 34.72
CA GLY F 240 85.65 33.54 34.85
C GLY F 240 84.71 34.01 35.94
N LYS F 241 84.18 35.22 35.78
CA LYS F 241 83.30 35.79 36.80
C LYS F 241 81.89 36.14 36.30
N ALA F 242 80.93 35.27 36.57
CA ALA F 242 79.53 35.49 36.20
C ALA F 242 78.70 35.85 37.42
N VAL F 243 77.84 36.86 37.30
CA VAL F 243 77.06 37.35 38.43
C VAL F 243 75.57 37.48 38.06
N ALA F 244 74.69 37.17 39.00
CA ALA F 244 73.26 37.26 38.75
C ALA F 244 72.66 38.60 39.18
N HIS F 245 71.66 39.07 38.45
CA HIS F 245 70.90 40.26 38.80
C HIS F 245 69.43 39.88 38.91
N ARG F 246 68.79 40.22 40.03
CA ARG F 246 67.40 39.84 40.25
C ARG F 246 66.45 40.78 39.55
N PHE F 247 65.51 40.23 38.80
CA PHE F 247 64.50 41.00 38.09
C PHE F 247 63.80 42.00 38.99
N ALA F 248 63.50 41.59 40.22
CA ALA F 248 62.75 42.42 41.14
C ALA F 248 63.47 43.74 41.46
N ASP F 249 64.79 43.77 41.29
CA ASP F 249 65.54 45.01 41.50
C ASP F 249 65.37 45.98 40.33
N SER F 250 65.09 45.46 39.12
CA SER F 250 65.10 46.26 37.89
C SER F 250 63.71 46.52 37.35
N CYS F 251 62.81 45.56 37.61
CA CYS F 251 61.46 45.58 37.06
C CYS F 251 60.74 46.89 37.27
N VAL F 252 60.06 47.36 36.23
CA VAL F 252 59.27 48.59 36.33
C VAL F 252 57.81 48.26 36.58
N ARG F 253 57.42 48.28 37.85
CA ARG F 253 56.04 47.96 38.24
C ARG F 253 55.21 49.21 38.33
N SER F 254 54.08 49.23 37.64
CA SER F 254 53.11 50.29 37.84
C SER F 254 52.54 50.13 39.26
N ASP F 255 51.99 51.20 39.81
CA ASP F 255 51.32 51.12 41.11
C ASP F 255 50.21 50.06 41.08
N PHE F 256 49.71 49.81 39.87
CA PHE F 256 48.57 48.94 39.68
C PHE F 256 48.96 47.57 39.16
N GLU F 257 50.18 47.15 39.50
CA GLU F 257 50.66 45.81 39.18
C GLU F 257 51.07 45.13 40.47
N HIS F 258 50.43 44.01 40.80
CA HIS F 258 50.53 43.43 42.13
C HIS F 258 51.82 42.63 42.36
N GLU F 259 52.63 42.49 41.32
CA GLU F 259 53.93 41.84 41.40
C GLU F 259 54.69 42.12 40.10
N PRO F 260 56.01 41.85 40.06
CA PRO F 260 56.73 41.95 38.79
C PRO F 260 56.10 41.10 37.70
N TYR F 261 55.92 41.69 36.51
CA TYR F 261 55.27 40.99 35.40
C TYR F 261 56.28 40.55 34.37
N TRP F 262 56.37 39.26 34.15
CA TRP F 262 57.18 38.71 33.09
C TRP F 262 56.42 37.54 32.49
N ARG F 263 56.27 37.50 31.17
CA ARG F 263 55.60 36.37 30.52
C ARG F 263 56.37 35.84 29.31
N ASP F 264 56.38 34.52 29.18
CA ASP F 264 57.05 33.84 28.10
C ASP F 264 56.13 33.60 26.90
N VAL F 265 54.83 33.48 27.17
CA VAL F 265 53.80 33.03 26.21
C VAL F 265 54.30 31.99 25.20
N GLY F 266 54.95 30.94 25.70
CA GLY F 266 55.57 29.94 24.83
C GLY F 266 54.65 28.87 24.27
N THR F 267 53.46 28.72 24.86
CA THR F 267 52.49 27.74 24.42
C THR F 267 51.17 28.44 24.16
N ILE F 268 50.28 27.78 23.42
CA ILE F 268 49.03 28.41 23.01
C ILE F 268 48.18 28.81 24.20
N ASP F 269 48.18 28.01 25.25
CA ASP F 269 47.39 28.36 26.42
C ASP F 269 47.96 29.58 27.14
N ALA F 270 49.28 29.65 27.27
CA ALA F 270 49.93 30.76 27.96
C ALA F 270 49.73 32.07 27.21
N TYR F 271 49.78 32.00 25.90
CA TYR F 271 49.53 33.16 25.05
C TYR F 271 48.09 33.63 25.16
N TRP F 272 47.15 32.69 25.11
CA TRP F 272 45.75 33.04 25.23
C TRP F 272 45.48 33.67 26.61
N GLN F 273 45.98 33.03 27.67
CA GLN F 273 45.82 33.52 29.03
C GLN F 273 46.41 34.91 29.24
N ALA F 274 47.60 35.14 28.71
CA ALA F 274 48.28 36.43 28.89
C ALA F 274 47.47 37.58 28.31
N ASN F 275 46.89 37.35 27.13
CA ASN F 275 46.04 38.34 26.47
C ASN F 275 44.70 38.50 27.15
N ILE F 276 44.06 37.38 27.47
CA ILE F 276 42.74 37.43 28.03
C ILE F 276 42.80 38.09 29.42
N ASP F 277 43.92 37.94 30.11
CA ASP F 277 44.09 38.55 31.43
C ASP F 277 44.01 40.07 31.37
N LEU F 278 44.23 40.63 30.18
CA LEU F 278 44.14 42.08 30.02
C LEU F 278 42.69 42.56 30.06
N THR F 279 41.74 41.63 29.99
CA THR F 279 40.33 41.99 30.07
C THR F 279 39.85 42.08 31.53
N ASP F 280 40.71 41.67 32.47
CA ASP F 280 40.39 41.71 33.91
C ASP F 280 40.05 43.11 34.42
N VAL F 281 39.26 43.16 35.50
CA VAL F 281 39.03 44.41 36.20
C VAL F 281 40.33 44.99 36.73
N VAL F 282 41.15 44.15 37.35
CA VAL F 282 42.46 44.56 37.81
C VAL F 282 43.55 43.74 37.11
N PRO F 283 43.90 44.14 35.88
CA PRO F 283 44.85 43.31 35.12
C PRO F 283 46.23 43.23 35.79
N ASP F 284 46.90 42.08 35.62
CA ASP F 284 48.27 41.92 36.07
C ASP F 284 49.21 42.90 35.37
N LEU F 285 48.95 43.14 34.09
CA LEU F 285 49.75 44.07 33.31
C LEU F 285 48.99 45.39 33.15
N ASP F 286 49.66 46.48 33.49
CA ASP F 286 49.03 47.80 33.43
C ASP F 286 49.33 48.46 32.10
N ILE F 287 48.50 48.22 31.09
CA ILE F 287 48.78 48.76 29.76
C ILE F 287 48.46 50.24 29.67
N TYR F 288 48.31 50.90 30.82
CA TYR F 288 48.01 52.32 30.89
C TYR F 288 49.11 53.09 31.63
N ASP F 289 50.17 52.40 32.02
CA ASP F 289 51.29 53.06 32.65
C ASP F 289 52.00 53.95 31.63
N LYS F 290 51.85 55.27 31.78
CA LYS F 290 52.45 56.21 30.84
C LYS F 290 53.88 56.54 31.23
N SER F 291 54.30 56.04 32.38
CA SER F 291 55.64 56.35 32.86
C SER F 291 56.65 55.43 32.18
N TRP F 292 56.19 54.27 31.70
CA TRP F 292 57.08 53.35 30.99
C TRP F 292 56.36 52.83 29.77
N PRO F 293 56.18 53.70 28.77
CA PRO F 293 55.30 53.43 27.64
C PRO F 293 55.93 52.45 26.66
N ILE F 294 55.06 51.69 25.98
CA ILE F 294 55.48 50.70 25.03
C ILE F 294 55.21 51.24 23.63
N TRP F 295 56.29 51.56 22.92
CA TRP F 295 56.17 52.06 21.55
C TRP F 295 55.98 50.89 20.59
N THR F 296 55.31 51.14 19.46
CA THR F 296 55.12 50.09 18.47
C THR F 296 54.78 50.73 17.12
N TYR F 297 54.57 49.91 16.09
CA TYR F 297 54.04 50.46 14.85
C TYR F 297 52.52 50.58 14.95
N ALA F 298 52.03 51.80 14.76
CA ALA F 298 50.59 52.02 14.75
C ALA F 298 50.28 53.01 13.66
N GLU F 299 49.11 52.85 13.06
CA GLU F 299 48.65 53.82 12.08
C GLU F 299 47.44 54.56 12.62
N ILE F 300 47.12 55.67 11.97
CA ILE F 300 45.88 56.36 12.25
C ILE F 300 44.73 55.48 11.78
N THR F 301 43.85 55.10 12.70
CA THR F 301 42.70 54.31 12.31
C THR F 301 41.44 54.98 12.83
N PRO F 302 40.29 54.61 12.27
CA PRO F 302 39.04 55.10 12.85
C PRO F 302 38.81 54.54 14.27
N PRO F 303 37.92 55.18 15.03
CA PRO F 303 37.58 54.64 16.35
C PRO F 303 36.79 53.33 16.24
N ALA F 304 36.55 52.67 17.37
CA ALA F 304 35.78 51.43 17.37
C ALA F 304 34.29 51.73 17.32
N LYS F 305 33.54 50.94 16.55
CA LYS F 305 32.13 51.25 16.29
C LYS F 305 31.22 50.11 16.71
N PHE F 306 30.15 50.46 17.41
CA PHE F 306 29.16 49.50 17.87
C PHE F 306 27.80 49.84 17.29
N VAL F 307 27.15 48.86 16.68
CA VAL F 307 25.92 49.11 15.95
C VAL F 307 24.88 48.00 16.18
N HIS F 308 23.60 48.38 16.14
CA HIS F 308 22.41 47.53 16.32
C HIS F 308 22.10 47.24 17.77
N ASP F 309 20.84 47.36 18.12
CA ASP F 309 20.40 47.12 19.48
C ASP F 309 18.90 46.80 19.51
N ASP F 310 18.57 45.56 19.19
CA ASP F 310 17.16 45.20 19.19
C ASP F 310 16.94 43.87 19.90
N GLU F 311 15.74 43.33 19.73
CA GLU F 311 15.32 42.15 20.44
C GLU F 311 16.27 40.96 20.29
N ASP F 312 16.93 40.87 19.12
CA ASP F 312 17.69 39.67 18.82
C ASP F 312 19.16 39.89 18.53
N ARG F 313 19.60 41.14 18.39
CA ARG F 313 21.01 41.42 18.19
C ARG F 313 21.39 42.75 18.79
N ARG F 314 22.57 42.78 19.40
CA ARG F 314 23.06 43.98 20.05
C ARG F 314 24.57 43.99 19.93
N GLY F 315 25.08 44.86 19.07
CA GLY F 315 26.51 45.02 18.91
C GLY F 315 27.09 45.73 20.12
N SER F 316 27.77 44.97 20.97
CA SER F 316 28.45 45.55 22.11
C SER F 316 29.47 44.61 22.69
N ALA F 317 30.37 45.16 23.49
CA ALA F 317 31.43 44.39 24.11
C ALA F 317 31.35 44.57 25.61
N VAL F 318 31.38 43.46 26.33
CA VAL F 318 31.35 43.45 27.76
C VAL F 318 32.61 42.75 28.25
N SER F 319 33.22 43.28 29.31
CA SER F 319 34.46 42.72 29.87
C SER F 319 35.47 42.48 28.78
N SER F 320 35.62 43.45 27.88
CA SER F 320 36.41 43.28 26.67
C SER F 320 37.33 44.46 26.41
N VAL F 321 38.32 44.22 25.57
CA VAL F 321 39.27 45.22 25.13
C VAL F 321 39.18 45.29 23.60
N VAL F 322 38.95 46.47 23.05
CA VAL F 322 38.65 46.59 21.61
C VAL F 322 39.49 47.69 20.98
N SER F 323 40.28 47.34 19.97
CA SER F 323 41.13 48.33 19.31
C SER F 323 40.39 49.14 18.26
N GLY F 324 41.13 49.98 17.54
CA GLY F 324 40.53 50.83 16.53
C GLY F 324 40.20 50.08 15.27
N ASP F 325 39.44 50.73 14.39
CA ASP F 325 39.06 50.16 13.11
C ASP F 325 38.27 48.85 13.28
N CYS F 326 37.72 48.64 14.47
CA CYS F 326 36.85 47.49 14.74
C CYS F 326 35.41 47.89 14.58
N ILE F 327 34.64 47.13 13.81
CA ILE F 327 33.21 47.39 13.74
C ILE F 327 32.46 46.19 14.27
N ILE F 328 31.78 46.40 15.39
CA ILE F 328 31.05 45.34 16.06
C ILE F 328 29.57 45.50 15.72
N SER F 329 29.17 44.86 14.63
CA SER F 329 27.86 45.08 14.03
C SER F 329 26.88 43.99 14.39
N GLY F 330 26.14 44.18 15.48
CA GLY F 330 25.15 43.20 15.88
C GLY F 330 25.76 41.98 16.53
N ALA F 331 27.05 42.10 16.88
CA ALA F 331 27.79 41.01 17.51
C ALA F 331 27.97 41.23 19.01
N ALA F 332 27.78 40.19 19.80
CA ALA F 332 27.95 40.26 21.24
C ALA F 332 29.30 39.67 21.65
N LEU F 333 30.15 40.51 22.23
CA LEU F 333 31.47 40.06 22.70
C LEU F 333 31.56 40.06 24.22
N ASN F 334 32.14 39.01 24.78
CA ASN F 334 32.38 38.94 26.22
C ASN F 334 33.73 38.34 26.52
N ARG F 335 34.46 39.00 27.42
CA ARG F 335 35.78 38.53 27.85
C ARG F 335 36.66 38.23 26.65
N SER F 336 36.73 39.19 25.74
CA SER F 336 37.49 39.02 24.52
C SER F 336 38.38 40.22 24.26
N LEU F 337 39.50 39.98 23.59
CA LEU F 337 40.41 41.05 23.24
C LEU F 337 40.52 41.09 21.72
N LEU F 338 40.25 42.24 21.13
CA LEU F 338 40.27 42.38 19.67
C LEU F 338 41.35 43.37 19.24
N PHE F 339 42.28 42.90 18.42
CA PHE F 339 43.28 43.75 17.80
C PHE F 339 42.66 44.59 16.69
N THR F 340 43.47 45.40 16.04
CA THR F 340 42.97 46.39 15.09
C THR F 340 42.21 45.80 13.90
N GLY F 341 41.09 46.43 13.53
CA GLY F 341 40.44 46.12 12.26
C GLY F 341 39.56 44.89 12.19
N VAL F 342 39.09 44.39 13.33
CA VAL F 342 38.17 43.26 13.35
C VAL F 342 36.76 43.67 12.96
N ARG F 343 36.15 42.89 12.10
CA ARG F 343 34.76 43.05 11.73
C ARG F 343 33.98 41.85 12.26
N ALA F 344 33.03 42.11 13.14
CA ALA F 344 32.21 41.05 13.71
C ALA F 344 30.80 41.35 13.33
N ASN F 345 30.13 40.41 12.66
CA ASN F 345 28.85 40.72 12.05
C ASN F 345 27.64 40.19 12.81
N SER F 346 26.44 40.52 12.34
CA SER F 346 25.20 40.36 13.10
C SER F 346 24.96 38.94 13.58
N TYR F 347 24.49 38.82 14.82
CA TYR F 347 24.11 37.57 15.44
C TYR F 347 25.30 36.68 15.77
N SER F 348 26.52 37.17 15.58
CA SER F 348 27.68 36.39 16.01
C SER F 348 27.93 36.62 17.50
N ARG F 349 28.65 35.68 18.12
CA ARG F 349 28.95 35.76 19.54
C ARG F 349 30.36 35.27 19.83
N LEU F 350 31.17 36.13 20.42
CA LEU F 350 32.52 35.77 20.83
C LEU F 350 32.60 35.72 22.33
N GLU F 351 33.26 34.69 22.85
CA GLU F 351 33.52 34.66 24.28
C GLU F 351 34.91 34.09 24.51
N ASN F 352 35.65 34.70 25.42
CA ASN F 352 36.97 34.20 25.77
C ASN F 352 37.81 34.09 24.51
N ALA F 353 37.76 35.15 23.71
CA ALA F 353 38.30 35.12 22.37
C ALA F 353 39.42 36.13 22.18
N VAL F 354 40.57 35.66 21.74
CA VAL F 354 41.67 36.53 21.39
C VAL F 354 41.70 36.67 19.88
N VAL F 355 41.36 37.84 19.37
CA VAL F 355 41.14 38.02 17.93
C VAL F 355 42.19 38.96 17.30
N LEU F 356 43.14 38.37 16.58
CA LEU F 356 44.27 39.10 15.99
C LEU F 356 43.80 40.05 14.88
N PRO F 357 44.71 40.91 14.35
CA PRO F 357 44.21 41.96 13.45
C PRO F 357 43.51 41.47 12.18
N SER F 358 42.52 42.25 11.74
CA SER F 358 41.86 42.07 10.46
C SER F 358 41.08 40.77 10.32
N VAL F 359 40.50 40.28 11.41
CA VAL F 359 39.66 39.10 11.35
C VAL F 359 38.23 39.50 11.02
N LYS F 360 37.54 38.70 10.21
CA LYS F 360 36.12 38.88 9.95
C LYS F 360 35.32 37.74 10.58
N ILE F 361 34.32 38.07 11.38
CA ILE F 361 33.45 37.05 11.93
C ILE F 361 32.09 37.09 11.22
N GLY F 362 31.75 36.01 10.52
CA GLY F 362 30.50 35.98 9.78
C GLY F 362 29.28 35.90 10.68
N ARG F 363 28.12 36.31 10.14
CA ARG F 363 26.88 36.26 10.89
C ARG F 363 26.65 34.89 11.51
N HIS F 364 26.01 34.88 12.67
CA HIS F 364 25.59 33.67 13.36
C HIS F 364 26.74 32.77 13.81
N ALA F 365 27.97 33.24 13.65
CA ALA F 365 29.10 32.48 14.15
C ALA F 365 29.08 32.53 15.66
N GLN F 366 29.48 31.45 16.31
CA GLN F 366 29.58 31.46 17.76
C GLN F 366 30.87 30.79 18.18
N LEU F 367 31.78 31.59 18.73
CA LEU F 367 33.10 31.10 19.06
C LEU F 367 33.41 31.31 20.54
N SER F 368 33.95 30.27 21.18
CA SER F 368 34.30 30.32 22.59
C SER F 368 35.68 29.71 22.82
N ASN F 369 36.47 30.38 23.67
CA ASN F 369 37.81 29.93 24.05
C ASN F 369 38.73 29.68 22.86
N VAL F 370 39.01 30.76 22.14
CA VAL F 370 39.79 30.68 20.92
C VAL F 370 40.87 31.76 20.83
N VAL F 371 41.88 31.45 20.02
CA VAL F 371 42.79 32.44 19.48
C VAL F 371 42.62 32.40 17.96
N ILE F 372 42.16 33.48 17.36
CA ILE F 372 41.98 33.53 15.91
C ILE F 372 43.12 34.27 15.25
N ASP F 373 43.84 33.61 14.34
CA ASP F 373 45.02 34.16 13.67
C ASP F 373 44.73 35.42 12.82
N HIS F 374 45.77 36.19 12.53
CA HIS F 374 45.64 37.41 11.75
C HIS F 374 44.95 37.19 10.41
N GLY F 375 43.95 38.01 10.10
CA GLY F 375 43.35 38.02 8.77
C GLY F 375 42.34 36.94 8.46
N VAL F 376 42.06 36.08 9.43
CA VAL F 376 41.15 34.96 9.22
C VAL F 376 39.73 35.43 8.89
N VAL F 377 39.09 34.76 7.94
CA VAL F 377 37.66 34.95 7.74
C VAL F 377 36.91 33.76 8.33
N ILE F 378 36.17 34.00 9.42
CA ILE F 378 35.32 32.99 10.01
C ILE F 378 34.01 32.90 9.23
N PRO F 379 33.72 31.74 8.63
CA PRO F 379 32.49 31.61 7.85
C PRO F 379 31.24 31.77 8.69
N GLU F 380 30.16 32.23 8.07
CA GLU F 380 28.91 32.45 8.78
C GLU F 380 28.43 31.17 9.46
N GLY F 381 27.92 31.29 10.68
CA GLY F 381 27.35 30.15 11.38
C GLY F 381 28.31 29.16 12.01
N LEU F 382 29.62 29.38 11.86
CA LEU F 382 30.59 28.47 12.48
C LEU F 382 30.42 28.43 14.00
N ILE F 383 30.38 27.22 14.56
CA ILE F 383 30.37 27.05 16.01
C ILE F 383 31.67 26.45 16.49
N VAL F 384 32.33 27.15 17.41
CA VAL F 384 33.52 26.62 18.06
C VAL F 384 33.35 26.78 19.57
N GLY F 385 33.57 25.68 20.30
CA GLY F 385 33.42 25.72 21.74
C GLY F 385 32.22 24.93 22.27
N GLU F 386 31.46 24.32 21.38
CA GLU F 386 30.35 23.45 21.79
C GLU F 386 30.75 21.98 21.79
N ASP F 387 31.59 21.59 20.83
CA ASP F 387 31.89 20.18 20.58
C ASP F 387 33.40 19.93 20.59
N PRO F 388 33.93 19.51 21.75
CA PRO F 388 35.38 19.32 21.91
C PRO F 388 36.04 18.38 20.90
N GLU F 389 35.36 17.31 20.49
CA GLU F 389 36.00 16.37 19.57
C GLU F 389 36.00 16.89 18.13
N LEU F 390 34.92 17.57 17.75
CA LEU F 390 34.83 18.15 16.42
C LEU F 390 35.84 19.29 16.25
N ASP F 391 35.85 20.20 17.22
CA ASP F 391 36.79 21.32 17.22
C ASP F 391 38.21 20.81 17.08
N ALA F 392 38.50 19.69 17.75
CA ALA F 392 39.84 19.12 17.78
C ALA F 392 40.23 18.49 16.45
N LYS F 393 39.25 18.00 15.69
CA LYS F 393 39.52 17.50 14.35
C LYS F 393 39.68 18.66 13.37
N ARG F 394 38.95 19.76 13.60
CA ARG F 394 38.96 20.90 12.69
C ARG F 394 40.09 21.88 12.96
N PHE F 395 40.37 22.14 14.24
CA PHE F 395 41.32 23.16 14.61
C PHE F 395 42.42 22.64 15.53
N ARG F 396 43.36 23.51 15.88
CA ARG F 396 44.38 23.17 16.88
C ARG F 396 43.81 23.36 18.28
N ARG F 397 43.61 22.29 19.03
CA ARG F 397 42.97 22.43 20.34
C ARG F 397 43.88 21.98 21.51
N THR F 398 44.09 22.89 22.47
CA THR F 398 44.84 22.55 23.67
C THR F 398 43.96 21.66 24.54
N GLU F 399 44.55 20.89 25.46
CA GLU F 399 43.74 20.01 26.28
C GLU F 399 42.88 20.82 27.25
N SER F 400 43.28 22.06 27.50
CA SER F 400 42.48 22.95 28.34
C SER F 400 41.35 23.60 27.55
N GLY F 401 41.22 23.22 26.28
CA GLY F 401 40.08 23.64 25.48
C GLY F 401 40.22 24.85 24.56
N ILE F 402 41.40 25.44 24.49
CA ILE F 402 41.63 26.59 23.60
C ILE F 402 41.87 26.14 22.16
N CYS F 403 41.08 26.66 21.23
CA CYS F 403 41.32 26.39 19.82
C CYS F 403 42.08 27.51 19.11
N LEU F 404 43.23 27.19 18.51
CA LEU F 404 43.89 28.10 17.59
C LEU F 404 43.30 27.93 16.18
N ILE F 405 42.74 29.00 15.65
CA ILE F 405 42.09 28.96 14.34
C ILE F 405 42.89 29.73 13.28
N THR F 406 43.23 29.04 12.20
CA THR F 406 43.93 29.69 11.09
C THR F 406 43.15 29.52 9.81
N GLN F 407 43.42 30.40 8.84
CA GLN F 407 42.72 30.39 7.58
C GLN F 407 42.90 29.06 6.86
N SER F 408 44.10 28.50 6.96
CA SER F 408 44.38 27.18 6.41
C SER F 408 43.39 26.13 6.94
N MET F 409 43.18 26.11 8.26
CA MET F 409 42.23 25.17 8.87
C MET F 409 40.82 25.40 8.38
N ILE F 410 40.42 26.67 8.26
CA ILE F 410 39.10 27.04 7.77
C ILE F 410 38.89 26.63 6.31
N ASP F 411 39.95 26.74 5.51
CA ASP F 411 39.87 26.40 4.09
C ASP F 411 39.55 24.93 3.88
N LYS F 412 40.09 24.10 4.77
CA LYS F 412 39.86 22.66 4.77
C LYS F 412 38.46 22.28 5.25
N LEU F 413 37.57 23.24 5.42
CA LEU F 413 36.37 22.97 6.21
C LEU F 413 35.06 22.76 5.48
N ASP F 414 34.28 21.87 6.10
CA ASP F 414 32.85 22.06 6.27
C ASP F 414 32.38 20.96 7.25
N LEU F 415 33.37 20.26 7.82
CA LEU F 415 33.20 19.50 9.07
C LEU F 415 34.57 19.32 9.68
N VAL G 1 72.44 -10.03 -46.36
CA VAL G 1 72.92 -11.30 -45.86
C VAL G 1 73.29 -11.25 -44.38
N GLN G 2 74.13 -10.27 -44.02
CA GLN G 2 74.56 -10.09 -42.63
C GLN G 2 73.43 -9.57 -41.74
N PRO G 3 73.30 -10.15 -40.54
CA PRO G 3 72.31 -9.66 -39.57
C PRO G 3 72.62 -8.24 -39.12
N LEU G 4 71.60 -7.41 -39.00
CA LEU G 4 71.78 -6.01 -38.65
C LEU G 4 72.13 -5.80 -37.17
N ALA G 5 71.77 -6.76 -36.33
CA ALA G 5 72.03 -6.65 -34.90
C ALA G 5 73.54 -6.52 -34.61
N ARG G 6 74.37 -7.08 -35.49
CA ARG G 6 75.81 -6.93 -35.39
C ARG G 6 76.24 -5.47 -35.34
N ASP G 7 75.44 -4.61 -35.95
CA ASP G 7 75.81 -3.22 -36.15
C ASP G 7 75.05 -2.29 -35.20
N ALA G 8 74.43 -2.85 -34.17
CA ALA G 8 73.57 -2.05 -33.31
C ALA G 8 73.97 -2.08 -31.85
N MET G 9 73.61 -0.99 -31.16
CA MET G 9 73.74 -0.91 -29.71
C MET G 9 72.36 -0.76 -29.09
N ALA G 10 72.10 -1.46 -27.99
CA ALA G 10 70.88 -1.23 -27.23
C ALA G 10 71.15 -0.22 -26.13
N TYR G 11 70.26 0.74 -25.98
CA TYR G 11 70.43 1.75 -24.97
C TYR G 11 69.18 1.77 -24.10
N VAL G 12 69.30 1.27 -22.89
CA VAL G 12 68.15 1.02 -22.03
C VAL G 12 67.90 2.16 -21.04
N LEU G 13 66.74 2.79 -21.15
CA LEU G 13 66.36 3.82 -20.20
C LEU G 13 65.81 3.16 -18.95
N ALA G 14 66.57 3.22 -17.87
CA ALA G 14 66.25 2.46 -16.67
C ALA G 14 66.08 3.38 -15.48
N GLY G 15 65.47 4.55 -15.71
CA GLY G 15 65.29 5.53 -14.66
C GLY G 15 63.87 5.65 -14.13
N GLY G 16 62.98 4.78 -14.59
CA GLY G 16 61.59 4.79 -14.16
C GLY G 16 61.46 4.69 -12.65
N ARG G 17 60.60 5.52 -12.08
CA ARG G 17 60.52 5.59 -10.62
C ARG G 17 59.42 4.70 -10.07
N GLY G 18 58.45 4.35 -10.91
CA GLY G 18 57.34 3.52 -10.48
C GLY G 18 56.64 4.12 -9.25
N SER G 19 56.36 5.41 -9.33
CA SER G 19 55.75 6.13 -8.21
C SER G 19 54.41 5.52 -7.76
N ARG G 20 53.60 5.05 -8.71
CA ARG G 20 52.34 4.39 -8.37
C ARG G 20 52.53 3.02 -7.69
N LEU G 21 53.77 2.54 -7.62
CA LEU G 21 54.06 1.28 -6.94
C LEU G 21 54.34 1.55 -5.45
N LYS G 22 54.35 2.83 -5.11
CA LYS G 22 54.40 3.28 -3.71
C LYS G 22 55.63 2.76 -2.98
N GLU G 23 55.44 2.00 -1.91
CA GLU G 23 56.57 1.63 -1.08
C GLU G 23 57.48 0.58 -1.73
N LEU G 24 56.97 -0.12 -2.73
CA LEU G 24 57.75 -1.12 -3.44
C LEU G 24 58.94 -0.50 -4.19
N THR G 25 58.83 0.80 -4.49
CA THR G 25 59.92 1.51 -5.16
C THR G 25 60.46 2.70 -4.36
N ASP G 26 60.28 2.67 -3.04
CA ASP G 26 60.77 3.75 -2.20
C ASP G 26 62.30 3.71 -2.09
N ARG G 27 62.88 2.52 -2.26
CA ARG G 27 64.33 2.37 -2.14
C ARG G 27 64.98 1.69 -3.37
N ARG G 28 64.21 1.48 -4.44
CA ARG G 28 64.73 0.88 -5.66
C ARG G 28 63.98 1.46 -6.85
N ALA G 29 64.62 1.50 -8.02
CA ALA G 29 63.96 1.98 -9.23
C ALA G 29 63.03 0.90 -9.78
N LYS G 30 62.07 1.29 -10.60
CA LYS G 30 61.13 0.30 -11.14
C LYS G 30 61.81 -0.83 -11.94
N PRO G 31 62.86 -0.53 -12.74
CA PRO G 31 63.57 -1.67 -13.36
C PRO G 31 64.15 -2.69 -12.37
N ALA G 32 64.45 -2.26 -11.15
CA ALA G 32 65.01 -3.17 -10.14
C ALA G 32 63.95 -4.04 -9.45
N VAL G 33 62.68 -3.75 -9.71
CA VAL G 33 61.62 -4.52 -9.08
C VAL G 33 61.63 -6.00 -9.53
N TYR G 34 61.63 -6.88 -8.54
CA TYR G 34 61.55 -8.32 -8.74
C TYR G 34 60.32 -8.78 -9.49
N PHE G 35 60.49 -9.72 -10.41
CA PHE G 35 59.34 -10.29 -11.08
C PHE G 35 59.52 -11.77 -11.40
N GLY G 36 58.52 -12.57 -11.06
CA GLY G 36 58.43 -13.90 -11.59
C GLY G 36 59.11 -14.99 -10.79
N GLY G 37 59.71 -14.62 -9.68
CA GLY G 37 60.33 -15.60 -8.81
C GLY G 37 61.86 -15.56 -8.78
N LYS G 38 62.48 -15.14 -9.88
CA LYS G 38 63.94 -15.09 -9.90
C LYS G 38 64.51 -13.80 -10.50
N ALA G 39 63.86 -13.24 -11.53
CA ALA G 39 64.42 -12.11 -12.25
C ALA G 39 64.00 -10.76 -11.69
N ARG G 40 64.48 -9.70 -12.34
CA ARG G 40 63.96 -8.36 -12.10
C ARG G 40 63.45 -7.86 -13.45
N ILE G 41 62.66 -6.78 -13.44
CA ILE G 41 62.03 -6.31 -14.66
C ILE G 41 63.06 -5.92 -15.74
N ILE G 42 64.18 -5.32 -15.32
CA ILE G 42 65.20 -4.89 -16.28
C ILE G 42 65.72 -6.05 -17.14
N ASP G 43 65.66 -7.27 -16.62
CA ASP G 43 66.23 -8.42 -17.30
C ASP G 43 65.52 -8.76 -18.60
N PHE G 44 64.31 -8.25 -18.81
CA PHE G 44 63.59 -8.58 -20.03
C PHE G 44 64.11 -7.80 -21.23
N ALA G 45 64.20 -6.48 -21.13
CA ALA G 45 64.82 -5.70 -22.20
C ALA G 45 66.26 -6.16 -22.46
N LEU G 46 67.04 -6.39 -21.42
CA LEU G 46 68.42 -6.83 -21.61
C LEU G 46 68.51 -8.16 -22.33
N SER G 47 67.68 -9.12 -21.91
CA SER G 47 67.69 -10.44 -22.52
C SER G 47 67.17 -10.36 -23.95
N ASN G 48 66.18 -9.50 -24.19
CA ASN G 48 65.70 -9.25 -25.57
C ASN G 48 66.85 -8.78 -26.46
N ALA G 49 67.67 -7.87 -25.96
CA ALA G 49 68.83 -7.37 -26.71
C ALA G 49 69.83 -8.49 -27.01
N LEU G 50 70.15 -9.28 -25.99
CA LEU G 50 71.11 -10.37 -26.12
C LEU G 50 70.61 -11.43 -27.10
N ASN G 51 69.35 -11.83 -26.94
CA ASN G 51 68.77 -12.85 -27.81
C ASN G 51 68.60 -12.37 -29.24
N SER G 52 68.41 -11.07 -29.44
CA SER G 52 68.31 -10.51 -30.77
C SER G 52 69.68 -10.40 -31.46
N GLY G 53 70.72 -10.75 -30.73
CA GLY G 53 72.08 -10.67 -31.26
C GLY G 53 72.76 -9.33 -31.09
N ILE G 54 72.18 -8.43 -30.30
CA ILE G 54 72.82 -7.16 -29.99
C ILE G 54 73.77 -7.41 -28.82
N ARG G 55 75.05 -7.11 -29.01
CA ARG G 55 76.02 -7.36 -27.94
C ARG G 55 76.74 -6.10 -27.47
N ARG G 56 76.23 -4.93 -27.85
CA ARG G 56 76.61 -3.70 -27.17
C ARG G 56 75.42 -3.09 -26.42
N ILE G 57 75.52 -3.01 -25.10
CA ILE G 57 74.40 -2.54 -24.31
C ILE G 57 74.82 -1.42 -23.35
N GLY G 58 74.08 -0.32 -23.37
CA GLY G 58 74.26 0.75 -22.41
C GLY G 58 73.01 0.90 -21.55
N VAL G 59 73.17 1.09 -20.25
CA VAL G 59 72.03 1.25 -19.35
C VAL G 59 72.19 2.52 -18.53
N ALA G 60 71.32 3.50 -18.78
CA ALA G 60 71.37 4.77 -18.06
C ALA G 60 70.37 4.76 -16.93
N THR G 61 70.85 5.03 -15.73
CA THR G 61 69.98 5.03 -14.57
C THR G 61 69.85 6.43 -14.01
N GLN G 62 68.92 6.58 -13.07
CA GLN G 62 68.66 7.87 -12.49
C GLN G 62 68.44 7.73 -10.98
N TYR G 63 67.18 7.76 -10.55
CA TYR G 63 66.86 7.77 -9.12
C TYR G 63 66.95 6.38 -8.47
N LYS G 64 67.32 6.37 -7.19
CA LYS G 64 67.40 5.16 -6.37
C LYS G 64 68.00 3.96 -7.09
N ALA G 65 69.21 4.15 -7.62
CA ALA G 65 69.80 3.20 -8.55
C ALA G 65 70.74 2.16 -7.94
N HIS G 66 71.06 2.26 -6.64
CA HIS G 66 72.10 1.38 -6.06
C HIS G 66 71.82 -0.10 -6.29
N SER G 67 70.63 -0.58 -5.93
CA SER G 67 70.37 -2.00 -6.02
C SER G 67 70.31 -2.42 -7.49
N LEU G 68 69.84 -1.52 -8.35
CA LEU G 68 69.83 -1.79 -9.78
C LEU G 68 71.25 -1.95 -10.31
N ILE G 69 72.13 -1.01 -10.00
CA ILE G 69 73.47 -1.07 -10.54
C ILE G 69 74.21 -2.27 -9.96
N ARG G 70 73.98 -2.55 -8.69
CA ARG G 70 74.51 -3.77 -8.08
C ARG G 70 74.09 -5.01 -8.86
N HIS G 71 72.80 -5.11 -9.14
CA HIS G 71 72.28 -6.22 -9.93
C HIS G 71 72.95 -6.34 -11.31
N LEU G 72 73.13 -5.22 -12.00
CA LEU G 72 73.75 -5.23 -13.32
C LEU G 72 75.22 -5.61 -13.23
N GLN G 73 75.93 -5.09 -12.24
CA GLN G 73 77.34 -5.44 -12.02
C GLN G 73 77.53 -6.95 -11.82
N ARG G 74 76.63 -7.57 -11.07
CA ARG G 74 76.77 -8.98 -10.71
C ARG G 74 76.17 -9.95 -11.74
N GLY G 75 75.07 -9.56 -12.35
CA GLY G 75 74.41 -10.45 -13.31
C GLY G 75 74.79 -10.28 -14.77
N TRP G 76 75.09 -9.08 -15.20
CA TRP G 76 75.40 -8.80 -16.60
C TRP G 76 76.88 -8.50 -16.76
N ASP G 77 77.70 -9.46 -16.33
CA ASP G 77 79.14 -9.27 -16.17
C ASP G 77 79.95 -10.07 -17.18
N PHE G 78 79.32 -10.48 -18.27
CA PHE G 78 79.95 -11.47 -19.13
C PHE G 78 80.29 -10.95 -20.55
N PHE G 79 80.16 -9.66 -20.78
CA PHE G 79 80.52 -9.06 -22.09
C PHE G 79 82.01 -8.72 -22.10
N ARG G 80 82.70 -8.99 -23.20
CA ARG G 80 84.12 -8.68 -23.31
C ARG G 80 84.38 -7.81 -24.53
N PRO G 81 84.90 -6.59 -24.32
CA PRO G 81 85.20 -5.65 -25.41
C PRO G 81 86.06 -6.21 -26.54
N GLU G 82 87.02 -7.08 -26.26
CA GLU G 82 87.87 -7.50 -27.36
C GLU G 82 87.09 -8.48 -28.26
N ARG G 83 85.92 -8.94 -27.82
CA ARG G 83 85.02 -9.70 -28.70
C ARG G 83 83.94 -8.80 -29.30
N ASN G 84 84.16 -7.48 -29.25
CA ASN G 84 83.19 -6.47 -29.70
C ASN G 84 81.86 -6.56 -28.97
N GLU G 85 81.95 -6.83 -27.67
CA GLU G 85 80.84 -6.80 -26.75
C GLU G 85 81.09 -5.72 -25.71
N SER G 86 80.03 -5.05 -25.27
CA SER G 86 80.19 -4.09 -24.20
C SER G 86 78.91 -3.96 -23.40
N PHE G 87 79.07 -3.77 -22.10
CA PHE G 87 77.95 -3.50 -21.23
C PHE G 87 78.33 -2.32 -20.35
N ASP G 88 77.77 -1.16 -20.66
CA ASP G 88 78.07 0.05 -19.90
C ASP G 88 76.91 0.49 -19.02
N ILE G 89 77.15 0.57 -17.72
CA ILE G 89 76.15 1.07 -16.78
C ILE G 89 76.41 2.55 -16.55
N LEU G 90 75.41 3.39 -16.79
CA LEU G 90 75.61 4.83 -16.89
C LEU G 90 74.69 5.65 -15.99
N ALA G 92 73.53 8.77 -13.73
CA ALA G 92 73.53 10.23 -13.70
C ALA G 92 74.91 10.81 -13.98
N SER G 93 75.45 11.35 -12.90
CA SER G 93 76.71 12.05 -12.88
C SER G 93 77.79 11.04 -12.59
N GLN G 94 78.41 10.56 -13.66
CA GLN G 94 79.63 9.76 -13.60
C GLN G 94 79.55 8.64 -12.59
N ARG G 95 78.49 7.84 -12.69
CA ARG G 95 78.28 6.71 -11.79
C ARG G 95 78.22 7.12 -10.32
N GLU G 98 76.10 13.87 -8.42
CA GLU G 98 75.86 15.30 -8.34
C GLU G 98 74.59 15.67 -9.11
N GLN G 100 74.73 15.78 -10.43
CA GLN G 100 73.63 16.19 -11.29
C GLN G 100 72.67 15.03 -11.54
N TRP G 101 71.77 15.24 -12.49
CA TRP G 101 70.81 14.23 -12.90
C TRP G 101 70.58 14.45 -14.39
N TYR G 102 70.16 13.43 -15.11
CA TYR G 102 69.80 13.64 -16.51
C TYR G 102 68.54 14.51 -16.58
N GLU G 103 68.49 15.40 -17.57
CA GLU G 103 67.35 16.30 -17.72
C GLU G 103 66.17 15.60 -18.37
N GLY G 104 66.39 14.40 -18.87
CA GLY G 104 65.36 13.64 -19.54
C GLY G 104 65.94 12.42 -20.22
N THR G 105 65.10 11.69 -20.94
CA THR G 105 65.55 10.44 -21.57
C THR G 105 66.43 10.73 -22.77
N ALA G 106 66.29 11.91 -23.37
CA ALA G 106 67.18 12.31 -24.43
C ALA G 106 68.49 12.86 -23.85
N ASP G 107 68.43 13.47 -22.67
CA ASP G 107 69.65 13.92 -22.02
C ASP G 107 70.48 12.71 -21.65
N ALA G 108 69.79 11.61 -21.38
CA ALA G 108 70.44 10.36 -21.03
C ALA G 108 71.33 9.83 -22.15
N VAL G 109 70.95 10.07 -23.40
CA VAL G 109 71.80 9.69 -24.52
C VAL G 109 72.84 10.78 -24.79
N TYR G 110 72.41 12.04 -24.81
CA TYR G 110 73.31 13.17 -25.07
C TYR G 110 74.52 13.23 -24.15
N GLN G 111 74.33 12.97 -22.86
CA GLN G 111 75.44 13.01 -21.91
C GLN G 111 76.43 11.88 -22.12
N ASN G 112 76.07 10.90 -22.93
CA ASN G 112 76.91 9.72 -23.13
C ASN G 112 77.32 9.49 -24.58
N ILE G 113 77.33 10.55 -25.37
CA ILE G 113 77.76 10.44 -26.76
C ILE G 113 79.21 9.94 -26.82
N ASP G 114 80.01 10.38 -25.86
CA ASP G 114 81.43 10.05 -25.81
C ASP G 114 81.68 8.59 -25.41
N ILE G 115 80.66 7.93 -24.91
CA ILE G 115 80.71 6.50 -24.64
C ILE G 115 80.28 5.75 -25.89
N ILE G 116 79.29 6.31 -26.59
CA ILE G 116 78.68 5.65 -27.74
C ILE G 116 79.52 5.75 -29.02
N GLU G 117 80.06 6.93 -29.29
CA GLU G 117 80.78 7.14 -30.55
C GLU G 117 82.02 6.25 -30.73
N PRO G 118 82.84 6.05 -29.66
CA PRO G 118 83.97 5.10 -29.81
C PRO G 118 83.62 3.71 -30.34
N TYR G 119 82.39 3.21 -30.13
CA TYR G 119 82.02 1.90 -30.67
C TYR G 119 81.50 2.00 -32.10
N ALA G 120 81.17 3.21 -32.52
CA ALA G 120 80.62 3.47 -33.85
C ALA G 120 79.51 2.53 -34.30
N PRO G 121 78.48 2.32 -33.46
CA PRO G 121 77.43 1.39 -33.92
C PRO G 121 76.65 1.98 -35.09
N GLU G 122 76.21 1.15 -36.02
CA GLU G 122 75.44 1.62 -37.17
C GLU G 122 74.03 2.06 -36.77
N TYR G 123 73.46 1.38 -35.77
CA TYR G 123 72.09 1.65 -35.35
C TYR G 123 72.01 1.73 -33.83
N MET G 124 71.08 2.55 -33.36
CA MET G 124 70.76 2.61 -31.94
C MET G 124 69.35 2.11 -31.70
N VAL G 125 69.19 1.17 -30.78
CA VAL G 125 67.87 0.70 -30.36
C VAL G 125 67.58 1.21 -28.96
N ILE G 126 66.74 2.24 -28.83
CA ILE G 126 66.43 2.80 -27.51
C ILE G 126 65.32 2.00 -26.83
N LEU G 127 65.54 1.59 -25.59
CA LEU G 127 64.62 0.68 -24.90
C LEU G 127 64.18 1.18 -23.53
N ALA G 128 62.89 1.03 -23.23
CA ALA G 128 62.40 1.25 -21.87
C ALA G 128 62.70 -0.01 -21.07
N GLY G 129 63.29 0.15 -19.89
CA GLY G 129 63.69 -1.01 -19.10
C GLY G 129 62.76 -1.35 -17.94
N ASP G 130 61.51 -0.91 -18.05
CA ASP G 130 60.55 -1.09 -16.96
C ASP G 130 59.29 -1.82 -17.43
N HIS G 131 59.40 -2.58 -18.51
CA HIS G 131 58.29 -3.40 -18.99
C HIS G 131 58.71 -4.86 -19.12
N ILE G 132 57.74 -5.75 -19.01
CA ILE G 132 57.98 -7.19 -19.14
C ILE G 132 57.43 -7.66 -20.48
N TYR G 133 58.31 -8.10 -21.38
CA TYR G 133 57.91 -8.50 -22.72
C TYR G 133 59.07 -9.21 -23.42
N LYS G 134 58.77 -9.97 -24.47
CA LYS G 134 59.78 -10.66 -25.28
C LYS G 134 59.66 -10.21 -26.74
N MET G 135 60.78 -9.80 -27.31
CA MET G 135 60.76 -9.18 -28.63
C MET G 135 62.11 -9.33 -29.34
N ASP G 136 62.06 -9.73 -30.60
CA ASP G 136 63.26 -9.90 -31.42
C ASP G 136 63.49 -8.59 -32.19
N TYR G 137 64.48 -7.80 -31.78
CA TYR G 137 64.63 -6.47 -32.37
C TYR G 137 65.19 -6.49 -33.80
N GLU G 138 65.59 -7.65 -34.29
CA GLU G 138 66.13 -7.71 -35.65
C GLU G 138 65.04 -7.41 -36.67
N TYR G 139 63.80 -7.79 -36.35
CA TYR G 139 62.67 -7.49 -37.21
C TYR G 139 62.49 -5.99 -37.33
N MET G 140 62.62 -5.33 -36.20
CA MET G 140 62.46 -3.89 -36.12
C MET G 140 63.62 -3.17 -36.82
N LEU G 141 64.82 -3.73 -36.73
CA LEU G 141 65.95 -3.18 -37.45
C LEU G 141 65.78 -3.40 -38.96
N GLN G 142 65.30 -4.58 -39.34
CA GLN G 142 65.10 -4.92 -40.75
C GLN G 142 64.02 -4.07 -41.39
N GLN G 143 63.06 -3.59 -40.59
CA GLN G 143 62.05 -2.66 -41.08
C GLN G 143 62.58 -1.23 -41.21
N HIS G 144 63.43 -0.82 -40.28
CA HIS G 144 63.91 0.56 -40.24
C HIS G 144 64.82 1.00 -41.41
N VAL G 145 65.72 0.12 -41.85
CA VAL G 145 66.58 0.49 -42.96
C VAL G 145 65.80 0.30 -44.26
N ASP G 146 64.88 -0.66 -44.27
CA ASP G 146 64.04 -0.88 -45.46
C ASP G 146 63.10 0.28 -45.69
N SER G 147 62.46 0.75 -44.63
CA SER G 147 61.50 1.82 -44.74
C SER G 147 62.18 3.15 -45.03
N GLY G 148 63.48 3.21 -44.78
CA GLY G 148 64.19 4.47 -44.90
C GLY G 148 63.69 5.52 -43.93
N ALA G 149 63.10 5.08 -42.83
CA ALA G 149 62.55 6.00 -41.84
C ALA G 149 63.66 6.67 -41.05
N ASP G 150 63.35 7.81 -40.45
CA ASP G 150 64.29 8.45 -39.53
C ASP G 150 64.19 7.82 -38.14
N VAL G 151 62.98 7.40 -37.77
CA VAL G 151 62.78 6.63 -36.54
C VAL G 151 61.67 5.61 -36.73
N THR G 152 61.93 4.39 -36.29
CA THR G 152 60.91 3.35 -36.26
C THR G 152 60.47 3.20 -34.80
N ILE G 153 59.17 3.23 -34.56
CA ILE G 153 58.66 3.26 -33.19
C ILE G 153 57.88 1.99 -32.90
N GLY G 154 58.20 1.35 -31.79
CA GLY G 154 57.48 0.14 -31.42
C GLY G 154 56.15 0.47 -30.78
N CYS G 155 55.10 -0.16 -31.27
CA CYS G 155 53.75 0.19 -30.82
C CYS G 155 52.91 -1.05 -30.53
N LEU G 156 52.13 -0.99 -29.46
CA LEU G 156 51.15 -2.03 -29.18
C LEU G 156 49.88 -1.74 -29.93
N GLU G 157 49.24 -2.78 -30.47
CA GLU G 157 47.91 -2.59 -31.06
C GLU G 157 46.87 -2.92 -29.99
N VAL G 158 46.33 -1.90 -29.35
CA VAL G 158 45.41 -2.09 -28.24
C VAL G 158 44.03 -1.51 -28.56
N PRO G 159 42.97 -2.09 -27.96
CA PRO G 159 41.62 -1.53 -28.14
C PRO G 159 41.58 -0.09 -27.66
N ARG G 160 40.83 0.77 -28.34
CA ARG G 160 40.93 2.20 -28.10
C ARG G 160 40.54 2.61 -26.68
N MET G 161 39.66 1.85 -26.03
CA MET G 161 39.42 2.06 -24.59
C MET G 161 40.71 1.98 -23.78
N GLU G 162 41.50 0.94 -24.01
CA GLU G 162 42.76 0.73 -23.31
C GLU G 162 43.79 1.81 -23.67
N ALA G 163 43.66 2.36 -24.87
CA ALA G 163 44.69 3.23 -25.41
C ALA G 163 44.74 4.57 -24.68
N THR G 164 43.75 4.84 -23.85
CA THR G 164 43.61 6.16 -23.24
C THR G 164 44.72 6.47 -22.24
N GLY G 165 45.37 5.43 -21.75
CA GLY G 165 46.47 5.60 -20.82
C GLY G 165 47.82 5.69 -21.50
N PHE G 166 47.87 5.32 -22.77
CA PHE G 166 49.11 5.28 -23.54
C PHE G 166 49.38 6.52 -24.39
N GLY G 167 50.65 6.77 -24.68
CA GLY G 167 50.99 7.75 -25.70
C GLY G 167 50.59 7.12 -27.01
N VAL G 168 49.75 7.80 -27.79
CA VAL G 168 49.20 7.18 -28.99
C VAL G 168 49.71 7.84 -30.29
N MET G 169 50.25 6.99 -31.17
CA MET G 169 50.69 7.42 -32.49
C MET G 169 49.49 7.34 -33.42
N HIS G 170 49.24 8.38 -34.21
CA HIS G 170 48.18 8.27 -35.20
C HIS G 170 48.73 7.83 -36.54
N VAL G 171 48.12 6.80 -37.08
CA VAL G 171 48.64 6.08 -38.24
C VAL G 171 47.86 6.37 -39.54
N ASN G 172 48.53 6.24 -40.69
CA ASN G 172 47.83 6.19 -41.96
C ASN G 172 48.02 4.84 -42.65
N GLU G 173 47.59 4.75 -43.90
CA GLU G 173 47.57 3.52 -44.69
C GLU G 173 48.88 2.74 -44.67
N LYS G 174 49.97 3.47 -44.47
CA LYS G 174 51.32 2.97 -44.66
C LYS G 174 52.03 2.73 -43.34
N ASP G 175 51.26 2.85 -42.25
CA ASP G 175 51.75 2.75 -40.87
C ASP G 175 52.74 3.87 -40.57
N GLU G 176 52.84 4.82 -41.48
CA GLU G 176 53.65 5.99 -41.23
C GLU G 176 52.94 6.94 -40.28
N ILE G 177 53.66 7.35 -39.25
CA ILE G 177 53.09 8.08 -38.13
C ILE G 177 52.86 9.53 -38.48
N ILE G 178 51.59 9.94 -38.49
CA ILE G 178 51.25 11.29 -38.87
C ILE G 178 51.06 12.23 -37.68
N ASP G 179 50.91 11.67 -36.48
CA ASP G 179 50.91 12.47 -35.24
C ASP G 179 50.93 11.64 -33.96
N PHE G 180 51.39 12.29 -32.89
CA PHE G 180 51.49 11.65 -31.59
C PHE G 180 50.60 12.35 -30.58
N ILE G 181 49.81 11.57 -29.86
CA ILE G 181 48.95 12.13 -28.82
C ILE G 181 49.23 11.45 -27.47
N GLU G 182 49.43 12.26 -26.45
CA GLU G 182 49.61 11.75 -25.10
C GLU G 182 48.25 11.56 -24.44
N LYS G 183 47.98 10.35 -23.94
CA LYS G 183 46.74 10.01 -23.23
C LYS G 183 45.45 10.56 -23.84
N PRO G 184 45.17 10.24 -25.10
CA PRO G 184 43.97 10.77 -25.76
C PRO G 184 42.68 10.23 -25.14
N ALA G 185 41.82 11.13 -24.65
CA ALA G 185 40.55 10.75 -24.04
C ALA G 185 39.75 9.83 -24.97
N ASP G 186 39.75 10.14 -26.25
CA ASP G 186 39.25 9.22 -27.27
C ASP G 186 40.32 9.04 -28.34
N PRO G 187 41.17 8.03 -28.17
CA PRO G 187 42.34 7.78 -29.02
C PRO G 187 41.98 7.68 -30.49
N PRO G 188 42.81 8.26 -31.36
CA PRO G 188 42.62 8.00 -32.79
C PRO G 188 42.85 6.52 -33.10
N GLY G 189 42.02 5.94 -33.97
CA GLY G 189 42.11 4.52 -34.27
C GLY G 189 42.93 4.26 -35.53
N ILE G 190 43.17 2.99 -35.79
CA ILE G 190 43.91 2.59 -36.98
C ILE G 190 43.03 2.77 -38.21
N PRO G 191 43.53 3.47 -39.24
CA PRO G 191 42.79 3.53 -40.49
C PRO G 191 42.51 2.13 -41.06
N GLY G 192 41.23 1.81 -41.21
CA GLY G 192 40.84 0.51 -41.73
C GLY G 192 40.54 -0.46 -40.62
N ASN G 193 41.09 -0.18 -39.45
CA ASN G 193 40.85 -1.01 -38.27
C ASN G 193 40.61 -0.11 -37.04
N GLU G 194 39.49 0.62 -37.05
CA GLU G 194 39.13 1.46 -35.91
C GLU G 194 38.91 0.56 -34.71
N GLY G 195 38.81 1.16 -33.54
CA GLY G 195 38.63 0.38 -32.33
C GLY G 195 39.96 0.00 -31.73
N PHE G 196 40.94 -0.22 -32.59
CA PHE G 196 42.31 -0.46 -32.15
C PHE G 196 43.14 0.79 -32.38
N ALA G 197 44.02 1.08 -31.43
CA ALA G 197 44.90 2.22 -31.53
C ALA G 197 46.33 1.76 -31.28
N LEU G 198 47.30 2.41 -31.91
CA LEU G 198 48.70 2.03 -31.74
C LEU G 198 49.33 2.77 -30.59
N ALA G 199 49.66 2.01 -29.54
CA ALA G 199 50.22 2.56 -28.32
C ALA G 199 51.74 2.38 -28.27
N SER G 200 52.45 3.50 -28.12
CA SER G 200 53.91 3.53 -28.09
C SER G 200 54.48 2.73 -26.92
N MET G 201 55.38 1.79 -27.24
CA MET G 201 56.06 0.99 -26.23
C MET G 201 57.31 1.66 -25.65
N GLY G 202 57.64 2.86 -26.12
CA GLY G 202 58.87 3.52 -25.73
C GLY G 202 60.09 2.83 -26.29
N ILE G 203 59.91 2.15 -27.42
CA ILE G 203 60.99 1.46 -28.14
C ILE G 203 61.25 2.17 -29.46
N TYR G 204 62.43 2.76 -29.62
CA TYR G 204 62.74 3.52 -30.81
C TYR G 204 63.99 2.98 -31.50
N VAL G 205 63.99 3.01 -32.82
CA VAL G 205 65.14 2.58 -33.58
C VAL G 205 65.58 3.73 -34.46
N PHE G 206 66.88 4.03 -34.43
CA PHE G 206 67.47 5.11 -35.20
C PHE G 206 68.68 4.64 -35.99
N HIS G 207 69.12 5.49 -36.92
CA HIS G 207 70.50 5.46 -37.39
C HIS G 207 71.30 6.26 -36.38
N THR G 208 72.47 5.77 -35.99
CA THR G 208 73.24 6.41 -34.94
C THR G 208 73.62 7.85 -35.27
N LYS G 209 74.04 8.09 -36.50
CA LYS G 209 74.39 9.44 -36.94
C LYS G 209 73.21 10.40 -36.77
N PHE G 210 72.05 10.00 -37.28
CA PHE G 210 70.85 10.82 -37.11
C PHE G 210 70.51 11.06 -35.64
N LEU G 211 70.62 10.01 -34.84
CA LEU G 211 70.31 10.12 -33.42
C LEU G 211 71.23 11.13 -32.75
N MET G 212 72.52 11.09 -33.09
CA MET G 212 73.49 12.02 -32.52
C MET G 212 73.12 13.46 -32.87
N GLU G 213 72.81 13.71 -34.14
CA GLU G 213 72.34 15.01 -34.59
C GLU G 213 71.09 15.45 -33.83
N ALA G 214 70.10 14.56 -33.76
CA ALA G 214 68.84 14.84 -33.08
C ALA G 214 69.02 15.24 -31.62
N LEU G 215 69.87 14.53 -30.88
CA LEU G 215 69.96 14.83 -29.46
C LEU G 215 70.84 16.03 -29.18
N ARG G 216 71.71 16.33 -30.13
CA ARG G 216 72.52 17.54 -30.04
C ARG G 216 71.65 18.80 -30.28
N ARG G 217 70.75 18.74 -31.25
CA ARG G 217 69.87 19.87 -31.50
C ARG G 217 68.80 19.96 -30.42
N ASP G 218 68.35 18.81 -29.94
CA ASP G 218 67.46 18.79 -28.79
C ASP G 218 68.15 19.48 -27.60
N ALA G 219 69.42 19.19 -27.43
CA ALA G 219 70.23 19.80 -26.38
C ALA G 219 70.37 21.31 -26.56
N ALA G 220 70.29 21.76 -27.81
CA ALA G 220 70.47 23.19 -28.12
C ALA G 220 69.14 23.95 -28.08
N ASP G 221 68.04 23.20 -27.97
CA ASP G 221 66.71 23.76 -27.88
C ASP G 221 66.30 24.03 -26.43
N PRO G 222 66.17 25.31 -26.05
CA PRO G 222 65.96 25.75 -24.67
C PRO G 222 64.60 25.41 -24.11
N THR G 223 63.61 25.29 -24.99
CA THR G 223 62.26 24.97 -24.59
C THR G 223 61.99 23.47 -24.56
N SER G 224 63.04 22.67 -24.73
CA SER G 224 62.88 21.22 -24.72
C SER G 224 62.85 20.70 -23.29
N SER G 225 61.97 19.74 -23.05
CA SER G 225 61.93 19.03 -21.77
C SER G 225 62.92 17.87 -21.79
N ARG G 226 63.67 17.77 -22.89
CA ARG G 226 64.81 16.85 -23.01
C ARG G 226 64.39 15.37 -22.99
N ASP G 227 63.20 15.07 -23.50
CA ASP G 227 62.71 13.70 -23.54
C ASP G 227 62.56 13.19 -24.98
N PHE G 228 62.72 11.88 -25.16
CA PHE G 228 62.48 11.29 -26.48
C PHE G 228 61.02 11.41 -26.89
N GLY G 229 60.12 10.94 -26.03
CA GLY G 229 58.71 10.85 -26.34
C GLY G 229 57.99 12.17 -26.46
N LYS G 230 58.36 13.13 -25.62
CA LYS G 230 57.72 14.45 -25.61
C LYS G 230 58.38 15.47 -26.55
N ASP G 231 59.70 15.35 -26.74
CA ASP G 231 60.43 16.34 -27.52
C ASP G 231 60.92 15.80 -28.86
N ILE G 232 61.71 14.74 -28.80
CA ILE G 232 62.42 14.27 -29.98
C ILE G 232 61.49 13.59 -30.98
N ILE G 233 60.73 12.61 -30.51
CA ILE G 233 59.80 11.90 -31.36
C ILE G 233 58.75 12.81 -32.01
N PRO G 234 58.15 13.75 -31.25
CA PRO G 234 57.21 14.64 -31.92
C PRO G 234 57.83 15.44 -33.06
N TYR G 235 59.06 15.92 -32.86
CA TYR G 235 59.75 16.71 -33.86
C TYR G 235 59.93 15.93 -35.15
N ILE G 236 60.20 14.63 -35.03
CA ILE G 236 60.41 13.80 -36.22
C ILE G 236 59.07 13.46 -36.87
N VAL G 237 58.04 13.24 -36.06
CA VAL G 237 56.71 13.00 -36.61
C VAL G 237 56.27 14.24 -37.38
N GLU G 238 56.43 15.41 -36.78
CA GLU G 238 56.09 16.68 -37.41
C GLU G 238 56.88 16.97 -38.69
N HIS G 239 58.19 16.84 -38.62
CA HIS G 239 59.06 17.35 -39.69
C HIS G 239 59.82 16.27 -40.46
N GLY G 240 59.68 15.01 -40.06
CA GLY G 240 60.47 13.96 -40.67
C GLY G 240 59.68 12.73 -41.06
N LYS G 241 60.32 11.57 -40.91
CA LYS G 241 59.72 10.31 -41.31
C LYS G 241 59.66 9.33 -40.14
N ALA G 242 58.56 9.35 -39.40
CA ALA G 242 58.35 8.43 -38.29
C ALA G 242 57.42 7.31 -38.72
N VAL G 243 57.86 6.07 -38.50
CA VAL G 243 57.07 4.90 -38.90
C VAL G 243 56.80 3.99 -37.69
N ALA G 244 55.60 3.43 -37.64
CA ALA G 244 55.25 2.53 -36.57
C ALA G 244 55.64 1.09 -36.89
N HIS G 245 56.21 0.40 -35.91
CA HIS G 245 56.44 -1.03 -35.98
C HIS G 245 55.49 -1.75 -35.03
N ARG G 246 54.83 -2.80 -35.51
CA ARG G 246 53.85 -3.51 -34.69
C ARG G 246 54.46 -4.62 -33.85
N PHE G 247 54.22 -4.54 -32.54
CA PHE G 247 54.75 -5.52 -31.59
C PHE G 247 54.41 -6.94 -32.03
N ALA G 248 53.22 -7.10 -32.61
CA ALA G 248 52.77 -8.41 -33.09
C ALA G 248 53.75 -9.04 -34.07
N ASP G 249 54.41 -8.20 -34.87
CA ASP G 249 55.35 -8.68 -35.88
C ASP G 249 56.66 -9.15 -35.24
N SER G 250 57.00 -8.57 -34.10
CA SER G 250 58.28 -8.78 -33.43
C SER G 250 58.21 -9.66 -32.20
N CYS G 251 57.05 -9.67 -31.57
CA CYS G 251 56.83 -10.42 -30.33
C CYS G 251 57.33 -11.85 -30.46
N VAL G 252 58.09 -12.29 -29.46
CA VAL G 252 58.50 -13.68 -29.43
C VAL G 252 57.56 -14.44 -28.52
N ARG G 253 56.52 -15.06 -29.07
CA ARG G 253 55.61 -15.79 -28.20
C ARG G 253 55.76 -17.29 -28.36
N SER G 254 55.93 -17.95 -27.21
CA SER G 254 56.03 -19.39 -27.12
C SER G 254 54.75 -20.07 -27.59
N ASP G 255 54.80 -21.38 -27.79
CA ASP G 255 53.62 -22.14 -28.16
C ASP G 255 52.84 -22.54 -26.91
N PHE G 256 53.13 -21.85 -25.81
CA PHE G 256 52.37 -21.96 -24.58
C PHE G 256 51.92 -20.58 -24.14
N GLU G 257 51.99 -19.64 -25.07
CA GLU G 257 51.50 -18.28 -24.84
C GLU G 257 50.42 -17.91 -25.85
N HIS G 258 49.19 -17.73 -25.36
CA HIS G 258 48.02 -17.57 -26.22
C HIS G 258 47.96 -16.23 -26.95
N GLU G 259 48.73 -15.25 -26.48
CA GLU G 259 48.75 -13.93 -27.12
C GLU G 259 50.10 -13.24 -26.88
N PRO G 260 50.41 -12.19 -27.66
CA PRO G 260 51.62 -11.42 -27.40
C PRO G 260 51.61 -10.81 -26.00
N TYR G 261 52.64 -11.12 -25.21
CA TYR G 261 52.65 -10.76 -23.79
C TYR G 261 53.42 -9.47 -23.54
N TRP G 262 52.75 -8.49 -22.95
CA TRP G 262 53.40 -7.24 -22.58
C TRP G 262 52.72 -6.71 -21.33
N ARG G 263 53.52 -6.37 -20.32
CA ARG G 263 52.97 -5.86 -19.08
C ARG G 263 53.76 -4.67 -18.61
N ASP G 264 53.05 -3.72 -18.02
CA ASP G 264 53.61 -2.48 -17.54
C ASP G 264 53.86 -2.56 -16.03
N VAL G 265 53.11 -3.45 -15.38
CA VAL G 265 53.00 -3.54 -13.91
C VAL G 265 53.11 -2.16 -13.25
N GLY G 266 52.28 -1.23 -13.71
CA GLY G 266 52.36 0.15 -13.29
C GLY G 266 51.71 0.44 -11.95
N THR G 267 50.91 -0.48 -11.43
CA THR G 267 50.25 -0.31 -10.13
C THR G 267 50.40 -1.57 -9.28
N ILE G 268 50.15 -1.45 -7.98
CA ILE G 268 50.32 -2.58 -7.08
C ILE G 268 49.39 -3.72 -7.48
N ASP G 269 48.15 -3.41 -7.83
CA ASP G 269 47.25 -4.42 -8.37
C ASP G 269 47.81 -5.17 -9.58
N ALA G 270 48.31 -4.43 -10.56
CA ALA G 270 48.80 -5.02 -11.80
C ALA G 270 50.05 -5.85 -11.54
N TYR G 271 50.91 -5.35 -10.67
CA TYR G 271 52.10 -6.08 -10.24
C TYR G 271 51.73 -7.39 -9.57
N TRP G 272 50.80 -7.33 -8.63
CA TRP G 272 50.32 -8.52 -7.98
C TRP G 272 49.75 -9.47 -9.02
N GLN G 273 48.89 -8.94 -9.89
CA GLN G 273 48.19 -9.79 -10.83
C GLN G 273 49.14 -10.47 -11.81
N ALA G 274 50.17 -9.75 -12.27
CA ALA G 274 51.15 -10.27 -13.21
C ALA G 274 51.95 -11.43 -12.64
N ASN G 275 52.30 -11.32 -11.36
CA ASN G 275 53.05 -12.36 -10.67
C ASN G 275 52.18 -13.58 -10.37
N ILE G 276 50.98 -13.32 -9.86
CA ILE G 276 50.13 -14.39 -9.40
C ILE G 276 49.58 -15.20 -10.57
N ASP G 277 49.50 -14.58 -11.75
CA ASP G 277 49.06 -15.28 -12.95
C ASP G 277 50.04 -16.39 -13.34
N LEU G 278 51.26 -16.32 -12.84
CA LEU G 278 52.25 -17.35 -13.12
C LEU G 278 51.94 -18.66 -12.42
N THR G 279 51.04 -18.60 -11.44
CA THR G 279 50.64 -19.81 -10.71
C THR G 279 49.52 -20.55 -11.42
N ASP G 280 49.02 -19.99 -12.53
CA ASP G 280 47.97 -20.63 -13.32
C ASP G 280 48.42 -21.93 -13.94
N VAL G 281 47.46 -22.79 -14.28
CA VAL G 281 47.77 -24.04 -14.97
C VAL G 281 48.36 -23.71 -16.34
N VAL G 282 47.78 -22.73 -17.02
CA VAL G 282 48.28 -22.25 -18.32
C VAL G 282 48.55 -20.74 -18.24
N PRO G 283 49.75 -20.35 -17.79
CA PRO G 283 49.96 -18.90 -17.65
C PRO G 283 50.10 -18.16 -18.99
N ASP G 284 49.77 -16.88 -19.00
CA ASP G 284 49.95 -16.02 -20.16
C ASP G 284 51.42 -15.88 -20.56
N LEU G 285 52.30 -15.92 -19.56
CA LEU G 285 53.74 -15.81 -19.78
C LEU G 285 54.40 -17.15 -19.51
N ASP G 286 55.15 -17.65 -20.49
CA ASP G 286 55.75 -18.96 -20.37
C ASP G 286 57.17 -18.88 -19.82
N ILE G 287 57.33 -19.04 -18.50
CA ILE G 287 58.65 -18.91 -17.88
C ILE G 287 59.43 -20.22 -17.91
N TYR G 288 58.91 -21.20 -18.65
CA TYR G 288 59.60 -22.48 -18.79
C TYR G 288 60.19 -22.66 -20.18
N ASP G 289 59.95 -21.68 -21.05
CA ASP G 289 60.48 -21.70 -22.41
C ASP G 289 62.00 -21.48 -22.41
N LYS G 290 62.69 -22.17 -23.32
CA LYS G 290 64.15 -22.09 -23.41
C LYS G 290 64.60 -21.52 -24.76
N SER G 291 63.66 -21.28 -25.66
CA SER G 291 64.03 -20.76 -26.96
C SER G 291 64.23 -19.25 -26.96
N TRP G 292 63.76 -18.57 -25.93
CA TRP G 292 64.01 -17.13 -25.80
C TRP G 292 64.18 -16.81 -24.33
N PRO G 293 65.30 -17.25 -23.76
CA PRO G 293 65.44 -17.32 -22.31
C PRO G 293 65.76 -15.97 -21.71
N ILE G 294 65.35 -15.77 -20.45
CA ILE G 294 65.62 -14.53 -19.74
C ILE G 294 66.78 -14.74 -18.78
N TRP G 295 67.90 -14.07 -19.05
CA TRP G 295 69.06 -14.13 -18.16
C TRP G 295 68.85 -13.19 -16.98
N THR G 296 69.32 -13.57 -15.80
CA THR G 296 69.29 -12.72 -14.62
C THR G 296 70.50 -13.02 -13.74
N TYR G 297 70.63 -12.28 -12.64
CA TYR G 297 71.56 -12.65 -11.59
C TYR G 297 70.96 -13.75 -10.72
N ALA G 298 71.64 -14.88 -10.64
CA ALA G 298 71.14 -16.00 -9.88
C ALA G 298 72.27 -16.71 -9.15
N GLU G 299 72.04 -17.05 -7.89
CA GLU G 299 73.06 -17.76 -7.15
C GLU G 299 72.68 -19.21 -7.00
N ILE G 300 73.69 -20.06 -6.91
CA ILE G 300 73.50 -21.44 -6.52
C ILE G 300 72.82 -21.48 -5.15
N THR G 301 71.65 -22.10 -5.10
CA THR G 301 70.95 -22.21 -3.84
C THR G 301 70.57 -23.65 -3.56
N PRO G 302 70.33 -23.99 -2.29
CA PRO G 302 69.73 -25.30 -2.01
C PRO G 302 68.35 -25.42 -2.67
N PRO G 303 67.83 -26.65 -2.76
CA PRO G 303 66.47 -26.87 -3.29
C PRO G 303 65.43 -26.32 -2.33
N ALA G 304 64.17 -26.26 -2.75
CA ALA G 304 63.09 -25.92 -1.84
C ALA G 304 62.80 -27.14 -0.98
N LYS G 305 62.44 -26.91 0.28
CA LYS G 305 62.22 -27.99 1.23
C LYS G 305 60.83 -27.85 1.83
N PHE G 306 60.13 -28.97 1.98
CA PHE G 306 58.79 -29.01 2.56
C PHE G 306 58.78 -30.01 3.70
N VAL G 307 58.50 -29.56 4.92
CA VAL G 307 58.61 -30.45 6.06
C VAL G 307 57.37 -30.34 6.96
N HIS G 308 57.14 -31.39 7.76
CA HIS G 308 56.03 -31.57 8.71
C HIS G 308 54.79 -32.10 7.99
N ASP G 309 54.19 -33.08 8.63
CA ASP G 309 53.13 -33.87 8.06
C ASP G 309 52.33 -34.49 9.22
N ASP G 310 51.91 -33.67 10.17
CA ASP G 310 51.12 -34.20 11.26
C ASP G 310 49.71 -33.63 11.17
N GLU G 311 48.90 -33.90 12.18
CA GLU G 311 47.52 -33.47 12.17
C GLU G 311 47.42 -31.95 12.29
N ASP G 312 48.41 -31.36 12.96
CA ASP G 312 48.43 -29.94 13.26
C ASP G 312 49.00 -29.10 12.13
N ARG G 313 50.08 -29.58 11.51
CA ARG G 313 50.84 -28.81 10.54
C ARG G 313 51.32 -29.63 9.36
N ARG G 314 51.26 -29.03 8.17
CA ARG G 314 51.75 -29.68 6.98
C ARG G 314 52.38 -28.64 6.08
N GLY G 315 53.68 -28.81 5.79
CA GLY G 315 54.36 -27.86 4.93
C GLY G 315 54.18 -28.30 3.49
N SER G 316 53.43 -27.55 2.70
CA SER G 316 53.30 -27.85 1.26
C SER G 316 52.71 -26.71 0.45
N ALA G 317 53.04 -26.70 -0.84
CA ALA G 317 52.53 -25.67 -1.73
C ALA G 317 51.56 -26.26 -2.74
N VAL G 318 50.45 -25.55 -2.91
CA VAL G 318 49.41 -25.95 -3.84
C VAL G 318 49.12 -24.77 -4.75
N SER G 319 49.00 -25.03 -6.05
CA SER G 319 48.76 -23.98 -7.05
C SER G 319 49.74 -22.85 -6.84
N SER G 320 51.00 -23.21 -6.66
CA SER G 320 52.02 -22.25 -6.23
C SER G 320 53.34 -22.41 -6.95
N VAL G 321 54.14 -21.35 -6.92
CA VAL G 321 55.46 -21.35 -7.52
C VAL G 321 56.44 -21.01 -6.42
N VAL G 322 57.43 -21.87 -6.20
CA VAL G 322 58.31 -21.76 -5.03
C VAL G 322 59.76 -21.89 -5.45
N SER G 323 60.60 -20.94 -5.05
CA SER G 323 61.99 -20.91 -5.52
C SER G 323 62.98 -21.68 -4.63
N GLY G 324 64.26 -21.49 -4.97
CA GLY G 324 65.34 -22.14 -4.26
C GLY G 324 65.57 -21.52 -2.91
N ASP G 325 66.19 -22.31 -2.03
CA ASP G 325 66.45 -21.89 -0.66
C ASP G 325 65.16 -21.47 0.06
N CYS G 326 64.03 -22.07 -0.28
CA CYS G 326 62.79 -21.80 0.44
C CYS G 326 62.51 -22.94 1.38
N ILE G 327 62.19 -22.65 2.62
CA ILE G 327 61.80 -23.71 3.55
C ILE G 327 60.40 -23.47 4.03
N ILE G 328 59.53 -24.40 3.65
CA ILE G 328 58.12 -24.35 3.97
C ILE G 328 57.89 -25.34 5.11
N SER G 329 58.03 -24.84 6.33
CA SER G 329 58.04 -25.68 7.51
C SER G 329 56.71 -25.68 8.23
N GLY G 330 55.83 -26.61 7.90
CA GLY G 330 54.53 -26.68 8.56
C GLY G 330 53.61 -25.56 8.13
N ALA G 331 53.95 -24.94 7.00
CA ALA G 331 53.20 -23.81 6.46
C ALA G 331 52.40 -24.22 5.24
N ALA G 332 51.16 -23.76 5.15
CA ALA G 332 50.31 -24.03 4.00
C ALA G 332 50.36 -22.87 3.03
N LEU G 333 50.73 -23.16 1.79
CA LEU G 333 50.74 -22.14 0.74
C LEU G 333 49.74 -22.48 -0.34
N ASN G 334 48.97 -21.49 -0.78
CA ASN G 334 47.99 -21.71 -1.83
C ASN G 334 47.94 -20.49 -2.72
N ARG G 335 48.01 -20.71 -4.03
CA ARG G 335 48.02 -19.62 -5.01
C ARG G 335 49.04 -18.53 -4.62
N SER G 336 50.28 -18.94 -4.43
CA SER G 336 51.30 -17.97 -4.05
C SER G 336 52.55 -18.13 -4.89
N LEU G 337 53.32 -17.05 -4.97
CA LEU G 337 54.61 -17.07 -5.62
C LEU G 337 55.67 -16.66 -4.62
N LEU G 338 56.64 -17.54 -4.41
CA LEU G 338 57.72 -17.31 -3.46
C LEU G 338 59.04 -17.15 -4.18
N PHE G 339 59.68 -16.01 -4.00
CA PHE G 339 61.02 -15.77 -4.50
C PHE G 339 62.06 -16.51 -3.68
N THR G 340 63.34 -16.32 -4.02
CA THR G 340 64.44 -16.96 -3.32
C THR G 340 64.46 -16.74 -1.81
N GLY G 341 64.72 -17.80 -1.05
CA GLY G 341 65.10 -17.61 0.34
C GLY G 341 64.01 -17.41 1.37
N VAL G 342 62.77 -17.74 1.02
CA VAL G 342 61.67 -17.58 1.98
C VAL G 342 61.68 -18.66 3.07
N ARG G 343 61.49 -18.24 4.32
CA ARG G 343 61.32 -19.18 5.42
C ARG G 343 59.92 -18.99 5.97
N ALA G 344 59.02 -19.92 5.68
CA ALA G 344 57.69 -19.86 6.27
C ALA G 344 57.58 -20.93 7.35
N ASN G 345 57.11 -20.54 8.53
CA ASN G 345 57.16 -21.42 9.68
C ASN G 345 55.81 -22.00 10.07
N SER G 346 55.82 -22.89 11.06
CA SER G 346 54.69 -23.78 11.36
C SER G 346 53.38 -23.05 11.67
N TYR G 347 52.29 -23.62 11.17
CA TYR G 347 50.91 -23.14 11.36
C TYR G 347 50.64 -21.84 10.65
N SER G 348 51.59 -21.39 9.84
CA SER G 348 51.34 -20.20 9.07
C SER G 348 50.60 -20.62 7.81
N ARG G 349 49.97 -19.65 7.17
CA ARG G 349 49.18 -19.88 5.95
C ARG G 349 49.33 -18.69 5.01
N LEU G 350 49.68 -18.94 3.76
CA LEU G 350 49.73 -17.89 2.74
C LEU G 350 48.80 -18.23 1.59
N GLU G 351 47.94 -17.29 1.20
CA GLU G 351 47.10 -17.45 0.02
C GLU G 351 47.08 -16.18 -0.82
N ASN G 352 47.14 -16.33 -2.15
CA ASN G 352 47.17 -15.19 -3.06
C ASN G 352 48.28 -14.22 -2.67
N ALA G 353 49.45 -14.76 -2.36
CA ALA G 353 50.57 -13.94 -1.92
C ALA G 353 51.67 -13.90 -2.95
N VAL G 354 52.23 -12.71 -3.15
CA VAL G 354 53.49 -12.56 -3.87
C VAL G 354 54.53 -12.23 -2.81
N VAL G 355 55.48 -13.13 -2.61
CA VAL G 355 56.40 -13.03 -1.49
C VAL G 355 57.82 -12.84 -2.03
N LEU G 356 58.39 -11.65 -1.83
CA LEU G 356 59.67 -11.27 -2.47
C LEU G 356 60.84 -11.93 -1.74
N PRO G 357 62.08 -11.83 -2.26
CA PRO G 357 63.09 -12.71 -1.62
C PRO G 357 63.34 -12.45 -0.14
N SER G 358 63.74 -13.51 0.57
CA SER G 358 64.25 -13.43 1.93
C SER G 358 63.21 -13.15 3.01
N VAL G 359 61.93 -13.23 2.67
CA VAL G 359 60.86 -12.99 3.63
C VAL G 359 60.78 -14.09 4.68
N LYS G 360 60.48 -13.72 5.92
CA LYS G 360 60.23 -14.69 6.96
C LYS G 360 58.78 -14.60 7.43
N ILE G 361 58.10 -15.74 7.47
CA ILE G 361 56.73 -15.79 7.98
C ILE G 361 56.70 -16.51 9.32
N GLY G 362 56.41 -15.79 10.39
CA GLY G 362 56.40 -16.40 11.70
C GLY G 362 55.25 -17.36 11.87
N ARG G 363 55.40 -18.28 12.83
CA ARG G 363 54.34 -19.23 13.15
C ARG G 363 53.00 -18.58 13.33
N HIS G 364 51.95 -19.25 12.88
CA HIS G 364 50.56 -18.84 13.08
C HIS G 364 50.13 -17.61 12.29
N ALA G 365 51.04 -17.01 11.55
CA ALA G 365 50.64 -15.87 10.71
C ALA G 365 49.73 -16.34 9.60
N GLN G 366 48.76 -15.53 9.23
CA GLN G 366 47.84 -15.92 8.16
C GLN G 366 47.58 -14.77 7.19
N LEU G 367 48.33 -14.73 6.10
CA LEU G 367 48.25 -13.61 5.18
C LEU G 367 47.58 -13.99 3.87
N SER G 368 46.64 -13.16 3.41
CA SER G 368 45.94 -13.40 2.15
C SER G 368 45.84 -12.12 1.31
N ASN G 369 46.02 -12.27 -0.01
CA ASN G 369 46.00 -11.18 -0.99
C ASN G 369 47.04 -10.11 -0.69
N VAL G 370 48.31 -10.51 -0.71
CA VAL G 370 49.37 -9.60 -0.33
C VAL G 370 50.53 -9.55 -1.34
N VAL G 371 51.29 -8.47 -1.24
CA VAL G 371 52.62 -8.37 -1.79
C VAL G 371 53.51 -8.08 -0.58
N ILE G 372 54.49 -8.94 -0.35
CA ILE G 372 55.38 -8.73 0.78
C ILE G 372 56.75 -8.34 0.25
N ASP G 373 57.30 -7.25 0.78
CA ASP G 373 58.53 -6.66 0.27
C ASP G 373 59.75 -7.52 0.62
N HIS G 374 60.83 -7.36 -0.15
CA HIS G 374 62.07 -8.07 0.07
C HIS G 374 62.57 -7.95 1.51
N GLY G 375 62.81 -9.10 2.15
CA GLY G 375 63.46 -9.13 3.45
C GLY G 375 62.55 -8.92 4.65
N VAL G 376 61.26 -8.71 4.40
CA VAL G 376 60.30 -8.47 5.48
C VAL G 376 60.20 -9.64 6.45
N VAL G 377 60.18 -9.34 7.74
CA VAL G 377 59.94 -10.35 8.75
C VAL G 377 58.53 -10.20 9.31
N ILE G 378 57.66 -11.15 8.96
CA ILE G 378 56.29 -11.13 9.45
C ILE G 378 56.24 -11.71 10.87
N PRO G 379 55.79 -10.90 11.84
CA PRO G 379 55.74 -11.40 13.22
C PRO G 379 54.72 -12.52 13.38
N GLU G 380 55.00 -13.44 14.31
CA GLU G 380 54.13 -14.57 14.55
C GLU G 380 52.68 -14.16 14.82
N GLY G 381 51.75 -14.89 14.20
CA GLY G 381 50.33 -14.70 14.42
C GLY G 381 49.71 -13.48 13.79
N LEU G 382 50.45 -12.78 12.92
CA LEU G 382 49.88 -11.62 12.23
C LEU G 382 48.78 -12.08 11.27
N ILE G 383 47.64 -11.41 11.32
CA ILE G 383 46.55 -11.75 10.41
C ILE G 383 46.34 -10.63 9.40
N VAL G 384 46.46 -10.95 8.12
CA VAL G 384 46.21 -9.98 7.07
C VAL G 384 45.22 -10.58 6.09
N GLY G 385 44.20 -9.81 5.74
CA GLY G 385 43.20 -10.27 4.79
C GLY G 385 41.82 -10.50 5.39
N GLU G 386 41.70 -10.43 6.72
CA GLU G 386 40.42 -10.69 7.37
C GLU G 386 39.66 -9.40 7.69
N ASP G 387 40.41 -8.34 8.00
CA ASP G 387 39.82 -7.11 8.48
C ASP G 387 40.18 -5.96 7.56
N PRO G 388 39.35 -5.74 6.52
CA PRO G 388 39.58 -4.74 5.47
C PRO G 388 40.01 -3.39 6.02
N GLU G 389 39.42 -2.97 7.15
CA GLU G 389 39.64 -1.64 7.69
C GLU G 389 40.92 -1.58 8.52
N LEU G 390 41.13 -2.60 9.34
CA LEU G 390 42.38 -2.74 10.08
C LEU G 390 43.53 -2.90 9.09
N ASP G 391 43.25 -3.58 7.98
CA ASP G 391 44.26 -3.78 6.95
C ASP G 391 44.63 -2.48 6.24
N ALA G 392 43.65 -1.62 5.97
CA ALA G 392 43.92 -0.38 5.28
C ALA G 392 44.65 0.62 6.19
N LYS G 393 44.63 0.37 7.49
CA LYS G 393 45.26 1.28 8.44
C LYS G 393 46.75 0.97 8.66
N ARG G 394 47.11 -0.32 8.77
CA ARG G 394 48.51 -0.71 9.05
C ARG G 394 49.33 -0.79 7.77
N PHE G 395 48.68 -1.09 6.64
CA PHE G 395 49.42 -1.37 5.41
C PHE G 395 48.93 -0.57 4.22
N ARG G 396 49.67 -0.65 3.13
CA ARG G 396 49.23 -0.07 1.87
C ARG G 396 48.19 -0.99 1.23
N ARG G 397 46.93 -0.61 1.30
CA ARG G 397 45.90 -1.48 0.76
C ARG G 397 45.28 -0.89 -0.49
N THR G 398 45.33 -1.63 -1.59
CA THR G 398 44.77 -1.14 -2.84
C THR G 398 43.26 -1.12 -2.78
N GLU G 399 42.69 -0.53 -3.81
CA GLU G 399 41.27 -0.34 -3.96
C GLU G 399 40.60 -1.61 -4.52
N SER G 400 41.25 -2.74 -4.29
CA SER G 400 40.74 -4.06 -4.65
C SER G 400 41.11 -5.10 -3.59
N GLY G 401 41.80 -4.64 -2.55
CA GLY G 401 42.05 -5.49 -1.40
C GLY G 401 43.43 -6.12 -1.29
N ILE G 402 44.36 -5.66 -2.10
CA ILE G 402 45.74 -6.13 -1.99
C ILE G 402 46.47 -5.29 -0.98
N CYS G 403 47.13 -5.93 -0.02
CA CYS G 403 48.00 -5.19 0.90
C CYS G 403 49.46 -5.36 0.51
N LEU G 404 50.13 -4.25 0.26
CA LEU G 404 51.58 -4.26 0.17
C LEU G 404 52.09 -4.16 1.60
N ILE G 405 52.95 -5.08 1.99
CA ILE G 405 53.49 -5.09 3.34
C ILE G 405 54.98 -4.83 3.32
N THR G 406 55.41 -3.79 4.01
CA THR G 406 56.81 -3.38 4.11
CA THR G 406 56.84 -3.50 4.11
C THR G 406 57.29 -3.55 5.55
N GLN G 407 58.61 -3.55 5.75
CA GLN G 407 59.14 -3.70 7.09
C GLN G 407 58.88 -2.46 7.94
N SER G 408 58.91 -1.28 7.31
CA SER G 408 58.62 -0.04 8.04
C SER G 408 57.17 -0.02 8.52
N MET G 409 56.28 -0.60 7.73
CA MET G 409 54.89 -0.76 8.13
C MET G 409 54.80 -1.71 9.32
N ILE G 410 55.56 -2.80 9.26
CA ILE G 410 55.57 -3.78 10.34
C ILE G 410 56.21 -3.19 11.59
N ASP G 411 57.21 -2.34 11.39
CA ASP G 411 57.88 -1.68 12.51
C ASP G 411 56.92 -0.85 13.34
N LYS G 412 56.03 -0.12 12.67
CA LYS G 412 55.09 0.79 13.32
C LYS G 412 53.99 0.01 14.05
N LEU G 413 53.93 -1.28 13.83
CA LEU G 413 52.85 -2.07 14.40
C LEU G 413 53.00 -2.35 15.88
N ASP G 414 51.88 -2.13 16.56
CA ASP G 414 51.55 -2.84 17.78
C ASP G 414 50.23 -3.50 17.39
N LEU G 415 49.38 -2.73 16.72
CA LEU G 415 48.09 -3.18 16.23
C LEU G 415 47.82 -2.57 14.87
N VAL H 1 103.00 -17.74 10.60
CA VAL H 1 101.85 -16.86 10.48
C VAL H 1 101.01 -17.25 9.26
N GLN H 2 101.69 -17.56 8.16
CA GLN H 2 101.02 -17.92 6.91
C GLN H 2 100.29 -19.26 7.02
N PRO H 3 99.02 -19.28 6.58
CA PRO H 3 98.28 -20.54 6.47
C PRO H 3 98.96 -21.48 5.50
N LEU H 4 99.11 -22.75 5.88
CA LEU H 4 99.77 -23.73 5.02
C LEU H 4 99.04 -23.96 3.71
N ALA H 5 97.74 -23.63 3.68
CA ALA H 5 96.91 -23.88 2.51
C ALA H 5 97.47 -23.22 1.26
N ARG H 6 98.15 -22.10 1.45
CA ARG H 6 98.73 -21.37 0.33
C ARG H 6 99.66 -22.24 -0.53
N ASP H 7 100.46 -23.08 0.11
CA ASP H 7 101.47 -23.85 -0.61
C ASP H 7 101.09 -25.30 -0.75
N ALA H 8 99.80 -25.54 -0.87
CA ALA H 8 99.30 -26.89 -1.02
C ALA H 8 98.60 -27.06 -2.36
N MET H 9 98.56 -28.30 -2.83
CA MET H 9 97.76 -28.67 -3.98
C MET H 9 96.92 -29.88 -3.61
N ALA H 10 95.62 -29.79 -3.81
CA ALA H 10 94.74 -30.94 -3.59
C ALA H 10 94.74 -31.80 -4.82
N TYR H 11 94.90 -33.10 -4.63
CA TYR H 11 94.88 -34.03 -5.75
C TYR H 11 93.75 -35.02 -5.56
N VAL H 12 92.68 -34.84 -6.32
CA VAL H 12 91.48 -35.64 -6.16
C VAL H 12 91.48 -36.89 -7.04
N LEU H 13 91.36 -38.05 -6.41
CA LEU H 13 91.29 -39.31 -7.14
C LEU H 13 89.84 -39.65 -7.46
N ALA H 14 89.51 -39.59 -8.74
CA ALA H 14 88.12 -39.58 -9.18
C ALA H 14 87.83 -40.67 -10.20
N GLY H 15 88.47 -41.83 -10.02
CA GLY H 15 88.35 -42.92 -10.97
C GLY H 15 87.41 -44.01 -10.55
N GLY H 16 86.97 -43.97 -9.28
CA GLY H 16 86.06 -44.96 -8.74
C GLY H 16 84.90 -45.32 -9.64
N ARG H 17 84.68 -46.62 -9.82
CA ARG H 17 83.65 -47.11 -10.72
C ARG H 17 82.30 -47.26 -10.00
N GLY H 18 82.34 -47.41 -8.68
CA GLY H 18 81.16 -47.65 -7.89
C GLY H 18 80.41 -48.88 -8.37
N SER H 19 81.15 -49.99 -8.49
CA SER H 19 80.63 -51.24 -9.04
C SER H 19 79.31 -51.66 -8.40
N ARG H 20 79.21 -51.54 -7.08
CA ARG H 20 78.03 -51.97 -6.34
C ARG H 20 76.84 -51.03 -6.49
N LEU H 21 77.02 -49.92 -7.20
CA LEU H 21 75.91 -49.03 -7.50
C LEU H 21 75.23 -49.47 -8.79
N LYS H 22 75.77 -50.52 -9.40
CA LYS H 22 75.18 -51.16 -10.56
C LYS H 22 74.92 -50.20 -11.71
N GLU H 23 73.70 -50.25 -12.23
CA GLU H 23 73.35 -49.49 -13.43
C GLU H 23 73.43 -47.98 -13.20
N LEU H 24 73.45 -47.57 -11.93
CA LEU H 24 73.56 -46.16 -11.58
C LEU H 24 74.92 -45.61 -12.03
N THR H 25 75.89 -46.50 -12.16
CA THR H 25 77.20 -46.09 -12.67
C THR H 25 77.56 -46.84 -13.95
N ASP H 26 76.55 -47.20 -14.73
CA ASP H 26 76.75 -47.84 -16.03
C ASP H 26 77.57 -46.98 -16.96
N ARG H 27 77.24 -45.69 -17.02
CA ARG H 27 77.90 -44.79 -17.94
C ARG H 27 78.38 -43.50 -17.29
N ARG H 28 78.71 -43.59 -16.00
CA ARG H 28 79.30 -42.47 -15.26
C ARG H 28 80.13 -43.02 -14.11
N ALA H 29 81.20 -42.32 -13.79
CA ALA H 29 82.04 -42.72 -12.67
C ALA H 29 81.33 -42.40 -11.37
N LYS H 30 81.70 -43.08 -10.29
CA LYS H 30 81.06 -42.80 -9.01
C LYS H 30 81.11 -41.31 -8.62
N PRO H 31 82.26 -40.64 -8.74
CA PRO H 31 82.27 -39.21 -8.36
C PRO H 31 81.29 -38.34 -9.16
N ALA H 32 80.87 -38.81 -10.32
CA ALA H 32 79.94 -38.06 -11.14
C ALA H 32 78.47 -38.35 -10.78
N VAL H 33 78.24 -39.20 -9.78
CA VAL H 33 76.88 -39.52 -9.37
C VAL H 33 76.22 -38.35 -8.61
N TYR H 34 74.95 -38.09 -8.91
CA TYR H 34 74.23 -36.98 -8.33
C TYR H 34 73.97 -37.15 -6.85
N PHE H 35 74.03 -36.06 -6.11
CA PHE H 35 73.68 -36.10 -4.70
C PHE H 35 73.13 -34.80 -4.17
N GLY H 36 72.10 -34.93 -3.33
CA GLY H 36 71.62 -33.79 -2.57
C GLY H 36 70.54 -33.01 -3.26
N GLY H 37 70.37 -33.22 -4.55
CA GLY H 37 69.38 -32.48 -5.29
C GLY H 37 69.94 -31.61 -6.39
N LYS H 38 71.18 -31.15 -6.24
CA LYS H 38 71.75 -30.22 -7.22
C LYS H 38 73.23 -30.43 -7.52
N ALA H 39 73.91 -31.22 -6.69
CA ALA H 39 75.35 -31.38 -6.79
C ALA H 39 75.73 -32.80 -7.18
N ARG H 40 77.01 -33.04 -7.37
CA ARG H 40 77.52 -34.38 -7.61
C ARG H 40 78.51 -34.70 -6.53
N ILE H 41 78.77 -35.98 -6.32
CA ILE H 41 79.59 -36.43 -5.22
C ILE H 41 80.98 -35.77 -5.21
N ILE H 42 81.55 -35.55 -6.38
CA ILE H 42 82.90 -34.98 -6.44
C ILE H 42 82.96 -33.56 -5.89
N ASP H 43 81.83 -32.84 -5.88
CA ASP H 43 81.82 -31.44 -5.44
C ASP H 43 82.18 -31.26 -3.97
N PHE H 44 82.00 -32.30 -3.16
CA PHE H 44 82.29 -32.17 -1.73
C PHE H 44 83.80 -32.08 -1.50
N ALA H 45 84.56 -33.04 -2.01
CA ALA H 45 86.01 -32.96 -1.90
C ALA H 45 86.53 -31.64 -2.49
N LEU H 46 86.05 -31.29 -3.68
CA LEU H 46 86.46 -30.04 -4.31
C LEU H 46 86.09 -28.80 -3.49
N SER H 47 84.91 -28.80 -2.89
CA SER H 47 84.50 -27.66 -2.08
C SER H 47 85.30 -27.63 -0.80
N ASN H 48 85.63 -28.79 -0.26
CA ASN H 48 86.50 -28.83 0.92
C ASN H 48 87.86 -28.18 0.65
N ALA H 49 88.47 -28.51 -0.48
CA ALA H 49 89.73 -27.91 -0.91
C ALA H 49 89.62 -26.38 -1.01
N LEU H 50 88.66 -25.93 -1.79
CA LEU H 50 88.44 -24.50 -1.98
C LEU H 50 88.20 -23.81 -0.63
N ASN H 51 87.30 -24.37 0.18
CA ASN H 51 86.94 -23.79 1.47
C ASN H 51 88.09 -23.77 2.47
N SER H 52 89.02 -24.71 2.32
CA SER H 52 90.19 -24.77 3.19
C SER H 52 91.30 -23.85 2.73
N GLY H 53 91.09 -23.17 1.59
CA GLY H 53 92.07 -22.25 1.08
C GLY H 53 93.11 -22.86 0.16
N ILE H 54 92.84 -24.08 -0.30
CA ILE H 54 93.68 -24.70 -1.31
C ILE H 54 93.17 -24.31 -2.71
N ARG H 55 93.98 -23.57 -3.46
CA ARG H 55 93.53 -23.01 -4.73
C ARG H 55 94.15 -23.71 -5.93
N ARG H 56 94.97 -24.72 -5.67
CA ARG H 56 95.47 -25.58 -6.74
C ARG H 56 94.84 -26.95 -6.59
N ILE H 57 94.17 -27.39 -7.64
CA ILE H 57 93.44 -28.65 -7.63
C ILE H 57 93.76 -29.40 -8.90
N GLY H 58 94.04 -30.70 -8.77
CA GLY H 58 94.13 -31.59 -9.91
C GLY H 58 93.15 -32.73 -9.74
N VAL H 59 92.52 -33.18 -10.82
CA VAL H 59 91.56 -34.26 -10.73
C VAL H 59 91.94 -35.37 -11.71
N ALA H 60 92.19 -36.56 -11.16
CA ALA H 60 92.56 -37.71 -11.97
C ALA H 60 91.35 -38.61 -12.18
N THR H 61 90.98 -38.84 -13.43
CA THR H 61 89.81 -39.63 -13.77
C THR H 61 90.25 -40.94 -14.42
N GLN H 62 89.31 -41.84 -14.68
CA GLN H 62 89.61 -43.12 -15.32
C GLN H 62 88.43 -43.57 -16.19
N TYR H 63 87.67 -44.55 -15.73
CA TYR H 63 86.65 -45.14 -16.58
C TYR H 63 85.35 -44.35 -16.56
N LYS H 64 84.69 -44.32 -17.72
CA LYS H 64 83.37 -43.71 -17.88
C LYS H 64 83.34 -42.26 -17.43
N ALA H 65 84.36 -41.51 -17.84
CA ALA H 65 84.61 -40.17 -17.31
C ALA H 65 84.08 -39.04 -18.19
N HIS H 66 83.26 -39.34 -19.19
CA HIS H 66 82.71 -38.29 -20.05
C HIS H 66 82.04 -37.19 -19.24
N SER H 67 80.96 -37.53 -18.55
CA SER H 67 80.14 -36.51 -17.93
C SER H 67 80.82 -35.95 -16.68
N LEU H 68 81.72 -36.71 -16.09
CA LEU H 68 82.48 -36.21 -14.95
C LEU H 68 83.36 -35.06 -15.42
N ILE H 69 84.05 -35.27 -16.53
CA ILE H 69 84.93 -34.25 -17.08
C ILE H 69 84.12 -33.06 -17.56
N ARG H 70 82.97 -33.34 -18.18
CA ARG H 70 82.05 -32.31 -18.63
C ARG H 70 81.57 -31.46 -17.44
N HIS H 71 81.22 -32.13 -16.35
CA HIS H 71 80.86 -31.44 -15.11
C HIS H 71 81.96 -30.48 -14.63
N LEU H 72 83.19 -30.96 -14.57
CA LEU H 72 84.31 -30.17 -14.09
C LEU H 72 84.59 -28.98 -15.01
N GLN H 73 84.49 -29.21 -16.32
CA GLN H 73 84.66 -28.13 -17.30
C GLN H 73 83.63 -27.02 -17.14
N ARG H 74 82.39 -27.40 -16.84
CA ARG H 74 81.30 -26.42 -16.76
C ARG H 74 81.19 -25.72 -15.41
N GLY H 75 81.50 -26.45 -14.35
CA GLY H 75 81.26 -25.95 -13.02
C GLY H 75 82.48 -25.35 -12.34
N TRP H 76 83.63 -25.97 -12.54
CA TRP H 76 84.85 -25.60 -11.80
C TRP H 76 85.82 -24.83 -12.70
N ASP H 77 85.30 -23.76 -13.29
CA ASP H 77 85.96 -23.07 -14.39
C ASP H 77 86.47 -21.69 -14.01
N PHE H 78 86.57 -21.42 -12.71
CA PHE H 78 86.88 -20.06 -12.25
C PHE H 78 88.27 -19.87 -11.65
N PHE H 79 89.20 -20.77 -11.97
CA PHE H 79 90.57 -20.67 -11.45
C PHE H 79 91.48 -20.05 -12.49
N ARG H 80 92.14 -18.95 -12.15
CA ARG H 80 93.07 -18.29 -13.07
C ARG H 80 94.51 -18.44 -12.60
N PRO H 81 95.38 -19.02 -13.44
CA PRO H 81 96.78 -19.24 -13.08
C PRO H 81 97.53 -17.97 -12.67
N GLU H 82 97.15 -16.83 -13.19
CA GLU H 82 97.86 -15.61 -12.84
C GLU H 82 97.52 -15.17 -11.41
N ARG H 83 96.53 -15.83 -10.80
CA ARG H 83 96.25 -15.60 -9.38
C ARG H 83 96.75 -16.77 -8.53
N ASN H 84 97.64 -17.56 -9.11
CA ASN H 84 98.16 -18.79 -8.51
C ASN H 84 97.06 -19.77 -8.08
N GLU H 85 95.99 -19.81 -8.89
CA GLU H 85 94.93 -20.79 -8.77
C GLU H 85 95.03 -21.65 -10.00
N SER H 86 94.78 -22.95 -9.87
CA SER H 86 94.74 -23.79 -11.05
C SER H 86 93.78 -24.94 -10.82
N PHE H 87 93.13 -25.36 -11.90
CA PHE H 87 92.26 -26.53 -11.86
C PHE H 87 92.61 -27.40 -13.08
N ASP H 88 93.27 -28.52 -12.85
CA ASP H 88 93.67 -29.38 -13.96
C ASP H 88 92.89 -30.68 -13.97
N ILE H 89 92.31 -31.00 -15.13
CA ILE H 89 91.58 -32.24 -15.33
C ILE H 89 92.49 -33.21 -16.03
N LEU H 90 92.83 -34.32 -15.36
CA LEU H 90 93.87 -35.23 -15.84
C LEU H 90 93.40 -36.64 -16.17
N PRO H 91 92.78 -36.83 -17.33
CA PRO H 91 92.26 -38.15 -17.71
C PRO H 91 93.41 -39.11 -17.98
N ALA H 92 93.12 -40.41 -18.01
CA ALA H 92 94.17 -41.42 -18.18
C ALA H 92 94.95 -41.19 -19.48
N SER H 93 96.24 -40.87 -19.31
CA SER H 93 97.15 -40.48 -20.39
C SER H 93 96.54 -39.50 -21.37
N THR H 99 94.33 -48.87 -24.33
CA THR H 99 95.69 -49.02 -23.82
C THR H 99 96.15 -47.76 -23.09
N GLN H 100 95.19 -47.02 -22.53
CA GLN H 100 95.50 -45.77 -21.86
C GLN H 100 94.84 -45.68 -20.47
N TRP H 101 95.40 -46.39 -19.49
CA TRP H 101 94.82 -46.36 -18.14
C TRP H 101 95.87 -46.20 -17.06
N TYR H 102 95.53 -45.44 -16.03
CA TYR H 102 96.36 -45.44 -14.84
C TYR H 102 96.32 -46.85 -14.26
N GLU H 103 97.47 -47.33 -13.79
CA GLU H 103 97.57 -48.66 -13.18
C GLU H 103 97.07 -48.64 -11.74
N GLY H 104 96.91 -47.43 -11.22
CA GLY H 104 96.47 -47.25 -9.85
C GLY H 104 96.53 -45.79 -9.44
N THR H 105 96.03 -45.51 -8.25
CA THR H 105 95.93 -44.15 -7.74
C THR H 105 97.31 -43.48 -7.60
N ALA H 106 98.35 -44.31 -7.44
CA ALA H 106 99.74 -43.83 -7.36
C ALA H 106 100.25 -43.46 -8.72
N ASP H 107 99.89 -44.29 -9.68
CA ASP H 107 100.20 -44.05 -11.07
C ASP H 107 99.45 -42.82 -11.55
N ALA H 108 98.33 -42.52 -10.90
CA ALA H 108 97.56 -41.32 -11.19
C ALA H 108 98.34 -40.07 -10.85
N VAL H 109 99.21 -40.16 -9.86
CA VAL H 109 100.05 -39.02 -9.51
C VAL H 109 101.39 -39.11 -10.23
N TYR H 110 101.83 -40.34 -10.50
CA TYR H 110 103.11 -40.55 -11.17
C TYR H 110 103.12 -40.03 -12.60
N GLN H 111 102.11 -40.40 -13.38
CA GLN H 111 102.02 -39.99 -14.78
C GLN H 111 101.91 -38.47 -14.98
N ASN H 112 101.60 -37.76 -13.91
CA ASN H 112 101.29 -36.34 -13.99
C ASN H 112 102.21 -35.45 -13.16
N ILE H 113 103.39 -35.95 -12.83
CA ILE H 113 104.38 -35.16 -12.11
C ILE H 113 104.78 -33.94 -12.95
N ASP H 114 104.75 -34.10 -14.27
CA ASP H 114 105.07 -33.00 -15.17
C ASP H 114 104.00 -31.92 -15.15
N ILE H 115 102.85 -32.22 -14.56
CA ILE H 115 101.81 -31.23 -14.37
C ILE H 115 101.98 -30.57 -13.03
N ILE H 116 102.33 -31.38 -12.03
CA ILE H 116 102.45 -30.94 -10.65
C ILE H 116 103.66 -30.04 -10.43
N GLU H 117 104.84 -30.48 -10.84
CA GLU H 117 106.05 -29.79 -10.41
C GLU H 117 106.28 -28.36 -10.95
N PRO H 118 105.77 -28.01 -12.15
CA PRO H 118 105.80 -26.59 -12.49
C PRO H 118 105.15 -25.69 -11.44
N TYR H 119 104.09 -26.17 -10.78
CA TYR H 119 103.45 -25.40 -9.72
C TYR H 119 104.31 -25.37 -8.45
N ALA H 120 105.12 -26.41 -8.28
CA ALA H 120 105.96 -26.56 -7.09
C ALA H 120 105.27 -26.26 -5.76
N PRO H 121 104.17 -26.97 -5.45
CA PRO H 121 103.58 -26.71 -4.13
C PRO H 121 104.37 -27.43 -3.04
N GLU H 122 104.28 -26.94 -1.82
CA GLU H 122 105.04 -27.50 -0.71
C GLU H 122 104.41 -28.77 -0.14
N TYR H 123 103.09 -28.90 -0.30
CA TYR H 123 102.34 -30.04 0.24
C TYR H 123 101.40 -30.65 -0.80
N MET H 124 101.17 -31.95 -0.71
CA MET H 124 100.15 -32.61 -1.52
C MET H 124 99.06 -33.12 -0.62
N VAL H 125 97.82 -32.77 -0.93
CA VAL H 125 96.66 -33.29 -0.21
C VAL H 125 95.93 -34.21 -1.16
N ILE H 126 96.15 -35.51 -1.00
CA ILE H 126 95.54 -36.53 -1.86
C ILE H 126 94.14 -36.86 -1.34
N LEU H 127 93.13 -36.76 -2.20
CA LEU H 127 91.73 -36.91 -1.78
C LEU H 127 90.98 -37.98 -2.56
N ALA H 128 90.10 -38.70 -1.87
CA ALA H 128 89.13 -39.57 -2.54
C ALA H 128 87.95 -38.71 -2.99
N GLY H 129 87.64 -38.76 -4.28
CA GLY H 129 86.56 -37.94 -4.81
C GLY H 129 85.19 -38.60 -4.86
N ASP H 130 85.01 -39.67 -4.08
CA ASP H 130 83.74 -40.38 -4.12
C ASP H 130 83.09 -40.51 -2.74
N HIS H 131 83.43 -39.60 -1.82
CA HIS H 131 82.82 -39.55 -0.50
C HIS H 131 82.11 -38.21 -0.25
N ILE H 132 81.06 -38.24 0.54
CA ILE H 132 80.31 -37.04 0.90
C ILE H 132 80.62 -36.64 2.33
N TYR H 133 81.35 -35.53 2.49
CA TYR H 133 81.81 -35.08 3.80
C TYR H 133 82.33 -33.65 3.73
N LYS H 134 82.41 -32.99 4.88
CA LYS H 134 82.97 -31.64 4.99
C LYS H 134 84.12 -31.58 6.00
N MET H 135 85.24 -31.01 5.56
CA MET H 135 86.47 -31.04 6.34
C MET H 135 87.42 -29.90 5.98
N ASP H 136 88.02 -29.32 7.00
CA ASP H 136 88.99 -28.23 6.84
C ASP H 136 90.39 -28.80 6.81
N TYR H 137 90.99 -28.88 5.62
CA TYR H 137 92.26 -29.57 5.47
C TYR H 137 93.44 -28.80 6.07
N GLU H 138 93.19 -27.60 6.58
CA GLU H 138 94.26 -26.82 7.20
C GLU H 138 94.66 -27.42 8.55
N TYR H 139 93.70 -27.93 9.32
CA TYR H 139 93.99 -28.62 10.58
C TYR H 139 94.93 -29.76 10.36
N MET H 140 94.68 -30.47 9.27
CA MET H 140 95.49 -31.60 8.91
C MET H 140 96.87 -31.19 8.43
N LEU H 141 96.95 -30.08 7.69
CA LEU H 141 98.24 -29.58 7.24
C LEU H 141 99.05 -29.18 8.44
N GLN H 142 98.37 -28.56 9.41
CA GLN H 142 98.97 -28.10 10.66
C GLN H 142 99.47 -29.25 11.53
N GLN H 143 98.86 -30.42 11.41
CA GLN H 143 99.33 -31.57 12.15
C GLN H 143 100.55 -32.19 11.49
N HIS H 144 100.58 -32.21 10.16
CA HIS H 144 101.64 -32.90 9.42
C HIS H 144 103.02 -32.24 9.58
N VAL H 145 103.10 -30.91 9.47
CA VAL H 145 104.39 -30.24 9.64
C VAL H 145 104.81 -30.35 11.10
N ASP H 146 103.86 -30.15 12.02
CA ASP H 146 104.14 -30.14 13.45
C ASP H 146 104.56 -31.52 13.92
N SER H 147 103.94 -32.55 13.36
CA SER H 147 104.23 -33.92 13.78
C SER H 147 105.56 -34.40 13.23
N GLY H 148 105.96 -33.88 12.07
CA GLY H 148 107.18 -34.33 11.43
C GLY H 148 106.96 -35.57 10.59
N ALA H 149 105.71 -35.99 10.47
CA ALA H 149 105.36 -37.23 9.80
C ALA H 149 105.77 -37.25 8.34
N ASP H 150 106.00 -38.45 7.81
CA ASP H 150 106.19 -38.65 6.38
C ASP H 150 104.84 -38.59 5.65
N VAL H 151 103.83 -39.22 6.25
CA VAL H 151 102.45 -39.10 5.78
C VAL H 151 101.47 -39.00 6.93
N THR H 152 100.48 -38.14 6.76
CA THR H 152 99.38 -38.02 7.73
C THR H 152 98.12 -38.56 7.05
N ILE H 153 97.36 -39.39 7.76
CA ILE H 153 96.23 -40.08 7.15
C ILE H 153 94.95 -39.71 7.87
N GLY H 154 93.91 -39.40 7.10
CA GLY H 154 92.63 -39.06 7.67
C GLY H 154 91.87 -40.31 8.06
N CYS H 155 91.36 -40.32 9.30
CA CYS H 155 90.72 -41.48 9.88
C CYS H 155 89.37 -41.20 10.51
N LEU H 156 88.41 -42.07 10.21
CA LEU H 156 87.17 -42.12 10.96
C LEU H 156 87.38 -42.95 12.22
N GLU H 157 86.87 -42.50 13.35
CA GLU H 157 86.85 -43.33 14.54
C GLU H 157 85.51 -44.05 14.52
N VAL H 158 85.52 -45.35 14.24
CA VAL H 158 84.28 -46.09 14.06
C VAL H 158 84.21 -47.23 15.05
N PRO H 159 82.98 -47.67 15.39
CA PRO H 159 82.81 -48.87 16.21
C PRO H 159 83.60 -50.04 15.63
N ARG H 160 84.31 -50.79 16.47
CA ARG H 160 85.23 -51.82 15.99
C ARG H 160 84.52 -52.81 15.06
N MET H 161 83.28 -53.13 15.35
CA MET H 161 82.53 -54.02 14.48
C MET H 161 82.33 -53.45 13.07
N GLU H 162 82.01 -52.16 12.98
CA GLU H 162 81.79 -51.53 11.67
C GLU H 162 83.09 -51.38 10.90
N ALA H 163 84.21 -51.39 11.61
CA ALA H 163 85.51 -51.18 11.00
C ALA H 163 85.93 -52.34 10.11
N THR H 164 85.21 -53.45 10.17
CA THR H 164 85.60 -54.64 9.45
C THR H 164 85.48 -54.42 7.95
N GLY H 165 84.76 -53.37 7.58
CA GLY H 165 84.56 -53.04 6.19
C GLY H 165 85.58 -52.06 5.62
N PHE H 166 86.36 -51.44 6.50
CA PHE H 166 87.33 -50.43 6.07
C PHE H 166 88.76 -50.90 6.06
N GLY H 167 89.61 -50.19 5.33
CA GLY H 167 91.03 -50.33 5.53
C GLY H 167 91.30 -49.72 6.88
N VAL H 168 91.90 -50.48 7.80
CA VAL H 168 91.99 -50.06 9.18
C VAL H 168 93.43 -49.72 9.59
N MET H 169 93.57 -48.61 10.32
CA MET H 169 94.86 -48.16 10.81
C MET H 169 95.09 -48.61 12.25
N HIS H 170 96.09 -49.46 12.43
CA HIS H 170 96.53 -49.84 13.75
C HIS H 170 97.49 -48.78 14.27
N VAL H 171 97.11 -48.15 15.38
CA VAL H 171 97.77 -46.95 15.85
C VAL H 171 98.27 -47.13 17.28
N ASN H 172 99.36 -46.45 17.64
CA ASN H 172 99.87 -46.59 19.00
C ASN H 172 99.40 -45.49 19.93
N GLU H 173 100.19 -45.28 20.98
CA GLU H 173 99.90 -44.32 22.03
C GLU H 173 99.66 -42.89 21.56
N LYS H 174 100.49 -42.43 20.62
CA LYS H 174 100.42 -41.05 20.15
C LYS H 174 99.85 -40.96 18.74
N ASP H 175 98.89 -41.83 18.45
CA ASP H 175 98.24 -41.88 17.15
C ASP H 175 99.21 -42.11 16.00
N GLU H 176 100.34 -42.73 16.30
CA GLU H 176 101.26 -43.13 15.25
C GLU H 176 100.85 -44.49 14.71
N ILE H 177 100.79 -44.62 13.39
CA ILE H 177 100.33 -45.84 12.73
C ILE H 177 101.39 -46.95 12.77
N ILE H 178 101.07 -48.08 13.40
CA ILE H 178 102.04 -49.17 13.54
C ILE H 178 101.84 -50.32 12.53
N ASP H 179 100.63 -50.47 11.97
CA ASP H 179 100.42 -51.18 10.69
C ASP H 179 98.99 -50.99 10.17
N PHE H 180 98.75 -51.48 8.96
CA PHE H 180 97.48 -51.27 8.27
C PHE H 180 96.89 -52.58 7.76
N ILE H 181 95.61 -52.81 8.04
CA ILE H 181 94.97 -54.06 7.62
C ILE H 181 93.75 -53.77 6.76
N GLU H 182 93.69 -54.40 5.59
CA GLU H 182 92.56 -54.25 4.70
C GLU H 182 91.40 -55.15 5.12
N LYS H 183 90.36 -54.53 5.67
CA LYS H 183 89.17 -55.23 6.17
C LYS H 183 89.47 -56.37 7.13
N PRO H 184 90.06 -56.05 8.29
CA PRO H 184 90.34 -57.05 9.33
C PRO H 184 89.06 -57.65 9.91
N ALA H 185 89.04 -58.97 10.08
CA ALA H 185 87.91 -59.64 10.68
C ALA H 185 87.79 -59.21 12.12
N ASP H 186 88.94 -58.93 12.72
CA ASP H 186 88.98 -58.32 14.04
C ASP H 186 89.87 -57.10 13.97
N PRO H 187 89.25 -55.95 13.71
CA PRO H 187 89.96 -54.67 13.60
C PRO H 187 90.68 -54.31 14.88
N PRO H 188 91.97 -53.97 14.78
CA PRO H 188 92.72 -53.51 15.96
C PRO H 188 92.04 -52.29 16.56
N GLY H 189 91.93 -52.26 17.88
CA GLY H 189 91.29 -51.16 18.57
C GLY H 189 92.27 -50.05 18.89
N ILE H 190 91.72 -48.86 19.19
CA ILE H 190 92.52 -47.74 19.64
C ILE H 190 93.00 -47.97 21.08
N PRO H 191 94.32 -47.89 21.33
CA PRO H 191 94.86 -48.09 22.68
C PRO H 191 94.14 -47.25 23.73
N GLY H 192 93.64 -47.89 24.79
CA GLY H 192 92.94 -47.17 25.84
C GLY H 192 91.51 -46.82 25.47
N ASN H 193 91.18 -47.03 24.21
CA ASN H 193 89.83 -46.79 23.70
C ASN H 193 89.46 -47.94 22.78
N GLU H 194 89.73 -49.15 23.28
CA GLU H 194 89.36 -50.36 22.57
C GLU H 194 87.87 -50.29 22.36
N GLY H 195 87.37 -50.94 21.32
CA GLY H 195 85.96 -50.83 21.03
C GLY H 195 85.70 -49.84 19.91
N PHE H 196 86.72 -49.02 19.61
CA PHE H 196 86.73 -48.17 18.44
C PHE H 196 87.97 -48.46 17.63
N ALA H 197 87.86 -48.38 16.31
CA ALA H 197 89.01 -48.53 15.43
C ALA H 197 89.16 -47.30 14.54
N LEU H 198 90.34 -47.12 13.96
CA LEU H 198 90.56 -46.00 13.05
C LEU H 198 90.42 -46.47 11.60
N ALA H 199 89.38 -45.98 10.92
CA ALA H 199 89.09 -46.37 9.54
C ALA H 199 89.71 -45.38 8.55
N SER H 200 90.29 -45.88 7.47
CA SER H 200 90.94 -45.02 6.49
C SER H 200 89.98 -44.32 5.56
N MET H 201 90.08 -42.99 5.50
CA MET H 201 89.23 -42.19 4.64
C MET H 201 89.82 -42.06 3.25
N GLY H 202 91.06 -42.48 3.08
CA GLY H 202 91.74 -42.34 1.81
C GLY H 202 92.22 -40.92 1.56
N ILE H 203 92.45 -40.18 2.64
CA ILE H 203 92.94 -38.81 2.59
C ILE H 203 94.36 -38.80 3.13
N TYR H 204 95.33 -38.54 2.24
CA TYR H 204 96.75 -38.60 2.58
C TYR H 204 97.40 -37.23 2.36
N VAL H 205 98.26 -36.84 3.29
CA VAL H 205 98.98 -35.58 3.19
C VAL H 205 100.48 -35.81 3.24
N PHE H 206 101.19 -35.24 2.27
CA PHE H 206 102.64 -35.43 2.17
C PHE H 206 103.38 -34.09 2.08
N HIS H 207 104.70 -34.16 2.23
CA HIS H 207 105.57 -33.14 1.67
C HIS H 207 105.71 -33.53 0.22
N THR H 208 105.58 -32.58 -0.70
CA THR H 208 105.58 -32.91 -2.12
C THR H 208 106.85 -33.65 -2.54
N LYS H 209 108.00 -33.25 -2.01
CA LYS H 209 109.27 -33.89 -2.36
C LYS H 209 109.21 -35.37 -2.02
N PHE H 210 108.70 -35.68 -0.84
CA PHE H 210 108.63 -37.05 -0.35
C PHE H 210 107.76 -37.89 -1.26
N LEU H 211 106.59 -37.35 -1.60
CA LEU H 211 105.62 -38.07 -2.42
C LEU H 211 106.16 -38.38 -3.80
N MET H 212 106.83 -37.41 -4.42
CA MET H 212 107.36 -37.59 -5.77
C MET H 212 108.37 -38.73 -5.82
N GLU H 213 109.12 -38.89 -4.73
CA GLU H 213 110.11 -39.95 -4.65
C GLU H 213 109.44 -41.27 -4.33
N ALA H 214 108.47 -41.22 -3.42
CA ALA H 214 107.71 -42.41 -3.05
C ALA H 214 106.96 -42.97 -4.27
N LEU H 215 106.64 -42.09 -5.22
CA LEU H 215 105.95 -42.45 -6.45
C LEU H 215 106.89 -43.01 -7.49
N ARG H 216 108.04 -42.36 -7.64
CA ARG H 216 109.07 -42.82 -8.57
C ARG H 216 109.58 -44.20 -8.18
N ARG H 217 109.57 -44.48 -6.88
CA ARG H 217 109.98 -45.78 -6.38
C ARG H 217 108.92 -46.81 -6.70
N ASP H 218 107.68 -46.47 -6.41
CA ASP H 218 106.54 -47.35 -6.63
C ASP H 218 106.37 -47.71 -8.10
N ALA H 219 106.80 -46.82 -9.01
CA ALA H 219 106.68 -47.09 -10.42
C ALA H 219 107.73 -48.08 -10.88
N ALA H 220 108.92 -48.01 -10.28
CA ALA H 220 110.02 -48.93 -10.58
C ALA H 220 109.85 -50.23 -9.80
N ASP H 221 108.60 -50.63 -9.62
CA ASP H 221 108.29 -51.77 -8.79
C ASP H 221 107.24 -52.63 -9.47
N PRO H 222 107.72 -53.60 -10.27
CA PRO H 222 106.87 -54.56 -10.98
C PRO H 222 105.91 -55.30 -10.06
N THR H 223 106.21 -55.36 -8.76
CA THR H 223 105.35 -56.04 -7.80
C THR H 223 104.32 -55.11 -7.15
N SER H 224 104.26 -53.87 -7.62
CA SER H 224 103.35 -52.90 -7.03
C SER H 224 102.00 -52.88 -7.75
N SER H 225 100.92 -52.78 -6.98
CA SER H 225 99.57 -52.64 -7.55
C SER H 225 99.31 -51.16 -7.87
N ARG H 226 100.31 -50.32 -7.63
CA ARG H 226 100.31 -48.92 -7.99
C ARG H 226 99.24 -48.11 -7.25
N ASP H 227 98.98 -48.48 -6.00
CA ASP H 227 97.92 -47.84 -5.24
C ASP H 227 98.43 -47.23 -3.93
N PHE H 228 97.79 -46.14 -3.50
CA PHE H 228 98.16 -45.46 -2.26
C PHE H 228 97.86 -46.34 -1.05
N GLY H 229 96.66 -46.90 -1.02
CA GLY H 229 96.21 -47.73 0.10
C GLY H 229 96.92 -49.07 0.19
N LYS H 230 97.12 -49.72 -0.95
CA LYS H 230 97.83 -51.00 -1.00
C LYS H 230 99.34 -50.86 -0.88
N ASP H 231 99.92 -49.99 -1.70
CA ASP H 231 101.37 -49.95 -1.86
C ASP H 231 102.07 -48.85 -1.06
N ILE H 232 101.86 -47.59 -1.46
CA ILE H 232 102.57 -46.48 -0.87
C ILE H 232 102.45 -46.38 0.65
N ILE H 233 101.21 -46.41 1.14
CA ILE H 233 100.98 -46.17 2.55
C ILE H 233 101.56 -47.27 3.45
N PRO H 234 101.24 -48.55 3.17
CA PRO H 234 101.81 -49.56 4.07
C PRO H 234 103.34 -49.61 4.01
N TYR H 235 103.92 -49.17 2.90
CA TYR H 235 105.37 -49.03 2.84
C TYR H 235 105.82 -48.03 3.88
N ILE H 236 105.18 -46.87 3.91
CA ILE H 236 105.59 -45.82 4.83
C ILE H 236 105.24 -46.22 6.26
N VAL H 237 104.16 -46.99 6.43
CA VAL H 237 103.79 -47.43 7.77
C VAL H 237 104.92 -48.29 8.37
N GLU H 238 105.50 -49.17 7.56
CA GLU H 238 106.56 -50.05 8.05
C GLU H 238 107.97 -49.43 8.01
N HIS H 239 108.42 -49.00 6.83
CA HIS H 239 109.77 -48.46 6.70
C HIS H 239 109.89 -46.98 7.06
N GLY H 240 108.76 -46.28 7.18
CA GLY H 240 108.80 -44.86 7.43
C GLY H 240 108.02 -44.38 8.64
N LYS H 241 107.49 -43.15 8.53
CA LYS H 241 106.73 -42.55 9.63
C LYS H 241 105.32 -42.12 9.19
N ALA H 242 104.32 -42.81 9.72
CA ALA H 242 102.93 -42.56 9.34
C ALA H 242 102.10 -42.20 10.56
N VAL H 243 101.32 -41.13 10.46
CA VAL H 243 100.54 -40.63 11.59
C VAL H 243 99.06 -40.43 11.21
N ALA H 244 98.17 -40.76 12.13
CA ALA H 244 96.75 -40.63 11.87
C ALA H 244 96.18 -39.30 12.36
N HIS H 245 95.22 -38.76 11.61
CA HIS H 245 94.50 -37.57 12.01
C HIS H 245 93.00 -37.90 12.14
N ARG H 246 92.41 -37.55 13.27
CA ARG H 246 91.03 -37.90 13.53
C ARG H 246 90.07 -36.96 12.82
N PHE H 247 89.11 -37.51 12.09
CA PHE H 247 88.13 -36.71 11.35
C PHE H 247 87.38 -35.75 12.29
N ALA H 248 87.15 -36.17 13.52
CA ALA H 248 86.41 -35.34 14.45
C ALA H 248 87.18 -34.05 14.77
N ASP H 249 88.50 -34.08 14.60
CA ASP H 249 89.34 -32.93 14.87
C ASP H 249 89.24 -31.87 13.76
N SER H 250 88.86 -32.30 12.56
CA SER H 250 88.87 -31.48 11.36
C SER H 250 87.51 -31.26 10.73
N CYS H 251 86.58 -32.17 11.01
CA CYS H 251 85.26 -32.10 10.40
C CYS H 251 84.57 -30.77 10.61
N VAL H 252 84.04 -30.21 9.53
CA VAL H 252 83.26 -28.99 9.65
C VAL H 252 81.82 -29.40 9.90
N ARG H 253 81.46 -29.40 11.18
CA ARG H 253 80.14 -29.82 11.63
C ARG H 253 79.31 -28.62 12.04
N SER H 254 78.23 -28.36 11.31
CA SER H 254 77.27 -27.34 11.72
C SER H 254 76.65 -27.79 13.04
N ASP H 255 76.30 -26.84 13.90
CA ASP H 255 75.70 -27.20 15.19
C ASP H 255 74.30 -27.79 14.95
N PHE H 256 73.83 -27.68 13.71
CA PHE H 256 72.56 -28.27 13.32
C PHE H 256 72.77 -29.70 12.80
N GLU H 257 74.02 -30.15 12.89
CA GLU H 257 74.37 -31.54 12.59
C GLU H 257 74.77 -32.26 13.88
N HIS H 258 74.05 -33.31 14.23
CA HIS H 258 74.23 -33.97 15.52
C HIS H 258 75.57 -34.71 15.71
N GLU H 259 76.36 -34.77 14.63
CA GLU H 259 77.66 -35.46 14.64
C GLU H 259 78.41 -35.19 13.32
N PRO H 260 79.72 -35.45 13.29
CA PRO H 260 80.50 -35.46 12.04
C PRO H 260 79.85 -36.34 10.99
N TYR H 261 79.58 -35.77 9.82
CA TYR H 261 78.90 -36.47 8.74
C TYR H 261 79.88 -36.93 7.68
N TRP H 262 79.86 -38.22 7.39
CA TRP H 262 80.68 -38.80 6.35
C TRP H 262 79.92 -39.99 5.76
N ARG H 263 79.68 -39.97 4.46
CA ARG H 263 79.01 -41.10 3.81
C ARG H 263 79.77 -41.59 2.59
N ASP H 264 79.69 -42.89 2.39
CA ASP H 264 80.37 -43.56 1.29
C ASP H 264 79.43 -43.78 0.11
N VAL H 265 78.12 -43.79 0.38
CA VAL H 265 77.06 -44.20 -0.55
C VAL H 265 77.52 -45.29 -1.54
N GLY H 266 78.07 -46.37 -1.02
CA GLY H 266 78.65 -47.41 -1.84
C GLY H 266 77.71 -48.46 -2.39
N THR H 267 76.47 -48.50 -1.89
CA THR H 267 75.45 -49.43 -2.39
C THR H 267 74.17 -48.69 -2.72
N ILE H 268 73.26 -49.33 -3.43
CA ILE H 268 72.02 -48.68 -3.83
C ILE H 268 71.19 -48.31 -2.60
N ASP H 269 71.18 -49.18 -1.61
CA ASP H 269 70.53 -48.84 -0.35
C ASP H 269 71.13 -47.62 0.34
N ALA H 270 72.46 -47.56 0.44
CA ALA H 270 73.11 -46.48 1.19
C ALA H 270 72.97 -45.15 0.46
N TYR H 271 72.93 -45.22 -0.86
CA TYR H 271 72.74 -44.04 -1.69
C TYR H 271 71.33 -43.50 -1.55
N TRP H 272 70.37 -44.40 -1.59
CA TRP H 272 68.97 -44.00 -1.48
C TRP H 272 68.75 -43.41 -0.09
N GLN H 273 69.31 -44.06 0.93
CA GLN H 273 69.14 -43.61 2.30
C GLN H 273 69.76 -42.22 2.53
N ALA H 274 70.91 -41.97 1.94
CA ALA H 274 71.60 -40.70 2.15
C ALA H 274 70.81 -39.55 1.54
N ASN H 275 70.22 -39.78 0.37
CA ASN H 275 69.39 -38.77 -0.25
C ASN H 275 68.07 -38.59 0.48
N ILE H 276 67.40 -39.69 0.79
CA ILE H 276 66.09 -39.59 1.42
C ILE H 276 66.20 -38.93 2.81
N ASP H 277 67.37 -39.05 3.44
CA ASP H 277 67.55 -38.48 4.76
C ASP H 277 67.46 -36.95 4.73
N LEU H 278 67.81 -36.36 3.59
CA LEU H 278 67.74 -34.92 3.44
C LEU H 278 66.31 -34.40 3.52
N THR H 279 65.35 -35.32 3.53
CA THR H 279 63.95 -34.94 3.64
C THR H 279 63.47 -34.93 5.09
N ASP H 280 64.34 -35.31 6.03
CA ASP H 280 64.00 -35.30 7.47
C ASP H 280 63.67 -33.89 7.98
N VAL H 281 62.97 -33.82 9.11
CA VAL H 281 62.78 -32.54 9.76
C VAL H 281 64.12 -32.01 10.22
N VAL H 282 64.90 -32.90 10.84
CA VAL H 282 66.24 -32.58 11.29
C VAL H 282 67.26 -33.48 10.59
N PRO H 283 67.64 -33.11 9.37
CA PRO H 283 68.57 -33.97 8.62
C PRO H 283 69.95 -34.08 9.27
N ASP H 284 70.63 -35.20 9.00
CA ASP H 284 72.02 -35.42 9.40
C ASP H 284 72.98 -34.48 8.70
N LEU H 285 72.72 -34.23 7.42
CA LEU H 285 73.51 -33.27 6.66
C LEU H 285 72.75 -31.96 6.54
N ASP H 286 73.37 -30.88 7.00
CA ASP H 286 72.77 -29.55 6.97
C ASP H 286 73.12 -28.85 5.68
N ILE H 287 72.28 -28.98 4.65
CA ILE H 287 72.61 -28.39 3.36
C ILE H 287 72.41 -26.87 3.37
N TYR H 288 72.33 -26.29 4.57
CA TYR H 288 72.14 -24.84 4.73
C TYR H 288 73.28 -24.17 5.49
N ASP H 289 74.35 -24.91 5.76
CA ASP H 289 75.49 -24.31 6.44
C ASP H 289 76.26 -23.44 5.45
N LYS H 290 75.83 -22.18 5.34
CA LYS H 290 76.45 -21.19 4.49
C LYS H 290 77.93 -20.98 4.82
N SER H 291 78.36 -21.43 5.99
CA SER H 291 79.73 -21.18 6.44
C SER H 291 80.70 -22.09 5.70
N TRP H 292 80.19 -23.20 5.18
CA TRP H 292 81.02 -24.15 4.43
C TRP H 292 80.26 -24.65 3.20
N PRO H 293 80.07 -23.77 2.21
CA PRO H 293 79.21 -24.03 1.07
C PRO H 293 79.80 -25.02 0.07
N ILE H 294 78.93 -25.83 -0.51
CA ILE H 294 79.31 -26.74 -1.56
C ILE H 294 79.01 -26.11 -2.91
N TRP H 295 80.06 -25.76 -3.65
CA TRP H 295 79.91 -25.21 -4.99
C TRP H 295 79.67 -26.35 -5.96
N THR H 296 78.98 -26.07 -7.07
CA THR H 296 78.75 -27.08 -8.10
C THR H 296 78.36 -26.42 -9.43
N TYR H 297 78.13 -27.23 -10.46
CA TYR H 297 77.61 -26.67 -11.70
C TYR H 297 76.08 -26.53 -11.63
N ALA H 298 75.61 -25.31 -11.75
CA ALA H 298 74.17 -25.07 -11.78
C ALA H 298 73.86 -24.07 -12.86
N GLU H 299 72.67 -24.17 -13.43
CA GLU H 299 72.22 -23.18 -14.38
C GLU H 299 71.07 -22.41 -13.76
N ILE H 300 70.80 -21.24 -14.31
CA ILE H 300 69.58 -20.52 -14.00
C ILE H 300 68.41 -21.35 -14.48
N THR H 301 67.47 -21.64 -13.59
CA THR H 301 66.25 -22.36 -13.97
C THR H 301 65.05 -21.60 -13.43
N PRO H 302 63.86 -21.91 -13.95
CA PRO H 302 62.65 -21.38 -13.32
C PRO H 302 62.39 -22.02 -11.96
N PRO H 303 61.47 -21.46 -11.17
CA PRO H 303 61.24 -22.07 -9.86
C PRO H 303 60.47 -23.38 -10.00
N ALA H 304 60.32 -24.13 -8.92
CA ALA H 304 59.41 -25.26 -8.92
C ALA H 304 57.95 -24.78 -9.00
N LYS H 305 57.10 -25.57 -9.62
CA LYS H 305 55.71 -25.17 -9.83
C LYS H 305 54.79 -26.33 -9.45
N PHE H 306 53.72 -26.01 -8.73
CA PHE H 306 52.74 -27.00 -8.33
C PHE H 306 51.39 -26.59 -8.88
N VAL H 307 50.72 -27.48 -9.59
CA VAL H 307 49.40 -27.16 -10.11
C VAL H 307 48.40 -28.29 -9.90
N HIS H 308 47.12 -27.91 -9.95
CA HIS H 308 45.94 -28.75 -9.74
C HIS H 308 45.64 -29.02 -8.28
N ASP H 309 44.37 -28.95 -7.95
CA ASP H 309 43.90 -29.13 -6.59
C ASP H 309 42.39 -29.34 -6.63
N ASP H 310 41.97 -30.55 -6.93
CA ASP H 310 40.56 -30.89 -6.92
C ASP H 310 40.38 -32.24 -6.24
N GLU H 311 39.18 -32.79 -6.31
CA GLU H 311 38.84 -33.95 -5.49
C GLU H 311 39.67 -35.20 -5.82
N ASP H 312 40.35 -35.19 -6.97
CA ASP H 312 41.03 -36.39 -7.44
C ASP H 312 42.49 -36.22 -7.83
N ARG H 313 42.97 -34.98 -7.90
CA ARG H 313 44.40 -34.74 -8.10
C ARG H 313 44.84 -33.46 -7.43
N ARG H 314 45.99 -33.54 -6.80
CA ARG H 314 46.58 -32.37 -6.17
C ARG H 314 48.08 -32.43 -6.40
N GLY H 315 48.61 -31.43 -7.08
CA GLY H 315 50.03 -31.30 -7.25
C GLY H 315 50.63 -30.66 -6.01
N SER H 316 51.28 -31.48 -5.18
CA SER H 316 51.96 -30.96 -4.00
C SER H 316 52.99 -31.95 -3.50
N ALA H 317 53.93 -31.45 -2.70
CA ALA H 317 54.98 -32.27 -2.13
C ALA H 317 55.01 -32.09 -0.62
N VAL H 318 54.96 -33.21 0.08
CA VAL H 318 54.93 -33.24 1.53
C VAL H 318 56.21 -33.93 1.98
N SER H 319 56.84 -33.45 3.05
CA SER H 319 58.03 -34.08 3.60
C SER H 319 59.07 -34.36 2.52
N SER H 320 59.29 -33.37 1.66
CA SER H 320 60.02 -33.58 0.41
C SER H 320 60.96 -32.44 0.10
N VAL H 321 61.81 -32.68 -0.89
CA VAL H 321 62.78 -31.70 -1.33
C VAL H 321 62.68 -31.58 -2.85
N VAL H 322 62.47 -30.37 -3.36
CA VAL H 322 62.17 -30.18 -4.78
C VAL H 322 63.02 -29.09 -5.38
N SER H 323 63.76 -29.40 -6.45
CA SER H 323 64.64 -28.44 -7.10
C SER H 323 63.91 -27.59 -8.13
N GLY H 324 64.68 -26.71 -8.78
CA GLY H 324 64.13 -25.82 -9.78
C GLY H 324 63.77 -26.54 -11.06
N ASP H 325 63.02 -25.86 -11.92
CA ASP H 325 62.59 -26.39 -13.21
C ASP H 325 61.62 -27.57 -13.06
N CYS H 326 61.28 -27.94 -11.83
CA CYS H 326 60.36 -29.03 -11.56
C CYS H 326 58.90 -28.58 -11.69
N ILE H 327 58.10 -29.35 -12.40
CA ILE H 327 56.67 -29.06 -12.52
C ILE H 327 55.88 -30.23 -11.99
N ILE H 328 55.17 -29.98 -10.89
CA ILE H 328 54.44 -31.02 -10.17
C ILE H 328 52.95 -30.83 -10.47
N SER H 329 52.53 -31.49 -11.55
CA SER H 329 51.23 -31.25 -12.16
C SER H 329 50.27 -32.35 -11.76
N GLY H 330 49.47 -32.11 -10.72
CA GLY H 330 48.53 -33.10 -10.23
C GLY H 330 49.20 -34.33 -9.65
N ALA H 331 50.48 -34.21 -9.32
CA ALA H 331 51.24 -35.32 -8.78
C ALA H 331 51.41 -35.18 -7.27
N ALA H 332 51.20 -36.26 -6.54
CA ALA H 332 51.32 -36.24 -5.09
C ALA H 332 52.65 -36.84 -4.66
N LEU H 333 53.52 -35.99 -4.12
CA LEU H 333 54.84 -36.42 -3.66
C LEU H 333 54.88 -36.49 -2.15
N ASN H 334 55.50 -37.55 -1.63
CA ASN H 334 55.75 -37.65 -0.21
C ASN H 334 57.09 -38.30 0.04
N ARG H 335 57.84 -37.77 0.99
CA ARG H 335 59.15 -38.29 1.35
C ARG H 335 60.05 -38.53 0.12
N SER H 336 60.10 -37.53 -0.75
CA SER H 336 60.82 -37.66 -2.00
C SER H 336 61.76 -36.52 -2.23
N LEU H 337 62.84 -36.81 -2.95
CA LEU H 337 63.85 -35.83 -3.30
C LEU H 337 63.92 -35.77 -4.82
N LEU H 338 63.62 -34.59 -5.38
CA LEU H 338 63.60 -34.41 -6.83
C LEU H 338 64.71 -33.46 -7.25
N PHE H 339 65.52 -33.90 -8.20
CA PHE H 339 66.57 -33.08 -8.79
C PHE H 339 65.96 -32.16 -9.84
N THR H 340 66.81 -31.34 -10.44
CA THR H 340 66.39 -30.35 -11.41
C THR H 340 65.57 -30.89 -12.58
N GLY H 341 64.46 -30.23 -12.91
CA GLY H 341 63.77 -30.48 -14.15
C GLY H 341 62.78 -31.64 -14.20
N VAL H 342 62.46 -32.21 -13.05
CA VAL H 342 61.53 -33.34 -13.02
C VAL H 342 60.12 -32.89 -13.35
N ARG H 343 59.47 -33.61 -14.25
CA ARG H 343 58.08 -33.38 -14.59
C ARG H 343 57.26 -34.55 -14.06
N ALA H 344 56.30 -34.29 -13.21
CA ALA H 344 55.41 -35.34 -12.75
C ALA H 344 53.99 -34.93 -13.11
N ASN H 345 53.24 -35.84 -13.70
CA ASN H 345 51.97 -35.48 -14.31
C ASN H 345 50.79 -36.01 -13.53
N SER H 346 49.59 -35.58 -13.94
CA SER H 346 48.35 -35.75 -13.16
C SER H 346 48.09 -37.18 -12.74
N TYR H 347 47.66 -37.33 -11.49
CA TYR H 347 47.26 -38.59 -10.88
C TYR H 347 48.42 -39.53 -10.55
N SER H 348 49.66 -39.09 -10.79
CA SER H 348 50.83 -39.85 -10.37
C SER H 348 51.11 -39.65 -8.88
N ARG H 349 51.77 -40.63 -8.25
CA ARG H 349 52.13 -40.53 -6.84
C ARG H 349 53.54 -41.07 -6.62
N LEU H 350 54.40 -40.30 -5.95
CA LEU H 350 55.72 -40.78 -5.58
C LEU H 350 55.84 -40.88 -4.07
N GLU H 351 56.46 -41.93 -3.58
CA GLU H 351 56.79 -42.02 -2.16
C GLU H 351 58.16 -42.62 -1.97
N ASN H 352 58.94 -42.06 -1.05
CA ASN H 352 60.26 -42.58 -0.74
C ASN H 352 61.10 -42.68 -2.00
N ALA H 353 61.02 -41.63 -2.82
CA ALA H 353 61.64 -41.67 -4.13
C ALA H 353 62.80 -40.69 -4.23
N VAL H 354 63.91 -41.16 -4.79
CA VAL H 354 65.00 -40.27 -5.18
C VAL H 354 64.96 -40.17 -6.70
N VAL H 355 64.70 -38.98 -7.21
CA VAL H 355 64.41 -38.83 -8.63
C VAL H 355 65.44 -37.90 -9.29
N LEU H 356 66.31 -38.47 -10.12
CA LEU H 356 67.45 -37.75 -10.72
C LEU H 356 66.96 -36.73 -11.77
N PRO H 357 67.87 -35.91 -12.35
CA PRO H 357 67.35 -34.81 -13.19
C PRO H 357 66.57 -35.23 -14.43
N SER H 358 65.58 -34.41 -14.79
CA SER H 358 64.87 -34.51 -16.06
C SER H 358 64.03 -35.77 -16.22
N VAL H 359 63.73 -36.43 -15.12
CA VAL H 359 62.81 -37.57 -15.14
C VAL H 359 61.38 -37.07 -15.41
N LYS H 360 60.64 -37.79 -16.27
CA LYS H 360 59.23 -37.51 -16.50
C LYS H 360 58.41 -38.64 -15.88
N ILE H 361 57.39 -38.30 -15.11
CA ILE H 361 56.49 -39.30 -14.56
C ILE H 361 55.15 -39.21 -15.27
N GLY H 362 54.77 -40.29 -15.94
CA GLY H 362 53.53 -40.27 -16.70
C GLY H 362 52.33 -40.34 -15.78
N ARG H 363 51.18 -39.86 -16.25
CA ARG H 363 49.95 -39.91 -15.48
C ARG H 363 49.70 -41.28 -14.89
N HIS H 364 49.11 -41.29 -13.70
CA HIS H 364 48.65 -42.50 -13.02
C HIS H 364 49.75 -43.45 -12.52
N ALA H 365 51.01 -43.16 -12.79
CA ALA H 365 52.08 -44.01 -12.28
C ALA H 365 52.15 -43.90 -10.76
N GLN H 366 52.42 -45.01 -10.08
CA GLN H 366 52.64 -45.01 -8.63
C GLN H 366 53.94 -45.70 -8.29
N LEU H 367 54.90 -44.94 -7.81
CA LEU H 367 56.22 -45.48 -7.51
C LEU H 367 56.57 -45.30 -6.04
N SER H 368 56.95 -46.38 -5.38
CA SER H 368 57.41 -46.35 -4.00
C SER H 368 58.79 -46.98 -3.85
N ASN H 369 59.62 -46.36 -3.00
CA ASN H 369 60.94 -46.88 -2.62
C ASN H 369 61.85 -47.11 -3.81
N VAL H 370 62.18 -46.02 -4.49
CA VAL H 370 62.93 -46.11 -5.73
C VAL H 370 64.06 -45.08 -5.82
N VAL H 371 64.95 -45.34 -6.77
CA VAL H 371 65.91 -44.38 -7.31
C VAL H 371 65.76 -44.41 -8.85
N ILE H 372 65.21 -43.33 -9.41
CA ILE H 372 65.00 -43.26 -10.85
C ILE H 372 66.18 -42.52 -11.47
N ASP H 373 66.83 -43.16 -12.43
CA ASP H 373 68.05 -42.63 -13.05
C ASP H 373 67.77 -41.37 -13.90
N HIS H 374 68.80 -40.57 -14.15
CA HIS H 374 68.71 -39.37 -14.97
C HIS H 374 67.96 -39.57 -16.27
N GLY H 375 66.98 -38.71 -16.53
CA GLY H 375 66.37 -38.66 -17.85
C GLY H 375 65.31 -39.69 -18.15
N VAL H 376 65.13 -40.67 -17.26
CA VAL H 376 64.14 -41.72 -17.44
C VAL H 376 62.72 -41.17 -17.68
N VAL H 377 62.03 -41.72 -18.67
CA VAL H 377 60.61 -41.41 -18.86
C VAL H 377 59.79 -42.57 -18.32
N ILE H 378 59.12 -42.34 -17.20
CA ILE H 378 58.29 -43.36 -16.56
C ILE H 378 56.96 -43.44 -17.30
N PRO H 379 56.65 -44.61 -17.88
CA PRO H 379 55.40 -44.72 -18.63
C PRO H 379 54.18 -44.57 -17.73
N GLU H 380 53.11 -44.03 -18.30
CA GLU H 380 51.87 -43.84 -17.56
C GLU H 380 51.34 -45.13 -16.95
N GLY H 381 50.84 -45.03 -15.72
CA GLY H 381 50.27 -46.18 -15.04
C GLY H 381 51.24 -47.16 -14.42
N LEU H 382 52.54 -46.96 -14.61
CA LEU H 382 53.52 -47.88 -14.03
C LEU H 382 53.41 -47.93 -12.50
N ILE H 383 53.40 -49.14 -11.95
CA ILE H 383 53.34 -49.32 -10.50
C ILE H 383 54.62 -49.95 -10.00
N VAL H 384 55.28 -49.30 -9.05
CA VAL H 384 56.47 -49.88 -8.42
C VAL H 384 56.36 -49.74 -6.91
N GLY H 385 56.58 -50.85 -6.20
CA GLY H 385 56.55 -50.82 -4.74
C GLY H 385 55.39 -51.62 -4.16
N GLU H 386 54.60 -52.21 -5.04
CA GLU H 386 53.42 -52.98 -4.67
C GLU H 386 53.65 -54.50 -4.76
N ASP H 387 54.50 -54.90 -5.71
CA ASP H 387 54.69 -56.30 -6.07
C ASP H 387 56.16 -56.66 -6.04
N PRO H 388 56.67 -57.08 -4.87
CA PRO H 388 58.09 -57.35 -4.68
C PRO H 388 58.66 -58.28 -5.74
N GLU H 389 57.83 -59.20 -6.21
CA GLU H 389 58.24 -60.23 -7.16
C GLU H 389 58.33 -59.69 -8.58
N LEU H 390 57.29 -58.96 -9.00
CA LEU H 390 57.29 -58.37 -10.32
C LEU H 390 58.34 -57.28 -10.43
N ASP H 391 58.49 -56.48 -9.37
CA ASP H 391 59.45 -55.38 -9.36
C ASP H 391 60.87 -55.89 -9.52
N ALA H 392 61.18 -57.00 -8.85
CA ALA H 392 62.53 -57.56 -8.87
C ALA H 392 62.87 -58.18 -10.22
N LYS H 393 61.84 -58.52 -10.99
CA LYS H 393 62.04 -59.07 -12.33
C LYS H 393 62.34 -57.96 -13.32
N ARG H 394 61.52 -56.90 -13.26
CA ARG H 394 61.65 -55.75 -14.15
C ARG H 394 62.88 -54.90 -13.88
N PHE H 395 63.16 -54.63 -12.61
CA PHE H 395 64.17 -53.65 -12.26
C PHE H 395 65.23 -54.23 -11.35
N ARG H 396 66.24 -53.43 -11.05
CA ARG H 396 67.23 -53.75 -10.03
C ARG H 396 66.66 -53.49 -8.65
N ARG H 397 66.46 -54.54 -7.85
CA ARG H 397 65.81 -54.38 -6.54
C ARG H 397 66.71 -54.81 -5.40
N THR H 398 66.84 -53.96 -4.38
CA THR H 398 67.70 -54.31 -3.25
C THR H 398 66.97 -55.26 -2.32
N GLU H 399 67.72 -55.96 -1.48
CA GLU H 399 67.15 -56.89 -0.52
C GLU H 399 66.18 -56.19 0.41
N SER H 400 66.42 -54.91 0.67
CA SER H 400 65.52 -54.14 1.51
C SER H 400 64.39 -53.49 0.70
N GLY H 401 64.35 -53.74 -0.61
CA GLY H 401 63.22 -53.32 -1.41
C GLY H 401 63.30 -52.00 -2.15
N ILE H 402 64.52 -51.50 -2.35
CA ILE H 402 64.72 -50.31 -3.19
C ILE H 402 64.87 -50.71 -4.65
N CYS H 403 64.05 -50.13 -5.52
CA CYS H 403 64.20 -50.34 -6.94
C CYS H 403 64.97 -49.23 -7.63
N LEU H 404 66.09 -49.59 -8.26
CA LEU H 404 66.79 -48.67 -9.16
C LEU H 404 66.24 -48.84 -10.57
N ILE H 405 65.74 -47.75 -11.15
CA ILE H 405 65.12 -47.80 -12.46
C ILE H 405 65.91 -47.03 -13.53
N THR H 406 66.32 -47.75 -14.59
CA THR H 406 67.03 -47.18 -15.74
CA THR H 406 66.99 -47.11 -15.73
C THR H 406 66.12 -47.18 -16.97
N GLN H 407 66.40 -46.33 -17.96
CA GLN H 407 65.60 -46.30 -19.18
C GLN H 407 65.72 -47.61 -19.95
N SER H 408 66.86 -48.28 -19.81
CA SER H 408 67.06 -49.56 -20.47
C SER H 408 66.31 -50.67 -19.76
N MET H 409 65.70 -50.38 -18.62
CA MET H 409 64.79 -51.35 -18.00
C MET H 409 63.38 -51.05 -18.45
N ILE H 410 63.05 -49.77 -18.56
CA ILE H 410 61.74 -49.32 -19.01
C ILE H 410 61.45 -49.80 -20.43
N ASP H 411 62.43 -49.70 -21.31
CA ASP H 411 62.21 -49.98 -22.73
C ASP H 411 61.91 -51.45 -23.01
N LYS H 412 62.53 -52.33 -22.23
CA LYS H 412 62.28 -53.77 -22.33
C LYS H 412 60.87 -54.14 -21.90
N LEU H 413 60.27 -53.30 -21.07
CA LEU H 413 58.98 -53.61 -20.46
C LEU H 413 57.83 -53.80 -21.44
N ASP H 414 56.86 -54.57 -20.95
CA ASP H 414 55.47 -54.46 -21.36
C ASP H 414 54.67 -55.19 -20.27
N LEU H 415 55.41 -55.83 -19.37
CA LEU H 415 54.87 -56.36 -18.12
C LEU H 415 56.05 -56.70 -17.23
N VAL I 1 -44.34 87.49 -20.29
CA VAL I 1 -43.66 86.32 -19.73
C VAL I 1 -43.31 86.50 -18.26
N GLN I 2 -42.51 87.51 -17.96
CA GLN I 2 -41.98 87.70 -16.60
C GLN I 2 -43.01 88.31 -15.66
N PRO I 3 -43.39 87.56 -14.61
CA PRO I 3 -44.34 88.01 -13.60
C PRO I 3 -43.94 89.35 -12.99
N LEU I 4 -44.92 90.24 -12.84
CA LEU I 4 -44.65 91.59 -12.37
C LEU I 4 -44.26 91.61 -10.90
N ALA I 5 -44.69 90.60 -10.14
CA ALA I 5 -44.38 90.54 -8.71
C ALA I 5 -42.86 90.60 -8.44
N ARG I 6 -42.07 90.12 -9.39
CA ARG I 6 -40.61 90.18 -9.26
C ARG I 6 -40.17 91.63 -9.11
N ASP I 7 -40.94 92.55 -9.67
CA ASP I 7 -40.61 93.97 -9.72
C ASP I 7 -41.37 94.77 -8.68
N ALA I 8 -42.11 94.07 -7.84
CA ALA I 8 -43.00 94.73 -6.92
C ALA I 8 -42.48 94.69 -5.49
N MET I 9 -42.75 95.77 -4.77
CA MET I 9 -42.54 95.83 -3.35
C MET I 9 -43.88 96.04 -2.65
N ALA I 10 -44.18 95.18 -1.68
CA ALA I 10 -45.37 95.36 -0.87
C ALA I 10 -45.04 96.30 0.28
N TYR I 11 -45.94 97.23 0.55
CA TYR I 11 -45.71 98.18 1.62
C TYR I 11 -46.92 98.17 2.53
N VAL I 12 -46.74 97.67 3.76
CA VAL I 12 -47.88 97.37 4.63
C VAL I 12 -48.12 98.45 5.68
N LEU I 13 -49.34 99.00 5.71
CA LEU I 13 -49.72 100.01 6.70
C LEU I 13 -50.24 99.35 7.98
N ALA I 14 -49.40 99.27 8.99
CA ALA I 14 -49.74 98.49 10.18
C ALA I 14 -49.86 99.39 11.40
N GLY I 15 -50.49 100.54 11.21
CA GLY I 15 -50.59 101.54 12.26
C GLY I 15 -51.98 101.59 12.85
N GLY I 16 -52.91 100.84 12.25
CA GLY I 16 -54.29 100.78 12.69
C GLY I 16 -54.47 100.57 14.18
N ARG I 17 -55.19 101.50 14.81
CA ARG I 17 -55.35 101.50 16.26
C ARG I 17 -56.43 100.53 16.71
N GLY I 18 -57.46 100.35 15.88
CA GLY I 18 -58.55 99.46 16.22
C GLY I 18 -59.17 99.94 17.51
N SER I 19 -59.63 101.18 17.48
CA SER I 19 -60.09 101.81 18.70
C SER I 19 -61.37 101.14 19.23
N ARG I 20 -62.24 100.69 18.34
CA ARG I 20 -63.51 100.10 18.77
C ARG I 20 -63.33 98.71 19.39
N LEU I 21 -62.11 98.18 19.35
CA LEU I 21 -61.81 96.92 20.00
C LEU I 21 -61.52 97.17 21.47
N LYS I 22 -61.52 98.43 21.86
CA LYS I 22 -61.34 98.82 23.26
C LYS I 22 -60.13 98.17 23.92
N GLU I 23 -60.34 97.44 25.01
CA GLU I 23 -59.20 97.00 25.81
C GLU I 23 -58.32 95.98 25.09
N LEU I 24 -58.86 95.39 24.03
CA LEU I 24 -58.13 94.39 23.26
C LEU I 24 -56.94 95.00 22.53
N THR I 25 -57.00 96.31 22.31
CA THR I 25 -55.93 97.03 21.62
C THR I 25 -55.36 98.21 22.41
N ASP I 26 -55.52 98.18 23.73
CA ASP I 26 -55.01 99.29 24.52
C ASP I 26 -53.51 99.13 24.75
N ARG I 27 -52.99 97.94 24.50
CA ARG I 27 -51.56 97.69 24.63
C ARG I 27 -50.90 97.12 23.37
N ARG I 28 -51.69 96.96 22.30
CA ARG I 28 -51.18 96.41 21.05
C ARG I 28 -51.88 97.06 19.87
N ALA I 29 -51.21 97.13 18.73
CA ALA I 29 -51.86 97.67 17.53
C ALA I 29 -52.82 96.64 16.99
N LYS I 30 -53.77 97.06 16.17
CA LYS I 30 -54.72 96.12 15.61
C LYS I 30 -54.05 95.01 14.78
N PRO I 31 -53.06 95.35 13.92
CA PRO I 31 -52.45 94.26 13.17
C PRO I 31 -51.81 93.17 14.01
N ALA I 32 -51.48 93.47 15.27
CA ALA I 32 -50.93 92.48 16.17
C ALA I 32 -51.99 91.63 16.88
N VAL I 33 -53.26 91.88 16.62
CA VAL I 33 -54.30 91.14 17.33
C VAL I 33 -54.39 89.69 16.84
N TYR I 34 -54.42 88.75 17.79
CA TYR I 34 -54.52 87.34 17.49
C TYR I 34 -55.75 86.94 16.69
N PHE I 35 -55.59 86.01 15.76
CA PHE I 35 -56.74 85.50 15.03
C PHE I 35 -56.60 84.04 14.63
N GLY I 36 -57.62 83.24 14.89
CA GLY I 36 -57.69 81.89 14.36
C GLY I 36 -57.08 80.77 15.17
N GLY I 37 -56.42 81.11 16.28
CA GLY I 37 -55.76 80.11 17.10
C GLY I 37 -54.24 80.18 17.09
N LYS I 38 -53.68 80.60 15.96
CA LYS I 38 -52.23 80.67 15.81
C LYS I 38 -51.70 82.05 15.45
N ALA I 39 -52.25 82.63 14.38
CA ALA I 39 -51.67 83.82 13.77
C ALA I 39 -52.12 85.14 14.39
N ARG I 40 -51.66 86.23 13.79
CA ARG I 40 -52.14 87.56 14.09
C ARG I 40 -52.66 88.12 12.78
N ILE I 41 -53.39 89.22 12.84
CA ILE I 41 -54.06 89.76 11.66
C ILE I 41 -53.07 90.18 10.56
N ILE I 42 -51.93 90.74 10.95
CA ILE I 42 -50.93 91.18 9.97
C ILE I 42 -50.46 90.06 9.05
N ASP I 43 -50.52 88.82 9.51
CA ASP I 43 -49.97 87.69 8.76
C ASP I 43 -50.71 87.40 7.48
N PHE I 44 -51.92 87.92 7.35
CA PHE I 44 -52.69 87.68 6.14
C PHE I 44 -52.17 88.53 4.99
N ALA I 45 -52.03 89.83 5.20
CA ALA I 45 -51.44 90.68 4.16
C ALA I 45 -50.03 90.19 3.80
N LEU I 46 -49.22 89.87 4.80
CA LEU I 46 -47.83 89.44 4.57
C LEU I 46 -47.78 88.15 3.77
N SER I 47 -48.63 87.18 4.12
CA SER I 47 -48.64 85.91 3.41
C SER I 47 -49.20 86.06 2.01
N ASN I 48 -50.14 86.99 1.82
CA ASN I 48 -50.61 87.33 0.48
C ASN I 48 -49.45 87.85 -0.36
N ALA I 49 -48.67 88.76 0.19
CA ALA I 49 -47.52 89.32 -0.53
C ALA I 49 -46.56 88.18 -0.91
N LEU I 50 -46.23 87.35 0.06
CA LEU I 50 -45.33 86.22 -0.15
C LEU I 50 -45.83 85.23 -1.19
N ASN I 51 -47.09 84.82 -1.07
CA ASN I 51 -47.68 83.83 -1.96
C ASN I 51 -47.88 84.39 -3.37
N SER I 52 -48.00 85.71 -3.48
CA SER I 52 -48.12 86.38 -4.77
C SER I 52 -46.77 86.48 -5.48
N GLY I 53 -45.70 86.22 -4.74
CA GLY I 53 -44.36 86.32 -5.30
C GLY I 53 -43.64 87.62 -5.01
N ILE I 54 -44.24 88.48 -4.20
CA ILE I 54 -43.63 89.76 -3.86
C ILE I 54 -42.53 89.54 -2.83
N ARG I 55 -41.27 89.66 -3.27
CA ARG I 55 -40.12 89.30 -2.43
C ARG I 55 -39.59 90.47 -1.59
N ARG I 56 -40.08 91.67 -1.83
CA ARG I 56 -39.71 92.81 -0.99
C ARG I 56 -40.92 93.37 -0.25
N ILE I 57 -40.83 93.41 1.08
CA ILE I 57 -41.93 93.87 1.92
C ILE I 57 -41.45 94.89 2.94
N GLY I 58 -42.19 95.99 3.09
CA GLY I 58 -41.96 96.93 4.17
C GLY I 58 -43.17 97.04 5.12
N VAL I 59 -42.93 97.25 6.40
CA VAL I 59 -44.02 97.36 7.34
C VAL I 59 -43.85 98.60 8.19
N ALA I 60 -44.79 99.53 8.03
CA ALA I 60 -44.79 100.81 8.74
C ALA I 60 -45.73 100.77 9.92
N THR I 61 -45.20 101.04 11.11
CA THR I 61 -45.95 100.91 12.34
C THR I 61 -46.02 102.27 13.01
N GLN I 62 -46.95 102.40 13.96
CA GLN I 62 -47.18 103.66 14.65
C GLN I 62 -47.34 103.41 16.14
N TYR I 63 -48.57 103.46 16.62
CA TYR I 63 -48.83 103.38 18.05
C TYR I 63 -48.85 101.95 18.57
N LYS I 64 -48.36 101.76 19.80
CA LYS I 64 -48.41 100.50 20.52
C LYS I 64 -47.85 99.33 19.72
N ALA I 65 -46.73 99.56 19.05
CA ALA I 65 -46.23 98.61 18.06
C ALA I 65 -45.19 97.62 18.59
N HIS I 66 -44.84 97.65 19.87
CA HIS I 66 -43.72 96.80 20.30
C HIS I 66 -44.02 95.30 20.13
N SER I 67 -45.23 94.86 20.48
CA SER I 67 -45.53 93.44 20.37
C SER I 67 -45.61 93.08 18.89
N LEU I 68 -46.07 94.00 18.07
CA LEU I 68 -46.14 93.79 16.62
C LEU I 68 -44.76 93.62 16.02
N ILE I 69 -43.87 94.54 16.37
CA ILE I 69 -42.51 94.51 15.84
C ILE I 69 -41.77 93.25 16.29
N ARG I 70 -41.98 92.85 17.54
CA ARG I 70 -41.39 91.62 18.07
C ARG I 70 -41.83 90.39 17.28
N HIS I 71 -43.12 90.35 16.93
CA HIS I 71 -43.69 89.28 16.12
C HIS I 71 -43.07 89.26 14.72
N LEU I 72 -42.92 90.43 14.13
CA LEU I 72 -42.33 90.52 12.80
C LEU I 72 -40.88 90.07 12.82
N GLN I 73 -40.15 90.47 13.86
CA GLN I 73 -38.74 90.12 14.04
C GLN I 73 -38.55 88.62 14.12
N ARG I 74 -39.45 87.95 14.84
CA ARG I 74 -39.29 86.52 15.12
C ARG I 74 -39.93 85.62 14.08
N GLY I 75 -40.98 86.10 13.45
CA GLY I 75 -41.74 85.28 12.52
C GLY I 75 -41.38 85.48 11.05
N TRP I 76 -41.12 86.73 10.67
CA TRP I 76 -40.86 87.07 9.28
C TRP I 76 -39.38 87.41 9.05
N ASP I 77 -38.53 86.41 9.33
CA ASP I 77 -37.09 86.61 9.45
C ASP I 77 -36.29 85.80 8.43
N PHE I 78 -36.97 85.35 7.37
CA PHE I 78 -36.35 84.41 6.43
C PHE I 78 -36.01 85.01 5.06
N PHE I 79 -36.13 86.32 4.92
CA PHE I 79 -35.76 86.99 3.67
C PHE I 79 -34.27 87.29 3.67
N ARG I 80 -33.61 87.12 2.53
CA ARG I 80 -32.21 87.48 2.40
C ARG I 80 -32.01 88.44 1.22
N PRO I 81 -31.41 89.62 1.48
CA PRO I 81 -31.16 90.64 0.45
C PRO I 81 -30.30 90.18 -0.73
N GLU I 82 -29.37 89.25 -0.53
CA GLU I 82 -28.57 88.84 -1.67
C GLU I 82 -29.37 87.93 -2.61
N ARG I 83 -30.53 87.43 -2.15
CA ARG I 83 -31.46 86.73 -3.05
C ARG I 83 -32.53 87.69 -3.58
N ASN I 84 -32.29 88.99 -3.42
CA ASN I 84 -33.24 90.04 -3.82
C ASN I 84 -34.60 89.94 -3.11
N GLU I 85 -34.52 89.69 -1.80
CA GLU I 85 -35.65 89.65 -0.90
C GLU I 85 -35.33 90.59 0.23
N SER I 86 -36.32 91.29 0.75
CA SER I 86 -36.09 92.15 1.90
C SER I 86 -37.36 92.29 2.72
N PHE I 87 -37.17 92.37 4.02
CA PHE I 87 -38.27 92.63 4.94
C PHE I 87 -37.83 93.76 5.87
N ASP I 88 -38.44 94.91 5.73
CA ASP I 88 -38.07 96.08 6.52
C ASP I 88 -39.12 96.47 7.52
N ILE I 89 -38.73 96.57 8.79
CA ILE I 89 -39.62 97.00 9.85
C ILE I 89 -39.35 98.47 10.12
N LEU I 90 -40.34 99.32 9.87
CA LEU I 90 -40.11 100.76 9.82
C LEU I 90 -40.96 101.51 10.85
N PRO I 91 -40.53 101.52 12.12
CA PRO I 91 -41.29 102.24 13.15
C PRO I 91 -41.24 103.74 12.94
N ALA I 92 -42.14 104.46 13.62
CA ALA I 92 -42.45 105.84 13.33
C ALA I 92 -41.24 106.80 13.20
N SER I 93 -40.43 106.95 14.24
CA SER I 93 -39.36 107.97 14.17
C SER I 93 -38.08 107.57 13.49
N GLN I 94 -38.08 106.37 12.92
CA GLN I 94 -36.94 105.47 13.07
C GLN I 94 -36.93 105.14 14.55
N VAL I 96 -38.14 105.20 15.13
CA VAL I 96 -38.40 104.81 16.51
C VAL I 96 -39.89 104.89 16.79
N THR I 99 -42.90 115.14 18.99
CA THR I 99 -42.34 114.93 17.65
C THR I 99 -42.55 113.48 17.18
N GLN I 100 -41.84 113.14 16.09
CA GLN I 100 -41.42 111.75 15.80
C GLN I 100 -42.47 110.84 15.06
N TRP I 101 -43.72 111.30 14.87
CA TRP I 101 -44.80 110.45 14.34
C TRP I 101 -44.95 110.54 12.83
N TYR I 102 -45.46 109.45 12.25
CA TYR I 102 -46.06 109.47 10.93
C TYR I 102 -47.32 110.31 11.03
N GLU I 103 -47.48 111.26 10.12
CA GLU I 103 -48.62 112.16 10.17
C GLU I 103 -49.79 111.57 9.43
N GLY I 104 -49.56 110.43 8.80
CA GLY I 104 -50.59 109.73 8.06
C GLY I 104 -50.00 108.63 7.20
N THR I 105 -50.88 107.88 6.53
CA THR I 105 -50.45 106.71 5.77
C THR I 105 -49.57 107.10 4.59
N ALA I 106 -49.72 108.34 4.14
CA ALA I 106 -48.83 108.88 3.12
C ALA I 106 -47.47 109.23 3.74
N ASP I 107 -47.47 109.88 4.90
CA ASP I 107 -46.21 110.22 5.54
C ASP I 107 -45.44 108.95 5.94
N ALA I 108 -46.14 107.83 6.08
CA ALA I 108 -45.49 106.57 6.41
C ALA I 108 -44.61 106.07 5.27
N VAL I 109 -44.96 106.44 4.04
CA VAL I 109 -44.16 106.10 2.87
C VAL I 109 -43.09 107.18 2.62
N TYR I 110 -43.52 108.43 2.60
CA TYR I 110 -42.64 109.57 2.38
C TYR I 110 -41.40 109.57 3.28
N GLN I 111 -41.59 109.25 4.57
CA GLN I 111 -40.47 109.21 5.50
C GLN I 111 -39.46 108.14 5.18
N ASN I 112 -39.87 107.14 4.41
CA ASN I 112 -39.05 105.95 4.22
C ASN I 112 -38.65 105.71 2.78
N ILE I 113 -38.75 106.75 1.97
CA ILE I 113 -38.20 106.69 0.63
C ILE I 113 -36.68 106.42 0.60
N ASP I 114 -35.97 106.84 1.63
CA ASP I 114 -34.54 106.49 1.70
C ASP I 114 -34.35 104.98 1.89
N ILE I 115 -35.43 104.26 2.17
CA ILE I 115 -35.36 102.82 2.35
C ILE I 115 -35.77 102.12 1.06
N ILE I 116 -36.70 102.73 0.34
CA ILE I 116 -37.32 102.12 -0.83
C ILE I 116 -36.47 102.20 -2.11
N GLU I 117 -36.09 103.40 -2.54
CA GLU I 117 -35.45 103.53 -3.87
C GLU I 117 -34.11 102.78 -4.10
N PRO I 118 -33.34 102.45 -3.05
CA PRO I 118 -32.22 101.57 -3.33
C PRO I 118 -32.62 100.25 -3.98
N TYR I 119 -33.78 99.72 -3.61
CA TYR I 119 -34.28 98.48 -4.19
C TYR I 119 -34.80 98.72 -5.61
N ALA I 120 -35.10 99.99 -5.90
CA ALA I 120 -35.68 100.45 -7.16
C ALA I 120 -36.77 99.52 -7.70
N PRO I 121 -37.77 99.17 -6.87
CA PRO I 121 -38.81 98.32 -7.43
C PRO I 121 -39.62 99.10 -8.44
N GLU I 122 -40.17 98.44 -9.45
CA GLU I 122 -40.98 99.17 -10.43
C GLU I 122 -42.36 99.52 -9.88
N TYR I 123 -42.97 98.57 -9.19
CA TYR I 123 -44.33 98.73 -8.68
C TYR I 123 -44.36 98.72 -7.16
N MET I 124 -45.24 99.56 -6.61
CA MET I 124 -45.53 99.53 -5.19
C MET I 124 -46.94 98.97 -5.00
N VAL I 125 -47.10 98.10 -4.02
CA VAL I 125 -48.40 97.60 -3.61
C VAL I 125 -48.63 98.03 -2.17
N ILE I 126 -49.55 98.98 -1.97
CA ILE I 126 -49.83 99.54 -0.66
C ILE I 126 -50.98 98.77 -0.02
N LEU I 127 -50.77 98.26 1.19
CA LEU I 127 -51.71 97.34 1.82
C LEU I 127 -52.04 97.73 3.25
N ALA I 128 -53.30 97.61 3.62
CA ALA I 128 -53.71 97.72 5.00
C ALA I 128 -53.37 96.40 5.67
N GLY I 129 -52.77 96.45 6.87
CA GLY I 129 -52.35 95.27 7.57
C GLY I 129 -53.30 94.85 8.69
N ASP I 130 -54.56 95.31 8.61
CA ASP I 130 -55.51 95.00 9.68
C ASP I 130 -56.79 94.33 9.16
N HIS I 131 -56.73 93.74 7.97
CA HIS I 131 -57.84 92.97 7.40
C HIS I 131 -57.48 91.48 7.25
N ILE I 132 -58.48 90.62 7.32
CA ILE I 132 -58.29 89.19 7.13
C ILE I 132 -58.86 88.77 5.79
N TYR I 133 -57.98 88.32 4.89
CA TYR I 133 -58.39 88.00 3.52
C TYR I 133 -57.25 87.33 2.76
N LYS I 134 -57.57 86.63 1.67
CA LYS I 134 -56.59 86.01 0.78
C LYS I 134 -56.77 86.52 -0.64
N MET I 135 -55.68 86.97 -1.23
CA MET I 135 -55.71 87.69 -2.50
C MET I 135 -54.39 87.58 -3.22
N ASP I 136 -54.44 87.25 -4.50
CA ASP I 136 -53.26 87.12 -5.35
C ASP I 136 -52.98 88.47 -6.03
N TYR I 137 -51.97 89.18 -5.55
CA TYR I 137 -51.74 90.54 -6.02
C TYR I 137 -51.24 90.61 -7.46
N GLU I 138 -50.87 89.48 -8.04
CA GLU I 138 -50.36 89.49 -9.42
C GLU I 138 -51.45 89.98 -10.37
N TYR I 139 -52.69 89.62 -10.06
CA TYR I 139 -53.83 90.02 -10.88
C TYR I 139 -54.02 91.52 -10.87
N MET I 140 -53.86 92.11 -9.69
CA MET I 140 -53.98 93.54 -9.53
C MET I 140 -52.81 94.28 -10.21
N LEU I 141 -51.61 93.70 -10.14
CA LEU I 141 -50.43 94.28 -10.80
C LEU I 141 -50.58 94.31 -12.32
N GLN I 142 -51.00 93.19 -12.91
CA GLN I 142 -51.15 93.15 -14.36
C GLN I 142 -52.19 94.15 -14.84
N GLN I 143 -53.34 94.21 -14.16
CA GLN I 143 -54.40 95.13 -14.51
C GLN I 143 -53.89 96.56 -14.48
N HIS I 144 -53.02 96.85 -13.52
CA HIS I 144 -52.45 98.18 -13.39
C HIS I 144 -51.59 98.57 -14.60
N VAL I 145 -50.68 97.69 -15.01
CA VAL I 145 -49.82 98.03 -16.13
C VAL I 145 -50.64 98.07 -17.42
N ASP I 146 -51.56 97.13 -17.59
CA ASP I 146 -52.36 97.08 -18.81
C ASP I 146 -53.29 98.28 -18.94
N SER I 147 -54.03 98.58 -17.88
CA SER I 147 -54.99 99.68 -17.91
C SER I 147 -54.31 101.04 -18.04
N GLY I 148 -53.01 101.08 -17.79
CA GLY I 148 -52.29 102.33 -17.83
C GLY I 148 -52.66 103.29 -16.72
N ALA I 149 -53.30 102.77 -15.68
CA ALA I 149 -53.77 103.61 -14.58
C ALA I 149 -52.65 104.34 -13.83
N ASP I 150 -53.03 105.41 -13.14
CA ASP I 150 -52.13 106.07 -12.20
C ASP I 150 -52.14 105.35 -10.86
N VAL I 151 -53.32 104.93 -10.44
CA VAL I 151 -53.46 104.04 -9.30
C VAL I 151 -54.55 103.03 -9.58
N THR I 152 -54.36 101.82 -9.06
CA THR I 152 -55.42 100.83 -9.08
C THR I 152 -55.82 100.55 -7.65
N ILE I 153 -57.12 100.51 -7.40
CA ILE I 153 -57.63 100.38 -6.06
C ILE I 153 -58.44 99.10 -5.90
N GLY I 154 -58.06 98.28 -4.93
CA GLY I 154 -58.78 97.07 -4.64
C GLY I 154 -60.14 97.36 -4.04
N CYS I 155 -61.17 96.74 -4.58
CA CYS I 155 -62.52 97.03 -4.15
C CYS I 155 -63.37 95.78 -3.95
N LEU I 156 -64.13 95.77 -2.85
CA LEU I 156 -65.11 94.73 -2.59
C LEU I 156 -66.37 95.05 -3.34
N GLU I 157 -67.07 94.02 -3.79
CA GLU I 157 -68.41 94.22 -4.33
C GLU I 157 -69.40 93.94 -3.21
N VAL I 158 -70.00 94.99 -2.67
CA VAL I 158 -70.92 94.82 -1.54
C VAL I 158 -72.33 95.34 -1.86
N PRO I 159 -73.36 94.71 -1.27
CA PRO I 159 -74.71 95.24 -1.48
C PRO I 159 -74.80 96.67 -0.98
N ARG I 160 -75.62 97.49 -1.65
CA ARG I 160 -75.67 98.91 -1.28
C ARG I 160 -75.97 99.15 0.17
N MET I 161 -76.90 98.38 0.72
CA MET I 161 -77.27 98.51 2.13
C MET I 161 -76.07 98.30 3.04
N GLU I 162 -75.09 97.53 2.55
CA GLU I 162 -73.85 97.26 3.29
C GLU I 162 -72.81 98.35 3.07
N ALA I 163 -72.82 98.95 1.88
CA ALA I 163 -71.77 99.86 1.47
C ALA I 163 -71.75 101.18 2.26
N THR I 164 -72.75 101.43 3.07
CA THR I 164 -72.90 102.73 3.71
C THR I 164 -71.82 102.94 4.77
N GLY I 165 -71.21 101.85 5.21
CA GLY I 165 -70.20 101.92 6.25
C GLY I 165 -68.80 101.87 5.69
N PHE I 166 -68.66 102.20 4.41
CA PHE I 166 -67.37 102.11 3.71
C PHE I 166 -66.98 103.40 3.02
N GLY I 167 -65.72 103.45 2.60
CA GLY I 167 -65.27 104.44 1.64
C GLY I 167 -65.62 103.88 0.29
N VAL I 168 -66.57 104.50 -0.38
CA VAL I 168 -67.09 103.94 -1.62
C VAL I 168 -66.53 104.66 -2.83
N MET I 169 -66.06 103.90 -3.80
CA MET I 169 -65.64 104.46 -5.07
C MET I 169 -66.83 104.51 -5.98
N HIS I 170 -66.98 105.62 -6.69
CA HIS I 170 -68.00 105.76 -7.70
C HIS I 170 -67.37 105.43 -9.04
N VAL I 171 -67.98 104.52 -9.78
CA VAL I 171 -67.37 103.94 -10.98
C VAL I 171 -68.21 104.12 -12.25
N ASN I 172 -67.55 104.15 -13.41
CA ASN I 172 -68.29 104.09 -14.68
C ASN I 172 -68.28 102.69 -15.28
N GLU I 173 -68.57 102.60 -16.58
CA GLU I 173 -68.71 101.32 -17.26
C GLU I 173 -67.39 100.59 -17.46
N LYS I 174 -66.29 101.31 -17.29
CA LYS I 174 -64.96 100.73 -17.49
C LYS I 174 -64.25 100.48 -16.16
N ASP I 175 -65.03 100.49 -15.08
CA ASP I 175 -64.53 100.44 -13.71
C ASP I 175 -63.54 101.56 -13.40
N GLU I 176 -63.67 102.67 -14.12
CA GLU I 176 -62.83 103.83 -13.87
C GLU I 176 -63.49 104.70 -12.81
N ILE I 177 -62.72 105.03 -11.77
CA ILE I 177 -63.27 105.68 -10.59
C ILE I 177 -63.50 107.16 -10.82
N ILE I 178 -64.76 107.55 -10.94
CA ILE I 178 -65.09 108.93 -11.28
C ILE I 178 -65.39 109.75 -10.03
N ASP I 179 -65.46 109.09 -8.87
CA ASP I 179 -65.70 109.78 -7.62
C ASP I 179 -65.44 108.86 -6.41
N PHE I 180 -65.06 109.46 -5.29
CA PHE I 180 -64.88 108.71 -4.06
C PHE I 180 -65.72 109.29 -2.94
N ILE I 181 -66.51 108.44 -2.27
CA ILE I 181 -67.37 108.90 -1.20
C ILE I 181 -67.15 108.17 0.10
N GLU I 182 -66.86 108.93 1.15
CA GLU I 182 -66.74 108.36 2.49
C GLU I 182 -68.08 108.20 3.19
N LYS I 183 -68.46 106.94 3.39
CA LYS I 183 -69.70 106.53 4.05
C LYS I 183 -70.95 107.21 3.49
N PRO I 184 -71.25 106.98 2.21
CA PRO I 184 -72.47 107.54 1.62
C PRO I 184 -73.72 107.00 2.30
N ALA I 185 -74.66 107.88 2.63
CA ALA I 185 -75.95 107.43 3.14
C ALA I 185 -76.66 106.61 2.07
N ASP I 186 -76.48 107.00 0.82
CA ASP I 186 -76.94 106.22 -0.32
C ASP I 186 -75.80 105.96 -1.29
N PRO I 187 -75.13 104.82 -1.13
CA PRO I 187 -73.95 104.42 -1.93
C PRO I 187 -74.25 104.33 -3.43
N PRO I 188 -73.45 105.01 -4.28
CA PRO I 188 -73.68 104.84 -5.72
C PRO I 188 -73.49 103.40 -6.17
N GLY I 189 -74.44 102.88 -6.93
CA GLY I 189 -74.37 101.50 -7.37
C GLY I 189 -73.44 101.33 -8.56
N ILE I 190 -73.16 100.08 -8.90
CA ILE I 190 -72.35 99.74 -10.07
C ILE I 190 -73.19 99.81 -11.34
N PRO I 191 -72.68 100.50 -12.38
CA PRO I 191 -73.37 100.60 -13.67
C PRO I 191 -73.75 99.24 -14.24
N GLY I 192 -75.04 98.98 -14.42
CA GLY I 192 -75.50 97.72 -14.98
C GLY I 192 -75.61 96.63 -13.92
N ASN I 193 -75.11 96.94 -12.72
CA ASN I 193 -75.22 96.04 -11.58
C ASN I 193 -75.55 96.86 -10.33
N GLU I 194 -76.71 97.51 -10.38
CA GLU I 194 -77.22 98.20 -9.22
C GLU I 194 -77.48 97.14 -8.15
N GLY I 195 -77.64 97.55 -6.90
CA GLY I 195 -77.73 96.55 -5.86
C GLY I 195 -76.39 96.26 -5.24
N PHE I 196 -75.32 96.58 -5.98
CA PHE I 196 -73.95 96.48 -5.46
C PHE I 196 -73.17 97.78 -5.64
N ALA I 197 -72.27 98.02 -4.70
CA ALA I 197 -71.40 99.18 -4.72
C ALA I 197 -69.95 98.71 -4.54
N LEU I 198 -68.98 99.57 -4.81
CA LEU I 198 -67.58 99.19 -4.68
C LEU I 198 -66.94 99.85 -3.48
N ALA I 199 -66.57 99.04 -2.49
CA ALA I 199 -65.99 99.52 -1.25
C ALA I 199 -64.47 99.37 -1.26
N SER I 200 -63.77 100.45 -0.99
CA SER I 200 -62.30 100.42 -1.03
C SER I 200 -61.73 99.53 0.06
N MET I 201 -60.76 98.71 -0.33
CA MET I 201 -60.08 97.79 0.58
C MET I 201 -58.86 98.45 1.23
N GLY I 202 -58.56 99.67 0.84
CA GLY I 202 -57.33 100.30 1.28
C GLY I 202 -56.10 99.63 0.68
N ILE I 203 -56.31 99.00 -0.48
CA ILE I 203 -55.25 98.35 -1.23
C ILE I 203 -54.97 99.15 -2.51
N TYR I 204 -53.75 99.65 -2.66
CA TYR I 204 -53.43 100.49 -3.81
C TYR I 204 -52.17 100.04 -4.52
N VAL I 205 -52.27 99.94 -5.85
CA VAL I 205 -51.12 99.64 -6.70
C VAL I 205 -50.65 100.90 -7.43
N PHE I 206 -49.36 101.23 -7.31
CA PHE I 206 -48.77 102.35 -8.02
C PHE I 206 -47.55 101.91 -8.83
N HIS I 207 -47.14 102.73 -9.79
CA HIS I 207 -45.75 102.70 -10.24
C HIS I 207 -44.97 103.42 -9.17
N THR I 208 -43.78 102.93 -8.84
CA THR I 208 -42.97 103.54 -7.79
C THR I 208 -42.65 105.02 -8.06
N LYS I 209 -42.18 105.33 -9.25
CA LYS I 209 -41.77 106.70 -9.58
C LYS I 209 -42.97 107.64 -9.47
N PHE I 210 -44.13 107.17 -9.92
CA PHE I 210 -45.37 107.92 -9.79
C PHE I 210 -45.73 108.16 -8.32
N LEU I 211 -45.61 107.11 -7.52
CA LEU I 211 -45.91 107.19 -6.10
C LEU I 211 -44.98 108.17 -5.39
N MET I 212 -43.71 108.19 -5.78
CA MET I 212 -42.76 109.10 -5.16
C MET I 212 -43.13 110.56 -5.45
N GLU I 213 -43.44 110.85 -6.72
CA GLU I 213 -43.89 112.19 -7.08
C GLU I 213 -45.08 112.62 -6.21
N ALA I 214 -46.02 111.70 -6.04
CA ALA I 214 -47.27 112.00 -5.38
C ALA I 214 -47.10 112.26 -3.89
N LEU I 215 -46.16 111.57 -3.27
CA LEU I 215 -46.03 111.72 -1.83
C LEU I 215 -45.11 112.87 -1.45
N ARG I 216 -44.21 113.25 -2.36
CA ARG I 216 -43.44 114.47 -2.18
C ARG I 216 -44.37 115.67 -2.36
N ARG I 217 -45.23 115.59 -3.37
CA ARG I 217 -46.28 116.60 -3.56
C ARG I 217 -47.09 116.81 -2.30
N ASP I 218 -47.54 115.70 -1.71
CA ASP I 218 -48.45 115.71 -0.56
C ASP I 218 -47.85 116.33 0.69
N ALA I 219 -46.57 116.03 0.93
CA ALA I 219 -45.89 116.53 2.13
C ALA I 219 -45.76 118.05 2.08
N ALA I 220 -45.39 118.56 0.91
CA ALA I 220 -45.27 120.00 0.66
C ALA I 220 -46.54 120.76 1.03
N ASP I 221 -47.67 120.28 0.52
CA ASP I 221 -48.97 120.84 0.86
C ASP I 221 -49.21 120.77 2.37
N PRO I 222 -49.19 121.93 3.03
CA PRO I 222 -49.26 122.04 4.49
C PRO I 222 -50.67 121.79 5.02
N THR I 223 -51.64 121.74 4.12
CA THR I 223 -53.03 121.54 4.51
C THR I 223 -53.36 120.05 4.52
N SER I 224 -52.43 119.26 4.00
CA SER I 224 -52.63 117.82 3.83
C SER I 224 -52.73 117.11 5.18
N SER I 225 -53.66 116.16 5.26
CA SER I 225 -53.74 115.29 6.43
C SER I 225 -52.80 114.11 6.21
N ARG I 226 -52.12 114.13 5.07
CA ARG I 226 -51.02 113.20 4.77
C ARG I 226 -51.48 111.75 4.74
N ASP I 227 -52.69 111.50 4.26
CA ASP I 227 -53.23 110.15 4.15
C ASP I 227 -53.53 109.73 2.70
N PHE I 228 -53.33 108.45 2.41
CA PHE I 228 -53.73 107.89 1.12
C PHE I 228 -55.24 108.03 0.93
N GLY I 229 -55.99 107.71 1.98
CA GLY I 229 -57.44 107.76 1.93
C GLY I 229 -58.01 109.15 1.75
N LYS I 230 -57.71 110.04 2.70
CA LYS I 230 -58.26 111.40 2.67
C LYS I 230 -57.62 112.33 1.62
N ASP I 231 -56.34 112.14 1.31
CA ASP I 231 -55.61 113.12 0.49
C ASP I 231 -55.17 112.64 -0.88
N ILE I 232 -54.32 111.61 -0.93
CA ILE I 232 -53.69 111.21 -2.19
C ILE I 232 -54.64 110.64 -3.22
N ILE I 233 -55.37 109.60 -2.84
CA ILE I 233 -56.32 108.95 -3.73
C ILE I 233 -57.39 109.91 -4.28
N PRO I 234 -58.03 110.71 -3.41
CA PRO I 234 -59.02 111.66 -3.96
C PRO I 234 -58.43 112.62 -5.01
N TYR I 235 -57.17 113.02 -4.85
CA TYR I 235 -56.52 113.91 -5.81
C TYR I 235 -56.27 113.22 -7.15
N ILE I 236 -55.90 111.95 -7.12
CA ILE I 236 -55.74 111.21 -8.38
C ILE I 236 -57.11 110.93 -8.99
N VAL I 237 -58.13 110.75 -8.15
CA VAL I 237 -59.47 110.46 -8.65
C VAL I 237 -59.97 111.62 -9.49
N GLU I 238 -59.93 112.82 -8.92
CA GLU I 238 -60.40 114.00 -9.62
C GLU I 238 -59.50 114.34 -10.80
N HIS I 239 -58.22 114.59 -10.53
CA HIS I 239 -57.29 115.13 -11.53
C HIS I 239 -56.60 114.08 -12.42
N GLY I 240 -56.39 112.87 -11.90
CA GLY I 240 -55.69 111.84 -12.65
C GLY I 240 -56.55 110.67 -13.07
N LYS I 241 -55.98 109.46 -13.09
CA LYS I 241 -56.72 108.29 -13.51
C LYS I 241 -56.69 107.17 -12.47
N ALA I 242 -57.82 106.97 -11.82
CA ALA I 242 -57.97 105.90 -10.84
C ALA I 242 -58.89 104.81 -11.38
N VAL I 243 -58.50 103.56 -11.20
CA VAL I 243 -59.31 102.44 -11.67
C VAL I 243 -59.48 101.44 -10.54
N ALA I 244 -60.69 100.88 -10.43
CA ALA I 244 -61.01 99.90 -9.41
C ALA I 244 -60.54 98.50 -9.81
N HIS I 245 -60.06 97.72 -8.85
CA HIS I 245 -59.86 96.30 -9.06
C HIS I 245 -60.82 95.49 -8.21
N ARG I 246 -61.53 94.54 -8.83
CA ARG I 246 -62.53 93.73 -8.14
C ARG I 246 -61.91 92.59 -7.34
N PHE I 247 -62.08 92.65 -6.03
CA PHE I 247 -61.60 91.60 -5.11
C PHE I 247 -61.96 90.20 -5.58
N ALA I 248 -63.18 90.05 -6.08
CA ALA I 248 -63.65 88.76 -6.58
C ALA I 248 -62.71 88.13 -7.60
N ASP I 249 -62.10 88.97 -8.43
CA ASP I 249 -61.25 88.51 -9.52
C ASP I 249 -59.91 87.93 -9.06
N SER I 250 -59.40 88.41 -7.93
CA SER I 250 -58.05 88.05 -7.50
C SER I 250 -58.01 87.38 -6.12
N CYS I 251 -59.13 87.35 -5.43
CA CYS I 251 -59.22 86.63 -4.16
C CYS I 251 -58.93 85.14 -4.35
N VAL I 252 -58.22 84.55 -3.40
CA VAL I 252 -57.87 83.14 -3.50
C VAL I 252 -58.83 82.31 -2.65
N ARG I 253 -59.86 81.81 -3.31
CA ARG I 253 -60.89 81.05 -2.61
C ARG I 253 -60.59 79.55 -2.63
N SER I 254 -60.65 78.92 -1.45
CA SER I 254 -60.50 77.48 -1.37
C SER I 254 -61.77 76.80 -1.92
N ASP I 255 -61.67 75.51 -2.22
CA ASP I 255 -62.86 74.75 -2.63
C ASP I 255 -63.90 74.80 -1.53
N PHE I 256 -63.41 74.90 -0.30
CA PHE I 256 -64.22 74.81 0.91
C PHE I 256 -64.64 76.17 1.49
N GLU I 257 -64.58 77.21 0.68
CA GLU I 257 -65.09 78.50 1.10
C GLU I 257 -66.20 78.92 0.13
N HIS I 258 -67.39 79.18 0.67
CA HIS I 258 -68.59 79.36 -0.15
C HIS I 258 -68.67 80.73 -0.86
N GLU I 259 -67.75 81.63 -0.52
CA GLU I 259 -67.70 82.96 -1.12
C GLU I 259 -66.33 83.59 -0.83
N PRO I 260 -66.01 84.68 -1.54
CA PRO I 260 -64.79 85.41 -1.17
C PRO I 260 -64.83 85.86 0.28
N TYR I 261 -63.76 85.60 1.02
CA TYR I 261 -63.71 85.92 2.43
C TYR I 261 -62.90 87.17 2.69
N TRP I 262 -63.52 88.15 3.32
CA TRP I 262 -62.85 89.35 3.76
C TRP I 262 -63.51 89.79 5.06
N ARG I 263 -62.70 90.16 6.05
CA ARG I 263 -63.22 90.54 7.36
C ARG I 263 -62.39 91.67 7.94
N ASP I 264 -63.08 92.68 8.45
CA ASP I 264 -62.45 93.85 9.04
C ASP I 264 -62.14 93.63 10.51
N VAL I 265 -62.92 92.75 11.14
CA VAL I 265 -63.01 92.60 12.59
C VAL I 265 -62.84 93.94 13.33
N GLY I 266 -63.72 94.88 13.01
CA GLY I 266 -63.64 96.23 13.55
C GLY I 266 -64.16 96.41 14.97
N THR I 267 -65.12 95.57 15.36
CA THR I 267 -65.74 95.66 16.68
C THR I 267 -65.52 94.38 17.47
N ILE I 268 -65.69 94.47 18.79
CA ILE I 268 -65.54 93.29 19.64
C ILE I 268 -66.51 92.19 19.21
N ASP I 269 -67.70 92.56 18.75
CA ASP I 269 -68.63 91.56 18.25
C ASP I 269 -68.17 90.87 16.98
N ALA I 270 -67.67 91.64 16.00
CA ALA I 270 -67.19 91.07 14.74
C ALA I 270 -65.97 90.17 14.97
N TYR I 271 -65.06 90.63 15.83
CA TYR I 271 -63.88 89.84 16.19
C TYR I 271 -64.28 88.52 16.80
N TRP I 272 -65.12 88.56 17.84
CA TRP I 272 -65.66 87.35 18.42
C TRP I 272 -66.27 86.48 17.35
N GLN I 273 -67.15 87.08 16.53
CA GLN I 273 -67.88 86.30 15.55
C GLN I 273 -66.98 85.60 14.53
N ALA I 274 -65.95 86.27 14.02
CA ALA I 274 -65.10 85.68 12.98
C ALA I 274 -64.20 84.56 13.52
N ASN I 275 -63.86 84.62 14.81
CA ASN I 275 -63.09 83.54 15.41
C ASN I 275 -63.96 82.34 15.73
N ILE I 276 -65.14 82.59 16.29
CA ILE I 276 -66.03 81.52 16.69
C ILE I 276 -66.55 80.80 15.43
N ASP I 277 -66.71 81.52 14.32
CA ASP I 277 -67.17 80.91 13.09
C ASP I 277 -66.22 79.81 12.59
N LEU I 278 -64.98 79.82 13.08
CA LEU I 278 -64.02 78.80 12.69
C LEU I 278 -64.38 77.44 13.31
N THR I 279 -65.26 77.45 14.30
CA THR I 279 -65.64 76.20 14.94
C THR I 279 -66.81 75.52 14.23
N ASP I 280 -67.38 76.18 13.22
CA ASP I 280 -68.44 75.60 12.41
C ASP I 280 -68.01 74.32 11.68
N VAL I 281 -68.96 73.46 11.34
CA VAL I 281 -68.68 72.26 10.54
C VAL I 281 -68.07 72.66 9.20
N VAL I 282 -68.64 73.69 8.56
CA VAL I 282 -68.11 74.23 7.32
C VAL I 282 -67.87 75.74 7.45
N PRO I 283 -66.69 76.12 7.94
CA PRO I 283 -66.44 77.55 8.17
C PRO I 283 -66.40 78.35 6.86
N ASP I 284 -66.60 79.67 6.92
CA ASP I 284 -66.44 80.54 5.75
C ASP I 284 -64.96 80.64 5.37
N LEU I 285 -64.09 80.49 6.35
CA LEU I 285 -62.65 80.56 6.15
C LEU I 285 -62.05 79.19 6.34
N ASP I 286 -61.39 78.68 5.31
CA ASP I 286 -60.80 77.36 5.36
C ASP I 286 -59.35 77.45 5.79
N ILE I 287 -59.12 77.24 7.09
CA ILE I 287 -57.79 77.41 7.64
C ILE I 287 -56.93 76.17 7.37
N TYR I 288 -57.54 75.14 6.79
CA TYR I 288 -56.85 73.88 6.53
C TYR I 288 -56.30 73.78 5.12
N ASP I 289 -56.59 74.79 4.31
CA ASP I 289 -56.08 74.89 2.94
C ASP I 289 -54.56 75.03 2.92
N LYS I 290 -53.90 74.32 2.00
CA LYS I 290 -52.44 74.40 1.87
C LYS I 290 -52.02 75.00 0.52
N SER I 291 -52.98 75.44 -0.29
CA SER I 291 -52.61 76.01 -1.58
C SER I 291 -52.36 77.52 -1.48
N TRP I 292 -52.78 78.14 -0.40
CA TRP I 292 -52.45 79.55 -0.16
C TRP I 292 -52.28 79.72 1.33
N PRO I 293 -51.14 79.24 1.86
CA PRO I 293 -50.93 79.13 3.30
C PRO I 293 -50.60 80.46 3.96
N ILE I 294 -50.99 80.60 5.22
CA ILE I 294 -50.68 81.80 5.97
C ILE I 294 -49.52 81.50 6.89
N TRP I 295 -48.39 82.15 6.64
CA TRP I 295 -47.22 82.00 7.50
C TRP I 295 -47.39 82.84 8.76
N THR I 296 -46.89 82.36 9.89
CA THR I 296 -46.91 83.16 11.11
C THR I 296 -45.72 82.81 11.99
N TYR I 297 -45.59 83.48 13.14
CA TYR I 297 -44.63 83.03 14.14
C TYR I 297 -45.23 81.90 14.98
N ALA I 298 -44.60 80.73 14.90
CA ALA I 298 -45.06 79.56 15.66
C ALA I 298 -43.89 78.87 16.31
N GLU I 299 -44.06 78.49 17.56
CA GLU I 299 -43.03 77.74 18.26
C GLU I 299 -43.42 76.30 18.36
N ILE I 300 -42.43 75.42 18.42
CA ILE I 300 -42.70 74.03 18.73
C ILE I 300 -43.39 73.95 20.10
N THR I 301 -44.53 73.27 20.14
CA THR I 301 -45.27 73.15 21.38
C THR I 301 -45.66 71.70 21.61
N PRO I 302 -45.89 71.34 22.86
CA PRO I 302 -46.48 70.02 23.10
C PRO I 302 -47.89 69.96 22.51
N PRO I 303 -48.41 68.75 22.30
CA PRO I 303 -49.77 68.56 21.79
C PRO I 303 -50.81 69.10 22.77
N ALA I 304 -52.07 69.18 22.36
CA ALA I 304 -53.13 69.49 23.30
C ALA I 304 -53.42 68.24 24.12
N LYS I 305 -53.81 68.41 25.37
CA LYS I 305 -54.03 67.28 26.27
C LYS I 305 -55.37 67.41 26.97
N PHE I 306 -56.08 66.29 27.10
CA PHE I 306 -57.39 66.27 27.74
C PHE I 306 -57.37 65.21 28.84
N VAL I 307 -57.66 65.64 30.06
CA VAL I 307 -57.53 64.74 31.20
C VAL I 307 -58.77 64.81 32.11
N HIS I 308 -59.04 63.66 32.76
CA HIS I 308 -60.12 63.41 33.72
C HIS I 308 -61.36 62.93 33.01
N ASP I 309 -61.98 61.94 33.63
CA ASP I 309 -63.07 61.21 33.03
C ASP I 309 -63.87 60.54 34.15
N ASP I 310 -64.00 61.23 35.27
CA ASP I 310 -64.73 60.67 36.39
C ASP I 310 -66.13 61.26 36.46
N GLU I 311 -66.88 60.88 37.49
CA GLU I 311 -68.29 61.19 37.54
C GLU I 311 -68.57 62.68 37.81
N ASP I 312 -67.54 63.41 38.21
CA ASP I 312 -67.68 64.83 38.55
C ASP I 312 -67.08 65.77 37.48
N ARG I 313 -66.12 65.26 36.71
CA ARG I 313 -65.38 66.09 35.78
C ARG I 313 -64.80 65.30 34.60
N ARG I 314 -64.79 65.95 33.44
CA ARG I 314 -64.28 65.37 32.22
C ARG I 314 -63.70 66.47 31.37
N GLY I 315 -62.41 66.40 31.09
CA GLY I 315 -61.79 67.37 30.20
C GLY I 315 -62.03 66.95 28.75
N SER I 316 -62.82 67.72 28.03
CA SER I 316 -63.05 67.43 26.61
C SER I 316 -63.55 68.64 25.83
N ALA I 317 -63.32 68.62 24.52
CA ALA I 317 -63.70 69.73 23.66
C ALA I 317 -64.74 69.28 22.64
N VAL I 318 -65.79 70.08 22.47
CA VAL I 318 -66.87 69.74 21.57
C VAL I 318 -67.17 70.96 20.71
N SER I 319 -67.25 70.78 19.40
CA SER I 319 -67.47 71.88 18.46
C SER I 319 -66.50 73.00 18.74
N SER I 320 -65.24 72.64 18.95
CA SER I 320 -64.22 73.57 19.37
C SER I 320 -62.92 73.41 18.60
N VAL I 321 -62.10 74.46 18.66
CA VAL I 321 -60.78 74.49 18.05
C VAL I 321 -59.76 74.73 19.15
N VAL I 322 -58.73 73.88 19.24
CA VAL I 322 -57.79 73.89 20.38
C VAL I 322 -56.34 73.74 19.92
N SER I 323 -55.49 74.69 20.33
CA SER I 323 -54.10 74.76 19.87
C SER I 323 -53.13 73.99 20.72
N GLY I 324 -51.84 74.12 20.38
CA GLY I 324 -50.79 73.40 21.07
C GLY I 324 -50.57 73.89 22.49
N ASP I 325 -49.93 73.06 23.30
CA ASP I 325 -49.62 73.42 24.69
C ASP I 325 -50.88 73.72 25.52
N CYS I 326 -52.05 73.24 25.09
CA CYS I 326 -53.26 73.40 25.89
C CYS I 326 -53.53 72.18 26.75
N ILE I 327 -53.79 72.40 28.04
CA ILE I 327 -54.15 71.31 28.93
C ILE I 327 -55.56 71.54 29.44
N ILE I 328 -56.46 70.67 29.00
CA ILE I 328 -57.86 70.74 29.31
C ILE I 328 -58.13 69.74 30.42
N SER I 329 -58.03 70.21 31.66
CA SER I 329 -57.99 69.34 32.83
C SER I 329 -59.34 69.33 33.53
N GLY I 330 -60.13 68.29 33.28
CA GLY I 330 -61.45 68.18 33.87
C GLY I 330 -62.35 69.36 33.53
N ALA I 331 -62.05 70.03 32.42
CA ALA I 331 -62.82 71.19 32.00
C ALA I 331 -63.65 70.90 30.74
N ALA I 332 -64.86 71.45 30.68
CA ALA I 332 -65.74 71.26 29.52
C ALA I 332 -65.67 72.47 28.59
N LEU I 333 -65.30 72.23 27.34
CA LEU I 333 -65.35 73.29 26.34
C LEU I 333 -66.40 73.00 25.28
N ASN I 334 -67.20 74.01 24.95
CA ASN I 334 -68.18 73.89 23.89
C ASN I 334 -68.16 75.15 23.04
N ARG I 335 -68.14 74.97 21.72
CA ARG I 335 -68.11 76.10 20.78
C ARG I 335 -67.12 77.20 21.19
N SER I 336 -65.88 76.78 21.41
CA SER I 336 -64.82 77.70 21.81
C SER I 336 -63.58 77.53 20.94
N LEU I 337 -62.80 78.61 20.88
CA LEU I 337 -61.52 78.58 20.20
C LEU I 337 -60.44 78.98 21.19
N LEU I 338 -59.46 78.11 21.36
CA LEU I 338 -58.37 78.32 22.30
C LEU I 338 -57.07 78.45 21.54
N PHE I 339 -56.38 79.56 21.78
CA PHE I 339 -55.04 79.78 21.26
C PHE I 339 -54.02 78.98 22.05
N THR I 340 -52.75 79.17 21.73
CA THR I 340 -51.65 78.46 22.38
C THR I 340 -51.60 78.59 23.91
N GLY I 341 -51.35 77.48 24.58
CA GLY I 341 -50.93 77.52 25.98
C GLY I 341 -52.01 77.74 27.02
N VAL I 342 -53.26 77.49 26.66
CA VAL I 342 -54.38 77.64 27.59
C VAL I 342 -54.43 76.50 28.62
N ARG I 343 -54.62 76.86 29.88
CA ARG I 343 -54.78 75.88 30.95
C ARG I 343 -56.17 76.03 31.53
N ALA I 344 -57.05 75.06 31.28
CA ALA I 344 -58.39 75.13 31.84
C ALA I 344 -58.50 74.03 32.88
N ASN I 345 -58.84 74.39 34.11
CA ASN I 345 -58.75 73.44 35.22
C ASN I 345 -60.11 72.88 35.65
N SER I 346 -60.08 71.95 36.60
CA SER I 346 -61.22 71.05 36.85
C SER I 346 -62.52 71.75 37.21
N TYR I 347 -63.62 71.15 36.72
CA TYR I 347 -64.99 71.58 37.00
C TYR I 347 -65.33 72.90 36.31
N SER I 348 -64.37 73.45 35.58
CA SER I 348 -64.63 74.68 34.82
C SER I 348 -65.36 74.36 33.54
N ARG I 349 -65.97 75.40 32.95
CA ARG I 349 -66.79 75.27 31.74
C ARG I 349 -66.62 76.50 30.85
N LEU I 350 -66.33 76.30 29.57
CA LEU I 350 -66.24 77.38 28.60
C LEU I 350 -67.20 77.12 27.44
N GLU I 351 -68.08 78.09 27.16
CA GLU I 351 -68.96 78.03 25.99
C GLU I 351 -68.89 79.32 25.21
N ASN I 352 -68.93 79.24 23.89
CA ASN I 352 -68.90 80.42 23.02
C ASN I 352 -67.79 81.37 23.40
N ALA I 353 -66.60 80.82 23.63
CA ALA I 353 -65.49 81.62 24.14
C ALA I 353 -64.32 81.68 23.17
N VAL I 354 -63.80 82.88 22.94
CA VAL I 354 -62.53 83.04 22.25
C VAL I 354 -61.47 83.27 23.31
N VAL I 355 -60.49 82.39 23.39
CA VAL I 355 -59.56 82.41 24.51
C VAL I 355 -58.14 82.61 23.99
N LEU I 356 -57.56 83.80 24.24
CA LEU I 356 -56.28 84.17 23.63
C LEU I 356 -55.13 83.42 24.32
N PRO I 357 -53.88 83.55 23.81
CA PRO I 357 -52.84 82.67 24.37
C PRO I 357 -52.55 82.79 25.87
N SER I 358 -52.17 81.67 26.46
CA SER I 358 -51.70 81.61 27.85
C SER I 358 -52.75 81.93 28.90
N VAL I 359 -54.03 81.91 28.56
CA VAL I 359 -55.09 82.13 29.55
C VAL I 359 -55.16 80.93 30.49
N LYS I 360 -55.40 81.18 31.77
CA LYS I 360 -55.62 80.11 32.73
C LYS I 360 -57.03 80.22 33.28
N ILE I 361 -57.78 79.12 33.27
CA ILE I 361 -59.15 79.11 33.79
C ILE I 361 -59.19 78.36 35.11
N GLY I 362 -59.42 79.09 36.21
CA GLY I 362 -59.49 78.48 37.52
C GLY I 362 -60.61 77.46 37.68
N ARG I 363 -60.41 76.51 38.59
CA ARG I 363 -61.44 75.52 38.90
C ARG I 363 -62.79 76.17 39.13
N HIS I 364 -63.85 75.47 38.72
CA HIS I 364 -65.24 75.85 38.98
C HIS I 364 -65.70 77.10 38.25
N ALA I 365 -64.83 77.74 37.48
CA ALA I 365 -65.27 78.91 36.73
C ALA I 365 -66.16 78.52 35.55
N GLN I 366 -67.14 79.35 35.23
CA GLN I 366 -68.06 79.07 34.12
C GLN I 366 -68.27 80.29 33.26
N LEU I 367 -67.68 80.32 32.07
CA LEU I 367 -67.74 81.50 31.22
C LEU I 367 -68.43 81.21 29.88
N SER I 368 -69.36 82.06 29.50
CA SER I 368 -70.06 81.93 28.22
C SER I 368 -70.13 83.25 27.46
N ASN I 369 -69.94 83.19 26.14
CA ASN I 369 -69.94 84.34 25.23
C ASN I 369 -68.93 85.41 25.58
N VAL I 370 -67.65 85.02 25.59
CA VAL I 370 -66.60 85.89 26.06
C VAL I 370 -65.42 85.93 25.10
N VAL I 371 -64.63 86.99 25.25
CA VAL I 371 -63.31 87.08 24.65
C VAL I 371 -62.35 87.33 25.79
N ILE I 372 -61.45 86.38 26.04
CA ILE I 372 -60.50 86.52 27.14
C ILE I 372 -59.16 86.95 26.58
N ASP I 373 -58.60 88.02 27.12
CA ASP I 373 -57.37 88.60 26.57
C ASP I 373 -56.16 87.71 26.89
N HIS I 374 -55.06 87.96 26.18
CA HIS I 374 -53.81 87.24 26.36
C HIS I 374 -53.37 87.17 27.82
N GLY I 375 -53.04 85.97 28.29
CA GLY I 375 -52.41 85.81 29.60
C GLY I 375 -53.27 85.96 30.84
N VAL I 376 -54.54 86.30 30.67
CA VAL I 376 -55.46 86.46 31.80
C VAL I 376 -55.57 85.22 32.67
N VAL I 377 -55.47 85.40 33.98
CA VAL I 377 -55.75 84.33 34.92
C VAL I 377 -57.16 84.51 35.48
N ILE I 378 -58.04 83.57 35.15
CA ILE I 378 -59.43 83.62 35.60
C ILE I 378 -59.51 82.95 36.97
N PRO I 379 -59.84 83.74 38.02
CA PRO I 379 -59.81 83.19 39.38
C PRO I 379 -60.80 82.03 39.52
N GLU I 380 -60.61 81.16 40.50
CA GLU I 380 -61.51 80.03 40.63
C GLU I 380 -62.95 80.48 40.89
N GLY I 381 -63.89 79.92 40.12
CA GLY I 381 -65.30 80.10 40.37
C GLY I 381 -66.04 81.29 39.75
N LEU I 382 -65.39 82.08 38.90
CA LEU I 382 -66.08 83.21 38.28
C LEU I 382 -67.17 82.73 37.37
N ILE I 383 -68.32 83.39 37.41
CA ILE I 383 -69.37 83.12 36.45
C ILE I 383 -69.56 84.33 35.55
N VAL I 384 -69.44 84.11 34.24
CA VAL I 384 -69.72 85.14 33.26
C VAL I 384 -70.70 84.56 32.27
N GLY I 385 -71.72 85.35 31.93
CA GLY I 385 -72.74 84.94 30.99
C GLY I 385 -74.05 84.57 31.64
N GLU I 386 -74.17 84.87 32.94
CA GLU I 386 -75.32 84.48 33.73
C GLU I 386 -76.12 85.70 34.17
N ASP I 387 -75.42 86.79 34.44
CA ASP I 387 -76.02 88.00 35.00
C ASP I 387 -75.55 89.18 34.18
N PRO I 388 -76.35 89.61 33.21
CA PRO I 388 -75.89 90.65 32.28
C PRO I 388 -75.46 91.91 33.00
N GLU I 389 -76.21 92.30 34.03
CA GLU I 389 -75.93 93.53 34.76
C GLU I 389 -74.60 93.45 35.49
N LEU I 390 -74.40 92.34 36.19
CA LEU I 390 -73.17 92.12 36.90
C LEU I 390 -72.01 92.06 35.91
N ASP I 391 -72.26 91.44 34.77
CA ASP I 391 -71.23 91.29 33.74
C ASP I 391 -70.89 92.64 33.13
N ALA I 392 -71.92 93.43 32.82
CA ALA I 392 -71.73 94.74 32.22
C ALA I 392 -70.97 95.66 33.16
N LYS I 393 -71.15 95.45 34.46
CA LYS I 393 -70.43 96.23 35.46
C LYS I 393 -68.98 95.72 35.61
N ARG I 394 -68.81 94.41 35.62
CA ARG I 394 -67.50 93.82 35.83
C ARG I 394 -66.57 93.98 34.62
N PHE I 395 -67.12 93.80 33.43
CA PHE I 395 -66.28 93.75 32.24
C PHE I 395 -66.79 94.64 31.13
N ARG I 396 -66.14 94.55 29.98
CA ARG I 396 -66.61 95.26 28.80
C ARG I 396 -67.61 94.39 28.06
N ARG I 397 -68.87 94.76 28.13
CA ARG I 397 -69.94 93.96 27.52
C ARG I 397 -70.53 94.66 26.30
N THR I 398 -70.59 93.97 25.17
CA THR I 398 -71.18 94.53 23.96
C THR I 398 -72.70 94.52 24.09
N GLU I 399 -73.39 95.17 23.16
CA GLU I 399 -74.86 95.16 23.18
C GLU I 399 -75.42 93.75 23.04
N SER I 400 -74.74 92.91 22.27
CA SER I 400 -75.21 91.56 21.99
C SER I 400 -74.77 90.55 23.04
N GLY I 401 -74.11 91.02 24.10
CA GLY I 401 -73.83 90.18 25.25
C GLY I 401 -72.48 89.48 25.26
N ILE I 402 -71.54 89.97 24.48
CA ILE I 402 -70.18 89.44 24.50
C ILE I 402 -69.37 90.21 25.53
N CYS I 403 -68.74 89.50 26.46
CA CYS I 403 -67.83 90.14 27.41
C CYS I 403 -66.37 89.97 27.03
N LEU I 404 -65.69 91.09 26.85
CA LEU I 404 -64.24 91.09 26.76
C LEU I 404 -63.67 91.11 28.18
N ILE I 405 -62.86 90.13 28.52
CA ILE I 405 -62.26 90.06 29.85
C ILE I 405 -60.76 90.32 29.81
N THR I 406 -60.30 91.31 30.58
CA THR I 406 -58.87 91.60 30.65
C THR I 406 -58.37 91.46 32.08
N GLN I 407 -57.06 91.36 32.23
CA GLN I 407 -56.48 91.16 33.55
C GLN I 407 -56.76 92.34 34.47
N SER I 408 -56.80 93.54 33.92
CA SER I 408 -57.07 94.72 34.72
C SER I 408 -58.50 94.69 35.28
N MET I 409 -59.46 94.22 34.48
CA MET I 409 -60.82 94.08 34.96
C MET I 409 -60.90 93.00 36.05
N ILE I 410 -60.11 91.95 35.90
CA ILE I 410 -60.07 90.89 36.90
C ILE I 410 -59.43 91.41 38.19
N ASP I 411 -58.44 92.28 38.02
CA ASP I 411 -57.75 92.88 39.17
C ASP I 411 -58.69 93.71 40.03
N LYS I 412 -59.57 94.49 39.41
CA LYS I 412 -60.51 95.32 40.14
C LYS I 412 -61.58 94.52 40.87
N LEU I 413 -61.57 93.20 40.70
CA LEU I 413 -62.72 92.42 41.12
C LEU I 413 -62.85 92.07 42.60
N ASP I 414 -64.10 92.14 43.05
CA ASP I 414 -64.66 91.25 44.04
C ASP I 414 -66.17 91.51 44.01
N LEU I 415 -66.63 91.86 42.81
CA LEU I 415 -68.05 91.97 42.41
C LEU I 415 -68.12 92.53 41.00
N VAL J 1 -12.67 75.86 35.52
CA VAL J 1 -13.69 76.86 35.26
C VAL J 1 -14.50 76.54 34.01
N GLN J 2 -13.79 76.36 32.89
CA GLN J 2 -14.43 76.17 31.58
C GLN J 2 -15.24 74.88 31.53
N PRO J 3 -16.53 74.99 31.16
CA PRO J 3 -17.40 73.82 31.01
C PRO J 3 -16.82 72.88 29.96
N LEU J 4 -16.77 71.59 30.27
CA LEU J 4 -16.09 70.65 29.42
C LEU J 4 -16.82 70.47 28.09
N ALA J 5 -18.12 70.70 28.10
CA ALA J 5 -18.95 70.49 26.91
C ALA J 5 -18.49 71.35 25.74
N ARG J 6 -17.93 72.51 26.06
CA ARG J 6 -17.32 73.37 25.06
C ARG J 6 -16.34 72.62 24.15
N ASP J 7 -15.59 71.69 24.72
CA ASP J 7 -14.56 70.97 23.97
C ASP J 7 -14.98 69.52 23.68
N ALA J 8 -16.28 69.29 23.57
CA ALA J 8 -16.78 67.94 23.33
C ALA J 8 -17.56 67.84 22.03
N MET J 9 -17.60 66.63 21.49
CA MET J 9 -18.40 66.32 20.33
C MET J 9 -19.26 65.10 20.65
N ALA J 10 -20.56 65.19 20.39
CA ALA J 10 -21.46 64.07 20.57
C ALA J 10 -21.54 63.26 19.29
N TYR J 11 -21.35 61.95 19.40
CA TYR J 11 -21.41 61.08 18.23
C TYR J 11 -22.56 60.11 18.42
N VAL J 12 -23.62 60.25 17.62
CA VAL J 12 -24.82 59.47 17.84
C VAL J 12 -24.89 58.27 16.90
N LEU J 13 -24.93 57.07 17.50
CA LEU J 13 -25.07 55.83 16.74
C LEU J 13 -26.55 55.59 16.44
N ALA J 14 -26.94 55.82 15.19
CA ALA J 14 -28.35 55.80 14.82
C ALA J 14 -28.65 54.79 13.72
N GLY J 15 -28.05 53.61 13.82
CA GLY J 15 -28.20 52.59 12.80
C GLY J 15 -29.11 51.44 13.21
N GLY J 16 -29.54 51.46 14.47
CA GLY J 16 -30.38 50.41 15.02
C GLY J 16 -31.58 50.09 14.16
N ARG J 17 -31.88 48.80 13.99
CA ARG J 17 -32.95 48.38 13.11
C ARG J 17 -34.27 48.25 13.84
N GLY J 18 -34.20 48.06 15.16
CA GLY J 18 -35.39 47.87 15.96
C GLY J 18 -36.13 46.65 15.46
N SER J 19 -35.42 45.53 15.38
CA SER J 19 -35.95 44.30 14.80
C SER J 19 -37.29 43.86 15.38
N ARG J 20 -37.42 43.86 16.70
CA ARG J 20 -38.62 43.35 17.35
C ARG J 20 -39.82 44.30 17.25
N LEU J 21 -39.60 45.50 16.70
CA LEU J 21 -40.69 46.42 16.40
C LEU J 21 -41.38 46.05 15.09
N LYS J 22 -40.85 45.00 14.46
CA LYS J 22 -41.44 44.44 13.24
C LYS J 22 -41.77 45.49 12.19
N GLU J 23 -43.01 45.53 11.72
CA GLU J 23 -43.33 46.32 10.54
C GLU J 23 -43.20 47.82 10.82
N LEU J 24 -43.20 48.19 12.09
CA LEU J 24 -43.02 49.58 12.51
C LEU J 24 -41.66 50.11 12.05
N THR J 25 -40.73 49.20 11.79
CA THR J 25 -39.43 49.59 11.26
C THR J 25 -39.10 48.90 9.93
N ASP J 26 -40.12 48.55 9.17
CA ASP J 26 -39.92 47.94 7.86
C ASP J 26 -39.13 48.86 6.93
N ARG J 27 -39.42 50.16 6.97
CA ARG J 27 -38.72 51.06 6.06
C ARG J 27 -38.19 52.31 6.76
N ARG J 28 -37.99 52.22 8.07
CA ARG J 28 -37.35 53.30 8.81
C ARG J 28 -36.50 52.67 9.88
N ALA J 29 -35.38 53.33 10.24
CA ALA J 29 -34.57 52.88 11.36
C ALA J 29 -35.26 53.20 12.68
N LYS J 30 -34.88 52.50 13.75
CA LYS J 30 -35.47 52.73 15.06
C LYS J 30 -35.40 54.20 15.51
N PRO J 31 -34.25 54.88 15.32
CA PRO J 31 -34.23 56.27 15.81
C PRO J 31 -35.22 57.21 15.10
N ALA J 32 -35.71 56.80 13.94
CA ALA J 32 -36.69 57.59 13.18
C ALA J 32 -38.14 57.32 13.60
N VAL J 33 -38.35 56.39 14.52
CA VAL J 33 -39.69 56.08 14.97
C VAL J 33 -40.27 57.25 15.78
N TYR J 34 -41.52 57.60 15.47
CA TYR J 34 -42.24 58.67 16.14
C TYR J 34 -42.49 58.42 17.62
N PHE J 35 -42.35 59.46 18.42
CA PHE J 35 -42.68 59.31 19.82
C PHE J 35 -43.20 60.59 20.44
N GLY J 36 -44.21 60.47 21.28
CA GLY J 36 -44.63 61.55 22.14
C GLY J 36 -45.71 62.42 21.52
N GLY J 37 -45.91 62.28 20.23
CA GLY J 37 -46.95 63.01 19.55
C GLY J 37 -46.38 63.93 18.48
N LYS J 38 -45.15 64.38 18.69
CA LYS J 38 -44.55 65.35 17.77
C LYS J 38 -43.07 65.12 17.42
N ALA J 39 -42.40 64.19 18.10
CA ALA J 39 -40.95 64.01 17.94
C ALA J 39 -40.60 62.62 17.44
N ARG J 40 -39.32 62.37 17.20
CA ARG J 40 -38.85 61.02 16.89
C ARG J 40 -37.83 60.64 17.94
N ILE J 41 -37.59 59.35 18.13
CA ILE J 41 -36.74 58.89 19.24
C ILE J 41 -35.35 59.53 19.20
N ILE J 42 -34.79 59.73 18.01
CA ILE J 42 -33.46 60.30 17.91
C ILE J 42 -33.36 61.71 18.54
N ASP J 43 -34.47 62.41 18.64
CA ASP J 43 -34.46 63.79 19.11
C ASP J 43 -34.07 63.95 20.58
N PHE J 44 -34.25 62.88 21.36
CA PHE J 44 -33.90 62.94 22.77
C PHE J 44 -32.40 63.02 22.98
N ALA J 45 -31.65 62.06 22.44
CA ALA J 45 -30.18 62.12 22.53
C ALA J 45 -29.67 63.42 21.92
N LEU J 46 -30.24 63.86 20.80
CA LEU J 46 -29.82 65.11 20.18
C LEU J 46 -30.17 66.32 21.04
N SER J 47 -31.34 66.31 21.68
CA SER J 47 -31.69 67.43 22.53
C SER J 47 -30.90 67.39 23.82
N ASN J 48 -30.54 66.20 24.28
CA ASN J 48 -29.63 66.12 25.44
C ASN J 48 -28.26 66.73 25.09
N ALA J 49 -27.75 66.48 23.89
CA ALA J 49 -26.45 67.02 23.53
C ALA J 49 -26.51 68.54 23.54
N LEU J 50 -27.48 69.09 22.82
CA LEU J 50 -27.68 70.53 22.74
C LEU J 50 -27.89 71.18 24.11
N ASN J 51 -28.81 70.64 24.90
CA ASN J 51 -29.11 71.19 26.23
C ASN J 51 -27.90 71.15 27.16
N SER J 52 -27.03 70.16 26.97
CA SER J 52 -25.84 69.98 27.81
C SER J 52 -24.72 70.91 27.39
N GLY J 53 -24.90 71.61 26.28
CA GLY J 53 -23.91 72.53 25.77
C GLY J 53 -22.93 71.96 24.75
N ILE J 54 -23.22 70.76 24.25
CA ILE J 54 -22.39 70.15 23.21
C ILE J 54 -22.92 70.55 21.83
N ARG J 55 -22.20 71.47 21.18
CA ARG J 55 -22.71 72.04 19.94
C ARG J 55 -22.04 71.45 18.69
N ARG J 56 -21.25 70.41 18.85
CA ARG J 56 -20.80 69.62 17.71
C ARG J 56 -21.40 68.23 17.79
N ILE J 57 -22.16 67.87 16.77
CA ILE J 57 -22.86 66.60 16.75
C ILE J 57 -22.61 65.88 15.44
N GLY J 58 -22.35 64.58 15.51
CA GLY J 58 -22.30 63.74 14.33
C GLY J 58 -23.28 62.59 14.50
N VAL J 59 -23.95 62.23 13.42
CA VAL J 59 -24.90 61.13 13.46
C VAL J 59 -24.52 60.11 12.39
N ALA J 60 -24.27 58.89 12.84
CA ALA J 60 -23.93 57.79 11.95
C ALA J 60 -25.17 56.93 11.71
N THR J 61 -25.54 56.76 10.45
CA THR J 61 -26.74 56.01 10.11
C THR J 61 -26.40 54.77 9.29
N GLN J 62 -27.27 53.76 9.34
CA GLN J 62 -27.02 52.52 8.64
C GLN J 62 -28.18 52.14 7.73
N TYR J 63 -28.99 51.16 8.11
CA TYR J 63 -30.01 50.65 7.20
C TYR J 63 -31.29 51.47 7.28
N LYS J 64 -32.02 51.51 6.17
CA LYS J 64 -33.35 52.13 6.07
C LYS J 64 -33.36 53.54 6.68
N ALA J 65 -32.44 54.37 6.20
CA ALA J 65 -32.26 55.66 6.80
C ALA J 65 -32.64 56.95 6.09
N HIS J 66 -33.31 56.96 4.95
CA HIS J 66 -33.71 58.32 4.53
C HIS J 66 -34.80 59.04 5.27
N SER J 67 -35.80 58.40 5.85
CA SER J 67 -36.69 59.28 6.57
C SER J 67 -35.92 59.87 7.76
N LEU J 68 -34.96 59.12 8.29
CA LEU J 68 -34.13 59.63 9.38
C LEU J 68 -33.24 60.77 8.90
N ILE J 69 -32.54 60.56 7.81
CA ILE J 69 -31.70 61.59 7.23
C ILE J 69 -32.53 62.82 6.84
N ARG J 70 -33.73 62.60 6.30
CA ARG J 70 -34.59 63.72 5.92
C ARG J 70 -35.03 64.54 7.14
N HIS J 71 -35.43 63.84 8.20
CA HIS J 71 -35.73 64.47 9.50
C HIS J 71 -34.60 65.36 10.02
N LEU J 72 -33.38 64.83 9.98
CA LEU J 72 -32.19 65.53 10.47
C LEU J 72 -31.90 66.77 9.62
N GLN J 73 -31.99 66.60 8.30
CA GLN J 73 -31.84 67.72 7.38
C GLN J 73 -32.85 68.84 7.64
N ARG J 74 -34.09 68.47 7.89
CA ARG J 74 -35.18 69.44 8.03
C ARG J 74 -35.28 70.06 9.41
N GLY J 75 -34.98 69.27 10.44
CA GLY J 75 -35.15 69.72 11.80
C GLY J 75 -33.90 70.25 12.45
N TRP J 76 -32.76 69.62 12.20
CA TRP J 76 -31.55 69.95 12.92
C TRP J 76 -30.61 70.76 12.04
N ASP J 77 -31.10 71.88 11.55
CA ASP J 77 -30.46 72.61 10.47
C ASP J 77 -29.90 73.97 10.90
N PHE J 78 -29.77 74.18 12.20
CA PHE J 78 -29.47 75.50 12.71
C PHE J 78 -28.08 75.66 13.32
N PHE J 79 -27.16 74.78 12.97
CA PHE J 79 -25.78 74.87 13.46
C PHE J 79 -24.92 75.55 12.41
N ARG J 80 -24.08 76.50 12.83
CA ARG J 80 -23.17 77.17 11.91
C ARG J 80 -21.72 76.99 12.35
N PRO J 81 -20.87 76.48 11.45
CA PRO J 81 -19.46 76.24 11.78
C PRO J 81 -18.73 77.49 12.28
N GLU J 82 -19.12 78.66 11.82
CA GLU J 82 -18.38 79.85 12.23
C GLU J 82 -18.69 80.25 13.68
N ARG J 83 -19.72 79.66 14.29
CA ARG J 83 -19.95 79.77 15.73
C ARG J 83 -19.45 78.52 16.48
N ASN J 84 -18.59 77.76 15.81
CA ASN J 84 -18.06 76.47 16.29
C ASN J 84 -19.13 75.45 16.67
N GLU J 85 -20.22 75.48 15.93
CA GLU J 85 -21.27 74.48 16.01
C GLU J 85 -21.22 73.67 14.74
N SER J 86 -21.52 72.39 14.81
CA SER J 86 -21.58 71.61 13.58
C SER J 86 -22.56 70.48 13.75
N PHE J 87 -23.18 70.08 12.65
CA PHE J 87 -24.04 68.92 12.64
C PHE J 87 -23.71 68.14 11.39
N ASP J 88 -23.12 66.96 11.57
CA ASP J 88 -22.71 66.15 10.43
C ASP J 88 -23.54 64.88 10.39
N ILE J 89 -24.16 64.64 9.24
CA ILE J 89 -24.92 63.42 9.00
C ILE J 89 -24.00 62.49 8.22
N LEU J 90 -23.78 61.30 8.77
CA LEU J 90 -22.71 60.43 8.27
C LEU J 90 -23.21 59.05 7.89
N PRO J 91 -23.90 58.94 6.75
CA PRO J 91 -24.49 57.66 6.34
C PRO J 91 -23.43 56.70 5.83
N ALA J 92 -23.70 55.42 5.96
CA ALA J 92 -22.80 54.36 5.52
C ALA J 92 -22.48 54.46 4.04
N GLN J 94 -20.12 57.67 2.30
CA GLN J 94 -20.32 58.94 1.60
C GLN J 94 -21.81 59.23 1.43
N THR J 99 -21.12 46.69 -0.32
CA THR J 99 -19.80 46.95 0.22
C THR J 99 -19.64 48.41 0.64
N GLN J 100 -20.60 48.89 1.42
CA GLN J 100 -20.61 50.27 1.85
C GLN J 100 -20.97 50.41 3.32
N TRP J 101 -21.68 49.42 3.86
CA TRP J 101 -22.21 49.54 5.21
C TRP J 101 -21.11 49.56 6.24
N TYR J 102 -21.40 50.15 7.41
CA TYR J 102 -20.45 50.10 8.49
C TYR J 102 -20.42 48.66 8.99
N GLU J 103 -19.26 48.21 9.47
CA GLU J 103 -19.14 46.84 9.95
C GLU J 103 -19.52 46.72 11.42
N GLY J 104 -19.77 47.87 12.03
CA GLY J 104 -20.16 47.89 13.41
C GLY J 104 -20.12 49.32 13.91
N THR J 105 -20.49 49.52 15.17
CA THR J 105 -20.59 50.86 15.70
C THR J 105 -19.23 51.50 15.83
N ALA J 106 -18.21 50.70 16.14
CA ALA J 106 -16.85 51.21 16.21
C ALA J 106 -16.37 51.64 14.83
N ASP J 107 -16.66 50.81 13.81
CA ASP J 107 -16.34 51.15 12.43
C ASP J 107 -17.03 52.44 11.99
N ALA J 108 -18.19 52.72 12.58
CA ALA J 108 -18.93 53.94 12.25
C ALA J 108 -18.12 55.17 12.63
N VAL J 109 -17.34 55.08 13.71
CA VAL J 109 -16.45 56.17 14.10
C VAL J 109 -15.13 56.14 13.28
N TYR J 110 -14.45 54.99 13.26
CA TYR J 110 -13.19 54.86 12.54
C TYR J 110 -13.26 55.40 11.10
N GLN J 111 -14.34 55.14 10.39
CA GLN J 111 -14.47 55.60 9.00
C GLN J 111 -14.49 57.12 8.92
N ASN J 112 -14.92 57.77 9.99
CA ASN J 112 -15.20 59.18 9.95
C ASN J 112 -14.22 59.98 10.82
N ILE J 113 -13.02 59.44 10.96
CA ILE J 113 -11.92 60.18 11.57
C ILE J 113 -11.66 61.48 10.79
N ASP J 114 -11.79 61.42 9.47
CA ASP J 114 -11.50 62.59 8.66
C ASP J 114 -12.55 63.69 8.82
N ILE J 115 -13.70 63.35 9.38
CA ILE J 115 -14.72 64.34 9.68
C ILE J 115 -14.49 64.95 11.05
N ILE J 116 -13.99 64.10 11.95
CA ILE J 116 -13.78 64.45 13.36
C ILE J 116 -12.47 65.20 13.58
N GLU J 117 -11.43 64.84 12.82
CA GLU J 117 -10.11 65.45 13.01
C GLU J 117 -10.08 66.99 12.86
N PRO J 118 -10.69 67.55 11.78
CA PRO J 118 -10.68 69.00 11.65
C PRO J 118 -11.21 69.76 12.87
N TYR J 119 -12.22 69.21 13.52
CA TYR J 119 -12.80 69.86 14.68
C TYR J 119 -11.92 69.74 15.92
N ALA J 120 -11.10 68.69 15.96
CA ALA J 120 -10.20 68.39 17.08
C ALA J 120 -10.83 68.57 18.45
N PRO J 121 -11.96 67.91 18.71
CA PRO J 121 -12.51 68.09 20.05
C PRO J 121 -11.67 67.35 21.08
N GLU J 122 -11.69 67.82 22.34
CA GLU J 122 -11.01 67.15 23.43
C GLU J 122 -11.68 65.81 23.81
N TYR J 123 -13.00 65.81 23.78
CA TYR J 123 -13.80 64.67 24.26
C TYR J 123 -14.79 64.17 23.22
N MET J 124 -14.97 62.85 23.18
CA MET J 124 -16.01 62.25 22.39
C MET J 124 -17.07 61.65 23.31
N VAL J 125 -18.33 61.99 23.07
CA VAL J 125 -19.45 61.37 23.77
C VAL J 125 -20.20 60.48 22.79
N ILE J 126 -20.06 59.18 22.95
CA ILE J 126 -20.70 58.21 22.07
C ILE J 126 -22.10 57.90 22.63
N LEU J 127 -23.13 58.19 21.86
CA LEU J 127 -24.52 58.07 22.32
C LEU J 127 -25.30 57.05 21.50
N ALA J 128 -26.18 56.31 22.17
CA ALA J 128 -27.15 55.49 21.46
C ALA J 128 -28.30 56.38 21.02
N GLY J 129 -28.68 56.33 19.75
CA GLY J 129 -29.74 57.18 19.24
C GLY J 129 -31.15 56.60 19.28
N ASP J 130 -31.31 55.47 19.97
CA ASP J 130 -32.61 54.79 19.97
C ASP J 130 -33.23 54.59 21.36
N HIS J 131 -32.90 55.47 22.30
CA HIS J 131 -33.49 55.45 23.65
C HIS J 131 -34.15 56.76 23.93
N ILE J 132 -35.17 56.74 24.78
CA ILE J 132 -35.86 57.96 25.19
C ILE J 132 -35.47 58.28 26.62
N TYR J 133 -34.77 59.40 26.82
CA TYR J 133 -34.26 59.77 28.15
C TYR J 133 -33.77 61.20 28.14
N LYS J 134 -33.65 61.80 29.32
CA LYS J 134 -33.13 63.15 29.46
C LYS J 134 -31.93 63.13 30.42
N MET J 135 -30.81 63.64 29.94
CA MET J 135 -29.53 63.52 30.65
C MET J 135 -28.61 64.70 30.34
N ASP J 136 -27.92 65.20 31.36
CA ASP J 136 -26.99 66.32 31.24
C ASP J 136 -25.56 65.78 31.20
N TYR J 137 -24.99 65.72 30.00
CA TYR J 137 -23.71 65.04 29.79
C TYR J 137 -22.50 65.73 30.39
N GLU J 138 -22.67 66.93 30.93
CA GLU J 138 -21.56 67.64 31.56
C GLU J 138 -21.12 66.89 32.83
N TYR J 139 -22.07 66.29 33.52
CA TYR J 139 -21.75 65.51 34.72
C TYR J 139 -20.83 64.35 34.39
N MET J 140 -21.17 63.61 33.35
CA MET J 140 -20.35 62.47 32.95
C MET J 140 -18.98 62.92 32.43
N LEU J 141 -18.94 64.05 31.74
CA LEU J 141 -17.68 64.61 31.25
C LEU J 141 -16.77 64.93 32.42
N GLN J 142 -17.33 65.62 33.42
CA GLN J 142 -16.58 65.98 34.61
C GLN J 142 -16.01 64.73 35.30
N GLN J 143 -16.81 63.67 35.40
CA GLN J 143 -16.34 62.46 36.05
C GLN J 143 -15.19 61.83 35.30
N HIS J 144 -15.26 61.84 33.96
CA HIS J 144 -14.25 61.18 33.14
C HIS J 144 -12.87 61.81 33.29
N VAL J 145 -12.82 63.13 33.28
CA VAL J 145 -11.54 63.81 33.35
C VAL J 145 -10.98 63.66 34.76
N ASP J 146 -11.84 63.78 35.76
CA ASP J 146 -11.42 63.60 37.14
C ASP J 146 -10.91 62.18 37.39
N SER J 147 -11.67 61.19 36.95
CA SER J 147 -11.36 59.81 37.27
C SER J 147 -10.07 59.34 36.60
N GLY J 148 -9.71 59.96 35.48
CA GLY J 148 -8.57 59.53 34.70
C GLY J 148 -8.79 58.24 33.92
N ALA J 149 -10.04 57.83 33.82
CA ALA J 149 -10.40 56.62 33.09
C ALA J 149 -10.10 56.68 31.59
N ASP J 150 -9.98 55.52 30.95
CA ASP J 150 -9.83 55.48 29.51
C ASP J 150 -11.21 55.57 28.82
N VAL J 151 -12.24 55.05 29.48
CA VAL J 151 -13.63 55.23 29.02
C VAL J 151 -14.52 55.32 30.24
N THR J 152 -15.55 56.18 30.15
CA THR J 152 -16.59 56.27 31.18
C THR J 152 -17.91 55.83 30.61
N ILE J 153 -18.61 54.96 31.33
CA ILE J 153 -19.81 54.33 30.78
C ILE J 153 -21.06 54.65 31.59
N GLY J 154 -22.08 55.15 30.92
CA GLY J 154 -23.32 55.49 31.58
C GLY J 154 -24.15 54.25 31.83
N CYS J 155 -24.63 54.08 33.05
CA CYS J 155 -25.32 52.86 33.45
C CYS J 155 -26.60 53.17 34.22
N LEU J 156 -27.62 52.35 33.98
CA LEU J 156 -28.82 52.40 34.80
C LEU J 156 -28.64 51.53 36.01
N GLU J 157 -29.18 51.97 37.14
CA GLU J 157 -29.34 51.10 38.30
C GLU J 157 -30.62 50.32 38.19
N VAL J 158 -30.54 49.03 37.86
CA VAL J 158 -31.74 48.22 37.73
C VAL J 158 -31.69 47.08 38.75
N PRO J 159 -32.87 46.69 39.27
CA PRO J 159 -32.97 45.53 40.15
C PRO J 159 -32.57 44.25 39.41
N ARG J 160 -31.85 43.35 40.07
CA ARG J 160 -31.11 42.31 39.35
C ARG J 160 -31.97 41.39 38.48
N MET J 161 -33.18 41.10 38.93
CA MET J 161 -34.08 40.25 38.15
C MET J 161 -34.41 40.87 36.79
N GLU J 162 -34.23 42.19 36.67
CA GLU J 162 -34.53 42.88 35.41
C GLU J 162 -33.22 43.30 34.73
N ALA J 163 -32.11 42.98 35.36
CA ALA J 163 -30.79 43.22 34.76
C ALA J 163 -30.41 42.11 33.78
N THR J 164 -31.14 41.01 33.82
CA THR J 164 -30.74 39.81 33.09
C THR J 164 -30.80 40.00 31.58
N GLY J 165 -31.52 41.03 31.13
CA GLY J 165 -31.68 41.28 29.72
C GLY J 165 -30.82 42.44 29.24
N PHE J 166 -29.84 42.82 30.07
CA PHE J 166 -28.97 43.96 29.78
C PHE J 166 -27.53 43.54 29.60
N GLY J 167 -26.72 44.44 29.05
CA GLY J 167 -25.29 44.32 29.15
C GLY J 167 -24.94 44.83 30.53
N VAL J 168 -24.28 44.02 31.35
CA VAL J 168 -24.09 44.38 32.75
C VAL J 168 -22.62 44.57 33.13
N MET J 169 -22.36 45.65 33.84
CA MET J 169 -21.01 46.01 34.27
C MET J 169 -20.75 45.54 35.70
N HIS J 170 -19.74 44.70 35.83
CA HIS J 170 -19.27 44.24 37.13
C HIS J 170 -18.45 45.38 37.70
N VAL J 171 -18.83 45.86 38.88
CA VAL J 171 -18.25 47.07 39.44
C VAL J 171 -17.67 46.84 40.84
N ASN J 172 -16.57 47.51 41.17
CA ASN J 172 -16.06 47.48 42.53
C ASN J 172 -16.50 48.70 43.32
N GLU J 173 -16.00 48.85 44.53
CA GLU J 173 -16.50 49.88 45.44
C GLU J 173 -16.18 51.30 44.97
N LYS J 174 -15.33 51.45 43.94
CA LYS J 174 -15.05 52.76 43.37
C LYS J 174 -15.78 52.97 42.05
N ASP J 175 -16.71 52.06 41.76
CA ASP J 175 -17.44 52.01 40.49
C ASP J 175 -16.51 51.75 39.30
N GLU J 176 -15.29 51.28 39.56
CA GLU J 176 -14.43 50.84 38.46
C GLU J 176 -15.02 49.55 37.93
N ILE J 177 -14.89 49.33 36.63
CA ILE J 177 -15.50 48.18 35.96
C ILE J 177 -14.50 47.03 35.80
N ILE J 178 -14.74 45.94 36.51
CA ILE J 178 -13.84 44.78 36.46
C ILE J 178 -14.30 43.68 35.48
N ASP J 179 -15.53 43.77 35.00
CA ASP J 179 -16.03 42.81 34.02
C ASP J 179 -17.29 43.32 33.34
N PHE J 180 -17.51 42.87 32.12
CA PHE J 180 -18.76 43.15 31.43
C PHE J 180 -19.40 41.84 31.01
N ILE J 181 -20.67 41.65 31.36
CA ILE J 181 -21.38 40.42 30.98
C ILE J 181 -22.67 40.72 30.23
N GLU J 182 -22.82 40.11 29.05
CA GLU J 182 -24.01 40.27 28.23
C GLU J 182 -25.14 39.35 28.66
N LYS J 183 -26.20 39.95 29.20
CA LYS J 183 -27.38 39.22 29.67
C LYS J 183 -27.07 38.13 30.70
N PRO J 184 -26.39 38.49 31.80
CA PRO J 184 -26.02 37.51 32.81
C PRO J 184 -27.24 36.87 33.46
N ALA J 185 -27.21 35.55 33.64
CA ALA J 185 -28.29 34.87 34.36
C ALA J 185 -28.33 35.34 35.81
N ASP J 186 -27.16 35.46 36.41
CA ASP J 186 -27.05 35.96 37.77
C ASP J 186 -26.24 37.25 37.73
N PRO J 187 -26.93 38.38 37.45
CA PRO J 187 -26.25 39.66 37.22
C PRO J 187 -25.55 40.13 38.49
N PRO J 188 -24.23 40.40 38.43
CA PRO J 188 -23.54 40.85 39.62
C PRO J 188 -24.18 42.11 40.21
N GLY J 189 -24.31 42.13 41.53
CA GLY J 189 -24.94 43.24 42.21
C GLY J 189 -23.93 44.32 42.51
N ILE J 190 -24.42 45.47 42.93
CA ILE J 190 -23.56 46.60 43.31
C ILE J 190 -23.01 46.35 44.71
N PRO J 191 -21.69 46.48 44.89
CA PRO J 191 -21.11 46.27 46.22
C PRO J 191 -21.80 47.12 47.28
N GLY J 192 -22.48 46.48 48.23
CA GLY J 192 -23.15 47.21 49.29
C GLY J 192 -24.58 47.57 48.90
N ASN J 193 -24.94 47.21 47.68
CA ASN J 193 -26.26 47.52 47.15
C ASN J 193 -26.68 46.37 46.23
N GLU J 194 -26.56 45.15 46.75
CA GLU J 194 -26.82 43.94 46.02
C GLU J 194 -28.26 43.93 45.55
N GLY J 195 -28.60 43.04 44.63
CA GLY J 195 -29.96 43.10 44.12
C GLY J 195 -30.29 44.33 43.27
N PHE J 196 -29.33 45.26 43.15
CA PHE J 196 -29.32 46.23 42.06
C PHE J 196 -28.10 45.95 41.23
N ALA J 197 -28.24 46.05 39.92
CA ALA J 197 -27.11 45.85 39.02
C ALA J 197 -26.95 47.08 38.12
N LEU J 198 -25.74 47.29 37.60
CA LEU J 198 -25.53 48.40 36.68
C LEU J 198 -25.69 47.91 35.25
N ALA J 199 -26.63 48.53 34.54
CA ALA J 199 -26.95 48.15 33.17
C ALA J 199 -26.45 49.22 32.21
N SER J 200 -25.59 48.83 31.26
CA SER J 200 -25.02 49.79 30.32
C SER J 200 -26.10 50.44 29.46
N MET J 201 -25.97 51.75 29.30
CA MET J 201 -26.83 52.54 28.42
C MET J 201 -26.26 52.70 27.01
N GLY J 202 -25.07 52.17 26.78
CA GLY J 202 -24.42 52.36 25.50
C GLY J 202 -23.99 53.80 25.32
N ILE J 203 -23.74 54.47 26.44
CA ILE J 203 -23.20 55.82 26.49
C ILE J 203 -21.76 55.76 26.97
N TYR J 204 -20.82 56.25 26.16
CA TYR J 204 -19.40 56.17 26.51
C TYR J 204 -18.73 57.51 26.34
N VAL J 205 -17.92 57.88 27.33
CA VAL J 205 -17.12 59.09 27.19
C VAL J 205 -15.67 58.74 26.97
N PHE J 206 -15.06 59.36 25.98
CA PHE J 206 -13.65 59.20 25.72
C PHE J 206 -13.00 60.55 25.55
N HIS J 207 -11.73 60.56 25.92
CA HIS J 207 -10.68 61.40 25.35
C HIS J 207 -10.45 61.10 23.84
N THR J 208 -10.57 62.12 22.97
CA THR J 208 -10.64 61.88 21.50
C THR J 208 -9.40 61.13 21.01
N LYS J 209 -8.21 61.55 21.46
CA LYS J 209 -6.98 60.92 21.05
C LYS J 209 -6.98 59.43 21.41
N PHE J 210 -7.43 59.09 22.62
CA PHE J 210 -7.50 57.69 23.02
C PHE J 210 -8.46 56.90 22.15
N LEU J 211 -9.62 57.49 21.88
CA LEU J 211 -10.65 56.81 21.12
C LEU J 211 -10.18 56.57 19.68
N MET J 212 -9.51 57.55 19.09
CA MET J 212 -9.01 57.39 17.72
C MET J 212 -8.02 56.23 17.63
N GLU J 213 -7.12 56.12 18.60
CA GLU J 213 -6.13 55.08 18.54
C GLU J 213 -6.75 53.73 18.86
N ALA J 214 -7.79 53.74 19.68
CA ALA J 214 -8.54 52.52 19.98
C ALA J 214 -9.24 52.01 18.73
N LEU J 215 -9.79 52.92 17.93
CA LEU J 215 -10.50 52.50 16.73
C LEU J 215 -9.57 52.09 15.60
N ARG J 216 -8.37 52.64 15.58
CA ARG J 216 -7.37 52.22 14.60
C ARG J 216 -6.85 50.81 14.93
N ARG J 217 -6.74 50.53 16.21
CA ARG J 217 -6.33 49.21 16.65
C ARG J 217 -7.40 48.17 16.29
N ASP J 218 -8.66 48.55 16.49
CA ASP J 218 -9.80 47.69 16.21
C ASP J 218 -9.90 47.38 14.72
N ALA J 219 -9.62 48.38 13.89
CA ALA J 219 -9.70 48.26 12.44
C ALA J 219 -8.61 47.34 11.88
N ALA J 220 -7.48 47.29 12.56
CA ALA J 220 -6.37 46.46 12.11
C ALA J 220 -6.55 45.00 12.54
N ASP J 221 -7.61 44.73 13.32
CA ASP J 221 -7.89 43.37 13.80
C ASP J 221 -9.02 42.70 12.99
N PRO J 222 -8.65 41.79 12.10
CA PRO J 222 -9.59 41.14 11.17
C PRO J 222 -10.60 40.25 11.87
N THR J 223 -10.32 39.88 13.13
CA THR J 223 -11.23 39.03 13.88
C THR J 223 -12.32 39.87 14.56
N SER J 224 -12.04 41.15 14.73
CA SER J 224 -12.95 42.04 15.46
C SER J 224 -14.27 42.18 14.73
N SER J 225 -15.36 42.24 15.50
CA SER J 225 -16.68 42.49 14.93
C SER J 225 -16.97 43.98 14.89
N ARG J 226 -15.96 44.78 15.22
CA ARG J 226 -15.96 46.23 14.99
C ARG J 226 -17.09 46.96 15.71
N ASP J 227 -17.44 46.49 16.91
CA ASP J 227 -18.46 47.15 17.71
C ASP J 227 -17.90 47.60 19.05
N PHE J 228 -18.41 48.72 19.57
CA PHE J 228 -18.01 49.15 20.91
C PHE J 228 -18.34 48.09 21.97
N GLY J 229 -19.55 47.56 21.94
CA GLY J 229 -20.00 46.60 22.92
C GLY J 229 -19.27 45.28 22.92
N LYS J 230 -19.06 44.71 21.74
CA LYS J 230 -18.45 43.40 21.62
C LYS J 230 -16.92 43.49 21.64
N ASP J 231 -16.35 44.59 21.14
CA ASP J 231 -14.91 44.60 20.91
C ASP J 231 -14.17 45.66 21.72
N ILE J 232 -14.55 46.92 21.55
CA ILE J 232 -13.76 48.02 22.10
C ILE J 232 -13.88 48.12 23.62
N ILE J 233 -15.08 48.13 24.14
CA ILE J 233 -15.28 48.27 25.59
C ILE J 233 -14.80 47.05 26.37
N PRO J 234 -15.05 45.82 25.87
CA PRO J 234 -14.50 44.68 26.62
C PRO J 234 -12.97 44.66 26.66
N TYR J 235 -12.33 45.11 25.58
CA TYR J 235 -10.88 45.21 25.55
C TYR J 235 -10.37 46.21 26.58
N ILE J 236 -11.17 47.24 26.85
CA ILE J 236 -10.71 48.28 27.76
C ILE J 236 -10.93 47.84 29.21
N VAL J 237 -12.05 47.15 29.46
CA VAL J 237 -12.34 46.63 30.79
C VAL J 237 -11.24 45.69 31.28
N GLU J 238 -10.67 44.90 30.36
CA GLU J 238 -9.62 43.94 30.71
C GLU J 238 -8.20 44.54 30.73
N HIS J 239 -7.88 45.37 29.74
CA HIS J 239 -6.53 45.86 29.55
C HIS J 239 -6.32 47.30 30.01
N GLY J 240 -7.39 47.98 30.39
CA GLY J 240 -7.29 49.39 30.73
C GLY J 240 -8.13 49.81 31.92
N LYS J 241 -8.67 51.03 31.86
CA LYS J 241 -9.41 51.62 32.98
C LYS J 241 -10.82 52.06 32.59
N ALA J 242 -11.80 51.19 32.79
CA ALA J 242 -13.21 51.51 32.55
C ALA J 242 -13.90 51.82 33.87
N VAL J 243 -14.69 52.88 33.91
CA VAL J 243 -15.44 53.25 35.10
C VAL J 243 -16.91 53.48 34.75
N ALA J 244 -17.81 53.19 35.69
CA ALA J 244 -19.24 53.39 35.47
C ALA J 244 -19.66 54.79 35.88
N HIS J 245 -20.64 55.33 35.17
CA HIS J 245 -21.30 56.57 35.57
C HIS J 245 -22.79 56.31 35.78
N ARG J 246 -23.32 56.75 36.91
CA ARG J 246 -24.70 56.44 37.29
C ARG J 246 -25.69 57.40 36.65
N PHE J 247 -26.66 56.84 35.94
CA PHE J 247 -27.71 57.64 35.32
C PHE J 247 -28.40 58.51 36.36
N ALA J 248 -28.56 57.95 37.55
CA ALA J 248 -29.15 58.70 38.66
C ALA J 248 -28.42 60.02 38.92
N ASP J 249 -27.13 60.08 38.61
CA ASP J 249 -26.34 61.26 38.91
C ASP J 249 -26.41 62.32 37.80
N SER J 250 -27.07 62.02 36.68
CA SER J 250 -27.06 62.90 35.50
C SER J 250 -28.42 63.23 34.91
N CYS J 251 -29.38 62.32 35.08
CA CYS J 251 -30.72 62.49 34.51
C CYS J 251 -31.33 63.81 34.91
N VAL J 252 -32.00 64.45 33.96
CA VAL J 252 -32.72 65.69 34.22
C VAL J 252 -34.15 65.31 34.53
N ARG J 253 -34.40 65.05 35.80
CA ARG J 253 -35.71 64.58 36.26
C ARG J 253 -36.60 65.76 36.59
N SER J 254 -37.72 65.87 35.86
CA SER J 254 -38.74 66.85 36.18
C SER J 254 -39.27 66.61 37.61
N ASP J 255 -39.64 67.68 38.31
CA ASP J 255 -40.21 67.54 39.65
C ASP J 255 -41.55 66.82 39.56
N PHE J 256 -42.05 66.66 38.35
CA PHE J 256 -43.29 65.94 38.08
C PHE J 256 -43.00 64.61 37.39
N GLU J 257 -41.76 64.16 37.53
CA GLU J 257 -41.39 62.79 37.16
C GLU J 257 -40.98 62.06 38.44
N HIS J 258 -41.68 60.97 38.76
CA HIS J 258 -41.50 60.28 40.04
C HIS J 258 -40.17 59.52 40.16
N GLU J 259 -39.56 59.21 39.02
CA GLU J 259 -38.29 58.48 38.98
C GLU J 259 -37.57 58.85 37.69
N PRO J 260 -36.25 58.62 37.62
CA PRO J 260 -35.54 58.91 36.37
C PRO J 260 -36.12 58.13 35.19
N TYR J 261 -36.41 58.83 34.10
CA TYR J 261 -37.10 58.22 32.97
C TYR J 261 -36.12 57.77 31.89
N TRP J 262 -36.14 56.47 31.60
CA TRP J 262 -35.38 55.90 30.50
C TRP J 262 -36.23 54.78 29.90
N ARG J 263 -36.38 54.79 28.57
CA ARG J 263 -37.12 53.76 27.88
C ARG J 263 -36.39 53.34 26.62
N ASP J 264 -36.43 52.05 26.34
CA ASP J 264 -35.81 51.48 25.17
C ASP J 264 -36.81 51.31 24.04
N VAL J 265 -38.09 51.32 24.40
CA VAL J 265 -39.22 50.93 23.54
C VAL J 265 -38.78 49.89 22.50
N GLY J 266 -38.30 48.75 22.99
CA GLY J 266 -37.74 47.72 22.12
C GLY J 266 -38.75 46.81 21.46
N THR J 267 -39.96 46.76 22.03
CA THR J 267 -41.01 45.88 21.53
C THR J 267 -42.27 46.67 21.26
N ILE J 268 -43.19 46.09 20.49
CA ILE J 268 -44.42 46.78 20.16
C ILE J 268 -45.25 47.10 21.40
N ASP J 269 -45.29 46.19 22.37
CA ASP J 269 -45.99 46.48 23.62
C ASP J 269 -45.35 47.64 24.36
N ALA J 270 -44.03 47.63 24.45
CA ALA J 270 -43.33 48.67 25.19
C ALA J 270 -43.51 50.02 24.52
N TYR J 271 -43.47 50.03 23.19
CA TYR J 271 -43.65 51.25 22.42
C TYR J 271 -45.04 51.80 22.63
N TRP J 272 -46.04 50.94 22.50
CA TRP J 272 -47.42 51.33 22.74
C TRP J 272 -47.58 51.88 24.14
N GLN J 273 -47.00 51.18 25.13
CA GLN J 273 -47.20 51.57 26.52
C GLN J 273 -46.55 52.92 26.84
N ALA J 274 -45.34 53.15 26.35
CA ALA J 274 -44.65 54.40 26.59
C ALA J 274 -45.42 55.59 25.99
N ASN J 275 -46.03 55.40 24.82
CA ASN J 275 -46.83 56.46 24.23
C ASN J 275 -48.15 56.66 24.96
N ILE J 276 -48.85 55.58 25.29
CA ILE J 276 -50.17 55.69 25.88
C ILE J 276 -50.06 56.21 27.32
N ASP J 277 -48.91 55.99 27.94
CA ASP J 277 -48.68 56.49 29.28
C ASP J 277 -48.74 58.02 29.31
N LEU J 278 -48.42 58.66 28.18
CA LEU J 278 -48.47 60.11 28.09
C LEU J 278 -49.87 60.70 28.24
N THR J 279 -50.90 59.86 28.13
CA THR J 279 -52.27 60.32 28.29
C THR J 279 -52.71 60.27 29.77
N ASP J 280 -51.86 59.74 30.64
CA ASP J 280 -52.14 59.65 32.10
C ASP J 280 -52.41 61.00 32.73
N VAL J 281 -53.05 60.99 33.89
CA VAL J 281 -53.19 62.21 34.67
C VAL J 281 -51.82 62.67 35.16
N VAL J 282 -51.02 61.72 35.64
CA VAL J 282 -49.65 61.99 36.06
C VAL J 282 -48.66 61.14 35.26
N PRO J 283 -48.32 61.60 34.05
CA PRO J 283 -47.41 60.80 33.21
C PRO J 283 -46.03 60.58 33.85
N ASP J 284 -45.38 59.46 33.53
CA ASP J 284 -44.01 59.23 33.95
C ASP J 284 -43.07 60.23 33.29
N LEU J 285 -43.33 60.56 32.03
CA LEU J 285 -42.54 61.52 31.27
C LEU J 285 -43.26 62.84 31.20
N ASP J 286 -42.66 63.89 31.73
CA ASP J 286 -43.27 65.22 31.70
C ASP J 286 -42.84 65.94 30.44
N ILE J 287 -43.72 65.98 29.44
CA ILE J 287 -43.43 66.66 28.19
C ILE J 287 -43.69 68.15 28.27
N TYR J 288 -43.72 68.69 29.49
CA TYR J 288 -43.94 70.11 29.73
C TYR J 288 -42.82 70.75 30.54
N ASP J 289 -41.76 69.98 30.80
CA ASP J 289 -40.61 70.52 31.51
C ASP J 289 -39.79 71.39 30.56
N LYS J 290 -40.09 72.69 30.56
CA LYS J 290 -39.47 73.65 29.66
C LYS J 290 -38.00 73.85 30.00
N SER J 291 -37.56 73.32 31.14
CA SER J 291 -36.17 73.49 31.55
C SER J 291 -35.19 72.61 30.78
N TRP J 292 -35.70 71.56 30.12
CA TRP J 292 -34.85 70.67 29.33
C TRP J 292 -35.61 70.26 28.09
N PRO J 293 -35.77 71.20 27.15
CA PRO J 293 -36.72 70.99 26.06
C PRO J 293 -36.23 70.03 24.98
N ILE J 294 -37.17 69.34 24.38
CA ILE J 294 -36.90 68.41 23.30
C ILE J 294 -37.17 69.10 21.97
N TRP J 295 -36.11 69.42 21.23
CA TRP J 295 -36.27 70.04 19.91
C TRP J 295 -36.57 68.95 18.87
N THR J 296 -37.33 69.28 17.83
CA THR J 296 -37.58 68.33 16.75
C THR J 296 -37.91 69.07 15.46
N TYR J 297 -38.27 68.34 14.41
CA TYR J 297 -38.81 68.98 13.21
C TYR J 297 -40.31 69.16 13.36
N ALA J 298 -40.77 70.42 13.33
CA ALA J 298 -42.19 70.71 13.38
C ALA J 298 -42.53 71.80 12.39
N GLU J 299 -43.69 71.67 11.77
CA GLU J 299 -44.18 72.69 10.87
C GLU J 299 -45.33 73.44 11.50
N ILE J 300 -45.60 74.64 11.00
CA ILE J 300 -46.80 75.35 11.37
C ILE J 300 -47.99 74.57 10.82
N THR J 301 -48.94 74.25 11.69
CA THR J 301 -50.13 73.56 11.24
C THR J 301 -51.34 74.24 11.89
N PRO J 302 -52.53 74.01 11.35
CA PRO J 302 -53.69 74.55 12.04
C PRO J 302 -53.91 73.86 13.38
N PRO J 303 -54.73 74.45 14.26
CA PRO J 303 -54.99 73.81 15.55
C PRO J 303 -55.83 72.55 15.37
N ALA J 304 -55.99 71.74 16.42
CA ALA J 304 -56.91 70.60 16.36
C ALA J 304 -58.37 71.07 16.38
N LYS J 305 -59.24 70.33 15.71
CA LYS J 305 -60.64 70.75 15.58
C LYS J 305 -61.54 69.59 15.90
N PHE J 306 -62.58 69.85 16.69
CA PHE J 306 -63.56 68.83 17.02
C PHE J 306 -64.90 69.30 16.51
N VAL J 307 -65.61 68.45 15.81
CA VAL J 307 -66.90 68.87 15.27
C VAL J 307 -67.97 67.78 15.44
N HIS J 308 -69.25 68.17 15.41
CA HIS J 308 -70.45 67.34 15.56
C HIS J 308 -70.74 67.00 17.01
N ASP J 309 -72.01 67.12 17.37
CA ASP J 309 -72.45 66.93 18.73
C ASP J 309 -73.95 66.66 18.71
N ASP J 310 -74.34 65.44 18.35
CA ASP J 310 -75.75 65.11 18.36
C ASP J 310 -75.98 63.75 18.98
N GLU J 311 -77.19 63.21 18.85
CA GLU J 311 -77.55 62.03 19.61
C GLU J 311 -76.75 60.81 19.17
N ASP J 312 -76.26 60.81 17.93
CA ASP J 312 -75.55 59.64 17.43
C ASP J 312 -74.09 59.90 17.01
N ARG J 313 -73.64 61.15 17.05
CA ARG J 313 -72.21 61.39 16.83
C ARG J 313 -71.70 62.61 17.59
N ARG J 314 -70.50 62.48 18.11
CA ARG J 314 -69.86 63.57 18.83
C ARG J 314 -68.36 63.47 18.64
N GLY J 315 -67.78 64.48 18.01
CA GLY J 315 -66.34 64.56 17.87
C GLY J 315 -65.72 65.13 19.13
N SER J 316 -65.09 64.29 19.93
CA SER J 316 -64.36 64.77 21.09
C SER J 316 -63.35 63.74 21.53
N ALA J 317 -62.42 64.17 22.38
CA ALA J 317 -61.39 63.29 22.88
C ALA J 317 -61.36 63.37 24.39
N VAL J 318 -61.26 62.23 25.03
CA VAL J 318 -61.23 62.17 26.48
C VAL J 318 -59.98 61.37 26.86
N SER J 319 -59.33 61.76 27.96
CA SER J 319 -58.11 61.11 28.44
C SER J 319 -57.15 60.89 27.29
N SER J 320 -56.98 61.92 26.47
CA SER J 320 -56.26 61.79 25.22
C SER J 320 -55.34 62.98 24.95
N VAL J 321 -54.45 62.76 24.01
CA VAL J 321 -53.49 63.76 23.56
C VAL J 321 -53.63 63.91 22.04
N VAL J 322 -53.84 65.13 21.55
CA VAL J 322 -54.15 65.39 20.14
C VAL J 322 -53.27 66.51 19.59
N SER J 323 -52.57 66.25 18.50
CA SER J 323 -51.68 67.25 17.88
C SER J 323 -52.40 68.15 16.90
N GLY J 324 -51.65 69.06 16.28
CA GLY J 324 -52.22 70.01 15.34
C GLY J 324 -52.61 69.34 14.04
N ASP J 325 -53.37 70.05 13.22
CA ASP J 325 -53.83 69.54 11.94
C ASP J 325 -54.69 68.28 12.10
N CYS J 326 -55.14 67.97 13.31
CA CYS J 326 -56.08 66.87 13.50
C CYS J 326 -57.53 67.36 13.44
N ILE J 327 -58.39 66.63 12.74
CA ILE J 327 -59.81 66.99 12.69
C ILE J 327 -60.60 65.79 13.17
N ILE J 328 -61.27 65.97 14.30
CA ILE J 328 -62.00 64.87 14.95
C ILE J 328 -63.47 65.07 14.69
N SER J 329 -63.91 64.52 13.56
CA SER J 329 -65.20 64.83 12.99
C SER J 329 -66.23 63.76 13.33
N GLY J 330 -66.97 63.96 14.41
CA GLY J 330 -67.98 62.99 14.82
C GLY J 330 -67.35 61.70 15.31
N ALA J 331 -66.07 61.77 15.68
CA ALA J 331 -65.33 60.61 16.14
C ALA J 331 -65.03 60.67 17.65
N ALA J 332 -65.22 59.54 18.33
CA ALA J 332 -65.03 59.47 19.78
C ALA J 332 -63.69 58.84 20.16
N LEU J 333 -62.79 59.64 20.73
CA LEU J 333 -61.50 59.13 21.19
C LEU J 333 -61.46 59.00 22.70
N ASN J 334 -60.78 57.96 23.17
CA ASN J 334 -60.53 57.79 24.61
C ASN J 334 -59.22 57.07 24.82
N ARG J 335 -58.43 57.57 25.76
CA ARG J 335 -57.11 57.01 26.07
C ARG J 335 -56.29 56.80 24.80
N SER J 336 -56.24 57.83 23.95
CA SER J 336 -55.52 57.75 22.69
C SER J 336 -54.53 58.89 22.53
N LEU J 337 -53.52 58.65 21.69
CA LEU J 337 -52.51 59.63 21.40
C LEU J 337 -52.46 59.80 19.89
N LEU J 338 -52.74 61.00 19.39
CA LEU J 338 -52.76 61.26 17.95
C LEU J 338 -51.63 62.19 17.57
N PHE J 339 -50.87 61.80 16.55
CA PHE J 339 -49.81 62.63 16.01
C PHE J 339 -50.41 63.62 15.01
N THR J 340 -49.56 64.42 14.36
CA THR J 340 -50.05 65.46 13.46
C THR J 340 -50.89 64.96 12.30
N GLY J 341 -51.97 65.66 11.98
CA GLY J 341 -52.66 65.42 10.72
C GLY J 341 -53.66 64.29 10.71
N VAL J 342 -53.99 63.74 11.88
CA VAL J 342 -54.93 62.63 11.94
C VAL J 342 -56.36 63.09 11.65
N ARG J 343 -57.01 62.42 10.71
CA ARG J 343 -58.40 62.68 10.41
C ARG J 343 -59.24 61.51 10.89
N ALA J 344 -60.19 61.78 11.76
CA ALA J 344 -61.08 60.71 12.22
C ALA J 344 -62.51 61.12 11.91
N ASN J 345 -63.27 60.27 11.23
CA ASN J 345 -64.55 60.70 10.70
C ASN J 345 -65.74 60.11 11.44
N SER J 346 -66.93 60.54 11.04
CA SER J 346 -68.17 60.35 11.81
C SER J 346 -68.45 58.91 12.15
N TYR J 347 -68.86 58.70 13.40
CA TYR J 347 -69.31 57.42 13.95
C TYR J 347 -68.14 56.46 14.23
N SER J 348 -66.91 56.92 14.00
CA SER J 348 -65.76 56.10 14.34
C SER J 348 -65.42 56.23 15.81
N ARG J 349 -64.67 55.26 16.32
CA ARG J 349 -64.28 55.21 17.73
C ARG J 349 -62.87 54.67 17.92
N LEU J 350 -62.06 55.41 18.66
CA LEU J 350 -60.72 54.99 19.02
C LEU J 350 -60.61 54.85 20.53
N GLU J 351 -59.89 53.82 20.97
CA GLU J 351 -59.62 53.60 22.38
C GLU J 351 -58.26 52.94 22.52
N ASN J 352 -57.44 53.43 23.44
CA ASN J 352 -56.13 52.84 23.70
C ASN J 352 -55.33 52.80 22.42
N ALA J 353 -55.38 53.88 21.65
CA ALA J 353 -54.82 53.88 20.32
C ALA J 353 -53.65 54.85 20.20
N VAL J 354 -52.55 54.40 19.62
CA VAL J 354 -51.45 55.30 19.31
C VAL J 354 -51.47 55.48 17.80
N VAL J 355 -51.75 56.69 17.35
CA VAL J 355 -52.06 56.92 15.94
C VAL J 355 -51.03 57.88 15.32
N LEU J 356 -50.18 57.35 14.45
CA LEU J 356 -49.05 58.08 13.88
C LEU J 356 -49.51 59.13 12.85
N PRO J 357 -48.59 59.99 12.33
CA PRO J 357 -49.09 61.13 11.56
C PRO J 357 -49.89 60.77 10.29
N SER J 358 -50.81 61.65 9.93
CA SER J 358 -51.57 61.61 8.68
C SER J 358 -52.47 60.39 8.50
N VAL J 359 -52.80 59.70 9.58
CA VAL J 359 -53.72 58.56 9.51
C VAL J 359 -55.13 59.06 9.31
N LYS J 360 -55.91 58.37 8.48
CA LYS J 360 -57.32 58.70 8.34
C LYS J 360 -58.17 57.53 8.84
N ILE J 361 -59.13 57.81 9.71
CA ILE J 361 -60.03 56.78 10.20
C ILE J 361 -61.36 56.88 9.46
N GLY J 362 -61.76 55.83 8.75
CA GLY J 362 -63.02 55.82 8.03
C GLY J 362 -64.21 55.87 8.95
N ARG J 363 -65.35 56.40 8.47
CA ARG J 363 -66.58 56.40 9.25
C ARG J 363 -66.90 55.00 9.77
N HIS J 364 -67.51 54.95 10.93
CA HIS J 364 -68.00 53.71 11.54
C HIS J 364 -66.92 52.72 11.97
N ALA J 365 -65.64 53.02 11.73
CA ALA J 365 -64.59 52.12 12.18
C ALA J 365 -64.46 52.20 13.70
N GLN J 366 -64.20 51.07 14.35
CA GLN J 366 -63.99 51.07 15.80
C GLN J 366 -62.73 50.28 16.15
N LEU J 367 -61.76 50.97 16.77
CA LEU J 367 -60.43 50.40 16.99
C LEU J 367 -60.02 50.47 18.46
N SER J 368 -59.62 49.34 19.02
CA SER J 368 -59.11 49.26 20.40
C SER J 368 -57.74 48.61 20.46
N ASN J 369 -56.86 49.17 21.30
CA ASN J 369 -55.54 48.60 21.62
C ASN J 369 -54.65 48.45 20.39
N VAL J 370 -54.32 49.58 19.78
CA VAL J 370 -53.62 49.57 18.51
C VAL J 370 -52.48 50.57 18.45
N VAL J 371 -51.55 50.29 17.54
CA VAL J 371 -50.58 51.25 17.01
C VAL J 371 -50.86 51.35 15.53
N ILE J 372 -51.22 52.52 15.04
CA ILE J 372 -51.52 52.66 13.61
C ILE J 372 -50.36 53.40 12.95
N ASP J 373 -49.69 52.75 12.00
CA ASP J 373 -48.52 53.32 11.34
C ASP J 373 -48.86 54.60 10.55
N HIS J 374 -47.83 55.37 10.22
CA HIS J 374 -47.99 56.64 9.53
C HIS J 374 -48.73 56.55 8.21
N GLY J 375 -49.62 57.50 7.97
CA GLY J 375 -50.32 57.59 6.69
C GLY J 375 -51.36 56.54 6.37
N VAL J 376 -51.57 55.60 7.28
CA VAL J 376 -52.52 54.52 7.01
C VAL J 376 -53.92 55.07 6.84
N VAL J 377 -54.66 54.53 5.87
CA VAL J 377 -56.07 54.84 5.73
C VAL J 377 -56.89 53.67 6.21
N ILE J 378 -57.58 53.86 7.32
CA ILE J 378 -58.42 52.84 7.92
C ILE J 378 -59.77 52.79 7.21
N PRO J 379 -60.11 51.62 6.65
CA PRO J 379 -61.34 51.57 5.86
C PRO J 379 -62.57 51.75 6.74
N GLU J 380 -63.63 52.31 6.18
CA GLU J 380 -64.85 52.53 6.93
C GLU J 380 -65.40 51.23 7.50
N GLY J 381 -65.84 51.28 8.75
CA GLY J 381 -66.44 50.13 9.38
C GLY J 381 -65.50 49.06 9.93
N LEU J 382 -64.20 49.21 9.72
CA LEU J 382 -63.23 48.25 10.26
C LEU J 382 -63.32 48.15 11.78
N ILE J 383 -63.33 46.91 12.29
CA ILE J 383 -63.32 46.68 13.72
C ILE J 383 -62.06 45.96 14.15
N VAL J 384 -61.36 46.53 15.12
CA VAL J 384 -60.17 45.91 15.67
C VAL J 384 -60.30 45.94 17.17
N GLY J 385 -59.96 44.83 17.82
CA GLY J 385 -59.96 44.78 19.27
C GLY J 385 -61.12 43.97 19.84
N GLU J 386 -62.00 43.50 18.96
CA GLU J 386 -63.17 42.76 19.36
C GLU J 386 -62.96 41.25 19.27
N ASP J 387 -62.26 40.82 18.22
CA ASP J 387 -62.09 39.41 17.89
C ASP J 387 -60.62 39.06 17.80
N PRO J 388 -60.05 38.56 18.89
CA PRO J 388 -58.61 38.27 18.97
C PRO J 388 -58.07 37.43 17.81
N GLU J 389 -58.82 36.41 17.36
CA GLU J 389 -58.29 35.52 16.33
C GLU J 389 -58.33 36.17 14.96
N LEU J 390 -59.39 36.93 14.70
CA LEU J 390 -59.50 37.64 13.44
C LEU J 390 -58.47 38.75 13.38
N ASP J 391 -58.23 39.41 14.51
CA ASP J 391 -57.25 40.50 14.57
C ASP J 391 -55.84 39.96 14.33
N ALA J 392 -55.54 38.80 14.91
CA ALA J 392 -54.24 38.18 14.71
C ALA J 392 -54.06 37.76 13.24
N LYS J 393 -55.12 37.29 12.60
CA LYS J 393 -55.04 36.90 11.19
C LYS J 393 -54.70 38.10 10.29
N ARG J 394 -55.33 39.24 10.59
CA ARG J 394 -55.23 40.40 9.74
C ARG J 394 -53.96 41.20 10.00
N PHE J 395 -53.58 41.33 11.26
CA PHE J 395 -52.52 42.27 11.62
C PHE J 395 -51.45 41.62 12.49
N ARG J 396 -50.36 42.34 12.70
CA ARG J 396 -49.39 41.98 13.72
C ARG J 396 -50.01 42.23 15.10
N ARG J 397 -50.26 41.15 15.84
CA ARG J 397 -50.89 41.28 17.15
C ARG J 397 -49.97 40.72 18.22
N THR J 398 -49.76 41.50 19.28
CA THR J 398 -48.88 41.08 20.35
C THR J 398 -49.58 40.12 21.30
N GLU J 399 -48.78 39.48 22.16
CA GLU J 399 -49.29 38.58 23.17
C GLU J 399 -50.26 39.28 24.12
N SER J 400 -50.00 40.54 24.42
CA SER J 400 -50.90 41.30 25.30
C SER J 400 -52.14 41.79 24.57
N GLY J 401 -52.16 41.67 23.23
CA GLY J 401 -53.32 42.07 22.46
C GLY J 401 -53.29 43.42 21.78
N ILE J 402 -52.09 44.01 21.66
CA ILE J 402 -51.92 45.23 20.90
C ILE J 402 -51.83 44.89 19.41
N CYS J 403 -52.57 45.60 18.56
CA CYS J 403 -52.44 45.40 17.13
C CYS J 403 -51.65 46.51 16.46
N LEU J 404 -50.56 46.14 15.80
CA LEU J 404 -49.81 47.03 14.91
C LEU J 404 -50.41 46.95 13.52
N ILE J 405 -50.94 48.07 13.02
CA ILE J 405 -51.62 48.11 11.74
C ILE J 405 -50.86 48.94 10.73
N THR J 406 -50.44 48.30 9.65
CA THR J 406 -49.70 48.92 8.56
CA THR J 406 -49.75 48.98 8.55
C THR J 406 -50.58 48.93 7.28
N GLN J 407 -50.31 49.85 6.35
CA GLN J 407 -51.11 49.92 5.13
C GLN J 407 -51.02 48.65 4.31
N SER J 408 -49.85 48.02 4.33
CA SER J 408 -49.67 46.77 3.62
C SER J 408 -50.63 45.70 4.15
N MET J 409 -50.88 45.70 5.46
CA MET J 409 -51.84 44.78 6.05
C MET J 409 -53.28 45.10 5.64
N ILE J 410 -53.62 46.39 5.62
CA ILE J 410 -54.95 46.84 5.25
C ILE J 410 -55.24 46.45 3.80
N ASP J 411 -54.24 46.58 2.95
CA ASP J 411 -54.42 46.36 1.52
C ASP J 411 -54.71 44.90 1.18
N LYS J 412 -54.41 43.99 2.10
CA LYS J 412 -54.69 42.57 1.90
C LYS J 412 -56.07 42.21 2.38
N LEU J 413 -56.79 43.18 2.92
CA LEU J 413 -58.07 42.92 3.55
C LEU J 413 -59.24 42.72 2.60
N ASP J 414 -60.09 41.79 2.99
CA ASP J 414 -61.54 41.83 2.84
C ASP J 414 -62.07 40.82 3.85
N LEU J 415 -61.67 41.08 5.11
CA LEU J 415 -61.64 40.18 6.27
C LEU J 415 -60.38 39.34 6.17
N VAL K 1 4.63 -68.68 -72.90
CA VAL K 1 4.96 -70.00 -72.34
C VAL K 1 5.20 -69.92 -70.84
N GLN K 2 5.93 -68.88 -70.42
CA GLN K 2 6.28 -68.69 -69.01
C GLN K 2 5.06 -68.35 -68.15
N PRO K 3 4.93 -69.01 -66.99
CA PRO K 3 3.86 -68.64 -66.06
C PRO K 3 4.09 -67.26 -65.47
N LEU K 4 3.03 -66.46 -65.36
CA LEU K 4 3.19 -65.07 -64.93
C LEU K 4 3.53 -64.93 -63.45
N ALA K 5 3.28 -65.97 -62.66
CA ALA K 5 3.54 -65.89 -61.23
C ALA K 5 5.02 -65.65 -60.93
N ARG K 6 5.90 -66.03 -61.85
CA ARG K 6 7.33 -65.88 -61.65
C ARG K 6 7.76 -64.44 -61.38
N ASP K 7 7.13 -63.47 -62.01
CA ASP K 7 7.56 -62.06 -61.87
C ASP K 7 6.62 -61.26 -61.02
N ALA K 8 5.84 -61.93 -60.18
CA ALA K 8 4.87 -61.24 -59.37
C ALA K 8 5.35 -61.14 -57.94
N MET K 9 4.88 -60.11 -57.25
CA MET K 9 5.02 -60.05 -55.81
C MET K 9 3.64 -59.93 -55.22
N ALA K 10 3.33 -60.76 -54.23
CA ALA K 10 2.10 -60.60 -53.47
C ALA K 10 2.36 -59.63 -52.35
N TYR K 11 1.43 -58.72 -52.11
CA TYR K 11 1.58 -57.72 -51.08
C TYR K 11 0.34 -57.74 -50.19
N VAL K 12 0.48 -58.30 -49.00
CA VAL K 12 -0.66 -58.57 -48.15
C VAL K 12 -0.91 -57.48 -47.11
N LEU K 13 -2.09 -56.89 -47.16
CA LEU K 13 -2.46 -55.87 -46.19
C LEU K 13 -2.99 -56.52 -44.91
N ALA K 14 -2.17 -56.51 -43.87
CA ALA K 14 -2.48 -57.24 -42.64
C ALA K 14 -2.66 -56.31 -41.46
N GLY K 15 -3.31 -55.17 -41.70
CA GLY K 15 -3.54 -54.19 -40.66
C GLY K 15 -4.93 -54.27 -40.06
N GLY K 16 -5.70 -55.28 -40.48
CA GLY K 16 -7.08 -55.45 -40.02
C GLY K 16 -7.24 -55.45 -38.51
N ARG K 17 -8.10 -54.58 -38.02
CA ARG K 17 -8.31 -54.41 -36.58
C ARG K 17 -9.37 -55.37 -36.07
N GLY K 18 -10.34 -55.68 -36.93
CA GLY K 18 -11.46 -56.55 -36.56
C GLY K 18 -12.27 -55.99 -35.40
N SER K 19 -12.66 -54.73 -35.53
CA SER K 19 -13.34 -54.01 -34.44
C SER K 19 -14.56 -54.74 -33.92
N ARG K 20 -15.38 -55.25 -34.82
CA ARG K 20 -16.60 -55.96 -34.47
C ARG K 20 -16.35 -57.30 -33.79
N LEU K 21 -15.11 -57.79 -33.87
CA LEU K 21 -14.76 -59.05 -33.21
C LEU K 21 -14.54 -58.82 -31.72
N LYS K 22 -14.53 -57.54 -31.32
CA LYS K 22 -14.54 -57.19 -29.91
C LYS K 22 -13.30 -57.70 -29.20
N GLU K 23 -13.48 -58.27 -28.02
CA GLU K 23 -12.33 -58.69 -27.22
C GLU K 23 -11.44 -59.72 -27.91
N LEU K 24 -11.94 -60.34 -28.98
CA LEU K 24 -11.15 -61.34 -29.70
C LEU K 24 -9.96 -60.69 -30.39
N THR K 25 -10.07 -59.40 -30.64
CA THR K 25 -8.98 -58.66 -31.26
C THR K 25 -8.48 -57.49 -30.41
N ASP K 26 -8.60 -57.63 -29.10
CA ASP K 26 -8.08 -56.63 -28.16
C ASP K 26 -6.56 -56.58 -28.16
N ARG K 27 -5.94 -57.74 -28.22
CA ARG K 27 -4.49 -57.83 -28.12
C ARG K 27 -3.89 -58.48 -29.36
N ARG K 28 -4.66 -58.59 -30.43
CA ARG K 28 -4.17 -59.16 -31.68
C ARG K 28 -4.92 -58.56 -32.87
N ALA K 29 -4.24 -58.48 -34.01
CA ALA K 29 -4.88 -58.03 -35.25
C ALA K 29 -5.74 -59.12 -35.85
N LYS K 30 -6.73 -58.75 -36.64
CA LYS K 30 -7.63 -59.74 -37.22
C LYS K 30 -6.94 -60.83 -38.04
N PRO K 31 -5.91 -60.50 -38.85
CA PRO K 31 -5.25 -61.61 -39.54
C PRO K 31 -4.56 -62.59 -38.61
N ALA K 32 -4.29 -62.20 -37.37
CA ALA K 32 -3.65 -63.10 -36.41
C ALA K 32 -4.66 -63.96 -35.65
N VAL K 33 -5.94 -63.78 -35.95
CA VAL K 33 -6.98 -64.55 -35.29
C VAL K 33 -6.95 -66.01 -35.74
N TYR K 34 -7.00 -66.91 -34.78
CA TYR K 34 -6.95 -68.34 -35.05
C TYR K 34 -8.14 -68.85 -35.86
N PHE K 35 -7.92 -69.80 -36.76
CA PHE K 35 -9.03 -70.40 -37.49
C PHE K 35 -8.83 -71.87 -37.81
N GLY K 36 -9.88 -72.65 -37.57
CA GLY K 36 -9.93 -73.99 -38.10
C GLY K 36 -9.25 -75.07 -37.28
N GLY K 37 -8.61 -74.68 -36.19
CA GLY K 37 -7.97 -75.65 -35.33
C GLY K 37 -6.47 -75.49 -35.22
N LYS K 38 -5.82 -74.97 -36.27
CA LYS K 38 -4.36 -74.88 -36.25
C LYS K 38 -3.81 -73.60 -36.87
N ALA K 39 -4.46 -73.09 -37.91
CA ALA K 39 -3.92 -71.97 -38.66
C ALA K 39 -4.36 -70.62 -38.10
N ARG K 40 -3.89 -69.54 -38.72
CA ARG K 40 -4.42 -68.20 -38.47
C ARG K 40 -4.98 -67.68 -39.78
N ILE K 41 -5.85 -66.68 -39.72
CA ILE K 41 -6.53 -66.15 -40.89
C ILE K 41 -5.54 -65.74 -42.00
N ILE K 42 -4.44 -65.11 -41.65
CA ILE K 42 -3.46 -64.67 -42.64
C ILE K 42 -2.87 -65.83 -43.46
N ASP K 43 -2.92 -67.05 -42.94
CA ASP K 43 -2.27 -68.19 -43.60
C ASP K 43 -2.94 -68.56 -44.91
N PHE K 44 -4.17 -68.09 -45.11
CA PHE K 44 -4.87 -68.41 -46.34
C PHE K 44 -4.37 -67.58 -47.52
N ALA K 45 -4.33 -66.26 -47.38
CA ALA K 45 -3.79 -65.42 -48.45
C ALA K 45 -2.33 -65.81 -48.74
N LEU K 46 -1.51 -65.99 -47.70
CA LEU K 46 -0.11 -66.37 -47.87
C LEU K 46 0.04 -67.74 -48.57
N SER K 47 -0.84 -68.69 -48.26
CA SER K 47 -0.76 -70.00 -48.90
C SER K 47 -1.25 -69.91 -50.34
N ASN K 48 -2.27 -69.08 -50.58
CA ASN K 48 -2.73 -68.84 -51.96
C ASN K 48 -1.60 -68.32 -52.85
N ALA K 49 -0.87 -67.33 -52.34
CA ALA K 49 0.29 -66.78 -53.03
C ALA K 49 1.32 -67.87 -53.33
N LEU K 50 1.71 -68.61 -52.29
CA LEU K 50 2.67 -69.68 -52.42
C LEU K 50 2.23 -70.70 -53.46
N ASN K 51 1.01 -71.21 -53.30
CA ASN K 51 0.46 -72.23 -54.19
C ASN K 51 0.25 -71.76 -55.62
N SER K 52 0.12 -70.45 -55.80
CA SER K 52 -0.02 -69.87 -57.13
C SER K 52 1.33 -69.67 -57.79
N GLY K 53 2.41 -69.95 -57.07
CA GLY K 53 3.74 -69.82 -57.62
C GLY K 53 4.37 -68.46 -57.39
N ILE K 54 3.74 -67.62 -56.58
CA ILE K 54 4.30 -66.31 -56.27
C ILE K 54 5.37 -66.45 -55.18
N ARG K 55 6.61 -66.14 -55.53
CA ARG K 55 7.77 -66.37 -54.67
C ARG K 55 8.21 -65.14 -53.85
N ARG K 56 7.68 -63.97 -54.18
CA ARG K 56 7.96 -62.76 -53.40
C ARG K 56 6.73 -62.25 -52.65
N ILE K 57 6.84 -62.12 -51.33
CA ILE K 57 5.72 -61.70 -50.51
C ILE K 57 6.13 -60.60 -49.53
N GLY K 58 5.31 -59.57 -49.41
CA GLY K 58 5.48 -58.59 -48.34
C GLY K 58 4.23 -58.52 -47.48
N VAL K 59 4.39 -58.27 -46.19
CA VAL K 59 3.23 -58.17 -45.31
C VAL K 59 3.27 -56.87 -44.52
N ALA K 60 2.30 -56.02 -44.78
CA ALA K 60 2.19 -54.74 -44.10
C ALA K 60 1.30 -54.89 -42.87
N THR K 61 1.82 -54.57 -41.69
CA THR K 61 1.04 -54.66 -40.46
C THR K 61 0.85 -53.28 -39.86
N GLN K 62 0.01 -53.18 -38.83
CA GLN K 62 -0.32 -51.90 -38.21
C GLN K 62 -0.60 -52.09 -36.73
N TYR K 63 -1.87 -52.09 -36.33
CA TYR K 63 -2.22 -52.08 -34.92
C TYR K 63 -2.15 -53.47 -34.29
N LYS K 64 -1.60 -53.52 -33.07
CA LYS K 64 -1.50 -54.75 -32.27
C LYS K 64 -0.89 -55.94 -33.03
N ALA K 65 0.23 -55.68 -33.71
CA ALA K 65 0.83 -56.65 -34.62
C ALA K 65 1.86 -57.60 -33.99
N HIS K 66 2.03 -57.54 -32.67
CA HIS K 66 3.05 -58.37 -32.02
C HIS K 66 2.92 -59.85 -32.34
N SER K 67 1.79 -60.44 -31.97
CA SER K 67 1.59 -61.88 -32.15
C SER K 67 1.52 -62.25 -33.63
N LEU K 68 1.04 -61.32 -34.47
CA LEU K 68 1.02 -61.52 -35.92
C LEU K 68 2.45 -61.62 -36.46
N ILE K 69 3.29 -60.66 -36.12
CA ILE K 69 4.66 -60.68 -36.61
C ILE K 69 5.40 -61.91 -36.10
N ARG K 70 5.23 -62.22 -34.82
CA ARG K 70 5.80 -63.41 -34.19
C ARG K 70 5.41 -64.68 -34.96
N HIS K 71 4.15 -64.78 -35.33
CA HIS K 71 3.65 -65.88 -36.15
C HIS K 71 4.38 -65.94 -37.50
N LEU K 72 4.51 -64.80 -38.16
CA LEU K 72 5.10 -64.76 -39.50
C LEU K 72 6.59 -65.07 -39.45
N GLN K 73 7.24 -64.70 -38.36
CA GLN K 73 8.68 -64.96 -38.21
C GLN K 73 9.02 -66.42 -38.00
N ARG K 74 8.16 -67.13 -37.29
CA ARG K 74 8.41 -68.53 -36.99
C ARG K 74 7.81 -69.44 -38.04
N GLY K 75 6.75 -68.98 -38.70
CA GLY K 75 6.02 -69.82 -39.64
C GLY K 75 6.41 -69.67 -41.10
N TRP K 76 6.59 -68.44 -41.54
CA TRP K 76 6.89 -68.18 -42.94
C TRP K 76 8.36 -67.81 -43.11
N ASP K 77 9.22 -68.74 -42.69
CA ASP K 77 10.65 -68.49 -42.52
C ASP K 77 11.51 -69.27 -43.50
N PHE K 78 10.90 -69.84 -44.54
CA PHE K 78 11.63 -70.73 -45.43
C PHE K 78 11.97 -70.13 -46.80
N PHE K 79 11.78 -68.82 -46.97
CA PHE K 79 12.12 -68.16 -48.24
C PHE K 79 13.59 -67.75 -48.27
N ARG K 80 14.29 -68.06 -49.37
CA ARG K 80 15.69 -67.65 -49.49
C ARG K 80 15.90 -66.71 -50.70
N PRO K 81 16.46 -65.53 -50.45
CA PRO K 81 16.62 -64.52 -51.50
C PRO K 81 17.52 -64.93 -52.66
N GLU K 82 18.52 -65.78 -52.43
CA GLU K 82 19.38 -66.14 -53.55
C GLU K 82 18.66 -67.16 -54.46
N ARG K 83 17.50 -67.66 -54.03
CA ARG K 83 16.63 -68.43 -54.90
C ARG K 83 15.50 -67.58 -55.50
N ASN K 84 15.69 -66.26 -55.51
CA ASN K 84 14.67 -65.32 -55.96
C ASN K 84 13.32 -65.49 -55.24
N GLU K 85 13.39 -65.71 -53.94
CA GLU K 85 12.24 -65.80 -53.06
C GLU K 85 12.46 -64.76 -52.01
N SER K 86 11.39 -64.16 -51.49
CA SER K 86 11.58 -63.23 -50.37
C SER K 86 10.30 -63.07 -49.57
N PHE K 87 10.47 -62.93 -48.26
CA PHE K 87 9.35 -62.68 -47.35
C PHE K 87 9.71 -61.48 -46.45
N ASP K 88 9.05 -60.35 -46.69
CA ASP K 88 9.31 -59.12 -45.94
C ASP K 88 8.18 -58.78 -45.00
N ILE K 89 8.48 -58.71 -43.70
CA ILE K 89 7.51 -58.26 -42.72
C ILE K 89 7.70 -56.76 -42.49
N LEU K 90 6.65 -55.99 -42.75
CA LEU K 90 6.76 -54.53 -42.87
C LEU K 90 5.86 -53.76 -41.90
N PRO K 91 6.29 -53.62 -40.64
CA PRO K 91 5.51 -52.87 -39.67
C PRO K 91 5.65 -51.38 -39.91
N THR K 99 4.26 -43.15 -34.18
CA THR K 99 3.63 -42.21 -35.08
C THR K 99 3.81 -42.67 -36.52
N GLN K 100 3.36 -41.83 -37.45
CA GLN K 100 3.53 -42.05 -38.89
C GLN K 100 2.71 -43.26 -39.41
N TRP K 101 2.13 -44.03 -38.48
CA TRP K 101 1.20 -45.14 -38.77
C TRP K 101 0.63 -45.14 -40.17
N TYR K 102 0.85 -46.21 -40.94
CA TYR K 102 0.34 -46.33 -42.31
C TYR K 102 -1.01 -45.64 -42.45
N GLU K 103 -1.02 -44.48 -43.12
CA GLU K 103 -2.22 -43.64 -43.24
C GLU K 103 -3.35 -44.36 -43.95
N GLY K 104 -3.07 -45.58 -44.37
CA GLY K 104 -4.01 -46.44 -45.03
C GLY K 104 -3.23 -47.45 -45.83
N THR K 105 -3.95 -48.32 -46.53
CA THR K 105 -3.34 -49.43 -47.26
C THR K 105 -2.53 -49.00 -48.50
N ALA K 106 -2.75 -47.77 -48.96
CA ALA K 106 -1.97 -47.22 -50.07
C ALA K 106 -0.59 -46.76 -49.57
N ASP K 107 -0.59 -46.02 -48.46
CA ASP K 107 0.63 -45.60 -47.78
C ASP K 107 1.40 -46.84 -47.31
N ALA K 108 0.66 -47.92 -47.03
CA ALA K 108 1.28 -49.21 -46.68
C ALA K 108 2.22 -49.68 -47.78
N VAL K 109 1.85 -49.46 -49.04
CA VAL K 109 2.74 -49.78 -50.13
C VAL K 109 3.71 -48.61 -50.39
N TYR K 110 3.21 -47.38 -50.28
CA TYR K 110 4.01 -46.20 -50.56
C TYR K 110 5.27 -46.11 -49.70
N GLN K 111 5.13 -46.26 -48.39
CA GLN K 111 6.28 -46.18 -47.49
C GLN K 111 7.33 -47.25 -47.75
N ASN K 112 6.96 -48.26 -48.53
CA ASN K 112 7.81 -49.43 -48.72
C ASN K 112 8.16 -49.63 -50.19
N ILE K 113 8.23 -48.53 -50.93
CA ILE K 113 8.69 -48.52 -52.30
C ILE K 113 10.12 -49.02 -52.41
N ASP K 114 10.95 -48.59 -51.46
CA ASP K 114 12.37 -48.91 -51.50
C ASP K 114 12.62 -50.34 -51.08
N ILE K 115 11.55 -51.03 -50.70
CA ILE K 115 11.61 -52.46 -50.45
C ILE K 115 11.26 -53.23 -51.72
N ILE K 116 10.26 -52.71 -52.44
CA ILE K 116 9.74 -53.33 -53.65
C ILE K 116 10.65 -53.11 -54.86
N GLU K 117 11.25 -51.93 -54.96
CA GLU K 117 12.00 -51.57 -56.17
C GLU K 117 13.23 -52.47 -56.48
N PRO K 118 14.07 -52.79 -55.48
CA PRO K 118 15.20 -53.69 -55.75
C PRO K 118 14.82 -55.05 -56.34
N TYR K 119 13.64 -55.55 -56.02
CA TYR K 119 13.19 -56.83 -56.58
C TYR K 119 12.77 -56.70 -58.04
N ALA K 120 12.36 -55.49 -58.44
CA ALA K 120 11.80 -55.22 -59.75
C ALA K 120 10.85 -56.32 -60.21
N PRO K 121 9.77 -56.53 -59.46
CA PRO K 121 8.77 -57.49 -59.93
C PRO K 121 7.96 -56.86 -61.06
N GLU K 122 7.43 -57.67 -61.97
CA GLU K 122 6.65 -57.11 -63.08
C GLU K 122 5.22 -56.80 -62.66
N TYR K 123 4.63 -57.65 -61.83
CA TYR K 123 3.23 -57.49 -61.41
C TYR K 123 3.13 -57.42 -59.91
N MET K 124 2.18 -56.61 -59.42
CA MET K 124 1.88 -56.55 -57.99
C MET K 124 0.52 -57.17 -57.72
N VAL K 125 0.47 -58.12 -56.79
CA VAL K 125 -0.79 -58.67 -56.35
C VAL K 125 -1.07 -58.18 -54.94
N ILE K 126 -1.99 -57.23 -54.82
CA ILE K 126 -2.39 -56.69 -53.52
C ILE K 126 -3.51 -57.53 -52.92
N LEU K 127 -3.30 -58.02 -51.70
CA LEU K 127 -4.23 -58.98 -51.11
C LEU K 127 -4.69 -58.50 -49.74
N ALA K 128 -5.96 -58.72 -49.45
CA ALA K 128 -6.49 -58.53 -48.12
C ALA K 128 -6.09 -59.74 -47.29
N GLY K 129 -5.43 -59.50 -46.16
CA GLY K 129 -4.96 -60.59 -45.32
C GLY K 129 -5.90 -61.03 -44.22
N ASP K 130 -7.18 -60.70 -44.34
CA ASP K 130 -8.13 -60.98 -43.28
C ASP K 130 -9.35 -61.79 -43.72
N HIS K 131 -9.24 -62.46 -44.87
CA HIS K 131 -10.31 -63.32 -45.36
C HIS K 131 -9.85 -64.76 -45.48
N ILE K 132 -10.81 -65.68 -45.37
CA ILE K 132 -10.55 -67.09 -45.53
C ILE K 132 -11.10 -67.56 -46.86
N TYR K 133 -10.19 -67.87 -47.80
CA TYR K 133 -10.57 -68.31 -49.14
C TYR K 133 -9.38 -68.96 -49.83
N LYS K 134 -9.66 -69.75 -50.87
CA LYS K 134 -8.64 -70.40 -51.69
C LYS K 134 -8.75 -69.97 -53.14
N MET K 135 -7.66 -69.49 -53.71
CA MET K 135 -7.68 -68.89 -55.03
C MET K 135 -6.33 -69.07 -55.74
N ASP K 136 -6.38 -69.34 -57.04
CA ASP K 136 -5.19 -69.48 -57.88
C ASP K 136 -4.92 -68.18 -58.64
N TYR K 137 -3.99 -67.37 -58.13
CA TYR K 137 -3.81 -66.01 -58.65
C TYR K 137 -3.25 -65.93 -60.07
N GLU K 138 -2.83 -67.05 -60.65
CA GLU K 138 -2.30 -67.03 -62.02
C GLU K 138 -3.39 -66.70 -63.02
N TYR K 139 -4.61 -67.13 -62.74
CA TYR K 139 -5.73 -66.85 -63.64
C TYR K 139 -5.96 -65.35 -63.69
N MET K 140 -5.75 -64.71 -62.56
CA MET K 140 -6.00 -63.29 -62.44
C MET K 140 -4.88 -62.44 -63.03
N LEU K 141 -3.64 -62.93 -63.00
CA LEU K 141 -2.55 -62.22 -63.65
C LEU K 141 -2.72 -62.31 -65.16
N GLN K 142 -3.09 -63.51 -65.63
CA GLN K 142 -3.34 -63.74 -67.04
C GLN K 142 -4.43 -62.83 -67.60
N GLN K 143 -5.55 -62.76 -66.89
CA GLN K 143 -6.61 -61.86 -67.31
C GLN K 143 -6.13 -60.43 -67.39
N HIS K 144 -5.35 -60.02 -66.39
CA HIS K 144 -4.82 -58.67 -66.34
C HIS K 144 -3.99 -58.34 -67.59
N VAL K 145 -3.04 -59.21 -67.93
CA VAL K 145 -2.17 -58.89 -69.06
C VAL K 145 -2.94 -58.93 -70.39
N ASP K 146 -3.80 -59.93 -70.54
CA ASP K 146 -4.57 -60.09 -71.78
C ASP K 146 -5.57 -58.97 -71.97
N SER K 147 -6.22 -58.55 -70.88
CA SER K 147 -7.20 -57.48 -70.94
C SER K 147 -6.54 -56.16 -71.30
N GLY K 148 -5.34 -55.94 -70.80
CA GLY K 148 -4.67 -54.65 -70.96
C GLY K 148 -5.20 -53.66 -69.94
N ALA K 149 -5.77 -54.17 -68.86
CA ALA K 149 -6.33 -53.35 -67.80
C ALA K 149 -5.27 -52.51 -67.11
N ASP K 150 -5.70 -51.43 -66.46
CA ASP K 150 -4.85 -50.70 -65.52
C ASP K 150 -4.84 -51.43 -64.18
N VAL K 151 -6.00 -51.97 -63.82
CA VAL K 151 -6.14 -52.74 -62.60
C VAL K 151 -7.20 -53.83 -62.78
N THR K 152 -6.98 -54.99 -62.16
CA THR K 152 -7.94 -56.09 -62.22
C THR K 152 -8.41 -56.41 -60.82
N ILE K 153 -9.72 -56.36 -60.58
CA ILE K 153 -10.24 -56.41 -59.20
C ILE K 153 -10.93 -57.73 -58.94
N GLY K 154 -10.57 -58.38 -57.82
CA GLY K 154 -11.22 -59.61 -57.35
C GLY K 154 -12.62 -59.35 -56.84
N CYS K 155 -13.58 -60.04 -57.45
CA CYS K 155 -15.03 -59.87 -57.16
C CYS K 155 -15.80 -61.17 -56.92
N LEU K 156 -16.61 -61.19 -55.85
CA LEU K 156 -17.56 -62.26 -55.61
C LEU K 156 -18.84 -62.03 -56.41
N GLU K 157 -19.34 -63.06 -57.08
CA GLU K 157 -20.66 -62.95 -57.71
C GLU K 157 -21.68 -63.28 -56.66
N VAL K 158 -22.52 -62.30 -56.34
CA VAL K 158 -23.23 -62.36 -55.07
C VAL K 158 -24.64 -61.76 -55.28
N PRO K 159 -25.70 -62.48 -54.82
CA PRO K 159 -27.11 -62.07 -54.91
C PRO K 159 -27.29 -60.61 -54.55
N ARG K 160 -28.17 -59.87 -55.20
CA ARG K 160 -28.17 -58.43 -55.02
C ARG K 160 -28.37 -57.98 -53.56
N MET K 161 -29.20 -58.64 -52.76
CA MET K 161 -29.42 -58.11 -51.41
C MET K 161 -28.26 -58.28 -50.39
N GLU K 162 -27.56 -59.41 -50.38
CA GLU K 162 -26.47 -59.56 -49.41
C GLU K 162 -25.21 -58.84 -49.92
N ALA K 163 -25.36 -58.11 -51.03
CA ALA K 163 -24.28 -57.33 -51.60
C ALA K 163 -24.33 -55.88 -51.11
N THR K 164 -25.33 -55.58 -50.29
CA THR K 164 -25.47 -54.22 -49.77
C THR K 164 -24.40 -53.94 -48.73
N GLY K 165 -23.80 -54.99 -48.22
CA GLY K 165 -22.80 -54.89 -47.17
C GLY K 165 -21.39 -54.87 -47.69
N PHE K 166 -21.23 -54.81 -49.00
CA PHE K 166 -19.91 -54.87 -49.63
C PHE K 166 -19.57 -53.60 -50.41
N GLY K 167 -18.33 -53.51 -50.86
CA GLY K 167 -17.96 -52.54 -51.87
C GLY K 167 -18.31 -53.15 -53.21
N VAL K 168 -19.21 -52.49 -53.95
CA VAL K 168 -19.77 -53.08 -55.16
C VAL K 168 -19.18 -52.49 -56.44
N MET K 169 -18.84 -53.36 -57.38
CA MET K 169 -18.37 -52.97 -58.70
C MET K 169 -19.53 -52.93 -59.70
N HIS K 170 -19.78 -51.75 -60.25
CA HIS K 170 -20.79 -51.63 -61.29
C HIS K 170 -20.15 -51.97 -62.64
N VAL K 171 -20.67 -53.00 -63.27
CA VAL K 171 -20.01 -53.63 -64.39
C VAL K 171 -20.80 -53.51 -65.69
N ASN K 172 -20.09 -53.46 -66.82
CA ASN K 172 -20.75 -53.47 -68.11
C ASN K 172 -20.68 -54.82 -68.80
N GLU K 173 -20.79 -54.78 -70.13
CA GLU K 173 -20.87 -55.98 -70.95
C GLU K 173 -19.61 -56.84 -70.87
N LYS K 174 -18.44 -56.19 -70.87
CA LYS K 174 -17.17 -56.91 -70.86
C LYS K 174 -16.60 -57.00 -69.46
N ASP K 175 -17.49 -57.01 -68.47
CA ASP K 175 -17.10 -56.98 -67.05
C ASP K 175 -16.14 -55.83 -66.74
N GLU K 176 -16.27 -54.72 -67.47
CA GLU K 176 -15.45 -53.55 -67.19
C GLU K 176 -16.14 -52.69 -66.13
N ILE K 177 -15.37 -52.22 -65.17
CA ILE K 177 -15.90 -51.48 -64.02
C ILE K 177 -16.14 -50.00 -64.33
N ILE K 178 -17.42 -49.59 -64.35
CA ILE K 178 -17.78 -48.21 -64.71
C ILE K 178 -17.97 -47.28 -63.51
N ASP K 179 -18.27 -47.84 -62.33
CA ASP K 179 -18.05 -47.12 -61.06
C ASP K 179 -18.13 -48.08 -59.87
N PHE K 180 -17.77 -47.57 -58.70
CA PHE K 180 -17.68 -48.37 -57.49
C PHE K 180 -18.47 -47.69 -56.37
N ILE K 181 -19.25 -48.46 -55.63
CA ILE K 181 -20.05 -47.87 -54.56
C ILE K 181 -19.81 -48.54 -53.20
N GLU K 182 -19.48 -47.73 -52.21
CA GLU K 182 -19.24 -48.25 -50.86
C GLU K 182 -20.57 -48.55 -50.16
N LYS K 183 -20.91 -49.83 -50.10
CA LYS K 183 -22.19 -50.29 -49.53
C LYS K 183 -23.39 -49.52 -50.07
N PRO K 184 -23.72 -49.70 -51.36
CA PRO K 184 -24.91 -49.03 -51.86
C PRO K 184 -26.15 -49.48 -51.11
N ALA K 185 -27.28 -48.80 -51.28
CA ALA K 185 -28.53 -49.24 -50.68
C ALA K 185 -29.21 -50.24 -51.62
N ASP K 186 -29.09 -50.00 -52.92
CA ASP K 186 -29.53 -50.96 -53.92
C ASP K 186 -28.37 -51.19 -54.85
N PRO K 187 -27.79 -52.39 -54.80
CA PRO K 187 -26.56 -52.63 -55.55
C PRO K 187 -26.84 -52.81 -57.02
N PRO K 188 -26.08 -52.11 -57.87
CA PRO K 188 -26.24 -52.32 -59.32
C PRO K 188 -25.99 -53.77 -59.68
N GLY K 189 -26.81 -54.30 -60.57
CA GLY K 189 -26.74 -55.70 -60.92
C GLY K 189 -25.87 -55.98 -62.12
N ILE K 190 -25.47 -57.23 -62.25
CA ILE K 190 -24.74 -57.71 -63.41
C ILE K 190 -25.61 -57.66 -64.66
N PRO K 191 -25.20 -56.90 -65.68
CA PRO K 191 -25.92 -56.86 -66.96
C PRO K 191 -26.23 -58.25 -67.50
N GLY K 192 -27.52 -58.53 -67.72
CA GLY K 192 -27.93 -59.83 -68.20
C GLY K 192 -28.21 -60.81 -67.08
N ASN K 193 -27.64 -60.54 -65.91
CA ASN K 193 -27.85 -61.37 -64.74
C ASN K 193 -28.04 -60.50 -63.51
N GLU K 194 -29.08 -59.68 -63.56
CA GLU K 194 -29.48 -58.94 -62.38
C GLU K 194 -29.95 -59.98 -61.38
N GLY K 195 -30.08 -59.57 -60.13
CA GLY K 195 -30.31 -60.55 -59.09
C GLY K 195 -28.98 -60.89 -58.47
N PHE K 196 -27.89 -60.58 -59.18
CA PHE K 196 -26.54 -60.67 -58.64
C PHE K 196 -25.78 -59.36 -58.80
N ALA K 197 -24.87 -59.10 -57.88
CA ALA K 197 -23.95 -57.98 -57.99
C ALA K 197 -22.50 -58.46 -57.84
N LEU K 198 -21.54 -57.63 -58.23
CA LEU K 198 -20.12 -57.96 -58.08
C LEU K 198 -19.54 -57.27 -56.87
N ALA K 199 -19.21 -58.06 -55.85
CA ALA K 199 -18.63 -57.52 -54.62
C ALA K 199 -17.11 -57.69 -54.62
N SER K 200 -16.42 -56.61 -54.33
CA SER K 200 -14.97 -56.58 -54.38
C SER K 200 -14.34 -57.34 -53.21
N MET K 201 -13.32 -58.14 -53.52
CA MET K 201 -12.67 -58.94 -52.50
C MET K 201 -11.50 -58.18 -51.87
N GLY K 202 -11.19 -57.00 -52.37
CA GLY K 202 -10.01 -56.29 -51.91
C GLY K 202 -8.75 -56.92 -52.45
N ILE K 203 -8.86 -57.58 -53.60
CA ILE K 203 -7.74 -58.20 -54.30
C ILE K 203 -7.47 -57.44 -55.58
N TYR K 204 -6.29 -56.81 -55.66
CA TYR K 204 -5.95 -55.94 -56.79
C TYR K 204 -4.65 -56.35 -57.48
N VAL K 205 -4.67 -56.39 -58.82
CA VAL K 205 -3.49 -56.65 -59.63
C VAL K 205 -3.15 -55.45 -60.55
N PHE K 206 -1.89 -54.96 -60.51
CA PHE K 206 -1.38 -53.80 -61.29
C PHE K 206 -0.15 -54.29 -62.10
N HIS K 207 0.40 -53.56 -63.08
CA HIS K 207 1.79 -53.91 -63.30
C HIS K 207 2.45 -52.96 -62.35
N THR K 208 3.67 -53.25 -61.94
CA THR K 208 4.28 -52.57 -60.82
C THR K 208 4.52 -51.09 -61.08
N LYS K 209 5.08 -50.77 -62.24
CA LYS K 209 5.45 -49.39 -62.54
C LYS K 209 4.23 -48.49 -62.46
N PHE K 210 3.12 -48.96 -63.03
CA PHE K 210 1.82 -48.30 -62.93
C PHE K 210 1.44 -48.05 -61.47
N LEU K 211 1.56 -49.09 -60.64
CA LEU K 211 1.18 -48.98 -59.25
C LEU K 211 2.06 -47.98 -58.50
N MET K 212 3.36 -48.06 -58.75
CA MET K 212 4.33 -47.18 -58.09
C MET K 212 4.00 -45.70 -58.30
N GLU K 213 3.68 -45.35 -59.54
CA GLU K 213 3.29 -43.99 -59.88
C GLU K 213 1.95 -43.64 -59.24
N ALA K 214 0.98 -44.53 -59.40
CA ALA K 214 -0.35 -44.33 -58.85
C ALA K 214 -0.29 -44.05 -57.35
N LEU K 215 0.79 -44.49 -56.71
CA LEU K 215 0.95 -44.32 -55.28
C LEU K 215 1.75 -43.09 -54.91
N ARG K 216 2.61 -42.64 -55.81
CA ARG K 216 3.34 -41.39 -55.58
C ARG K 216 2.37 -40.23 -55.77
N ARG K 217 1.42 -40.40 -56.69
CA ARG K 217 0.36 -39.42 -56.92
C ARG K 217 -0.56 -39.35 -55.72
N ASP K 218 -1.01 -40.51 -55.27
CA ASP K 218 -1.98 -40.62 -54.18
C ASP K 218 -1.40 -40.07 -52.87
N ALA K 219 -0.08 -40.02 -52.78
CA ALA K 219 0.58 -39.52 -51.58
C ALA K 219 0.61 -37.98 -51.53
N ALA K 220 0.71 -37.38 -52.71
CA ALA K 220 0.72 -35.92 -52.87
C ALA K 220 -0.58 -35.35 -52.33
N ASP K 221 -1.66 -35.85 -52.95
CA ASP K 221 -3.04 -35.61 -52.59
C ASP K 221 -3.25 -35.56 -51.08
N PRO K 222 -3.45 -34.35 -50.53
CA PRO K 222 -3.65 -34.16 -49.09
C PRO K 222 -5.09 -34.42 -48.74
N THR K 223 -5.93 -34.54 -49.76
CA THR K 223 -7.35 -34.77 -49.55
C THR K 223 -7.67 -36.25 -49.49
N SER K 224 -6.68 -37.08 -49.83
CA SER K 224 -6.87 -38.50 -49.99
C SER K 224 -6.60 -39.27 -48.70
N SER K 225 -7.41 -40.29 -48.47
CA SER K 225 -7.33 -41.10 -47.25
C SER K 225 -6.24 -42.12 -47.33
N ARG K 226 -5.47 -42.08 -48.40
CA ARG K 226 -4.33 -42.97 -48.59
C ARG K 226 -4.77 -44.44 -48.59
N ASP K 227 -5.77 -44.81 -49.38
CA ASP K 227 -6.25 -46.18 -49.39
C ASP K 227 -6.58 -46.69 -50.80
N PHE K 228 -6.37 -47.99 -51.03
CA PHE K 228 -6.71 -48.59 -52.31
C PHE K 228 -8.21 -48.50 -52.60
N GLY K 229 -9.00 -49.02 -51.66
CA GLY K 229 -10.43 -49.13 -51.87
C GLY K 229 -11.10 -47.79 -52.10
N LYS K 230 -10.77 -46.79 -51.28
CA LYS K 230 -11.51 -45.53 -51.32
C LYS K 230 -10.91 -44.59 -52.37
N ASP K 231 -9.58 -44.54 -52.46
CA ASP K 231 -8.90 -43.53 -53.27
C ASP K 231 -8.34 -44.06 -54.60
N ILE K 232 -7.30 -44.90 -54.52
CA ILE K 232 -6.62 -45.38 -55.71
C ILE K 232 -7.57 -46.02 -56.72
N ILE K 233 -8.36 -46.97 -56.23
CA ILE K 233 -9.18 -47.77 -57.11
C ILE K 233 -10.24 -46.95 -57.84
N PRO K 234 -11.05 -46.16 -57.11
CA PRO K 234 -12.10 -45.46 -57.86
C PRO K 234 -11.55 -44.42 -58.83
N TYR K 235 -10.37 -43.88 -58.57
CA TYR K 235 -9.74 -42.98 -59.54
C TYR K 235 -9.55 -43.73 -60.85
N ILE K 236 -8.89 -44.87 -60.78
CA ILE K 236 -8.67 -45.70 -61.96
C ILE K 236 -10.02 -46.08 -62.57
N VAL K 237 -11.03 -46.24 -61.73
CA VAL K 237 -12.35 -46.54 -62.26
C VAL K 237 -12.88 -45.32 -63.04
N GLU K 238 -12.78 -44.15 -62.42
CA GLU K 238 -13.19 -42.90 -63.07
C GLU K 238 -12.29 -42.53 -64.23
N HIS K 239 -11.03 -42.31 -63.89
CA HIS K 239 -10.11 -41.60 -64.76
C HIS K 239 -9.14 -42.55 -65.50
N GLY K 240 -9.42 -43.84 -65.43
CA GLY K 240 -8.57 -44.86 -66.03
C GLY K 240 -9.33 -46.09 -66.51
N LYS K 241 -8.70 -47.26 -66.47
CA LYS K 241 -9.28 -48.49 -67.02
C LYS K 241 -9.27 -49.65 -66.02
N ALA K 242 -10.42 -49.95 -65.42
CA ALA K 242 -10.54 -51.01 -64.42
C ALA K 242 -11.41 -52.17 -64.90
N VAL K 243 -11.00 -53.40 -64.58
CA VAL K 243 -11.77 -54.59 -64.97
C VAL K 243 -11.92 -55.61 -63.84
N ALA K 244 -13.11 -56.22 -63.76
CA ALA K 244 -13.41 -57.23 -62.77
C ALA K 244 -13.09 -58.65 -63.25
N HIS K 245 -12.52 -59.43 -62.34
CA HIS K 245 -12.28 -60.87 -62.50
C HIS K 245 -13.16 -61.61 -61.49
N ARG K 246 -13.83 -62.67 -61.94
CA ARG K 246 -14.79 -63.39 -61.13
C ARG K 246 -14.15 -64.48 -60.27
N PHE K 247 -14.39 -64.43 -58.95
CA PHE K 247 -13.84 -65.38 -58.00
C PHE K 247 -14.06 -66.84 -58.41
N ALA K 248 -15.23 -67.15 -58.95
CA ALA K 248 -15.52 -68.52 -59.32
C ALA K 248 -14.62 -69.02 -60.45
N ASP K 249 -14.00 -68.10 -61.19
CA ASP K 249 -13.11 -68.48 -62.28
C ASP K 249 -11.73 -68.92 -61.76
N SER K 250 -11.39 -68.44 -60.57
CA SER K 250 -10.05 -68.67 -60.02
C SER K 250 -10.08 -69.45 -58.72
N CYS K 251 -11.26 -69.54 -58.11
CA CYS K 251 -11.39 -70.23 -56.84
C CYS K 251 -10.91 -71.66 -56.95
N VAL K 252 -10.20 -72.12 -55.94
CA VAL K 252 -9.74 -73.50 -55.94
C VAL K 252 -10.74 -74.33 -55.16
N ARG K 253 -11.61 -75.03 -55.89
CA ARG K 253 -12.74 -75.77 -55.32
C ARG K 253 -12.42 -77.26 -55.29
N SER K 254 -12.27 -77.79 -54.08
CA SER K 254 -12.04 -79.22 -53.87
C SER K 254 -13.20 -80.07 -54.37
N ASP K 255 -12.98 -81.39 -54.51
CA ASP K 255 -14.06 -82.30 -54.88
C ASP K 255 -15.15 -82.28 -53.82
N PHE K 256 -14.76 -81.98 -52.58
CA PHE K 256 -15.65 -82.10 -51.44
C PHE K 256 -16.16 -80.73 -50.99
N GLU K 257 -15.95 -79.72 -51.82
CA GLU K 257 -16.51 -78.40 -51.57
C GLU K 257 -17.62 -78.10 -52.57
N HIS K 258 -18.84 -77.93 -52.07
CA HIS K 258 -20.03 -77.82 -52.91
C HIS K 258 -20.12 -76.47 -53.63
N GLU K 259 -19.39 -75.48 -53.15
CA GLU K 259 -19.36 -74.16 -53.77
C GLU K 259 -18.03 -73.46 -53.51
N PRO K 260 -17.67 -72.48 -54.35
CA PRO K 260 -16.55 -71.59 -54.02
C PRO K 260 -16.69 -70.99 -52.63
N TYR K 261 -15.67 -71.15 -51.79
CA TYR K 261 -15.75 -70.78 -50.39
C TYR K 261 -15.02 -69.48 -50.11
N TRP K 262 -15.72 -68.55 -49.48
CA TRP K 262 -15.14 -67.28 -49.07
C TRP K 262 -15.83 -66.79 -47.81
N ARG K 263 -15.05 -66.50 -46.78
CA ARG K 263 -15.63 -66.01 -45.53
C ARG K 263 -14.86 -64.80 -45.00
N ASP K 264 -15.62 -63.84 -44.49
CA ASP K 264 -15.09 -62.60 -43.94
C ASP K 264 -14.83 -62.71 -42.43
N VAL K 265 -15.55 -63.63 -41.79
CA VAL K 265 -15.59 -63.78 -40.33
C VAL K 265 -15.46 -62.44 -39.58
N GLY K 266 -16.33 -61.49 -39.94
CA GLY K 266 -16.23 -60.14 -39.42
C GLY K 266 -16.93 -59.86 -38.12
N THR K 267 -17.85 -60.74 -37.72
CA THR K 267 -18.53 -60.63 -36.43
C THR K 267 -18.26 -61.86 -35.58
N ILE K 268 -18.67 -61.82 -34.32
CA ILE K 268 -18.47 -62.98 -33.46
C ILE K 268 -19.35 -64.13 -33.90
N ASP K 269 -20.57 -63.84 -34.36
CA ASP K 269 -21.41 -64.89 -34.92
C ASP K 269 -20.82 -65.56 -36.14
N ALA K 270 -20.28 -64.76 -37.06
CA ALA K 270 -19.71 -65.27 -38.29
C ALA K 270 -18.46 -66.09 -38.00
N TYR K 271 -17.66 -65.61 -37.06
CA TYR K 271 -16.46 -66.33 -36.64
C TYR K 271 -16.81 -67.69 -36.03
N TRP K 272 -17.71 -67.69 -35.05
CA TRP K 272 -18.15 -68.91 -34.41
C TRP K 272 -18.73 -69.88 -35.43
N GLN K 273 -19.55 -69.35 -36.34
CA GLN K 273 -20.22 -70.17 -37.34
C GLN K 273 -19.23 -70.85 -38.29
N ALA K 274 -18.25 -70.09 -38.78
CA ALA K 274 -17.26 -70.59 -39.73
C ALA K 274 -16.44 -71.73 -39.13
N ASN K 275 -16.10 -71.61 -37.85
CA ASN K 275 -15.32 -72.65 -37.20
C ASN K 275 -16.15 -73.87 -36.92
N ILE K 276 -17.35 -73.66 -36.41
CA ILE K 276 -18.18 -74.77 -35.97
C ILE K 276 -18.64 -75.57 -37.19
N ASP K 277 -18.80 -74.91 -38.33
CA ASP K 277 -19.16 -75.59 -39.56
C ASP K 277 -18.14 -76.64 -39.97
N LEU K 278 -16.92 -76.55 -39.45
CA LEU K 278 -15.90 -77.54 -39.78
C LEU K 278 -16.19 -78.86 -39.08
N THR K 279 -17.10 -78.87 -38.12
CA THR K 279 -17.43 -80.12 -37.44
C THR K 279 -18.54 -80.87 -38.17
N ASP K 280 -19.07 -80.28 -39.25
CA ASP K 280 -20.13 -80.92 -40.05
C ASP K 280 -19.66 -82.25 -40.67
N VAL K 281 -20.62 -83.09 -41.06
CA VAL K 281 -20.27 -84.34 -41.74
C VAL K 281 -19.64 -84.05 -43.09
N VAL K 282 -20.22 -83.11 -43.82
CA VAL K 282 -19.62 -82.61 -45.05
C VAL K 282 -19.46 -81.10 -44.97
N PRO K 283 -18.29 -80.63 -44.55
CA PRO K 283 -18.07 -79.19 -44.37
C PRO K 283 -18.02 -78.42 -45.69
N ASP K 284 -18.42 -77.15 -45.63
CA ASP K 284 -18.25 -76.23 -46.74
C ASP K 284 -16.78 -76.10 -47.14
N LEU K 285 -15.90 -76.03 -46.14
CA LEU K 285 -14.45 -75.96 -46.34
C LEU K 285 -13.80 -77.30 -46.06
N ASP K 286 -13.14 -77.83 -47.08
CA ASP K 286 -12.45 -79.11 -46.97
C ASP K 286 -11.02 -78.89 -46.48
N ILE K 287 -10.77 -79.12 -45.20
CA ILE K 287 -9.43 -78.86 -44.67
C ILE K 287 -8.53 -80.07 -44.86
N TYR K 288 -9.08 -81.17 -45.37
CA TYR K 288 -8.32 -82.41 -45.54
C TYR K 288 -7.78 -82.51 -46.96
N ASP K 289 -8.02 -81.46 -47.75
CA ASP K 289 -7.51 -81.37 -49.10
C ASP K 289 -6.01 -81.10 -49.09
N LYS K 290 -5.30 -81.77 -49.99
CA LYS K 290 -3.85 -81.64 -50.12
C LYS K 290 -3.47 -81.05 -51.46
N SER K 291 -4.45 -80.85 -52.32
CA SER K 291 -4.18 -80.29 -53.64
C SER K 291 -3.92 -78.79 -53.56
N TRP K 292 -4.42 -78.14 -52.51
CA TRP K 292 -4.18 -76.71 -52.32
C TRP K 292 -3.95 -76.47 -50.84
N PRO K 293 -2.79 -76.90 -50.34
CA PRO K 293 -2.53 -76.93 -48.90
C PRO K 293 -2.34 -75.54 -48.29
N ILE K 294 -2.85 -75.38 -47.07
CA ILE K 294 -2.64 -74.16 -46.30
C ILE K 294 -1.50 -74.38 -45.32
N TRP K 295 -0.41 -73.65 -45.52
CA TRP K 295 0.75 -73.76 -44.64
C TRP K 295 0.51 -72.85 -43.43
N THR K 296 1.11 -73.19 -42.30
CA THR K 296 1.02 -72.35 -41.11
C THR K 296 2.20 -72.62 -40.16
N TYR K 297 2.24 -71.94 -39.02
CA TYR K 297 3.22 -72.30 -38.01
C TYR K 297 2.70 -73.44 -37.17
N ALA K 298 3.35 -74.59 -37.22
CA ALA K 298 2.96 -75.71 -36.37
C ALA K 298 4.15 -76.29 -35.63
N GLU K 299 3.92 -76.68 -34.39
CA GLU K 299 4.94 -77.38 -33.62
C GLU K 299 4.59 -78.83 -33.50
N ILE K 300 5.63 -79.66 -33.42
CA ILE K 300 5.44 -81.08 -33.08
C ILE K 300 4.79 -81.16 -31.72
N THR K 301 3.64 -81.83 -31.63
CA THR K 301 2.93 -81.96 -30.37
C THR K 301 2.56 -83.43 -30.17
N PRO K 302 2.29 -83.83 -28.93
CA PRO K 302 1.77 -85.20 -28.77
C PRO K 302 0.34 -85.32 -29.33
N PRO K 303 -0.16 -86.55 -29.47
CA PRO K 303 -1.50 -86.72 -30.03
C PRO K 303 -2.60 -86.17 -29.12
N ALA K 304 -3.85 -86.34 -29.51
CA ALA K 304 -4.96 -86.05 -28.62
C ALA K 304 -5.25 -87.29 -27.77
N LYS K 305 -5.66 -87.10 -26.53
CA LYS K 305 -5.81 -88.20 -25.59
C LYS K 305 -7.16 -88.12 -24.92
N PHE K 306 -7.85 -89.26 -24.84
CA PHE K 306 -9.19 -89.31 -24.26
C PHE K 306 -9.16 -90.29 -23.11
N VAL K 307 -9.59 -89.87 -21.94
CA VAL K 307 -9.47 -90.75 -20.79
C VAL K 307 -10.71 -90.68 -19.88
N HIS K 308 -10.94 -91.77 -19.14
CA HIS K 308 -12.06 -92.04 -18.22
C HIS K 308 -13.26 -92.57 -18.98
N ASP K 309 -13.88 -93.59 -18.41
CA ASP K 309 -14.92 -94.33 -19.09
C ASP K 309 -15.75 -95.04 -18.03
N ASP K 310 -16.15 -94.33 -16.98
CA ASP K 310 -16.83 -94.98 -15.87
C ASP K 310 -18.26 -94.49 -15.75
N GLU K 311 -18.91 -95.02 -14.72
CA GLU K 311 -20.27 -94.66 -14.37
C GLU K 311 -20.54 -93.15 -14.46
N ASP K 312 -19.58 -92.34 -14.01
CA ASP K 312 -19.84 -90.92 -13.81
C ASP K 312 -19.14 -89.98 -14.81
N ARG K 313 -18.11 -90.46 -15.50
CA ARG K 313 -17.34 -89.60 -16.41
C ARG K 313 -16.72 -90.36 -17.59
N ARG K 314 -16.85 -89.77 -18.77
CA ARG K 314 -16.26 -90.33 -19.97
C ARG K 314 -15.60 -89.24 -20.78
N GLY K 315 -14.32 -89.41 -21.08
CA GLY K 315 -13.63 -88.50 -21.97
C GLY K 315 -13.84 -88.94 -23.40
N SER K 316 -14.62 -88.18 -24.16
CA SER K 316 -14.77 -88.44 -25.59
C SER K 316 -15.36 -87.27 -26.32
N ALA K 317 -15.09 -87.20 -27.62
CA ALA K 317 -15.57 -86.09 -28.45
C ALA K 317 -16.43 -86.63 -29.56
N VAL K 318 -17.62 -86.03 -29.70
CA VAL K 318 -18.60 -86.46 -30.67
C VAL K 318 -18.88 -85.29 -31.62
N SER K 319 -19.01 -85.57 -32.91
CA SER K 319 -19.23 -84.54 -33.93
C SER K 319 -18.33 -83.36 -33.70
N SER K 320 -17.03 -83.64 -33.54
CA SER K 320 -16.08 -82.63 -33.12
C SER K 320 -14.75 -82.77 -33.83
N VAL K 321 -13.95 -81.72 -33.74
CA VAL K 321 -12.62 -81.66 -34.29
C VAL K 321 -11.67 -81.27 -33.15
N VAL K 322 -10.59 -82.03 -33.00
CA VAL K 322 -9.69 -81.89 -31.85
C VAL K 322 -8.25 -81.91 -32.33
N SER K 323 -7.42 -81.02 -31.81
CA SER K 323 -6.04 -80.90 -32.27
C SER K 323 -5.05 -81.63 -31.38
N GLY K 324 -3.76 -81.46 -31.69
CA GLY K 324 -2.70 -82.07 -30.90
C GLY K 324 -2.57 -81.47 -29.51
N ASP K 325 -1.90 -82.21 -28.64
CA ASP K 325 -1.64 -81.79 -27.26
C ASP K 325 -2.92 -81.56 -26.44
N CYS K 326 -4.05 -82.02 -26.96
CA CYS K 326 -5.30 -81.98 -26.21
C CYS K 326 -5.46 -83.20 -25.30
N ILE K 327 -5.85 -82.98 -24.06
CA ILE K 327 -6.16 -84.08 -23.15
C ILE K 327 -7.60 -83.93 -22.67
N ILE K 328 -8.47 -84.84 -23.11
CA ILE K 328 -9.90 -84.78 -22.79
C ILE K 328 -10.19 -85.79 -21.68
N SER K 329 -10.17 -85.29 -20.45
CA SER K 329 -10.18 -86.14 -19.27
C SER K 329 -11.54 -86.14 -18.59
N GLY K 330 -12.32 -87.21 -18.80
CA GLY K 330 -13.63 -87.33 -18.18
C GLY K 330 -14.59 -86.26 -18.65
N ALA K 331 -14.21 -85.59 -19.75
CA ALA K 331 -14.98 -84.48 -20.29
C ALA K 331 -15.73 -84.90 -21.55
N ALA K 332 -16.97 -84.45 -21.69
CA ALA K 332 -17.77 -84.77 -22.87
C ALA K 332 -17.70 -83.63 -23.88
N LEU K 333 -17.22 -83.92 -25.09
CA LEU K 333 -17.24 -82.95 -26.18
C LEU K 333 -18.30 -83.28 -27.20
N ASN K 334 -19.08 -82.28 -27.58
CA ASN K 334 -20.09 -82.44 -28.62
C ASN K 334 -20.17 -81.21 -29.48
N ARG K 335 -20.09 -81.41 -30.80
CA ARG K 335 -20.12 -80.31 -31.77
C ARG K 335 -19.20 -79.15 -31.35
N SER K 336 -17.93 -79.47 -31.16
CA SER K 336 -16.95 -78.50 -30.71
C SER K 336 -15.69 -78.57 -31.53
N LEU K 337 -14.96 -77.46 -31.58
CA LEU K 337 -13.70 -77.38 -32.29
C LEU K 337 -12.61 -76.94 -31.31
N LEU K 338 -11.63 -77.80 -31.08
CA LEU K 338 -10.55 -77.52 -30.14
C LEU K 338 -9.24 -77.31 -30.86
N PHE K 339 -8.55 -76.22 -30.50
CA PHE K 339 -7.22 -75.94 -31.03
C PHE K 339 -6.18 -76.66 -30.16
N THR K 340 -4.91 -76.45 -30.47
CA THR K 340 -3.82 -77.10 -29.78
C THR K 340 -3.80 -76.88 -28.27
N GLY K 341 -3.53 -77.93 -27.52
CA GLY K 341 -3.22 -77.79 -26.11
C GLY K 341 -4.36 -77.54 -25.15
N VAL K 342 -5.57 -77.91 -25.53
CA VAL K 342 -6.70 -77.79 -24.62
C VAL K 342 -6.71 -78.91 -23.59
N ARG K 343 -6.94 -78.56 -22.33
CA ARG K 343 -7.06 -79.54 -21.26
C ARG K 343 -8.45 -79.43 -20.67
N ALA K 344 -9.31 -80.42 -20.92
CA ALA K 344 -10.65 -80.41 -20.37
C ALA K 344 -10.76 -81.49 -19.32
N ASN K 345 -11.26 -81.15 -18.13
CA ASN K 345 -11.19 -82.06 -16.99
C ASN K 345 -12.52 -82.69 -16.63
N SER K 346 -12.48 -83.58 -15.64
CA SER K 346 -13.57 -84.52 -15.38
C SER K 346 -14.89 -83.83 -15.07
N TYR K 347 -15.95 -84.43 -15.61
CA TYR K 347 -17.33 -84.01 -15.39
C TYR K 347 -17.66 -82.70 -16.09
N SER K 348 -16.72 -82.13 -16.86
CA SER K 348 -17.04 -80.94 -17.64
C SER K 348 -17.72 -81.30 -18.96
N ARG K 349 -18.38 -80.33 -19.58
CA ARG K 349 -19.05 -80.52 -20.86
C ARG K 349 -18.92 -79.25 -21.72
N LEU K 350 -18.61 -79.39 -23.01
CA LEU K 350 -18.65 -78.29 -23.97
C LEU K 350 -19.60 -78.70 -25.09
N GLU K 351 -20.48 -77.79 -25.48
CA GLU K 351 -21.35 -78.03 -26.62
C GLU K 351 -21.31 -76.80 -27.49
N ASN K 352 -21.22 -77.00 -28.80
CA ASN K 352 -21.20 -75.88 -29.74
C ASN K 352 -20.13 -74.88 -29.33
N ALA K 353 -18.92 -75.38 -29.10
CA ALA K 353 -17.84 -74.57 -28.57
C ALA K 353 -16.65 -74.49 -29.52
N VAL K 354 -16.18 -73.26 -29.75
CA VAL K 354 -14.90 -73.00 -30.40
C VAL K 354 -13.91 -72.68 -29.31
N VAL K 355 -12.91 -73.54 -29.13
CA VAL K 355 -11.99 -73.40 -28.01
C VAL K 355 -10.57 -73.18 -28.49
N LEU K 356 -10.08 -71.95 -28.36
CA LEU K 356 -8.78 -71.52 -28.87
C LEU K 356 -7.62 -72.20 -28.11
N PRO K 357 -6.36 -72.00 -28.54
CA PRO K 357 -5.34 -72.88 -27.96
C PRO K 357 -5.08 -72.67 -26.47
N SER K 358 -4.61 -73.72 -25.80
CA SER K 358 -4.12 -73.63 -24.43
C SER K 358 -5.18 -73.35 -23.37
N VAL K 359 -6.45 -73.55 -23.71
CA VAL K 359 -7.54 -73.34 -22.76
C VAL K 359 -7.67 -74.51 -21.78
N LYS K 360 -7.89 -74.21 -20.50
CA LYS K 360 -8.18 -75.23 -19.50
C LYS K 360 -9.65 -75.19 -19.13
N ILE K 361 -10.28 -76.34 -19.04
CA ILE K 361 -11.66 -76.40 -18.61
C ILE K 361 -11.70 -77.14 -17.28
N GLY K 362 -12.03 -76.41 -16.22
CA GLY K 362 -12.09 -77.00 -14.89
C GLY K 362 -13.24 -77.97 -14.73
N ARG K 363 -13.09 -78.90 -13.79
CA ARG K 363 -14.09 -79.91 -13.51
C ARG K 363 -15.46 -79.28 -13.37
N HIS K 364 -16.47 -80.00 -13.85
CA HIS K 364 -17.88 -79.67 -13.65
C HIS K 364 -18.37 -78.46 -14.43
N ALA K 365 -17.47 -77.75 -15.12
CA ALA K 365 -17.90 -76.62 -15.95
C ALA K 365 -18.76 -77.13 -17.08
N GLN K 366 -19.80 -76.39 -17.45
CA GLN K 366 -20.66 -76.81 -18.56
C GLN K 366 -20.98 -75.64 -19.49
N LEU K 367 -20.27 -75.58 -20.62
CA LEU K 367 -20.32 -74.40 -21.47
C LEU K 367 -20.95 -74.68 -22.83
N SER K 368 -21.98 -73.90 -23.18
CA SER K 368 -22.65 -74.07 -24.44
C SER K 368 -22.69 -72.77 -25.25
N ASN K 369 -22.48 -72.91 -26.56
CA ASN K 369 -22.53 -71.82 -27.54
C ASN K 369 -21.54 -70.71 -27.25
N VAL K 370 -20.26 -71.04 -27.31
CA VAL K 370 -19.21 -70.12 -26.92
C VAL K 370 -18.05 -70.05 -27.91
N VAL K 371 -17.28 -68.97 -27.76
CA VAL K 371 -15.93 -68.83 -28.28
C VAL K 371 -15.03 -68.56 -27.06
N ILE K 372 -14.08 -69.43 -26.80
CA ILE K 372 -13.21 -69.24 -25.64
C ILE K 372 -11.82 -68.80 -26.11
N ASP K 373 -11.34 -67.69 -25.57
CA ASP K 373 -10.09 -67.07 -26.03
C ASP K 373 -8.85 -67.90 -25.67
N HIS K 374 -7.77 -67.70 -26.42
CA HIS K 374 -6.52 -68.38 -26.16
C HIS K 374 -6.07 -68.28 -24.71
N GLY K 375 -5.76 -69.41 -24.09
CA GLY K 375 -5.13 -69.39 -22.79
C GLY K 375 -6.06 -69.23 -21.61
N VAL K 376 -7.34 -69.00 -21.87
CA VAL K 376 -8.32 -68.85 -20.79
C VAL K 376 -8.39 -70.08 -19.89
N VAL K 377 -8.36 -69.87 -18.58
CA VAL K 377 -8.58 -70.93 -17.62
C VAL K 377 -10.01 -70.83 -17.11
N ILE K 378 -10.87 -71.77 -17.54
CA ILE K 378 -12.26 -71.74 -17.15
C ILE K 378 -12.38 -72.36 -15.76
N PRO K 379 -12.83 -71.56 -14.77
CA PRO K 379 -12.86 -72.07 -13.40
C PRO K 379 -13.83 -73.24 -13.24
N GLU K 380 -13.53 -74.14 -12.31
CA GLU K 380 -14.38 -75.31 -12.09
C GLU K 380 -15.83 -74.94 -11.85
N GLY K 381 -16.75 -75.69 -12.45
CA GLY K 381 -18.17 -75.50 -12.21
C GLY K 381 -18.84 -74.34 -12.91
N LEU K 382 -18.11 -73.57 -13.70
CA LEU K 382 -18.72 -72.48 -14.45
C LEU K 382 -19.76 -72.98 -15.45
N ILE K 383 -20.92 -72.33 -15.47
CA ILE K 383 -21.99 -72.67 -16.41
C ILE K 383 -22.25 -71.53 -17.38
N VAL K 384 -22.11 -71.81 -18.67
CA VAL K 384 -22.45 -70.84 -19.69
C VAL K 384 -23.39 -71.46 -20.72
N GLY K 385 -24.39 -70.69 -21.14
CA GLY K 385 -25.32 -71.14 -22.16
C GLY K 385 -26.69 -71.45 -21.61
N GLU K 386 -26.79 -71.45 -20.29
CA GLU K 386 -28.02 -71.83 -19.60
C GLU K 386 -28.90 -70.62 -19.20
N ASP K 387 -28.28 -69.47 -18.95
CA ASP K 387 -29.01 -68.30 -18.47
C ASP K 387 -28.73 -67.04 -19.29
N PRO K 388 -29.64 -66.73 -20.23
CA PRO K 388 -29.51 -65.62 -21.20
C PRO K 388 -29.29 -64.23 -20.59
N GLU K 389 -29.43 -64.09 -19.27
CA GLU K 389 -29.23 -62.78 -18.64
C GLU K 389 -27.95 -62.71 -17.81
N LEU K 390 -27.60 -63.82 -17.15
CA LEU K 390 -26.38 -63.86 -16.36
C LEU K 390 -25.13 -63.94 -17.23
N ASP K 391 -25.19 -64.70 -18.31
CA ASP K 391 -24.04 -64.82 -19.22
C ASP K 391 -23.76 -63.49 -19.90
N ALA K 392 -24.82 -62.76 -20.23
CA ALA K 392 -24.68 -61.50 -20.96
C ALA K 392 -24.07 -60.42 -20.08
N LYS K 393 -24.31 -60.51 -18.79
CA LYS K 393 -23.71 -59.57 -17.84
C LYS K 393 -22.23 -59.85 -17.63
N ARG K 394 -21.88 -61.13 -17.58
CA ARG K 394 -20.49 -61.55 -17.37
C ARG K 394 -19.66 -61.47 -18.66
N PHE K 395 -20.26 -61.85 -19.78
CA PHE K 395 -19.50 -62.10 -20.99
C PHE K 395 -19.97 -61.28 -22.17
N ARG K 396 -19.18 -61.30 -23.23
CA ARG K 396 -19.60 -60.72 -24.49
C ARG K 396 -20.57 -61.69 -25.15
N ARG K 397 -21.86 -61.38 -25.11
CA ARG K 397 -22.86 -62.30 -25.61
C ARG K 397 -23.49 -61.74 -26.87
N THR K 398 -23.53 -62.54 -27.94
CA THR K 398 -24.08 -62.04 -29.18
C THR K 398 -25.59 -62.14 -29.13
N GLU K 399 -26.22 -61.34 -30.00
CA GLU K 399 -27.67 -61.26 -30.08
C GLU K 399 -28.29 -62.62 -30.43
N SER K 400 -27.50 -63.50 -31.03
CA SER K 400 -27.99 -64.85 -31.37
C SER K 400 -27.56 -65.89 -30.34
N GLY K 401 -26.91 -65.45 -29.27
CA GLY K 401 -26.66 -66.33 -28.15
C GLY K 401 -25.24 -66.85 -27.98
N ILE K 402 -24.31 -66.40 -28.81
CA ILE K 402 -22.92 -66.83 -28.68
C ILE K 402 -22.18 -66.03 -27.61
N CYS K 403 -21.54 -66.70 -26.66
CA CYS K 403 -20.73 -66.02 -25.66
C CYS K 403 -19.23 -66.10 -25.95
N LEU K 404 -18.62 -64.95 -26.18
CA LEU K 404 -17.16 -64.85 -26.24
C LEU K 404 -16.60 -64.70 -24.83
N ILE K 405 -15.69 -65.59 -24.44
CA ILE K 405 -15.16 -65.58 -23.08
C ILE K 405 -13.65 -65.34 -23.04
N THR K 406 -13.23 -64.28 -22.36
CA THR K 406 -11.80 -63.96 -22.22
C THR K 406 -11.39 -64.10 -20.78
N GLN K 407 -10.09 -64.05 -20.52
CA GLN K 407 -9.62 -64.23 -19.15
C GLN K 407 -9.95 -63.01 -18.30
N SER K 408 -9.98 -61.84 -18.92
CA SER K 408 -10.34 -60.61 -18.22
C SER K 408 -11.76 -60.72 -17.68
N MET K 409 -12.63 -61.36 -18.45
CA MET K 409 -14.01 -61.60 -18.01
C MET K 409 -14.07 -62.58 -16.84
N ILE K 410 -13.28 -63.65 -16.92
CA ILE K 410 -13.24 -64.65 -15.87
C ILE K 410 -12.70 -64.04 -14.57
N ASP K 411 -11.69 -63.17 -14.70
CA ASP K 411 -11.01 -62.61 -13.53
C ASP K 411 -11.92 -61.72 -12.70
N LYS K 412 -12.71 -60.89 -13.39
CA LYS K 412 -13.58 -59.95 -12.71
C LYS K 412 -14.80 -60.62 -12.12
N LEU K 413 -14.89 -61.95 -12.20
CA LEU K 413 -16.12 -62.63 -11.80
C LEU K 413 -16.46 -62.40 -10.34
N ASP K 414 -16.96 -61.18 -10.10
CA ASP K 414 -17.77 -60.84 -8.95
C ASP K 414 -18.73 -61.99 -8.69
N LEU K 415 -19.43 -62.36 -9.77
CA LEU K 415 -20.35 -63.49 -9.83
C LEU K 415 -20.86 -63.55 -11.25
N VAL L 1 34.40 -76.97 -15.17
CA VAL L 1 33.40 -75.97 -15.55
C VAL L 1 32.70 -76.32 -16.86
N GLN L 2 33.49 -76.55 -17.90
CA GLN L 2 32.96 -76.86 -19.22
C GLN L 2 32.22 -78.19 -19.20
N PRO L 3 30.97 -78.21 -19.72
CA PRO L 3 30.19 -79.44 -19.84
C PRO L 3 30.84 -80.39 -20.85
N LEU L 4 30.88 -81.67 -20.53
CA LEU L 4 31.62 -82.62 -21.33
C LEU L 4 30.95 -82.90 -22.67
N ALA L 5 29.65 -82.64 -22.75
CA ALA L 5 28.89 -82.96 -23.96
C ALA L 5 29.36 -82.14 -25.15
N ARG L 6 30.02 -81.01 -24.87
CA ARG L 6 30.55 -80.14 -25.92
C ARG L 6 31.58 -80.81 -26.79
N ASP L 7 32.27 -81.82 -26.26
CA ASP L 7 33.35 -82.49 -27.00
C ASP L 7 33.05 -83.95 -27.27
N ALA L 8 31.77 -84.34 -27.18
CA ALA L 8 31.38 -85.71 -27.39
C ALA L 8 30.71 -85.89 -28.74
N MET L 9 30.71 -87.11 -29.24
CA MET L 9 29.93 -87.49 -30.41
C MET L 9 29.10 -88.70 -30.06
N ALA L 10 27.80 -88.65 -30.34
CA ALA L 10 26.93 -89.81 -30.16
C ALA L 10 26.97 -90.65 -31.42
N TYR L 11 27.22 -91.93 -31.26
CA TYR L 11 27.25 -92.83 -32.39
C TYR L 11 26.15 -93.87 -32.20
N VAL L 12 25.17 -93.87 -33.10
CA VAL L 12 23.98 -94.69 -32.89
C VAL L 12 24.02 -95.92 -33.77
N LEU L 13 23.98 -97.10 -33.13
CA LEU L 13 23.93 -98.36 -33.86
C LEU L 13 22.48 -98.68 -34.17
N ALA L 14 22.08 -98.40 -35.40
CA ALA L 14 20.68 -98.57 -35.79
C ALA L 14 20.54 -99.74 -36.75
N GLY L 15 21.21 -100.85 -36.43
CA GLY L 15 21.29 -101.99 -37.34
C GLY L 15 20.50 -103.25 -36.99
N GLY L 16 19.85 -103.29 -35.84
CA GLY L 16 19.03 -104.45 -35.48
C GLY L 16 17.85 -104.63 -36.40
N ARG L 17 17.55 -105.87 -36.80
CA ARG L 17 16.38 -106.16 -37.66
C ARG L 17 15.11 -106.48 -36.88
N GLY L 18 15.22 -106.67 -35.57
CA GLY L 18 14.05 -106.98 -34.77
C GLY L 18 13.26 -108.18 -35.31
N SER L 19 13.97 -109.28 -35.50
CA SER L 19 13.40 -110.45 -36.18
C SER L 19 12.17 -111.01 -35.49
N ARG L 20 12.14 -110.96 -34.17
CA ARG L 20 11.01 -111.49 -33.41
C ARG L 20 9.76 -110.61 -33.54
N LEU L 21 9.92 -109.43 -34.16
CA LEU L 21 8.78 -108.55 -34.44
C LEU L 21 8.12 -109.00 -35.74
N LYS L 22 8.74 -110.01 -36.34
CA LYS L 22 8.20 -110.69 -37.52
C LYS L 22 7.87 -109.73 -38.64
N GLU L 23 6.65 -109.80 -39.16
CA GLU L 23 6.32 -109.03 -40.35
C GLU L 23 6.32 -107.52 -40.13
N LEU L 24 6.31 -107.09 -38.87
CA LEU L 24 6.38 -105.67 -38.55
C LEU L 24 7.70 -105.06 -39.01
N THR L 25 8.73 -105.90 -39.07
CA THR L 25 10.03 -105.45 -39.54
C THR L 25 10.44 -106.23 -40.80
N ASP L 26 9.46 -106.57 -41.63
CA ASP L 26 9.73 -107.26 -42.90
C ASP L 26 10.44 -106.35 -43.88
N ARG L 27 10.07 -105.07 -43.90
CA ARG L 27 10.67 -104.13 -44.83
C ARG L 27 11.24 -102.86 -44.16
N ARG L 28 11.40 -102.86 -42.84
CA ARG L 28 11.93 -101.70 -42.14
C ARG L 28 12.77 -102.19 -40.95
N ALA L 29 13.87 -101.50 -40.63
CA ALA L 29 14.67 -101.90 -39.48
C ALA L 29 13.92 -101.60 -38.18
N LYS L 30 14.25 -102.30 -37.10
CA LYS L 30 13.59 -102.05 -35.82
C LYS L 30 13.65 -100.57 -35.33
N PRO L 31 14.79 -99.87 -35.51
CA PRO L 31 14.76 -98.45 -35.11
C PRO L 31 13.77 -97.60 -35.92
N ALA L 32 13.32 -98.11 -37.07
CA ALA L 32 12.39 -97.37 -37.89
C ALA L 32 10.94 -97.69 -37.54
N VAL L 33 10.74 -98.62 -36.61
CA VAL L 33 9.40 -98.97 -36.20
C VAL L 33 8.72 -97.80 -35.48
N TYR L 34 7.47 -97.53 -35.85
CA TYR L 34 6.65 -96.50 -35.24
C TYR L 34 6.35 -96.74 -33.78
N PHE L 35 6.41 -95.69 -32.97
CA PHE L 35 6.07 -95.81 -31.57
C PHE L 35 5.42 -94.56 -30.99
N GLY L 36 4.37 -94.77 -30.22
CA GLY L 36 3.86 -93.72 -29.35
C GLY L 36 2.88 -92.77 -29.99
N GLY L 37 2.62 -92.96 -31.27
CA GLY L 37 1.63 -92.16 -31.96
C GLY L 37 2.19 -91.23 -33.01
N LYS L 38 3.45 -90.83 -32.85
CA LYS L 38 4.01 -89.87 -33.81
C LYS L 38 5.50 -90.01 -34.10
N ALA L 39 6.19 -90.87 -33.35
CA ALA L 39 7.64 -91.01 -33.49
C ALA L 39 8.04 -92.40 -33.95
N ARG L 40 9.35 -92.60 -34.10
CA ARG L 40 9.90 -93.92 -34.36
C ARG L 40 10.87 -94.21 -33.23
N ILE L 41 11.21 -95.48 -33.04
CA ILE L 41 12.02 -95.86 -31.89
C ILE L 41 13.37 -95.13 -31.91
N ILE L 42 13.96 -94.96 -33.09
CA ILE L 42 15.25 -94.27 -33.17
C ILE L 42 15.24 -92.85 -32.58
N ASP L 43 14.09 -92.19 -32.57
CA ASP L 43 14.02 -90.78 -32.18
C ASP L 43 14.37 -90.59 -30.72
N PHE L 44 14.24 -91.65 -29.92
CA PHE L 44 14.50 -91.55 -28.50
C PHE L 44 15.98 -91.39 -28.21
N ALA L 45 16.81 -92.33 -28.67
CA ALA L 45 18.25 -92.20 -28.53
C ALA L 45 18.73 -90.87 -29.14
N LEU L 46 18.18 -90.49 -30.28
CA LEU L 46 18.60 -89.25 -30.94
C LEU L 46 18.23 -88.03 -30.11
N SER L 47 17.02 -88.01 -29.56
CA SER L 47 16.57 -86.90 -28.74
C SER L 47 17.35 -86.83 -27.42
N ASN L 48 17.69 -87.99 -26.87
CA ASN L 48 18.56 -88.06 -25.69
C ASN L 48 19.90 -87.36 -25.94
N ALA L 49 20.51 -87.62 -27.09
CA ALA L 49 21.77 -86.99 -27.47
C ALA L 49 21.66 -85.48 -27.53
N LEU L 50 20.70 -85.00 -28.32
CA LEU L 50 20.41 -83.58 -28.46
C LEU L 50 20.14 -82.92 -27.11
N ASN L 51 19.23 -83.52 -26.34
CA ASN L 51 18.86 -82.95 -25.04
C ASN L 51 20.02 -82.99 -24.05
N SER L 52 20.93 -83.94 -24.21
CA SER L 52 22.10 -84.04 -23.34
C SER L 52 23.20 -83.05 -23.76
N GLY L 53 22.96 -82.35 -24.87
CA GLY L 53 23.92 -81.37 -25.34
C GLY L 53 24.94 -81.92 -26.32
N ILE L 54 24.71 -83.14 -26.81
CA ILE L 54 25.60 -83.74 -27.79
C ILE L 54 25.14 -83.39 -29.22
N ARG L 55 25.85 -82.48 -29.87
CA ARG L 55 25.41 -81.95 -31.16
C ARG L 55 26.10 -82.60 -32.36
N ARG L 56 26.98 -83.56 -32.13
CA ARG L 56 27.52 -84.39 -33.22
C ARG L 56 26.95 -85.79 -33.13
N ILE L 57 26.20 -86.20 -34.16
CA ILE L 57 25.57 -87.49 -34.17
C ILE L 57 25.89 -88.23 -35.46
N GLY L 58 26.24 -89.51 -35.34
CA GLY L 58 26.37 -90.38 -36.50
C GLY L 58 25.45 -91.57 -36.35
N VAL L 59 24.85 -92.02 -37.44
CA VAL L 59 23.96 -93.18 -37.38
C VAL L 59 24.38 -94.23 -38.39
N ALA L 60 24.83 -95.38 -37.89
CA ALA L 60 25.19 -96.51 -38.72
C ALA L 60 24.01 -97.46 -38.87
N THR L 61 23.65 -97.73 -40.12
CA THR L 61 22.54 -98.62 -40.42
C THR L 61 23.05 -99.83 -41.19
N GLN L 62 22.17 -100.81 -41.36
CA GLN L 62 22.56 -102.05 -42.02
C GLN L 62 21.44 -102.47 -42.95
N TYR L 63 20.68 -103.48 -42.54
CA TYR L 63 19.65 -104.06 -43.39
C TYR L 63 18.34 -103.22 -43.40
N LYS L 64 17.58 -103.36 -44.50
CA LYS L 64 16.57 -102.40 -45.04
C LYS L 64 16.71 -101.02 -44.36
N ALA L 65 17.72 -100.23 -44.70
CA ALA L 65 17.79 -98.93 -44.05
C ALA L 65 16.90 -97.89 -44.73
N HIS L 66 16.17 -98.29 -45.79
CA HIS L 66 15.48 -97.32 -46.65
C HIS L 66 14.60 -96.32 -45.92
N SER L 67 13.55 -96.78 -45.25
CA SER L 67 12.63 -95.83 -44.65
C SER L 67 13.27 -95.19 -43.42
N LEU L 68 14.20 -95.90 -42.79
CA LEU L 68 14.98 -95.32 -41.69
C LEU L 68 15.77 -94.11 -42.19
N ILE L 69 16.53 -94.32 -43.25
CA ILE L 69 17.35 -93.27 -43.84
C ILE L 69 16.51 -92.07 -44.31
N ARG L 70 15.36 -92.34 -44.90
CA ARG L 70 14.44 -91.29 -45.33
C ARG L 70 13.91 -90.51 -44.13
N HIS L 71 13.61 -91.21 -43.05
CA HIS L 71 13.13 -90.58 -41.82
C HIS L 71 14.19 -89.64 -41.23
N LEU L 72 15.44 -90.11 -41.15
CA LEU L 72 16.52 -89.27 -40.66
C LEU L 72 16.74 -88.06 -41.57
N GLN L 73 16.69 -88.29 -42.87
CA GLN L 73 16.82 -87.20 -43.84
C GLN L 73 15.78 -86.10 -43.64
N ARG L 74 14.52 -86.51 -43.52
CA ARG L 74 13.41 -85.58 -43.41
C ARG L 74 13.30 -84.91 -42.04
N GLY L 75 13.54 -85.70 -40.99
CA GLY L 75 13.35 -85.21 -39.64
C GLY L 75 14.55 -84.58 -38.95
N TRP L 76 15.74 -85.13 -39.18
CA TRP L 76 16.92 -84.72 -38.43
C TRP L 76 17.87 -83.90 -39.29
N ASP L 77 17.32 -82.83 -39.84
CA ASP L 77 17.95 -82.08 -40.92
C ASP L 77 18.43 -80.69 -40.49
N PHE L 78 18.47 -80.45 -39.19
CA PHE L 78 18.64 -79.08 -38.70
C PHE L 78 20.00 -78.80 -38.07
N PHE L 79 20.97 -79.67 -38.33
CA PHE L 79 22.34 -79.49 -37.80
C PHE L 79 23.18 -78.75 -38.84
N ARG L 80 24.00 -77.80 -38.39
CA ARG L 80 24.88 -77.08 -39.30
C ARG L 80 26.33 -77.18 -38.85
N PRO L 81 27.22 -77.68 -39.72
CA PRO L 81 28.63 -77.82 -39.38
C PRO L 81 29.32 -76.53 -38.93
N GLU L 82 28.86 -75.38 -39.41
CA GLU L 82 29.55 -74.16 -39.03
C GLU L 82 29.21 -73.80 -37.58
N ARG L 83 28.15 -74.41 -37.04
CA ARG L 83 27.84 -74.30 -35.61
C ARG L 83 28.37 -75.49 -34.80
N ASN L 84 29.34 -76.20 -35.37
CA ASN L 84 29.89 -77.44 -34.80
C ASN L 84 28.83 -78.48 -34.47
N GLU L 85 27.82 -78.53 -35.31
CA GLU L 85 26.74 -79.51 -35.26
C GLU L 85 26.92 -80.42 -36.45
N SER L 86 26.68 -81.71 -36.28
CA SER L 86 26.73 -82.59 -37.44
C SER L 86 25.83 -83.79 -37.24
N PHE L 87 25.25 -84.25 -38.35
CA PHE L 87 24.42 -85.44 -38.34
C PHE L 87 24.77 -86.28 -39.57
N ASP L 88 25.56 -87.33 -39.36
CA ASP L 88 25.99 -88.16 -40.48
C ASP L 88 25.26 -89.49 -40.49
N ILE L 89 24.60 -89.78 -41.62
CA ILE L 89 23.92 -91.04 -41.83
C ILE L 89 24.87 -91.98 -42.56
N LEU L 90 25.15 -93.15 -41.96
CA LEU L 90 26.28 -93.99 -42.38
C LEU L 90 25.89 -95.42 -42.73
N PRO L 91 25.23 -95.61 -43.89
CA PRO L 91 24.74 -96.91 -44.33
C PRO L 91 25.86 -97.85 -44.74
N ALA L 92 25.55 -99.14 -44.78
CA ALA L 92 26.51 -100.12 -45.25
C ALA L 92 26.51 -100.15 -46.76
N GLN L 94 29.15 -96.69 -48.65
CA GLN L 94 28.87 -95.55 -49.52
C GLN L 94 27.38 -95.25 -49.55
N THR L 99 28.69 -103.82 -51.83
CA THR L 99 28.74 -105.09 -51.10
C THR L 99 28.77 -104.86 -49.60
N GLN L 100 29.90 -104.32 -49.14
CA GLN L 100 30.22 -104.19 -47.73
C GLN L 100 29.07 -103.85 -46.76
N TRP L 101 28.32 -104.87 -46.38
CA TRP L 101 27.55 -104.78 -45.15
C TRP L 101 28.55 -104.72 -44.00
N TYR L 102 28.19 -104.05 -42.91
CA TYR L 102 29.07 -104.02 -41.74
C TYR L 102 29.26 -105.43 -41.17
N GLU L 103 30.41 -105.68 -40.57
CA GLU L 103 30.71 -107.01 -40.05
C GLU L 103 30.42 -107.11 -38.56
N GLY L 104 29.74 -106.10 -38.04
CA GLY L 104 29.43 -106.06 -36.63
C GLY L 104 29.42 -104.64 -36.14
N THR L 105 28.94 -104.44 -34.92
CA THR L 105 28.77 -103.10 -34.38
C THR L 105 30.11 -102.41 -34.18
N ALA L 106 31.16 -103.19 -33.93
CA ALA L 106 32.49 -102.61 -33.83
C ALA L 106 32.97 -102.23 -35.21
N ASP L 107 32.60 -103.02 -36.22
CA ASP L 107 33.00 -102.72 -37.57
C ASP L 107 32.30 -101.46 -38.03
N ALA L 108 31.12 -101.23 -37.45
CA ALA L 108 30.36 -100.02 -37.71
C ALA L 108 31.16 -98.75 -37.41
N VAL L 109 31.95 -98.78 -36.33
CA VAL L 109 32.80 -97.65 -36.03
C VAL L 109 34.10 -97.69 -36.86
N TYR L 110 34.69 -98.87 -36.98
CA TYR L 110 35.97 -99.01 -37.71
C TYR L 110 35.94 -98.43 -39.11
N GLN L 111 34.93 -98.82 -39.88
CA GLN L 111 34.77 -98.38 -41.27
C GLN L 111 34.60 -96.86 -41.41
N ASN L 112 34.24 -96.20 -40.32
CA ASN L 112 33.88 -94.79 -40.37
C ASN L 112 34.78 -93.88 -39.56
N ILE L 113 35.98 -94.37 -39.26
CA ILE L 113 36.98 -93.56 -38.58
C ILE L 113 37.26 -92.28 -39.38
N ASP L 114 37.19 -92.39 -40.71
CA ASP L 114 37.49 -91.25 -41.58
C ASP L 114 36.43 -90.15 -41.47
N ILE L 115 35.19 -90.52 -41.15
CA ILE L 115 34.15 -89.54 -40.88
C ILE L 115 34.35 -88.91 -39.49
N ILE L 116 34.77 -89.74 -38.54
CA ILE L 116 34.94 -89.32 -37.15
C ILE L 116 36.20 -88.47 -36.95
N GLU L 117 37.21 -88.68 -37.78
CA GLU L 117 38.49 -87.96 -37.62
C GLU L 117 38.40 -86.43 -37.72
N PRO L 118 37.79 -85.90 -38.81
CA PRO L 118 37.85 -84.45 -38.96
C PRO L 118 37.09 -83.69 -37.88
N TYR L 119 36.24 -84.38 -37.13
CA TYR L 119 35.51 -83.74 -36.04
C TYR L 119 36.35 -83.72 -34.77
N ALA L 120 37.17 -84.75 -34.59
CA ALA L 120 38.06 -84.88 -33.44
C ALA L 120 37.37 -84.76 -32.07
N PRO L 121 36.30 -85.52 -31.82
CA PRO L 121 35.64 -85.41 -30.52
C PRO L 121 36.46 -86.00 -29.38
N GLU L 122 36.36 -85.43 -28.18
CA GLU L 122 37.07 -85.96 -27.02
C GLU L 122 36.48 -87.29 -26.57
N TYR L 123 35.16 -87.40 -26.64
CA TYR L 123 34.45 -88.58 -26.15
C TYR L 123 33.52 -89.14 -27.19
N MET L 124 33.32 -90.45 -27.11
CA MET L 124 32.38 -91.16 -27.96
C MET L 124 31.30 -91.79 -27.09
N VAL L 125 30.03 -91.49 -27.39
CA VAL L 125 28.92 -92.13 -26.68
C VAL L 125 28.22 -93.09 -27.63
N ILE L 126 28.52 -94.38 -27.51
CA ILE L 126 27.92 -95.41 -28.34
C ILE L 126 26.52 -95.80 -27.86
N LEU L 127 25.54 -95.73 -28.76
CA LEU L 127 24.13 -95.93 -28.38
C LEU L 127 23.42 -96.99 -29.20
N ALA L 128 22.61 -97.81 -28.53
CA ALA L 128 21.69 -98.71 -29.22
C ALA L 128 20.50 -97.89 -29.71
N GLY L 129 20.19 -97.99 -31.00
CA GLY L 129 19.10 -97.21 -31.55
C GLY L 129 17.75 -97.89 -31.63
N ASP L 130 17.56 -99.00 -30.91
CA ASP L 130 16.29 -99.71 -30.97
C ASP L 130 15.63 -99.86 -29.60
N HIS L 131 15.93 -98.97 -28.66
CA HIS L 131 15.28 -98.95 -27.35
C HIS L 131 14.51 -97.65 -27.12
N ILE L 132 13.49 -97.70 -26.27
CA ILE L 132 12.73 -96.52 -25.89
C ILE L 132 13.04 -96.15 -24.45
N TYR L 133 13.74 -95.03 -24.27
CA TYR L 133 14.17 -94.60 -22.94
C TYR L 133 14.58 -93.13 -22.97
N LYS L 134 14.64 -92.51 -21.81
CA LYS L 134 15.14 -91.14 -21.69
C LYS L 134 16.32 -91.11 -20.71
N MET L 135 17.35 -90.35 -21.06
CA MET L 135 18.61 -90.40 -20.36
C MET L 135 19.50 -89.22 -20.68
N ASP L 136 20.08 -88.62 -19.65
CA ASP L 136 21.01 -87.51 -19.80
C ASP L 136 22.44 -88.05 -19.82
N TYR L 137 23.08 -88.04 -20.98
CA TYR L 137 24.38 -88.68 -21.13
C TYR L 137 25.52 -87.88 -20.47
N GLU L 138 25.22 -86.68 -20.00
CA GLU L 138 26.24 -85.88 -19.31
C GLU L 138 26.68 -86.57 -18.01
N TYR L 139 25.73 -87.24 -17.35
CA TYR L 139 26.04 -87.98 -16.12
C TYR L 139 27.04 -89.09 -16.36
N MET L 140 26.83 -89.84 -17.42
CA MET L 140 27.67 -90.97 -17.75
C MET L 140 29.06 -90.57 -18.23
N LEU L 141 29.18 -89.43 -18.92
CA LEU L 141 30.48 -88.97 -19.39
C LEU L 141 31.29 -88.42 -18.20
N GLN L 142 30.63 -87.72 -17.28
CA GLN L 142 31.31 -87.22 -16.09
C GLN L 142 31.86 -88.36 -15.26
N GLN L 143 31.05 -89.40 -15.05
CA GLN L 143 31.51 -90.57 -14.33
C GLN L 143 32.69 -91.20 -15.05
N HIS L 144 32.61 -91.30 -16.38
CA HIS L 144 33.66 -91.93 -17.15
C HIS L 144 35.02 -91.26 -16.96
N VAL L 145 35.07 -89.94 -17.11
CA VAL L 145 36.36 -89.26 -17.00
C VAL L 145 36.79 -89.20 -15.54
N ASP L 146 35.84 -89.08 -14.62
CA ASP L 146 36.18 -88.98 -13.21
C ASP L 146 36.68 -90.32 -12.69
N SER L 147 36.10 -91.40 -13.17
CA SER L 147 36.48 -92.73 -12.72
C SER L 147 37.78 -93.19 -13.38
N GLY L 148 38.17 -92.52 -14.46
CA GLY L 148 39.35 -92.92 -15.22
C GLY L 148 39.23 -94.30 -15.85
N ALA L 149 38.02 -94.68 -16.26
CA ALA L 149 37.78 -95.99 -16.83
C ALA L 149 38.12 -96.02 -18.32
N ASP L 150 38.34 -97.20 -18.87
CA ASP L 150 38.54 -97.33 -20.31
C ASP L 150 37.20 -97.32 -21.05
N VAL L 151 36.20 -97.99 -20.46
CA VAL L 151 34.83 -97.92 -20.95
C VAL L 151 33.86 -97.86 -19.77
N THR L 152 32.85 -97.00 -19.90
CA THR L 152 31.76 -96.95 -18.94
C THR L 152 30.53 -97.54 -19.63
N ILE L 153 29.88 -98.51 -18.99
CA ILE L 153 28.78 -99.25 -19.62
C ILE L 153 27.47 -98.99 -18.88
N GLY L 154 26.45 -98.58 -19.63
CA GLY L 154 25.19 -98.21 -19.00
C GLY L 154 24.38 -99.44 -18.72
N CYS L 155 23.85 -99.54 -17.50
CA CYS L 155 23.22 -100.76 -17.04
C CYS L 155 21.88 -100.51 -16.36
N LEU L 156 20.91 -101.37 -16.65
CA LEU L 156 19.63 -101.43 -15.94
C LEU L 156 19.83 -102.20 -14.65
N GLU L 157 19.15 -101.79 -13.59
CA GLU L 157 19.18 -102.55 -12.35
C GLU L 157 17.91 -103.40 -12.27
N VAL L 158 18.01 -104.68 -12.64
CA VAL L 158 16.81 -105.51 -12.76
C VAL L 158 16.81 -106.76 -11.86
N PRO L 159 15.61 -107.23 -11.49
CA PRO L 159 15.48 -108.46 -10.69
C PRO L 159 16.19 -109.61 -11.39
N ARG L 160 16.84 -110.49 -10.62
CA ARG L 160 17.72 -111.48 -11.24
C ARG L 160 16.99 -112.41 -12.19
N MET L 161 15.72 -112.69 -11.93
CA MET L 161 14.91 -113.48 -12.84
C MET L 161 14.79 -112.81 -14.22
N GLU L 162 14.60 -111.49 -14.22
CA GLU L 162 14.43 -110.76 -15.47
C GLU L 162 15.73 -110.71 -16.24
N ALA L 163 16.85 -110.70 -15.52
CA ALA L 163 18.15 -110.49 -16.14
C ALA L 163 18.61 -111.67 -16.98
N THR L 164 17.86 -112.76 -16.97
CA THR L 164 18.26 -113.98 -17.67
C THR L 164 18.22 -113.83 -19.18
N GLY L 165 17.55 -112.79 -19.65
CA GLY L 165 17.44 -112.55 -21.08
C GLY L 165 18.47 -111.55 -21.61
N PHE L 166 19.17 -110.90 -20.69
CA PHE L 166 20.12 -109.85 -21.03
C PHE L 166 21.57 -110.33 -21.02
N GLY L 167 22.46 -109.51 -21.56
CA GLY L 167 23.88 -109.71 -21.35
C GLY L 167 24.19 -109.10 -20.01
N VAL L 168 24.63 -109.90 -19.05
CA VAL L 168 24.79 -109.42 -17.68
C VAL L 168 26.24 -109.09 -17.30
N MET L 169 26.42 -107.96 -16.62
CA MET L 169 27.72 -107.51 -16.15
C MET L 169 27.92 -107.94 -14.71
N HIS L 170 29.00 -108.67 -14.44
CA HIS L 170 29.32 -108.98 -13.06
C HIS L 170 30.21 -107.89 -12.48
N VAL L 171 29.82 -107.45 -11.30
CA VAL L 171 30.27 -106.21 -10.72
C VAL L 171 30.88 -106.47 -9.34
N ASN L 172 31.87 -105.68 -8.93
CA ASN L 172 32.30 -105.72 -7.52
C ASN L 172 31.67 -104.56 -6.72
N GLU L 173 32.29 -104.19 -5.61
CA GLU L 173 31.70 -103.17 -4.75
C GLU L 173 31.91 -101.75 -5.29
N LYS L 174 32.96 -101.56 -6.08
CA LYS L 174 33.25 -100.25 -6.65
C LYS L 174 32.60 -100.11 -8.04
N ASP L 175 31.68 -101.03 -8.32
CA ASP L 175 30.98 -101.11 -9.60
C ASP L 175 31.94 -101.25 -10.79
N GLU L 176 33.11 -101.83 -10.55
CA GLU L 176 33.99 -102.25 -11.63
C GLU L 176 33.52 -103.57 -12.20
N ILE L 177 33.52 -103.68 -13.53
CA ILE L 177 33.04 -104.88 -14.18
C ILE L 177 34.12 -105.97 -14.21
N ILE L 178 33.80 -107.11 -13.60
CA ILE L 178 34.76 -108.19 -13.50
C ILE L 178 34.44 -109.35 -14.44
N ASP L 179 33.21 -109.42 -14.94
CA ASP L 179 32.85 -110.44 -15.91
C ASP L 179 31.58 -110.08 -16.67
N PHE L 180 31.51 -110.49 -17.94
CA PHE L 180 30.32 -110.29 -18.75
C PHE L 180 29.77 -111.63 -19.23
N ILE L 181 28.53 -111.92 -18.85
CA ILE L 181 27.88 -113.15 -19.28
C ILE L 181 26.69 -112.85 -20.18
N GLU L 182 26.62 -113.57 -21.30
CA GLU L 182 25.49 -113.46 -22.19
C GLU L 182 24.36 -114.40 -21.75
N LYS L 183 23.20 -113.83 -21.44
CA LYS L 183 22.00 -114.58 -21.05
C LYS L 183 22.25 -115.70 -20.02
N PRO L 184 22.68 -115.32 -18.81
CA PRO L 184 22.95 -116.33 -17.78
C PRO L 184 21.66 -116.94 -17.25
N ALA L 185 21.61 -118.26 -17.11
CA ALA L 185 20.43 -118.92 -16.57
C ALA L 185 20.28 -118.59 -15.09
N ASP L 186 21.40 -118.36 -14.42
CA ASP L 186 21.38 -117.82 -13.07
C ASP L 186 22.34 -116.64 -12.98
N PRO L 187 21.83 -115.44 -13.25
CA PRO L 187 22.64 -114.23 -13.37
C PRO L 187 23.33 -113.85 -12.07
N PRO L 188 24.62 -113.47 -12.14
CA PRO L 188 25.34 -112.95 -10.98
C PRO L 188 24.67 -111.69 -10.44
N GLY L 189 24.45 -111.63 -9.13
CA GLY L 189 23.76 -110.50 -8.54
C GLY L 189 24.73 -109.40 -8.14
N ILE L 190 24.19 -108.28 -7.70
CA ILE L 190 25.03 -107.19 -7.22
C ILE L 190 25.56 -107.55 -5.83
N PRO L 191 26.87 -107.35 -5.61
CA PRO L 191 27.42 -107.57 -4.27
C PRO L 191 26.72 -106.72 -3.21
N GLY L 192 26.09 -107.40 -2.24
CA GLY L 192 25.44 -106.71 -1.15
C GLY L 192 24.00 -106.35 -1.47
N ASN L 193 23.62 -106.52 -2.73
CA ASN L 193 22.25 -106.23 -3.20
C ASN L 193 21.76 -107.29 -4.18
N GLU L 194 21.96 -108.56 -3.83
CA GLU L 194 21.63 -109.69 -4.70
C GLU L 194 20.12 -109.71 -4.96
N GLY L 195 19.71 -110.50 -5.94
CA GLY L 195 18.33 -110.46 -6.39
C GLY L 195 18.23 -109.51 -7.55
N PHE L 196 19.09 -108.51 -7.54
CA PHE L 196 19.20 -107.58 -8.67
C PHE L 196 20.50 -107.84 -9.38
N ALA L 197 20.43 -107.82 -10.71
CA ALA L 197 21.59 -107.97 -11.56
C ALA L 197 21.69 -106.77 -12.51
N LEU L 198 22.90 -106.50 -12.99
CA LEU L 198 23.15 -105.39 -13.92
C LEU L 198 23.19 -105.91 -15.34
N ALA L 199 22.22 -105.51 -16.15
CA ALA L 199 22.12 -105.96 -17.53
C ALA L 199 22.52 -104.87 -18.52
N SER L 200 23.11 -105.28 -19.64
CA SER L 200 23.64 -104.34 -20.62
C SER L 200 22.55 -103.57 -21.37
N MET L 201 22.62 -102.24 -21.30
CA MET L 201 21.77 -101.39 -22.14
C MET L 201 22.31 -101.23 -23.57
N GLY L 202 23.53 -101.70 -23.80
CA GLY L 202 24.20 -101.47 -25.07
C GLY L 202 24.66 -100.02 -25.23
N ILE L 203 24.92 -99.36 -24.11
CA ILE L 203 25.38 -97.98 -24.10
C ILE L 203 26.82 -97.88 -23.55
N TYR L 204 27.73 -97.39 -24.38
CA TYR L 204 29.14 -97.39 -24.02
C TYR L 204 29.73 -96.00 -24.14
N VAL L 205 30.51 -95.59 -23.16
CA VAL L 205 31.22 -94.33 -23.25
C VAL L 205 32.71 -94.57 -23.22
N PHE L 206 33.39 -94.00 -24.19
CA PHE L 206 34.83 -94.09 -24.35
C PHE L 206 35.50 -92.71 -24.48
N HIS L 207 36.81 -92.65 -24.23
CA HIS L 207 37.66 -91.60 -24.83
C HIS L 207 37.86 -91.98 -26.30
N THR L 208 37.89 -91.00 -27.19
CA THR L 208 37.89 -91.34 -28.61
C THR L 208 39.22 -92.00 -28.98
N LYS L 209 40.33 -91.48 -28.46
CA LYS L 209 41.66 -92.06 -28.63
C LYS L 209 41.70 -93.59 -28.49
N PHE L 210 41.32 -94.07 -27.32
CA PHE L 210 41.31 -95.49 -26.98
C PHE L 210 40.36 -96.29 -27.88
N LEU L 211 39.18 -95.73 -28.15
CA LEU L 211 38.20 -96.43 -28.96
C LEU L 211 38.72 -96.72 -30.36
N MET L 212 39.33 -95.73 -30.98
CA MET L 212 39.88 -95.89 -32.32
C MET L 212 40.93 -96.99 -32.32
N GLU L 213 41.76 -97.01 -31.29
CA GLU L 213 42.78 -98.03 -31.15
C GLU L 213 42.15 -99.35 -30.76
N ALA L 214 41.23 -99.33 -29.80
CA ALA L 214 40.60 -100.56 -29.30
C ALA L 214 39.95 -101.32 -30.43
N LEU L 215 39.63 -100.61 -31.49
CA LEU L 215 38.81 -101.15 -32.53
C LEU L 215 39.55 -101.31 -33.84
N ARG L 216 40.62 -100.55 -34.01
CA ARG L 216 41.58 -100.87 -35.05
C ARG L 216 42.22 -102.22 -34.71
N ARG L 217 42.42 -102.47 -33.42
CA ARG L 217 42.95 -103.76 -32.99
C ARG L 217 41.94 -104.87 -33.28
N ASP L 218 40.67 -104.60 -32.98
CA ASP L 218 39.63 -105.59 -33.16
C ASP L 218 39.51 -106.03 -34.62
N ALA L 219 39.63 -105.07 -35.53
CA ALA L 219 39.56 -105.32 -36.98
C ALA L 219 40.75 -106.15 -37.43
N ALA L 220 41.82 -106.08 -36.65
CA ALA L 220 43.05 -106.75 -36.97
C ALA L 220 43.03 -108.19 -36.51
N ASP L 221 42.18 -108.49 -35.53
CA ASP L 221 42.04 -109.85 -35.01
C ASP L 221 41.04 -110.64 -35.84
N PRO L 222 41.52 -111.66 -36.56
CA PRO L 222 40.71 -112.47 -37.48
C PRO L 222 39.70 -113.34 -36.78
N THR L 223 39.83 -113.50 -35.47
CA THR L 223 38.91 -114.33 -34.71
C THR L 223 37.75 -113.52 -34.13
N SER L 224 37.81 -112.21 -34.26
CA SER L 224 36.77 -111.35 -33.69
C SER L 224 35.47 -111.41 -34.49
N SER L 225 34.35 -111.41 -33.77
CA SER L 225 33.04 -111.34 -34.41
C SER L 225 32.68 -109.88 -34.71
N ARG L 226 33.63 -108.99 -34.42
CA ARG L 226 33.56 -107.57 -34.78
C ARG L 226 32.42 -106.83 -34.09
N ASP L 227 32.07 -107.27 -32.87
CA ASP L 227 30.96 -106.68 -32.11
C ASP L 227 31.43 -106.05 -30.81
N PHE L 228 30.82 -104.94 -30.43
CA PHE L 228 31.18 -104.28 -29.17
C PHE L 228 30.93 -105.19 -27.98
N GLY L 229 29.77 -105.84 -27.96
CA GLY L 229 29.34 -106.59 -26.78
C GLY L 229 29.97 -107.95 -26.62
N LYS L 230 30.28 -108.60 -27.75
CA LYS L 230 30.81 -109.95 -27.71
C LYS L 230 32.34 -109.94 -27.80
N ASP L 231 32.92 -108.87 -28.32
CA ASP L 231 34.37 -108.82 -28.52
C ASP L 231 35.08 -107.70 -27.77
N ILE L 232 34.82 -106.45 -28.15
CA ILE L 232 35.57 -105.32 -27.63
C ILE L 232 35.33 -105.11 -26.14
N ILE L 233 34.08 -105.13 -25.71
CA ILE L 233 33.78 -104.95 -24.29
C ILE L 233 34.31 -106.10 -23.43
N PRO L 234 34.12 -107.36 -23.85
CA PRO L 234 34.73 -108.43 -23.05
C PRO L 234 36.25 -108.32 -22.95
N TYR L 235 36.90 -107.95 -24.05
CA TYR L 235 38.36 -107.77 -24.04
C TYR L 235 38.77 -106.77 -22.98
N ILE L 236 38.03 -105.68 -22.84
CA ILE L 236 38.38 -104.63 -21.91
C ILE L 236 38.07 -105.02 -20.46
N VAL L 237 37.02 -105.84 -20.28
CA VAL L 237 36.58 -106.25 -18.96
C VAL L 237 37.70 -106.93 -18.19
N GLU L 238 38.36 -107.88 -18.85
CA GLU L 238 39.40 -108.67 -18.21
C GLU L 238 40.83 -108.16 -18.45
N HIS L 239 41.04 -107.33 -19.46
CA HIS L 239 42.36 -106.78 -19.73
C HIS L 239 42.51 -105.32 -19.32
N GLY L 240 41.40 -104.60 -19.22
CA GLY L 240 41.46 -103.19 -18.93
C GLY L 240 40.57 -102.74 -17.77
N LYS L 241 39.97 -101.56 -17.92
CA LYS L 241 39.12 -101.04 -16.86
C LYS L 241 37.71 -100.74 -17.36
N ALA L 242 36.78 -101.66 -17.09
CA ALA L 242 35.37 -101.48 -17.46
C ALA L 242 34.58 -101.16 -16.21
N VAL L 243 33.73 -100.14 -16.30
CA VAL L 243 32.95 -99.68 -15.16
C VAL L 243 31.47 -99.51 -15.55
N ALA L 244 30.56 -99.86 -14.64
CA ALA L 244 29.15 -99.69 -14.91
C ALA L 244 28.61 -98.39 -14.32
N HIS L 245 27.62 -97.81 -15.01
CA HIS L 245 26.88 -96.67 -14.49
C HIS L 245 25.42 -97.06 -14.47
N ARG L 246 24.74 -96.74 -13.38
CA ARG L 246 23.35 -97.17 -13.17
C ARG L 246 22.38 -96.26 -13.90
N PHE L 247 21.49 -96.86 -14.67
CA PHE L 247 20.45 -96.12 -15.40
C PHE L 247 19.70 -95.14 -14.51
N ALA L 248 19.44 -95.54 -13.26
CA ALA L 248 18.69 -94.73 -12.33
C ALA L 248 19.38 -93.40 -12.02
N ASP L 249 20.71 -93.38 -12.13
CA ASP L 249 21.47 -92.16 -11.91
C ASP L 249 21.24 -91.11 -13.03
N SER L 250 20.97 -91.60 -14.24
CA SER L 250 20.91 -90.75 -15.44
C SER L 250 19.51 -90.54 -15.98
N CYS L 251 18.65 -91.53 -15.77
CA CYS L 251 17.31 -91.54 -16.32
C CYS L 251 16.58 -90.23 -16.07
N VAL L 252 16.00 -89.67 -17.12
CA VAL L 252 15.21 -88.47 -16.97
C VAL L 252 13.77 -88.85 -16.70
N ARG L 253 13.46 -89.05 -15.42
CA ARG L 253 12.11 -89.42 -15.01
C ARG L 253 11.22 -88.21 -14.88
N SER L 254 10.09 -88.24 -15.57
CA SER L 254 9.03 -87.29 -15.32
C SER L 254 8.49 -87.52 -13.91
N ASP L 255 7.93 -86.48 -13.30
CA ASP L 255 7.32 -86.62 -11.98
C ASP L 255 5.99 -87.36 -12.09
N PHE L 256 5.72 -87.85 -13.29
CA PHE L 256 4.52 -88.60 -13.59
C PHE L 256 4.91 -89.94 -14.21
N GLU L 257 6.11 -90.39 -13.88
CA GLU L 257 6.56 -91.73 -14.18
C GLU L 257 6.96 -92.42 -12.87
N HIS L 258 6.25 -93.49 -12.52
CA HIS L 258 6.44 -94.13 -11.21
C HIS L 258 7.79 -94.84 -11.05
N GLU L 259 8.55 -94.96 -12.13
CA GLU L 259 9.85 -95.64 -12.11
C GLU L 259 10.59 -95.33 -13.40
N PRO L 260 11.91 -95.60 -13.46
CA PRO L 260 12.62 -95.35 -14.71
C PRO L 260 12.00 -96.14 -15.85
N TYR L 261 11.91 -95.54 -17.02
CA TYR L 261 11.25 -96.19 -18.15
C TYR L 261 12.27 -96.62 -19.19
N TRP L 262 12.28 -97.91 -19.47
CA TRP L 262 13.10 -98.47 -20.53
C TRP L 262 12.31 -99.61 -21.16
N ARG L 263 12.18 -99.59 -22.48
CA ARG L 263 11.51 -100.68 -23.19
C ARG L 263 12.31 -101.11 -24.40
N ASP L 264 12.34 -102.42 -24.60
CA ASP L 264 13.04 -103.05 -25.71
C ASP L 264 12.08 -103.32 -26.88
N VAL L 265 10.78 -103.34 -26.58
CA VAL L 265 9.70 -103.78 -27.49
C VAL L 265 10.16 -104.82 -28.53
N GLY L 266 10.77 -105.90 -28.04
CA GLY L 266 11.39 -106.89 -28.91
C GLY L 266 10.44 -107.89 -29.55
N THR L 267 9.29 -108.11 -28.91
CA THR L 267 8.30 -109.05 -29.43
C THR L 267 6.97 -108.37 -29.67
N ILE L 268 6.10 -109.02 -30.43
CA ILE L 268 4.82 -108.42 -30.81
C ILE L 268 3.95 -108.08 -29.61
N ASP L 269 3.92 -108.96 -28.61
CA ASP L 269 3.19 -108.65 -27.38
C ASP L 269 3.76 -107.45 -26.63
N ALA L 270 5.09 -107.35 -26.60
CA ALA L 270 5.78 -106.29 -25.87
C ALA L 270 5.58 -104.95 -26.56
N TYR L 271 5.65 -104.98 -27.89
CA TYR L 271 5.39 -103.79 -28.70
C TYR L 271 3.97 -103.30 -28.53
N TRP L 272 3.00 -104.21 -28.63
CA TRP L 272 1.60 -103.86 -28.47
C TRP L 272 1.35 -103.31 -27.07
N GLN L 273 1.93 -103.95 -26.07
CA GLN L 273 1.72 -103.56 -24.68
C GLN L 273 2.25 -102.16 -24.39
N ALA L 274 3.49 -101.90 -24.81
CA ALA L 274 4.14 -100.60 -24.58
C ALA L 274 3.37 -99.46 -25.20
N ASN L 275 2.76 -99.72 -26.35
CA ASN L 275 1.94 -98.73 -27.05
C ASN L 275 0.57 -98.56 -26.39
N ILE L 276 -0.10 -99.66 -26.10
CA ILE L 276 -1.44 -99.59 -25.55
C ILE L 276 -1.40 -99.00 -24.14
N ASP L 277 -0.26 -99.15 -23.46
CA ASP L 277 -0.10 -98.62 -22.11
C ASP L 277 -0.18 -97.09 -22.10
N LEU L 278 0.07 -96.47 -23.25
CA LEU L 278 -0.06 -95.02 -23.38
C LEU L 278 -1.52 -94.56 -23.33
N THR L 279 -2.48 -95.48 -23.41
CA THR L 279 -3.87 -95.08 -23.31
C THR L 279 -4.31 -95.04 -21.84
N ASP L 280 -3.45 -95.51 -20.92
CA ASP L 280 -3.74 -95.52 -19.47
C ASP L 280 -4.08 -94.13 -18.94
N VAL L 281 -4.82 -94.10 -17.83
CA VAL L 281 -5.07 -92.83 -17.15
C VAL L 281 -3.75 -92.25 -16.65
N VAL L 282 -2.88 -93.14 -16.15
CA VAL L 282 -1.55 -92.77 -15.66
C VAL L 282 -0.48 -93.62 -16.35
N PRO L 283 -0.10 -93.26 -17.58
CA PRO L 283 0.86 -94.12 -18.30
C PRO L 283 2.25 -94.15 -17.67
N ASP L 284 2.97 -95.26 -17.87
CA ASP L 284 4.35 -95.40 -17.42
C ASP L 284 5.26 -94.39 -18.08
N LEU L 285 4.93 -94.06 -19.34
CA LEU L 285 5.70 -93.12 -20.14
C LEU L 285 4.93 -91.82 -20.27
N ASP L 286 5.53 -90.73 -19.78
CA ASP L 286 4.88 -89.41 -19.81
C ASP L 286 5.21 -88.73 -21.12
N ILE L 287 4.32 -88.85 -22.11
CA ILE L 287 4.58 -88.30 -23.44
C ILE L 287 4.14 -86.85 -23.52
N TYR L 288 3.99 -86.24 -22.34
CA TYR L 288 3.60 -84.84 -22.24
C TYR L 288 4.64 -84.02 -21.46
N ASP L 289 5.81 -84.60 -21.24
CA ASP L 289 6.85 -83.91 -20.48
C ASP L 289 7.74 -83.08 -21.40
N LYS L 290 7.57 -81.75 -21.33
CA LYS L 290 8.28 -80.85 -22.23
C LYS L 290 9.70 -80.59 -21.78
N SER L 291 10.07 -81.10 -20.60
CA SER L 291 11.41 -80.83 -20.09
C SER L 291 12.45 -81.67 -20.84
N TRP L 292 12.06 -82.85 -21.32
CA TRP L 292 12.97 -83.70 -22.10
C TRP L 292 12.26 -84.20 -23.34
N PRO L 293 12.02 -83.30 -24.30
CA PRO L 293 11.12 -83.60 -25.42
C PRO L 293 11.72 -84.50 -26.49
N ILE L 294 10.85 -85.25 -27.16
CA ILE L 294 11.23 -86.17 -28.23
C ILE L 294 10.93 -85.55 -29.58
N TRP L 295 11.99 -85.19 -30.29
CA TRP L 295 11.89 -84.69 -31.67
C TRP L 295 11.66 -85.84 -32.61
N THR L 296 10.97 -85.59 -33.72
CA THR L 296 10.80 -86.60 -34.74
C THR L 296 10.42 -85.91 -36.05
N TYR L 297 10.18 -86.70 -37.10
CA TYR L 297 9.62 -86.12 -38.31
C TYR L 297 8.11 -86.00 -38.17
N ALA L 298 7.62 -84.78 -38.32
CA ALA L 298 6.20 -84.51 -38.26
C ALA L 298 5.86 -83.46 -39.29
N GLU L 299 4.75 -83.65 -39.99
CA GLU L 299 4.30 -82.68 -40.95
C GLU L 299 3.12 -81.93 -40.37
N ILE L 300 2.76 -80.81 -41.00
CA ILE L 300 1.50 -80.17 -40.66
C ILE L 300 0.36 -81.04 -41.14
N THR L 301 -0.55 -81.39 -40.25
CA THR L 301 -1.72 -82.15 -40.65
C THR L 301 -2.95 -81.50 -40.07
N PRO L 302 -4.12 -81.83 -40.63
CA PRO L 302 -5.36 -81.37 -40.00
C PRO L 302 -5.57 -82.00 -38.62
N PRO L 303 -6.45 -81.39 -37.81
CA PRO L 303 -6.79 -81.97 -36.51
C PRO L 303 -7.58 -83.28 -36.69
N ALA L 304 -7.75 -84.06 -35.62
CA ALA L 304 -8.55 -85.27 -35.66
C ALA L 304 -10.02 -84.89 -35.71
N LYS L 305 -10.81 -85.70 -36.42
CA LYS L 305 -12.21 -85.38 -36.67
C LYS L 305 -13.07 -86.55 -36.27
N PHE L 306 -14.16 -86.25 -35.56
CA PHE L 306 -15.12 -87.24 -35.13
C PHE L 306 -16.47 -86.86 -35.69
N VAL L 307 -17.09 -87.80 -36.38
CA VAL L 307 -18.32 -87.47 -37.08
C VAL L 307 -19.34 -88.60 -36.93
N HIS L 308 -20.62 -88.20 -36.92
CA HIS L 308 -21.78 -89.08 -36.76
C HIS L 308 -22.09 -89.48 -35.33
N ASP L 309 -23.37 -89.44 -35.01
CA ASP L 309 -23.84 -89.73 -33.68
C ASP L 309 -25.34 -90.02 -33.70
N ASP L 310 -25.71 -91.25 -34.04
CA ASP L 310 -27.11 -91.61 -33.92
C ASP L 310 -27.25 -92.97 -33.25
N GLU L 311 -28.47 -93.50 -33.29
CA GLU L 311 -28.80 -94.71 -32.55
C GLU L 311 -27.95 -95.88 -33.01
N ASP L 312 -27.55 -95.84 -34.28
CA ASP L 312 -26.84 -96.98 -34.83
C ASP L 312 -25.34 -96.77 -34.89
N ARG L 313 -24.89 -95.53 -35.02
CA ARG L 313 -23.46 -95.24 -35.13
C ARG L 313 -23.06 -93.95 -34.45
N ARG L 314 -21.83 -93.94 -33.99
CA ARG L 314 -21.30 -92.82 -33.23
C ARG L 314 -19.79 -92.82 -33.36
N GLY L 315 -19.25 -91.83 -34.07
CA GLY L 315 -17.82 -91.72 -34.21
C GLY L 315 -17.24 -91.03 -32.99
N SER L 316 -16.51 -91.78 -32.18
CA SER L 316 -15.76 -91.20 -31.07
C SER L 316 -14.77 -92.17 -30.50
N ALA L 317 -13.83 -91.66 -29.70
CA ALA L 317 -12.79 -92.48 -29.13
C ALA L 317 -12.89 -92.40 -27.62
N VAL L 318 -12.71 -93.54 -26.98
CA VAL L 318 -12.75 -93.64 -25.54
C VAL L 318 -11.51 -94.37 -25.07
N SER L 319 -10.87 -93.87 -24.01
CA SER L 319 -9.66 -94.46 -23.46
C SER L 319 -8.65 -94.68 -24.56
N SER L 320 -8.49 -93.66 -25.40
CA SER L 320 -7.76 -93.77 -26.66
C SER L 320 -6.84 -92.59 -26.89
N VAL L 321 -5.84 -92.83 -27.72
CA VAL L 321 -4.91 -91.80 -28.12
C VAL L 321 -5.00 -91.67 -29.65
N VAL L 322 -5.30 -90.47 -30.15
CA VAL L 322 -5.58 -90.30 -31.57
C VAL L 322 -4.77 -89.14 -32.15
N SER L 323 -4.08 -89.38 -33.26
CA SER L 323 -3.24 -88.35 -33.89
C SER L 323 -3.98 -87.48 -34.89
N GLY L 324 -3.22 -86.68 -35.61
CA GLY L 324 -3.78 -85.79 -36.60
C GLY L 324 -4.14 -86.50 -37.89
N ASP L 325 -4.95 -85.82 -38.70
CA ASP L 325 -5.38 -86.34 -40.00
C ASP L 325 -6.09 -87.69 -39.82
N CYS L 326 -6.63 -87.94 -38.63
CA CYS L 326 -7.44 -89.13 -38.44
C CYS L 326 -8.91 -88.73 -38.52
N ILE L 327 -9.68 -89.51 -39.26
CA ILE L 327 -11.11 -89.25 -39.34
C ILE L 327 -11.85 -90.46 -38.84
N ILE L 328 -12.52 -90.27 -37.71
CA ILE L 328 -13.30 -91.30 -37.05
C ILE L 328 -14.77 -91.09 -37.42
N SER L 329 -15.19 -91.76 -38.48
CA SER L 329 -16.48 -91.50 -39.10
C SER L 329 -17.46 -92.62 -38.80
N GLY L 330 -18.19 -92.50 -37.70
CA GLY L 330 -19.13 -93.53 -37.31
C GLY L 330 -18.45 -94.76 -36.75
N ALA L 331 -17.18 -94.62 -36.37
CA ALA L 331 -16.40 -95.73 -35.84
C ALA L 331 -16.22 -95.60 -34.34
N ALA L 332 -16.38 -96.70 -33.62
CA ALA L 332 -16.27 -96.70 -32.17
C ALA L 332 -14.94 -97.29 -31.73
N LEU L 333 -14.08 -96.44 -31.16
CA LEU L 333 -12.75 -96.86 -30.70
C LEU L 333 -12.68 -96.91 -29.18
N ASN L 334 -12.11 -97.99 -28.66
CA ASN L 334 -11.87 -98.14 -27.22
C ASN L 334 -10.51 -98.74 -26.97
N ARG L 335 -9.79 -98.16 -26.01
CA ARG L 335 -8.46 -98.62 -25.65
C ARG L 335 -7.57 -98.82 -26.87
N SER L 336 -7.49 -97.78 -27.69
CA SER L 336 -6.72 -97.90 -28.90
C SER L 336 -5.83 -96.69 -29.14
N LEU L 337 -4.74 -96.91 -29.86
CA LEU L 337 -3.85 -95.82 -30.22
C LEU L 337 -3.75 -95.74 -31.73
N LEU L 338 -4.08 -94.58 -32.28
CA LEU L 338 -4.07 -94.36 -33.72
C LEU L 338 -2.97 -93.39 -34.09
N PHE L 339 -2.05 -93.82 -34.95
CA PHE L 339 -1.03 -92.95 -35.51
C PHE L 339 -1.66 -92.04 -36.55
N THR L 340 -0.89 -91.14 -37.13
CA THR L 340 -1.42 -90.13 -38.07
C THR L 340 -2.11 -90.70 -39.30
N GLY L 341 -3.22 -90.10 -39.70
CA GLY L 341 -3.77 -90.43 -41.00
C GLY L 341 -4.74 -91.59 -41.07
N VAL L 342 -5.10 -92.16 -39.92
CA VAL L 342 -6.03 -93.28 -39.91
C VAL L 342 -7.47 -92.88 -40.30
N ARG L 343 -8.07 -93.64 -41.20
CA ARG L 343 -9.48 -93.49 -41.53
C ARG L 343 -10.27 -94.69 -41.02
N ALA L 344 -11.23 -94.46 -40.15
CA ALA L 344 -12.08 -95.52 -39.67
C ALA L 344 -13.52 -95.18 -40.04
N ASN L 345 -14.17 -96.07 -40.81
CA ASN L 345 -15.47 -95.75 -41.39
C ASN L 345 -16.63 -96.32 -40.60
N SER L 346 -17.85 -96.01 -41.05
CA SER L 346 -19.05 -96.20 -40.23
C SER L 346 -19.29 -97.64 -39.80
N TYR L 347 -19.79 -97.78 -38.58
CA TYR L 347 -20.15 -99.07 -37.99
C TYR L 347 -18.94 -99.95 -37.72
N SER L 348 -17.73 -99.44 -37.85
CA SER L 348 -16.57 -100.24 -37.52
C SER L 348 -16.28 -100.10 -36.03
N ARG L 349 -15.53 -101.05 -35.47
CA ARG L 349 -15.22 -101.06 -34.04
C ARG L 349 -13.78 -101.50 -33.79
N LEU L 350 -12.99 -100.61 -33.22
CA LEU L 350 -11.64 -100.96 -32.81
C LEU L 350 -11.58 -101.08 -31.29
N GLU L 351 -10.90 -102.12 -30.80
CA GLU L 351 -10.67 -102.28 -29.37
C GLU L 351 -9.30 -102.88 -29.13
N ASN L 352 -8.55 -102.33 -28.17
CA ASN L 352 -7.21 -102.83 -27.87
C ASN L 352 -6.35 -102.85 -29.12
N ALA L 353 -6.42 -101.78 -29.89
CA ALA L 353 -5.84 -101.77 -31.23
C ALA L 353 -4.72 -100.76 -31.36
N VAL L 354 -3.56 -101.22 -31.78
CA VAL L 354 -2.48 -100.31 -32.13
C VAL L 354 -2.48 -100.14 -33.66
N VAL L 355 -2.74 -98.94 -34.13
CA VAL L 355 -3.01 -98.72 -35.56
C VAL L 355 -2.00 -97.74 -36.15
N LEU L 356 -1.08 -98.24 -36.98
CA LEU L 356 0.03 -97.45 -37.51
C LEU L 356 -0.45 -96.50 -38.61
N PRO L 357 0.41 -95.57 -39.09
CA PRO L 357 -0.12 -94.50 -39.95
C PRO L 357 -0.88 -94.96 -41.20
N SER L 358 -1.84 -94.15 -41.61
CA SER L 358 -2.52 -94.31 -42.89
C SER L 358 -3.29 -95.62 -43.08
N VAL L 359 -3.75 -96.22 -41.99
CA VAL L 359 -4.58 -97.41 -42.07
C VAL L 359 -6.01 -97.02 -42.40
N LYS L 360 -6.66 -97.79 -43.27
CA LYS L 360 -8.08 -97.61 -43.50
C LYS L 360 -8.86 -98.74 -42.86
N ILE L 361 -9.95 -98.40 -42.19
CA ILE L 361 -10.84 -99.40 -41.63
C ILE L 361 -12.17 -99.32 -42.34
N GLY L 362 -12.57 -100.40 -43.00
CA GLY L 362 -13.82 -100.40 -43.73
C GLY L 362 -15.03 -100.50 -42.82
N ARG L 363 -16.17 -100.06 -43.33
CA ARG L 363 -17.43 -100.17 -42.62
C ARG L 363 -17.65 -101.56 -42.06
N HIS L 364 -18.19 -101.62 -40.85
CA HIS L 364 -18.62 -102.87 -40.22
C HIS L 364 -17.50 -103.78 -39.76
N ALA L 365 -16.26 -103.39 -40.00
CA ALA L 365 -15.15 -104.20 -39.50
C ALA L 365 -15.15 -104.15 -37.99
N GLN L 366 -14.72 -105.22 -37.32
CA GLN L 366 -14.70 -105.22 -35.87
C GLN L 366 -13.45 -105.92 -35.34
N LEU L 367 -12.44 -105.11 -35.03
CA LEU L 367 -11.13 -105.65 -34.70
C LEU L 367 -10.79 -105.49 -33.23
N SER L 368 -10.37 -106.58 -32.58
CA SER L 368 -9.95 -106.54 -31.18
C SER L 368 -8.58 -107.12 -30.98
N ASN L 369 -7.79 -106.45 -30.14
CA ASN L 369 -6.46 -106.91 -29.72
C ASN L 369 -5.54 -107.13 -30.91
N VAL L 370 -5.13 -106.03 -31.52
CA VAL L 370 -4.39 -106.08 -32.78
C VAL L 370 -3.29 -105.03 -32.85
N VAL L 371 -2.31 -105.33 -33.71
CA VAL L 371 -1.35 -104.36 -34.19
C VAL L 371 -1.52 -104.33 -35.68
N ILE L 372 -1.94 -103.19 -36.22
CA ILE L 372 -2.20 -103.06 -37.65
C ILE L 372 -1.09 -102.28 -38.32
N ASP L 373 -0.43 -102.89 -39.30
CA ASP L 373 0.74 -102.29 -39.96
C ASP L 373 0.42 -101.04 -40.79
N HIS L 374 1.43 -100.20 -41.00
CA HIS L 374 1.31 -98.99 -41.79
C HIS L 374 0.65 -99.23 -43.14
N GLY L 375 -0.36 -98.43 -43.47
CA GLY L 375 -0.90 -98.39 -44.83
C GLY L 375 -1.87 -99.50 -45.16
N VAL L 376 -2.16 -100.33 -44.18
CA VAL L 376 -3.14 -101.41 -44.34
C VAL L 376 -4.56 -100.92 -44.69
N VAL L 377 -5.21 -101.59 -45.64
CA VAL L 377 -6.64 -101.40 -45.84
C VAL L 377 -7.41 -102.58 -45.28
N ILE L 378 -8.17 -102.37 -44.22
CA ILE L 378 -8.99 -103.40 -43.63
C ILE L 378 -10.31 -103.45 -44.41
N PRO L 379 -10.68 -104.62 -44.93
CA PRO L 379 -11.89 -104.68 -45.76
C PRO L 379 -13.15 -104.58 -44.92
N GLU L 380 -14.26 -104.18 -45.55
CA GLU L 380 -15.51 -104.02 -44.85
C GLU L 380 -15.94 -105.33 -44.20
N GLY L 381 -16.39 -105.25 -42.95
CA GLY L 381 -16.92 -106.41 -42.24
C GLY L 381 -15.93 -107.44 -41.71
N LEU L 382 -14.63 -107.19 -41.84
CA LEU L 382 -13.64 -108.13 -41.31
C LEU L 382 -13.77 -108.24 -39.80
N ILE L 383 -13.81 -109.46 -39.29
CA ILE L 383 -13.83 -109.68 -37.86
C ILE L 383 -12.52 -110.27 -37.39
N VAL L 384 -11.87 -109.60 -36.44
CA VAL L 384 -10.65 -110.11 -35.84
C VAL L 384 -10.78 -110.06 -34.33
N GLY L 385 -10.42 -111.16 -33.68
CA GLY L 385 -10.38 -111.22 -32.24
C GLY L 385 -11.53 -112.00 -31.66
N GLU L 386 -12.25 -112.72 -32.50
CA GLU L 386 -13.42 -113.44 -32.03
C GLU L 386 -13.27 -114.94 -32.23
N ASP L 387 -12.63 -115.34 -33.34
CA ASP L 387 -12.35 -116.74 -33.58
C ASP L 387 -10.83 -116.98 -33.56
N PRO L 388 -10.29 -117.39 -32.41
CA PRO L 388 -8.86 -117.59 -32.17
C PRO L 388 -8.15 -118.48 -33.18
N GLU L 389 -8.79 -119.56 -33.64
CA GLU L 389 -8.17 -120.45 -34.60
C GLU L 389 -8.15 -119.85 -36.00
N LEU L 390 -9.25 -119.19 -36.37
CA LEU L 390 -9.34 -118.55 -37.67
C LEU L 390 -8.37 -117.37 -37.77
N ASP L 391 -8.26 -116.61 -36.70
CA ASP L 391 -7.34 -115.47 -36.66
C ASP L 391 -5.90 -115.92 -36.76
N ALA L 392 -5.62 -117.08 -36.17
CA ALA L 392 -4.27 -117.61 -36.11
C ALA L 392 -3.85 -118.15 -37.47
N LYS L 393 -4.83 -118.52 -38.28
CA LYS L 393 -4.56 -119.04 -39.60
C LYS L 393 -4.45 -117.91 -40.63
N ARG L 394 -5.23 -116.85 -40.42
CA ARG L 394 -5.23 -115.67 -41.29
C ARG L 394 -4.04 -114.75 -41.05
N PHE L 395 -3.64 -114.64 -39.79
CA PHE L 395 -2.67 -113.62 -39.40
C PHE L 395 -1.55 -114.17 -38.56
N ARG L 396 -0.68 -113.26 -38.11
CA ARG L 396 0.34 -113.57 -37.13
C ARG L 396 -0.24 -113.34 -35.73
N ARG L 397 -0.69 -114.42 -35.09
CA ARG L 397 -1.28 -114.29 -33.77
C ARG L 397 -0.33 -114.82 -32.71
N THR L 398 -0.10 -114.00 -31.68
CA THR L 398 0.77 -114.42 -30.60
C THR L 398 0.01 -115.36 -29.66
N GLU L 399 0.70 -115.85 -28.63
CA GLU L 399 0.09 -116.80 -27.70
C GLU L 399 -0.50 -116.10 -26.48
N SER L 400 -0.92 -114.85 -26.66
CA SER L 400 -1.73 -114.19 -25.66
C SER L 400 -2.86 -113.46 -26.38
N GLY L 401 -2.90 -113.64 -27.70
CA GLY L 401 -4.05 -113.24 -28.48
C GLY L 401 -3.93 -112.02 -29.36
N ILE L 402 -2.77 -111.38 -29.38
CA ILE L 402 -2.59 -110.21 -30.24
C ILE L 402 -2.36 -110.67 -31.68
N CYS L 403 -3.12 -110.14 -32.61
CA CYS L 403 -2.89 -110.38 -34.03
C CYS L 403 -2.14 -109.24 -34.68
N LEU L 404 -1.07 -109.57 -35.40
CA LEU L 404 -0.39 -108.58 -36.23
C LEU L 404 -1.01 -108.69 -37.61
N ILE L 405 -1.53 -107.60 -38.13
CA ILE L 405 -2.21 -107.64 -39.41
C ILE L 405 -1.43 -106.82 -40.42
N THR L 406 -1.04 -107.45 -41.54
CA THR L 406 -0.32 -106.76 -42.60
C THR L 406 -1.08 -106.86 -43.91
N GLN L 407 -0.73 -105.99 -44.86
CA GLN L 407 -1.47 -105.94 -46.11
C GLN L 407 -1.38 -107.25 -46.90
N SER L 408 -0.21 -107.89 -46.87
CA SER L 408 -0.04 -109.18 -47.55
C SER L 408 -0.97 -110.24 -46.98
N MET L 409 -1.11 -110.26 -45.66
CA MET L 409 -2.06 -111.13 -44.98
C MET L 409 -3.50 -110.89 -45.42
N ILE L 410 -3.87 -109.63 -45.63
CA ILE L 410 -5.22 -109.29 -46.05
C ILE L 410 -5.47 -109.68 -47.51
N ASP L 411 -4.45 -109.50 -48.35
CA ASP L 411 -4.54 -109.83 -49.77
C ASP L 411 -4.86 -111.31 -50.00
N LYS L 412 -4.25 -112.17 -49.19
CA LYS L 412 -4.45 -113.62 -49.28
C LYS L 412 -5.85 -114.00 -48.88
N LEU L 413 -6.52 -113.10 -48.18
CA LEU L 413 -7.82 -113.41 -47.58
C LEU L 413 -8.96 -113.55 -48.57
N ASP L 414 -9.89 -114.39 -48.14
CA ASP L 414 -11.30 -114.31 -48.48
C ASP L 414 -11.95 -115.12 -47.34
N LEU L 415 -11.08 -115.83 -46.60
CA LEU L 415 -11.44 -116.50 -45.36
C LEU L 415 -10.16 -116.78 -44.57
N VAL M 1 -52.54 84.31 -16.78
CA VAL M 1 -52.09 85.31 -15.83
C VAL M 1 -50.96 84.80 -14.93
N GLN M 2 -51.18 83.63 -14.31
CA GLN M 2 -50.27 83.13 -13.29
C GLN M 2 -48.93 82.67 -13.85
N PRO M 3 -47.86 82.92 -13.09
CA PRO M 3 -46.57 82.33 -13.43
C PRO M 3 -46.66 80.81 -13.42
N LEU M 4 -46.15 80.18 -14.46
CA LEU M 4 -46.12 78.73 -14.52
C LEU M 4 -45.17 78.15 -13.48
N ALA M 5 -44.17 78.95 -13.10
CA ALA M 5 -43.16 78.49 -12.14
C ALA M 5 -43.77 78.09 -10.81
N ARG M 6 -44.89 78.73 -10.46
CA ARG M 6 -45.60 78.45 -9.21
C ARG M 6 -45.94 76.98 -9.10
N ASP M 7 -46.13 76.33 -10.25
CA ASP M 7 -46.55 74.94 -10.29
C ASP M 7 -45.49 74.01 -10.85
N ALA M 8 -44.25 74.44 -10.84
CA ALA M 8 -43.15 73.64 -11.35
C ALA M 8 -42.31 73.06 -10.23
N MET M 9 -41.67 71.94 -10.53
CA MET M 9 -40.63 71.36 -9.70
C MET M 9 -39.36 71.26 -10.55
N ALA M 10 -38.26 71.86 -10.10
CA ALA M 10 -36.99 71.68 -10.80
C ALA M 10 -36.33 70.44 -10.25
N TYR M 11 -35.96 69.52 -11.14
CA TYR M 11 -35.34 68.25 -10.74
C TYR M 11 -33.93 68.12 -11.33
N VAL M 12 -32.93 68.16 -10.46
CA VAL M 12 -31.54 68.26 -10.90
C VAL M 12 -30.82 66.92 -10.90
N LEU M 13 -30.29 66.53 -12.06
CA LEU M 13 -29.51 65.31 -12.18
C LEU M 13 -28.06 65.61 -11.88
N ALA M 14 -27.58 65.18 -10.72
CA ALA M 14 -26.27 65.60 -10.25
C ALA M 14 -25.34 64.42 -10.04
N GLY M 15 -25.49 63.39 -10.87
CA GLY M 15 -24.65 62.22 -10.75
C GLY M 15 -23.41 62.23 -11.63
N GLY M 16 -23.24 63.30 -12.41
CA GLY M 16 -22.14 63.42 -13.36
C GLY M 16 -20.75 63.23 -12.79
N ARG M 17 -19.96 62.36 -13.41
CA ARG M 17 -18.67 61.99 -12.84
C ARG M 17 -17.57 62.98 -13.18
N GLY M 18 -17.70 63.67 -14.31
CA GLY M 18 -16.67 64.58 -14.78
C GLY M 18 -15.35 63.85 -14.98
N SER M 19 -15.39 62.79 -15.79
CA SER M 19 -14.29 61.85 -15.86
C SER M 19 -12.97 62.46 -16.32
N ARG M 20 -13.05 63.37 -17.29
CA ARG M 20 -11.84 63.94 -17.85
C ARG M 20 -11.24 65.03 -16.97
N LEU M 21 -11.89 65.32 -15.83
CA LEU M 21 -11.33 66.21 -14.81
C LEU M 21 -10.32 65.45 -13.96
N LYS M 22 -10.29 64.14 -14.14
CA LYS M 22 -9.29 63.29 -13.51
C LYS M 22 -9.30 63.45 -12.00
N GLU M 23 -8.13 63.69 -11.41
CA GLU M 23 -8.02 63.67 -9.96
C GLU M 23 -8.89 64.74 -9.27
N LEU M 24 -9.24 65.80 -10.00
CA LEU M 24 -10.14 66.82 -9.48
C LEU M 24 -11.45 66.25 -8.99
N THR M 25 -11.93 65.19 -9.64
CA THR M 25 -13.16 64.53 -9.23
C THR M 25 -12.95 63.10 -8.74
N ASP M 26 -11.79 62.84 -8.12
CA ASP M 26 -11.49 61.50 -7.62
C ASP M 26 -12.27 61.16 -6.33
N ARG M 27 -12.60 62.18 -5.54
CA ARG M 27 -13.45 61.96 -4.36
C ARG M 27 -14.63 62.94 -4.28
N ARG M 28 -15.05 63.45 -5.44
CA ARG M 28 -16.19 64.35 -5.49
C ARG M 28 -16.87 64.28 -6.85
N ALA M 29 -18.18 64.48 -6.88
CA ALA M 29 -18.91 64.52 -8.13
C ALA M 29 -18.62 65.83 -8.83
N LYS M 30 -18.76 65.86 -10.15
CA LYS M 30 -18.53 67.09 -10.89
C LYS M 30 -19.38 68.29 -10.39
N PRO M 31 -20.68 68.07 -10.08
CA PRO M 31 -21.44 69.25 -9.62
C PRO M 31 -20.92 69.87 -8.32
N ALA M 32 -20.06 69.16 -7.61
CA ALA M 32 -19.51 69.65 -6.35
C ALA M 32 -18.14 70.32 -6.55
N VAL M 33 -17.68 70.40 -7.78
CA VAL M 33 -16.39 71.01 -8.04
C VAL M 33 -16.54 72.53 -7.87
N TYR M 34 -15.55 73.15 -7.26
CA TYR M 34 -15.60 74.58 -6.97
C TYR M 34 -15.46 75.42 -8.22
N PHE M 35 -16.11 76.58 -8.22
CA PHE M 35 -15.99 77.48 -9.36
C PHE M 35 -16.15 78.93 -8.96
N GLY M 36 -15.35 79.80 -9.56
CA GLY M 36 -15.61 81.23 -9.49
C GLY M 36 -15.12 81.94 -8.25
N GLY M 37 -14.61 81.18 -7.29
CA GLY M 37 -14.09 81.78 -6.08
C GLY M 37 -14.88 81.46 -4.82
N LYS M 38 -16.17 81.19 -4.96
CA LYS M 38 -17.04 81.02 -3.79
C LYS M 38 -18.11 79.93 -3.94
N ALA M 39 -18.46 79.56 -5.17
CA ALA M 39 -19.54 78.61 -5.40
C ALA M 39 -19.06 77.26 -5.92
N ARG M 40 -20.00 76.34 -6.07
CA ARG M 40 -19.74 75.08 -6.73
C ARG M 40 -20.60 75.04 -7.99
N ILE M 41 -20.30 74.13 -8.90
CA ILE M 41 -20.95 74.12 -10.20
C ILE M 41 -22.47 73.98 -10.07
N ILE M 42 -22.94 73.08 -9.20
CA ILE M 42 -24.38 72.85 -9.06
C ILE M 42 -25.19 74.06 -8.58
N ASP M 43 -24.54 75.05 -7.96
CA ASP M 43 -25.24 76.23 -7.48
C ASP M 43 -25.89 77.04 -8.60
N PHE M 44 -25.38 76.91 -9.82
CA PHE M 44 -25.92 77.69 -10.92
C PHE M 44 -27.30 77.19 -11.32
N ALA M 45 -27.44 75.90 -11.58
CA ALA M 45 -28.76 75.33 -11.87
C ALA M 45 -29.73 75.61 -10.72
N LEU M 46 -29.28 75.46 -9.49
CA LEU M 46 -30.13 75.68 -8.33
C LEU M 46 -30.55 77.16 -8.22
N SER M 47 -29.63 78.07 -8.53
CA SER M 47 -29.94 79.49 -8.46
C SER M 47 -30.86 79.90 -9.62
N ASN M 48 -30.68 79.28 -10.78
CA ASN M 48 -31.61 79.44 -11.89
C ASN M 48 -33.04 79.06 -11.50
N ALA M 49 -33.19 77.90 -10.87
CA ALA M 49 -34.50 77.44 -10.41
C ALA M 49 -35.13 78.45 -9.46
N LEU M 50 -34.39 78.82 -8.43
CA LEU M 50 -34.83 79.79 -7.42
C LEU M 50 -35.23 81.14 -8.04
N ASN M 51 -34.31 81.73 -8.80
CA ASN M 51 -34.55 83.03 -9.42
C ASN M 51 -35.65 83.01 -10.47
N SER M 52 -35.93 81.84 -11.06
CA SER M 52 -37.03 81.72 -12.02
C SER M 52 -38.38 81.60 -11.35
N GLY M 53 -38.39 81.57 -10.02
CA GLY M 53 -39.64 81.39 -9.29
C GLY M 53 -40.04 79.94 -9.01
N ILE M 54 -39.14 78.99 -9.20
CA ILE M 54 -39.47 77.60 -8.90
C ILE M 54 -39.18 77.33 -7.41
N ARG M 55 -40.19 76.84 -6.68
CA ARG M 55 -40.09 76.70 -5.23
C ARG M 55 -39.67 75.30 -4.79
N ARG M 56 -39.92 74.30 -5.65
CA ARG M 56 -39.63 72.91 -5.31
C ARG M 56 -38.46 72.39 -6.13
N ILE M 57 -37.43 71.91 -5.45
CA ILE M 57 -36.24 71.40 -6.09
C ILE M 57 -35.91 69.99 -5.56
N GLY M 58 -35.62 69.08 -6.47
CA GLY M 58 -35.10 67.77 -6.12
C GLY M 58 -33.70 67.62 -6.69
N VAL M 59 -32.82 66.91 -5.98
CA VAL M 59 -31.47 66.67 -6.49
C VAL M 59 -31.13 65.20 -6.40
N ALA M 60 -30.98 64.54 -7.54
CA ALA M 60 -30.60 63.13 -7.54
C ALA M 60 -29.09 63.03 -7.70
N THR M 61 -28.45 62.32 -6.78
CA THR M 61 -27.01 62.18 -6.83
C THR M 61 -26.65 60.72 -7.03
N GLN M 62 -25.42 60.49 -7.48
CA GLN M 62 -24.95 59.13 -7.77
C GLN M 62 -23.63 58.86 -7.05
N TYR M 63 -22.52 59.04 -7.77
CA TYR M 63 -21.22 58.63 -7.25
C TYR M 63 -20.49 59.75 -6.52
N LYS M 64 -19.71 59.37 -5.50
CA LYS M 64 -18.87 60.29 -4.75
C LYS M 64 -19.64 61.51 -4.25
N ALA M 65 -20.83 61.25 -3.72
CA ALA M 65 -21.80 62.30 -3.43
C ALA M 65 -21.62 62.95 -2.06
N HIS M 66 -20.67 62.46 -1.27
CA HIS M 66 -20.51 62.92 0.12
C HIS M 66 -20.49 64.44 0.30
N SER M 67 -19.53 65.10 -0.32
CA SER M 67 -19.37 66.52 -0.08
C SER M 67 -20.40 67.33 -0.84
N LEU M 68 -20.88 66.79 -1.97
CA LEU M 68 -22.00 67.42 -2.68
C LEU M 68 -23.22 67.47 -1.76
N ILE M 69 -23.47 66.38 -1.06
CA ILE M 69 -24.64 66.32 -0.19
C ILE M 69 -24.47 67.25 1.01
N ARG M 70 -23.27 67.32 1.57
CA ARG M 70 -23.01 68.21 2.69
C ARG M 70 -23.12 69.67 2.27
N HIS M 71 -22.67 69.97 1.07
CA HIS M 71 -22.84 71.32 0.51
C HIS M 71 -24.33 71.68 0.41
N LEU M 72 -25.15 70.76 -0.09
CA LEU M 72 -26.58 71.01 -0.20
C LEU M 72 -27.21 71.18 1.18
N GLN M 73 -26.85 70.33 2.13
CA GLN M 73 -27.39 70.43 3.49
C GLN M 73 -27.05 71.77 4.17
N ARG M 74 -25.84 72.29 3.94
CA ARG M 74 -25.40 73.53 4.57
C ARG M 74 -25.87 74.78 3.83
N GLY M 75 -25.86 74.73 2.50
CA GLY M 75 -26.18 75.91 1.72
C GLY M 75 -27.64 76.07 1.33
N TRP M 76 -28.32 74.96 1.06
CA TRP M 76 -29.66 75.04 0.48
C TRP M 76 -30.72 74.58 1.49
N ASP M 77 -30.73 75.27 2.62
CA ASP M 77 -31.41 74.81 3.82
C ASP M 77 -32.58 75.71 4.23
N PHE M 78 -32.94 76.66 3.38
CA PHE M 78 -33.89 77.70 3.76
C PHE M 78 -35.28 77.51 3.19
N PHE M 79 -35.56 76.31 2.68
CA PHE M 79 -36.88 76.00 2.10
C PHE M 79 -37.82 75.40 3.15
N ARG M 80 -39.03 75.93 3.27
CA ARG M 80 -40.01 75.43 4.24
C ARG M 80 -41.28 74.93 3.57
N PRO M 81 -41.62 73.66 3.77
CA PRO M 81 -42.79 73.04 3.17
C PRO M 81 -44.11 73.77 3.44
N GLU M 82 -44.23 74.49 4.56
CA GLU M 82 -45.49 75.16 4.81
C GLU M 82 -45.61 76.44 3.98
N ARG M 83 -44.52 76.86 3.35
CA ARG M 83 -44.58 77.95 2.39
C ARG M 83 -44.63 77.43 0.95
N ASN M 84 -44.88 76.15 0.81
CA ASN M 84 -44.91 75.45 -0.49
C ASN M 84 -43.57 75.45 -1.21
N GLU M 85 -42.50 75.48 -0.43
CA GLU M 85 -41.15 75.31 -0.90
C GLU M 85 -40.68 73.93 -0.47
N SER M 86 -39.78 73.32 -1.23
CA SER M 86 -39.18 72.08 -0.78
C SER M 86 -37.83 71.92 -1.44
N PHE M 87 -36.94 71.22 -0.76
CA PHE M 87 -35.64 70.90 -1.30
C PHE M 87 -35.29 69.48 -0.86
N ASP M 88 -35.41 68.54 -1.78
CA ASP M 88 -35.18 67.13 -1.47
C ASP M 88 -33.85 66.63 -2.03
N ILE M 89 -33.00 66.11 -1.16
CA ILE M 89 -31.74 65.50 -1.55
C ILE M 89 -31.93 64.01 -1.66
N LEU M 90 -31.68 63.45 -2.84
CA LEU M 90 -32.14 62.08 -3.15
C LEU M 90 -31.02 61.16 -3.62
N PRO M 91 -30.22 60.65 -2.67
CA PRO M 91 -29.03 59.86 -3.00
C PRO M 91 -29.40 58.48 -3.44
N ALA M 92 -28.63 57.92 -4.35
CA ALA M 92 -28.81 56.54 -4.76
C ALA M 92 -28.64 55.61 -3.55
N ARG M 95 -31.58 58.17 0.62
CA ARG M 95 -30.67 58.12 1.76
C ARG M 95 -29.19 58.26 1.40
N THR M 99 -25.20 47.54 -4.97
CA THR M 99 -26.52 46.96 -5.17
C THR M 99 -27.62 48.02 -4.99
N GLN M 100 -27.22 49.29 -4.98
CA GLN M 100 -28.17 50.40 -4.83
C GLN M 100 -27.57 51.69 -5.40
N TRP M 101 -27.49 51.74 -6.73
CA TRP M 101 -27.27 52.96 -7.47
C TRP M 101 -28.48 53.19 -8.38
N TYR M 102 -28.58 54.36 -8.98
CA TYR M 102 -29.59 54.55 -10.02
C TYR M 102 -29.12 53.81 -11.26
N GLU M 103 -30.06 53.29 -12.05
CA GLU M 103 -29.73 52.58 -13.28
C GLU M 103 -29.52 53.54 -14.42
N GLY M 104 -29.79 54.82 -14.17
CA GLY M 104 -29.62 55.84 -15.16
C GLY M 104 -30.43 57.07 -14.78
N THR M 105 -30.35 58.12 -15.59
CA THR M 105 -30.99 59.38 -15.25
C THR M 105 -32.51 59.25 -15.16
N ALA M 106 -33.12 58.49 -16.06
CA ALA M 106 -34.56 58.34 -16.04
C ALA M 106 -34.97 57.54 -14.81
N ASP M 107 -34.15 56.57 -14.43
CA ASP M 107 -34.37 55.80 -13.22
C ASP M 107 -34.33 56.72 -12.00
N ALA M 108 -33.43 57.69 -12.04
CA ALA M 108 -33.30 58.68 -10.98
C ALA M 108 -34.62 59.39 -10.67
N VAL M 109 -35.48 59.54 -11.67
CA VAL M 109 -36.76 60.15 -11.42
C VAL M 109 -37.74 59.04 -11.03
N TYR M 110 -37.71 57.95 -11.79
CA TYR M 110 -38.63 56.83 -11.56
C TYR M 110 -38.60 56.35 -10.12
N GLN M 111 -37.41 56.22 -9.55
CA GLN M 111 -37.27 55.72 -8.19
C GLN M 111 -37.86 56.68 -7.17
N ASN M 112 -38.00 57.94 -7.56
CA ASN M 112 -38.41 58.97 -6.62
C ASN M 112 -39.79 59.54 -6.92
N ILE M 113 -40.59 58.78 -7.67
CA ILE M 113 -41.96 59.20 -7.96
C ILE M 113 -42.75 59.39 -6.68
N ASP M 114 -42.48 58.54 -5.68
CA ASP M 114 -43.18 58.63 -4.40
C ASP M 114 -42.85 59.91 -3.63
N ILE M 115 -41.68 60.49 -3.90
CA ILE M 115 -41.32 61.79 -3.34
C ILE M 115 -42.00 62.91 -4.12
N ILE M 116 -42.00 62.78 -5.44
CA ILE M 116 -42.51 63.81 -6.32
C ILE M 116 -44.01 64.04 -6.20
N GLU M 117 -44.80 62.98 -6.27
CA GLU M 117 -46.23 63.19 -6.47
C GLU M 117 -47.06 63.66 -5.26
N PRO M 118 -46.55 63.53 -4.00
CA PRO M 118 -47.29 64.29 -2.98
C PRO M 118 -47.29 65.79 -3.25
N TYR M 119 -46.21 66.28 -3.87
CA TYR M 119 -46.11 67.69 -4.22
C TYR M 119 -47.04 68.03 -5.38
N ALA M 120 -47.36 67.00 -6.17
CA ALA M 120 -48.23 67.12 -7.34
C ALA M 120 -47.96 68.35 -8.22
N PRO M 121 -46.70 68.54 -8.65
CA PRO M 121 -46.45 69.69 -9.53
C PRO M 121 -47.06 69.48 -10.90
N GLU M 122 -47.48 70.56 -11.57
CA GLU M 122 -48.02 70.44 -12.91
C GLU M 122 -46.91 70.23 -13.94
N TYR M 123 -45.75 70.86 -13.71
CA TYR M 123 -44.63 70.77 -14.65
C TYR M 123 -43.36 70.29 -13.97
N MET M 124 -42.57 69.52 -14.72
CA MET M 124 -41.24 69.09 -14.28
C MET M 124 -40.19 69.73 -15.15
N VAL M 125 -39.23 70.41 -14.51
CA VAL M 125 -38.10 70.98 -15.21
C VAL M 125 -36.87 70.17 -14.86
N ILE M 126 -36.45 69.30 -15.79
CA ILE M 126 -35.29 68.45 -15.58
C ILE M 126 -34.02 69.21 -15.95
N LEU M 127 -33.07 69.25 -15.02
CA LEU M 127 -31.86 70.05 -15.19
C LEU M 127 -30.59 69.21 -15.11
N ALA M 128 -29.60 69.57 -15.90
CA ALA M 128 -28.27 68.98 -15.76
C ALA M 128 -27.55 69.79 -14.67
N GLY M 129 -27.05 69.12 -13.65
CA GLY M 129 -26.42 69.82 -12.54
C GLY M 129 -24.94 70.13 -12.66
N ASP M 130 -24.36 69.93 -13.85
CA ASP M 130 -22.91 70.09 -14.01
C ASP M 130 -22.51 71.10 -15.10
N HIS M 131 -23.38 72.06 -15.38
CA HIS M 131 -23.08 73.15 -16.31
C HIS M 131 -23.10 74.51 -15.60
N ILE M 132 -22.37 75.48 -16.14
CA ILE M 132 -22.38 76.84 -15.62
C ILE M 132 -23.10 77.78 -16.58
N TYR M 133 -24.27 78.26 -16.17
CA TYR M 133 -25.09 79.10 -17.03
C TYR M 133 -26.16 79.80 -16.22
N LYS M 134 -26.70 80.89 -16.77
CA LYS M 134 -27.84 81.58 -16.18
C LYS M 134 -28.99 81.57 -17.15
N MET M 135 -30.16 81.19 -16.66
CA MET M 135 -31.34 80.96 -17.49
C MET M 135 -32.61 81.19 -16.68
N ASP M 136 -33.61 81.81 -17.30
CA ASP M 136 -34.91 81.99 -16.67
C ASP M 136 -35.86 80.94 -17.24
N TYR M 137 -36.18 79.93 -16.42
CA TYR M 137 -36.95 78.79 -16.88
C TYR M 137 -38.41 79.11 -17.16
N GLU M 138 -38.87 80.30 -16.76
CA GLU M 138 -40.26 80.67 -16.99
C GLU M 138 -40.52 80.77 -18.49
N TYR M 139 -39.53 81.21 -19.26
CA TYR M 139 -39.65 81.24 -20.72
C TYR M 139 -39.90 79.86 -21.29
N MET M 140 -39.12 78.90 -20.83
CA MET M 140 -39.22 77.54 -21.35
C MET M 140 -40.54 76.89 -20.96
N LEU M 141 -41.02 77.15 -19.75
CA LEU M 141 -42.31 76.64 -19.32
C LEU M 141 -43.44 77.19 -20.19
N GLN M 142 -43.38 78.48 -20.48
CA GLN M 142 -44.40 79.13 -21.28
C GLN M 142 -44.43 78.59 -22.70
N GLN M 143 -43.26 78.46 -23.33
CA GLN M 143 -43.21 77.86 -24.66
C GLN M 143 -43.80 76.47 -24.64
N HIS M 144 -43.44 75.68 -23.62
CA HIS M 144 -43.89 74.31 -23.50
C HIS M 144 -45.41 74.17 -23.55
N VAL M 145 -46.10 74.86 -22.64
CA VAL M 145 -47.55 74.74 -22.59
C VAL M 145 -48.19 75.35 -23.84
N ASP M 146 -47.69 76.48 -24.30
CA ASP M 146 -48.30 77.17 -25.46
C ASP M 146 -48.04 76.43 -26.76
N SER M 147 -47.03 75.56 -26.77
CA SER M 147 -46.68 74.83 -27.98
C SER M 147 -47.29 73.43 -27.99
N GLY M 148 -47.85 73.02 -26.87
CA GLY M 148 -48.48 71.72 -26.74
C GLY M 148 -47.55 70.52 -26.85
N ALA M 149 -46.25 70.79 -26.78
CA ALA M 149 -45.24 69.75 -26.93
C ALA M 149 -45.39 68.69 -25.85
N ASP M 150 -44.93 67.48 -26.15
CA ASP M 150 -44.75 66.47 -25.10
C ASP M 150 -43.54 66.88 -24.26
N VAL M 151 -42.44 67.22 -24.92
CA VAL M 151 -41.23 67.67 -24.24
C VAL M 151 -40.64 68.90 -24.95
N THR M 152 -40.12 69.83 -24.15
CA THR M 152 -39.38 70.96 -24.68
C THR M 152 -37.93 70.79 -24.23
N ILE M 153 -36.99 70.92 -25.15
CA ILE M 153 -35.60 70.58 -24.84
C ILE M 153 -34.72 71.80 -25.03
N GLY M 154 -33.93 72.12 -24.00
CA GLY M 154 -33.06 73.27 -24.06
C GLY M 154 -31.86 72.96 -24.93
N CYS M 155 -31.62 73.86 -25.88
CA CYS M 155 -30.59 73.65 -26.88
C CYS M 155 -29.74 74.90 -27.06
N LEU M 156 -28.43 74.69 -27.17
CA LEU M 156 -27.50 75.76 -27.54
C LEU M 156 -27.42 75.87 -29.05
N GLU M 157 -27.34 77.09 -29.55
CA GLU M 157 -27.12 77.32 -30.98
C GLU M 157 -25.63 77.51 -31.23
N VAL M 158 -24.96 76.47 -31.73
CA VAL M 158 -23.50 76.52 -31.91
C VAL M 158 -23.09 76.23 -33.36
N PRO M 159 -21.89 76.70 -33.77
CA PRO M 159 -21.35 76.35 -35.08
C PRO M 159 -21.30 74.84 -35.26
N ARG M 160 -21.59 74.35 -36.47
CA ARG M 160 -21.60 72.92 -36.71
C ARG M 160 -20.35 72.21 -36.20
N MET M 161 -19.19 72.83 -36.40
CA MET M 161 -17.92 72.23 -35.99
C MET M 161 -17.85 71.97 -34.47
N GLU M 162 -18.52 72.79 -33.67
CA GLU M 162 -18.48 72.62 -32.22
C GLU M 162 -19.57 71.65 -31.76
N ALA M 163 -20.58 71.46 -32.60
CA ALA M 163 -21.71 70.60 -32.24
C ALA M 163 -21.31 69.13 -32.20
N THR M 164 -20.19 68.79 -32.81
CA THR M 164 -19.81 67.40 -33.01
C THR M 164 -19.57 66.65 -31.70
N GLY M 165 -19.39 67.38 -30.60
CA GLY M 165 -19.17 66.76 -29.31
C GLY M 165 -20.39 66.76 -28.42
N PHE M 166 -21.54 67.12 -28.98
CA PHE M 166 -22.79 67.21 -28.25
C PHE M 166 -23.79 66.16 -28.73
N GLY M 167 -24.90 66.04 -28.01
CA GLY M 167 -26.08 65.41 -28.54
C GLY M 167 -26.82 66.47 -29.34
N VAL M 168 -27.04 66.22 -30.63
CA VAL M 168 -27.57 67.25 -31.52
C VAL M 168 -29.01 66.96 -31.92
N MET M 169 -29.86 67.99 -31.83
CA MET M 169 -31.25 67.84 -32.21
C MET M 169 -31.42 68.22 -33.65
N HIS M 170 -32.00 67.30 -34.43
CA HIS M 170 -32.34 67.61 -35.81
C HIS M 170 -33.76 68.16 -35.84
N VAL M 171 -33.89 69.39 -36.31
CA VAL M 171 -35.09 70.19 -36.17
C VAL M 171 -35.58 70.71 -37.53
N ASN M 172 -36.87 71.03 -37.64
CA ASN M 172 -37.36 71.62 -38.89
C ASN M 172 -37.49 73.14 -38.81
N GLU M 173 -38.43 73.68 -39.57
CA GLU M 173 -38.59 75.12 -39.67
C GLU M 173 -39.47 75.63 -38.54
N LYS M 174 -40.08 74.70 -37.83
CA LYS M 174 -40.95 75.03 -36.70
C LYS M 174 -40.27 74.66 -35.38
N ASP M 175 -38.98 74.38 -35.47
CA ASP M 175 -38.17 73.95 -34.34
C ASP M 175 -38.76 72.72 -33.65
N GLU M 176 -39.46 71.90 -34.41
CA GLU M 176 -39.87 70.60 -33.93
C GLU M 176 -38.74 69.62 -34.22
N ILE M 177 -38.51 68.68 -33.32
CA ILE M 177 -37.37 67.80 -33.43
C ILE M 177 -37.68 66.51 -34.20
N ILE M 178 -36.93 66.24 -35.26
CA ILE M 178 -37.18 65.05 -36.09
C ILE M 178 -36.21 63.91 -35.80
N ASP M 179 -34.98 64.25 -35.41
CA ASP M 179 -34.01 63.22 -35.04
C ASP M 179 -33.06 63.77 -33.99
N PHE M 180 -32.45 62.87 -33.25
CA PHE M 180 -31.46 63.24 -32.26
C PHE M 180 -30.25 62.35 -32.42
N ILE M 181 -29.09 62.96 -32.62
CA ILE M 181 -27.90 62.19 -32.89
C ILE M 181 -26.82 62.44 -31.85
N GLU M 182 -26.31 61.37 -31.27
CA GLU M 182 -25.31 61.49 -30.22
C GLU M 182 -23.90 61.66 -30.84
N LYS M 183 -23.31 62.83 -30.64
CA LYS M 183 -21.99 63.17 -31.17
C LYS M 183 -21.84 62.81 -32.66
N PRO M 184 -22.64 63.45 -33.53
CA PRO M 184 -22.48 63.16 -34.96
C PRO M 184 -21.20 63.79 -35.48
N ALA M 185 -20.59 63.21 -36.51
CA ALA M 185 -19.34 63.77 -37.04
C ALA M 185 -19.62 64.92 -38.01
N ASP M 186 -20.80 64.89 -38.62
CA ASP M 186 -21.23 65.95 -39.53
C ASP M 186 -22.63 66.39 -39.10
N PRO M 187 -22.71 67.33 -38.14
CA PRO M 187 -23.96 67.69 -37.46
C PRO M 187 -25.01 68.27 -38.39
N PRO M 188 -26.24 67.76 -38.29
CA PRO M 188 -27.39 68.32 -39.03
C PRO M 188 -27.57 69.77 -38.65
N GLY M 189 -27.67 70.65 -39.63
CA GLY M 189 -27.79 72.07 -39.36
C GLY M 189 -29.22 72.54 -39.25
N ILE M 190 -29.38 73.77 -38.75
CA ILE M 190 -30.69 74.38 -38.62
C ILE M 190 -31.18 74.86 -39.99
N PRO M 191 -32.33 74.34 -40.44
CA PRO M 191 -32.93 74.71 -41.73
C PRO M 191 -32.96 76.21 -41.97
N GLY M 192 -32.28 76.66 -43.02
CA GLY M 192 -32.30 78.06 -43.37
C GLY M 192 -31.22 78.86 -42.69
N ASN M 193 -30.60 78.26 -41.67
CA ASN M 193 -29.41 78.82 -41.07
C ASN M 193 -28.36 77.75 -40.90
N GLU M 194 -27.97 77.13 -42.02
CA GLU M 194 -26.92 76.13 -42.02
C GLU M 194 -25.65 76.74 -41.47
N GLY M 195 -24.75 75.91 -40.96
CA GLY M 195 -23.55 76.43 -40.33
C GLY M 195 -23.67 76.48 -38.81
N PHE M 196 -24.90 76.39 -38.32
CA PHE M 196 -25.14 76.22 -36.89
C PHE M 196 -25.94 74.96 -36.63
N ALA M 197 -25.81 74.40 -35.44
CA ALA M 197 -26.60 73.24 -35.07
C ALA M 197 -27.22 73.48 -33.71
N LEU M 198 -28.16 72.64 -33.33
CA LEU M 198 -28.79 72.74 -32.03
C LEU M 198 -28.29 71.63 -31.12
N ALA M 199 -27.48 72.01 -30.14
CA ALA M 199 -26.89 71.06 -29.21
C ALA M 199 -27.67 71.02 -27.89
N SER M 200 -28.00 69.82 -27.42
CA SER M 200 -28.80 69.65 -26.21
C SER M 200 -28.07 70.12 -24.96
N MET M 201 -28.80 70.82 -24.09
CA MET M 201 -28.26 71.25 -22.81
CA MET M 201 -28.23 71.24 -22.82
C MET M 201 -28.56 70.25 -21.70
N GLY M 202 -29.34 69.22 -22.01
CA GLY M 202 -29.74 68.25 -21.01
C GLY M 202 -30.76 68.86 -20.07
N ILE M 203 -31.56 69.76 -20.61
CA ILE M 203 -32.66 70.40 -19.90
C ILE M 203 -33.96 69.98 -20.57
N TYR M 204 -34.88 69.41 -19.80
CA TYR M 204 -36.11 68.87 -20.39
C TYR M 204 -37.33 69.27 -19.58
N VAL M 205 -38.28 69.91 -20.23
CA VAL M 205 -39.52 70.29 -19.57
C VAL M 205 -40.67 69.38 -19.98
N PHE M 206 -41.40 68.91 -18.97
CA PHE M 206 -42.52 68.00 -19.15
C PHE M 206 -43.75 68.50 -18.37
N HIS M 207 -44.93 68.10 -18.85
CA HIS M 207 -46.12 67.98 -18.03
C HIS M 207 -45.86 66.79 -17.12
N THR M 208 -46.08 66.95 -15.83
CA THR M 208 -45.66 65.94 -14.86
C THR M 208 -46.29 64.58 -15.12
N LYS M 209 -47.58 64.57 -15.47
CA LYS M 209 -48.30 63.32 -15.72
C LYS M 209 -47.71 62.57 -16.91
N PHE M 210 -47.41 63.29 -17.98
CA PHE M 210 -46.74 62.71 -19.13
C PHE M 210 -45.45 62.03 -18.72
N LEU M 211 -44.58 62.79 -18.07
CA LEU M 211 -43.28 62.30 -17.63
C LEU M 211 -43.38 61.05 -16.76
N MET M 212 -44.37 61.03 -15.88
CA MET M 212 -44.49 59.94 -14.92
C MET M 212 -44.76 58.61 -15.62
N GLU M 213 -45.66 58.61 -16.61
CA GLU M 213 -45.91 57.39 -17.36
C GLU M 213 -44.69 57.02 -18.17
N ALA M 214 -44.11 58.02 -18.83
CA ALA M 214 -42.91 57.83 -19.65
C ALA M 214 -41.87 57.01 -18.92
N LEU M 215 -41.63 57.37 -17.66
CA LEU M 215 -40.64 56.68 -16.84
C LEU M 215 -41.06 55.30 -16.39
N ARG M 216 -42.34 55.14 -16.07
CA ARG M 216 -42.86 53.83 -15.70
C ARG M 216 -42.76 52.91 -16.91
N ARG M 217 -43.01 53.48 -18.10
CA ARG M 217 -42.88 52.74 -19.35
C ARG M 217 -41.43 52.34 -19.59
N ASP M 218 -40.53 53.29 -19.41
CA ASP M 218 -39.09 53.05 -19.57
C ASP M 218 -38.59 52.04 -18.56
N ALA M 219 -39.14 52.09 -17.35
CA ALA M 219 -38.77 51.15 -16.31
C ALA M 219 -39.21 49.74 -16.67
N ALA M 220 -40.28 49.65 -17.45
CA ALA M 220 -40.84 48.37 -17.84
C ALA M 220 -40.05 47.70 -18.97
N ASP M 221 -39.52 48.52 -19.89
CA ASP M 221 -38.68 48.04 -20.98
C ASP M 221 -37.33 47.54 -20.48
N PRO M 222 -37.08 46.22 -20.60
CA PRO M 222 -35.87 45.58 -20.10
C PRO M 222 -34.66 45.79 -21.02
N THR M 223 -34.90 46.35 -22.20
CA THR M 223 -33.80 46.69 -23.10
C THR M 223 -33.33 48.14 -22.92
N SER M 224 -34.00 48.89 -22.06
CA SER M 224 -33.65 50.30 -21.87
C SER M 224 -32.41 50.51 -21.02
N SER M 225 -31.63 51.53 -21.37
CA SER M 225 -30.47 51.90 -20.56
C SER M 225 -30.89 52.84 -19.44
N ARG M 226 -32.18 53.18 -19.44
CA ARG M 226 -32.81 53.96 -18.37
C ARG M 226 -32.30 55.41 -18.30
N ASP M 227 -32.01 56.02 -19.45
CA ASP M 227 -31.53 57.40 -19.50
C ASP M 227 -32.41 58.32 -20.34
N PHE M 228 -32.45 59.58 -19.96
CA PHE M 228 -33.21 60.57 -20.72
C PHE M 228 -32.66 60.69 -22.13
N GLY M 229 -31.36 60.93 -22.23
CA GLY M 229 -30.73 61.23 -23.50
C GLY M 229 -30.80 60.11 -24.54
N LYS M 230 -30.63 58.88 -24.08
CA LYS M 230 -30.54 57.74 -24.98
C LYS M 230 -31.87 56.98 -25.11
N ASP M 231 -32.67 56.97 -24.05
CA ASP M 231 -33.90 56.19 -24.07
C ASP M 231 -35.19 57.02 -24.13
N ILE M 232 -35.40 57.90 -23.15
CA ILE M 232 -36.69 58.55 -23.08
C ILE M 232 -36.87 59.60 -24.17
N ILE M 233 -35.89 60.47 -24.35
CA ILE M 233 -36.03 61.53 -25.33
C ILE M 233 -36.16 61.01 -26.76
N PRO M 234 -35.31 60.04 -27.18
CA PRO M 234 -35.44 59.59 -28.57
C PRO M 234 -36.83 59.04 -28.89
N TYR M 235 -37.40 58.29 -27.95
CA TYR M 235 -38.75 57.75 -28.13
C TYR M 235 -39.70 58.88 -28.50
N ILE M 236 -39.81 59.88 -27.64
CA ILE M 236 -40.70 61.01 -27.89
C ILE M 236 -40.38 61.73 -29.21
N VAL M 237 -39.10 61.82 -29.57
CA VAL M 237 -38.72 62.45 -30.84
C VAL M 237 -39.39 61.70 -32.00
N GLU M 238 -39.36 60.37 -31.93
CA GLU M 238 -39.86 59.53 -33.02
C GLU M 238 -41.34 59.14 -32.86
N HIS M 239 -41.81 59.05 -31.62
CA HIS M 239 -43.17 58.54 -31.39
C HIS M 239 -44.07 59.55 -30.68
N GLY M 240 -43.54 60.73 -30.40
CA GLY M 240 -44.34 61.77 -29.75
C GLY M 240 -44.05 63.13 -30.35
N LYS M 241 -44.27 64.20 -29.58
CA LYS M 241 -43.96 65.54 -30.06
C LYS M 241 -42.88 66.26 -29.24
N ALA M 242 -41.70 66.42 -29.84
CA ALA M 242 -40.56 67.05 -29.17
C ALA M 242 -40.21 68.38 -29.81
N VAL M 243 -39.98 69.39 -28.98
CA VAL M 243 -39.72 70.75 -29.48
C VAL M 243 -38.47 71.36 -28.83
N ALA M 244 -37.71 72.12 -29.61
CA ALA M 244 -36.49 72.76 -29.11
C ALA M 244 -36.74 74.17 -28.55
N HIS M 245 -36.08 74.50 -27.44
CA HIS M 245 -36.06 75.87 -26.94
C HIS M 245 -34.65 76.40 -27.05
N ARG M 246 -34.48 77.56 -27.64
CA ARG M 246 -33.13 78.07 -27.88
C ARG M 246 -32.65 78.86 -26.68
N PHE M 247 -31.44 78.54 -26.23
CA PHE M 247 -30.86 79.17 -25.05
C PHE M 247 -30.93 80.68 -25.10
N ALA M 248 -30.66 81.25 -26.28
CA ALA M 248 -30.61 82.71 -26.43
C ALA M 248 -31.91 83.39 -26.02
N ASP M 249 -32.99 82.64 -26.08
CA ASP M 249 -34.31 83.18 -25.75
C ASP M 249 -34.54 83.32 -24.24
N SER M 250 -33.81 82.54 -23.44
CA SER M 250 -34.03 82.43 -21.99
C SER M 250 -32.84 82.88 -21.18
N CYS M 251 -31.68 82.87 -21.81
CA CYS M 251 -30.44 83.17 -21.14
C CYS M 251 -30.52 84.52 -20.47
N VAL M 252 -30.04 84.57 -19.24
CA VAL M 252 -30.03 85.81 -18.49
C VAL M 252 -28.65 86.43 -18.61
N ARG M 253 -28.43 87.25 -19.62
CA ARG M 253 -27.10 87.80 -19.79
C ARG M 253 -27.07 89.25 -19.32
N SER M 254 -26.12 89.51 -18.43
CA SER M 254 -25.86 90.85 -17.90
C SER M 254 -25.56 91.80 -19.05
N ASP M 255 -25.67 93.11 -18.83
CA ASP M 255 -25.35 94.05 -19.89
C ASP M 255 -23.86 94.06 -20.17
N PHE M 256 -23.13 93.36 -19.29
CA PHE M 256 -21.69 93.29 -19.35
C PHE M 256 -21.19 91.90 -19.74
N GLU M 257 -22.10 91.10 -20.30
CA GLU M 257 -21.73 89.83 -20.95
C GLU M 257 -21.98 89.92 -22.44
N HIS M 258 -20.93 89.72 -23.24
CA HIS M 258 -20.99 90.05 -24.67
C HIS M 258 -21.72 89.00 -25.50
N GLU M 259 -22.24 87.97 -24.83
CA GLU M 259 -22.95 86.86 -25.48
C GLU M 259 -23.51 85.92 -24.42
N PRO M 260 -24.46 85.06 -24.78
CA PRO M 260 -24.97 84.07 -23.82
C PRO M 260 -23.86 83.19 -23.22
N TYR M 261 -23.80 83.11 -21.90
CA TYR M 261 -22.75 82.32 -21.24
C TYR M 261 -23.21 80.94 -20.87
N TRP M 262 -22.51 79.93 -21.34
CA TRP M 262 -22.75 78.56 -20.93
C TRP M 262 -21.41 77.85 -21.02
N ARG M 263 -21.03 77.10 -19.97
CA ARG M 263 -19.77 76.35 -19.95
C ARG M 263 -19.94 74.99 -19.26
N ASP M 264 -19.31 73.98 -19.85
CA ASP M 264 -19.42 72.61 -19.40
C ASP M 264 -18.28 72.22 -18.46
N VAL M 265 -17.21 73.02 -18.50
CA VAL M 265 -15.90 72.71 -17.89
C VAL M 265 -15.59 71.22 -17.75
N GLY M 266 -15.60 70.51 -18.88
CA GLY M 266 -15.44 69.08 -18.87
C GLY M 266 -14.03 68.52 -18.75
N THR M 267 -13.05 69.32 -19.17
CA THR M 267 -11.63 68.95 -19.13
C THR M 267 -10.87 69.91 -18.19
N ILE M 268 -9.63 69.58 -17.87
CA ILE M 268 -8.83 70.43 -17.00
C ILE M 268 -8.54 71.79 -17.65
N ASP M 269 -8.35 71.81 -18.96
CA ASP M 269 -8.05 73.04 -19.68
C ASP M 269 -9.22 74.03 -19.68
N ALA M 270 -10.44 73.53 -19.86
CA ALA M 270 -11.57 74.45 -19.90
C ALA M 270 -11.98 74.83 -18.48
N TYR M 271 -11.80 73.93 -17.52
CA TYR M 271 -11.96 74.28 -16.10
C TYR M 271 -11.02 75.42 -15.73
N TRP M 272 -9.72 75.21 -15.94
CA TRP M 272 -8.73 76.24 -15.66
C TRP M 272 -9.11 77.51 -16.42
N GLN M 273 -9.46 77.36 -17.70
CA GLN M 273 -9.72 78.52 -18.54
C GLN M 273 -10.91 79.35 -18.07
N ALA M 274 -12.02 78.68 -17.73
CA ALA M 274 -13.24 79.38 -17.34
C ALA M 274 -13.01 80.18 -16.07
N ASN M 275 -12.26 79.59 -15.15
CA ASN M 275 -11.90 80.29 -13.92
C ASN M 275 -10.92 81.43 -14.15
N ILE M 276 -9.83 81.19 -14.87
CA ILE M 276 -8.83 82.24 -15.04
C ILE M 276 -9.44 83.44 -15.81
N ASP M 277 -10.40 83.16 -16.68
CA ASP M 277 -11.04 84.21 -17.48
C ASP M 277 -11.76 85.21 -16.59
N LEU M 278 -12.13 84.79 -15.38
CA LEU M 278 -12.77 85.69 -14.43
C LEU M 278 -11.79 86.79 -13.96
N THR M 279 -10.51 86.63 -14.26
CA THR M 279 -9.53 87.65 -13.92
C THR M 279 -9.46 88.76 -15.00
N ASP M 280 -10.15 88.57 -16.13
CA ASP M 280 -10.15 89.59 -17.21
C ASP M 280 -10.66 90.95 -16.76
N VAL M 281 -10.29 91.99 -17.50
CA VAL M 281 -10.85 93.32 -17.25
C VAL M 281 -12.34 93.32 -17.58
N VAL M 282 -12.69 92.63 -18.66
CA VAL M 282 -14.08 92.44 -19.07
C VAL M 282 -14.36 90.95 -19.21
N PRO M 283 -14.71 90.28 -18.09
CA PRO M 283 -14.88 88.82 -18.17
C PRO M 283 -16.13 88.42 -18.96
N ASP M 284 -16.12 87.22 -19.55
CA ASP M 284 -17.30 86.66 -20.21
C ASP M 284 -18.47 86.57 -19.24
N LEU M 285 -18.18 86.14 -18.01
CA LEU M 285 -19.20 85.96 -16.98
C LEU M 285 -19.18 87.13 -16.01
N ASP M 286 -20.32 87.79 -15.86
CA ASP M 286 -20.45 88.93 -14.97
C ASP M 286 -20.92 88.47 -13.60
N ILE M 287 -19.98 88.22 -12.69
CA ILE M 287 -20.35 87.67 -11.40
C ILE M 287 -20.87 88.75 -10.46
N TYR M 288 -20.85 90.00 -10.94
CA TYR M 288 -21.35 91.13 -10.17
C TYR M 288 -22.75 91.56 -10.61
N ASP M 289 -23.45 90.67 -11.30
CA ASP M 289 -24.80 90.98 -11.76
C ASP M 289 -25.84 90.60 -10.70
N LYS M 290 -26.21 91.56 -9.84
CA LYS M 290 -27.09 91.30 -8.72
C LYS M 290 -28.53 91.03 -9.13
N SER M 291 -28.83 91.16 -10.42
CA SER M 291 -30.20 90.95 -10.87
C SER M 291 -30.51 89.46 -10.97
N TRP M 292 -29.50 88.64 -11.21
CA TRP M 292 -29.70 87.19 -11.24
C TRP M 292 -28.64 86.48 -10.37
N PRO M 293 -28.77 86.62 -9.05
CA PRO M 293 -27.70 86.25 -8.13
C PRO M 293 -27.50 84.74 -8.00
N ILE M 294 -26.25 84.33 -7.72
CA ILE M 294 -25.93 82.94 -7.49
C ILE M 294 -25.79 82.70 -5.99
N TRP M 295 -26.73 81.94 -5.44
CA TRP M 295 -26.68 81.56 -4.02
C TRP M 295 -25.74 80.37 -3.83
N THR M 296 -25.11 80.27 -2.66
CA THR M 296 -24.25 79.13 -2.40
C THR M 296 -24.02 79.00 -0.91
N TYR M 297 -23.19 78.04 -0.51
CA TYR M 297 -22.80 77.95 0.88
C TYR M 297 -21.62 78.88 1.13
N ALA M 298 -21.83 79.85 2.01
CA ALA M 298 -20.76 80.72 2.45
C ALA M 298 -20.80 80.89 3.95
N GLU M 299 -19.65 81.07 4.55
CA GLU M 299 -19.58 81.35 5.97
C GLU M 299 -19.03 82.74 6.14
N ILE M 300 -19.23 83.30 7.32
CA ILE M 300 -18.59 84.55 7.68
C ILE M 300 -17.10 84.34 7.78
N THR M 301 -16.34 85.15 7.06
CA THR M 301 -14.89 85.02 7.09
C THR M 301 -14.26 86.39 7.30
N PRO M 302 -12.99 86.43 7.70
CA PRO M 302 -12.29 87.72 7.69
C PRO M 302 -11.97 88.14 6.26
N PRO M 303 -11.62 89.42 6.04
CA PRO M 303 -11.33 89.87 4.68
C PRO M 303 -9.98 89.33 4.19
N ALA M 304 -9.64 89.61 2.94
CA ALA M 304 -8.35 89.25 2.38
C ALA M 304 -7.27 90.16 2.97
N LYS M 305 -6.07 89.64 3.12
CA LYS M 305 -5.00 90.39 3.76
C LYS M 305 -3.73 90.27 2.95
N PHE M 306 -3.09 91.42 2.73
CA PHE M 306 -1.86 91.52 1.96
C PHE M 306 -0.79 92.12 2.84
N VAL M 307 0.38 91.50 2.89
CA VAL M 307 1.37 91.90 3.86
C VAL M 307 2.78 91.81 3.26
N HIS M 308 3.68 92.66 3.78
CA HIS M 308 5.07 92.83 3.36
C HIS M 308 5.20 93.59 2.05
N ASP M 309 6.22 94.43 1.99
CA ASP M 309 6.47 95.27 0.83
C ASP M 309 7.87 95.84 0.88
N ASP M 310 8.87 95.04 0.56
CA ASP M 310 10.22 95.59 0.46
C ASP M 310 10.98 95.09 -0.77
N GLU M 311 12.27 95.38 -0.79
CA GLU M 311 13.10 95.18 -1.98
C GLU M 311 13.08 93.75 -2.49
N ASP M 312 12.65 92.82 -1.65
CA ASP M 312 12.66 91.41 -2.03
C ASP M 312 11.29 90.74 -1.99
N ARG M 313 10.39 91.22 -1.13
CA ARG M 313 9.07 90.61 -1.06
C ARG M 313 7.97 91.64 -0.99
N ARG M 314 6.88 91.36 -1.68
CA ARG M 314 5.71 92.20 -1.63
C ARG M 314 4.48 91.33 -1.76
N GLY M 315 3.69 91.25 -0.70
CA GLY M 315 2.44 90.52 -0.74
C GLY M 315 1.44 91.36 -1.48
N SER M 316 1.07 90.92 -2.68
CA SER M 316 0.14 91.69 -3.48
C SER M 316 -0.42 90.84 -4.60
N ALA M 317 -1.59 91.23 -5.08
CA ALA M 317 -2.22 90.53 -6.17
C ALA M 317 -2.50 91.50 -7.31
N VAL M 318 -2.17 91.05 -8.50
CA VAL M 318 -2.30 91.83 -9.71
C VAL M 318 -3.11 91.03 -10.72
N SER M 319 -4.11 91.67 -11.34
CA SER M 319 -4.95 91.01 -12.35
C SER M 319 -5.48 89.71 -11.79
N SER M 320 -5.89 89.75 -10.53
CA SER M 320 -6.28 88.55 -9.79
C SER M 320 -7.59 88.73 -9.03
N VAL M 321 -8.18 87.60 -8.67
CA VAL M 321 -9.40 87.56 -7.88
C VAL M 321 -9.09 86.82 -6.57
N VAL M 322 -9.46 87.40 -5.44
CA VAL M 322 -9.07 86.84 -4.15
C VAL M 322 -10.26 86.80 -3.21
N SER M 323 -10.51 85.64 -2.59
CA SER M 323 -11.61 85.50 -1.65
C SER M 323 -11.25 85.85 -0.22
N GLY M 324 -12.23 85.71 0.67
CA GLY M 324 -12.02 85.98 2.07
C GLY M 324 -11.15 84.94 2.74
N ASP M 325 -10.68 85.27 3.94
CA ASP M 325 -9.84 84.39 4.74
C ASP M 325 -8.54 84.04 4.00
N CYS M 326 -8.15 84.87 3.04
CA CYS M 326 -6.88 84.70 2.35
CA CYS M 326 -6.88 84.70 2.35
C CYS M 326 -5.83 85.63 2.91
N ILE M 327 -4.69 85.09 3.31
CA ILE M 327 -3.60 85.93 3.78
C ILE M 327 -2.43 85.80 2.80
N ILE M 328 -2.18 86.88 2.08
CA ILE M 328 -1.13 86.95 1.06
C ILE M 328 0.11 87.59 1.65
N SER M 329 1.00 86.76 2.19
CA SER M 329 2.11 87.24 2.99
C SER M 329 3.43 87.19 2.22
N GLY M 330 3.80 88.30 1.60
CA GLY M 330 5.07 88.37 0.90
C GLY M 330 5.05 87.59 -0.39
N ALA M 331 3.84 87.22 -0.83
CA ALA M 331 3.65 86.42 -2.03
C ALA M 331 3.13 87.27 -3.19
N ALA M 332 3.73 87.09 -4.37
CA ALA M 332 3.36 87.85 -5.56
C ALA M 332 2.38 87.06 -6.42
N LEU M 333 1.14 87.55 -6.52
CA LEU M 333 0.11 86.88 -7.30
C LEU M 333 -0.18 87.63 -8.59
N ASN M 334 -0.19 86.92 -9.71
CA ASN M 334 -0.57 87.52 -10.98
C ASN M 334 -1.49 86.60 -11.75
N ARG M 335 -2.54 87.18 -12.33
CA ARG M 335 -3.46 86.44 -13.16
C ARG M 335 -3.89 85.12 -12.52
N SER M 336 -4.39 85.21 -11.29
CA SER M 336 -4.78 84.01 -10.58
C SER M 336 -6.08 84.21 -9.81
N LEU M 337 -6.75 83.10 -9.55
CA LEU M 337 -8.00 83.12 -8.82
C LEU M 337 -7.84 82.29 -7.55
N LEU M 338 -8.08 82.91 -6.40
CA LEU M 338 -7.93 82.23 -5.11
C LEU M 338 -9.28 82.05 -4.43
N PHE M 339 -9.60 80.81 -4.05
CA PHE M 339 -10.82 80.55 -3.30
C PHE M 339 -10.56 80.87 -1.81
N THR M 340 -11.59 80.75 -0.98
CA THR M 340 -11.49 81.14 0.43
C THR M 340 -10.46 80.34 1.20
N GLY M 341 -9.68 81.02 2.04
CA GLY M 341 -8.82 80.33 2.99
C GLY M 341 -7.42 80.02 2.51
N VAL M 342 -7.04 80.55 1.36
CA VAL M 342 -5.68 80.32 0.85
C VAL M 342 -4.61 81.14 1.59
N ARG M 343 -3.53 80.49 1.99
CA ARG M 343 -2.39 81.14 2.64
C ARG M 343 -1.19 81.05 1.72
N ALA M 344 -0.65 82.18 1.28
CA ALA M 344 0.52 82.15 0.40
C ALA M 344 1.67 82.88 1.06
N ASN M 345 2.78 82.19 1.27
CA ASN M 345 3.81 82.69 2.17
C ASN M 345 4.96 83.39 1.48
N SER M 346 5.88 83.94 2.27
CA SER M 346 6.87 84.89 1.79
C SER M 346 7.76 84.36 0.67
N TYR M 347 8.00 85.21 -0.32
CA TYR M 347 8.85 84.94 -1.48
C TYR M 347 8.25 83.93 -2.45
N SER M 348 7.01 83.51 -2.24
CA SER M 348 6.40 82.60 -3.20
C SER M 348 5.80 83.39 -4.36
N ARG M 349 5.59 82.71 -5.48
CA ARG M 349 5.05 83.37 -6.68
C ARG M 349 3.98 82.52 -7.35
N LEU M 350 2.80 83.11 -7.56
CA LEU M 350 1.72 82.47 -8.28
C LEU M 350 1.41 83.21 -9.57
N GLU M 351 1.27 82.46 -10.66
CA GLU M 351 0.90 83.03 -11.93
C GLU M 351 0.02 82.07 -12.71
N ASN M 352 -1.06 82.57 -13.29
CA ASN M 352 -1.98 81.73 -14.07
C ASN M 352 -2.47 80.55 -13.26
N ALA M 353 -2.83 80.79 -12.00
CA ALA M 353 -3.14 79.72 -11.06
C ALA M 353 -4.55 79.79 -10.50
N VAL M 354 -5.26 78.68 -10.61
CA VAL M 354 -6.54 78.55 -9.94
C VAL M 354 -6.30 77.76 -8.67
N VAL M 355 -6.57 78.39 -7.53
CA VAL M 355 -6.19 77.85 -6.23
C VAL M 355 -7.45 77.58 -5.40
N LEU M 356 -7.78 76.32 -5.17
CA LEU M 356 -9.04 75.95 -4.52
C LEU M 356 -8.94 76.19 -2.99
N PRO M 357 -10.07 76.08 -2.24
CA PRO M 357 -10.01 76.55 -0.84
C PRO M 357 -8.94 75.92 0.06
N SER M 358 -8.45 76.74 0.99
CA SER M 358 -7.57 76.29 2.05
C SER M 358 -6.25 75.71 1.57
N VAL M 359 -5.75 76.21 0.44
CA VAL M 359 -4.42 75.82 -0.02
C VAL M 359 -3.36 76.61 0.75
N LYS M 360 -2.25 75.98 1.08
CA LYS M 360 -1.09 76.71 1.61
C LYS M 360 0.09 76.65 0.64
N ILE M 361 0.56 77.83 0.22
CA ILE M 361 1.74 77.90 -0.62
C ILE M 361 2.94 78.20 0.23
N GLY M 362 3.90 77.28 0.22
CA GLY M 362 5.11 77.45 0.99
C GLY M 362 6.00 78.58 0.52
N ARG M 363 6.74 79.13 1.47
CA ARG M 363 7.80 80.07 1.17
C ARG M 363 8.65 79.66 -0.03
N HIS M 364 8.95 80.63 -0.90
CA HIS M 364 9.83 80.46 -2.07
C HIS M 364 9.28 79.63 -3.21
N ALA M 365 8.10 79.03 -3.03
CA ALA M 365 7.53 78.22 -4.11
C ALA M 365 7.20 79.09 -5.31
N GLN M 366 7.35 78.54 -6.51
CA GLN M 366 6.96 79.26 -7.71
C GLN M 366 6.15 78.36 -8.62
N LEU M 367 4.91 78.77 -8.90
CA LEU M 367 3.97 77.94 -9.65
C LEU M 367 3.36 78.74 -10.79
N SER M 368 3.35 78.14 -11.98
CA SER M 368 2.77 78.76 -13.16
C SER M 368 1.81 77.81 -13.86
N ASN M 369 0.67 78.35 -14.29
CA ASN M 369 -0.33 77.63 -15.09
C ASN M 369 -0.76 76.34 -14.41
N VAL M 370 -1.45 76.51 -13.29
CA VAL M 370 -1.83 75.39 -12.45
C VAL M 370 -3.24 75.53 -11.91
N VAL M 371 -3.82 74.38 -11.61
CA VAL M 371 -5.00 74.25 -10.80
C VAL M 371 -4.56 73.46 -9.57
N ILE M 372 -4.68 74.06 -8.40
CA ILE M 372 -4.28 73.43 -7.15
C ILE M 372 -5.50 72.98 -6.37
N ASP M 373 -5.65 71.68 -6.15
CA ASP M 373 -6.79 71.09 -5.47
C ASP M 373 -7.05 71.63 -4.05
N HIS M 374 -8.27 71.44 -3.57
CA HIS M 374 -8.66 71.81 -2.22
C HIS M 374 -7.66 71.35 -1.15
N GLY M 375 -7.24 72.26 -0.27
CA GLY M 375 -6.50 71.88 0.92
C GLY M 375 -5.07 71.42 0.71
N VAL M 376 -4.58 71.49 -0.53
CA VAL M 376 -3.18 71.13 -0.84
C VAL M 376 -2.17 71.98 -0.07
N VAL M 377 -1.14 71.36 0.49
CA VAL M 377 -0.03 72.11 1.07
C VAL M 377 1.16 72.04 0.13
N ILE M 378 1.47 73.16 -0.51
CA ILE M 378 2.60 73.24 -1.43
C ILE M 378 3.88 73.41 -0.64
N PRO M 379 4.81 72.45 -0.80
CA PRO M 379 6.02 72.47 0.02
C PRO M 379 6.90 73.64 -0.37
N GLU M 380 7.66 74.14 0.59
CA GLU M 380 8.56 75.26 0.35
C GLU M 380 9.51 75.00 -0.81
N GLY M 381 9.68 76.00 -1.66
CA GLY M 381 10.62 75.91 -2.78
C GLY M 381 10.17 75.19 -4.05
N LEU M 382 9.00 74.58 -4.04
CA LEU M 382 8.50 73.86 -5.22
C LEU M 382 8.44 74.74 -6.45
N ILE M 383 8.98 74.27 -7.57
CA ILE M 383 8.82 75.01 -8.82
C ILE M 383 7.99 74.21 -9.81
N VAL M 384 6.89 74.80 -10.25
CA VAL M 384 6.04 74.21 -11.28
C VAL M 384 5.84 75.24 -12.39
N GLY M 385 6.04 74.80 -13.62
CA GLY M 385 5.85 75.68 -14.76
C GLY M 385 7.12 75.98 -15.50
N GLU M 386 8.24 75.44 -15.01
CA GLU M 386 9.51 75.67 -15.67
C GLU M 386 9.97 74.45 -16.46
N ASP M 387 9.80 73.26 -15.88
CA ASP M 387 10.27 72.03 -16.50
C ASP M 387 9.13 71.09 -16.85
N PRO M 388 8.61 71.19 -18.09
CA PRO M 388 7.44 70.42 -18.55
C PRO M 388 7.57 68.92 -18.32
N GLU M 389 8.72 68.34 -18.63
CA GLU M 389 8.95 66.90 -18.43
C GLU M 389 8.87 66.48 -16.96
N LEU M 390 9.52 67.28 -16.13
CA LEU M 390 9.51 67.07 -14.72
C LEU M 390 8.10 67.29 -14.18
N ASP M 391 7.45 68.36 -14.62
CA ASP M 391 6.11 68.69 -14.14
C ASP M 391 5.14 67.57 -14.47
N ALA M 392 5.24 67.07 -15.72
CA ALA M 392 4.39 65.99 -16.19
C ALA M 392 4.68 64.67 -15.48
N LYS M 393 5.92 64.50 -15.05
CA LYS M 393 6.28 63.31 -14.27
C LYS M 393 5.70 63.39 -12.86
N ARG M 394 5.68 64.60 -12.29
CA ARG M 394 5.20 64.81 -10.92
C ARG M 394 3.68 64.92 -10.85
N PHE M 395 3.09 65.61 -11.83
CA PHE M 395 1.68 65.95 -11.74
C PHE M 395 0.90 65.58 -12.98
N ARG M 396 -0.40 65.80 -12.92
CA ARG M 396 -1.25 65.67 -14.10
C ARG M 396 -1.05 66.92 -14.93
N ARG M 397 -0.38 66.79 -16.07
CA ARG M 397 -0.17 67.95 -16.93
C ARG M 397 -0.90 67.81 -18.28
N THR M 398 -1.64 68.84 -18.65
CA THR M 398 -2.34 68.85 -19.93
C THR M 398 -1.34 69.13 -21.05
N GLU M 399 -1.69 68.73 -22.27
CA GLU M 399 -0.83 68.98 -23.42
C GLU M 399 -0.56 70.48 -23.58
N SER M 400 -1.58 71.29 -23.32
CA SER M 400 -1.46 72.75 -23.35
C SER M 400 -0.70 73.32 -22.15
N GLY M 401 -0.26 72.45 -21.25
CA GLY M 401 0.66 72.87 -20.21
C GLY M 401 0.06 73.34 -18.90
N ILE M 402 -1.13 72.84 -18.57
CA ILE M 402 -1.71 73.13 -17.27
C ILE M 402 -1.43 71.97 -16.33
N CYS M 403 -0.88 72.24 -15.16
CA CYS M 403 -0.71 71.20 -14.15
C CYS M 403 -1.82 71.19 -13.11
N LEU M 404 -2.50 70.05 -12.98
CA LEU M 404 -3.40 69.85 -11.87
C LEU M 404 -2.61 69.22 -10.75
N ILE M 405 -2.58 69.87 -9.59
CA ILE M 405 -1.82 69.41 -8.45
C ILE M 405 -2.70 68.96 -7.30
N THR M 406 -2.57 67.70 -6.91
CA THR M 406 -3.31 67.13 -5.78
CA THR M 406 -3.31 67.21 -5.74
C THR M 406 -2.36 66.87 -4.62
N GLN M 407 -2.89 66.57 -3.44
CA GLN M 407 -2.02 66.30 -2.30
C GLN M 407 -1.32 64.95 -2.44
N SER M 408 -2.03 63.96 -2.97
CA SER M 408 -1.40 62.68 -3.23
C SER M 408 -0.14 62.87 -4.06
N MET M 409 -0.25 63.62 -5.16
CA MET M 409 0.88 63.93 -6.01
C MET M 409 2.05 64.55 -5.24
N ILE M 410 1.74 65.47 -4.33
CA ILE M 410 2.79 66.14 -3.58
C ILE M 410 3.51 65.18 -2.62
N ASP M 411 2.74 64.34 -1.92
CA ASP M 411 3.32 63.43 -0.94
C ASP M 411 4.36 62.50 -1.57
N LYS M 412 4.12 62.13 -2.82
CA LYS M 412 4.99 61.23 -3.57
C LYS M 412 6.32 61.87 -3.96
N LEU M 413 6.49 63.16 -3.68
CA LEU M 413 7.64 63.88 -4.21
C LEU M 413 8.96 63.46 -3.60
N ASP M 414 9.68 62.63 -4.36
CA ASP M 414 11.07 62.32 -4.10
C ASP M 414 11.87 62.84 -5.30
N LEU M 415 11.12 63.19 -6.35
CA LEU M 415 11.69 63.80 -7.55
C LEU M 415 10.57 64.28 -8.45
N VAL N 1 -20.14 71.76 39.02
CA VAL N 1 -20.27 71.00 37.75
C VAL N 1 -20.99 71.85 36.69
N GLN N 2 -22.25 72.19 36.97
CA GLN N 2 -23.07 72.91 36.00
C GLN N 2 -22.61 74.35 35.74
N PRO N 3 -22.42 74.71 34.46
CA PRO N 3 -22.00 76.06 34.07
C PRO N 3 -23.03 77.11 34.42
N LEU N 4 -22.59 78.21 35.04
CA LEU N 4 -23.48 79.27 35.48
C LEU N 4 -24.08 80.08 34.33
N ALA N 5 -23.40 80.08 33.18
CA ALA N 5 -23.88 80.86 32.03
C ALA N 5 -25.21 80.34 31.49
N ARG N 6 -25.51 79.07 31.76
CA ARG N 6 -26.81 78.51 31.39
C ARG N 6 -27.91 79.32 32.05
N ASP N 7 -27.61 79.84 33.23
CA ASP N 7 -28.61 80.50 34.04
C ASP N 7 -28.32 81.99 34.09
N ALA N 8 -27.74 82.51 33.02
CA ALA N 8 -27.36 83.92 32.93
C ALA N 8 -28.08 84.61 31.77
N MET N 9 -28.41 85.88 31.96
CA MET N 9 -28.89 86.72 30.86
C MET N 9 -27.91 87.87 30.66
N ALA N 10 -27.54 88.14 29.42
CA ALA N 10 -26.67 89.26 29.10
C ALA N 10 -27.52 90.43 28.68
N TYR N 11 -27.26 91.58 29.27
CA TYR N 11 -28.08 92.76 29.02
C TYR N 11 -27.20 93.88 28.49
N VAL N 12 -27.26 94.14 27.19
CA VAL N 12 -26.32 95.04 26.55
C VAL N 12 -26.85 96.46 26.45
N LEU N 13 -26.14 97.40 27.07
CA LEU N 13 -26.48 98.80 26.97
C LEU N 13 -25.93 99.36 25.66
N ALA N 14 -26.81 99.63 24.72
CA ALA N 14 -26.41 100.03 23.37
C ALA N 14 -26.88 101.43 22.98
N GLY N 15 -26.83 102.37 23.92
CA GLY N 15 -27.29 103.72 23.67
C GLY N 15 -26.18 104.74 23.52
N GLY N 16 -24.95 104.26 23.55
CA GLY N 16 -23.77 105.11 23.41
C GLY N 16 -23.86 106.04 22.21
N ARG N 17 -23.66 107.33 22.45
CA ARG N 17 -23.79 108.31 21.41
C ARG N 17 -22.49 108.44 20.63
N GLY N 18 -21.37 108.21 21.32
CA GLY N 18 -20.07 108.42 20.71
C GLY N 18 -19.92 109.85 20.23
N SER N 19 -20.03 110.80 21.16
CA SER N 19 -20.07 112.22 20.82
C SER N 19 -18.81 112.67 20.10
N ARG N 20 -17.67 112.35 20.68
CA ARG N 20 -16.39 112.75 20.12
C ARG N 20 -16.09 112.13 18.75
N LEU N 21 -16.96 111.23 18.28
CA LEU N 21 -16.78 110.62 16.96
C LEU N 21 -17.40 111.50 15.88
N LYS N 22 -18.08 112.56 16.31
CA LYS N 22 -18.62 113.57 15.42
C LYS N 22 -19.50 113.02 14.30
N GLU N 23 -19.19 113.36 13.06
CA GLU N 23 -20.09 113.02 11.96
C GLU N 23 -20.22 111.52 11.70
N LEU N 24 -19.31 110.72 12.26
CA LEU N 24 -19.40 109.28 12.09
C LEU N 24 -20.66 108.76 12.79
N THR N 25 -21.00 109.37 13.93
CA THR N 25 -22.20 108.99 14.68
C THR N 25 -23.33 110.01 14.52
N ASP N 26 -23.29 110.78 13.42
CA ASP N 26 -24.35 111.74 13.13
C ASP N 26 -25.69 111.05 12.97
N ARG N 27 -25.69 109.90 12.30
CA ARG N 27 -26.93 109.21 11.98
C ARG N 27 -26.90 107.73 12.38
N ARG N 28 -26.13 107.41 13.42
CA ARG N 28 -26.03 106.05 13.94
C ARG N 28 -25.46 106.10 15.36
N ALA N 29 -25.84 105.14 16.20
CA ALA N 29 -25.27 105.07 17.53
C ALA N 29 -23.90 104.43 17.46
N LYS N 30 -23.06 104.73 18.44
CA LYS N 30 -21.71 104.21 18.47
C LYS N 30 -21.63 102.67 18.30
N PRO N 31 -22.54 101.90 18.96
CA PRO N 31 -22.43 100.45 18.77
C PRO N 31 -22.66 99.99 17.34
N ALA N 32 -23.23 100.84 16.50
CA ALA N 32 -23.48 100.48 15.11
C ALA N 32 -22.34 100.90 14.20
N VAL N 33 -21.34 101.57 14.76
CA VAL N 33 -20.17 101.95 13.98
C VAL N 33 -19.45 100.68 13.50
N TYR N 34 -19.14 100.64 12.22
CA TYR N 34 -18.41 99.53 11.59
C TYR N 34 -17.01 99.40 12.12
N PHE N 35 -16.52 98.17 12.23
CA PHE N 35 -15.13 97.97 12.61
C PHE N 35 -14.51 96.73 12.00
N GLY N 36 -13.30 96.91 11.47
CA GLY N 36 -12.46 95.79 11.12
C GLY N 36 -12.73 95.13 9.78
N GLY N 37 -13.55 95.75 8.95
CA GLY N 37 -13.82 95.22 7.62
C GLY N 37 -15.17 94.54 7.47
N LYS N 38 -15.65 93.90 8.54
CA LYS N 38 -16.90 93.15 8.46
C LYS N 38 -17.95 93.55 9.49
N ALA N 39 -17.56 93.57 10.76
CA ALA N 39 -18.51 93.68 11.84
C ALA N 39 -18.82 95.12 12.25
N ARG N 40 -19.69 95.27 13.24
CA ARG N 40 -19.88 96.53 13.91
C ARG N 40 -19.42 96.35 15.33
N ILE N 41 -19.31 97.45 16.05
CA ILE N 41 -18.76 97.42 17.39
C ILE N 41 -19.57 96.52 18.33
N ILE N 42 -20.88 96.65 18.26
CA ILE N 42 -21.78 95.88 19.14
C ILE N 42 -21.56 94.37 19.03
N ASP N 43 -21.04 93.89 17.89
CA ASP N 43 -20.88 92.45 17.66
C ASP N 43 -19.86 91.77 18.58
N PHE N 44 -19.02 92.56 19.26
CA PHE N 44 -18.03 91.97 20.13
C PHE N 44 -18.68 91.54 21.45
N ALA N 45 -19.40 92.45 22.09
CA ALA N 45 -20.12 92.11 23.33
C ALA N 45 -21.15 90.99 23.11
N LEU N 46 -21.87 91.04 22.00
CA LEU N 46 -22.82 89.97 21.65
C LEU N 46 -22.13 88.63 21.44
N SER N 47 -21.01 88.63 20.72
CA SER N 47 -20.28 87.39 20.49
C SER N 47 -19.62 86.86 21.77
N ASN N 48 -19.13 87.76 22.62
CA ASN N 48 -18.63 87.34 23.92
C ASN N 48 -19.70 86.56 24.71
N ALA N 49 -20.92 87.09 24.71
CA ALA N 49 -22.04 86.49 25.43
C ALA N 49 -22.36 85.12 24.86
N LEU N 50 -22.50 85.05 23.54
CA LEU N 50 -22.71 83.79 22.84
C LEU N 50 -21.63 82.76 23.16
N ASN N 51 -20.37 83.15 22.98
CA ASN N 51 -19.25 82.26 23.17
C ASN N 51 -19.05 81.85 24.62
N SER N 52 -19.53 82.68 25.55
CA SER N 52 -19.44 82.38 26.98
C SER N 52 -20.47 81.36 27.40
N GLY N 53 -21.48 81.15 26.55
CA GLY N 53 -22.54 80.20 26.83
C GLY N 53 -23.84 80.84 27.26
N ILE N 54 -23.90 82.16 27.23
CA ILE N 54 -25.09 82.89 27.62
C ILE N 54 -26.13 82.82 26.50
N ARG N 55 -27.30 82.27 26.83
CA ARG N 55 -28.36 82.00 25.85
C ARG N 55 -29.43 83.09 25.74
N ARG N 56 -29.51 83.97 26.73
CA ARG N 56 -30.50 85.05 26.67
C ARG N 56 -29.80 86.40 26.62
N ILE N 57 -30.16 87.21 25.64
CA ILE N 57 -29.55 88.51 25.45
C ILE N 57 -30.64 89.58 25.32
N GLY N 58 -30.45 90.68 26.02
CA GLY N 58 -31.27 91.86 25.82
C GLY N 58 -30.38 92.99 25.31
N VAL N 59 -30.87 93.80 24.38
CA VAL N 59 -30.11 94.94 23.91
C VAL N 59 -30.95 96.21 23.98
N ALA N 60 -30.61 97.08 24.92
CA ALA N 60 -31.30 98.35 25.10
C ALA N 60 -30.74 99.42 24.19
N THR N 61 -31.60 100.02 23.36
CA THR N 61 -31.13 101.10 22.51
C THR N 61 -31.80 102.41 22.91
N GLN N 62 -31.10 103.51 22.67
CA GLN N 62 -31.59 104.84 23.00
C GLN N 62 -31.62 105.67 21.72
N TYR N 63 -30.62 106.54 21.53
CA TYR N 63 -30.66 107.50 20.44
C TYR N 63 -30.16 106.94 19.11
N LYS N 64 -30.70 107.49 18.02
CA LYS N 64 -30.25 107.16 16.66
C LYS N 64 -30.09 105.66 16.42
N ALA N 65 -31.15 104.89 16.70
CA ALA N 65 -30.99 103.43 16.81
C ALA N 65 -31.38 102.62 15.59
N HIS N 66 -31.99 103.22 14.57
CA HIS N 66 -32.58 102.39 13.53
C HIS N 66 -31.56 101.55 12.77
N SER N 67 -30.40 102.10 12.45
CA SER N 67 -29.40 101.31 11.74
C SER N 67 -28.74 100.31 12.69
N LEU N 68 -28.88 100.49 14.00
CA LEU N 68 -28.43 99.48 14.96
C LEU N 68 -29.45 98.37 15.09
N ILE N 69 -30.73 98.73 15.20
CA ILE N 69 -31.80 97.74 15.31
C ILE N 69 -31.85 96.78 14.13
N ARG N 70 -31.82 97.35 12.93
CA ARG N 70 -31.92 96.59 11.68
C ARG N 70 -30.76 95.58 11.53
N HIS N 71 -29.55 96.00 11.90
CA HIS N 71 -28.41 95.10 12.01
C HIS N 71 -28.74 93.98 13.00
N LEU N 72 -29.24 94.33 14.18
CA LEU N 72 -29.60 93.32 15.17
C LEU N 72 -30.69 92.37 14.64
N GLN N 73 -31.64 92.92 13.88
CA GLN N 73 -32.74 92.12 13.34
C GLN N 73 -32.27 91.15 12.26
N ARG N 74 -31.32 91.58 11.42
CA ARG N 74 -30.88 90.76 10.32
C ARG N 74 -29.74 89.83 10.71
N GLY N 75 -28.89 90.27 11.63
CA GLY N 75 -27.70 89.51 11.95
C GLY N 75 -27.84 88.58 13.15
N TRP N 76 -28.62 88.98 14.14
CA TRP N 76 -28.75 88.20 15.36
C TRP N 76 -30.15 87.59 15.44
N ASP N 77 -30.47 86.78 14.44
CA ASP N 77 -31.82 86.31 14.19
C ASP N 77 -32.01 84.81 14.42
N PHE N 78 -31.04 84.16 15.04
CA PHE N 78 -31.01 82.70 15.06
C PHE N 78 -31.35 82.07 16.41
N PHE N 79 -31.78 82.88 17.38
CA PHE N 79 -32.17 82.36 18.69
C PHE N 79 -33.62 81.87 18.65
N ARG N 80 -33.88 80.70 19.23
CA ARG N 80 -35.25 80.21 19.34
C ARG N 80 -35.65 80.02 20.81
N PRO N 81 -36.77 80.62 21.21
CA PRO N 81 -37.21 80.56 22.61
C PRO N 81 -37.50 79.16 23.16
N GLU N 82 -37.96 78.23 22.34
CA GLU N 82 -38.27 76.91 22.90
C GLU N 82 -36.99 76.08 23.11
N ARG N 83 -35.84 76.61 22.69
CA ARG N 83 -34.54 76.04 23.05
C ARG N 83 -33.94 76.81 24.24
N ASN N 84 -34.78 77.59 24.91
CA ASN N 84 -34.37 78.45 26.03
C ASN N 84 -33.29 79.45 25.65
N GLU N 85 -33.37 79.92 24.41
CA GLU N 85 -32.57 81.01 23.91
C GLU N 85 -33.50 82.20 23.76
N SER N 86 -32.99 83.42 23.82
CA SER N 86 -33.80 84.59 23.51
C SER N 86 -32.90 85.77 23.15
N PHE N 87 -33.39 86.63 22.26
CA PHE N 87 -32.68 87.82 21.85
C PHE N 87 -33.72 88.94 21.78
N ASP N 88 -33.71 89.82 22.77
CA ASP N 88 -34.73 90.88 22.83
C ASP N 88 -34.18 92.25 22.47
N ILE N 89 -34.80 92.90 21.49
CA ILE N 89 -34.41 94.23 21.07
C ILE N 89 -35.35 95.25 21.69
N LEU N 90 -34.81 96.06 22.60
CA LEU N 90 -35.62 96.85 23.52
C LEU N 90 -35.36 98.35 23.42
N PRO N 91 -35.93 99.01 22.40
CA PRO N 91 -35.75 100.45 22.21
C PRO N 91 -36.40 101.20 23.35
N ALA N 92 -35.95 102.43 23.61
CA ALA N 92 -36.41 103.23 24.75
C ALA N 92 -37.93 103.19 24.91
N SER N 93 -38.65 103.71 23.93
CA SER N 93 -40.10 103.67 23.97
C SER N 93 -40.66 102.50 23.16
N GLN N 94 -40.87 101.38 23.84
CA GLN N 94 -41.46 100.18 23.22
C GLN N 94 -40.67 99.70 22.01
N THR N 99 -40.54 112.29 24.40
CA THR N 99 -40.91 111.58 25.61
C THR N 99 -40.47 110.09 25.63
N GLN N 100 -40.74 109.45 26.77
CA GLN N 100 -40.57 108.00 26.96
C GLN N 100 -39.13 107.47 26.79
N TRP N 101 -38.13 108.35 26.64
CA TRP N 101 -36.75 107.89 26.60
C TRP N 101 -36.31 107.19 27.89
N TYR N 102 -35.22 106.45 27.77
CA TYR N 102 -34.55 105.85 28.92
C TYR N 102 -33.86 106.93 29.79
N GLU N 103 -34.33 107.06 31.03
CA GLU N 103 -33.79 108.07 31.96
C GLU N 103 -32.32 107.84 32.30
N GLY N 104 -31.92 106.57 32.26
CA GLY N 104 -30.54 106.19 32.51
C GLY N 104 -30.33 104.71 32.21
N THR N 105 -29.09 104.25 32.34
CA THR N 105 -28.78 102.85 32.07
C THR N 105 -29.51 101.91 33.03
N ALA N 106 -29.74 102.35 34.27
CA ALA N 106 -30.47 101.53 35.23
C ALA N 106 -31.96 101.50 34.88
N ASP N 107 -32.46 102.61 34.37
CA ASP N 107 -33.83 102.68 33.87
C ASP N 107 -34.03 101.73 32.69
N ALA N 108 -33.01 101.57 31.85
CA ALA N 108 -33.03 100.62 30.73
C ALA N 108 -33.37 99.20 31.16
N VAL N 109 -32.95 98.82 32.37
CA VAL N 109 -33.32 97.54 32.93
C VAL N 109 -34.68 97.68 33.60
N TYR N 110 -34.85 98.80 34.31
CA TYR N 110 -36.05 99.02 35.10
C TYR N 110 -37.31 98.94 34.24
N GLN N 111 -37.34 99.66 33.13
CA GLN N 111 -38.50 99.64 32.25
C GLN N 111 -38.79 98.26 31.68
N ASN N 112 -37.77 97.43 31.62
CA ASN N 112 -37.86 96.15 30.93
C ASN N 112 -37.86 94.97 31.89
N ILE N 113 -38.22 95.22 33.14
CA ILE N 113 -38.27 94.17 34.13
C ILE N 113 -39.26 93.08 33.72
N ASP N 114 -40.40 93.49 33.15
CA ASP N 114 -41.45 92.55 32.74
C ASP N 114 -41.04 91.67 31.57
N ILE N 115 -39.91 92.01 30.93
CA ILE N 115 -39.35 91.17 29.88
C ILE N 115 -38.41 90.17 30.54
N ILE N 116 -37.60 90.68 31.44
CA ILE N 116 -36.64 89.88 32.18
C ILE N 116 -37.32 88.84 33.07
N GLU N 117 -38.31 89.27 33.85
CA GLU N 117 -38.91 88.39 34.86
C GLU N 117 -39.42 87.02 34.34
N PRO N 118 -40.18 87.01 33.21
CA PRO N 118 -40.64 85.70 32.71
C PRO N 118 -39.52 84.69 32.47
N TYR N 119 -38.33 85.14 32.09
CA TYR N 119 -37.21 84.24 31.82
C TYR N 119 -36.64 83.69 33.12
N ALA N 120 -36.96 84.36 34.21
CA ALA N 120 -36.35 84.10 35.52
C ALA N 120 -34.87 83.76 35.42
N PRO N 121 -34.07 84.71 34.90
CA PRO N 121 -32.62 84.49 34.92
C PRO N 121 -32.06 84.41 36.34
N GLU N 122 -31.10 83.52 36.62
CA GLU N 122 -30.48 83.51 37.95
C GLU N 122 -29.46 84.63 38.12
N TYR N 123 -28.75 84.94 37.04
CA TYR N 123 -27.74 86.00 37.06
C TYR N 123 -27.92 86.93 35.88
N MET N 124 -27.59 88.21 36.07
CA MET N 124 -27.60 89.17 34.97
C MET N 124 -26.20 89.66 34.73
N VAL N 125 -25.82 89.70 33.47
CA VAL N 125 -24.54 90.26 33.05
C VAL N 125 -24.84 91.54 32.29
N ILE N 126 -24.63 92.69 32.93
CA ILE N 126 -24.82 94.00 32.31
C ILE N 126 -23.57 94.39 31.52
N LEU N 127 -23.73 94.73 30.24
CA LEU N 127 -22.60 94.95 29.34
C LEU N 127 -22.71 96.26 28.61
N ALA N 128 -21.58 96.92 28.41
CA ALA N 128 -21.54 98.10 27.55
C ALA N 128 -21.33 97.62 26.12
N GLY N 129 -22.18 98.08 25.21
CA GLY N 129 -22.13 97.65 23.82
C GLY N 129 -21.28 98.50 22.88
N ASP N 130 -20.38 99.31 23.42
CA ASP N 130 -19.58 100.20 22.58
C ASP N 130 -18.06 100.02 22.72
N HIS N 131 -17.62 98.89 23.26
CA HIS N 131 -16.19 98.58 23.33
C HIS N 131 -15.83 97.34 22.50
N ILE N 132 -14.58 97.28 22.08
CA ILE N 132 -14.08 96.17 21.29
C ILE N 132 -13.14 95.37 22.17
N TYR N 133 -13.52 94.14 22.45
CA TYR N 133 -12.76 93.29 23.36
C TYR N 133 -13.32 91.87 23.32
N LYS N 134 -12.50 90.91 23.75
CA LYS N 134 -12.93 89.53 23.87
C LYS N 134 -12.78 89.03 25.31
N MET N 135 -13.88 88.53 25.86
CA MET N 135 -13.94 88.16 27.26
C MET N 135 -14.85 86.95 27.45
N ASP N 136 -14.45 86.04 28.33
CA ASP N 136 -15.22 84.83 28.67
C ASP N 136 -15.95 85.08 29.98
N TYR N 137 -17.24 85.42 29.91
CA TYR N 137 -17.96 85.90 31.10
C TYR N 137 -18.15 84.84 32.18
N GLU N 138 -17.92 83.57 31.85
CA GLU N 138 -18.09 82.49 32.82
C GLU N 138 -17.20 82.70 34.05
N TYR N 139 -15.95 83.12 33.84
CA TYR N 139 -15.04 83.39 34.95
C TYR N 139 -15.62 84.41 35.91
N MET N 140 -16.20 85.44 35.33
CA MET N 140 -16.76 86.52 36.11
C MET N 140 -17.98 86.08 36.89
N LEU N 141 -18.80 85.24 36.27
CA LEU N 141 -19.97 84.70 36.95
C LEU N 141 -19.54 83.84 38.13
N GLN N 142 -18.50 83.04 37.93
CA GLN N 142 -18.04 82.15 38.97
C GLN N 142 -17.37 82.91 40.10
N GLN N 143 -16.64 83.97 39.79
CA GLN N 143 -16.10 84.78 40.86
C GLN N 143 -17.24 85.37 41.66
N HIS N 144 -18.30 85.79 40.98
CA HIS N 144 -19.41 86.44 41.65
C HIS N 144 -20.11 85.54 42.67
N VAL N 145 -20.47 84.32 42.29
CA VAL N 145 -21.16 83.46 43.24
C VAL N 145 -20.17 82.89 44.27
N ASP N 146 -18.90 82.73 43.90
CA ASP N 146 -17.94 82.13 44.82
C ASP N 146 -17.41 83.12 45.84
N SER N 147 -17.68 84.40 45.62
CA SER N 147 -17.18 85.44 46.52
C SER N 147 -18.29 86.01 47.38
N GLY N 148 -19.53 85.71 47.02
CA GLY N 148 -20.68 86.22 47.73
C GLY N 148 -20.91 87.71 47.53
N ALA N 149 -20.31 88.28 46.50
CA ALA N 149 -20.46 89.71 46.21
C ALA N 149 -21.89 90.09 45.85
N ASP N 150 -22.23 91.34 46.14
CA ASP N 150 -23.48 91.94 45.67
C ASP N 150 -23.39 92.32 44.20
N VAL N 151 -22.23 92.84 43.81
CA VAL N 151 -21.96 93.11 42.40
C VAL N 151 -20.49 92.86 42.10
N THR N 152 -20.22 92.23 40.96
CA THR N 152 -18.86 92.01 40.51
C THR N 152 -18.63 92.92 39.30
N ILE N 153 -17.52 93.65 39.32
CA ILE N 153 -17.27 94.69 38.34
C ILE N 153 -16.03 94.36 37.54
N GLY N 154 -16.15 94.37 36.22
CA GLY N 154 -15.00 94.12 35.37
C GLY N 154 -14.12 95.35 35.31
N CYS N 155 -12.81 95.14 35.51
CA CYS N 155 -11.86 96.25 35.55
C CYS N 155 -10.62 96.02 34.71
N LEU N 156 -10.18 97.07 34.02
CA LEU N 156 -8.89 97.05 33.33
C LEU N 156 -7.77 97.44 34.29
N GLU N 157 -6.61 96.84 34.16
CA GLU N 157 -5.46 97.29 34.94
C GLU N 157 -4.68 98.25 34.07
N VAL N 158 -4.79 99.54 34.36
CA VAL N 158 -4.11 100.52 33.53
C VAL N 158 -3.12 101.30 34.39
N PRO N 159 -2.01 101.75 33.78
CA PRO N 159 -1.12 102.66 34.51
C PRO N 159 -1.91 103.91 34.94
N ARG N 160 -1.61 104.48 36.11
CA ARG N 160 -2.47 105.52 36.68
C ARG N 160 -2.64 106.79 35.84
N MET N 161 -1.65 107.15 35.03
CA MET N 161 -1.84 108.32 34.17
C MET N 161 -3.01 108.07 33.18
N GLU N 162 -3.24 106.80 32.84
CA GLU N 162 -4.32 106.47 31.89
C GLU N 162 -5.71 106.52 32.54
N ALA N 163 -5.80 106.07 33.79
CA ALA N 163 -7.09 105.88 34.45
C ALA N 163 -7.84 107.18 34.68
N THR N 164 -7.19 108.31 34.43
CA THR N 164 -7.79 109.61 34.73
C THR N 164 -9.01 109.89 33.86
N GLY N 165 -9.14 109.15 32.76
CA GLY N 165 -10.32 109.28 31.92
C GLY N 165 -11.37 108.23 32.19
N PHE N 166 -11.14 107.43 33.21
CA PHE N 166 -12.03 106.33 33.54
C PHE N 166 -12.81 106.55 34.82
N GLY N 167 -13.89 105.82 35.00
CA GLY N 167 -14.43 105.64 36.34
C GLY N 167 -13.49 104.64 36.99
N VAL N 168 -13.06 104.92 38.22
CA VAL N 168 -11.97 104.15 38.82
C VAL N 168 -12.34 103.47 40.14
N MET N 169 -12.00 102.19 40.24
CA MET N 169 -12.27 101.38 41.43
C MET N 169 -11.13 101.43 42.43
N HIS N 170 -11.41 101.94 43.62
CA HIS N 170 -10.45 101.86 44.70
C HIS N 170 -10.57 100.51 45.40
N VAL N 171 -9.48 99.78 45.42
CA VAL N 171 -9.50 98.40 45.86
C VAL N 171 -8.66 98.14 47.12
N ASN N 172 -9.00 97.11 47.88
CA ASN N 172 -8.17 96.70 49.01
C ASN N 172 -7.30 95.49 48.68
N GLU N 173 -6.66 94.94 49.70
CA GLU N 173 -5.86 93.73 49.59
C GLU N 173 -6.59 92.58 48.87
N LYS N 174 -7.91 92.50 49.04
CA LYS N 174 -8.67 91.36 48.52
C LYS N 174 -9.50 91.68 47.28
N ASP N 175 -9.20 92.81 46.65
CA ASP N 175 -9.91 93.28 45.46
C ASP N 175 -11.38 93.57 45.74
N GLU N 176 -11.73 93.71 47.01
CA GLU N 176 -13.04 94.27 47.34
C GLU N 176 -12.97 95.77 47.07
N ILE N 177 -14.02 96.32 46.47
CA ILE N 177 -14.02 97.74 46.12
C ILE N 177 -14.51 98.59 47.29
N ILE N 178 -13.74 99.61 47.63
CA ILE N 178 -14.02 100.45 48.79
C ILE N 178 -14.41 101.88 48.44
N ASP N 179 -14.31 102.24 47.16
CA ASP N 179 -14.65 103.59 46.71
C ASP N 179 -14.74 103.65 45.18
N PHE N 180 -15.53 104.58 44.66
CA PHE N 180 -15.60 104.81 43.24
C PHE N 180 -15.44 106.30 42.89
N ILE N 181 -14.55 106.59 41.96
CA ILE N 181 -14.34 107.95 41.51
C ILE N 181 -14.47 108.06 40.01
N GLU N 182 -15.29 108.99 39.54
CA GLU N 182 -15.36 109.26 38.11
C GLU N 182 -14.26 110.20 37.67
N LYS N 183 -13.38 109.72 36.81
CA LYS N 183 -12.27 110.50 36.27
C LYS N 183 -11.41 111.18 37.35
N PRO N 184 -10.78 110.39 38.24
CA PRO N 184 -9.97 111.00 39.30
C PRO N 184 -8.73 111.68 38.74
N ALA N 185 -8.47 112.89 39.23
CA ALA N 185 -7.33 113.69 38.79
C ALA N 185 -6.03 112.94 39.02
N ASP N 186 -5.95 112.31 40.19
CA ASP N 186 -4.83 111.46 40.57
C ASP N 186 -5.44 110.17 41.06
N PRO N 187 -5.57 109.18 40.16
CA PRO N 187 -6.24 107.93 40.47
C PRO N 187 -5.60 107.18 41.63
N PRO N 188 -6.42 106.62 42.52
CA PRO N 188 -5.94 105.68 43.54
C PRO N 188 -5.37 104.42 42.88
N GLY N 189 -4.32 103.85 43.47
CA GLY N 189 -3.67 102.71 42.88
C GLY N 189 -4.04 101.38 43.52
N ILE N 190 -3.64 100.30 42.87
CA ILE N 190 -3.78 98.96 43.42
C ILE N 190 -2.77 98.74 44.53
N PRO N 191 -3.22 98.31 45.72
CA PRO N 191 -2.36 97.89 46.84
C PRO N 191 -1.43 96.73 46.46
N GLY N 192 -0.11 96.96 46.52
CA GLY N 192 0.87 95.99 46.07
C GLY N 192 1.47 96.32 44.73
N ASN N 193 0.62 96.46 43.72
CA ASN N 193 1.04 96.92 42.40
C ASN N 193 0.62 98.36 42.21
N GLU N 194 1.28 99.27 42.92
CA GLU N 194 1.12 100.69 42.66
C GLU N 194 1.60 101.02 41.25
N GLY N 195 1.21 102.20 40.77
CA GLY N 195 1.60 102.59 39.42
C GLY N 195 0.57 102.09 38.44
N PHE N 196 -0.39 101.33 38.96
CA PHE N 196 -1.55 100.92 38.19
C PHE N 196 -2.83 101.22 38.95
N ALA N 197 -3.92 101.37 38.21
CA ALA N 197 -5.24 101.56 38.79
C ALA N 197 -6.23 100.57 38.16
N LEU N 198 -7.35 100.35 38.84
CA LEU N 198 -8.41 99.52 38.28
C LEU N 198 -9.49 100.38 37.64
N ALA N 199 -9.60 100.31 36.31
CA ALA N 199 -10.54 101.12 35.55
C ALA N 199 -11.77 100.33 35.12
N SER N 200 -12.95 100.86 35.44
CA SER N 200 -14.21 100.17 35.14
C SER N 200 -14.47 99.99 33.65
N MET N 201 -14.84 98.77 33.26
CA MET N 201 -15.15 98.47 31.86
C MET N 201 -16.62 98.73 31.52
N GLY N 202 -17.44 99.00 32.52
CA GLY N 202 -18.88 99.08 32.31
C GLY N 202 -19.50 97.69 32.17
N ILE N 203 -19.01 96.75 32.95
CA ILE N 203 -19.48 95.38 32.95
C ILE N 203 -19.79 94.98 34.38
N TYR N 204 -21.03 94.58 34.64
CA TYR N 204 -21.47 94.27 36.00
C TYR N 204 -22.23 92.96 36.04
N VAL N 205 -21.95 92.14 37.05
CA VAL N 205 -22.66 90.88 37.25
C VAL N 205 -23.39 90.90 38.57
N PHE N 206 -24.68 90.58 38.54
CA PHE N 206 -25.50 90.53 39.74
C PHE N 206 -26.17 89.18 39.90
N HIS N 207 -26.74 88.95 41.10
CA HIS N 207 -27.85 88.01 41.21
C HIS N 207 -29.10 88.77 40.78
N THR N 208 -29.92 88.14 39.95
CA THR N 208 -31.03 88.82 39.29
C THR N 208 -32.03 89.45 40.27
N LYS N 209 -32.33 88.75 41.35
CA LYS N 209 -33.32 89.23 42.30
C LYS N 209 -32.78 90.45 43.00
N PHE N 210 -31.51 90.37 43.42
CA PHE N 210 -30.81 91.49 43.99
C PHE N 210 -30.87 92.68 43.05
N LEU N 211 -30.63 92.43 41.76
CA LEU N 211 -30.61 93.50 40.77
C LEU N 211 -31.96 94.18 40.65
N MET N 212 -33.03 93.39 40.50
CA MET N 212 -34.38 93.95 40.34
C MET N 212 -34.71 94.87 41.51
N GLU N 213 -34.41 94.42 42.72
CA GLU N 213 -34.62 95.24 43.91
C GLU N 213 -33.79 96.52 43.82
N ALA N 214 -32.55 96.38 43.37
CA ALA N 214 -31.65 97.53 43.29
C ALA N 214 -32.14 98.58 42.31
N LEU N 215 -32.80 98.14 41.24
CA LEU N 215 -33.26 99.08 40.23
C LEU N 215 -34.65 99.61 40.53
N ARG N 216 -35.37 98.90 41.38
CA ARG N 216 -36.63 99.40 41.92
C ARG N 216 -36.32 100.52 42.91
N ARG N 217 -35.38 100.24 43.80
CA ARG N 217 -34.90 101.22 44.76
C ARG N 217 -34.42 102.49 44.05
N ASP N 218 -33.83 102.32 42.88
CA ASP N 218 -33.27 103.42 42.11
C ASP N 218 -34.36 104.20 41.39
N ALA N 219 -35.41 103.50 40.97
CA ALA N 219 -36.50 104.15 40.28
C ALA N 219 -37.16 105.17 41.20
N ALA N 220 -37.35 104.77 42.46
CA ALA N 220 -37.97 105.62 43.46
C ALA N 220 -36.98 106.49 44.21
N ASP N 221 -36.26 107.34 43.49
CA ASP N 221 -35.39 108.35 44.10
C ASP N 221 -34.97 109.40 43.08
N PRO N 222 -35.34 110.66 43.34
CA PRO N 222 -35.12 111.74 42.37
C PRO N 222 -33.72 112.33 42.45
N THR N 223 -32.93 111.90 43.42
CA THR N 223 -31.54 112.32 43.52
C THR N 223 -30.67 111.49 42.58
N SER N 224 -31.21 110.38 42.11
CA SER N 224 -30.47 109.42 41.29
C SER N 224 -30.62 109.73 39.80
N SER N 225 -29.48 109.81 39.11
CA SER N 225 -29.45 110.04 37.68
C SER N 225 -29.77 108.77 36.87
N ARG N 226 -30.13 107.71 37.60
CA ARG N 226 -30.65 106.46 37.02
C ARG N 226 -29.62 105.65 36.25
N ASP N 227 -28.34 105.76 36.62
CA ASP N 227 -27.27 105.00 35.98
C ASP N 227 -26.67 103.91 36.87
N PHE N 228 -25.98 102.95 36.25
CA PHE N 228 -25.21 101.96 37.01
C PHE N 228 -23.93 102.59 37.53
N GLY N 229 -23.21 103.27 36.64
CA GLY N 229 -21.92 103.86 36.97
C GLY N 229 -21.96 104.96 38.01
N LYS N 230 -22.94 105.85 37.91
CA LYS N 230 -23.07 106.97 38.83
C LYS N 230 -23.86 106.64 40.09
N ASP N 231 -24.88 105.82 39.94
CA ASP N 231 -25.87 105.68 41.01
C ASP N 231 -25.89 104.32 41.69
N ILE N 232 -26.21 103.27 40.96
CA ILE N 232 -26.40 101.97 41.60
C ILE N 232 -25.09 101.42 42.16
N ILE N 233 -24.04 101.41 41.35
CA ILE N 233 -22.75 100.85 41.77
C ILE N 233 -22.15 101.61 42.95
N PRO N 234 -22.08 102.95 42.89
CA PRO N 234 -21.53 103.62 44.08
C PRO N 234 -22.36 103.37 45.33
N TYR N 235 -23.68 103.24 45.17
CA TYR N 235 -24.56 102.97 46.31
C TYR N 235 -24.26 101.62 46.94
N ILE N 236 -23.96 100.62 46.13
CA ILE N 236 -23.62 99.28 46.62
C ILE N 236 -22.22 99.25 47.22
N VAL N 237 -21.29 100.00 46.61
CA VAL N 237 -19.92 100.09 47.12
C VAL N 237 -19.94 100.54 48.57
N GLU N 238 -20.73 101.58 48.83
CA GLU N 238 -20.91 102.12 50.17
C GLU N 238 -21.66 101.15 51.08
N HIS N 239 -22.83 100.73 50.64
CA HIS N 239 -23.78 100.06 51.52
C HIS N 239 -23.80 98.54 51.38
N GLY N 240 -23.10 97.98 50.40
CA GLY N 240 -23.06 96.54 50.24
C GLY N 240 -21.67 96.02 49.94
N LYS N 241 -21.57 94.90 49.23
CA LYS N 241 -20.25 94.40 48.87
C LYS N 241 -20.01 94.32 47.36
N ALA N 242 -19.14 95.21 46.89
CA ALA N 242 -18.69 95.19 45.50
C ALA N 242 -17.30 94.59 45.43
N VAL N 243 -17.03 93.84 44.36
CA VAL N 243 -15.73 93.19 44.19
C VAL N 243 -15.23 93.33 42.75
N ALA N 244 -13.95 93.59 42.59
CA ALA N 244 -13.36 93.77 41.26
C ALA N 244 -12.98 92.48 40.56
N HIS N 245 -13.29 92.40 39.28
CA HIS N 245 -12.82 91.34 38.43
C HIS N 245 -11.80 91.89 37.43
N ARG N 246 -10.59 91.34 37.44
CA ARG N 246 -9.54 91.79 36.51
C ARG N 246 -9.77 91.27 35.10
N PHE N 247 -9.77 92.18 34.12
CA PHE N 247 -9.97 91.81 32.72
C PHE N 247 -8.96 90.75 32.27
N ALA N 248 -7.73 90.88 32.76
CA ALA N 248 -6.67 89.97 32.35
C ALA N 248 -7.00 88.51 32.68
N ASP N 249 -7.85 88.29 33.67
CA ASP N 249 -8.18 86.93 34.11
C ASP N 249 -9.21 86.20 33.21
N SER N 250 -10.06 86.96 32.50
CA SER N 250 -11.09 86.36 31.64
C SER N 250 -10.92 86.72 30.20
N CYS N 251 -10.01 87.64 29.89
CA CYS N 251 -9.76 88.01 28.51
C CYS N 251 -9.45 86.76 27.68
N VAL N 252 -10.04 86.67 26.50
CA VAL N 252 -9.76 85.56 25.60
C VAL N 252 -8.70 86.00 24.60
N ARG N 253 -7.44 85.73 24.93
CA ARG N 253 -6.31 86.23 24.18
C ARG N 253 -5.81 85.16 23.22
N SER N 254 -5.72 85.50 21.95
CA SER N 254 -5.15 84.62 20.94
C SER N 254 -3.67 84.37 21.22
N ASP N 255 -3.11 83.32 20.64
CA ASP N 255 -1.68 83.09 20.79
C ASP N 255 -0.92 84.08 19.89
N PHE N 256 -1.66 84.84 19.08
CA PHE N 256 -1.04 85.85 18.24
C PHE N 256 -1.37 87.26 18.71
N GLU N 257 -2.01 87.36 19.88
CA GLU N 257 -2.26 88.65 20.51
C GLU N 257 -1.32 88.83 21.71
N HIS N 258 -0.43 89.81 21.62
CA HIS N 258 0.66 89.93 22.59
C HIS N 258 0.19 90.35 23.99
N GLU N 259 -0.99 90.96 24.07
CA GLU N 259 -1.51 91.49 25.31
C GLU N 259 -3.04 91.51 25.27
N PRO N 260 -3.71 91.61 26.45
CA PRO N 260 -5.17 91.71 26.47
C PRO N 260 -5.63 92.90 25.66
N TYR N 261 -6.62 92.69 24.79
CA TYR N 261 -7.06 93.74 23.89
C TYR N 261 -8.36 94.35 24.39
N TRP N 262 -8.38 95.68 24.47
CA TRP N 262 -9.61 96.41 24.74
C TRP N 262 -9.50 97.78 24.11
N ARG N 263 -10.50 98.18 23.33
CA ARG N 263 -10.49 99.52 22.73
C ARG N 263 -11.83 100.20 22.88
N ASP N 264 -11.77 101.49 23.22
CA ASP N 264 -12.95 102.32 23.41
C ASP N 264 -13.34 102.99 22.09
N VAL N 265 -12.38 103.11 21.17
CA VAL N 265 -12.46 103.93 19.95
C VAL N 265 -13.38 105.16 20.11
N GLY N 266 -13.14 105.94 21.17
CA GLY N 266 -14.01 107.05 21.53
C GLY N 266 -13.71 108.37 20.83
N THR N 267 -12.65 108.40 20.05
CA THR N 267 -12.30 109.57 19.27
C THR N 267 -12.00 109.14 17.85
N ILE N 268 -12.02 110.08 16.92
CA ILE N 268 -11.73 109.74 15.54
C ILE N 268 -10.30 109.20 15.40
N ASP N 269 -9.34 109.79 16.11
CA ASP N 269 -7.99 109.25 16.04
C ASP N 269 -7.90 107.81 16.58
N ALA N 270 -8.64 107.54 17.65
CA ALA N 270 -8.62 106.20 18.25
C ALA N 270 -9.26 105.22 17.29
N TYR N 271 -10.35 105.66 16.68
CA TYR N 271 -11.04 104.86 15.69
C TYR N 271 -10.19 104.52 14.48
N TRP N 272 -9.59 105.55 13.88
CA TRP N 272 -8.70 105.34 12.74
C TRP N 272 -7.56 104.39 13.13
N GLN N 273 -6.95 104.64 14.28
CA GLN N 273 -5.79 103.86 14.70
C GLN N 273 -6.14 102.38 14.91
N ALA N 274 -7.24 102.11 15.61
CA ALA N 274 -7.64 100.72 15.87
C ALA N 274 -7.93 99.93 14.58
N ASN N 275 -8.49 100.57 13.56
CA ASN N 275 -8.79 99.88 12.32
C ASN N 275 -7.54 99.68 11.51
N ILE N 276 -6.74 100.73 11.42
CA ILE N 276 -5.62 100.72 10.51
C ILE N 276 -4.51 99.85 11.12
N ASP N 277 -4.54 99.66 12.44
CA ASP N 277 -3.59 98.77 13.09
C ASP N 277 -3.80 97.31 12.66
N LEU N 278 -4.96 97.01 12.11
CA LEU N 278 -5.24 95.66 11.64
C LEU N 278 -4.48 95.34 10.35
N THR N 279 -3.84 96.33 9.76
CA THR N 279 -3.10 96.09 8.53
C THR N 279 -1.67 95.64 8.87
N ASP N 280 -1.32 95.67 10.15
CA ASP N 280 0.03 95.29 10.59
C ASP N 280 0.35 93.83 10.27
N VAL N 281 1.65 93.51 10.25
CA VAL N 281 2.09 92.13 10.05
C VAL N 281 1.64 91.28 11.21
N VAL N 282 1.85 91.78 12.42
CA VAL N 282 1.26 91.14 13.60
C VAL N 282 0.38 92.14 14.36
N PRO N 283 -0.92 92.11 14.07
CA PRO N 283 -1.85 93.04 14.72
C PRO N 283 -2.09 92.71 16.21
N ASP N 284 -2.37 93.76 16.99
CA ASP N 284 -2.76 93.62 18.38
C ASP N 284 -4.03 92.79 18.53
N LEU N 285 -4.90 92.85 17.53
CA LEU N 285 -6.13 92.05 17.46
C LEU N 285 -6.04 90.98 16.38
N ASP N 286 -6.21 89.72 16.76
CA ASP N 286 -6.16 88.64 15.79
C ASP N 286 -7.57 88.35 15.29
N ILE N 287 -7.91 88.85 14.11
CA ILE N 287 -9.25 88.62 13.60
C ILE N 287 -9.34 87.27 12.88
N TYR N 288 -8.19 86.63 12.66
CA TYR N 288 -8.15 85.36 11.95
C TYR N 288 -8.24 84.17 12.91
N ASP N 289 -8.58 84.45 14.16
CA ASP N 289 -8.75 83.41 15.16
C ASP N 289 -10.15 82.82 15.09
N LYS N 290 -10.26 81.49 15.24
CA LYS N 290 -11.55 80.82 15.21
C LYS N 290 -11.93 80.24 16.57
N SER N 291 -11.08 80.39 17.57
CA SER N 291 -11.40 79.84 18.89
C SER N 291 -12.34 80.73 19.67
N TRP N 292 -12.46 82.01 19.29
CA TRP N 292 -13.42 82.90 19.93
C TRP N 292 -14.00 83.81 18.86
N PRO N 293 -14.86 83.25 17.99
CA PRO N 293 -15.24 83.95 16.76
C PRO N 293 -16.20 85.10 17.00
N ILE N 294 -16.09 86.13 16.16
CA ILE N 294 -17.02 87.24 16.22
C ILE N 294 -18.09 87.05 15.16
N TRP N 295 -19.32 86.84 15.60
CA TRP N 295 -20.45 86.74 14.69
C TRP N 295 -20.89 88.15 14.30
N THR N 296 -21.39 88.29 13.06
CA THR N 296 -21.93 89.57 12.60
C THR N 296 -23.00 89.35 11.53
N TYR N 297 -23.51 90.44 10.97
CA TYR N 297 -24.32 90.32 9.77
C TYR N 297 -23.41 90.35 8.56
N ALA N 298 -23.50 89.31 7.72
CA ALA N 298 -22.70 89.25 6.52
C ALA N 298 -23.48 88.60 5.40
N GLU N 299 -23.41 89.18 4.21
CA GLU N 299 -24.08 88.62 3.06
C GLU N 299 -23.08 87.92 2.17
N ILE N 300 -23.58 86.96 1.41
CA ILE N 300 -22.82 86.33 0.36
C ILE N 300 -22.43 87.40 -0.65
N THR N 301 -21.14 87.53 -0.93
CA THR N 301 -20.68 88.54 -1.86
C THR N 301 -19.69 87.90 -2.82
N PRO N 302 -19.45 88.55 -3.95
CA PRO N 302 -18.36 88.08 -4.82
C PRO N 302 -17.01 88.35 -4.17
N PRO N 303 -15.95 87.70 -4.67
CA PRO N 303 -14.62 87.94 -4.11
C PRO N 303 -14.11 89.36 -4.34
N ALA N 304 -12.88 89.64 -3.89
CA ALA N 304 -12.25 90.90 -4.20
C ALA N 304 -11.51 90.76 -5.54
N LYS N 305 -11.55 91.81 -6.34
CA LYS N 305 -11.01 91.79 -7.70
C LYS N 305 -9.99 92.91 -7.89
N PHE N 306 -8.87 92.59 -8.53
CA PHE N 306 -7.80 93.56 -8.82
C PHE N 306 -7.51 93.52 -10.30
N VAL N 307 -7.55 94.67 -10.95
CA VAL N 307 -7.43 94.68 -12.40
C VAL N 307 -6.56 95.86 -12.87
N HIS N 308 -6.06 95.75 -14.10
CA HIS N 308 -5.17 96.71 -14.76
C HIS N 308 -3.77 96.63 -14.20
N ASP N 309 -2.82 96.80 -15.10
CA ASP N 309 -1.43 96.48 -14.81
C ASP N 309 -0.58 96.96 -15.97
N ASP N 310 -0.76 98.21 -16.34
CA ASP N 310 -0.01 98.76 -17.45
C ASP N 310 0.91 99.86 -16.97
N GLU N 311 1.42 100.64 -17.91
CA GLU N 311 2.37 101.70 -17.63
C GLU N 311 1.91 102.62 -16.51
N ASP N 312 0.69 103.13 -16.65
CA ASP N 312 0.21 104.22 -15.80
C ASP N 312 -0.63 103.76 -14.63
N ARG N 313 -1.17 102.55 -14.69
CA ARG N 313 -2.08 102.10 -13.64
C ARG N 313 -1.99 100.60 -13.34
N ARG N 314 -2.11 100.30 -12.05
CA ARG N 314 -2.10 98.92 -11.59
C ARG N 314 -3.05 98.84 -10.40
N GLY N 315 -4.04 97.98 -10.49
CA GLY N 315 -4.92 97.74 -9.37
C GLY N 315 -4.24 96.74 -8.46
N SER N 316 -3.93 97.16 -7.24
CA SER N 316 -3.32 96.24 -6.28
C SER N 316 -3.34 96.81 -4.88
N ALA N 317 -3.38 95.90 -3.90
CA ALA N 317 -3.36 96.27 -2.50
C ALA N 317 -2.05 95.78 -1.90
N VAL N 318 -1.45 96.62 -1.07
CA VAL N 318 -0.21 96.29 -0.42
C VAL N 318 -0.32 96.73 1.04
N SER N 319 0.11 95.88 1.97
CA SER N 319 -0.04 96.12 3.40
C SER N 319 -1.46 96.56 3.72
N SER N 320 -2.42 95.82 3.18
CA SER N 320 -3.83 96.22 3.24
C SER N 320 -4.76 95.06 3.52
N VAL N 321 -5.96 95.38 3.95
CA VAL N 321 -7.03 94.40 4.16
C VAL N 321 -8.21 94.81 3.31
N VAL N 322 -8.74 93.88 2.52
CA VAL N 322 -9.77 94.19 1.52
C VAL N 322 -10.91 93.19 1.62
N SER N 323 -12.14 93.67 1.70
CA SER N 323 -13.29 92.79 1.89
C SER N 323 -13.96 92.35 0.60
N GLY N 324 -15.05 91.60 0.74
CA GLY N 324 -15.81 91.14 -0.40
C GLY N 324 -16.44 92.25 -1.20
N ASP N 325 -16.79 91.93 -2.44
CA ASP N 325 -17.45 92.89 -3.33
C ASP N 325 -16.63 94.17 -3.52
N CYS N 326 -15.31 94.09 -3.38
CA CYS N 326 -14.46 95.25 -3.69
C CYS N 326 -13.88 95.11 -5.08
N ILE N 327 -13.88 96.19 -5.86
CA ILE N 327 -13.22 96.14 -7.16
C ILE N 327 -12.14 97.20 -7.20
N ILE N 328 -10.89 96.75 -7.25
CA ILE N 328 -9.74 97.63 -7.22
C ILE N 328 -9.19 97.76 -8.64
N SER N 329 -9.65 98.78 -9.34
CA SER N 329 -9.45 98.91 -10.77
C SER N 329 -8.41 99.98 -11.11
N GLY N 330 -7.17 99.56 -11.31
CA GLY N 330 -6.10 100.49 -11.67
C GLY N 330 -5.79 101.44 -10.52
N ALA N 331 -6.17 101.02 -9.31
CA ALA N 331 -6.04 101.85 -8.14
C ALA N 331 -5.04 101.25 -7.17
N ALA N 332 -4.20 102.09 -6.57
CA ALA N 332 -3.20 101.62 -5.64
C ALA N 332 -3.68 101.78 -4.20
N LEU N 333 -3.63 100.68 -3.45
CA LEU N 333 -3.95 100.71 -2.03
C LEU N 333 -2.71 100.44 -1.21
N ASN N 334 -2.46 101.28 -0.23
CA ASN N 334 -1.32 101.10 0.66
C ASN N 334 -1.72 101.42 2.08
N ARG N 335 -1.46 100.47 2.98
CA ARG N 335 -1.80 100.63 4.39
C ARG N 335 -3.24 101.12 4.56
N SER N 336 -4.17 100.36 4.00
CA SER N 336 -5.58 100.71 4.06
C SER N 336 -6.44 99.53 4.46
N LEU N 337 -7.63 99.85 4.94
CA LEU N 337 -8.61 98.85 5.32
C LEU N 337 -9.91 99.13 4.58
N LEU N 338 -10.32 98.22 3.70
CA LEU N 338 -11.52 98.39 2.91
C LEU N 338 -12.62 97.45 3.37
N PHE N 339 -13.76 98.02 3.72
CA PHE N 339 -14.97 97.26 4.00
C PHE N 339 -15.64 96.78 2.71
N THR N 340 -16.71 96.01 2.84
CA THR N 340 -17.37 95.42 1.68
C THR N 340 -17.91 96.45 0.69
N GLY N 341 -17.79 96.17 -0.60
CA GLY N 341 -18.46 96.96 -1.60
C GLY N 341 -17.72 98.16 -2.17
N VAL N 342 -16.45 98.34 -1.82
CA VAL N 342 -15.71 99.49 -2.31
C VAL N 342 -15.34 99.34 -3.79
N ARG N 343 -15.51 100.42 -4.54
CA ARG N 343 -15.10 100.48 -5.93
C ARG N 343 -14.07 101.60 -6.09
N ALA N 344 -12.81 101.23 -6.25
CA ALA N 344 -11.76 102.22 -6.44
C ALA N 344 -11.32 102.18 -7.89
N ASN N 345 -11.31 103.33 -8.56
CA ASN N 345 -11.13 103.36 -10.00
C ASN N 345 -9.77 103.85 -10.43
N SER N 346 -9.54 103.82 -11.74
CA SER N 346 -8.21 103.99 -12.32
C SER N 346 -7.48 105.26 -11.91
N TYR N 347 -6.21 105.10 -11.56
CA TYR N 347 -5.29 106.20 -11.23
C TYR N 347 -5.58 106.83 -9.88
N SER N 348 -6.48 106.24 -9.12
CA SER N 348 -6.67 106.70 -7.74
C SER N 348 -5.63 106.06 -6.84
N ARG N 349 -5.42 106.67 -5.68
CA ARG N 349 -4.49 106.15 -4.68
C ARG N 349 -5.11 106.28 -3.31
N LEU N 350 -5.03 105.19 -2.53
CA LEU N 350 -5.44 105.23 -1.13
C LEU N 350 -4.26 104.88 -0.23
N GLU N 351 -3.90 105.79 0.67
CA GLU N 351 -2.84 105.54 1.63
C GLU N 351 -3.36 105.83 3.02
N ASN N 352 -3.08 104.94 3.97
CA ASN N 352 -3.47 105.15 5.37
C ASN N 352 -4.97 105.41 5.49
N ALA N 353 -5.76 104.61 4.80
CA ALA N 353 -7.20 104.88 4.68
C ALA N 353 -8.05 103.80 5.33
N VAL N 354 -9.01 104.22 6.16
CA VAL N 354 -10.06 103.32 6.60
C VAL N 354 -11.31 103.64 5.80
N VAL N 355 -11.75 102.72 4.96
CA VAL N 355 -12.79 102.98 3.96
C VAL N 355 -14.01 102.11 4.21
N LEU N 356 -15.12 102.75 4.61
CA LEU N 356 -16.32 102.04 5.07
C LEU N 356 -17.14 101.50 3.90
N PRO N 357 -18.19 100.67 4.17
CA PRO N 357 -18.81 99.96 3.05
C PRO N 357 -19.35 100.83 1.93
N SER N 358 -19.19 100.33 0.70
CA SER N 358 -19.88 100.85 -0.47
C SER N 358 -19.36 102.20 -0.97
N VAL N 359 -18.22 102.64 -0.44
CA VAL N 359 -17.58 103.86 -0.92
C VAL N 359 -17.16 103.69 -2.37
N LYS N 360 -17.25 104.75 -3.17
CA LYS N 360 -16.67 104.78 -4.50
C LYS N 360 -15.54 105.81 -4.56
N ILE N 361 -14.43 105.43 -5.19
CA ILE N 361 -13.29 106.33 -5.34
C ILE N 361 -13.06 106.60 -6.84
N GLY N 362 -13.39 107.81 -7.27
CA GLY N 362 -13.32 108.13 -8.68
C GLY N 362 -11.90 108.22 -9.17
N ARG N 363 -11.73 108.14 -10.48
CA ARG N 363 -10.41 108.20 -11.08
C ARG N 363 -9.60 109.39 -10.58
N HIS N 364 -8.30 109.15 -10.41
CA HIS N 364 -7.33 110.20 -10.07
C HIS N 364 -7.46 110.77 -8.65
N ALA N 365 -8.45 110.34 -7.89
CA ALA N 365 -8.53 110.77 -6.49
C ALA N 365 -7.33 110.25 -5.70
N GLN N 366 -6.72 111.09 -4.86
CA GLN N 366 -5.58 110.64 -4.07
C GLN N 366 -5.79 111.01 -2.60
N LEU N 367 -6.04 110.01 -1.77
CA LEU N 367 -6.46 110.24 -0.38
C LEU N 367 -5.51 109.59 0.61
N SER N 368 -5.05 110.36 1.59
CA SER N 368 -4.12 109.86 2.60
C SER N 368 -4.56 110.27 4.00
N ASN N 369 -4.47 109.32 4.96
CA ASN N 369 -4.82 109.56 6.37
C ASN N 369 -6.28 109.95 6.56
N VAL N 370 -7.17 109.05 6.14
CA VAL N 370 -8.60 109.33 6.15
C VAL N 370 -9.46 108.21 6.76
N VAL N 371 -10.66 108.60 7.18
CA VAL N 371 -11.75 107.70 7.50
C VAL N 371 -12.89 108.07 6.59
N ILE N 372 -13.28 107.18 5.67
CA ILE N 372 -14.32 107.55 4.73
C ILE N 372 -15.62 106.89 5.10
N ASP N 373 -16.64 107.70 5.40
CA ASP N 373 -17.95 107.24 5.84
C ASP N 373 -18.61 106.27 4.83
N HIS N 374 -19.51 105.43 5.34
CA HIS N 374 -20.33 104.53 4.54
C HIS N 374 -20.93 105.24 3.33
N GLY N 375 -20.69 104.69 2.13
CA GLY N 375 -21.44 105.09 0.96
C GLY N 375 -20.97 106.35 0.25
N VAL N 376 -20.02 107.05 0.86
CA VAL N 376 -19.48 108.28 0.29
C VAL N 376 -18.95 108.09 -1.13
N VAL N 377 -19.39 108.94 -2.05
CA VAL N 377 -18.83 108.93 -3.40
C VAL N 377 -17.78 110.04 -3.53
N ILE N 378 -16.51 109.63 -3.60
CA ILE N 378 -15.39 110.55 -3.78
C ILE N 378 -15.32 110.95 -5.25
N PRO N 379 -15.48 112.25 -5.54
CA PRO N 379 -15.50 112.71 -6.93
C PRO N 379 -14.11 112.59 -7.54
N GLU N 380 -14.02 112.49 -8.86
CA GLU N 380 -12.75 112.25 -9.52
C GLU N 380 -11.73 113.33 -9.20
N GLY N 381 -10.48 112.92 -9.03
CA GLY N 381 -9.40 113.85 -8.85
C GLY N 381 -9.25 114.51 -7.49
N LEU N 382 -10.19 114.27 -6.58
CA LEU N 382 -10.12 114.88 -5.25
C LEU N 382 -8.82 114.55 -4.54
N ILE N 383 -8.20 115.55 -3.92
CA ILE N 383 -6.96 115.35 -3.18
C ILE N 383 -7.14 115.63 -1.71
N VAL N 384 -6.86 114.65 -0.88
CA VAL N 384 -6.87 114.86 0.56
C VAL N 384 -5.56 114.37 1.14
N GLY N 385 -5.02 115.09 2.11
CA GLY N 385 -3.81 114.65 2.78
C GLY N 385 -2.60 115.43 2.32
N GLU N 386 -2.81 116.29 1.34
CA GLU N 386 -1.75 117.11 0.78
C GLU N 386 -1.68 118.51 1.39
N ASP N 387 -2.84 119.11 1.65
CA ASP N 387 -2.93 120.51 2.07
C ASP N 387 -3.68 120.63 3.39
N PRO N 388 -2.96 120.60 4.53
CA PRO N 388 -3.54 120.53 5.87
C PRO N 388 -4.55 121.63 6.16
N GLU N 389 -4.33 122.81 5.61
CA GLU N 389 -5.20 123.94 5.85
C GLU N 389 -6.46 123.86 4.98
N LEU N 390 -6.28 123.48 3.72
CA LEU N 390 -7.42 123.21 2.87
C LEU N 390 -8.15 122.00 3.44
N ASP N 391 -7.39 121.05 3.98
CA ASP N 391 -7.97 119.82 4.49
C ASP N 391 -8.86 120.10 5.69
N ALA N 392 -8.41 121.00 6.57
CA ALA N 392 -9.21 121.35 7.75
C ALA N 392 -10.47 122.13 7.37
N LYS N 393 -10.45 122.82 6.23
CA LYS N 393 -11.58 123.64 5.85
C LYS N 393 -12.75 122.82 5.30
N ARG N 394 -12.47 121.86 4.42
CA ARG N 394 -13.53 121.08 3.77
C ARG N 394 -14.02 119.90 4.62
N PHE N 395 -13.16 119.33 5.46
CA PHE N 395 -13.53 118.09 6.13
C PHE N 395 -13.31 118.17 7.64
N ARG N 396 -13.82 117.17 8.35
CA ARG N 396 -13.53 117.01 9.78
C ARG N 396 -12.11 116.51 9.94
N ARG N 397 -11.17 117.41 10.24
CA ARG N 397 -9.77 117.04 10.33
C ARG N 397 -9.31 117.01 11.79
N THR N 398 -8.61 115.95 12.17
CA THR N 398 -8.20 115.84 13.57
C THR N 398 -6.89 116.54 13.82
N GLU N 399 -6.67 116.81 15.10
CA GLU N 399 -5.43 117.33 15.64
C GLU N 399 -4.19 116.61 15.08
N SER N 400 -4.23 115.29 14.99
CA SER N 400 -3.08 114.54 14.48
C SER N 400 -3.09 114.37 12.96
N GLY N 401 -4.04 115.00 12.27
CA GLY N 401 -4.02 115.02 10.82
C GLY N 401 -4.91 114.02 10.09
N ILE N 402 -5.85 113.40 10.80
CA ILE N 402 -6.79 112.50 10.16
C ILE N 402 -8.02 113.27 9.70
N CYS N 403 -8.41 113.08 8.44
CA CYS N 403 -9.67 113.63 7.95
C CYS N 403 -10.79 112.60 7.92
N LEU N 404 -11.90 112.92 8.59
CA LEU N 404 -13.14 112.17 8.41
C LEU N 404 -13.91 112.80 7.26
N ILE N 405 -14.26 111.98 6.26
CA ILE N 405 -14.96 112.48 5.09
C ILE N 405 -16.36 111.90 4.96
N THR N 406 -17.36 112.78 4.97
CA THR N 406 -18.76 112.39 4.85
CA THR N 406 -18.75 112.34 4.81
C THR N 406 -19.32 112.91 3.53
N GLN N 407 -20.45 112.37 3.10
CA GLN N 407 -21.04 112.81 1.84
C GLN N 407 -21.54 114.24 1.95
N SER N 408 -22.10 114.60 3.10
CA SER N 408 -22.57 115.96 3.31
C SER N 408 -21.40 116.94 3.44
N MET N 409 -20.17 116.45 3.33
CA MET N 409 -19.00 117.31 3.21
C MET N 409 -18.66 117.47 1.74
N ILE N 410 -18.62 116.35 1.03
CA ILE N 410 -18.31 116.33 -0.40
C ILE N 410 -19.25 117.23 -1.20
N ASP N 411 -20.53 117.21 -0.86
CA ASP N 411 -21.53 117.98 -1.59
C ASP N 411 -21.27 119.47 -1.54
N LYS N 412 -20.79 119.95 -0.40
CA LYS N 412 -20.55 121.37 -0.20
C LYS N 412 -19.32 121.87 -0.96
N LEU N 413 -18.69 121.01 -1.75
CA LEU N 413 -17.41 121.38 -2.33
C LEU N 413 -17.53 122.52 -3.34
N ASP N 414 -17.52 123.72 -2.78
CA ASP N 414 -17.17 124.97 -3.47
C ASP N 414 -15.79 124.84 -4.09
N LEU N 415 -14.88 124.41 -3.23
CA LEU N 415 -13.46 124.65 -3.36
C LEU N 415 -12.79 123.89 -2.23
N VAL O 1 -52.91 -68.08 11.06
CA VAL O 1 -52.75 -66.95 11.97
C VAL O 1 -51.81 -67.22 13.15
N GLN O 2 -51.96 -68.35 13.84
CA GLN O 2 -51.06 -68.71 14.93
C GLN O 2 -49.72 -69.19 14.38
N PRO O 3 -48.62 -68.82 15.03
CA PRO O 3 -47.31 -69.38 14.67
C PRO O 3 -47.31 -70.90 14.81
N LEU O 4 -46.73 -71.58 13.82
CA LEU O 4 -46.73 -73.04 13.82
C LEU O 4 -45.77 -73.57 14.87
N ALA O 5 -44.77 -72.75 15.22
CA ALA O 5 -43.80 -73.12 16.23
C ALA O 5 -44.43 -73.44 17.59
N ARG O 6 -45.58 -72.82 17.87
CA ARG O 6 -46.32 -73.09 19.11
C ARG O 6 -46.64 -74.56 19.29
N ASP O 7 -46.87 -75.26 18.19
CA ASP O 7 -47.26 -76.66 18.23
C ASP O 7 -46.15 -77.57 17.73
N ALA O 8 -44.94 -77.04 17.65
CA ALA O 8 -43.83 -77.81 17.13
C ALA O 8 -43.00 -78.38 18.27
N MET O 9 -42.30 -79.47 17.96
CA MET O 9 -41.29 -80.02 18.84
C MET O 9 -40.00 -80.22 18.05
N ALA O 10 -38.92 -79.62 18.54
CA ALA O 10 -37.60 -79.79 17.95
C ALA O 10 -36.94 -81.02 18.53
N TYR O 11 -36.57 -81.96 17.68
CA TYR O 11 -35.96 -83.17 18.16
C TYR O 11 -34.53 -83.25 17.63
N VAL O 12 -33.57 -83.06 18.53
CA VAL O 12 -32.17 -82.90 18.13
C VAL O 12 -31.42 -84.22 18.22
N LEU O 13 -30.86 -84.63 17.10
CA LEU O 13 -30.04 -85.83 17.04
C LEU O 13 -28.60 -85.48 17.38
N ALA O 14 -28.13 -85.94 18.52
CA ALA O 14 -26.87 -85.45 19.05
C ALA O 14 -25.94 -86.61 19.34
N GLY O 15 -25.99 -87.63 18.48
CA GLY O 15 -25.22 -88.84 18.67
C GLY O 15 -23.91 -88.84 17.91
N GLY O 16 -23.70 -87.79 17.10
CA GLY O 16 -22.53 -87.67 16.25
C GLY O 16 -21.20 -87.95 16.91
N ARG O 17 -20.36 -88.74 16.25
CA ARG O 17 -19.10 -89.16 16.83
C ARG O 17 -17.96 -88.21 16.48
N GLY O 18 -18.06 -87.55 15.33
CA GLY O 18 -16.99 -86.69 14.86
C GLY O 18 -15.70 -87.48 14.77
N SER O 19 -15.74 -88.50 13.92
CA SER O 19 -14.64 -89.43 13.78
C SER O 19 -13.35 -88.75 13.35
N ARG O 20 -13.44 -88.00 12.25
CA ARG O 20 -12.26 -87.36 11.66
C ARG O 20 -11.64 -86.31 12.56
N LEU O 21 -12.32 -85.93 13.63
CA LEU O 21 -11.81 -84.96 14.59
C LEU O 21 -10.83 -85.65 15.53
N LYS O 22 -10.68 -86.95 15.33
CA LYS O 22 -9.68 -87.76 16.02
C LYS O 22 -9.75 -87.54 17.52
N GLU O 23 -8.63 -87.21 18.16
CA GLU O 23 -8.59 -87.19 19.62
C GLU O 23 -9.46 -86.10 20.24
N LEU O 24 -9.91 -85.15 19.43
CA LEU O 24 -10.80 -84.08 19.90
C LEU O 24 -12.11 -84.64 20.43
N THR O 25 -12.57 -85.72 19.81
CA THR O 25 -13.78 -86.40 20.27
C THR O 25 -13.46 -87.78 20.87
N ASP O 26 -12.32 -87.88 21.58
CA ASP O 26 -11.93 -89.10 22.27
C ASP O 26 -12.92 -89.46 23.38
N ARG O 27 -13.29 -88.46 24.17
CA ARG O 27 -14.17 -88.66 25.30
C ARG O 27 -15.33 -87.66 25.30
N ARG O 28 -15.80 -87.31 24.10
CA ARG O 28 -16.93 -86.41 23.98
C ARG O 28 -17.55 -86.55 22.60
N ALA O 29 -18.86 -86.39 22.52
CA ALA O 29 -19.53 -86.43 21.23
C ALA O 29 -19.24 -85.14 20.48
N LYS O 30 -19.35 -85.16 19.16
CA LYS O 30 -19.14 -83.97 18.36
C LYS O 30 -20.01 -82.78 18.79
N PRO O 31 -21.31 -83.01 19.11
CA PRO O 31 -22.08 -81.84 19.54
C PRO O 31 -21.54 -81.16 20.80
N ALA O 32 -20.69 -81.85 21.55
CA ALA O 32 -20.15 -81.32 22.79
C ALA O 32 -18.81 -80.59 22.58
N VAL O 33 -18.32 -80.57 21.36
CA VAL O 33 -17.06 -79.90 21.09
C VAL O 33 -17.27 -78.39 21.25
N TYR O 34 -16.33 -77.72 21.91
CA TYR O 34 -16.38 -76.28 22.12
C TYR O 34 -16.25 -75.48 20.84
N PHE O 35 -16.89 -74.32 20.77
CA PHE O 35 -16.74 -73.48 19.60
C PHE O 35 -16.94 -72.00 19.89
N GLY O 36 -16.15 -71.18 19.21
CA GLY O 36 -16.39 -69.74 19.19
C GLY O 36 -15.93 -69.00 20.43
N GLY O 37 -15.41 -69.74 21.40
CA GLY O 37 -14.92 -69.13 22.62
C GLY O 37 -15.74 -69.38 23.87
N LYS O 38 -17.05 -69.52 23.74
CA LYS O 38 -17.90 -69.64 24.92
C LYS O 38 -18.91 -70.77 24.85
N ALA O 39 -19.15 -71.30 23.65
CA ALA O 39 -20.25 -72.23 23.45
C ALA O 39 -19.80 -73.59 22.93
N ARG O 40 -20.75 -74.49 22.81
CA ARG O 40 -20.47 -75.79 22.23
C ARG O 40 -21.30 -75.87 20.96
N ILE O 41 -20.97 -76.82 20.09
CA ILE O 41 -21.63 -76.92 18.79
C ILE O 41 -23.13 -77.08 18.92
N ILE O 42 -23.60 -77.97 19.78
CA ILE O 42 -25.03 -78.22 19.92
C ILE O 42 -25.85 -76.98 20.31
N ASP O 43 -25.21 -75.97 20.90
CA ASP O 43 -25.92 -74.76 21.32
C ASP O 43 -26.54 -74.02 20.15
N PHE O 44 -26.02 -74.26 18.94
CA PHE O 44 -26.52 -73.51 17.80
C PHE O 44 -27.91 -74.00 17.40
N ALA O 45 -28.06 -75.30 17.17
CA ALA O 45 -29.36 -75.89 16.86
C ALA O 45 -30.36 -75.61 17.98
N LEU O 46 -29.89 -75.68 19.23
CA LEU O 46 -30.76 -75.43 20.37
C LEU O 46 -31.23 -73.99 20.40
N SER O 47 -30.31 -73.06 20.10
CA SER O 47 -30.67 -71.64 20.09
C SER O 47 -31.58 -71.34 18.89
N ASN O 48 -31.36 -72.05 17.78
CA ASN O 48 -32.26 -71.94 16.63
C ASN O 48 -33.69 -72.32 16.98
N ALA O 49 -33.87 -73.44 17.68
CA ALA O 49 -35.19 -73.87 18.11
C ALA O 49 -35.85 -72.82 19.01
N LEU O 50 -35.13 -72.47 20.08
CA LEU O 50 -35.57 -71.43 21.01
C LEU O 50 -35.98 -70.15 20.31
N ASN O 51 -35.09 -69.64 19.45
CA ASN O 51 -35.33 -68.36 18.79
C ASN O 51 -36.44 -68.44 17.74
N SER O 52 -36.69 -69.64 17.23
CA SER O 52 -37.77 -69.85 16.25
C SER O 52 -39.13 -69.98 16.94
N GLY O 53 -39.13 -70.17 18.25
CA GLY O 53 -40.37 -70.27 19.00
C GLY O 53 -40.74 -71.69 19.35
N ILE O 54 -39.82 -72.61 19.14
CA ILE O 54 -40.08 -74.00 19.50
C ILE O 54 -39.77 -74.21 20.97
N ARG O 55 -40.83 -74.32 21.77
CA ARG O 55 -40.74 -74.39 23.23
C ARG O 55 -40.45 -75.80 23.76
N ARG O 56 -40.63 -76.81 22.90
CA ARG O 56 -40.35 -78.20 23.29
C ARG O 56 -39.15 -78.75 22.56
N ILE O 57 -38.18 -79.25 23.31
CA ILE O 57 -36.95 -79.76 22.74
C ILE O 57 -36.64 -81.14 23.30
N GLY O 58 -36.33 -82.08 22.40
CA GLY O 58 -35.81 -83.38 22.80
C GLY O 58 -34.40 -83.50 22.26
N VAL O 59 -33.50 -84.12 23.02
CA VAL O 59 -32.14 -84.31 22.55
C VAL O 59 -31.72 -85.76 22.74
N ALA O 60 -31.63 -86.47 21.63
CA ALA O 60 -31.18 -87.87 21.60
C ALA O 60 -29.66 -87.94 21.55
N THR O 61 -29.05 -88.62 22.49
CA THR O 61 -27.60 -88.77 22.51
C THR O 61 -27.21 -90.24 22.46
N GLN O 62 -25.92 -90.50 22.28
CA GLN O 62 -25.45 -91.88 22.14
C GLN O 62 -24.08 -92.10 22.79
N TYR O 63 -23.03 -92.09 21.97
CA TYR O 63 -21.69 -92.41 22.47
C TYR O 63 -21.01 -91.21 23.15
N LYS O 64 -20.25 -91.52 24.19
CA LYS O 64 -19.53 -90.55 25.03
C LYS O 64 -20.30 -89.27 25.28
N ALA O 65 -21.50 -89.41 25.85
CA ALA O 65 -22.40 -88.30 26.02
C ALA O 65 -22.34 -87.64 27.37
N HIS O 66 -21.44 -88.11 28.23
CA HIS O 66 -21.43 -87.58 29.59
C HIS O 66 -21.30 -86.06 29.71
N SER O 67 -20.29 -85.49 29.05
CA SER O 67 -20.07 -84.06 29.12
C SER O 67 -21.18 -83.35 28.36
N LEU O 68 -21.73 -84.01 27.35
CA LEU O 68 -22.84 -83.42 26.61
C LEU O 68 -24.09 -83.34 27.49
N ARG O 70 -24.21 -83.21 30.95
CA ARG O 70 -23.87 -82.23 31.97
C ARG O 70 -24.03 -80.81 31.44
N HIS O 71 -23.58 -80.58 30.22
CA HIS O 71 -23.72 -79.27 29.58
C HIS O 71 -25.20 -78.93 29.43
N LEU O 72 -25.98 -79.89 28.95
CA LEU O 72 -27.41 -79.65 28.78
C LEU O 72 -28.10 -79.44 30.13
N GLN O 73 -27.73 -80.22 31.13
CA GLN O 73 -28.28 -80.08 32.48
C GLN O 73 -27.96 -78.71 33.09
N ARG O 74 -26.73 -78.26 32.94
CA ARG O 74 -26.30 -77.00 33.53
C ARG O 74 -26.75 -75.78 32.72
N GLY O 75 -26.73 -75.91 31.39
CA GLY O 75 -27.02 -74.78 30.53
C GLY O 75 -28.46 -74.58 30.07
N TRP O 76 -29.17 -75.68 29.78
CA TRP O 76 -30.51 -75.59 29.20
C TRP O 76 -31.59 -76.03 30.20
N ASP O 77 -31.59 -75.35 31.35
CA ASP O 77 -32.33 -75.77 32.54
C ASP O 77 -33.53 -74.89 32.88
N PHE O 78 -33.89 -73.98 31.97
CA PHE O 78 -34.89 -72.95 32.30
C PHE O 78 -36.26 -73.19 31.66
N PHE O 79 -36.52 -74.42 31.20
CA PHE O 79 -37.81 -74.76 30.59
C PHE O 79 -38.75 -75.35 31.64
N ARG O 80 -39.94 -74.80 31.76
CA ARG O 80 -40.89 -75.29 32.76
C ARG O 80 -42.16 -75.84 32.10
N PRO O 81 -42.54 -77.09 32.42
CA PRO O 81 -43.69 -77.73 31.78
C PRO O 81 -45.02 -76.99 31.97
N GLU O 82 -45.19 -76.25 33.06
CA GLU O 82 -46.44 -75.54 33.26
C GLU O 82 -46.54 -74.28 32.37
N ARG O 83 -45.47 -73.93 31.64
CA ARG O 83 -45.55 -72.89 30.62
C ARG O 83 -45.53 -73.52 29.22
N ASN O 84 -45.85 -74.80 29.17
CA ASN O 84 -45.78 -75.60 27.94
C ASN O 84 -44.41 -75.57 27.25
N GLU O 85 -43.37 -75.43 28.05
CA GLU O 85 -42.00 -75.60 27.61
C GLU O 85 -41.52 -76.94 28.13
N SER O 86 -40.55 -77.54 27.47
CA SER O 86 -39.95 -78.75 27.99
C SER O 86 -38.60 -78.95 27.35
N PHE O 87 -37.73 -79.65 28.07
CA PHE O 87 -36.42 -79.97 27.55
C PHE O 87 -36.05 -81.37 28.04
N ASP O 88 -36.18 -82.35 27.15
CA ASP O 88 -35.90 -83.73 27.53
C ASP O 88 -34.55 -84.18 27.00
N ILE O 89 -33.70 -84.67 27.90
CA ILE O 89 -32.43 -85.28 27.52
C ILE O 89 -32.61 -86.78 27.46
N LEU O 90 -32.38 -87.37 26.30
CA LEU O 90 -32.78 -88.76 26.06
C LEU O 90 -31.64 -89.64 25.58
N PRO O 91 -30.78 -90.06 26.50
CA PRO O 91 -29.63 -90.90 26.17
C PRO O 91 -30.02 -92.29 25.65
N ALA O 92 -29.01 -93.10 25.37
CA ALA O 92 -29.16 -94.44 24.79
C ALA O 92 -30.31 -95.25 25.38
N SER O 93 -30.12 -95.80 26.57
CA SER O 93 -31.19 -96.51 27.25
C SER O 93 -31.37 -95.98 28.68
N GLN O 94 -32.58 -95.52 28.98
CA GLN O 94 -32.89 -94.88 30.27
C GLN O 94 -31.95 -93.72 30.56
N TRP O 101 -27.94 -99.22 23.02
CA TRP O 101 -27.89 -98.00 22.23
C TRP O 101 -28.97 -97.93 21.18
N TYR O 102 -29.13 -96.74 20.62
CA TYR O 102 -30.02 -96.52 19.51
C TYR O 102 -29.52 -97.24 18.23
N GLU O 103 -30.44 -97.65 17.35
CA GLU O 103 -30.08 -98.40 16.14
C GLU O 103 -29.94 -97.57 14.86
N GLY O 104 -30.22 -96.28 14.95
CA GLY O 104 -30.17 -95.38 13.81
C GLY O 104 -30.96 -94.14 14.18
N THR O 105 -30.81 -93.06 13.44
CA THR O 105 -31.46 -91.83 13.87
C THR O 105 -32.99 -91.97 13.95
N ALA O 106 -33.54 -93.01 13.33
CA ALA O 106 -34.96 -93.27 13.43
C ALA O 106 -35.27 -94.00 14.73
N ASP O 107 -34.39 -94.93 15.10
CA ASP O 107 -34.53 -95.62 16.39
C ASP O 107 -34.47 -94.60 17.52
N ALA O 108 -33.87 -93.45 17.24
CA ALA O 108 -33.80 -92.37 18.22
C ALA O 108 -35.18 -91.80 18.50
N VAL O 109 -36.02 -91.73 17.47
CA VAL O 109 -37.38 -91.25 17.66
C VAL O 109 -38.32 -92.38 18.08
N TYR O 110 -38.19 -93.55 17.47
CA TYR O 110 -39.06 -94.68 17.80
C TYR O 110 -38.97 -95.12 19.27
N GLN O 111 -37.77 -95.16 19.84
CA GLN O 111 -37.64 -95.51 21.25
C GLN O 111 -38.29 -94.50 22.19
N ASN O 112 -38.57 -93.30 21.68
CA ASN O 112 -39.02 -92.23 22.54
C ASN O 112 -40.40 -91.71 22.20
N ILE O 113 -41.21 -92.56 21.56
CA ILE O 113 -42.57 -92.20 21.21
C ILE O 113 -43.38 -91.89 22.48
N ASP O 114 -43.07 -92.60 23.56
CA ASP O 114 -43.78 -92.45 24.82
C ASP O 114 -43.47 -91.15 25.52
N ILE O 115 -42.31 -90.56 25.23
CA ILE O 115 -41.98 -89.24 25.78
C ILE O 115 -42.63 -88.13 24.94
N ILE O 116 -42.65 -88.31 23.62
CA ILE O 116 -43.20 -87.32 22.70
C ILE O 116 -44.72 -87.29 22.74
N GLU O 117 -45.33 -88.45 22.92
CA GLU O 117 -46.78 -88.56 22.82
C GLU O 117 -47.58 -87.69 23.81
N PRO O 118 -47.20 -87.65 25.10
CA PRO O 118 -47.95 -86.78 26.01
C PRO O 118 -47.94 -85.33 25.58
N TYR O 119 -46.84 -84.90 24.97
CA TYR O 119 -46.70 -83.50 24.55
C TYR O 119 -47.63 -83.20 23.39
N ALA O 120 -48.02 -84.24 22.66
CA ALA O 120 -48.90 -84.13 21.49
C ALA O 120 -48.58 -82.96 20.55
N PRO O 121 -47.33 -82.86 20.07
CA PRO O 121 -47.02 -81.74 19.16
C PRO O 121 -47.65 -81.96 17.79
N GLU O 122 -47.97 -80.89 17.07
CA GLU O 122 -48.49 -81.02 15.71
C GLU O 122 -47.37 -81.33 14.72
N TYR O 123 -46.22 -80.72 14.93
CA TYR O 123 -45.11 -80.85 13.99
C TYR O 123 -43.85 -81.30 14.70
N MET O 124 -43.03 -82.07 13.99
CA MET O 124 -41.73 -82.45 14.48
C MET O 124 -40.66 -81.85 13.59
N VAL O 125 -39.74 -81.12 14.19
CA VAL O 125 -38.58 -80.59 13.48
C VAL O 125 -37.36 -81.38 13.92
N ILE O 126 -36.94 -82.34 13.09
CA ILE O 126 -35.79 -83.18 13.41
C ILE O 126 -34.50 -82.47 13.00
N LEU O 127 -33.59 -82.29 13.95
CA LEU O 127 -32.39 -81.47 13.75
C LEU O 127 -31.10 -82.25 13.94
N ALA O 128 -30.10 -81.94 13.12
CA ALA O 128 -28.75 -82.45 13.35
C ALA O 128 -28.10 -81.50 14.36
N GLY O 129 -27.52 -82.06 15.41
CA GLY O 129 -26.93 -81.24 16.45
C GLY O 129 -25.42 -81.07 16.39
N ASP O 130 -24.84 -81.29 15.21
CA ASP O 130 -23.39 -81.23 15.08
C ASP O 130 -22.92 -80.23 14.00
N HIS O 131 -23.79 -79.28 13.64
CA HIS O 131 -23.42 -78.24 12.69
C HIS O 131 -23.52 -76.84 13.32
N ILE O 132 -22.86 -75.87 12.72
CA ILE O 132 -22.93 -74.50 13.19
C ILE O 132 -23.64 -73.63 12.17
N TYR O 133 -24.83 -73.15 12.53
CA TYR O 133 -25.65 -72.36 11.64
C TYR O 133 -26.77 -71.64 12.40
N LYS O 134 -27.32 -70.61 11.79
CA LYS O 134 -28.47 -69.88 12.34
C LYS O 134 -29.63 -69.89 11.35
N MET O 135 -30.80 -70.31 11.81
CA MET O 135 -31.92 -70.60 10.92
C MET O 135 -33.24 -70.52 11.65
N ASP O 136 -34.19 -69.80 11.07
CA ASP O 136 -35.51 -69.64 11.65
C ASP O 136 -36.44 -70.74 11.16
N TYR O 137 -36.77 -71.68 12.04
CA TYR O 137 -37.54 -72.84 11.63
C TYR O 137 -39.01 -72.59 11.29
N GLU O 138 -39.52 -71.39 11.54
CA GLU O 138 -40.93 -71.12 11.24
C GLU O 138 -41.17 -71.18 9.75
N TYR O 139 -40.20 -70.71 8.97
CA TYR O 139 -40.28 -70.76 7.52
C TYR O 139 -40.51 -72.17 7.03
N MET O 140 -39.70 -73.10 7.50
CA MET O 140 -39.81 -74.50 7.09
C MET O 140 -41.16 -75.09 7.45
N LEU O 141 -41.63 -74.79 8.67
CA LEU O 141 -42.92 -75.26 9.14
C LEU O 141 -44.02 -74.77 8.22
N GLN O 142 -44.00 -73.48 7.92
CA GLN O 142 -45.02 -72.87 7.06
C GLN O 142 -44.97 -73.40 5.65
N GLN O 143 -43.78 -73.77 5.18
CA GLN O 143 -43.68 -74.30 3.84
C GLN O 143 -44.14 -75.75 3.84
N HIS O 144 -43.90 -76.46 4.93
CA HIS O 144 -44.35 -77.84 5.02
C HIS O 144 -45.88 -77.97 4.97
N VAL O 145 -46.58 -77.22 5.79
CA VAL O 145 -48.03 -77.32 5.80
C VAL O 145 -48.59 -76.78 4.49
N ASP O 146 -48.02 -75.70 3.97
CA ASP O 146 -48.50 -75.10 2.73
C ASP O 146 -48.36 -76.02 1.54
N SER O 147 -47.21 -76.68 1.44
CA SER O 147 -46.93 -77.54 0.31
C SER O 147 -47.73 -78.84 0.37
N GLY O 148 -48.19 -79.20 1.57
CA GLY O 148 -48.87 -80.45 1.77
C GLY O 148 -47.93 -81.63 1.60
N ALA O 149 -46.67 -81.44 1.95
CA ALA O 149 -45.66 -82.48 1.80
C ALA O 149 -45.67 -83.45 2.96
N ASP O 150 -45.16 -84.67 2.74
CA ASP O 150 -45.02 -85.64 3.82
C ASP O 150 -43.73 -85.37 4.59
N VAL O 151 -42.66 -85.00 3.88
CA VAL O 151 -41.47 -84.54 4.57
C VAL O 151 -40.84 -83.35 3.87
N THR O 152 -40.47 -82.37 4.66
CA THR O 152 -39.78 -81.20 4.16
C THR O 152 -38.33 -81.23 4.62
N ILE O 153 -37.40 -81.19 3.68
CA ILE O 153 -35.98 -81.35 4.00
C ILE O 153 -35.17 -80.08 3.75
N GLY O 154 -34.44 -79.64 4.77
CA GLY O 154 -33.61 -78.46 4.63
C GLY O 154 -32.38 -78.68 3.79
N CYS O 155 -32.15 -77.81 2.81
CA CYS O 155 -31.07 -78.02 1.87
C CYS O 155 -30.17 -76.80 1.68
N LEU O 156 -28.87 -77.06 1.61
CA LEU O 156 -27.86 -76.08 1.21
C LEU O 156 -27.75 -75.99 -0.31
N GLU O 157 -27.77 -74.77 -0.82
CA GLU O 157 -27.46 -74.54 -2.24
C GLU O 157 -25.94 -74.37 -2.41
N VAL O 158 -25.29 -75.41 -2.93
CA VAL O 158 -23.83 -75.43 -3.06
C VAL O 158 -23.36 -75.80 -4.48
N PRO O 159 -22.20 -75.25 -4.89
CA PRO O 159 -21.62 -75.59 -6.19
C PRO O 159 -21.45 -77.08 -6.33
N ARG O 160 -21.81 -77.65 -7.48
CA ARG O 160 -21.85 -79.10 -7.63
C ARG O 160 -20.56 -79.80 -7.18
N MET O 161 -19.42 -79.16 -7.42
CA MET O 161 -18.15 -79.78 -7.05
C MET O 161 -17.99 -79.88 -5.55
N GLU O 162 -18.61 -78.97 -4.83
CA GLU O 162 -18.60 -79.03 -3.37
C GLU O 162 -19.66 -80.02 -2.89
N ALA O 163 -20.67 -80.25 -3.71
CA ALA O 163 -21.78 -81.11 -3.33
C ALA O 163 -21.42 -82.61 -3.36
N THR O 164 -20.24 -82.95 -3.86
CA THR O 164 -19.88 -84.37 -4.04
C THR O 164 -19.63 -85.07 -2.71
N GLY O 165 -19.57 -84.31 -1.63
CA GLY O 165 -19.35 -84.87 -0.31
C GLY O 165 -20.60 -84.92 0.53
N PHE O 166 -21.72 -84.46 -0.04
CA PHE O 166 -22.99 -84.41 0.67
C PHE O 166 -23.98 -85.47 0.19
N GLY O 167 -25.01 -85.72 1.00
CA GLY O 167 -26.17 -86.45 0.51
C GLY O 167 -26.91 -85.44 -0.33
N VAL O 168 -27.22 -85.79 -1.58
CA VAL O 168 -27.77 -84.80 -2.50
C VAL O 168 -29.21 -85.11 -2.91
N MET O 169 -30.07 -84.11 -2.78
CA MET O 169 -31.45 -84.19 -3.26
C MET O 169 -31.49 -83.86 -4.74
N HIS O 170 -32.07 -84.75 -5.52
CA HIS O 170 -32.39 -84.46 -6.91
C HIS O 170 -33.81 -83.97 -6.95
N VAL O 171 -34.03 -82.81 -7.55
CA VAL O 171 -35.29 -82.11 -7.41
C VAL O 171 -35.82 -81.67 -8.78
N ASN O 172 -37.14 -81.46 -8.89
CA ASN O 172 -37.69 -80.89 -10.12
C ASN O 172 -37.86 -79.36 -10.05
N GLU O 173 -38.74 -78.83 -10.89
CA GLU O 173 -38.86 -77.39 -11.03
C GLU O 173 -39.72 -76.75 -9.94
N LYS O 174 -40.36 -77.57 -9.12
CA LYS O 174 -41.18 -77.08 -8.01
C LYS O 174 -40.59 -77.50 -6.67
N ASP O 175 -39.31 -77.80 -6.68
CA ASP O 175 -38.55 -78.20 -5.50
C ASP O 175 -39.06 -79.49 -4.85
N GLU O 176 -39.86 -80.25 -5.59
CA GLU O 176 -40.24 -81.59 -5.15
C GLU O 176 -39.07 -82.56 -5.36
N ILE O 177 -38.80 -83.40 -4.38
CA ILE O 177 -37.62 -84.26 -4.41
C ILE O 177 -37.87 -85.57 -5.13
N ILE O 178 -37.24 -85.74 -6.29
CA ILE O 178 -37.47 -86.91 -7.11
C ILE O 178 -36.44 -88.00 -6.87
N ASP O 179 -35.32 -87.66 -6.24
CA ASP O 179 -34.29 -88.66 -5.95
C ASP O 179 -33.32 -88.19 -4.87
N PHE O 180 -32.71 -89.12 -4.15
CA PHE O 180 -31.66 -88.80 -3.19
C PHE O 180 -30.43 -89.68 -3.33
N ILE O 181 -29.28 -89.04 -3.56
CA ILE O 181 -28.04 -89.82 -3.75
C ILE O 181 -26.98 -89.47 -2.74
N GLU O 182 -26.40 -90.49 -2.12
CA GLU O 182 -25.31 -90.27 -1.17
C GLU O 182 -23.97 -90.05 -1.88
N LYS O 183 -23.35 -88.90 -1.61
CA LYS O 183 -22.12 -88.40 -2.26
C LYS O 183 -21.92 -88.83 -3.72
N PRO O 184 -22.72 -88.26 -4.62
CA PRO O 184 -22.55 -88.53 -6.05
C PRO O 184 -21.25 -87.94 -6.59
N ALA O 185 -20.53 -88.69 -7.42
CA ALA O 185 -19.31 -88.18 -8.05
C ALA O 185 -19.68 -87.03 -8.96
N ASP O 186 -20.88 -87.13 -9.54
CA ASP O 186 -21.43 -86.06 -10.36
C ASP O 186 -22.84 -85.75 -9.89
N PRO O 187 -22.97 -84.78 -8.96
CA PRO O 187 -24.25 -84.45 -8.34
C PRO O 187 -25.24 -83.90 -9.34
N PRO O 188 -26.49 -84.36 -9.31
CA PRO O 188 -27.51 -83.75 -10.17
C PRO O 188 -27.76 -82.31 -9.74
N GLY O 189 -27.85 -81.41 -10.70
CA GLY O 189 -28.00 -80.01 -10.38
C GLY O 189 -29.44 -79.58 -10.35
N ILE O 190 -29.67 -78.33 -9.95
CA ILE O 190 -31.01 -77.76 -9.89
C ILE O 190 -31.52 -77.47 -11.31
N PRO O 191 -32.76 -77.89 -11.61
CA PRO O 191 -33.35 -77.62 -12.92
C PRO O 191 -33.35 -76.14 -13.26
N GLY O 192 -32.63 -75.78 -14.32
CA GLY O 192 -32.52 -74.39 -14.74
C GLY O 192 -31.42 -73.68 -13.99
N ASN O 193 -30.62 -74.44 -13.24
CA ASN O 193 -29.54 -73.90 -12.42
C ASN O 193 -28.51 -74.98 -12.04
N GLU O 194 -28.01 -75.72 -13.05
CA GLU O 194 -27.01 -76.77 -12.81
C GLU O 194 -25.74 -76.16 -12.25
N GLY O 195 -24.80 -76.99 -11.84
CA GLY O 195 -23.62 -76.42 -11.23
C GLY O 195 -23.86 -76.09 -9.77
N PHE O 196 -25.12 -75.84 -9.43
CA PHE O 196 -25.55 -75.88 -8.04
C PHE O 196 -26.40 -77.12 -7.82
N ALA O 197 -26.11 -77.83 -6.74
CA ALA O 197 -26.93 -78.95 -6.31
C ALA O 197 -27.70 -78.54 -5.02
N LEU O 198 -28.54 -79.44 -4.52
CA LEU O 198 -29.13 -79.24 -3.20
C LEU O 198 -28.56 -80.28 -2.26
N ALA O 199 -27.80 -79.84 -1.26
CA ALA O 199 -27.20 -80.73 -0.29
C ALA O 199 -28.04 -80.77 0.99
N SER O 200 -28.35 -81.96 1.50
CA SER O 200 -29.20 -82.05 2.69
C SER O 200 -28.44 -81.69 3.97
N MET O 201 -29.07 -80.87 4.80
CA MET O 201 -28.51 -80.47 6.09
C MET O 201 -28.88 -81.42 7.23
N GLY O 202 -29.54 -82.53 6.90
CA GLY O 202 -30.02 -83.44 7.92
C GLY O 202 -31.09 -82.80 8.79
N ILE O 203 -31.93 -81.98 8.17
CA ILE O 203 -33.04 -81.33 8.88
C ILE O 203 -34.37 -81.64 8.21
N TYR O 204 -35.33 -82.12 8.98
CA TYR O 204 -36.57 -82.61 8.43
C TYR O 204 -37.77 -82.17 9.23
N VAL O 205 -38.79 -81.66 8.54
CA VAL O 205 -40.03 -81.31 9.19
C VAL O 205 -41.08 -82.36 8.84
N PHE O 206 -41.82 -82.82 9.83
CA PHE O 206 -42.90 -83.80 9.66
C PHE O 206 -44.19 -83.33 10.33
N HIS O 207 -45.30 -83.93 9.95
CA HIS O 207 -46.49 -83.95 10.79
C HIS O 207 -46.26 -85.11 11.75
N THR O 208 -46.50 -84.89 13.04
CA THR O 208 -46.14 -85.89 14.03
C THR O 208 -46.91 -87.19 13.80
N LYS O 209 -48.10 -87.06 13.22
CA LYS O 209 -48.93 -88.23 12.95
C LYS O 209 -48.29 -89.08 11.85
N PHE O 210 -47.74 -88.45 10.80
CA PHE O 210 -47.00 -89.20 9.78
C PHE O 210 -45.74 -89.80 10.37
N LEU O 211 -44.96 -88.98 11.05
CA LEU O 211 -43.67 -89.40 11.56
C LEU O 211 -43.79 -90.61 12.48
N MET O 212 -44.80 -90.63 13.34
CA MET O 212 -44.93 -91.76 14.25
C MET O 212 -45.20 -93.04 13.49
N GLU O 213 -46.10 -93.00 12.52
CA GLU O 213 -46.40 -94.19 11.75
C GLU O 213 -45.30 -94.48 10.74
N ALA O 214 -44.75 -93.42 10.13
CA ALA O 214 -43.68 -93.58 9.16
C ALA O 214 -42.46 -94.20 9.81
N LEU O 215 -42.43 -94.17 11.13
CA LEU O 215 -41.28 -94.66 11.85
C LEU O 215 -41.57 -95.89 12.69
N ARG O 216 -42.83 -96.11 13.01
CA ARG O 216 -43.25 -97.43 13.47
C ARG O 216 -43.03 -98.43 12.33
N ARG O 217 -43.39 -98.00 11.11
CA ARG O 217 -43.19 -98.79 9.90
C ARG O 217 -41.73 -99.23 9.73
N ASP O 218 -40.83 -98.28 9.98
CA ASP O 218 -39.40 -98.50 9.82
C ASP O 218 -38.85 -99.47 10.87
N ALA O 219 -39.47 -99.49 12.03
CA ALA O 219 -39.05 -100.40 13.09
C ALA O 219 -39.39 -101.85 12.74
N ALA O 220 -40.46 -102.04 11.96
CA ALA O 220 -40.94 -103.38 11.63
C ALA O 220 -40.32 -103.93 10.35
N ASP O 221 -39.45 -103.12 9.74
CA ASP O 221 -38.80 -103.51 8.50
C ASP O 221 -37.37 -103.94 8.77
N PRO O 222 -37.10 -105.25 8.63
CA PRO O 222 -35.77 -105.82 8.90
C PRO O 222 -34.78 -105.45 7.81
N THR O 223 -35.30 -104.79 6.78
CA THR O 223 -34.50 -104.30 5.66
C THR O 223 -33.93 -102.91 5.98
N SER O 224 -34.53 -102.24 6.96
CA SER O 224 -34.13 -100.89 7.31
C SER O 224 -32.93 -100.82 8.25
N SER O 225 -32.00 -99.92 7.93
CA SER O 225 -30.88 -99.64 8.80
C SER O 225 -31.31 -98.65 9.89
N ARG O 226 -32.62 -98.41 9.95
CA ARG O 226 -33.26 -97.59 10.98
C ARG O 226 -32.71 -96.17 11.02
N ASP O 227 -32.36 -95.59 9.87
CA ASP O 227 -31.81 -94.24 9.83
C ASP O 227 -32.65 -93.33 8.95
N PHE O 228 -32.69 -92.04 9.29
CA PHE O 228 -33.56 -91.08 8.60
C PHE O 228 -33.14 -90.83 7.15
N GLY O 229 -31.87 -90.49 6.96
CA GLY O 229 -31.37 -90.14 5.64
C GLY O 229 -31.18 -91.35 4.75
N LYS O 230 -30.91 -92.51 5.36
CA LYS O 230 -30.70 -93.74 4.61
C LYS O 230 -32.00 -94.50 4.34
N ASP O 231 -32.92 -94.50 5.29
CA ASP O 231 -34.10 -95.35 5.18
C ASP O 231 -35.42 -94.59 5.06
N ILE O 232 -35.76 -93.82 6.08
CA ILE O 232 -37.07 -93.16 6.11
C ILE O 232 -37.25 -92.20 4.95
N ILE O 233 -36.31 -91.27 4.79
CA ILE O 233 -36.43 -90.28 3.73
C ILE O 233 -36.38 -90.89 2.31
N PRO O 234 -35.45 -91.82 2.06
CA PRO O 234 -35.50 -92.41 0.72
C PRO O 234 -36.81 -93.15 0.45
N TYR O 235 -37.46 -93.68 1.49
CA TYR O 235 -38.77 -94.30 1.30
C TYR O 235 -39.76 -93.27 0.81
N ILE O 236 -39.79 -92.11 1.46
CA ILE O 236 -40.82 -91.12 1.16
C ILE O 236 -40.70 -90.51 -0.23
N VAL O 237 -39.47 -90.37 -0.73
CA VAL O 237 -39.19 -89.54 -1.91
C VAL O 237 -39.97 -89.91 -3.19
N GLU O 238 -40.12 -91.20 -3.50
CA GLU O 238 -40.94 -91.60 -4.64
C GLU O 238 -42.00 -92.64 -4.24
N HIS O 239 -42.00 -93.02 -2.97
CA HIS O 239 -43.09 -93.83 -2.45
C HIS O 239 -44.04 -92.95 -1.64
N GLY O 240 -43.89 -91.63 -1.80
CA GLY O 240 -44.68 -90.63 -1.08
C GLY O 240 -44.33 -89.22 -1.55
N LYS O 241 -44.45 -88.22 -0.68
CA LYS O 241 -44.24 -86.83 -1.09
C LYS O 241 -43.15 -86.07 -0.30
N ALA O 242 -41.98 -85.87 -0.92
CA ALA O 242 -40.90 -85.11 -0.29
C ALA O 242 -40.67 -83.77 -0.98
N VAL O 243 -40.38 -82.72 -0.21
CA VAL O 243 -40.10 -81.41 -0.79
C VAL O 243 -38.87 -80.75 -0.12
N ALA O 244 -38.09 -80.01 -0.90
CA ALA O 244 -36.86 -79.40 -0.43
C ALA O 244 -37.08 -77.99 0.10
N HIS O 245 -36.38 -77.64 1.17
CA HIS O 245 -36.32 -76.25 1.69
C HIS O 245 -34.92 -75.67 1.56
N ARG O 246 -34.81 -74.51 0.91
CA ARG O 246 -33.51 -73.88 0.72
C ARG O 246 -33.08 -73.09 1.94
N PHE O 247 -31.90 -73.43 2.45
CA PHE O 247 -31.31 -72.75 3.61
C PHE O 247 -31.36 -71.23 3.47
N ALA O 248 -31.05 -70.74 2.27
CA ALA O 248 -31.10 -69.31 2.00
C ALA O 248 -32.45 -68.67 2.34
N ASP O 249 -33.54 -69.42 2.25
CA ASP O 249 -34.87 -68.88 2.53
C ASP O 249 -35.16 -68.76 4.02
N SER O 250 -34.37 -69.44 4.84
CA SER O 250 -34.59 -69.49 6.29
C SER O 250 -33.41 -68.97 7.11
N CYS O 251 -32.23 -68.92 6.48
CA CYS O 251 -31.03 -68.54 7.20
C CYS O 251 -31.19 -67.18 7.87
N VAL O 252 -30.75 -67.10 9.11
CA VAL O 252 -30.73 -65.84 9.83
C VAL O 252 -29.37 -65.21 9.63
N ARG O 253 -29.29 -64.30 8.67
CA ARG O 253 -28.02 -63.71 8.28
C ARG O 253 -27.89 -62.29 8.78
N SER O 254 -26.91 -62.08 9.66
CA SER O 254 -26.58 -60.76 10.16
C SER O 254 -26.25 -59.82 9.00
N ASP O 255 -26.37 -58.52 9.24
CA ASP O 255 -26.02 -57.53 8.21
C ASP O 255 -24.52 -57.52 7.97
N PHE O 256 -23.78 -58.21 8.84
CA PHE O 256 -22.33 -58.24 8.75
C PHE O 256 -21.84 -59.65 8.38
N GLU O 257 -22.76 -60.48 7.94
CA GLU O 257 -22.41 -61.75 7.34
C GLU O 257 -22.67 -61.64 5.84
N HIS O 258 -21.60 -61.73 5.05
CA HIS O 258 -21.71 -61.49 3.60
C HIS O 258 -22.49 -62.61 2.87
N GLU O 259 -22.54 -63.80 3.46
CA GLU O 259 -23.26 -64.93 2.90
C GLU O 259 -23.84 -65.79 4.02
N PRO O 260 -24.88 -66.59 3.73
CA PRO O 260 -25.44 -67.51 4.74
C PRO O 260 -24.37 -68.41 5.34
N TYR O 261 -24.35 -68.54 6.66
CA TYR O 261 -23.28 -69.27 7.35
C TYR O 261 -23.70 -70.67 7.80
N TRP O 262 -22.98 -71.67 7.34
CA TRP O 262 -23.20 -73.04 7.79
C TRP O 262 -21.86 -73.79 7.79
N ARG O 263 -21.51 -74.41 8.92
CA ARG O 263 -20.28 -75.15 9.01
C ARG O 263 -20.44 -76.50 9.69
N ASP O 264 -19.82 -77.49 9.09
CA ASP O 264 -19.85 -78.86 9.56
C ASP O 264 -18.71 -79.16 10.52
N VAL O 265 -17.63 -78.38 10.43
CA VAL O 265 -16.37 -78.58 11.15
C VAL O 265 -16.05 -80.06 11.41
N GLY O 266 -16.03 -80.85 10.33
CA GLY O 266 -15.93 -82.29 10.46
C GLY O 266 -14.52 -82.84 10.44
N THR O 267 -13.53 -81.98 10.21
CA THR O 267 -12.12 -82.37 10.26
C THR O 267 -11.34 -81.37 11.10
N ILE O 268 -10.15 -81.74 11.55
CA ILE O 268 -9.35 -80.88 12.42
C ILE O 268 -8.98 -79.57 11.72
N ASP O 269 -8.72 -79.62 10.41
CA ASP O 269 -8.47 -78.39 9.66
C ASP O 269 -9.73 -77.55 9.52
N ALA O 270 -10.88 -78.22 9.39
CA ALA O 270 -12.18 -77.54 9.32
C ALA O 270 -12.50 -76.83 10.64
N TYR O 271 -12.28 -77.54 11.74
CA TYR O 271 -12.49 -77.01 13.07
C TYR O 271 -11.59 -75.83 13.35
N TRP O 272 -10.29 -76.01 13.12
CA TRP O 272 -9.32 -74.95 13.36
C TRP O 272 -9.67 -73.70 12.56
N GLN O 273 -10.01 -73.88 11.29
CA GLN O 273 -10.26 -72.75 10.41
C GLN O 273 -11.51 -71.96 10.83
N ALA O 274 -12.60 -72.65 11.14
CA ALA O 274 -13.86 -71.98 11.48
C ALA O 274 -13.68 -71.11 12.72
N ASN O 275 -12.90 -71.60 13.67
CA ASN O 275 -12.62 -70.86 14.89
C ASN O 275 -11.66 -69.69 14.67
N ILE O 276 -10.55 -69.97 13.99
CA ILE O 276 -9.53 -68.95 13.83
C ILE O 276 -10.06 -67.82 12.96
N ASP O 277 -11.03 -68.13 12.09
CA ASP O 277 -11.65 -67.11 11.25
C ASP O 277 -12.40 -66.07 12.07
N LEU O 278 -12.81 -66.42 13.29
CA LEU O 278 -13.47 -65.44 14.15
C LEU O 278 -12.54 -64.32 14.60
N THR O 279 -11.24 -64.48 14.36
CA THR O 279 -10.29 -63.41 14.68
C THR O 279 -10.15 -62.43 13.52
N ASP O 280 -10.82 -62.71 12.41
CA ASP O 280 -10.78 -61.82 11.24
C ASP O 280 -11.26 -60.40 11.61
N VAL O 281 -10.85 -59.41 10.84
CA VAL O 281 -11.39 -58.07 11.03
C VAL O 281 -12.86 -58.09 10.66
N VAL O 282 -13.16 -58.77 9.56
CA VAL O 282 -14.54 -59.02 9.12
C VAL O 282 -14.85 -60.52 9.11
N PRO O 283 -15.33 -61.06 10.23
CA PRO O 283 -15.53 -62.52 10.30
C PRO O 283 -16.79 -63.00 9.54
N ASP O 284 -16.74 -64.22 9.03
CA ASP O 284 -17.86 -64.81 8.32
C ASP O 284 -19.07 -65.00 9.22
N LEU O 285 -18.80 -65.24 10.51
CA LEU O 285 -19.85 -65.42 11.50
C LEU O 285 -19.86 -64.22 12.43
N ASP O 286 -20.99 -63.51 12.48
CA ASP O 286 -21.13 -62.37 13.39
C ASP O 286 -21.59 -62.86 14.74
N ILE O 287 -20.67 -62.97 15.70
CA ILE O 287 -21.05 -63.44 17.02
C ILE O 287 -21.62 -62.28 17.86
N TYR O 288 -21.81 -61.12 17.25
CA TYR O 288 -22.38 -59.97 17.94
C TYR O 288 -23.79 -59.59 17.47
N ASP O 289 -24.41 -60.47 16.70
CA ASP O 289 -25.77 -60.23 16.26
C ASP O 289 -26.73 -60.60 17.39
N LYS O 290 -27.18 -59.59 18.15
CA LYS O 290 -28.02 -59.78 19.32
C LYS O 290 -29.44 -60.18 18.92
N SER O 291 -29.76 -60.03 17.65
CA SER O 291 -31.10 -60.32 17.17
C SER O 291 -31.38 -61.82 17.05
N TRP O 292 -30.34 -62.63 16.94
CA TRP O 292 -30.51 -64.08 16.97
C TRP O 292 -29.45 -64.69 17.86
N PRO O 293 -29.62 -64.55 19.17
CA PRO O 293 -28.52 -64.83 20.10
C PRO O 293 -28.33 -66.31 20.36
N ILE O 294 -27.08 -66.67 20.67
CA ILE O 294 -26.73 -68.05 20.99
C ILE O 294 -26.59 -68.20 22.50
N TRP O 295 -27.51 -68.94 23.09
CA TRP O 295 -27.46 -69.28 24.52
C TRP O 295 -26.48 -70.42 24.73
N THR O 296 -25.90 -70.51 25.92
CA THR O 296 -25.00 -71.61 26.25
C THR O 296 -24.83 -71.68 27.76
N TYR O 297 -24.03 -72.64 28.22
CA TYR O 297 -23.64 -72.64 29.62
C TYR O 297 -22.50 -71.66 29.82
N ALA O 298 -22.71 -70.71 30.72
CA ALA O 298 -21.70 -69.73 31.07
C ALA O 298 -21.72 -69.52 32.57
N GLU O 299 -20.57 -69.31 33.17
CA GLU O 299 -20.52 -68.97 34.58
C GLU O 299 -20.06 -67.56 34.73
N ILE O 300 -20.28 -66.97 35.89
CA ILE O 300 -19.66 -65.69 36.19
C ILE O 300 -18.15 -65.87 36.34
N THR O 301 -17.40 -65.16 35.52
CA THR O 301 -15.95 -65.23 35.61
C THR O 301 -15.40 -63.82 35.80
N PRO O 302 -14.14 -63.71 36.22
CA PRO O 302 -13.42 -62.43 36.15
C PRO O 302 -13.07 -62.08 34.70
N PRO O 303 -12.89 -60.78 34.41
CA PRO O 303 -12.52 -60.34 33.06
C PRO O 303 -11.14 -60.84 32.66
N ALA O 304 -10.75 -60.63 31.40
CA ALA O 304 -9.45 -61.04 30.91
C ALA O 304 -8.39 -60.07 31.41
N LYS O 305 -7.19 -60.57 31.61
CA LYS O 305 -6.15 -59.77 32.22
C LYS O 305 -4.84 -59.94 31.49
N PHE O 306 -4.20 -58.81 31.21
CA PHE O 306 -2.96 -58.80 30.46
C PHE O 306 -1.91 -58.18 31.34
N VAL O 307 -0.75 -58.81 31.40
CA VAL O 307 0.24 -58.36 32.36
C VAL O 307 1.67 -58.47 31.83
N HIS O 308 2.51 -57.56 32.30
CA HIS O 308 3.92 -57.39 31.93
C HIS O 308 4.07 -56.66 30.62
N ASP O 309 5.01 -55.73 30.63
CA ASP O 309 5.36 -54.95 29.48
C ASP O 309 6.78 -54.41 29.63
N ASP O 310 7.77 -55.24 29.38
CA ASP O 310 9.15 -54.74 29.32
C ASP O 310 9.84 -55.20 28.04
N GLU O 311 11.14 -54.95 27.96
CA GLU O 311 11.90 -55.17 26.74
C GLU O 311 11.91 -56.63 26.33
N ASP O 312 11.67 -57.53 27.28
CA ASP O 312 11.78 -58.95 27.01
C ASP O 312 10.46 -59.69 27.09
N ARG O 313 9.44 -59.07 27.68
CA ARG O 313 8.12 -59.70 27.74
C ARG O 313 6.98 -58.69 27.78
N ARG O 314 5.90 -59.07 27.11
CA ARG O 314 4.73 -58.21 27.03
C ARG O 314 3.51 -59.10 26.95
N GLY O 315 2.68 -59.04 27.99
CA GLY O 315 1.42 -59.76 27.96
C GLY O 315 0.44 -58.99 27.10
N SER O 316 0.18 -59.50 25.91
CA SER O 316 -0.81 -58.86 25.05
C SER O 316 -1.33 -59.83 24.02
N ALA O 317 -2.44 -59.46 23.41
CA ALA O 317 -3.00 -60.25 22.34
C ALA O 317 -3.31 -59.32 21.20
N VAL O 318 -2.91 -59.73 20.01
CA VAL O 318 -3.14 -58.99 18.80
C VAL O 318 -3.92 -59.87 17.85
N SER O 319 -4.86 -59.30 17.11
CA SER O 319 -5.67 -60.04 16.16
C SER O 319 -6.20 -61.31 16.76
N SER O 320 -6.65 -61.20 18.01
CA SER O 320 -7.09 -62.33 18.80
C SER O 320 -8.42 -62.12 19.51
N VAL O 321 -8.99 -63.22 19.96
CA VAL O 321 -10.23 -63.22 20.71
C VAL O 321 -9.96 -63.92 22.04
N VAL O 322 -10.35 -63.30 23.14
CA VAL O 322 -9.96 -63.80 24.47
C VAL O 322 -11.17 -63.82 25.40
N SER O 323 -11.44 -64.96 26.02
CA SER O 323 -12.56 -65.07 26.95
C SER O 323 -12.24 -64.64 28.38
N GLY O 324 -13.24 -64.76 29.24
CA GLY O 324 -13.05 -64.42 30.64
C GLY O 324 -12.13 -65.39 31.36
N ASP O 325 -11.68 -64.98 32.55
CA ASP O 325 -10.87 -65.83 33.40
C ASP O 325 -9.57 -66.24 32.70
N CYS O 326 -9.19 -65.51 31.67
CA CYS O 326 -7.89 -65.71 31.04
C CYS O 326 -6.90 -64.73 31.63
N ILE O 327 -5.70 -65.21 31.95
CA ILE O 327 -4.63 -64.33 32.40
C ILE O 327 -3.43 -64.48 31.46
N ILE O 328 -3.15 -63.42 30.74
CA ILE O 328 -2.08 -63.41 29.75
C ILE O 328 -0.85 -62.70 30.36
N SER O 329 0.04 -63.50 30.95
CA SER O 329 1.10 -62.95 31.77
C SER O 329 2.43 -63.02 31.05
N GLY O 330 2.85 -61.91 30.45
CA GLY O 330 4.09 -61.86 29.73
C GLY O 330 4.10 -62.75 28.50
N ALA O 331 2.91 -63.16 28.07
CA ALA O 331 2.76 -64.01 26.89
C ALA O 331 2.27 -63.20 25.68
N ALA O 332 2.85 -63.47 24.51
CA ALA O 332 2.48 -62.77 23.28
C ALA O 332 1.53 -63.60 22.43
N LEU O 333 0.32 -63.10 22.23
CA LEU O 333 -0.69 -63.79 21.43
C LEU O 333 -0.95 -63.07 20.13
N ASN O 334 -0.94 -63.82 19.04
CA ASN O 334 -1.27 -63.26 17.75
C ASN O 334 -2.18 -64.23 17.03
N ARG O 335 -3.22 -63.70 16.41
CA ARG O 335 -4.14 -64.49 15.60
C ARG O 335 -4.60 -65.77 16.32
N SER O 336 -5.06 -65.62 17.55
CA SER O 336 -5.43 -66.77 18.35
C SER O 336 -6.80 -66.60 19.00
N LEU O 337 -7.46 -67.71 19.29
CA LEU O 337 -8.75 -67.69 19.94
C LEU O 337 -8.67 -68.48 21.25
N LEU O 338 -8.89 -67.80 22.37
CA LEU O 338 -8.77 -68.42 23.69
C LEU O 338 -10.12 -68.56 24.37
N PHE O 339 -10.43 -69.78 24.82
CA PHE O 339 -11.66 -70.03 25.55
C PHE O 339 -11.44 -69.69 27.01
N THR O 340 -12.48 -69.82 27.82
CA THR O 340 -12.40 -69.38 29.21
C THR O 340 -11.36 -70.10 30.06
N GLY O 341 -10.62 -69.34 30.86
CA GLY O 341 -9.77 -69.91 31.88
C GLY O 341 -8.35 -70.22 31.47
N VAL O 342 -7.93 -69.73 30.31
CA VAL O 342 -6.58 -70.02 29.82
C VAL O 342 -5.50 -69.22 30.54
N ARG O 343 -4.46 -69.90 31.00
CA ARG O 343 -3.31 -69.23 31.59
C ARG O 343 -2.12 -69.34 30.65
N ALA O 344 -1.66 -68.22 30.12
CA ALA O 344 -0.46 -68.22 29.30
C ALA O 344 0.64 -67.47 30.04
N ASN O 345 1.80 -68.12 30.22
CA ASN O 345 2.83 -67.61 31.12
C ASN O 345 3.97 -66.88 30.42
N SER O 346 4.84 -66.29 31.24
CA SER O 346 5.87 -65.37 30.75
C SER O 346 6.79 -65.96 29.70
N TYR O 347 7.03 -65.15 28.67
CA TYR O 347 7.92 -65.44 27.55
C TYR O 347 7.35 -66.49 26.60
N SER O 348 6.11 -66.94 26.83
CA SER O 348 5.50 -67.87 25.89
C SER O 348 4.91 -67.11 24.70
N ARG O 349 4.68 -67.84 23.61
CA ARG O 349 4.09 -67.27 22.40
C ARG O 349 3.05 -68.18 21.77
N LEU O 350 1.92 -67.62 21.37
CA LEU O 350 0.93 -68.36 20.58
C LEU O 350 0.63 -67.62 19.28
N GLU O 351 0.61 -68.35 18.18
CA GLU O 351 0.20 -67.82 16.89
C GLU O 351 -0.70 -68.83 16.22
N ASN O 352 -1.76 -68.35 15.58
CA ASN O 352 -2.68 -69.21 14.86
C ASN O 352 -3.16 -70.36 15.73
N ALA O 353 -3.60 -70.04 16.95
CA ALA O 353 -3.90 -71.07 17.93
C ALA O 353 -5.34 -71.02 18.40
N VAL O 354 -6.01 -72.17 18.37
CA VAL O 354 -7.31 -72.30 19.00
C VAL O 354 -7.09 -73.03 20.32
N VAL O 355 -7.36 -72.36 21.43
CA VAL O 355 -7.01 -72.87 22.74
C VAL O 355 -8.26 -73.09 23.57
N LEU O 356 -8.60 -74.34 23.85
CA LEU O 356 -9.85 -74.69 24.53
C LEU O 356 -9.78 -74.36 26.03
N PRO O 357 -10.91 -74.47 26.78
CA PRO O 357 -10.87 -73.93 28.15
C PRO O 357 -9.81 -74.50 29.10
N SER O 358 -9.39 -73.67 30.04
CA SER O 358 -8.54 -74.07 31.15
C SER O 358 -7.19 -74.67 30.76
N VAL O 359 -6.68 -74.28 29.59
CA VAL O 359 -5.34 -74.66 29.18
C VAL O 359 -4.30 -73.82 29.93
N LYS O 360 -3.14 -74.42 30.19
CA LYS O 360 -2.02 -73.68 30.72
C LYS O 360 -0.85 -73.74 29.72
N ILE O 361 -0.35 -72.58 29.34
CA ILE O 361 0.87 -72.47 28.54
C ILE O 361 2.03 -72.11 29.44
N GLY O 362 2.97 -73.03 29.61
CA GLY O 362 4.09 -72.78 30.48
C GLY O 362 5.05 -71.77 29.90
N ARG O 363 5.90 -71.19 30.74
CA ARG O 363 6.93 -70.25 30.26
C ARG O 363 7.82 -70.71 29.07
N HIS O 364 8.25 -69.70 28.36
CA HIS O 364 8.87 -69.58 27.05
C HIS O 364 8.41 -70.70 26.07
N ALA O 365 7.23 -71.30 26.23
CA ALA O 365 6.71 -72.21 25.18
C ALA O 365 6.48 -71.40 23.91
N GLN O 366 6.55 -72.04 22.75
CA GLN O 366 6.24 -71.36 21.49
C GLN O 366 5.43 -72.26 20.56
N LEU O 367 4.16 -71.91 20.36
CA LEU O 367 3.25 -72.75 19.58
C LEU O 367 2.68 -72.02 18.37
N SER O 368 2.71 -72.66 17.21
CA SER O 368 2.11 -72.11 16.02
C SER O 368 1.23 -73.13 15.34
N ASN O 369 0.03 -72.69 14.94
CA ASN O 369 -0.89 -73.52 14.16
C ASN O 369 -1.31 -74.77 14.90
N VAL O 370 -2.04 -74.56 16.00
CA VAL O 370 -2.43 -75.67 16.87
C VAL O 370 -3.89 -75.56 17.32
N VAL O 371 -4.41 -76.71 17.74
CA VAL O 371 -5.64 -76.80 18.49
C VAL O 371 -5.26 -77.48 19.80
N ILE O 372 -5.36 -76.76 20.92
CA ILE O 372 -5.01 -77.34 22.20
C ILE O 372 -6.29 -77.79 22.92
N ASP O 373 -6.35 -79.07 23.24
CA ASP O 373 -7.54 -79.68 23.84
C ASP O 373 -7.83 -79.10 25.21
N HIS O 374 -9.08 -79.24 25.64
CA HIS O 374 -9.52 -78.82 26.97
C HIS O 374 -8.55 -79.21 28.07
N GLY O 375 -8.06 -78.23 28.82
CA GLY O 375 -7.39 -78.48 30.07
C GLY O 375 -5.94 -78.91 30.01
N VAL O 376 -5.41 -79.02 28.80
CA VAL O 376 -4.02 -79.44 28.57
C VAL O 376 -3.02 -78.53 29.29
N VAL O 377 -1.96 -79.12 29.84
CA VAL O 377 -0.87 -78.33 30.40
C VAL O 377 0.38 -78.40 29.54
N ILE O 378 0.64 -77.33 28.81
CA ILE O 378 1.80 -77.23 27.94
C ILE O 378 3.04 -76.99 28.78
N PRO O 379 4.05 -77.88 28.64
CA PRO O 379 5.25 -77.79 29.46
C PRO O 379 6.08 -76.59 29.06
N GLU O 380 6.89 -76.09 29.98
CA GLU O 380 7.76 -74.96 29.68
C GLU O 380 8.72 -75.25 28.54
N GLY O 381 8.92 -74.28 27.67
CA GLY O 381 9.87 -74.40 26.57
C GLY O 381 9.43 -75.21 25.38
N LEU O 382 8.26 -75.84 25.45
CA LEU O 382 7.78 -76.67 24.34
C LEU O 382 7.70 -75.83 23.07
N ILE O 383 8.13 -76.41 21.95
CA ILE O 383 8.05 -75.73 20.65
C ILE O 383 7.23 -76.56 19.68
N VAL O 384 6.13 -75.99 19.21
CA VAL O 384 5.29 -76.64 18.19
C VAL O 384 5.13 -75.69 17.00
N GLY O 385 5.37 -76.21 15.80
CA GLY O 385 5.25 -75.43 14.59
C GLY O 385 6.54 -75.15 13.86
N GLU O 386 7.66 -75.56 14.44
CA GLU O 386 8.97 -75.25 13.85
C GLU O 386 9.49 -76.46 13.06
N ASP O 387 9.36 -77.66 13.62
CA ASP O 387 9.82 -78.88 12.97
C ASP O 387 8.67 -79.85 12.70
N PRO O 388 8.18 -79.87 11.46
CA PRO O 388 7.05 -80.73 11.06
C PRO O 388 7.24 -82.22 11.35
N GLU O 389 8.46 -82.74 11.19
CA GLU O 389 8.75 -84.14 11.43
C GLU O 389 8.56 -84.48 12.91
N LEU O 390 9.20 -83.71 13.75
CA LEU O 390 9.07 -83.85 15.19
C LEU O 390 7.61 -83.72 15.61
N ASP O 391 6.95 -82.67 15.15
CA ASP O 391 5.58 -82.37 15.55
C ASP O 391 4.59 -83.47 15.13
N ALA O 392 4.85 -84.05 13.96
CA ALA O 392 4.02 -85.12 13.44
C ALA O 392 4.19 -86.40 14.27
N LYS O 393 5.39 -86.58 14.83
CA LYS O 393 5.67 -87.75 15.64
C LYS O 393 5.05 -87.59 17.03
N ARG O 394 5.09 -86.37 17.56
CA ARG O 394 4.56 -86.07 18.89
C ARG O 394 3.04 -85.90 18.92
N PHE O 395 2.48 -85.29 17.89
CA PHE O 395 1.07 -84.92 17.92
C PHE O 395 0.32 -85.37 16.68
N ARG O 396 -0.97 -85.09 16.65
CA ARG O 396 -1.81 -85.34 15.49
C ARG O 396 -1.68 -84.15 14.54
N ARG O 397 -0.91 -84.31 13.47
CA ARG O 397 -0.64 -83.19 12.59
C ARG O 397 -1.29 -83.38 11.23
N THR O 398 -2.10 -82.40 10.82
CA THR O 398 -2.78 -82.46 9.54
C THR O 398 -1.79 -82.17 8.40
N GLU O 399 -2.20 -82.45 7.17
CA GLU O 399 -1.35 -82.22 6.01
C GLU O 399 -0.98 -80.75 5.88
N SER O 400 -1.96 -79.89 6.09
CA SER O 400 -1.78 -78.44 5.98
C SER O 400 -1.07 -77.85 7.20
N GLY O 401 -0.82 -78.70 8.20
CA GLY O 401 0.09 -78.33 9.27
C GLY O 401 -0.44 -78.00 10.64
N ILE O 402 -1.72 -78.21 10.89
CA ILE O 402 -2.28 -77.93 12.21
C ILE O 402 -1.97 -79.07 13.17
N CYS O 403 -1.47 -78.75 14.36
CA CYS O 403 -1.24 -79.76 15.38
C CYS O 403 -2.36 -79.79 16.41
N LEU O 404 -3.01 -80.93 16.55
CA LEU O 404 -3.92 -81.15 17.65
C LEU O 404 -3.13 -81.69 18.83
N ILE O 405 -3.13 -80.96 19.94
CA ILE O 405 -2.38 -81.36 21.13
C ILE O 405 -3.30 -81.76 22.27
N THR O 406 -3.16 -83.00 22.74
CA THR O 406 -3.96 -83.41 23.89
C THR O 406 -3.06 -83.77 25.06
N GLN O 407 -3.65 -83.99 26.23
CA GLN O 407 -2.85 -84.22 27.42
C GLN O 407 -2.14 -85.58 27.37
N SER O 408 -2.81 -86.56 26.79
CA SER O 408 -2.21 -87.88 26.56
C SER O 408 -0.92 -87.78 25.75
N MET O 409 -0.96 -87.00 24.66
CA MET O 409 0.22 -86.79 23.84
C MET O 409 1.34 -86.12 24.61
N ILE O 410 1.00 -85.14 25.45
CA ILE O 410 2.02 -84.43 26.21
C ILE O 410 2.67 -85.34 27.25
N ASP O 411 1.88 -86.20 27.88
CA ASP O 411 2.42 -86.99 28.97
C ASP O 411 3.28 -88.15 28.48
N LYS O 412 3.11 -88.57 27.23
CA LYS O 412 4.03 -89.52 26.58
C LYS O 412 5.29 -88.83 26.13
N LEU O 413 5.45 -87.57 26.47
CA LEU O 413 6.57 -86.80 25.94
C LEU O 413 7.79 -86.80 26.82
N ASP O 414 8.92 -86.71 26.15
CA ASP O 414 10.07 -85.99 26.65
C ASP O 414 10.71 -85.51 25.35
N LEU O 415 10.71 -86.41 24.37
CA LEU O 415 11.05 -86.09 22.99
C LEU O 415 9.80 -86.25 22.13
N VAL P 1 -22.45 -76.58 68.22
CA VAL P 1 -22.35 -77.44 67.04
C VAL P 1 -22.91 -76.76 65.79
N GLN P 2 -24.20 -76.39 65.82
CA GLN P 2 -24.82 -75.72 64.68
C GLN P 2 -24.31 -74.30 64.46
N PRO P 3 -24.00 -73.96 63.21
CA PRO P 3 -23.59 -72.60 62.85
C PRO P 3 -24.67 -71.56 63.15
N LEU P 4 -24.28 -70.40 63.65
CA LEU P 4 -25.26 -69.40 64.06
C LEU P 4 -25.89 -68.70 62.86
N ALA P 5 -25.18 -68.72 61.73
CA ALA P 5 -25.64 -68.05 60.51
C ALA P 5 -26.99 -68.61 60.04
N ARG P 6 -27.27 -69.86 60.40
CA ARG P 6 -28.57 -70.46 60.12
C ARG P 6 -29.70 -69.65 60.73
N ASP P 7 -29.43 -68.94 61.82
CA ASP P 7 -30.46 -68.24 62.58
C ASP P 7 -30.41 -66.73 62.37
N ALA P 8 -29.57 -66.28 61.44
CA ALA P 8 -29.36 -64.86 61.27
C ALA P 8 -30.01 -64.31 60.01
N MET P 9 -30.28 -63.02 60.05
CA MET P 9 -30.72 -62.28 58.88
C MET P 9 -29.80 -61.10 58.65
N ALA P 10 -29.21 -61.00 57.47
CA ALA P 10 -28.38 -59.84 57.14
C ALA P 10 -29.29 -58.74 56.64
N TYR P 11 -29.03 -57.52 57.11
CA TYR P 11 -29.87 -56.39 56.79
C TYR P 11 -28.96 -55.30 56.26
N VAL P 12 -28.97 -55.11 54.95
CA VAL P 12 -27.99 -54.24 54.32
C VAL P 12 -28.54 -52.84 54.10
N LEU P 13 -27.84 -51.85 54.63
CA LEU P 13 -28.24 -50.45 54.44
C LEU P 13 -27.64 -49.92 53.14
N ALA P 14 -28.50 -49.77 52.14
CA ALA P 14 -28.04 -49.47 50.79
C ALA P 14 -28.47 -48.09 50.29
N GLY P 15 -28.48 -47.10 51.17
CA GLY P 15 -28.89 -45.77 50.79
C GLY P 15 -27.73 -44.79 50.78
N GLY P 16 -26.51 -45.31 50.83
CA GLY P 16 -25.32 -44.47 50.73
C GLY P 16 -25.41 -43.55 49.55
N ARG P 17 -25.11 -42.28 49.79
CA ARG P 17 -25.25 -41.25 48.77
C ARG P 17 -24.03 -41.15 47.87
N GLY P 18 -22.85 -41.36 48.44
CA GLY P 18 -21.61 -41.14 47.72
C GLY P 18 -21.59 -39.74 47.12
N SER P 19 -21.83 -38.75 47.96
CA SER P 19 -21.91 -37.37 47.49
C SER P 19 -20.61 -36.88 46.87
N ARG P 20 -19.48 -37.24 47.48
CA ARG P 20 -18.16 -36.84 46.98
C ARG P 20 -17.79 -37.53 45.66
N LEU P 21 -18.57 -38.54 45.26
CA LEU P 21 -18.38 -39.17 43.96
C LEU P 21 -19.00 -38.32 42.86
N LYS P 22 -19.70 -37.27 43.26
CA LYS P 22 -20.22 -36.26 42.35
C LYS P 22 -21.08 -36.89 41.27
N GLU P 23 -20.79 -36.58 40.01
CA GLU P 23 -21.67 -36.99 38.92
C GLU P 23 -21.85 -38.51 38.82
N LEU P 24 -20.92 -39.25 39.44
CA LEU P 24 -20.96 -40.70 39.44
C LEU P 24 -22.22 -41.22 40.13
N THR P 25 -22.71 -40.49 41.11
CA THR P 25 -23.91 -40.90 41.83
C THR P 25 -25.06 -39.91 41.65
N ASP P 26 -25.04 -39.18 40.55
CA ASP P 26 -26.12 -38.25 40.26
C ASP P 26 -27.38 -39.00 39.86
N ARG P 27 -27.24 -40.20 39.31
CA ARG P 27 -28.41 -40.97 38.91
C ARG P 27 -28.41 -42.40 39.46
N ARG P 28 -27.51 -42.69 40.38
CA ARG P 28 -27.47 -43.99 41.04
C ARG P 28 -26.98 -43.84 42.47
N ALA P 29 -27.46 -44.69 43.36
CA ALA P 29 -26.94 -44.74 44.72
C ALA P 29 -25.53 -45.33 44.72
N LYS P 30 -24.73 -45.02 45.74
CA LYS P 30 -23.37 -45.53 45.81
C LYS P 30 -23.25 -47.07 45.74
N PRO P 31 -24.14 -47.82 46.44
CA PRO P 31 -24.04 -49.28 46.32
C PRO P 31 -24.22 -49.83 44.90
N ALA P 32 -24.81 -49.04 44.02
CA ALA P 32 -25.04 -49.44 42.63
C ALA P 32 -23.86 -49.09 41.73
N VAL P 33 -22.86 -48.42 42.28
CA VAL P 33 -21.71 -48.04 41.49
C VAL P 33 -20.91 -49.29 41.10
N TYR P 34 -20.56 -49.37 39.82
CA TYR P 34 -19.80 -50.50 39.30
C TYR P 34 -18.41 -50.58 39.92
N PHE P 35 -17.88 -51.79 40.04
CA PHE P 35 -16.52 -51.96 40.52
C PHE P 35 -15.87 -53.23 39.99
N GLY P 36 -14.65 -53.08 39.49
CA GLY P 36 -13.81 -54.23 39.20
C GLY P 36 -13.98 -54.92 37.87
N GLY P 37 -14.84 -54.40 37.01
CA GLY P 37 -15.02 -54.96 35.69
C GLY P 37 -16.35 -55.67 35.48
N LYS P 38 -16.95 -56.15 36.56
CA LYS P 38 -18.19 -56.93 36.47
C LYS P 38 -19.24 -56.50 37.52
N ALA P 39 -18.82 -56.45 38.78
CA ALA P 39 -19.74 -56.32 39.90
C ALA P 39 -20.13 -54.88 40.19
N ARG P 40 -21.02 -54.71 41.17
CA ARG P 40 -21.30 -53.41 41.76
C ARG P 40 -20.86 -53.50 43.21
N ILE P 41 -20.81 -52.37 43.90
CA ILE P 41 -20.26 -52.34 45.25
C ILE P 41 -21.07 -53.21 46.19
N ILE P 42 -22.40 -53.10 46.12
CA ILE P 42 -23.26 -53.86 47.02
C ILE P 42 -23.00 -55.36 46.95
N ASP P 43 -22.47 -55.85 45.84
CA ASP P 43 -22.31 -57.29 45.68
C ASP P 43 -21.33 -57.88 46.68
N PHE P 44 -20.53 -57.03 47.33
CA PHE P 44 -19.54 -57.52 48.30
C PHE P 44 -20.22 -57.86 49.61
N ALA P 45 -21.03 -56.95 50.15
CA ALA P 45 -21.80 -57.23 51.37
C ALA P 45 -22.74 -58.41 51.19
N LEU P 46 -23.45 -58.46 50.06
CA LEU P 46 -24.36 -59.57 49.80
C LEU P 46 -23.63 -60.91 49.69
N SER P 47 -22.48 -60.93 49.01
CA SER P 47 -21.79 -62.19 48.88
C SER P 47 -21.13 -62.61 50.18
N ASN P 48 -20.68 -61.66 51.00
CA ASN P 48 -20.21 -61.99 52.34
C ASN P 48 -21.31 -62.72 53.13
N ALA P 49 -22.52 -62.19 53.07
CA ALA P 49 -23.66 -62.80 53.76
C ALA P 49 -23.87 -64.22 53.27
N LEU P 50 -23.95 -64.37 51.96
CA LEU P 50 -24.16 -65.67 51.31
C LEU P 50 -23.07 -66.69 51.69
N ASN P 51 -21.81 -66.30 51.54
CA ASN P 51 -20.68 -67.20 51.78
C ASN P 51 -20.52 -67.52 53.27
N SER P 52 -21.06 -66.64 54.12
CA SER P 52 -21.03 -66.86 55.57
C SER P 52 -22.15 -67.79 56.00
N GLY P 53 -23.14 -67.99 55.14
CA GLY P 53 -24.20 -68.94 55.41
C GLY P 53 -25.50 -68.29 55.83
N ILE P 54 -25.54 -66.98 55.77
CA ILE P 54 -26.76 -66.25 56.06
C ILE P 54 -27.70 -66.44 54.88
N ARG P 55 -28.88 -66.96 55.15
CA ARG P 55 -29.81 -67.31 54.10
C ARG P 55 -30.96 -66.30 53.99
N ARG P 56 -31.03 -65.37 54.94
CA ARG P 56 -32.04 -64.32 54.86
C ARG P 56 -31.37 -62.95 54.74
N ILE P 57 -31.73 -62.21 53.69
CA ILE P 57 -31.12 -60.92 53.44
C ILE P 57 -32.20 -59.88 53.19
N GLY P 58 -32.06 -58.71 53.80
CA GLY P 58 -32.88 -57.56 53.45
C GLY P 58 -32.00 -56.41 53.00
N VAL P 59 -32.49 -55.64 52.03
CA VAL P 59 -31.75 -54.48 51.52
C VAL P 59 -32.63 -53.27 51.49
N ALA P 60 -32.39 -52.32 52.39
CA ALA P 60 -33.15 -51.10 52.43
C ALA P 60 -32.49 -50.08 51.52
N THR P 61 -33.28 -49.43 50.68
CA THR P 61 -32.77 -48.43 49.79
C THR P 61 -33.47 -47.10 50.02
N GLN P 62 -32.98 -46.05 49.40
CA GLN P 62 -33.53 -44.73 49.62
C GLN P 62 -33.43 -43.89 48.34
N TYR P 63 -32.32 -43.21 48.14
CA TYR P 63 -32.22 -42.25 47.05
C TYR P 63 -31.64 -42.86 45.77
N LYS P 64 -32.19 -42.42 44.64
CA LYS P 64 -31.78 -42.84 43.29
C LYS P 64 -31.69 -44.37 43.11
N ALA P 65 -32.62 -45.08 43.74
CA ALA P 65 -32.51 -46.52 43.94
C ALA P 65 -32.88 -47.35 42.71
N HIS P 66 -33.42 -46.72 41.67
CA HIS P 66 -33.98 -47.48 40.56
C HIS P 66 -33.02 -48.52 39.98
N SER P 67 -31.81 -48.09 39.63
CA SER P 67 -30.88 -48.99 38.97
C SER P 67 -30.33 -50.02 39.95
N LEU P 68 -30.26 -49.66 41.23
CA LEU P 68 -29.87 -50.62 42.26
C LEU P 68 -30.91 -51.71 42.42
N ILE P 69 -32.18 -51.30 42.47
CA ILE P 69 -33.25 -52.26 42.64
C ILE P 69 -33.33 -53.21 41.45
N ARG P 70 -33.17 -52.69 40.24
CA ARG P 70 -33.17 -53.53 39.03
C ARG P 70 -32.03 -54.56 39.11
N HIS P 71 -30.85 -54.10 39.52
CA HIS P 71 -29.71 -54.99 39.73
C HIS P 71 -30.03 -56.11 40.72
N LEU P 72 -30.62 -55.72 41.85
CA LEU P 72 -30.99 -56.68 42.89
C LEU P 72 -32.03 -57.69 42.39
N GLN P 73 -33.00 -57.22 41.60
CA GLN P 73 -34.05 -58.08 41.07
C GLN P 73 -33.53 -59.12 40.07
N ARG P 74 -32.54 -58.74 39.28
CA ARG P 74 -32.01 -59.61 38.24
C ARG P 74 -30.90 -60.50 38.73
N GLY P 75 -30.07 -59.97 39.62
CA GLY P 75 -28.89 -60.67 40.07
C GLY P 75 -29.06 -61.49 41.34
N TRP P 76 -29.92 -61.04 42.24
CA TRP P 76 -30.07 -61.74 43.51
C TRP P 76 -31.47 -62.36 43.60
N ASP P 77 -31.74 -63.26 42.64
CA ASP P 77 -33.09 -63.76 42.39
C ASP P 77 -33.25 -65.25 42.67
N PHE P 78 -32.23 -65.86 43.26
CA PHE P 78 -32.20 -67.32 43.43
C PHE P 78 -32.58 -67.84 44.83
N PHE P 79 -33.08 -66.98 45.70
CA PHE P 79 -33.52 -67.43 47.03
C PHE P 79 -34.95 -67.97 46.96
N ARG P 80 -35.23 -69.05 47.68
CA ARG P 80 -36.60 -69.59 47.77
C ARG P 80 -37.05 -69.71 49.24
N PRO P 81 -38.19 -69.09 49.57
CA PRO P 81 -38.64 -69.10 50.97
C PRO P 81 -38.99 -70.47 51.53
N GLU P 82 -39.27 -71.47 50.72
CA GLU P 82 -39.58 -72.77 51.31
C GLU P 82 -38.28 -73.54 51.66
N ARG P 83 -37.13 -73.08 51.19
CA ARG P 83 -35.84 -73.61 51.67
C ARG P 83 -35.29 -72.76 52.84
N ASN P 84 -36.17 -72.00 53.47
CA ASN P 84 -35.80 -71.05 54.52
C ASN P 84 -34.75 -70.03 54.07
N GLU P 85 -35.01 -69.44 52.91
CA GLU P 85 -34.15 -68.45 52.30
C GLU P 85 -35.03 -67.26 51.96
N SER P 86 -34.52 -66.05 52.02
CA SER P 86 -35.31 -64.92 51.56
C SER P 86 -34.44 -63.74 51.17
N PHE P 87 -34.94 -62.96 50.24
CA PHE P 87 -34.25 -61.77 49.79
C PHE P 87 -35.30 -60.67 49.58
N ASP P 88 -35.32 -59.70 50.47
CA ASP P 88 -36.35 -58.67 50.46
C ASP P 88 -35.76 -57.32 50.06
N ILE P 89 -36.26 -56.76 48.95
CA ILE P 89 -35.84 -55.42 48.55
C ILE P 89 -36.84 -54.43 49.12
N LEU P 90 -36.36 -53.49 49.93
CA LEU P 90 -37.23 -52.68 50.78
C LEU P 90 -37.02 -51.17 50.61
N PRO P 91 -37.62 -50.58 49.58
CA PRO P 91 -37.48 -49.14 49.33
C PRO P 91 -38.29 -48.32 50.33
N ALA P 92 -37.91 -47.05 50.47
CA ALA P 92 -38.30 -46.18 51.59
C ALA P 92 -39.76 -46.23 52.06
N SER P 93 -40.70 -45.82 51.22
CA SER P 93 -42.09 -45.67 51.66
C SER P 93 -42.90 -46.93 51.43
N ARG P 95 -42.73 -50.21 49.78
CA ARG P 95 -41.85 -50.26 48.64
C ARG P 95 -42.03 -49.01 47.79
N VAL P 96 -41.67 -47.87 48.37
CA VAL P 96 -41.74 -46.61 47.64
C VAL P 96 -40.81 -45.59 48.27
N SER P 97 -41.06 -44.32 47.98
CA SER P 97 -40.20 -43.26 48.47
C SER P 97 -40.89 -41.90 48.50
N GLU P 98 -42.22 -41.91 48.43
CA GLU P 98 -43.00 -40.68 48.43
C GLU P 98 -43.18 -40.15 49.85
N THR P 99 -44.44 -39.92 50.22
CA THR P 99 -44.78 -39.53 51.60
C THR P 99 -44.24 -40.58 52.54
N GLN P 100 -43.12 -40.25 53.19
CA GLN P 100 -42.20 -41.13 53.92
C GLN P 100 -40.97 -41.47 53.07
N TRP P 101 -39.82 -40.98 53.52
CA TRP P 101 -38.54 -41.60 53.23
C TRP P 101 -38.18 -42.33 54.50
N TYR P 102 -37.03 -43.00 54.53
CA TYR P 102 -36.53 -43.47 55.82
C TYR P 102 -35.89 -42.28 56.53
N GLU P 103 -36.24 -42.08 57.80
CA GLU P 103 -35.71 -40.94 58.56
C GLU P 103 -34.26 -41.15 58.95
N GLY P 104 -33.75 -42.34 58.64
CA GLY P 104 -32.41 -42.73 59.04
C GLY P 104 -32.28 -44.25 58.99
N THR P 105 -31.09 -44.74 59.28
CA THR P 105 -30.79 -46.16 59.11
C THR P 105 -31.54 -47.02 60.13
N ALA P 106 -31.96 -46.41 61.24
CA ALA P 106 -32.76 -47.15 62.21
C ALA P 106 -34.22 -47.15 61.80
N ASP P 107 -34.68 -46.06 61.21
CA ASP P 107 -36.02 -46.06 60.69
C ASP P 107 -36.15 -47.08 59.55
N ALA P 108 -35.04 -47.39 58.89
CA ALA P 108 -35.04 -48.39 57.81
C ALA P 108 -35.29 -49.80 58.35
N VAL P 109 -34.81 -50.09 59.55
CA VAL P 109 -35.16 -51.35 60.19
C VAL P 109 -36.54 -51.23 60.84
N TYR P 110 -36.85 -50.06 61.41
CA TYR P 110 -38.11 -49.86 62.10
C TYR P 110 -39.32 -49.96 61.16
N GLN P 111 -39.26 -49.29 60.01
CA GLN P 111 -40.38 -49.34 59.07
C GLN P 111 -40.67 -50.75 58.54
N ASN P 112 -39.73 -51.66 58.75
CA ASN P 112 -39.82 -53.00 58.17
C ASN P 112 -39.84 -54.13 59.19
N ILE P 113 -40.19 -53.82 60.43
CA ILE P 113 -40.27 -54.84 61.47
C ILE P 113 -41.24 -55.95 61.09
N ASP P 114 -42.33 -55.59 60.42
CA ASP P 114 -43.34 -56.58 60.08
C ASP P 114 -42.88 -57.50 58.96
N ILE P 115 -41.77 -57.13 58.32
CA ILE P 115 -41.13 -57.97 57.32
C ILE P 115 -40.24 -58.98 57.99
N ILE P 116 -39.49 -58.49 58.97
CA ILE P 116 -38.53 -59.29 59.70
C ILE P 116 -39.16 -60.31 60.64
N GLU P 117 -40.13 -59.88 61.44
CA GLU P 117 -40.62 -60.73 62.53
C GLU P 117 -41.26 -62.06 62.10
N PRO P 118 -42.02 -62.10 60.98
CA PRO P 118 -42.47 -63.41 60.51
C PRO P 118 -41.34 -64.41 60.23
N TYR P 119 -40.13 -63.91 59.97
CA TYR P 119 -39.00 -64.80 59.75
C TYR P 119 -38.41 -65.31 61.07
N ALA P 120 -38.61 -64.55 62.13
CA ALA P 120 -38.08 -64.83 63.46
C ALA P 120 -36.61 -65.25 63.49
N PRO P 121 -35.72 -64.46 62.86
CA PRO P 121 -34.32 -64.84 63.03
C PRO P 121 -33.88 -64.57 64.46
N GLU P 122 -32.94 -65.34 64.98
CA GLU P 122 -32.43 -65.08 66.32
C GLU P 122 -31.51 -63.86 66.32
N TYR P 123 -30.75 -63.71 65.23
CA TYR P 123 -29.78 -62.63 65.12
C TYR P 123 -30.03 -61.70 63.92
N MET P 124 -29.56 -60.47 64.05
CA MET P 124 -29.56 -59.51 62.95
C MET P 124 -28.14 -59.06 62.71
N VAL P 125 -27.67 -59.15 61.47
CA VAL P 125 -26.37 -58.62 61.10
C VAL P 125 -26.61 -57.40 60.23
N ILE P 126 -26.40 -56.22 60.80
CA ILE P 126 -26.63 -54.95 60.11
C ILE P 126 -25.38 -54.61 59.30
N LEU P 127 -25.54 -54.39 58.00
CA LEU P 127 -24.40 -54.17 57.11
C LEU P 127 -24.54 -52.89 56.29
N ALA P 128 -23.43 -52.19 56.09
CA ALA P 128 -23.41 -51.09 55.14
C ALA P 128 -23.10 -51.68 53.78
N GLY P 129 -23.88 -51.30 52.76
CA GLY P 129 -23.72 -51.85 51.42
C GLY P 129 -22.86 -51.03 50.46
N ASP P 130 -22.01 -50.16 51.00
CA ASP P 130 -21.24 -49.29 50.12
C ASP P 130 -19.72 -49.39 50.31
N HIS P 131 -19.25 -50.49 50.89
CA HIS P 131 -17.82 -50.75 51.04
C HIS P 131 -17.41 -52.02 50.32
N ILE P 132 -16.14 -52.09 49.95
CA ILE P 132 -15.60 -53.28 49.29
C ILE P 132 -14.69 -54.01 50.26
N TYR P 133 -15.09 -55.22 50.66
CA TYR P 133 -14.34 -56.01 51.63
C TYR P 133 -14.86 -57.44 51.66
N LYS P 134 -14.06 -58.37 52.17
CA LYS P 134 -14.49 -59.75 52.32
C LYS P 134 -14.39 -60.16 53.79
N MET P 135 -15.46 -60.74 54.30
CA MET P 135 -15.57 -61.03 55.73
C MET P 135 -16.51 -62.20 55.97
N ASP P 136 -16.15 -63.03 56.94
CA ASP P 136 -16.92 -64.20 57.34
C ASP P 136 -17.69 -63.90 58.62
N TYR P 137 -19.00 -63.68 58.50
CA TYR P 137 -19.75 -63.14 59.62
C TYR P 137 -19.98 -64.13 60.76
N GLU P 138 -19.66 -65.40 60.53
CA GLU P 138 -19.88 -66.43 61.55
C GLU P 138 -18.99 -66.22 62.77
N TYR P 139 -17.78 -65.69 62.56
CA TYR P 139 -16.89 -65.34 63.67
C TYR P 139 -17.52 -64.29 64.58
N MET P 140 -18.05 -63.25 63.95
CA MET P 140 -18.69 -62.17 64.67
C MET P 140 -19.97 -62.61 65.39
N LEU P 141 -20.71 -63.54 64.77
CA LEU P 141 -21.92 -64.04 65.41
C LEU P 141 -21.54 -64.81 66.65
N GLN P 142 -20.50 -65.62 66.54
CA GLN P 142 -20.01 -66.39 67.68
C GLN P 142 -19.54 -65.51 68.82
N GLN P 143 -18.70 -64.52 68.52
CA GLN P 143 -18.27 -63.56 69.52
C GLN P 143 -19.47 -62.88 70.18
N HIS P 144 -20.49 -62.54 69.40
CA HIS P 144 -21.64 -61.84 69.99
C HIS P 144 -22.36 -62.66 71.06
N VAL P 145 -22.61 -63.94 70.76
CA VAL P 145 -23.32 -64.80 71.71
C VAL P 145 -22.41 -65.18 72.86
N ASP P 146 -21.11 -65.35 72.60
CA ASP P 146 -20.17 -65.74 73.66
C ASP P 146 -19.89 -64.59 74.61
N SER P 147 -19.89 -63.37 74.08
CA SER P 147 -19.55 -62.20 74.86
C SER P 147 -20.71 -61.70 75.69
N GLY P 148 -21.91 -62.15 75.35
CA GLY P 148 -23.12 -61.64 75.98
C GLY P 148 -23.38 -60.16 75.71
N ALA P 149 -22.80 -59.63 74.65
CA ALA P 149 -22.93 -58.20 74.36
C ALA P 149 -24.36 -57.84 73.95
N ASP P 150 -24.69 -56.55 74.05
CA ASP P 150 -25.95 -56.06 73.50
C ASP P 150 -25.79 -55.80 71.99
N VAL P 151 -24.70 -55.16 71.62
CA VAL P 151 -24.34 -55.02 70.21
C VAL P 151 -22.87 -55.32 70.01
N THR P 152 -22.56 -56.03 68.94
CA THR P 152 -21.17 -56.25 68.55
C THR P 152 -20.89 -55.44 67.30
N ILE P 153 -19.80 -54.67 67.35
CA ILE P 153 -19.52 -53.66 66.33
C ILE P 153 -18.23 -54.00 65.61
N GLY P 154 -18.29 -54.07 64.27
CA GLY P 154 -17.13 -54.44 63.49
C GLY P 154 -16.18 -53.27 63.31
N CYS P 155 -14.89 -53.51 63.51
CA CYS P 155 -13.90 -52.43 63.56
C CYS P 155 -12.64 -52.68 62.76
N LEU P 156 -12.19 -51.66 62.04
CA LEU P 156 -10.87 -51.68 61.42
C LEU P 156 -9.85 -51.20 62.44
N GLU P 157 -8.65 -51.75 62.39
CA GLU P 157 -7.55 -51.21 63.18
C GLU P 157 -6.73 -50.32 62.27
N VAL P 158 -6.91 -49.01 62.41
CA VAL P 158 -6.23 -48.06 61.52
C VAL P 158 -5.31 -47.14 62.33
N PRO P 159 -4.19 -46.72 61.71
CA PRO P 159 -3.25 -45.82 62.37
C PRO P 159 -3.96 -44.57 62.89
N ARG P 160 -3.56 -44.06 64.05
CA ARG P 160 -4.28 -42.95 64.67
C ARG P 160 -4.40 -41.74 63.75
N MET P 161 -3.35 -41.47 62.98
CA MET P 161 -3.38 -40.36 62.03
C MET P 161 -4.57 -40.48 61.06
N GLU P 162 -4.82 -41.69 60.58
CA GLU P 162 -5.88 -41.93 59.59
C GLU P 162 -7.24 -42.17 60.24
N ALA P 163 -7.23 -42.44 61.55
CA ALA P 163 -8.46 -42.69 62.29
C ALA P 163 -9.27 -41.43 62.48
N THR P 164 -8.67 -40.30 62.14
CA THR P 164 -9.32 -39.01 62.34
C THR P 164 -10.55 -38.85 61.45
N GLY P 165 -10.59 -39.59 60.35
CA GLY P 165 -11.68 -39.49 59.39
C GLY P 165 -12.75 -40.55 59.58
N PHE P 166 -12.73 -41.22 60.73
CA PHE P 166 -13.65 -42.31 61.02
C PHE P 166 -14.51 -42.04 62.25
N GLY P 167 -15.57 -42.82 62.42
CA GLY P 167 -16.30 -42.82 63.66
C GLY P 167 -15.55 -43.77 64.56
N VAL P 168 -14.99 -43.28 65.67
CA VAL P 168 -14.02 -44.06 66.42
C VAL P 168 -14.55 -44.62 67.75
N MET P 169 -14.28 -45.91 67.97
CA MET P 169 -14.67 -46.63 69.16
C MET P 169 -13.53 -46.67 70.16
N HIS P 170 -13.79 -46.13 71.35
CA HIS P 170 -12.84 -46.15 72.44
C HIS P 170 -12.99 -47.46 73.24
N VAL P 171 -11.90 -48.22 73.32
CA VAL P 171 -11.99 -49.61 73.76
C VAL P 171 -11.07 -49.86 74.95
N ASN P 172 -11.52 -50.72 75.88
CA ASN P 172 -10.70 -51.08 77.04
C ASN P 172 -9.84 -52.30 76.74
N GLU P 173 -9.47 -53.04 77.78
CA GLU P 173 -8.50 -54.12 77.60
C GLU P 173 -9.16 -55.42 77.17
N LYS P 174 -10.49 -55.48 77.27
CA LYS P 174 -11.24 -56.62 76.73
C LYS P 174 -12.15 -56.21 75.56
N ASP P 175 -11.70 -55.21 74.81
CA ASP P 175 -12.39 -54.74 73.60
C ASP P 175 -13.84 -54.38 73.84
N GLU P 176 -14.17 -54.02 75.07
CA GLU P 176 -15.48 -53.47 75.39
C GLU P 176 -15.48 -51.98 75.10
N ILE P 177 -16.54 -51.48 74.48
CA ILE P 177 -16.59 -50.09 74.06
C ILE P 177 -17.12 -49.13 75.13
N ILE P 178 -16.24 -48.24 75.61
CA ILE P 178 -16.60 -47.28 76.65
C ILE P 178 -16.94 -45.91 76.10
N ASP P 179 -16.64 -45.67 74.83
CA ASP P 179 -16.99 -44.39 74.23
C ASP P 179 -16.96 -44.48 72.71
N PHE P 180 -17.73 -43.61 72.07
CA PHE P 180 -17.73 -43.53 70.62
C PHE P 180 -17.48 -42.09 70.19
N ILE P 181 -16.51 -41.89 69.29
CA ILE P 181 -16.19 -40.54 68.86
C ILE P 181 -16.24 -40.43 67.35
N GLU P 182 -17.08 -39.53 66.86
CA GLU P 182 -17.19 -39.28 65.44
C GLU P 182 -16.14 -38.29 64.95
N LYS P 183 -15.19 -38.80 64.18
CA LYS P 183 -14.09 -38.01 63.64
C LYS P 183 -13.33 -37.22 64.72
N PRO P 184 -12.64 -37.93 65.62
CA PRO P 184 -11.84 -37.28 66.67
C PRO P 184 -10.59 -36.62 66.10
N ALA P 185 -10.29 -35.39 66.55
CA ALA P 185 -9.04 -34.73 66.17
C ALA P 185 -7.86 -35.56 66.67
N ASP P 186 -8.05 -36.19 67.82
CA ASP P 186 -7.06 -37.11 68.36
C ASP P 186 -7.72 -38.41 68.75
N PRO P 187 -7.61 -39.42 67.87
CA PRO P 187 -8.22 -40.74 68.04
C PRO P 187 -7.66 -41.50 69.24
N PRO P 188 -8.54 -41.91 70.16
CA PRO P 188 -8.11 -42.73 71.30
C PRO P 188 -7.48 -44.02 70.82
N GLY P 189 -6.26 -44.29 71.27
CA GLY P 189 -5.55 -45.48 70.83
C GLY P 189 -6.08 -46.70 71.54
N ILE P 190 -5.71 -47.87 71.03
CA ILE P 190 -6.06 -49.13 71.67
C ILE P 190 -5.12 -49.40 72.84
N PRO P 191 -5.67 -49.79 74.00
CA PRO P 191 -4.86 -50.19 75.15
C PRO P 191 -3.73 -51.16 74.81
N GLY P 192 -2.49 -50.77 75.08
CA GLY P 192 -1.36 -51.63 74.78
C GLY P 192 -0.95 -51.54 73.33
N ASN P 193 -1.76 -50.88 72.51
CA ASN P 193 -1.44 -50.69 71.10
C ASN P 193 -1.79 -49.28 70.63
N GLU P 194 -1.23 -48.29 71.33
CA GLU P 194 -1.44 -46.89 70.97
C GLU P 194 -0.87 -46.69 69.60
N GLY P 195 -1.31 -45.65 68.92
CA GLY P 195 -0.88 -45.49 67.54
C GLY P 195 -1.81 -46.22 66.59
N PHE P 196 -2.72 -47.02 67.14
CA PHE P 196 -3.81 -47.61 66.36
C PHE P 196 -5.14 -47.35 67.05
N ALA P 197 -6.16 -47.07 66.24
CA ALA P 197 -7.50 -46.83 66.75
C ALA P 197 -8.49 -47.75 66.05
N LEU P 198 -9.60 -48.03 66.71
CA LEU P 198 -10.62 -48.89 66.13
C LEU P 198 -11.58 -48.10 65.27
N ALA P 199 -11.55 -48.36 63.97
CA ALA P 199 -12.44 -47.70 63.02
C ALA P 199 -13.71 -48.54 62.83
N SER P 200 -14.86 -47.95 63.16
CA SER P 200 -16.15 -48.63 62.98
C SER P 200 -16.49 -48.79 61.50
N MET P 201 -16.93 -49.99 61.12
CA MET P 201 -17.18 -50.31 59.72
C MET P 201 -18.66 -50.17 59.37
N GLY P 202 -19.49 -49.84 60.35
CA GLY P 202 -20.91 -49.79 60.10
C GLY P 202 -21.54 -51.17 60.07
N ILE P 203 -20.84 -52.14 60.66
CA ILE P 203 -21.36 -53.50 60.77
C ILE P 203 -21.69 -53.88 62.21
N TYR P 204 -22.98 -54.16 62.45
CA TYR P 204 -23.55 -54.36 63.79
C TYR P 204 -24.27 -55.69 63.93
N VAL P 205 -23.99 -56.40 65.01
CA VAL P 205 -24.65 -57.67 65.29
C VAL P 205 -25.51 -57.55 66.56
N PHE P 206 -26.78 -57.95 66.46
CA PHE P 206 -27.71 -57.93 67.58
C PHE P 206 -28.42 -59.25 67.76
N HIS P 207 -28.96 -59.48 68.96
CA HIS P 207 -30.06 -60.42 69.09
C HIS P 207 -31.26 -59.69 68.54
N THR P 208 -32.07 -60.38 67.76
CA THR P 208 -33.17 -59.69 67.10
C THR P 208 -34.12 -59.11 68.14
N LYS P 209 -34.28 -59.85 69.24
CA LYS P 209 -35.21 -59.46 70.28
C LYS P 209 -34.80 -58.14 70.90
N PHE P 210 -33.50 -57.88 70.98
CA PHE P 210 -33.00 -56.63 71.55
C PHE P 210 -33.10 -55.46 70.55
N LEU P 211 -32.89 -55.77 69.27
CA LEU P 211 -32.89 -54.76 68.23
C LEU P 211 -34.25 -54.11 68.10
N MET P 212 -35.30 -54.93 68.04
CA MET P 212 -36.65 -54.42 67.83
C MET P 212 -37.05 -53.43 68.93
N GLU P 213 -36.72 -53.75 70.19
CA GLU P 213 -36.89 -52.84 71.33
C GLU P 213 -36.22 -51.51 71.07
N ALA P 214 -34.96 -51.59 70.68
CA ALA P 214 -34.13 -50.42 70.47
C ALA P 214 -34.71 -49.48 69.42
N LEU P 215 -35.11 -50.03 68.27
CA LEU P 215 -35.63 -49.21 67.21
C LEU P 215 -37.04 -48.75 67.50
N ARG P 216 -37.79 -49.63 68.17
CA ARG P 216 -39.08 -49.26 68.71
C ARG P 216 -38.90 -48.09 69.67
N ARG P 217 -37.86 -48.16 70.50
CA ARG P 217 -37.58 -47.10 71.45
C ARG P 217 -37.18 -45.83 70.71
N ASP P 218 -36.26 -46.00 69.77
CA ASP P 218 -35.73 -44.90 68.98
C ASP P 218 -36.83 -44.15 68.21
N ALA P 219 -37.81 -44.90 67.72
CA ALA P 219 -38.91 -44.29 66.98
C ALA P 219 -39.71 -43.33 67.85
N ALA P 220 -39.80 -43.64 69.14
CA ALA P 220 -40.59 -42.83 70.06
C ALA P 220 -39.82 -41.61 70.59
N ASP P 221 -38.59 -41.44 70.12
CA ASP P 221 -37.78 -40.29 70.50
C ASP P 221 -37.83 -39.24 69.39
N PRO P 222 -38.48 -38.10 69.66
CA PRO P 222 -38.61 -37.04 68.66
C PRO P 222 -37.32 -36.26 68.52
N THR P 223 -36.35 -36.57 69.35
CA THR P 223 -35.07 -35.86 69.35
C THR P 223 -34.03 -36.69 68.62
N SER P 224 -34.41 -37.91 68.25
CA SER P 224 -33.51 -38.84 67.59
C SER P 224 -33.44 -38.58 66.09
N SER P 225 -32.24 -38.66 65.54
CA SER P 225 -32.05 -38.54 64.09
C SER P 225 -32.25 -39.89 63.40
N ARG P 226 -32.66 -40.89 64.19
CA ARG P 226 -33.07 -42.19 63.67
C ARG P 226 -31.95 -42.95 62.94
N ASP P 227 -30.70 -42.68 63.31
CA ASP P 227 -29.56 -43.38 62.72
C ASP P 227 -28.94 -44.38 63.69
N PHE P 228 -28.39 -45.46 63.17
CA PHE P 228 -27.65 -46.40 64.02
C PHE P 228 -26.41 -45.73 64.60
N GLY P 229 -25.59 -45.16 63.72
CA GLY P 229 -24.39 -44.49 64.16
C GLY P 229 -24.62 -43.33 65.11
N LYS P 230 -25.58 -42.46 64.78
CA LYS P 230 -25.75 -41.20 65.50
C LYS P 230 -26.77 -41.27 66.63
N ASP P 231 -27.46 -42.39 66.80
CA ASP P 231 -28.48 -42.49 67.84
C ASP P 231 -28.45 -43.80 68.61
N ILE P 232 -28.75 -44.90 67.93
CA ILE P 232 -28.83 -46.19 68.61
C ILE P 232 -27.50 -46.61 69.23
N ILE P 233 -26.44 -46.70 68.43
CA ILE P 233 -25.15 -47.22 68.91
C ILE P 233 -24.53 -46.45 70.08
N PRO P 234 -24.58 -45.11 70.06
CA PRO P 234 -24.02 -44.45 71.25
C PRO P 234 -24.83 -44.70 72.53
N TYR P 235 -26.09 -45.10 72.39
CA TYR P 235 -26.94 -45.35 73.54
C TYR P 235 -26.55 -46.61 74.29
N ILE P 236 -26.38 -47.72 73.59
CA ILE P 236 -25.93 -48.97 74.19
C ILE P 236 -24.51 -48.78 74.71
N VAL P 237 -23.72 -47.96 74.01
CA VAL P 237 -22.37 -47.67 74.46
C VAL P 237 -22.37 -47.08 75.87
N GLU P 238 -23.17 -46.05 76.11
CA GLU P 238 -23.23 -45.43 77.44
C GLU P 238 -24.05 -46.24 78.46
N HIS P 239 -25.26 -46.63 78.08
CA HIS P 239 -26.20 -47.25 79.02
C HIS P 239 -26.24 -48.79 78.97
N GLY P 240 -25.52 -49.40 78.04
CA GLY P 240 -25.56 -50.85 77.93
C GLY P 240 -24.19 -51.44 77.65
N LYS P 241 -24.18 -52.56 76.94
CA LYS P 241 -22.93 -53.25 76.66
C LYS P 241 -22.63 -53.40 75.16
N ALA P 242 -21.68 -52.60 74.69
CA ALA P 242 -21.22 -52.64 73.30
C ALA P 242 -19.80 -53.17 73.23
N VAL P 243 -19.58 -54.16 72.37
CA VAL P 243 -18.25 -54.76 72.24
C VAL P 243 -17.75 -54.62 70.79
N ALA P 244 -16.43 -54.49 70.62
CA ALA P 244 -15.86 -54.35 69.29
C ALA P 244 -15.33 -55.69 68.77
N HIS P 245 -15.57 -55.94 67.49
CA HIS P 245 -15.00 -57.10 66.79
C HIS P 245 -13.93 -56.64 65.79
N ARG P 246 -12.82 -57.36 65.73
CA ARG P 246 -11.70 -56.95 64.88
C ARG P 246 -11.78 -57.54 63.46
N PHE P 247 -11.62 -56.68 62.45
CA PHE P 247 -11.71 -57.06 61.05
C PHE P 247 -10.78 -58.20 60.74
N ALA P 248 -9.53 -58.01 61.17
CA ALA P 248 -8.48 -59.00 60.98
C ALA P 248 -8.90 -60.39 61.42
N ASP P 249 -9.74 -60.46 62.45
CA ASP P 249 -10.21 -61.74 62.98
C ASP P 249 -11.21 -62.43 62.04
N SER P 250 -11.84 -61.69 61.14
CA SER P 250 -12.91 -62.24 60.32
C SER P 250 -12.67 -62.11 58.84
N CYS P 251 -11.82 -61.16 58.48
CA CYS P 251 -11.54 -60.87 57.08
C CYS P 251 -11.14 -62.15 56.35
N VAL P 252 -11.64 -62.31 55.13
CA VAL P 252 -11.30 -63.47 54.32
C VAL P 252 -10.20 -63.11 53.34
N ARG P 253 -8.98 -63.52 53.66
CA ARG P 253 -7.80 -63.07 52.93
C ARG P 253 -7.23 -64.19 52.07
N SER P 254 -7.19 -63.97 50.75
CA SER P 254 -6.60 -64.94 49.82
C SER P 254 -5.10 -65.10 50.05
N ASP P 255 -4.52 -66.15 49.47
CA ASP P 255 -3.08 -66.35 49.57
C ASP P 255 -2.32 -65.33 48.73
N PHE P 256 -3.06 -64.42 48.09
CA PHE P 256 -2.45 -63.46 47.20
C PHE P 256 -2.83 -62.03 47.57
N GLU P 257 -3.38 -61.88 48.77
CA GLU P 257 -3.67 -60.56 49.30
C GLU P 257 -2.76 -60.26 50.49
N HIS P 258 -1.88 -59.28 50.33
CA HIS P 258 -0.82 -59.05 51.32
C HIS P 258 -1.33 -58.48 52.65
N GLU P 259 -2.61 -58.15 52.74
CA GLU P 259 -3.20 -57.61 53.97
C GLU P 259 -4.74 -57.66 53.88
N PRO P 260 -5.44 -57.47 55.01
CA PRO P 260 -6.90 -57.35 54.96
C PRO P 260 -7.39 -56.21 54.06
N TYR P 261 -8.20 -56.56 53.08
CA TYR P 261 -8.67 -55.58 52.11
C TYR P 261 -9.96 -54.93 52.57
N TRP P 262 -9.98 -53.60 52.61
CA TRP P 262 -11.20 -52.85 52.84
C TRP P 262 -11.11 -51.50 52.14
N ARG P 263 -12.09 -51.18 51.31
CA ARG P 263 -12.11 -49.89 50.63
C ARG P 263 -13.48 -49.25 50.71
N ASP P 264 -13.47 -47.95 50.91
CA ASP P 264 -14.64 -47.11 51.08
C ASP P 264 -15.03 -46.49 49.74
N VAL P 265 -14.03 -46.36 48.86
CA VAL P 265 -14.10 -45.61 47.60
C VAL P 265 -15.05 -44.41 47.72
N GLY P 266 -14.71 -43.49 48.62
CA GLY P 266 -15.58 -42.38 48.97
C GLY P 266 -15.36 -41.10 48.17
N THR P 267 -14.25 -41.05 47.43
CA THR P 267 -13.96 -39.93 46.54
C THR P 267 -13.65 -40.44 45.14
N ILE P 268 -13.69 -39.55 44.17
CA ILE P 268 -13.28 -39.87 42.81
C ILE P 268 -11.80 -40.23 42.77
N ALA P 270 -10.05 -42.06 44.89
CA ALA P 270 -10.15 -43.34 45.61
C ALA P 270 -10.82 -44.39 44.77
N TYR P 271 -11.95 -44.04 44.16
CA TYR P 271 -12.63 -44.95 43.26
C TYR P 271 -11.76 -45.35 42.10
N TRP P 272 -11.15 -44.36 41.46
CA TRP P 272 -10.24 -44.61 40.34
C TRP P 272 -9.08 -45.50 40.78
N GLN P 273 -8.48 -45.21 41.95
CA GLN P 273 -7.30 -45.96 42.38
C GLN P 273 -7.62 -47.42 42.66
N ALA P 274 -8.69 -47.66 43.41
CA ALA P 274 -9.13 -49.01 43.74
C ALA P 274 -9.39 -49.86 42.49
N ASN P 275 -10.02 -49.27 41.48
CA ASN P 275 -10.22 -50.00 40.23
C ASN P 275 -8.91 -50.22 39.47
N ILE P 276 -8.10 -49.18 39.35
CA ILE P 276 -6.92 -49.26 38.50
C ILE P 276 -5.88 -50.16 39.15
N ASP P 277 -5.94 -50.30 40.45
CA ASP P 277 -5.01 -51.15 41.17
C ASP P 277 -5.23 -52.63 40.84
N LEU P 278 -6.35 -52.95 40.21
CA LEU P 278 -6.60 -54.32 39.77
C LEU P 278 -5.77 -54.67 38.53
N THR P 279 -5.22 -53.66 37.87
CA THR P 279 -4.38 -53.95 36.71
C THR P 279 -2.94 -54.34 37.15
N ASP P 280 -2.65 -54.27 38.45
CA ASP P 280 -1.32 -54.61 39.00
C ASP P 280 -0.90 -56.04 38.74
N VAL P 281 0.41 -56.29 38.71
CA VAL P 281 0.94 -57.64 38.61
C VAL P 281 0.51 -58.45 39.82
N VAL P 282 0.72 -57.93 41.03
CA VAL P 282 0.10 -58.51 42.21
C VAL P 282 -0.89 -57.52 42.84
N PRO P 283 -2.18 -57.68 42.51
CA PRO P 283 -3.19 -56.77 43.06
C PRO P 283 -3.43 -56.95 44.56
N ASP P 284 -3.82 -55.87 45.24
CA ASP P 284 -4.21 -55.93 46.65
C ASP P 284 -5.48 -56.75 46.84
N LEU P 285 -6.41 -56.65 45.89
CA LEU P 285 -7.62 -57.46 45.89
C LEU P 285 -7.47 -58.59 44.89
N ASP P 286 -7.67 -59.82 45.36
CA ASP P 286 -7.56 -60.99 44.48
C ASP P 286 -8.93 -61.37 43.95
N ILE P 287 -9.24 -60.95 42.73
CA ILE P 287 -10.56 -61.21 42.15
C ILE P 287 -10.61 -62.57 41.47
N TYR P 288 -9.48 -63.26 41.42
CA TYR P 288 -9.41 -64.55 40.74
C TYR P 288 -9.57 -65.70 41.72
N ASP P 289 -9.75 -65.35 42.99
CA ASP P 289 -9.98 -66.34 44.02
C ASP P 289 -11.38 -66.95 43.95
N LYS P 290 -11.48 -68.26 44.16
CA LYS P 290 -12.75 -68.96 44.11
C LYS P 290 -13.14 -69.54 45.46
N SER P 291 -12.39 -69.19 46.50
CA SER P 291 -12.69 -69.70 47.83
C SER P 291 -13.74 -68.84 48.53
N TRP P 292 -13.84 -67.57 48.13
CA TRP P 292 -14.85 -66.68 48.70
C TRP P 292 -15.40 -65.85 47.56
N PRO P 293 -16.22 -66.49 46.71
CA PRO P 293 -16.56 -65.85 45.45
C PRO P 293 -17.54 -64.71 45.61
N ILE P 294 -17.44 -63.77 44.70
CA ILE P 294 -18.31 -62.61 44.66
C ILE P 294 -19.36 -62.83 43.59
N TRP P 295 -20.61 -63.05 44.01
CA TRP P 295 -21.70 -63.20 43.06
C TRP P 295 -22.15 -61.83 42.54
N THR P 296 -22.59 -61.77 41.29
CA THR P 296 -23.15 -60.54 40.76
C THR P 296 -24.18 -60.80 39.66
N TYR P 297 -24.72 -59.73 39.07
CA TYR P 297 -25.50 -59.90 37.85
C TYR P 297 -24.58 -59.93 36.66
N ALA P 298 -24.60 -61.03 35.93
CA ALA P 298 -23.79 -61.16 34.73
C ALA P 298 -24.61 -61.79 33.64
N GLU P 299 -24.51 -61.23 32.44
CA GLU P 299 -25.13 -61.81 31.27
C GLU P 299 -24.11 -62.59 30.46
N ILE P 300 -24.62 -63.55 29.69
CA ILE P 300 -23.82 -64.25 28.72
C ILE P 300 -23.35 -63.24 27.65
N THR P 301 -22.05 -63.12 27.47
CA THR P 301 -21.51 -62.14 26.54
C THR P 301 -20.54 -62.81 25.57
N PRO P 302 -20.28 -62.15 24.45
CA PRO P 302 -19.15 -62.54 23.61
C PRO P 302 -17.81 -62.35 24.34
N PRO P 303 -16.76 -63.02 23.86
CA PRO P 303 -15.43 -62.79 24.41
C PRO P 303 -14.92 -61.37 24.11
N ALA P 304 -13.70 -61.07 24.52
CA ALA P 304 -13.06 -59.81 24.14
C ALA P 304 -12.32 -59.99 22.81
N LYS P 305 -12.39 -58.97 21.95
CA LYS P 305 -11.85 -59.07 20.60
C LYS P 305 -10.81 -57.98 20.38
N PHE P 306 -9.68 -58.34 19.79
CA PHE P 306 -8.63 -57.37 19.50
C PHE P 306 -8.34 -57.41 18.03
N VAL P 307 -8.42 -56.28 17.35
CA VAL P 307 -8.27 -56.34 15.91
C VAL P 307 -7.43 -55.18 15.36
N HIS P 308 -6.92 -55.39 14.14
CA HIS P 308 -5.98 -54.51 13.42
C HIS P 308 -4.57 -54.60 13.96
N ASP P 309 -3.62 -54.61 13.05
CA ASP P 309 -2.23 -54.79 13.40
C ASP P 309 -1.37 -54.14 12.33
N ASP P 310 -1.93 -53.15 11.63
CA ASP P 310 -1.22 -52.55 10.51
C ASP P 310 -0.26 -51.49 11.01
N GLU P 311 0.41 -50.81 10.10
CA GLU P 311 1.50 -49.91 10.48
C GLU P 311 0.99 -48.71 11.27
N ASP P 312 -0.29 -48.40 11.12
CA ASP P 312 -0.86 -47.20 11.71
C ASP P 312 -1.64 -47.48 12.99
N ARG P 313 -2.19 -48.68 13.12
CA ARG P 313 -3.07 -48.98 14.24
C ARG P 313 -2.97 -50.43 14.66
N ARG P 314 -3.01 -50.65 15.96
CA ARG P 314 -2.97 -51.99 16.52
C ARG P 314 -3.92 -52.07 17.69
N GLY P 315 -4.92 -52.94 17.60
CA GLY P 315 -5.80 -53.15 18.73
C GLY P 315 -5.11 -54.07 19.73
N SER P 316 -4.83 -53.56 20.93
CA SER P 316 -4.26 -54.39 21.97
C SER P 316 -4.32 -53.77 23.36
N ALA P 317 -4.35 -54.63 24.38
CA ALA P 317 -4.35 -54.19 25.76
C ALA P 317 -3.04 -54.61 26.41
N VAL P 318 -2.47 -53.72 27.20
CA VAL P 318 -1.24 -54.00 27.92
C VAL P 318 -1.42 -53.56 29.36
N SER P 319 -1.07 -54.42 30.31
CA SER P 319 -1.24 -54.14 31.74
C SER P 319 -2.66 -53.67 32.01
N SER P 320 -3.63 -54.40 31.46
CA SER P 320 -5.03 -53.99 31.49
C SER P 320 -5.95 -55.17 31.78
N VAL P 321 -7.14 -54.85 32.27
CA VAL P 321 -8.17 -55.86 32.53
C VAL P 321 -9.36 -55.49 31.64
N VAL P 322 -9.85 -56.45 30.86
CA VAL P 322 -10.88 -56.20 29.85
C VAL P 322 -12.00 -57.21 29.98
N SER P 323 -13.24 -56.75 29.91
CA SER P 323 -14.40 -57.62 30.12
C SER P 323 -15.01 -58.16 28.85
N GLY P 324 -16.12 -58.88 29.00
CA GLY P 324 -16.81 -59.46 27.87
C GLY P 324 -17.44 -58.42 26.97
N ASP P 325 -17.75 -58.80 25.74
CA ASP P 325 -18.40 -57.90 24.79
C ASP P 325 -17.61 -56.60 24.60
N CYS P 326 -16.28 -56.66 24.70
CA CYS P 326 -15.43 -55.52 24.38
C CYS P 326 -14.79 -55.72 23.01
N ILE P 327 -14.85 -54.70 22.16
CA ILE P 327 -14.15 -54.79 20.88
C ILE P 327 -13.10 -53.70 20.86
N ILE P 328 -11.85 -54.11 20.84
CA ILE P 328 -10.71 -53.18 20.83
C ILE P 328 -10.17 -53.15 19.41
N SER P 329 -10.63 -52.14 18.66
CA SER P 329 -10.42 -52.08 17.22
C SER P 329 -9.39 -51.02 16.87
N GLY P 330 -8.15 -51.43 16.63
CA GLY P 330 -7.09 -50.49 16.29
C GLY P 330 -6.76 -49.53 17.42
N ALA P 331 -7.22 -49.85 18.62
CA ALA P 331 -7.05 -48.97 19.76
C ALA P 331 -6.01 -49.55 20.73
N ALA P 332 -5.15 -48.69 21.28
CA ALA P 332 -4.15 -49.15 22.22
C ALA P 332 -4.61 -48.92 23.66
N LEU P 333 -4.63 -49.98 24.47
CA LEU P 333 -4.99 -49.84 25.88
C LEU P 333 -3.79 -50.09 26.77
N ASN P 334 -3.60 -49.22 27.74
CA ASN P 334 -2.48 -49.33 28.64
C ASN P 334 -2.91 -48.97 30.05
N ARG P 335 -2.64 -49.85 30.99
CA ARG P 335 -3.02 -49.65 32.39
C ARG P 335 -4.46 -49.18 32.52
N SER P 336 -5.39 -49.98 31.98
CA SER P 336 -6.79 -49.62 31.99
C SER P 336 -7.69 -50.78 32.39
N LEU P 337 -8.87 -50.45 32.91
CA LEU P 337 -9.83 -51.47 33.29
C LEU P 337 -11.13 -51.21 32.54
N LEU P 338 -11.53 -52.18 31.74
CA LEU P 338 -12.73 -51.99 30.93
C LEU P 338 -13.82 -52.91 31.41
N PHE P 339 -14.97 -52.33 31.73
CA PHE P 339 -16.17 -53.09 32.03
C PHE P 339 -16.77 -53.63 30.73
N THR P 340 -17.87 -54.36 30.87
CA THR P 340 -18.48 -55.05 29.76
C THR P 340 -19.03 -54.10 28.70
N GLY P 341 -18.87 -54.44 27.43
CA GLY P 341 -19.56 -53.72 26.39
C GLY P 341 -18.84 -52.52 25.78
N VAL P 342 -17.55 -52.37 26.04
CA VAL P 342 -16.81 -51.23 25.51
C VAL P 342 -16.41 -51.42 24.05
N ARG P 343 -16.50 -50.34 23.27
CA ARG P 343 -16.05 -50.33 21.89
C ARG P 343 -15.00 -49.24 21.75
N ALA P 344 -13.74 -49.62 21.61
CA ALA P 344 -12.68 -48.65 21.40
C ALA P 344 -12.27 -48.69 19.93
N ASN P 345 -12.29 -47.57 19.24
CA ASN P 345 -12.12 -47.58 17.79
C ASN P 345 -10.74 -47.13 17.32
N SER P 346 -10.52 -47.26 16.01
CA SER P 346 -9.20 -47.10 15.41
C SER P 346 -8.50 -45.79 15.76
N TYR P 347 -7.21 -45.90 16.02
CA TYR P 347 -6.31 -44.79 16.31
C TYR P 347 -6.59 -44.15 17.66
N SER P 348 -7.46 -44.74 18.47
CA SER P 348 -7.68 -44.21 19.81
C SER P 348 -6.69 -44.82 20.79
N ARG P 349 -6.50 -44.14 21.92
CA ARG P 349 -5.63 -44.62 22.99
C ARG P 349 -6.25 -44.36 24.37
N LEU P 350 -6.12 -45.34 25.25
CA LEU P 350 -6.56 -45.19 26.64
C LEU P 350 -5.42 -45.52 27.59
N GLU P 351 -5.09 -44.58 28.46
CA GLU P 351 -4.04 -44.76 29.45
C GLU P 351 -4.59 -44.45 30.83
N ASN P 352 -4.35 -45.33 31.80
CA ASN P 352 -4.81 -45.10 33.17
C ASN P 352 -6.30 -44.83 33.20
N ALA P 353 -7.08 -45.61 32.45
CA ALA P 353 -8.51 -45.33 32.30
C ALA P 353 -9.37 -46.37 32.99
N VAL P 354 -10.33 -45.93 33.80
CA VAL P 354 -11.38 -46.80 34.32
C VAL P 354 -12.63 -46.56 33.46
N VAL P 355 -13.01 -47.55 32.66
CA VAL P 355 -14.05 -47.38 31.65
C VAL P 355 -15.27 -48.23 32.00
N LEU P 356 -16.38 -47.57 32.36
CA LEU P 356 -17.58 -48.26 32.84
C LEU P 356 -18.36 -48.92 31.68
N PRO P 357 -19.44 -49.68 31.95
CA PRO P 357 -19.97 -50.49 30.84
C PRO P 357 -20.55 -49.71 29.65
N SER P 358 -20.42 -50.32 28.46
CA SER P 358 -21.04 -49.85 27.23
C SER P 358 -20.53 -48.51 26.69
N VAL P 359 -19.35 -48.08 27.13
CA VAL P 359 -18.72 -46.88 26.62
C VAL P 359 -18.19 -47.08 25.20
N LYS P 360 -18.34 -46.06 24.36
CA LYS P 360 -17.77 -46.08 23.01
C LYS P 360 -16.66 -45.06 22.88
N ILE P 361 -15.52 -45.44 22.33
CA ILE P 361 -14.42 -44.49 22.16
C ILE P 361 -14.17 -44.23 20.68
N GLY P 362 -14.48 -43.03 20.23
CA GLY P 362 -14.39 -42.70 18.82
C GLY P 362 -12.97 -42.67 18.30
N ARG P 363 -12.82 -42.89 16.99
CA ARG P 363 -11.51 -42.89 16.33
C ARG P 363 -10.68 -41.69 16.75
N HIS P 364 -9.38 -41.91 16.93
CA HIS P 364 -8.40 -40.86 17.22
C HIS P 364 -8.50 -40.23 18.62
N ALA P 365 -9.48 -40.61 19.43
CA ALA P 365 -9.56 -40.07 20.79
C ALA P 365 -8.39 -40.55 21.65
N GLN P 366 -7.91 -39.69 22.55
CA GLN P 366 -6.80 -40.05 23.44
C GLN P 366 -7.06 -39.65 24.88
N LEU P 367 -7.44 -40.61 25.71
CA LEU P 367 -7.82 -40.30 27.08
C LEU P 367 -6.84 -40.88 28.07
N SER P 368 -6.33 -40.04 28.96
CA SER P 368 -5.43 -40.48 30.02
C SER P 368 -5.93 -40.02 31.38
N ASN P 369 -5.84 -40.93 32.36
CA ASN P 369 -6.17 -40.67 33.76
C ASN P 369 -7.62 -40.26 33.94
N VAL P 370 -8.52 -41.16 33.57
CA VAL P 370 -9.94 -40.87 33.50
C VAL P 370 -10.80 -41.92 34.16
N VAL P 371 -12.01 -41.50 34.51
CA VAL P 371 -13.10 -42.41 34.80
C VAL P 371 -14.21 -42.03 33.84
N ILE P 372 -14.66 -42.98 33.03
CA ILE P 372 -15.67 -42.69 32.04
C ILE P 372 -16.98 -43.34 32.45
N ASP P 373 -18.02 -42.52 32.63
CA ASP P 373 -19.31 -43.00 33.08
C ASP P 373 -19.90 -44.06 32.16
N HIS P 374 -20.77 -44.88 32.74
CA HIS P 374 -21.56 -45.86 32.03
C HIS P 374 -22.21 -45.29 30.78
N GLY P 375 -21.95 -45.88 29.62
CA GLY P 375 -22.67 -45.53 28.41
C GLY P 375 -22.22 -44.30 27.65
N VAL P 376 -21.22 -43.59 28.15
CA VAL P 376 -20.73 -42.37 27.51
C VAL P 376 -20.21 -42.63 26.10
N VAL P 377 -20.54 -41.76 25.15
CA VAL P 377 -19.97 -41.84 23.82
C VAL P 377 -18.92 -40.76 23.66
N ILE P 378 -17.66 -41.16 23.61
CA ILE P 378 -16.57 -40.20 23.48
C ILE P 378 -16.43 -39.86 22.01
N PRO P 379 -16.62 -38.57 21.67
CA PRO P 379 -16.57 -38.17 20.25
C PRO P 379 -15.17 -38.32 19.69
N GLU P 380 -15.07 -38.56 18.38
CA GLU P 380 -13.78 -38.77 17.73
C GLU P 380 -12.79 -37.66 18.03
N GLY P 381 -11.53 -38.03 18.16
CA GLY P 381 -10.47 -37.07 18.38
C GLY P 381 -10.46 -36.30 19.69
N LEU P 382 -11.32 -36.63 20.64
CA LEU P 382 -11.28 -35.94 21.93
C LEU P 382 -9.95 -36.26 22.63
N ILE P 383 -9.33 -35.24 23.20
CA ILE P 383 -8.10 -35.43 23.98
C ILE P 383 -8.37 -35.05 25.44
N VAL P 384 -8.09 -35.97 26.35
CA VAL P 384 -8.24 -35.69 27.78
C VAL P 384 -6.96 -36.15 28.42
N GLY P 385 -6.38 -35.33 29.28
CA GLY P 385 -5.17 -35.70 29.98
C GLY P 385 -3.95 -35.04 29.38
N GLU P 386 -4.18 -34.04 28.53
CA GLU P 386 -3.11 -33.29 27.90
C GLU P 386 -3.01 -31.87 28.46
N ASP P 387 -4.16 -31.25 28.68
CA ASP P 387 -4.24 -29.86 29.09
C ASP P 387 -5.12 -29.70 30.33
N PRO P 388 -4.50 -29.67 31.51
CA PRO P 388 -5.20 -29.67 32.80
C PRO P 388 -6.28 -28.60 32.94
N GLU P 389 -6.02 -27.40 32.42
CA GLU P 389 -6.95 -26.31 32.61
C GLU P 389 -8.14 -26.42 31.67
N LEU P 390 -7.92 -26.90 30.45
CA LEU P 390 -9.02 -27.19 29.56
C LEU P 390 -9.84 -28.36 30.07
N ASP P 391 -9.17 -29.37 30.61
CA ASP P 391 -9.84 -30.57 31.12
C ASP P 391 -10.67 -30.25 32.35
N ALA P 392 -10.14 -29.40 33.23
CA ALA P 392 -10.89 -28.99 34.42
C ALA P 392 -12.12 -28.13 34.05
N LYS P 393 -12.05 -27.42 32.94
CA LYS P 393 -13.19 -26.64 32.45
C LYS P 393 -14.28 -27.52 31.83
N ARG P 394 -13.86 -28.56 31.11
CA ARG P 394 -14.79 -29.45 30.43
C ARG P 394 -15.39 -30.52 31.34
N PHE P 395 -14.59 -31.05 32.25
CA PHE P 395 -15.00 -32.22 33.02
C PHE P 395 -14.83 -32.01 34.52
N ARG P 396 -15.27 -33.00 35.30
CA ARG P 396 -15.00 -33.04 36.73
C ARG P 396 -13.57 -33.51 36.96
N ARG P 397 -12.67 -32.60 37.32
CA ARG P 397 -11.26 -32.99 37.50
C ARG P 397 -10.81 -32.89 38.96
N THR P 398 -10.27 -33.98 39.48
CA THR P 398 -9.73 -34.00 40.83
C THR P 398 -8.39 -33.26 40.87
N GLU P 399 -7.95 -32.92 42.08
CA GLU P 399 -6.69 -32.24 42.27
C GLU P 399 -5.54 -33.11 41.80
N SER P 400 -5.70 -34.41 41.97
CA SER P 400 -4.69 -35.38 41.54
C SER P 400 -4.67 -35.54 40.02
N GLY P 401 -5.64 -34.92 39.33
CA GLY P 401 -5.63 -34.90 37.89
C GLY P 401 -6.46 -35.97 37.21
N ILE P 402 -7.34 -36.61 37.96
CA ILE P 402 -8.28 -37.59 37.41
C ILE P 402 -9.52 -36.86 36.91
N CYS P 403 -9.90 -37.08 35.66
CA CYS P 403 -11.14 -36.50 35.13
C CYS P 403 -12.28 -37.51 35.13
N LEU P 404 -13.42 -37.14 35.68
CA LEU P 404 -14.63 -37.93 35.52
C LEU P 404 -15.41 -37.39 34.33
N ILE P 405 -15.75 -38.27 33.39
CA ILE P 405 -16.45 -37.88 32.17
C ILE P 405 -17.84 -38.49 32.09
N THR P 406 -18.85 -37.63 31.95
CA THR P 406 -20.23 -38.10 31.79
C THR P 406 -20.80 -37.64 30.47
N GLN P 407 -21.93 -38.21 30.08
CA GLN P 407 -22.52 -37.86 28.79
C GLN P 407 -23.00 -36.42 28.75
N SER P 408 -23.44 -35.89 29.89
CA SER P 408 -23.88 -34.51 29.94
C SER P 408 -22.71 -33.55 29.70
N MET P 409 -21.55 -33.84 30.27
CA MET P 409 -20.35 -33.02 30.02
C MET P 409 -19.98 -33.03 28.53
N ILE P 410 -19.97 -34.22 27.93
CA ILE P 410 -19.70 -34.35 26.49
C ILE P 410 -20.77 -33.60 25.70
N ASP P 411 -22.00 -33.63 26.20
CA ASP P 411 -23.09 -32.91 25.55
C ASP P 411 -22.86 -31.41 25.56
N LYS P 412 -22.31 -30.90 26.66
CA LYS P 412 -22.00 -29.48 26.78
C LYS P 412 -20.85 -29.07 25.88
N LEU P 413 -20.14 -30.05 25.31
CA LEU P 413 -18.90 -29.76 24.59
C LEU P 413 -19.09 -29.18 23.20
N ASP P 414 -18.28 -28.16 22.94
CA ASP P 414 -17.84 -27.69 21.63
C ASP P 414 -17.06 -26.43 21.94
N LEU P 415 -16.52 -26.43 23.16
CA LEU P 415 -15.61 -25.42 23.68
C LEU P 415 -15.01 -25.92 24.99
N VAL Q 1 -76.60 8.80 37.58
CA VAL Q 1 -76.18 9.86 38.49
C VAL Q 1 -75.16 9.37 39.52
N GLN Q 2 -75.43 8.26 40.20
CA GLN Q 2 -74.54 7.76 41.25
C GLN Q 2 -73.22 7.26 40.68
N PRO Q 3 -72.11 7.63 41.35
CA PRO Q 3 -70.81 7.09 40.94
C PRO Q 3 -70.75 5.59 41.15
N LEU Q 4 -70.17 4.87 40.20
CA LEU Q 4 -70.12 3.42 40.26
C LEU Q 4 -69.17 2.91 41.33
N ALA Q 5 -68.18 3.75 41.68
CA ALA Q 5 -67.17 3.37 42.68
C ALA Q 5 -67.80 3.11 44.06
N ARG Q 6 -68.94 3.75 44.33
CA ARG Q 6 -69.70 3.46 45.53
C ARG Q 6 -69.97 1.97 45.75
N ASP Q 7 -70.13 1.25 44.65
CA ASP Q 7 -70.56 -0.14 44.69
C ASP Q 7 -69.46 -1.09 44.20
N ALA Q 8 -68.22 -0.62 44.27
CA ALA Q 8 -67.07 -1.40 43.83
C ALA Q 8 -66.19 -1.89 44.98
N MET Q 9 -65.44 -2.95 44.71
CA MET Q 9 -64.39 -3.40 45.63
C MET Q 9 -63.11 -3.64 44.84
N ALA Q 10 -62.01 -3.04 45.29
CA ALA Q 10 -60.73 -3.21 44.65
C ALA Q 10 -60.02 -4.38 45.29
N TYR Q 11 -59.56 -5.31 44.47
CA TYR Q 11 -58.89 -6.50 44.98
C TYR Q 11 -57.45 -6.48 44.49
N VAL Q 12 -56.52 -6.20 45.40
CA VAL Q 12 -55.13 -6.01 45.00
C VAL Q 12 -54.32 -7.30 45.12
N LEU Q 13 -53.74 -7.73 44.01
CA LEU Q 13 -52.89 -8.92 43.99
C LEU Q 13 -51.47 -8.52 44.34
N ALA Q 14 -51.02 -8.89 45.53
CA ALA Q 14 -49.78 -8.35 46.07
C ALA Q 14 -48.75 -9.44 46.39
N GLY Q 15 -48.78 -10.51 45.62
CA GLY Q 15 -47.89 -11.62 45.87
C GLY Q 15 -46.70 -11.64 44.93
N GLY Q 16 -46.47 -10.54 44.21
CA GLY Q 16 -45.39 -10.46 43.26
C GLY Q 16 -44.04 -10.78 43.86
N ARG Q 17 -43.21 -11.48 43.10
CA ARG Q 17 -41.91 -11.93 43.59
C ARG Q 17 -40.82 -10.88 43.40
N GLY Q 18 -40.87 -10.19 42.27
CA GLY Q 18 -39.81 -9.27 41.90
C GLY Q 18 -38.50 -10.02 41.87
N SER Q 19 -38.49 -11.14 41.17
CA SER Q 19 -37.33 -12.03 41.18
C SER Q 19 -36.12 -11.36 40.55
N ARG Q 20 -36.34 -10.56 39.52
CA ARG Q 20 -35.24 -9.89 38.85
C ARG Q 20 -34.70 -8.72 39.67
N LEU Q 21 -35.30 -8.47 40.83
CA LEU Q 21 -34.81 -7.44 41.75
C LEU Q 21 -33.84 -8.08 42.74
N LYS Q 22 -33.67 -9.39 42.62
CA LYS Q 22 -32.70 -10.15 43.38
C LYS Q 22 -32.78 -9.91 44.88
N GLU Q 23 -31.66 -9.51 45.48
CA GLU Q 23 -31.57 -9.39 46.92
C GLU Q 23 -32.51 -8.34 47.49
N LEU Q 24 -32.92 -7.40 46.64
CA LEU Q 24 -33.84 -6.33 47.03
C LEU Q 24 -35.18 -6.89 47.50
N THR Q 25 -35.55 -8.05 46.95
CA THR Q 25 -36.73 -8.76 47.41
C THR Q 25 -36.37 -10.09 48.08
N ASP Q 26 -35.20 -10.17 48.71
CA ASP Q 26 -34.80 -11.41 49.36
C ASP Q 26 -35.72 -11.74 50.52
N ARG Q 27 -36.13 -10.72 51.25
CA ARG Q 27 -37.02 -10.93 52.39
C ARG Q 27 -38.14 -9.88 52.46
N ARG Q 28 -38.75 -9.65 51.30
CA ARG Q 28 -39.91 -8.77 51.17
C ARG Q 28 -40.48 -8.98 49.76
N ALA Q 29 -41.80 -8.93 49.62
CA ALA Q 29 -42.41 -9.07 48.30
C ALA Q 29 -42.26 -7.77 47.52
N LYS Q 30 -42.33 -7.84 46.20
CA LYS Q 30 -42.19 -6.64 45.37
C LYS Q 30 -43.10 -5.46 45.76
N PRO Q 31 -44.37 -5.72 46.15
CA PRO Q 31 -45.14 -4.52 46.49
C PRO Q 31 -44.66 -3.81 47.75
N ALA Q 32 -43.84 -4.48 48.55
CA ALA Q 32 -43.29 -3.91 49.78
C ALA Q 32 -42.00 -3.11 49.55
N VAL Q 33 -41.51 -3.10 48.32
CA VAL Q 33 -40.28 -2.38 48.02
C VAL Q 33 -40.55 -0.86 48.12
N TYR Q 34 -39.63 -0.16 48.79
CA TYR Q 34 -39.74 1.28 48.97
C TYR Q 34 -39.63 2.03 47.66
N PHE Q 35 -40.34 3.14 47.54
CA PHE Q 35 -40.22 3.97 46.35
C PHE Q 35 -40.50 5.44 46.64
N GLY Q 36 -39.76 6.31 45.98
CA GLY Q 36 -40.10 7.72 45.95
C GLY Q 36 -39.59 8.54 47.11
N GLY Q 37 -39.07 7.88 48.15
CA GLY Q 37 -38.59 8.61 49.30
C GLY Q 37 -39.35 8.35 50.58
N LYS Q 38 -40.64 8.08 50.48
CA LYS Q 38 -41.43 7.82 51.69
C LYS Q 38 -42.53 6.77 51.55
N ALA Q 39 -42.76 6.26 50.34
CA ALA Q 39 -43.83 5.28 50.10
C ALA Q 39 -43.30 3.92 49.68
N ARG Q 40 -44.20 2.95 49.58
CA ARG Q 40 -43.86 1.65 49.02
C ARG Q 40 -44.68 1.49 47.76
N ILE Q 41 -44.30 0.54 46.92
CA ILE Q 41 -44.94 0.42 45.61
C ILE Q 41 -46.45 0.20 45.70
N ILE Q 42 -46.90 -0.65 46.62
CA ILE Q 42 -48.33 -0.98 46.67
C ILE Q 42 -49.20 0.23 47.06
N ASP Q 43 -48.60 1.29 47.59
CA ASP Q 43 -49.37 2.45 48.01
C ASP Q 43 -50.00 3.16 46.83
N PHE Q 44 -49.47 2.96 45.63
CA PHE Q 44 -50.03 3.62 44.45
C PHE Q 44 -51.36 3.00 44.06
N ALA Q 45 -51.42 1.69 43.86
CA ALA Q 45 -52.70 1.05 43.54
C ALA Q 45 -53.71 1.30 44.67
N LEU Q 46 -53.26 1.27 45.92
CA LEU Q 46 -54.16 1.52 47.04
C LEU Q 46 -54.62 2.97 47.05
N SER Q 47 -53.74 3.90 46.70
CA SER Q 47 -54.16 5.29 46.65
C SER Q 47 -55.07 5.58 45.46
N ASN Q 48 -54.83 4.94 44.32
CA ASN Q 48 -55.76 5.06 43.18
C ASN Q 48 -57.16 4.59 43.57
N ALA Q 49 -57.24 3.53 44.37
CA ALA Q 49 -58.54 3.02 44.79
C ALA Q 49 -59.28 4.05 45.64
N LEU Q 50 -58.61 4.51 46.68
CA LEU Q 50 -59.12 5.55 47.55
C LEU Q 50 -59.57 6.82 46.81
N ASN Q 51 -58.67 7.34 45.97
CA ASN Q 51 -58.93 8.60 45.27
C ASN Q 51 -60.06 8.47 44.26
N SER Q 52 -60.28 7.25 43.75
CA SER Q 52 -61.32 7.01 42.75
C SER Q 52 -62.68 6.84 43.40
N GLY Q 53 -62.72 6.78 44.73
CA GLY Q 53 -63.96 6.60 45.45
C GLY Q 53 -64.29 5.16 45.81
N ILE Q 54 -63.32 4.28 45.67
CA ILE Q 54 -63.54 2.90 46.03
C ILE Q 54 -63.06 2.69 47.47
N ARG Q 55 -64.00 2.48 48.38
CA ARG Q 55 -63.67 2.41 49.80
C ARG Q 55 -63.68 0.98 50.36
N ARG Q 56 -63.84 -0.02 49.49
CA ARG Q 56 -63.65 -1.40 49.90
C ARG Q 56 -62.43 -2.00 49.20
N ILE Q 57 -61.47 -2.44 49.98
CA ILE Q 57 -60.20 -2.93 49.44
C ILE Q 57 -59.87 -4.27 50.06
N GLY Q 58 -59.48 -5.23 49.22
CA GLY Q 58 -58.89 -6.49 49.66
C GLY Q 58 -57.48 -6.56 49.10
N VAL Q 59 -56.55 -7.12 49.87
CA VAL Q 59 -55.17 -7.27 49.42
C VAL Q 59 -54.75 -8.71 49.63
N ALA Q 60 -54.56 -9.45 48.53
CA ALA Q 60 -54.05 -10.80 48.61
C ALA Q 60 -52.53 -10.79 48.65
N THR Q 61 -51.94 -11.51 49.60
CA THR Q 61 -50.50 -11.60 49.69
C THR Q 61 -50.07 -13.07 49.59
N GLN Q 62 -48.78 -13.27 49.34
CA GLN Q 62 -48.24 -14.62 49.21
C GLN Q 62 -46.87 -14.70 49.88
N TYR Q 63 -45.80 -14.67 49.09
CA TYR Q 63 -44.47 -14.99 49.63
C TYR Q 63 -43.83 -13.77 50.30
N LYS Q 64 -43.01 -14.05 51.31
CA LYS Q 64 -42.30 -13.02 52.08
C LYS Q 64 -43.14 -11.78 52.39
N ALA Q 65 -44.28 -11.98 53.02
CA ALA Q 65 -45.27 -10.91 53.15
C ALA Q 65 -45.25 -10.17 54.48
N HIS Q 66 -44.39 -10.57 55.42
CA HIS Q 66 -44.39 -9.97 56.76
C HIS Q 66 -44.37 -8.44 56.75
N SER Q 67 -43.36 -7.85 56.13
CA SER Q 67 -43.22 -6.40 56.16
C SER Q 67 -44.35 -5.72 55.40
N LEU Q 68 -44.82 -6.37 54.35
CA LEU Q 68 -45.96 -5.85 53.56
C LEU Q 68 -47.19 -5.75 54.41
N ILE Q 69 -47.44 -6.80 55.18
CA ILE Q 69 -48.61 -6.87 56.03
C ILE Q 69 -48.52 -5.86 57.17
N ARG Q 70 -47.33 -5.75 57.76
CA ARG Q 70 -47.11 -4.77 58.82
C ARG Q 70 -47.31 -3.36 58.29
N HIS Q 71 -46.82 -3.11 57.08
CA HIS Q 71 -47.04 -1.83 56.40
C HIS Q 71 -48.54 -1.54 56.27
N LEU Q 72 -49.30 -2.52 55.80
CA LEU Q 72 -50.73 -2.34 55.61
C LEU Q 72 -51.47 -2.11 56.93
N GLN Q 73 -51.13 -2.90 57.96
CA GLN Q 73 -51.73 -2.76 59.28
C GLN Q 73 -51.44 -1.38 59.87
N ARG Q 74 -50.25 -0.86 59.61
CA ARG Q 74 -49.84 0.42 60.17
C ARG Q 74 -50.36 1.61 59.39
N GLY Q 75 -50.28 1.55 58.07
CA GLY Q 75 -50.63 2.72 57.26
C GLY Q 75 -52.05 2.76 56.74
N TRP Q 76 -52.65 1.61 56.49
CA TRP Q 76 -53.98 1.56 55.90
C TRP Q 76 -55.04 1.09 56.91
N ASP Q 77 -55.17 1.86 57.98
CA ASP Q 77 -55.85 1.42 59.18
C ASP Q 77 -57.11 2.22 59.48
N PHE Q 78 -57.50 3.07 58.53
CA PHE Q 78 -58.51 4.07 58.81
C PHE Q 78 -59.86 3.78 58.16
N PHE Q 79 -60.10 2.54 57.79
CA PHE Q 79 -61.37 2.16 57.15
C PHE Q 79 -62.32 1.60 58.20
N ARG Q 80 -63.57 2.07 58.19
CA ARG Q 80 -64.52 1.62 59.20
C ARG Q 80 -65.77 1.04 58.55
N PRO Q 81 -66.09 -0.23 58.88
CA PRO Q 81 -67.22 -0.93 58.27
C PRO Q 81 -68.58 -0.22 58.43
N GLU Q 82 -68.76 0.57 59.48
CA GLU Q 82 -70.05 1.23 59.66
C GLU Q 82 -70.21 2.45 58.72
N ARG Q 83 -69.14 2.82 58.02
CA ARG Q 83 -69.20 3.85 56.99
C ARG Q 83 -69.18 3.21 55.59
N ASN Q 84 -69.42 1.90 55.57
CA ASN Q 84 -69.34 1.06 54.38
C ASN Q 84 -67.95 1.05 53.73
N GLU Q 85 -66.94 1.20 54.58
CA GLU Q 85 -65.54 1.11 54.20
C GLU Q 85 -65.01 -0.20 54.69
N SER Q 86 -64.05 -0.78 53.99
CA SER Q 86 -63.36 -1.93 54.54
C SER Q 86 -61.98 -2.05 53.93
N PHE Q 87 -61.10 -2.69 54.69
CA PHE Q 87 -59.75 -2.97 54.22
C PHE Q 87 -59.38 -4.33 54.77
N ASP Q 88 -59.33 -5.32 53.88
CA ASP Q 88 -59.02 -6.68 54.29
C ASP Q 88 -57.66 -7.11 53.79
N ILE Q 89 -56.81 -7.56 54.71
CA ILE Q 89 -55.51 -8.12 54.36
C ILE Q 89 -55.68 -9.63 54.32
N LEU Q 90 -55.25 -10.26 53.23
CA LEU Q 90 -55.65 -11.65 53.00
C LEU Q 90 -54.53 -12.57 52.57
N PRO Q 91 -53.65 -12.96 53.50
CA PRO Q 91 -52.50 -13.81 53.18
C PRO Q 91 -52.85 -15.27 52.95
N ALA Q 92 -52.04 -15.95 52.14
CA ALA Q 92 -51.97 -17.41 52.09
C ALA Q 92 -53.31 -18.10 52.26
N SER Q 93 -53.55 -18.60 53.47
CA SER Q 93 -54.86 -19.16 53.80
C SER Q 93 -55.13 -19.02 55.29
N GLN Q 94 -56.13 -18.20 55.61
CA GLN Q 94 -56.46 -17.81 56.99
C GLN Q 94 -55.29 -17.08 57.61
N ARG Q 95 -54.72 -16.16 56.83
CA ARG Q 95 -53.63 -15.27 57.29
C ARG Q 95 -52.45 -16.03 57.86
N TRP Q 101 -50.31 -21.86 50.50
CA TRP Q 101 -50.15 -20.87 49.45
C TRP Q 101 -51.32 -20.86 48.48
N TYR Q 102 -51.62 -19.68 47.96
CA TYR Q 102 -52.56 -19.57 46.84
C TYR Q 102 -51.96 -20.31 45.66
N GLU Q 103 -52.80 -20.96 44.84
CA GLU Q 103 -52.29 -21.70 43.69
C GLU Q 103 -52.12 -20.83 42.45
N GLY Q 104 -52.57 -19.58 42.55
CA GLY Q 104 -52.45 -18.62 41.47
C GLY Q 104 -53.27 -17.39 41.79
N THR Q 105 -53.28 -16.41 40.89
CA THR Q 105 -53.93 -15.14 41.18
C THR Q 105 -55.45 -15.27 41.22
N ALA Q 106 -56.02 -16.09 40.34
CA ALA Q 106 -57.47 -16.30 40.35
C ALA Q 106 -57.91 -17.04 41.61
N ASP Q 107 -57.06 -17.96 42.07
CA ASP Q 107 -57.29 -18.69 43.30
C ASP Q 107 -57.22 -17.76 44.51
N ALA Q 108 -56.37 -16.73 44.44
CA ALA Q 108 -56.30 -15.71 45.47
C ALA Q 108 -57.68 -15.05 45.63
N VAL Q 109 -58.43 -14.99 44.53
CA VAL Q 109 -59.80 -14.54 44.57
C VAL Q 109 -60.74 -15.67 45.03
N TYR Q 110 -60.51 -16.88 44.54
CA TYR Q 110 -61.35 -18.03 44.91
C TYR Q 110 -61.37 -18.34 46.41
N GLN Q 111 -60.20 -18.36 47.04
CA GLN Q 111 -60.14 -18.69 48.47
C GLN Q 111 -60.91 -17.70 49.33
N ASN Q 112 -61.20 -16.54 48.78
CA ASN Q 112 -61.77 -15.47 49.58
C ASN Q 112 -63.15 -15.02 49.13
N ILE Q 113 -63.87 -15.91 48.46
CA ILE Q 113 -65.29 -15.65 48.19
C ILE Q 113 -66.01 -15.27 49.47
N ASP Q 114 -65.72 -15.97 50.55
CA ASP Q 114 -66.48 -15.80 51.78
C ASP Q 114 -66.22 -14.43 52.43
N ILE Q 115 -65.08 -13.81 52.13
CA ILE Q 115 -64.78 -12.47 52.63
C ILE Q 115 -65.51 -11.43 51.79
N ILE Q 116 -65.57 -11.68 50.48
CA ILE Q 116 -66.13 -10.74 49.52
C ILE Q 116 -67.66 -10.71 49.54
N GLU Q 117 -68.30 -11.87 49.65
CA GLU Q 117 -69.74 -11.92 49.49
C GLU Q 117 -70.59 -11.19 50.56
N PRO Q 118 -70.17 -11.21 51.84
CA PRO Q 118 -70.84 -10.34 52.83
C PRO Q 118 -70.93 -8.89 52.40
N TYR Q 119 -69.95 -8.44 51.62
CA TYR Q 119 -69.93 -7.05 51.17
C TYR Q 119 -70.85 -6.78 49.97
N ALA Q 120 -71.15 -7.83 49.22
CA ALA Q 120 -71.97 -7.74 47.99
C ALA Q 120 -71.68 -6.53 47.09
N PRO Q 121 -70.41 -6.36 46.67
CA PRO Q 121 -70.13 -5.26 45.75
C PRO Q 121 -70.72 -5.55 44.37
N GLU Q 122 -71.14 -4.51 43.66
CA GLU Q 122 -71.62 -4.69 42.29
C GLU Q 122 -70.49 -5.04 41.32
N TYR Q 123 -69.31 -4.50 41.57
CA TYR Q 123 -68.17 -4.59 40.65
C TYR Q 123 -66.90 -4.99 41.37
N MET Q 124 -66.05 -5.74 40.68
CA MET Q 124 -64.72 -6.05 41.21
C MET Q 124 -63.64 -5.45 40.31
N VAL Q 125 -62.76 -4.65 40.92
CA VAL Q 125 -61.61 -4.07 40.23
C VAL Q 125 -60.35 -4.80 40.65
N ILE Q 126 -59.89 -5.73 39.82
CA ILE Q 126 -58.69 -6.50 40.11
C ILE Q 126 -57.48 -5.69 39.69
N LEU Q 127 -56.55 -5.45 40.63
CA LEU Q 127 -55.44 -4.54 40.42
C LEU Q 127 -54.11 -5.22 40.62
N ALA Q 128 -53.12 -4.85 39.81
CA ALA Q 128 -51.75 -5.27 40.04
C ALA Q 128 -51.12 -4.41 41.13
N GLY Q 129 -50.62 -5.03 42.19
CA GLY Q 129 -50.05 -4.27 43.30
C GLY Q 129 -48.57 -3.93 43.21
N ASP Q 130 -47.95 -4.18 42.06
CA ASP Q 130 -46.50 -3.99 41.96
C ASP Q 130 -46.07 -3.00 40.89
N HIS Q 131 -46.95 -2.05 40.55
CA HIS Q 131 -46.65 -1.01 39.55
C HIS Q 131 -46.85 0.41 40.10
N ILE Q 132 -46.09 1.35 39.57
CA ILE Q 132 -46.21 2.74 39.96
C ILE Q 132 -46.95 3.51 38.87
N TYR Q 133 -48.13 4.02 39.21
CA TYR Q 133 -48.99 4.74 38.28
C TYR Q 133 -50.16 5.38 39.02
N LYS Q 134 -50.79 6.36 38.38
CA LYS Q 134 -51.97 7.03 38.91
C LYS Q 134 -53.11 6.95 37.90
N MET Q 135 -54.26 6.50 38.36
CA MET Q 135 -55.38 6.19 37.48
C MET Q 135 -56.69 6.35 38.24
N ASP Q 136 -57.68 6.92 37.56
CA ASP Q 136 -59.01 7.14 38.09
C ASP Q 136 -59.90 5.98 37.60
N TYR Q 137 -60.18 5.04 38.50
CA TYR Q 137 -60.89 3.82 38.12
C TYR Q 137 -62.35 4.02 37.76
N GLU Q 138 -62.90 5.19 38.04
CA GLU Q 138 -64.30 5.45 37.73
C GLU Q 138 -64.54 5.42 36.22
N TYR Q 139 -63.53 5.81 35.44
CA TYR Q 139 -63.64 5.77 33.99
C TYR Q 139 -63.83 4.35 33.49
N MET Q 140 -62.96 3.46 33.97
CA MET Q 140 -63.04 2.05 33.63
C MET Q 140 -64.38 1.45 34.03
N LEU Q 141 -64.84 1.77 35.25
CA LEU Q 141 -66.12 1.29 35.74
C LEU Q 141 -67.24 1.72 34.78
N GLN Q 142 -67.21 2.98 34.36
CA GLN Q 142 -68.23 3.44 33.44
C GLN Q 142 -68.16 2.74 32.07
N GLN Q 143 -66.96 2.58 31.51
CA GLN Q 143 -66.85 1.89 30.24
C GLN Q 143 -67.36 0.47 30.37
N HIS Q 144 -67.07 -0.18 31.49
CA HIS Q 144 -67.45 -1.59 31.65
C HIS Q 144 -68.96 -1.81 31.63
N VAL Q 145 -69.69 -1.01 32.39
CA VAL Q 145 -71.14 -1.19 32.43
C VAL Q 145 -71.76 -0.75 31.11
N ASP Q 146 -71.23 0.33 30.53
CA ASP Q 146 -71.76 0.82 29.27
C ASP Q 146 -71.55 -0.13 28.11
N SER Q 147 -70.44 -0.86 28.12
CA SER Q 147 -70.08 -1.68 26.98
C SER Q 147 -70.75 -3.06 27.03
N GLY Q 148 -71.13 -3.50 28.22
CA GLY Q 148 -71.69 -4.83 28.37
C GLY Q 148 -70.62 -5.92 28.35
N ALA Q 149 -69.37 -5.53 28.51
CA ALA Q 149 -68.25 -6.47 28.56
C ALA Q 149 -68.37 -7.47 29.70
N ASP Q 150 -67.88 -8.69 29.48
CA ASP Q 150 -67.68 -9.63 30.58
C ASP Q 150 -66.48 -9.18 31.39
N VAL Q 151 -65.46 -8.65 30.70
CA VAL Q 151 -64.30 -8.10 31.40
C VAL Q 151 -63.79 -6.89 30.64
N THR Q 152 -63.34 -5.89 31.38
CA THR Q 152 -62.69 -4.72 30.80
C THR Q 152 -61.27 -4.68 31.30
N ILE Q 153 -60.33 -4.54 30.37
CA ILE Q 153 -58.92 -4.71 30.69
C ILE Q 153 -58.13 -3.43 30.46
N GLY Q 154 -57.43 -2.97 31.50
CA GLY Q 154 -56.64 -1.77 31.39
C GLY Q 154 -55.39 -2.00 30.57
N CYS Q 155 -55.13 -1.11 29.63
CA CYS Q 155 -54.07 -1.31 28.66
C CYS Q 155 -53.19 -0.08 28.43
N LEU Q 156 -51.89 -0.30 28.33
CA LEU Q 156 -50.96 0.74 27.88
C LEU Q 156 -50.81 0.72 26.37
N GLU Q 157 -50.85 1.91 25.77
CA GLU Q 157 -50.47 2.06 24.37
C GLU Q 157 -48.97 2.22 24.27
N VAL Q 158 -48.27 1.19 23.81
CA VAL Q 158 -46.82 1.26 23.69
C VAL Q 158 -46.40 1.01 22.23
N PRO Q 159 -45.29 1.62 21.81
CA PRO Q 159 -44.73 1.33 20.49
C PRO Q 159 -44.56 -0.18 20.31
N ARG Q 160 -44.75 -0.70 19.10
CA ARG Q 160 -44.78 -2.14 18.93
C ARG Q 160 -43.45 -2.78 19.27
N MET Q 161 -42.35 -2.08 19.05
CA MET Q 161 -41.05 -2.63 19.44
C MET Q 161 -41.01 -2.92 20.93
N GLU Q 162 -41.68 -2.09 21.72
CA GLU Q 162 -41.65 -2.22 23.18
C GLU Q 162 -42.64 -3.24 23.70
N ALA Q 163 -43.68 -3.51 22.93
CA ALA Q 163 -44.71 -4.44 23.36
C ALA Q 163 -44.23 -5.89 23.36
N THR Q 164 -43.04 -6.14 22.81
CA THR Q 164 -42.58 -7.52 22.65
C THR Q 164 -42.34 -8.23 23.98
N GLY Q 165 -42.33 -7.44 25.07
CA GLY Q 165 -42.14 -7.98 26.41
C GLY Q 165 -43.42 -8.12 27.19
N PHE Q 166 -44.49 -7.48 26.71
CA PHE Q 166 -45.77 -7.48 27.41
C PHE Q 166 -46.69 -8.58 26.96
N GLY Q 167 -47.75 -8.81 27.73
CA GLY Q 167 -48.87 -9.56 27.22
C GLY Q 167 -49.63 -8.55 26.41
N VAL Q 168 -49.94 -8.88 25.15
CA VAL Q 168 -50.52 -7.89 24.24
C VAL Q 168 -51.95 -8.24 23.89
N MET Q 169 -52.78 -7.19 23.91
CA MET Q 169 -54.19 -7.29 23.55
C MET Q 169 -54.39 -6.92 22.10
N HIS Q 170 -54.81 -7.88 21.31
CA HIS Q 170 -55.08 -7.60 19.93
C HIS Q 170 -56.58 -7.34 19.79
N VAL Q 171 -56.91 -6.23 19.14
CA VAL Q 171 -58.19 -5.60 19.33
C VAL Q 171 -58.81 -5.21 17.98
N ASN Q 172 -60.13 -5.12 17.89
CA ASN Q 172 -60.75 -4.63 16.65
C ASN Q 172 -60.96 -3.10 16.70
N GLU Q 173 -61.76 -2.58 15.78
CA GLU Q 173 -61.88 -1.13 15.65
C GLU Q 173 -62.74 -0.49 16.74
N LYS Q 174 -63.42 -1.29 17.55
CA LYS Q 174 -64.16 -0.74 18.70
C LYS Q 174 -63.56 -1.23 20.03
N ASP Q 175 -62.27 -1.54 20.00
CA ASP Q 175 -61.50 -1.96 21.17
C ASP Q 175 -62.01 -3.23 21.83
N GLU Q 176 -62.83 -3.99 21.12
CA GLU Q 176 -63.19 -5.31 21.62
C GLU Q 176 -61.98 -6.21 21.40
N ILE Q 177 -61.76 -7.14 22.32
CA ILE Q 177 -60.55 -7.95 22.26
C ILE Q 177 -60.78 -9.29 21.52
N ILE Q 178 -60.01 -9.53 20.46
CA ILE Q 178 -60.13 -10.77 19.70
C ILE Q 178 -59.06 -11.82 19.95
N ASP Q 179 -57.92 -11.41 20.49
CA ASP Q 179 -56.91 -12.39 20.88
C ASP Q 179 -56.00 -11.76 21.91
N PHE Q 180 -55.31 -12.60 22.65
CA PHE Q 180 -54.32 -12.12 23.58
C PHE Q 180 -53.09 -13.01 23.48
N ILE Q 181 -51.91 -12.40 23.35
CA ILE Q 181 -50.71 -13.18 23.17
C ILE Q 181 -49.57 -12.69 24.08
N GLU Q 182 -48.86 -13.64 24.69
CA GLU Q 182 -47.76 -13.31 25.61
C GLU Q 182 -46.44 -13.07 24.90
N LYS Q 183 -45.91 -11.86 25.05
CA LYS Q 183 -44.64 -11.47 24.47
C LYS Q 183 -44.49 -11.80 22.98
N PRO Q 184 -45.35 -11.21 22.13
CA PRO Q 184 -45.28 -11.48 20.70
C PRO Q 184 -44.08 -10.85 20.01
N ALA Q 185 -43.52 -11.54 19.01
CA ALA Q 185 -42.38 -11.02 18.27
C ALA Q 185 -42.82 -9.87 17.38
N ASP Q 186 -44.04 -9.99 16.86
CA ASP Q 186 -44.62 -8.99 15.97
C ASP Q 186 -45.96 -8.58 16.56
N PRO Q 187 -45.93 -7.72 17.59
CA PRO Q 187 -47.14 -7.34 18.33
C PRO Q 187 -48.22 -6.78 17.42
N PRO Q 188 -49.43 -7.35 17.46
CA PRO Q 188 -50.46 -6.79 16.58
C PRO Q 188 -50.76 -5.34 16.96
N GLY Q 189 -50.97 -4.51 15.95
CA GLY Q 189 -51.13 -3.09 16.16
C GLY Q 189 -52.58 -2.72 16.29
N ILE Q 190 -52.81 -1.53 16.83
CA ILE Q 190 -54.14 -0.96 16.91
C ILE Q 190 -54.63 -0.66 15.50
N PRO Q 191 -55.83 -1.13 15.16
CA PRO Q 191 -56.44 -0.82 13.86
C PRO Q 191 -56.37 0.67 13.55
N GLY Q 192 -55.66 1.04 12.49
CA GLY Q 192 -55.60 2.43 12.07
C GLY Q 192 -54.62 3.25 12.88
N ASN Q 193 -53.89 2.59 13.77
CA ASN Q 193 -52.82 3.22 14.53
C ASN Q 193 -51.76 2.14 14.75
N GLU Q 194 -51.41 1.47 13.66
CA GLU Q 194 -50.44 0.40 13.66
C GLU Q 194 -49.13 0.86 14.28
N GLY Q 195 -48.24 -0.05 14.61
CA GLY Q 195 -47.04 0.43 15.27
C GLY Q 195 -47.25 0.98 16.68
N PHE Q 196 -48.50 0.95 17.15
CA PHE Q 196 -48.79 0.99 18.58
C PHE Q 196 -49.54 -0.28 18.91
N ALA Q 197 -49.16 -0.92 20.00
CA ALA Q 197 -49.83 -2.11 20.49
C ALA Q 197 -50.42 -1.85 21.88
N LEU Q 198 -51.52 -2.50 22.19
CA LEU Q 198 -52.10 -2.44 23.52
C LEU Q 198 -51.48 -3.49 24.45
N ALA Q 199 -50.80 -3.02 25.49
CA ALA Q 199 -50.17 -3.90 26.47
C ALA Q 199 -51.01 -3.97 27.76
N SER Q 200 -51.27 -5.17 28.24
CA SER Q 200 -52.07 -5.35 29.45
C SER Q 200 -51.38 -4.84 30.71
N MET Q 201 -52.09 -4.03 31.48
CA MET Q 201 -51.61 -3.55 32.76
C MET Q 201 -51.87 -4.54 33.90
N GLY Q 202 -52.59 -5.60 33.63
CA GLY Q 202 -52.99 -6.52 34.69
C GLY Q 202 -54.07 -5.93 35.59
N ILE Q 203 -54.90 -5.07 35.00
CA ILE Q 203 -56.04 -4.46 35.66
C ILE Q 203 -57.30 -5.01 35.01
N TYR Q 204 -58.19 -5.59 35.79
CA TYR Q 204 -59.42 -6.15 35.22
C TYR Q 204 -60.65 -5.72 35.96
N VAL Q 205 -61.68 -5.35 35.23
CA VAL Q 205 -62.94 -4.97 35.85
C VAL Q 205 -64.02 -6.00 35.54
N PHE Q 206 -64.71 -6.46 36.57
CA PHE Q 206 -65.83 -7.36 36.41
C PHE Q 206 -67.04 -6.93 37.21
N HIS Q 207 -68.19 -7.27 36.68
CA HIS Q 207 -69.42 -7.63 37.43
C HIS Q 207 -69.15 -8.80 38.38
N THR Q 208 -69.35 -8.57 39.68
CA THR Q 208 -68.90 -9.50 40.74
C THR Q 208 -69.49 -10.89 40.54
N LYS Q 209 -70.79 -10.97 40.22
CA LYS Q 209 -71.41 -12.28 40.12
C LYS Q 209 -70.80 -13.08 38.96
N PHE Q 210 -70.40 -12.40 37.89
CA PHE Q 210 -69.73 -13.08 36.79
C PHE Q 210 -68.38 -13.62 37.22
N LEU Q 211 -67.63 -12.76 37.92
CA LEU Q 211 -66.31 -13.12 38.38
C LEU Q 211 -66.46 -14.36 39.25
N MET Q 212 -67.39 -14.33 40.20
CA MET Q 212 -67.60 -15.44 41.13
C MET Q 212 -67.83 -16.78 40.41
N GLU Q 213 -68.67 -16.77 39.39
CA GLU Q 213 -68.85 -17.97 38.58
C GLU Q 213 -67.54 -18.32 37.87
N ALA Q 214 -66.80 -17.30 37.45
CA ALA Q 214 -65.60 -17.50 36.66
C ALA Q 214 -64.46 -18.16 37.44
N LEU Q 215 -64.14 -17.67 38.64
CA LEU Q 215 -63.02 -18.30 39.33
C LEU Q 215 -63.42 -19.66 39.89
N ARG Q 216 -64.71 -19.85 40.15
CA ARG Q 216 -65.22 -21.14 40.61
C ARG Q 216 -65.06 -22.18 39.49
N ARG Q 217 -65.48 -21.85 38.28
CA ARG Q 217 -65.19 -22.71 37.13
C ARG Q 217 -63.73 -23.07 37.09
N ASP Q 218 -62.90 -22.05 37.23
CA ASP Q 218 -61.46 -22.21 37.15
C ASP Q 218 -61.01 -23.16 38.25
N ALA Q 219 -61.59 -23.03 39.43
CA ALA Q 219 -61.22 -23.88 40.56
C ALA Q 219 -61.61 -25.35 40.31
N ALA Q 220 -62.48 -25.58 39.34
CA ALA Q 220 -62.96 -26.92 39.04
C ALA Q 220 -62.14 -27.61 37.94
N ASP Q 221 -61.27 -26.85 37.27
CA ASP Q 221 -60.41 -27.39 36.23
C ASP Q 221 -59.01 -27.73 36.76
N PRO Q 222 -58.72 -29.03 36.93
CA PRO Q 222 -57.51 -29.54 37.59
C PRO Q 222 -56.22 -29.32 36.79
N THR Q 223 -56.34 -28.86 35.55
CA THR Q 223 -55.17 -28.55 34.74
C THR Q 223 -54.88 -27.05 34.70
N SER Q 224 -55.78 -26.25 35.25
CA SER Q 224 -55.58 -24.80 35.31
C SER Q 224 -54.42 -24.45 36.22
N SER Q 225 -53.69 -23.40 35.84
CA SER Q 225 -52.62 -22.87 36.68
C SER Q 225 -53.13 -21.73 37.57
N ARG Q 226 -54.45 -21.57 37.60
CA ARG Q 226 -55.13 -20.73 38.59
C ARG Q 226 -54.80 -19.24 38.48
N ASP Q 227 -54.41 -18.75 37.30
CA ASP Q 227 -54.05 -17.33 37.15
C ASP Q 227 -55.01 -16.58 36.22
N PHE Q 228 -55.23 -15.29 36.50
CA PHE Q 228 -56.04 -14.45 35.63
C PHE Q 228 -55.44 -14.38 34.23
N GLY Q 229 -54.17 -14.02 34.14
CA GLY Q 229 -53.52 -13.85 32.86
C GLY Q 229 -53.47 -15.09 32.00
N LYS Q 230 -53.09 -16.22 32.59
CA LYS Q 230 -52.90 -17.44 31.82
C LYS Q 230 -54.20 -18.24 31.59
N ASP Q 231 -55.16 -18.12 32.50
CA ASP Q 231 -56.31 -19.02 32.47
C ASP Q 231 -57.66 -18.34 32.24
N ILE Q 232 -58.04 -17.45 33.15
CA ILE Q 232 -59.38 -16.87 33.13
C ILE Q 232 -59.58 -15.84 32.01
N ILE Q 233 -58.63 -14.94 31.82
CA ILE Q 233 -58.77 -13.91 30.79
C ILE Q 233 -58.73 -14.47 29.35
N PRO Q 234 -57.77 -15.36 29.03
CA PRO Q 234 -57.82 -15.88 27.65
C PRO Q 234 -59.16 -16.57 27.36
N TYR Q 235 -59.66 -17.31 28.35
CA TYR Q 235 -60.93 -18.01 28.23
C TYR Q 235 -62.08 -17.04 27.94
N ILE Q 236 -62.08 -15.87 28.56
CA ILE Q 236 -63.12 -14.88 28.28
C ILE Q 236 -62.91 -14.30 26.89
N VAL Q 237 -61.67 -14.06 26.52
CA VAL Q 237 -61.36 -13.54 25.19
C VAL Q 237 -61.84 -14.50 24.12
N GLU Q 238 -61.61 -15.78 24.38
CA GLU Q 238 -62.00 -16.88 23.49
C GLU Q 238 -63.51 -17.17 23.46
N HIS Q 239 -64.17 -17.06 24.59
CA HIS Q 239 -65.56 -17.48 24.69
C HIS Q 239 -66.55 -16.38 25.09
N GLY Q 240 -66.04 -15.23 25.53
CA GLY Q 240 -66.90 -14.16 26.01
C GLY Q 240 -66.61 -12.80 25.38
N LYS Q 241 -66.84 -11.74 26.15
CA LYS Q 241 -66.76 -10.38 25.62
C LYS Q 241 -65.75 -9.50 26.39
N ALA Q 242 -64.48 -9.63 26.04
CA ALA Q 242 -63.39 -8.85 26.63
C ALA Q 242 -63.19 -7.56 25.87
N VAL Q 243 -63.17 -6.45 26.61
CA VAL Q 243 -62.98 -5.13 26.01
C VAL Q 243 -61.77 -4.44 26.65
N ALA Q 244 -61.03 -3.66 25.87
CA ALA Q 244 -59.85 -2.96 26.37
C ALA Q 244 -60.19 -1.55 26.81
N HIS Q 245 -59.52 -1.08 27.88
CA HIS Q 245 -59.62 0.31 28.30
C HIS Q 245 -58.24 0.93 28.16
N ARG Q 246 -58.18 2.14 27.61
CA ARG Q 246 -56.90 2.80 27.39
C ARG Q 246 -56.44 3.58 28.62
N PHE Q 247 -55.24 3.31 29.09
CA PHE Q 247 -54.65 4.05 30.22
C PHE Q 247 -54.76 5.56 30.02
N ALA Q 248 -54.56 6.05 28.80
CA ALA Q 248 -54.62 7.49 28.55
C ALA Q 248 -56.01 8.06 28.80
N ASP Q 249 -57.04 7.22 28.70
CA ASP Q 249 -58.43 7.64 28.91
C ASP Q 249 -58.75 7.92 30.38
N SER Q 250 -57.87 7.50 31.30
CA SER Q 250 -58.14 7.69 32.71
C SER Q 250 -56.89 7.90 33.56
N CYS Q 251 -55.72 7.99 32.92
CA CYS Q 251 -54.51 8.35 33.68
C CYS Q 251 -54.72 9.67 34.39
N VAL Q 252 -54.22 9.78 35.61
CA VAL Q 252 -54.27 11.04 36.31
C VAL Q 252 -52.92 11.73 36.07
N ARG Q 253 -52.89 12.59 35.07
CA ARG Q 253 -51.66 13.22 34.62
C ARG Q 253 -51.56 14.66 35.09
N SER Q 254 -50.66 14.90 36.04
CA SER Q 254 -50.38 16.24 36.54
C SER Q 254 -49.98 17.20 35.41
N ASP Q 255 -50.16 18.51 35.62
CA ASP Q 255 -49.80 19.51 34.60
C ASP Q 255 -48.30 19.53 34.32
N PHE Q 256 -47.53 18.92 35.21
CA PHE Q 256 -46.08 18.93 35.10
C PHE Q 256 -45.53 17.54 34.76
N GLU Q 257 -46.45 16.65 34.39
CA GLU Q 257 -46.07 15.37 33.83
C GLU Q 257 -46.32 15.43 32.32
N HIS Q 258 -45.25 15.29 31.54
CA HIS Q 258 -45.36 15.48 30.09
C HIS Q 258 -46.10 14.34 29.39
N GLU Q 259 -46.09 13.15 29.99
CA GLU Q 259 -46.82 12.01 29.44
C GLU Q 259 -47.39 11.18 30.59
N PRO Q 260 -48.41 10.35 30.30
CA PRO Q 260 -48.94 9.42 31.31
C PRO Q 260 -47.85 8.53 31.93
N TYR Q 261 -47.81 8.46 33.25
CA TYR Q 261 -46.74 7.77 33.98
C TYR Q 261 -47.12 6.37 34.42
N TRP Q 262 -46.32 5.38 34.03
CA TRP Q 262 -46.49 4.00 34.47
C TRP Q 262 -45.12 3.36 34.51
N ARG Q 263 -44.77 2.74 35.63
CA ARG Q 263 -43.51 2.02 35.73
C ARG Q 263 -43.71 0.69 36.43
N ASP Q 264 -42.98 -0.30 35.93
CA ASP Q 264 -43.01 -1.67 36.41
C ASP Q 264 -41.87 -1.92 37.41
N VAL Q 265 -40.84 -1.06 37.32
CA VAL Q 265 -39.57 -1.20 38.01
C VAL Q 265 -39.17 -2.66 38.27
N GLY Q 266 -39.13 -3.45 37.19
CA GLY Q 266 -38.97 -4.90 37.29
C GLY Q 266 -37.53 -5.40 37.33
N THR Q 267 -36.58 -4.49 37.16
CA THR Q 267 -35.15 -4.81 37.19
C THR Q 267 -34.42 -3.80 38.05
N ILE Q 268 -33.21 -4.12 38.48
CA ILE Q 268 -32.46 -3.20 39.33
C ILE Q 268 -32.17 -1.88 38.63
N ASP Q 269 -31.79 -1.92 37.35
CA ASP Q 269 -31.59 -0.69 36.62
C ASP Q 269 -32.88 0.13 36.55
N ALA Q 270 -34.00 -0.54 36.31
CA ALA Q 270 -35.29 0.15 36.20
C ALA Q 270 -35.71 0.76 37.53
N TYR Q 271 -35.43 0.06 38.61
CA TYR Q 271 -35.74 0.54 39.95
C TYR Q 271 -34.87 1.73 40.31
N TRP Q 272 -33.58 1.61 40.10
CA TRP Q 272 -32.65 2.71 40.33
C TRP Q 272 -33.06 3.93 39.51
N GLN Q 273 -33.35 3.73 38.23
CA GLN Q 273 -33.67 4.83 37.33
C GLN Q 273 -34.95 5.58 37.71
N ALA Q 274 -36.00 4.85 38.08
CA ALA Q 274 -37.27 5.47 38.42
C ALA Q 274 -37.11 6.36 39.64
N ASN Q 275 -36.34 5.87 40.62
CA ASN Q 275 -36.09 6.64 41.81
C ASN Q 275 -35.18 7.83 41.53
N ILE Q 276 -34.09 7.59 40.81
CA ILE Q 276 -33.11 8.63 40.58
C ILE Q 276 -33.66 9.72 39.67
N ASP Q 277 -34.66 9.38 38.86
CA ASP Q 277 -35.27 10.39 38.00
C ASP Q 277 -36.08 11.42 38.78
N LEU Q 278 -36.42 11.09 40.02
CA LEU Q 278 -37.10 12.04 40.89
C LEU Q 278 -36.18 13.20 41.29
N THR Q 279 -34.88 13.06 41.07
CA THR Q 279 -33.97 14.14 41.42
C THR Q 279 -33.87 15.18 40.29
N ASP Q 280 -34.51 14.90 39.16
CA ASP Q 280 -34.48 15.80 38.00
C ASP Q 280 -35.07 17.17 38.35
N VAL Q 281 -34.68 18.18 37.58
CA VAL Q 281 -35.30 19.50 37.68
C VAL Q 281 -36.77 19.41 37.24
N VAL Q 282 -37.02 18.66 36.17
CA VAL Q 282 -38.36 18.38 35.69
C VAL Q 282 -38.63 16.87 35.73
N PRO Q 283 -39.11 16.35 36.87
CA PRO Q 283 -39.26 14.90 36.95
C PRO Q 283 -40.48 14.37 36.17
N ASP Q 284 -40.37 13.13 35.67
CA ASP Q 284 -41.46 12.48 34.95
C ASP Q 284 -42.66 12.25 35.85
N LEU Q 285 -42.39 11.99 37.12
CA LEU Q 285 -43.44 11.81 38.14
C LEU Q 285 -43.49 13.02 39.04
N ASP Q 286 -44.66 13.63 39.14
CA ASP Q 286 -44.89 14.81 39.97
C ASP Q 286 -45.32 14.38 41.37
N ILE Q 287 -44.37 14.30 42.31
CA ILE Q 287 -44.72 13.93 43.69
C ILE Q 287 -45.22 15.15 44.47
N TYR Q 288 -45.86 16.08 43.76
CA TYR Q 288 -46.42 17.31 44.33
C TYR Q 288 -47.82 17.63 43.81
N ASP Q 289 -48.38 16.73 43.00
CA ASP Q 289 -49.75 16.90 42.58
C ASP Q 289 -50.65 16.53 43.75
N LYS Q 290 -51.06 17.56 44.50
CA LYS Q 290 -51.89 17.38 45.69
C LYS Q 290 -53.29 16.92 45.28
N SER Q 291 -53.56 16.98 43.98
CA SER Q 291 -54.89 16.63 43.52
C SER Q 291 -55.12 15.12 43.51
N TRP Q 292 -54.05 14.32 43.40
CA TRP Q 292 -54.19 12.87 43.45
C TRP Q 292 -53.11 12.31 44.36
N PRO Q 293 -53.28 12.51 45.67
CA PRO Q 293 -52.19 12.29 46.60
C PRO Q 293 -51.95 10.81 46.91
N ILE Q 294 -50.69 10.47 47.17
CA ILE Q 294 -50.34 9.09 47.52
C ILE Q 294 -50.20 8.94 49.02
N TRP Q 295 -51.15 8.23 49.63
CA TRP Q 295 -51.12 7.96 51.06
C TRP Q 295 -50.15 6.83 51.36
N THR Q 296 -49.49 6.87 52.51
CA THR Q 296 -48.59 5.78 52.88
C THR Q 296 -48.43 5.71 54.39
N TYR Q 297 -47.61 4.79 54.88
CA TYR Q 297 -47.25 4.82 56.29
C TYR Q 297 -46.16 5.85 56.50
N ALA Q 298 -46.43 6.80 57.38
CA ALA Q 298 -45.43 7.80 57.73
C ALA Q 298 -45.50 8.07 59.22
N GLU Q 299 -44.34 8.21 59.84
CA GLU Q 299 -44.31 8.65 61.21
C GLU Q 299 -43.92 10.10 61.29
N ILE Q 300 -44.14 10.69 62.46
CA ILE Q 300 -43.56 11.99 62.77
C ILE Q 300 -42.06 11.82 62.95
N THR Q 301 -41.28 12.59 62.22
CA THR Q 301 -39.84 12.54 62.36
C THR Q 301 -39.33 13.97 62.43
N PRO Q 302 -38.09 14.16 62.88
CA PRO Q 302 -37.47 15.47 62.74
C PRO Q 302 -37.18 15.83 61.28
N PRO Q 303 -36.97 17.11 60.98
CA PRO Q 303 -36.59 17.53 59.63
C PRO Q 303 -35.15 17.13 59.31
N ALA Q 304 -34.78 17.16 58.04
CA ALA Q 304 -33.43 16.83 57.61
C ALA Q 304 -32.43 17.87 58.11
N LYS Q 305 -31.21 17.44 58.42
CA LYS Q 305 -30.25 18.32 59.05
C LYS Q 305 -28.94 18.21 58.31
N PHE Q 306 -28.35 19.37 57.97
CA PHE Q 306 -27.07 19.39 57.29
C PHE Q 306 -26.07 20.05 58.19
N VAL Q 307 -24.89 19.47 58.34
CA VAL Q 307 -23.94 20.09 59.21
C VAL Q 307 -22.48 19.93 58.73
N HIS Q 308 -21.64 20.85 59.23
CA HIS Q 308 -20.23 21.01 58.91
C HIS Q 308 -20.04 21.72 57.58
N ASP Q 309 -19.20 22.74 57.63
CA ASP Q 309 -18.82 23.47 56.45
C ASP Q 309 -17.43 24.06 56.66
N ASP Q 310 -16.42 23.36 56.18
CA ASP Q 310 -15.06 23.89 56.16
C ASP Q 310 -14.34 23.40 54.92
N GLU Q 311 -13.02 23.60 54.86
CA GLU Q 311 -12.26 23.31 53.65
C GLU Q 311 -12.34 21.83 53.26
N ASP Q 312 -12.39 20.94 54.25
CA ASP Q 312 -12.28 19.52 53.97
C ASP Q 312 -13.59 18.74 54.13
N ARG Q 313 -14.58 19.31 54.81
CA ARG Q 313 -15.90 18.66 54.85
C ARG Q 313 -17.03 19.68 54.78
N ARG Q 314 -18.06 19.31 54.03
CA ARG Q 314 -19.23 20.13 53.84
C ARG Q 314 -20.44 19.22 53.77
N GLY Q 315 -21.28 19.28 54.80
CA GLY Q 315 -22.53 18.55 54.78
C GLY Q 315 -23.52 19.26 53.88
N SER Q 316 -23.82 18.68 52.73
CA SER Q 316 -24.85 19.25 51.86
C SER Q 316 -25.28 18.29 50.79
N ALA Q 317 -26.42 18.59 50.17
CA ALA Q 317 -26.93 17.78 49.08
C ALA Q 317 -27.25 18.67 47.91
N VAL Q 318 -26.88 18.21 46.73
CA VAL Q 318 -27.12 18.94 45.50
C VAL Q 318 -27.86 18.01 44.55
N SER Q 319 -28.83 18.53 43.81
CA SER Q 319 -29.59 17.76 42.83
C SER Q 319 -30.09 16.47 43.46
N SER Q 320 -30.64 16.62 44.66
CA SER Q 320 -30.98 15.47 45.50
C SER Q 320 -32.30 15.65 46.23
N VAL Q 321 -32.86 14.52 46.66
CA VAL Q 321 -34.09 14.46 47.41
C VAL Q 321 -33.79 13.81 48.76
N VAL Q 322 -34.17 14.46 49.85
CA VAL Q 322 -33.80 13.97 51.18
C VAL Q 322 -35.02 13.97 52.12
N SER Q 323 -35.22 12.85 52.81
CA SER Q 323 -36.33 12.69 53.74
C SER Q 323 -36.02 13.15 55.15
N GLY Q 324 -37.04 13.08 56.00
CA GLY Q 324 -36.89 13.47 57.38
C GLY Q 324 -36.00 12.52 58.15
N ASP Q 325 -35.61 12.93 59.36
CA ASP Q 325 -34.76 12.14 60.23
C ASP Q 325 -33.47 11.74 59.51
N CYS Q 326 -33.08 12.52 58.49
CA CYS Q 326 -31.79 12.32 57.85
C CYS Q 326 -30.80 13.29 58.43
N ILE Q 327 -29.58 12.83 58.73
CA ILE Q 327 -28.54 13.75 59.19
C ILE Q 327 -27.38 13.63 58.23
N ILE Q 328 -27.08 14.74 57.56
CA ILE Q 328 -26.03 14.77 56.56
C ILE Q 328 -24.85 15.54 57.17
N SER Q 329 -23.97 14.77 57.80
CA SER Q 329 -22.91 15.31 58.66
C SER Q 329 -21.58 15.27 57.96
N GLY Q 330 -21.19 16.37 57.32
CA GLY Q 330 -19.90 16.45 56.67
C GLY Q 330 -19.85 15.62 55.41
N ALA Q 331 -21.02 15.17 54.96
CA ALA Q 331 -21.13 14.33 53.77
C ALA Q 331 -21.65 15.10 52.55
N ALA Q 332 -21.05 14.86 51.39
CA ALA Q 332 -21.48 15.52 50.16
C ALA Q 332 -22.35 14.59 49.31
N LEU Q 333 -23.60 14.99 49.11
CA LEU Q 333 -24.54 14.23 48.29
C LEU Q 333 -24.81 14.93 46.97
N ASN Q 334 -24.80 14.15 45.91
CA ASN Q 334 -25.10 14.66 44.58
C ASN Q 334 -25.93 13.65 43.83
N ARG Q 335 -27.03 14.11 43.24
CA ARG Q 335 -27.90 13.27 42.43
C ARG Q 335 -28.30 12.00 43.20
N SER Q 336 -28.82 12.18 44.41
CA SER Q 336 -29.17 11.04 45.24
C SER Q 336 -30.54 11.18 45.88
N LEU Q 337 -31.17 10.04 46.12
CA LEU Q 337 -32.46 10.01 46.79
C LEU Q 337 -32.29 9.28 48.11
N LEU Q 338 -32.56 9.98 49.21
CA LEU Q 338 -32.45 9.37 50.53
C LEU Q 338 -33.81 9.18 51.15
N PHE Q 339 -34.10 7.96 51.61
CA PHE Q 339 -35.33 7.71 52.33
C PHE Q 339 -35.11 8.09 53.80
N THR Q 340 -36.13 7.94 54.62
CA THR Q 340 -36.11 8.42 56.00
C THR Q 340 -35.03 7.77 56.85
N GLY Q 341 -34.37 8.55 57.70
CA GLY Q 341 -33.53 7.96 58.72
C GLY Q 341 -32.08 7.73 58.37
N VAL Q 342 -31.65 8.17 57.20
CA VAL Q 342 -30.27 7.97 56.77
C VAL Q 342 -29.30 8.84 57.55
N ARG Q 343 -28.17 8.26 57.97
CA ARG Q 343 -27.09 9.02 58.58
C ARG Q 343 -25.89 8.94 57.67
N ALA Q 344 -25.46 10.07 57.11
CA ALA Q 344 -24.23 10.09 56.32
C ALA Q 344 -23.18 10.88 57.09
N ASN Q 345 -22.00 10.30 57.29
CA ASN Q 345 -21.01 10.89 58.17
C ASN Q 345 -19.84 11.55 57.48
N SER Q 346 -18.99 12.22 58.28
CA SER Q 346 -17.94 13.13 57.79
C SER Q 346 -17.04 12.50 56.73
N TYR Q 347 -16.76 13.30 55.70
CA TYR Q 347 -15.82 12.98 54.63
C TYR Q 347 -16.34 11.89 53.68
N SER Q 348 -17.62 11.52 53.81
CA SER Q 348 -18.19 10.55 52.88
C SER Q 348 -18.83 11.26 51.70
N ARG Q 349 -19.01 10.54 50.59
CA ARG Q 349 -19.62 11.10 49.39
C ARG Q 349 -20.59 10.11 48.74
N LEU Q 350 -21.75 10.61 48.33
CA LEU Q 350 -22.71 9.81 47.57
C LEU Q 350 -23.01 10.48 46.24
N GLU Q 351 -23.01 9.69 45.18
CA GLU Q 351 -23.41 10.17 43.85
C GLU Q 351 -24.30 9.13 43.19
N ASN Q 352 -25.36 9.58 42.54
CA ASN Q 352 -26.23 8.67 41.80
C ASN Q 352 -26.68 7.54 42.69
N ALA Q 353 -27.08 7.87 43.92
CA ALA Q 353 -27.36 6.85 44.93
C ALA Q 353 -28.82 6.85 45.34
N VAL Q 354 -29.43 5.66 45.33
CA VAL Q 354 -30.75 5.45 45.90
C VAL Q 354 -30.54 4.76 47.25
N VAL Q 355 -30.90 5.44 48.34
CA VAL Q 355 -30.50 5.00 49.67
C VAL Q 355 -31.76 4.76 50.52
N LEU Q 356 -32.04 3.49 50.84
CA LEU Q 356 -33.30 3.10 51.50
C LEU Q 356 -33.28 3.46 53.00
N PRO Q 357 -34.41 3.30 53.72
CA PRO Q 357 -34.42 3.87 55.07
C PRO Q 357 -33.34 3.38 56.05
N SER Q 358 -32.94 4.29 56.93
CA SER Q 358 -32.11 3.99 58.10
C SER Q 358 -30.69 3.56 57.79
N VAL Q 359 -30.24 3.76 56.55
CA VAL Q 359 -28.86 3.45 56.17
C VAL Q 359 -27.87 4.35 56.89
N LYS Q 360 -26.73 3.80 57.29
CA LYS Q 360 -25.66 4.62 57.82
C LYS Q 360 -24.47 4.60 56.87
N ILE Q 361 -23.92 5.78 56.55
CA ILE Q 361 -22.73 5.86 55.72
C ILE Q 361 -21.54 6.20 56.61
N GLY Q 362 -20.54 5.33 56.62
CA GLY Q 362 -19.36 5.56 57.44
C GLY Q 362 -18.49 6.69 56.94
N ARG Q 363 -17.77 7.33 57.86
CA ARG Q 363 -16.78 8.35 57.51
C ARG Q 363 -15.89 7.90 56.37
N HIS Q 364 -15.63 8.82 55.45
CA HIS Q 364 -14.69 8.64 54.34
C HIS Q 364 -15.20 7.68 53.25
N ALA Q 365 -16.40 7.13 53.40
CA ALA Q 365 -16.91 6.22 52.37
C ALA Q 365 -17.27 7.01 51.09
N GLN Q 366 -17.03 6.44 49.93
CA GLN Q 366 -17.42 7.09 48.68
C GLN Q 366 -18.15 6.12 47.77
N LEU Q 367 -19.41 6.39 47.50
CA LEU Q 367 -20.26 5.49 46.72
C LEU Q 367 -20.86 6.21 45.51
N SER Q 368 -20.74 5.57 44.35
CA SER Q 368 -21.36 6.06 43.12
C SER Q 368 -22.18 4.96 42.47
N ASN Q 369 -23.34 5.33 41.94
CA ASN Q 369 -24.20 4.44 41.14
C ASN Q 369 -24.64 3.19 41.87
N VAL Q 370 -25.38 3.39 42.95
CA VAL Q 370 -25.75 2.31 43.86
C VAL Q 370 -27.23 2.38 44.25
N VAL Q 371 -27.74 1.23 44.67
CA VAL Q 371 -28.96 1.12 45.43
C VAL Q 371 -28.57 0.50 46.76
N ILE Q 372 -28.79 1.20 47.86
CA ILE Q 372 -28.41 0.65 49.16
C ILE Q 372 -29.65 0.17 49.89
N ASP Q 373 -29.64 -1.08 50.33
CA ASP Q 373 -30.81 -1.70 50.93
C ASP Q 373 -31.11 -1.13 52.34
N HIS Q 374 -32.36 -1.27 52.76
CA HIS Q 374 -32.82 -0.82 54.06
C HIS Q 374 -31.89 -1.20 55.21
N GLY Q 375 -31.47 -0.21 56.00
CA GLY Q 375 -30.76 -0.45 57.24
C GLY Q 375 -29.30 -0.86 57.13
N VAL Q 376 -28.77 -0.88 55.91
CA VAL Q 376 -27.38 -1.27 55.66
C VAL Q 376 -26.40 -0.30 56.34
N VAL Q 377 -25.34 -0.83 56.93
CA VAL Q 377 -24.28 -0.01 57.49
C VAL Q 377 -23.04 -0.07 56.60
N ILE Q 378 -22.77 1.04 55.93
CA ILE Q 378 -21.64 1.15 55.03
C ILE Q 378 -20.37 1.39 55.85
N PRO Q 379 -19.39 0.49 55.71
CA PRO Q 379 -18.19 0.59 56.55
C PRO Q 379 -17.39 1.83 56.19
N GLU Q 380 -16.71 2.41 57.17
CA GLU Q 380 -15.90 3.59 56.92
C GLU Q 380 -14.90 3.29 55.80
N GLY Q 381 -14.73 4.26 54.90
CA GLY Q 381 -13.75 4.14 53.85
C GLY Q 381 -14.10 3.25 52.67
N LEU Q 382 -15.31 2.68 52.66
CA LEU Q 382 -15.70 1.83 51.54
C LEU Q 382 -15.76 2.64 50.27
N ILE Q 383 -15.25 2.08 49.17
CA ILE Q 383 -15.33 2.71 47.85
C ILE Q 383 -16.13 1.83 46.92
N VAL Q 384 -17.21 2.37 46.37
CA VAL Q 384 -17.99 1.69 45.34
C VAL Q 384 -18.13 2.64 44.17
N GLY Q 385 -17.97 2.11 42.96
CA GLY Q 385 -18.15 2.90 41.74
C GLY Q 385 -16.87 3.32 41.07
N GLU Q 386 -15.74 2.82 41.56
CA GLU Q 386 -14.44 3.21 41.04
C GLU Q 386 -13.84 2.07 40.23
N ASP Q 387 -14.01 0.86 40.74
CA ASP Q 387 -13.34 -0.33 40.27
C ASP Q 387 -14.39 -1.37 39.92
N PRO Q 388 -14.84 -1.39 38.65
CA PRO Q 388 -15.95 -2.25 38.21
C PRO Q 388 -15.77 -3.74 38.50
N GLU Q 389 -14.56 -4.28 38.34
CA GLU Q 389 -14.35 -5.72 38.55
C GLU Q 389 -14.48 -6.04 40.02
N LEU Q 390 -13.93 -5.17 40.86
CA LEU Q 390 -14.03 -5.31 42.30
C LEU Q 390 -15.47 -5.22 42.77
N ASP Q 391 -16.18 -4.21 42.29
CA ASP Q 391 -17.56 -3.97 42.70
C ASP Q 391 -18.46 -5.15 42.35
N ALA Q 392 -18.22 -5.77 41.19
CA ALA Q 392 -19.03 -6.92 40.80
C ALA Q 392 -18.71 -8.17 41.64
N LYS Q 393 -17.51 -8.24 42.21
CA LYS Q 393 -17.17 -9.36 43.07
C LYS Q 393 -17.73 -9.18 44.49
N ARG Q 394 -17.81 -7.93 44.93
CA ARG Q 394 -18.31 -7.65 46.27
C ARG Q 394 -19.82 -7.60 46.33
N PHE Q 395 -20.45 -7.05 45.28
CA PHE Q 395 -21.89 -6.77 45.33
C PHE Q 395 -22.61 -7.29 44.10
N ARG Q 396 -23.90 -7.01 44.03
CA ARG Q 396 -24.64 -7.29 42.81
C ARG Q 396 -24.58 -6.11 41.86
N ARG Q 397 -23.90 -6.30 40.74
CA ARG Q 397 -23.68 -5.22 39.80
C ARG Q 397 -24.39 -5.48 38.48
N THR Q 398 -25.22 -4.54 38.03
CA THR Q 398 -25.89 -4.68 36.75
C THR Q 398 -24.91 -4.41 35.63
N GLU Q 399 -25.26 -4.78 34.40
CA GLU Q 399 -24.38 -4.52 33.26
C GLU Q 399 -24.18 -3.03 33.09
N SER Q 400 -25.22 -2.25 33.38
CA SER Q 400 -25.18 -0.79 33.22
C SER Q 400 -24.32 -0.14 34.30
N GLY Q 401 -23.97 -0.90 35.34
CA GLY Q 401 -23.02 -0.43 36.33
C GLY Q 401 -23.59 -0.01 37.68
N ILE Q 402 -24.86 -0.32 37.92
CA ILE Q 402 -25.48 -0.03 39.21
C ILE Q 402 -25.18 -1.17 40.19
N CYS Q 403 -24.67 -0.85 41.37
CA CYS Q 403 -24.46 -1.87 42.40
C CYS Q 403 -25.62 -1.87 43.39
N LEU Q 404 -26.20 -3.04 43.61
CA LEU Q 404 -27.14 -3.25 44.71
C LEU Q 404 -26.36 -3.74 45.93
N ILE Q 405 -26.36 -2.96 47.00
CA ILE Q 405 -25.61 -3.29 48.20
C ILE Q 405 -26.52 -3.67 49.35
N THR Q 406 -26.26 -4.85 49.92
CA THR Q 406 -27.06 -5.41 50.99
CA THR Q 406 -27.06 -5.35 51.04
C THR Q 406 -26.15 -5.68 52.21
N GLN Q 407 -26.72 -5.73 53.41
CA GLN Q 407 -25.93 -5.98 54.60
C GLN Q 407 -25.17 -7.32 54.56
N SER Q 408 -25.79 -8.37 54.05
CA SER Q 408 -25.08 -9.65 54.00
C SER Q 408 -23.90 -9.61 53.04
N MET Q 409 -23.97 -8.77 52.01
CA MET Q 409 -22.83 -8.54 51.14
C MET Q 409 -21.70 -7.82 51.89
N ILE Q 410 -22.04 -6.78 52.62
CA ILE Q 410 -21.06 -6.01 53.39
C ILE Q 410 -20.37 -6.92 54.40
N ASP Q 411 -21.15 -7.81 55.00
CA ASP Q 411 -20.65 -8.67 56.05
C ASP Q 411 -19.62 -9.69 55.55
N LYS Q 412 -19.54 -9.88 54.23
CA LYS Q 412 -18.55 -10.78 53.65
C LYS Q 412 -17.33 -10.03 53.16
N LEU Q 413 -17.16 -8.78 53.60
CA LEU Q 413 -16.03 -7.98 53.16
C LEU Q 413 -14.78 -8.16 54.02
N ASP Q 414 -13.75 -8.70 53.39
CA ASP Q 414 -12.38 -8.48 53.82
C ASP Q 414 -11.77 -7.77 52.63
N LEU Q 415 -12.51 -7.87 51.53
CA LEU Q 415 -12.25 -7.21 50.25
C LEU Q 415 -13.35 -7.72 49.34
N VAL R 1 -47.04 1.05 94.97
CA VAL R 1 -46.69 0.29 93.77
C VAL R 1 -47.07 1.04 92.50
N GLN R 2 -48.35 1.41 92.38
CA GLN R 2 -48.85 2.08 91.18
C GLN R 2 -48.40 3.55 91.06
N PRO R 3 -48.12 3.98 89.82
CA PRO R 3 -47.78 5.36 89.51
C PRO R 3 -48.90 6.34 89.82
N LEU R 4 -48.54 7.51 90.33
CA LEU R 4 -49.49 8.54 90.70
C LEU R 4 -50.11 9.22 89.48
N ALA R 5 -49.42 9.16 88.35
CA ALA R 5 -49.90 9.85 87.14
C ALA R 5 -51.18 9.20 86.59
N ARG R 6 -51.44 7.96 86.97
CA ARG R 6 -52.71 7.32 86.63
C ARG R 6 -53.88 8.12 87.21
N ASP R 7 -53.62 8.82 88.31
CA ASP R 7 -54.66 9.50 89.07
C ASP R 7 -54.60 11.01 88.88
N ALA R 8 -53.86 11.46 87.88
CA ALA R 8 -53.64 12.89 87.72
C ALA R 8 -54.29 13.43 86.45
N MET R 9 -54.59 14.72 86.49
CA MET R 9 -55.05 15.42 85.32
C MET R 9 -54.16 16.63 85.09
N ALA R 10 -53.60 16.75 83.89
CA ALA R 10 -52.80 17.91 83.54
C ALA R 10 -53.72 19.00 83.05
N TYR R 11 -53.48 20.21 83.52
CA TYR R 11 -54.32 21.32 83.15
C TYR R 11 -53.42 22.41 82.59
N VAL R 12 -53.44 22.57 81.28
CA VAL R 12 -52.54 23.47 80.59
C VAL R 12 -53.15 24.87 80.43
N LEU R 13 -52.44 25.88 80.91
CA LEU R 13 -52.86 27.27 80.72
C LEU R 13 -52.27 27.78 79.41
N ALA R 14 -53.12 27.99 78.42
CA ALA R 14 -52.62 28.24 77.07
C ALA R 14 -53.06 29.60 76.54
N GLY R 15 -53.12 30.58 77.43
CA GLY R 15 -53.54 31.92 77.05
C GLY R 15 -52.40 32.92 77.02
N GLY R 16 -51.17 32.43 76.97
CA GLY R 16 -50.00 33.28 76.87
C GLY R 16 -50.10 34.20 75.67
N ARG R 17 -49.85 35.48 75.89
CA ARG R 17 -50.07 36.48 74.85
C ARG R 17 -48.86 36.61 73.94
N GLY R 18 -47.68 36.49 74.52
CA GLY R 18 -46.45 36.68 73.79
C GLY R 18 -46.43 38.05 73.15
N SER R 19 -46.75 39.06 73.95
CA SER R 19 -46.84 40.41 73.43
C SER R 19 -45.50 40.88 72.88
N ARG R 20 -44.42 40.55 73.59
CA ARG R 20 -43.08 40.96 73.17
C ARG R 20 -42.61 40.24 71.91
N LEU R 21 -43.43 39.32 71.40
CA LEU R 21 -43.17 38.67 70.12
C LEU R 21 -43.82 39.50 69.01
N LYS R 22 -44.54 40.54 69.40
CA LYS R 22 -45.09 41.52 68.46
C LYS R 22 -45.95 40.89 67.37
N GLU R 23 -45.60 41.11 66.11
CA GLU R 23 -46.50 40.71 65.03
C GLU R 23 -46.62 39.18 64.93
N LEU R 24 -45.67 38.49 65.56
CA LEU R 24 -45.64 37.04 65.53
C LEU R 24 -46.87 36.47 66.19
N THR R 25 -47.37 37.16 67.21
CA THR R 25 -48.55 36.71 67.94
C THR R 25 -49.74 37.67 67.81
N ASP R 26 -49.78 38.44 66.72
CA ASP R 26 -50.90 39.33 66.49
C ASP R 26 -52.13 38.59 65.95
N ARG R 27 -51.93 37.35 65.50
CA ARG R 27 -53.01 36.53 64.94
C ARG R 27 -53.02 35.10 65.51
N ARG R 28 -52.24 34.86 66.57
CA ARG R 28 -52.15 33.55 67.21
C ARG R 28 -51.67 33.74 68.65
N ALA R 29 -52.04 32.83 69.54
CA ALA R 29 -51.54 32.91 70.92
C ALA R 29 -50.13 32.33 70.97
N LYS R 30 -49.38 32.69 72.00
CA LYS R 30 -48.00 32.22 72.11
C LYS R 30 -47.84 30.68 72.10
N PRO R 31 -48.76 29.94 72.74
CA PRO R 31 -48.53 28.49 72.65
C PRO R 31 -48.73 27.93 71.24
N ALA R 32 -49.36 28.67 70.34
CA ALA R 32 -49.55 28.24 68.95
C ALA R 32 -48.35 28.59 68.07
N VAL R 33 -47.34 29.24 68.64
CA VAL R 33 -46.21 29.65 67.82
C VAL R 33 -45.35 28.42 67.43
N TYR R 34 -44.97 28.37 66.16
CA TYR R 34 -44.15 27.28 65.62
C TYR R 34 -42.76 27.18 66.24
N PHE R 35 -42.28 25.96 66.45
CA PHE R 35 -40.91 25.81 66.93
C PHE R 35 -40.23 24.55 66.41
N GLY R 36 -38.98 24.69 66.01
CA GLY R 36 -38.13 23.54 65.75
C GLY R 36 -38.24 22.88 64.39
N GLY R 37 -39.10 23.42 63.53
CA GLY R 37 -39.27 22.86 62.20
C GLY R 37 -40.60 22.16 61.94
N LYS R 38 -41.19 21.56 62.97
CA LYS R 38 -42.47 20.88 62.77
C LYS R 38 -43.53 21.16 63.86
N ALA R 39 -43.10 21.32 65.11
CA ALA R 39 -44.05 21.43 66.21
C ALA R 39 -44.48 22.85 66.52
N ARG R 40 -45.33 22.98 67.53
CA ARG R 40 -45.66 24.26 68.12
C ARG R 40 -45.26 24.22 69.58
N ILE R 41 -45.23 25.38 70.25
CA ILE R 41 -44.71 25.45 71.62
C ILE R 41 -45.49 24.57 72.58
N ILE R 42 -46.81 24.59 72.49
CA ILE R 42 -47.63 23.87 73.46
C ILE R 42 -47.41 22.38 73.35
N ASP R 43 -46.85 21.93 72.24
CA ASP R 43 -46.61 20.51 72.04
C ASP R 43 -45.56 19.98 73.00
N PHE R 44 -44.87 20.86 73.73
CA PHE R 44 -43.91 20.39 74.72
C PHE R 44 -44.57 20.04 76.06
N ALA R 45 -45.39 20.93 76.60
CA ALA R 45 -46.15 20.59 77.82
C ALA R 45 -47.06 19.37 77.65
N LEU R 46 -47.83 19.31 76.56
CA LEU R 46 -48.76 18.18 76.30
C LEU R 46 -47.98 16.85 76.25
N SER R 47 -46.85 16.84 75.55
CA SER R 47 -46.01 15.65 75.42
C SER R 47 -45.40 15.24 76.75
N ASN R 48 -44.96 16.20 77.56
CA ASN R 48 -44.48 15.88 78.91
C ASN R 48 -45.57 15.16 79.69
N ALA R 49 -46.80 15.66 79.59
CA ALA R 49 -47.93 15.05 80.31
C ALA R 49 -48.10 13.62 79.83
N LEU R 50 -48.17 13.45 78.52
CA LEU R 50 -48.32 12.15 77.89
C LEU R 50 -47.22 11.16 78.26
N ASN R 51 -45.97 11.61 78.17
CA ASN R 51 -44.85 10.73 78.45
C ASN R 51 -44.71 10.45 79.95
N SER R 52 -45.28 11.31 80.79
CA SER R 52 -45.27 11.07 82.24
C SER R 52 -46.36 10.11 82.66
N GLY R 53 -47.22 9.71 81.72
CA GLY R 53 -48.30 8.78 82.02
C GLY R 53 -49.62 9.41 82.42
N ILE R 54 -49.72 10.73 82.28
CA ILE R 54 -50.95 11.43 82.58
C ILE R 54 -51.90 11.23 81.41
N ARG R 55 -53.10 10.74 81.71
CA ARG R 55 -54.03 10.34 80.67
C ARG R 55 -55.18 11.32 80.48
N ARG R 56 -55.30 12.29 81.38
CA ARG R 56 -56.32 13.33 81.26
C ARG R 56 -55.68 14.71 81.16
N ILE R 57 -56.01 15.44 80.10
CA ILE R 57 -55.43 16.74 79.84
C ILE R 57 -56.54 17.74 79.51
N GLY R 58 -56.49 18.91 80.16
CA GLY R 58 -57.36 20.03 79.81
C GLY R 58 -56.51 21.16 79.27
N VAL R 59 -57.00 21.88 78.27
CA VAL R 59 -56.26 23.03 77.74
C VAL R 59 -57.16 24.24 77.75
N ALA R 60 -56.88 25.19 78.64
CA ALA R 60 -57.66 26.41 78.68
C ALA R 60 -57.03 27.43 77.75
N THR R 61 -57.84 28.03 76.89
CA THR R 61 -57.35 29.02 75.96
C THR R 61 -58.07 30.35 76.18
N GLN R 62 -57.54 31.41 75.59
CA GLN R 62 -58.07 32.74 75.81
C GLN R 62 -57.96 33.53 74.51
N TYR R 63 -56.92 34.34 74.38
CA TYR R 63 -56.80 35.24 73.25
C TYR R 63 -56.26 34.58 71.99
N LYS R 64 -56.81 34.99 70.86
CA LYS R 64 -56.34 34.59 69.53
C LYS R 64 -56.17 33.07 69.41
N ALA R 65 -57.18 32.33 69.86
CA ALA R 65 -57.02 30.90 70.03
C ALA R 65 -57.39 30.07 68.80
N HIS R 66 -57.86 30.68 67.72
CA HIS R 66 -58.39 29.88 66.62
C HIS R 66 -57.40 28.84 66.09
N SER R 67 -56.18 29.28 65.78
CA SER R 67 -55.24 28.40 65.13
C SER R 67 -54.72 27.39 66.15
N LEU R 68 -54.69 27.79 67.42
CA LEU R 68 -54.28 26.89 68.49
C LEU R 68 -55.26 25.74 68.63
N ILE R 69 -56.55 26.07 68.61
CA ILE R 69 -57.55 25.06 68.90
C ILE R 69 -57.68 24.11 67.73
N ARG R 70 -57.53 24.65 66.52
CA ARG R 70 -57.53 23.81 65.33
C ARG R 70 -56.35 22.84 65.39
N HIS R 71 -55.19 23.33 65.81
CA HIS R 71 -54.03 22.47 66.04
C HIS R 71 -54.33 21.34 67.03
N LEU R 72 -54.96 21.66 68.15
CA LEU R 72 -55.26 20.67 69.16
C LEU R 72 -56.29 19.65 68.63
N GLN R 73 -57.25 20.13 67.83
CA GLN R 73 -58.26 19.26 67.23
C GLN R 73 -57.68 18.23 66.26
N ARG R 74 -56.69 18.65 65.48
CA ARG R 74 -56.09 17.78 64.47
C ARG R 74 -54.99 16.91 65.04
N GLY R 75 -54.21 17.48 65.95
CA GLY R 75 -53.02 16.81 66.45
C GLY R 75 -53.23 15.97 67.70
N TRP R 76 -54.10 16.41 68.60
CA TRP R 76 -54.25 15.71 69.87
C TRP R 76 -55.64 15.05 69.95
N ASP R 77 -55.90 14.17 68.98
CA ASP R 77 -57.24 13.64 68.74
C ASP R 77 -57.39 12.17 69.09
N PHE R 78 -56.40 11.62 69.80
CA PHE R 78 -56.30 10.17 69.94
C PHE R 78 -56.63 9.64 71.35
N PHE R 79 -57.18 10.49 72.20
CA PHE R 79 -57.61 10.10 73.55
C PHE R 79 -59.03 9.51 73.51
N ARG R 80 -59.24 8.36 74.15
CA ARG R 80 -60.58 7.77 74.19
C ARG R 80 -61.05 7.62 75.64
N PRO R 81 -62.16 8.27 76.00
CA PRO R 81 -62.70 8.23 77.36
C PRO R 81 -63.00 6.84 77.93
N GLU R 82 -63.28 5.84 77.10
CA GLU R 82 -63.56 4.53 77.69
C GLU R 82 -62.25 3.83 78.11
N ARG R 83 -61.10 4.34 77.69
CA ARG R 83 -59.81 3.85 78.18
C ARG R 83 -59.30 4.70 79.33
N ASN R 84 -60.19 5.51 79.90
CA ASN R 84 -59.88 6.50 80.95
C ASN R 84 -58.86 7.54 80.51
N GLU R 85 -59.00 7.98 79.27
CA GLU R 85 -58.18 9.04 78.70
C GLU R 85 -59.11 10.18 78.37
N SER R 86 -58.61 11.40 78.36
CA SER R 86 -59.46 12.49 77.90
C SER R 86 -58.63 13.71 77.53
N PHE R 87 -59.13 14.47 76.56
CA PHE R 87 -58.44 15.67 76.12
C PHE R 87 -59.49 16.75 75.84
N ASP R 88 -59.60 17.70 76.76
CA ASP R 88 -60.63 18.72 76.71
C ASP R 88 -60.08 20.06 76.29
N ILE R 89 -60.60 20.60 75.21
CA ILE R 89 -60.23 21.95 74.80
C ILE R 89 -61.27 22.90 75.37
N LEU R 90 -60.83 23.89 76.15
CA LEU R 90 -61.75 24.70 76.92
C LEU R 90 -61.55 26.19 76.70
N PRO R 91 -62.10 26.73 75.61
CA PRO R 91 -62.01 28.17 75.38
C PRO R 91 -62.90 28.92 76.38
N ALA R 92 -62.67 30.22 76.53
CA ALA R 92 -63.24 31.03 77.62
C ALA R 92 -64.74 30.79 77.86
N SER R 93 -65.56 30.98 76.84
CA SER R 93 -66.98 30.73 76.99
C SER R 93 -67.30 29.24 76.85
N SER R 97 -66.40 33.85 73.69
CA SER R 97 -65.33 34.64 74.31
C SER R 97 -65.71 36.13 74.46
N GLU R 98 -66.51 36.45 75.47
CA GLU R 98 -66.90 37.84 75.75
C GLU R 98 -67.06 38.08 77.27
N THR R 99 -68.27 38.45 77.71
CA THR R 99 -68.52 38.73 79.14
C THR R 99 -68.43 37.45 79.97
N GLN R 100 -67.28 36.80 79.89
CA GLN R 100 -67.14 35.38 80.18
C GLN R 100 -65.69 34.97 79.90
N TRP R 101 -64.83 35.93 79.58
CA TRP R 101 -63.38 35.69 79.53
C TRP R 101 -62.93 35.15 80.84
N TYR R 102 -61.85 34.38 80.84
CA TYR R 102 -61.25 33.97 82.09
C TYR R 102 -60.70 35.23 82.77
N GLU R 103 -61.07 35.43 84.04
CA GLU R 103 -60.59 36.59 84.80
C GLU R 103 -59.10 36.48 85.07
N GLY R 104 -58.61 35.25 85.01
CA GLY R 104 -57.21 34.96 85.23
C GLY R 104 -57.01 33.46 85.14
N THR R 105 -55.84 32.99 85.56
CA THR R 105 -55.44 31.60 85.41
C THR R 105 -56.10 30.69 86.43
N ALA R 106 -56.46 31.24 87.58
CA ALA R 106 -57.21 30.45 88.56
C ALA R 106 -58.68 30.34 88.14
N ASP R 107 -59.19 31.37 87.46
CA ASP R 107 -60.56 31.34 86.98
C ASP R 107 -60.69 30.35 85.82
N ALA R 108 -59.59 30.18 85.09
CA ALA R 108 -59.53 29.17 84.02
C ALA R 108 -59.77 27.78 84.56
N VAL R 109 -59.44 27.58 85.84
CA VAL R 109 -59.78 26.35 86.54
C VAL R 109 -61.19 26.47 87.14
N TYR R 110 -61.60 27.69 87.48
CA TYR R 110 -62.91 27.86 88.11
C TYR R 110 -64.06 27.62 87.17
N GLN R 111 -63.96 28.19 85.98
CA GLN R 111 -65.02 28.07 85.01
C GLN R 111 -65.21 26.64 84.52
N ASN R 112 -64.29 25.75 84.85
CA ASN R 112 -64.33 24.39 84.31
C ASN R 112 -64.32 23.28 85.36
N ILE R 113 -64.67 23.62 86.60
CA ILE R 113 -64.76 22.63 87.67
C ILE R 113 -65.66 21.45 87.31
N ASP R 114 -66.77 21.73 86.62
CA ASP R 114 -67.71 20.67 86.27
C ASP R 114 -67.20 19.79 85.13
N ILE R 115 -66.09 20.18 84.50
CA ILE R 115 -65.44 19.30 83.53
C ILE R 115 -64.54 18.35 84.28
N ILE R 116 -63.79 18.90 85.22
CA ILE R 116 -62.84 18.15 86.02
C ILE R 116 -63.51 17.15 86.95
N GLU R 117 -64.49 17.63 87.72
CA GLU R 117 -65.03 16.82 88.82
C GLU R 117 -65.67 15.48 88.41
N PRO R 118 -66.36 15.42 87.25
CA PRO R 118 -66.77 14.09 86.78
C PRO R 118 -65.63 13.11 86.62
N TYR R 119 -64.45 13.59 86.25
CA TYR R 119 -63.28 12.72 86.09
C TYR R 119 -62.69 12.27 87.43
N ALA R 120 -62.95 13.04 88.47
CA ALA R 120 -62.41 12.81 89.82
C ALA R 120 -60.92 12.43 89.84
N PRO R 121 -60.06 13.26 89.22
CA PRO R 121 -58.65 12.91 89.38
C PRO R 121 -58.22 13.19 90.81
N GLU R 122 -57.30 12.40 91.34
CA GLU R 122 -56.80 12.67 92.70
C GLU R 122 -55.89 13.90 92.69
N TYR R 123 -55.16 14.10 91.60
CA TYR R 123 -54.16 15.16 91.51
C TYR R 123 -54.34 16.04 90.28
N MET R 124 -54.03 17.33 90.44
CA MET R 124 -54.00 18.27 89.33
C MET R 124 -52.57 18.75 89.10
N VAL R 125 -52.09 18.64 87.87
CA VAL R 125 -50.80 19.19 87.46
C VAL R 125 -51.06 20.42 86.60
N ILE R 126 -50.90 21.61 87.18
CA ILE R 126 -51.15 22.85 86.46
C ILE R 126 -49.91 23.24 85.68
N LEU R 127 -50.04 23.47 84.38
CA LEU R 127 -48.88 23.69 83.51
C LEU R 127 -49.01 24.94 82.66
N ALA R 128 -47.91 25.65 82.51
CA ALA R 128 -47.84 26.75 81.58
C ALA R 128 -47.58 26.17 80.18
N GLY R 129 -48.35 26.60 79.19
CA GLY R 129 -48.24 26.02 77.86
C GLY R 129 -47.38 26.79 76.86
N ASP R 130 -46.57 27.73 77.33
CA ASP R 130 -45.82 28.59 76.42
C ASP R 130 -44.31 28.50 76.62
N HIS R 131 -43.84 27.40 77.22
CA HIS R 131 -42.42 27.15 77.44
C HIS R 131 -41.94 25.89 76.74
N ILE R 132 -40.67 25.87 76.35
CA ILE R 132 -40.10 24.70 75.70
C ILE R 132 -39.19 23.99 76.68
N TYR R 133 -39.52 22.73 76.99
CA TYR R 133 -38.78 21.96 77.98
C TYR R 133 -39.33 20.54 78.05
N LYS R 134 -38.54 19.62 78.59
CA LYS R 134 -38.94 18.24 78.81
C LYS R 134 -38.78 17.89 80.28
N MET R 135 -39.80 17.26 80.85
CA MET R 135 -39.86 17.05 82.29
C MET R 135 -40.84 15.93 82.61
N ASP R 136 -40.42 15.04 83.49
CA ASP R 136 -41.21 13.89 83.92
C ASP R 136 -41.99 14.26 85.19
N TYR R 137 -43.30 14.41 85.07
CA TYR R 137 -44.08 14.94 86.19
C TYR R 137 -44.30 13.93 87.30
N GLU R 138 -43.94 12.66 87.09
CA GLU R 138 -44.16 11.65 88.13
C GLU R 138 -43.29 11.95 89.36
N TYR R 139 -42.13 12.56 89.15
CA TYR R 139 -41.30 12.98 90.28
C TYR R 139 -42.00 14.03 91.13
N MET R 140 -42.58 15.03 90.47
CA MET R 140 -43.33 16.07 91.17
C MET R 140 -44.48 15.49 91.97
N LEU R 141 -45.26 14.62 91.34
CA LEU R 141 -46.42 14.00 91.98
C LEU R 141 -46.00 13.26 93.23
N GLN R 142 -44.94 12.46 93.14
CA GLN R 142 -44.47 11.73 94.29
C GLN R 142 -44.01 12.66 95.42
N GLN R 143 -43.12 13.60 95.11
CA GLN R 143 -42.61 14.52 96.12
C GLN R 143 -43.79 15.20 96.78
N HIS R 144 -44.77 15.58 95.98
CA HIS R 144 -45.98 16.21 96.51
C HIS R 144 -46.69 15.36 97.55
N VAL R 145 -46.88 14.07 97.27
CA VAL R 145 -47.56 13.22 98.24
C VAL R 145 -46.59 12.84 99.35
N ASP R 146 -45.31 12.66 99.04
CA ASP R 146 -44.35 12.25 100.06
C ASP R 146 -44.15 13.34 101.09
N SER R 147 -44.28 14.59 100.68
CA SER R 147 -43.94 15.72 101.53
C SER R 147 -45.16 16.26 102.27
N GLY R 148 -46.35 15.91 101.81
CA GLY R 148 -47.57 16.44 102.39
C GLY R 148 -47.83 17.90 102.08
N ALA R 149 -47.16 18.43 101.07
CA ALA R 149 -47.37 19.81 100.65
C ALA R 149 -48.82 20.11 100.28
N ASP R 150 -49.23 21.36 100.44
CA ASP R 150 -50.48 21.82 99.86
C ASP R 150 -50.28 22.08 98.37
N VAL R 151 -49.14 22.67 98.03
CA VAL R 151 -48.78 22.85 96.63
C VAL R 151 -47.30 22.58 96.48
N THR R 152 -46.95 21.93 95.37
CA THR R 152 -45.57 21.76 94.99
C THR R 152 -45.32 22.60 93.75
N ILE R 153 -44.25 23.38 93.77
CA ILE R 153 -44.00 24.34 92.71
C ILE R 153 -42.72 24.01 91.96
N GLY R 154 -42.82 23.85 90.64
CA GLY R 154 -41.68 23.53 89.81
C GLY R 154 -40.74 24.72 89.68
N CYS R 155 -39.46 24.49 89.95
CA CYS R 155 -38.49 25.58 90.07
C CYS R 155 -37.21 25.36 89.28
N LEU R 156 -36.80 26.40 88.55
CA LEU R 156 -35.48 26.43 87.93
C LEU R 156 -34.41 26.89 88.92
N GLU R 157 -33.22 26.33 88.82
CA GLU R 157 -32.06 26.85 89.54
C GLU R 157 -31.24 27.74 88.63
N VAL R 158 -31.39 29.05 88.77
CA VAL R 158 -30.70 30.01 87.91
C VAL R 158 -29.74 30.91 88.72
N PRO R 159 -28.64 31.35 88.10
CA PRO R 159 -27.75 32.29 88.79
C PRO R 159 -28.53 33.50 89.30
N ARG R 160 -28.08 34.07 90.40
CA ARG R 160 -28.84 35.09 91.08
C ARG R 160 -29.11 36.29 90.20
N MET R 161 -28.14 36.65 89.36
CA MET R 161 -28.30 37.81 88.50
C MET R 161 -29.36 37.58 87.45
N GLU R 162 -29.52 36.32 87.04
CA GLU R 162 -30.53 36.01 86.04
C GLU R 162 -31.90 35.97 86.68
N ALA R 163 -31.93 35.60 87.96
CA ALA R 163 -33.20 35.40 88.65
C ALA R 163 -33.98 36.70 88.80
N THR R 164 -33.32 37.82 88.53
CA THR R 164 -33.93 39.13 88.68
C THR R 164 -35.16 39.31 87.77
N GLY R 165 -35.25 38.48 86.75
CA GLY R 165 -36.32 38.58 85.76
C GLY R 165 -37.47 37.61 86.00
N PHE R 166 -37.37 36.79 87.04
CA PHE R 166 -38.38 35.78 87.33
C PHE R 166 -39.17 36.07 88.59
N GLY R 167 -40.22 35.28 88.80
CA GLY R 167 -40.86 35.19 90.10
C GLY R 167 -40.05 34.20 90.90
N VAL R 168 -39.52 34.64 92.05
CA VAL R 168 -38.55 33.84 92.78
C VAL R 168 -39.15 33.27 94.06
N MET R 169 -38.87 31.99 94.29
CA MET R 169 -39.26 31.33 95.54
C MET R 169 -38.10 31.34 96.54
N HIS R 170 -38.34 31.92 97.71
CA HIS R 170 -37.38 31.90 98.79
C HIS R 170 -37.64 30.68 99.67
N VAL R 171 -36.60 29.90 99.92
CA VAL R 171 -36.76 28.54 100.41
C VAL R 171 -35.87 28.28 101.64
N ASN R 172 -36.26 27.35 102.52
CA ASN R 172 -35.38 26.96 103.63
C ASN R 172 -34.43 25.80 103.28
N GLU R 173 -33.99 25.08 104.30
CA GLU R 173 -33.02 24.00 104.10
C GLU R 173 -33.67 22.73 103.55
N LYS R 174 -34.97 22.59 103.78
CA LYS R 174 -35.72 21.43 103.29
C LYS R 174 -36.60 21.80 102.09
N ASP R 175 -36.18 22.82 101.37
CA ASP R 175 -36.86 23.30 100.18
C ASP R 175 -38.31 23.65 100.44
N GLU R 176 -38.61 24.15 101.62
CA GLU R 176 -39.96 24.63 101.92
C GLU R 176 -40.03 26.12 101.63
N ILE R 177 -41.07 26.56 100.92
CA ILE R 177 -41.13 27.92 100.44
C ILE R 177 -41.63 28.85 101.55
N ILE R 178 -40.75 29.76 101.95
CA ILE R 178 -41.03 30.66 103.05
C ILE R 178 -41.34 32.07 102.56
N ASP R 179 -41.17 32.29 101.25
CA ASP R 179 -41.51 33.57 100.64
C ASP R 179 -41.46 33.45 99.13
N PHE R 180 -42.22 34.32 98.46
CA PHE R 180 -42.23 34.37 97.01
C PHE R 180 -42.16 35.83 96.55
N ILE R 181 -41.22 36.14 95.66
CA ILE R 181 -40.97 37.52 95.25
C ILE R 181 -41.03 37.69 93.74
N GLU R 182 -41.81 38.65 93.28
CA GLU R 182 -41.88 38.93 91.85
C GLU R 182 -40.76 39.88 91.41
N LYS R 183 -39.87 39.36 90.58
CA LYS R 183 -38.74 40.10 90.03
C LYS R 183 -37.93 40.88 91.09
N PRO R 184 -37.27 40.15 92.00
CA PRO R 184 -36.44 40.80 93.01
C PRO R 184 -35.17 41.43 92.43
N ALA R 185 -34.78 42.60 92.94
CA ALA R 185 -33.55 43.24 92.49
C ALA R 185 -32.33 42.46 93.00
N ASP R 186 -32.50 41.77 94.13
CA ASP R 186 -31.48 40.84 94.61
C ASP R 186 -32.13 39.58 95.15
N PRO R 187 -32.23 38.56 94.30
CA PRO R 187 -32.95 37.33 94.61
C PRO R 187 -32.38 36.61 95.82
N PRO R 188 -33.24 36.18 96.75
CA PRO R 188 -32.72 35.39 97.87
C PRO R 188 -32.17 34.09 97.37
N GLY R 189 -30.99 33.73 97.85
CA GLY R 189 -30.29 32.56 97.35
C GLY R 189 -30.78 31.32 98.02
N ILE R 190 -30.44 30.17 97.44
CA ILE R 190 -30.70 28.89 98.07
C ILE R 190 -29.74 28.74 99.24
N PRO R 191 -30.26 28.33 100.41
CA PRO R 191 -29.40 28.07 101.56
C PRO R 191 -28.33 27.02 101.27
N GLY R 192 -27.06 27.35 101.53
CA GLY R 192 -25.98 26.39 101.36
C GLY R 192 -25.49 26.36 99.92
N ASN R 193 -26.26 26.99 99.05
CA ASN R 193 -25.92 27.10 97.65
C ASN R 193 -26.27 28.51 97.21
N GLU R 194 -25.80 29.46 97.99
CA GLU R 194 -25.85 30.84 97.58
C GLU R 194 -25.14 30.89 96.23
N GLY R 195 -25.54 31.83 95.39
CA GLY R 195 -25.04 31.83 94.03
C GLY R 195 -26.17 31.49 93.09
N PHE R 196 -27.17 30.78 93.63
CA PHE R 196 -28.32 30.36 92.85
C PHE R 196 -29.63 30.70 93.55
N ALA R 197 -30.69 30.88 92.74
CA ALA R 197 -32.02 31.17 93.26
C ALA R 197 -33.05 30.27 92.55
N LEU R 198 -34.19 30.05 93.19
CA LEU R 198 -35.25 29.22 92.61
C LEU R 198 -36.30 30.06 91.91
N ALA R 199 -36.36 29.97 90.58
CA ALA R 199 -37.34 30.67 89.78
C ALA R 199 -38.55 29.79 89.46
N SER R 200 -39.76 30.31 89.67
CA SER R 200 -40.96 29.52 89.43
C SER R 200 -41.15 29.29 87.94
N MET R 201 -41.48 28.04 87.58
CA MET R 201 -41.75 27.68 86.19
C MET R 201 -43.23 27.84 85.82
N GLY R 202 -44.06 28.15 86.80
CA GLY R 202 -45.49 28.22 86.56
C GLY R 202 -46.12 26.84 86.42
N ILE R 203 -45.49 25.88 87.07
CA ILE R 203 -45.95 24.50 87.15
C ILE R 203 -46.37 24.24 88.59
N TYR R 204 -47.63 23.86 88.80
CA TYR R 204 -48.11 23.63 90.16
C TYR R 204 -48.77 22.27 90.29
N VAL R 205 -48.49 21.57 91.38
CA VAL R 205 -49.13 20.27 91.64
C VAL R 205 -49.95 20.31 92.94
N PHE R 206 -51.24 19.95 92.84
CA PHE R 206 -52.17 19.94 93.98
C PHE R 206 -52.89 18.60 94.13
N HIS R 207 -53.33 18.27 95.34
CA HIS R 207 -54.44 17.30 95.46
C HIS R 207 -55.63 18.03 94.89
N THR R 208 -56.46 17.33 94.12
CA THR R 208 -57.59 17.99 93.48
C THR R 208 -58.55 18.59 94.51
N LYS R 209 -58.76 17.87 95.63
CA LYS R 209 -59.67 18.33 96.66
C LYS R 209 -59.27 19.70 97.16
N PHE R 210 -57.98 19.86 97.47
CA PHE R 210 -57.44 21.12 97.94
C PHE R 210 -57.57 22.21 96.87
N LEU R 211 -57.18 21.89 95.64
CA LEU R 211 -57.23 22.85 94.56
C LEU R 211 -58.65 23.34 94.40
N MET R 212 -59.61 22.43 94.53
CA MET R 212 -61.03 22.78 94.45
C MET R 212 -61.44 23.80 95.52
N GLU R 213 -60.92 23.64 96.73
CA GLU R 213 -61.21 24.59 97.78
C GLU R 213 -60.62 25.96 97.41
N ALA R 214 -59.41 25.96 96.89
CA ALA R 214 -58.63 27.17 96.69
C ALA R 214 -59.22 28.12 95.65
N LEU R 215 -59.40 27.63 94.43
CA LEU R 215 -59.88 28.51 93.38
C LEU R 215 -61.33 28.97 93.62
N ARG R 216 -62.08 28.19 94.39
CA ARG R 216 -63.43 28.57 94.80
C ARG R 216 -63.35 29.68 95.84
N ARG R 217 -62.48 29.49 96.83
CA ARG R 217 -62.18 30.54 97.77
C ARG R 217 -61.72 31.78 97.00
N ASP R 218 -60.81 31.58 96.05
CA ASP R 218 -60.29 32.66 95.23
C ASP R 218 -61.38 33.43 94.50
N ALA R 219 -62.39 32.71 94.00
CA ALA R 219 -63.47 33.33 93.27
C ALA R 219 -64.27 34.27 94.17
N ALA R 220 -64.42 33.88 95.43
CA ALA R 220 -65.18 34.64 96.41
C ALA R 220 -64.55 36.01 96.70
N ASP R 221 -63.23 36.10 96.57
CA ASP R 221 -62.49 37.33 96.86
C ASP R 221 -62.58 38.33 95.71
N PRO R 222 -63.32 39.43 95.91
CA PRO R 222 -63.64 40.39 94.84
C PRO R 222 -62.48 41.27 94.46
N THR R 223 -61.38 41.16 95.18
CA THR R 223 -60.20 41.96 94.88
C THR R 223 -59.05 41.11 94.33
N SER R 224 -59.27 39.82 94.19
CA SER R 224 -58.26 38.94 93.58
C SER R 224 -58.13 39.20 92.09
N SER R 225 -56.91 39.08 91.57
CA SER R 225 -56.67 39.17 90.13
C SER R 225 -56.91 37.79 89.49
N ARG R 226 -57.30 36.83 90.33
CA ARG R 226 -57.72 35.50 89.89
C ARG R 226 -56.59 34.75 89.18
N ASP R 227 -55.36 35.03 89.58
CA ASP R 227 -54.18 34.33 89.05
C ASP R 227 -53.64 33.28 90.01
N PHE R 228 -53.01 32.24 89.46
CA PHE R 228 -52.24 31.31 90.29
C PHE R 228 -50.98 31.98 90.82
N GLY R 229 -50.30 32.69 89.93
CA GLY R 229 -49.03 33.31 90.28
C GLY R 229 -49.18 34.42 91.29
N LYS R 230 -50.05 35.39 91.01
CA LYS R 230 -50.19 36.58 91.84
C LYS R 230 -51.07 36.37 93.07
N ASP R 231 -52.00 35.41 93.02
CA ASP R 231 -52.98 35.26 94.10
C ASP R 231 -52.86 33.95 94.90
N ILE R 232 -53.29 32.85 94.31
CA ILE R 232 -53.44 31.58 95.04
C ILE R 232 -52.16 31.11 95.75
N ILE R 233 -51.08 31.00 94.98
CA ILE R 233 -49.80 30.51 95.50
C ILE R 233 -49.24 31.33 96.67
N PRO R 234 -49.09 32.67 96.52
CA PRO R 234 -48.54 33.41 97.67
C PRO R 234 -49.37 33.22 98.94
N TYR R 235 -50.67 32.98 98.78
CA TYR R 235 -51.53 32.70 99.91
C TYR R 235 -51.11 31.40 100.58
N ILE R 236 -51.04 30.31 99.82
CA ILE R 236 -50.60 29.05 100.38
C ILE R 236 -49.17 29.19 100.92
N VAL R 237 -48.40 30.09 100.31
CA VAL R 237 -46.98 30.22 100.65
C VAL R 237 -46.77 30.64 102.10
N GLU R 238 -47.56 31.60 102.59
CA GLU R 238 -47.37 32.01 103.98
C GLU R 238 -48.30 31.27 104.94
N HIS R 239 -49.51 30.95 104.49
CA HIS R 239 -50.50 30.31 105.37
C HIS R 239 -50.46 28.78 105.30
N GLY R 240 -50.07 28.22 104.17
CA GLY R 240 -50.04 26.78 104.02
C GLY R 240 -48.64 26.23 103.81
N LYS R 241 -48.56 25.00 103.33
CA LYS R 241 -47.27 24.40 103.04
C LYS R 241 -47.00 24.36 101.53
N ALA R 242 -46.24 25.34 101.05
CA ALA R 242 -45.77 25.38 99.67
C ALA R 242 -44.36 24.83 99.64
N VAL R 243 -44.12 23.89 98.74
CA VAL R 243 -42.83 23.22 98.66
C VAL R 243 -42.29 23.31 97.24
N ALA R 244 -40.99 23.63 97.11
CA ALA R 244 -40.38 23.73 95.79
C ALA R 244 -39.86 22.39 95.28
N HIS R 245 -40.05 22.16 94.00
CA HIS R 245 -39.50 21.01 93.32
C HIS R 245 -38.41 21.51 92.35
N ARG R 246 -37.27 20.83 92.32
CA ARG R 246 -36.16 21.24 91.44
C ARG R 246 -36.27 20.63 90.04
N PHE R 247 -36.33 21.50 89.03
CA PHE R 247 -36.39 21.06 87.62
C PHE R 247 -35.32 20.04 87.29
N ALA R 248 -34.12 20.26 87.82
CA ALA R 248 -33.01 19.35 87.57
C ALA R 248 -33.32 17.91 87.98
N ASP R 249 -34.11 17.74 89.04
CA ASP R 249 -34.40 16.38 89.52
C ASP R 249 -35.33 15.60 88.58
N SER R 250 -36.15 16.29 87.80
CA SER R 250 -37.12 15.60 86.96
C SER R 250 -37.04 16.00 85.51
N CYS R 251 -36.13 16.91 85.19
CA CYS R 251 -35.84 17.24 83.79
C CYS R 251 -35.47 15.97 83.03
N VAL R 252 -35.97 15.84 81.81
CA VAL R 252 -35.61 14.70 80.99
C VAL R 252 -34.50 15.11 80.05
N ARG R 253 -33.29 14.67 80.35
CA ARG R 253 -32.11 15.08 79.59
C ARG R 253 -31.62 13.95 78.71
N SER R 254 -31.40 14.24 77.42
CA SER R 254 -30.84 13.28 76.48
C SER R 254 -29.33 13.11 76.73
N ASP R 255 -28.72 12.09 76.12
CA ASP R 255 -27.27 11.92 76.20
C ASP R 255 -26.53 13.08 75.54
N PHE R 256 -27.22 13.82 74.70
CA PHE R 256 -26.61 14.84 73.85
C PHE R 256 -27.03 16.27 74.23
N GLU R 257 -27.59 16.42 75.42
CA GLU R 257 -27.89 17.72 75.97
C GLU R 257 -26.97 17.97 77.16
N HIS R 258 -26.07 18.94 77.03
CA HIS R 258 -25.05 19.19 78.04
C HIS R 258 -25.60 19.71 79.38
N GLU R 259 -26.86 20.12 79.38
CA GLU R 259 -27.50 20.67 80.57
C GLU R 259 -29.02 20.58 80.43
N PRO R 260 -29.76 20.71 81.55
CA PRO R 260 -31.22 20.77 81.47
C PRO R 260 -31.72 21.95 80.62
N TYR R 261 -32.62 21.66 79.69
CA TYR R 261 -33.08 22.63 78.70
C TYR R 261 -34.44 23.22 79.04
N TRP R 262 -34.51 24.55 79.14
CA TRP R 262 -35.77 25.25 79.32
C TRP R 262 -35.65 26.59 78.59
N ARG R 263 -36.65 26.92 77.78
CA ARG R 263 -36.68 28.20 77.08
C ARG R 263 -38.05 28.82 77.15
N ASP R 264 -38.05 30.11 77.46
CA ASP R 264 -39.22 30.96 77.52
C ASP R 264 -39.62 31.48 76.14
N VAL R 265 -38.62 31.67 75.29
CA VAL R 265 -38.72 32.37 74.01
C VAL R 265 -39.71 33.54 74.07
N GLY R 266 -39.46 34.47 75.00
CA GLY R 266 -40.37 35.57 75.27
C GLY R 266 -40.15 36.82 74.44
N THR R 267 -39.03 36.87 73.73
CA THR R 267 -38.74 37.98 72.84
C THR R 267 -38.41 37.47 71.45
N ILE R 268 -38.46 38.35 70.46
CA ILE R 268 -38.12 37.96 69.10
C ILE R 268 -36.67 37.46 69.01
N ASP R 269 -35.75 38.10 69.71
CA ASP R 269 -34.37 37.61 69.77
C ASP R 269 -34.27 36.22 70.39
N ALA R 270 -34.99 36.00 71.48
CA ALA R 270 -34.95 34.70 72.15
C ALA R 270 -35.57 33.63 71.26
N TYR R 271 -36.63 34.00 70.55
CA TYR R 271 -37.29 33.10 69.62
C TYR R 271 -36.37 32.72 68.48
N TRP R 272 -35.77 33.73 67.85
CA TRP R 272 -34.83 33.48 66.77
C TRP R 272 -33.68 32.61 67.26
N GLN R 273 -33.10 32.96 68.40
CA GLN R 273 -31.92 32.24 68.89
C GLN R 273 -32.21 30.76 69.19
N ALA R 274 -33.34 30.47 69.82
CA ALA R 274 -33.67 29.11 70.22
C ALA R 274 -33.86 28.20 69.01
N ASN R 275 -34.47 28.73 67.96
CA ASN R 275 -34.61 27.95 66.73
C ASN R 275 -33.30 27.79 65.99
N ILE R 276 -32.57 28.88 65.85
CA ILE R 276 -31.36 28.87 65.05
C ILE R 276 -30.30 28.01 65.73
N ASP R 277 -30.37 27.89 67.05
CA ASP R 277 -29.41 27.05 67.79
C ASP R 277 -29.60 25.56 67.47
N LEU R 278 -30.72 25.20 66.84
CA LEU R 278 -30.92 23.83 66.40
C LEU R 278 -30.05 23.50 65.19
N THR R 279 -29.47 24.51 64.55
CA THR R 279 -28.61 24.26 63.40
C THR R 279 -27.17 23.96 63.82
N ASP R 280 -26.87 24.06 65.12
CA ASP R 280 -25.54 23.74 65.65
C ASP R 280 -25.15 22.28 65.38
N VAL R 281 -23.85 21.99 65.33
CA VAL R 281 -23.37 20.61 65.26
C VAL R 281 -23.85 19.82 66.49
N VAL R 282 -23.70 20.43 67.68
CA VAL R 282 -24.22 19.85 68.91
C VAL R 282 -25.22 20.81 69.57
N PRO R 283 -26.50 20.66 69.23
CA PRO R 283 -27.49 21.61 69.74
C PRO R 283 -27.78 21.43 71.22
N ASP R 284 -28.24 22.49 71.88
CA ASP R 284 -28.63 22.41 73.29
C ASP R 284 -29.88 21.58 73.50
N LEU R 285 -30.72 21.49 72.48
CA LEU R 285 -31.91 20.64 72.49
C LEU R 285 -31.70 19.47 71.53
N ASP R 286 -31.96 18.27 72.00
CA ASP R 286 -31.79 17.08 71.18
C ASP R 286 -33.13 16.67 70.56
N ILE R 287 -33.40 17.11 69.34
CA ILE R 287 -34.67 16.81 68.71
C ILE R 287 -34.71 15.40 68.13
N TYR R 288 -33.57 14.71 68.17
CA TYR R 288 -33.48 13.35 67.62
C TYR R 288 -33.59 12.30 68.72
N ASP R 289 -33.88 12.74 69.94
CA ASP R 289 -34.16 11.84 71.04
C ASP R 289 -35.47 11.10 70.78
N LYS R 290 -35.49 9.80 71.06
CA LYS R 290 -36.71 9.02 70.94
C LYS R 290 -37.16 8.49 72.29
N SER R 291 -36.39 8.80 73.35
CA SER R 291 -36.77 8.34 74.68
C SER R 291 -37.82 9.26 75.34
N TRP R 292 -37.93 10.49 74.87
CA TRP R 292 -38.98 11.40 75.36
C TRP R 292 -39.45 12.22 74.17
N PRO R 293 -40.20 11.58 73.28
CA PRO R 293 -40.56 12.19 71.99
C PRO R 293 -41.61 13.26 72.13
N ILE R 294 -41.54 14.28 71.28
CA ILE R 294 -42.55 15.32 71.26
C ILE R 294 -43.53 14.99 70.14
N TRP R 295 -44.78 14.73 70.51
CA TRP R 295 -45.85 14.54 69.55
C TRP R 295 -46.31 15.90 69.03
N THR R 296 -46.78 15.95 67.78
CA THR R 296 -47.34 17.18 67.21
C THR R 296 -48.30 16.84 66.07
N TYR R 297 -48.92 17.86 65.48
CA TYR R 297 -49.69 17.63 64.27
C TYR R 297 -48.73 17.64 63.09
N ALA R 298 -48.68 16.52 62.37
CA ALA R 298 -47.81 16.40 61.20
C ALA R 298 -48.59 15.72 60.11
N GLU R 299 -48.49 16.24 58.89
CA GLU R 299 -49.11 15.61 57.75
C GLU R 299 -48.09 14.84 56.94
N ILE R 300 -48.55 13.89 56.15
CA ILE R 300 -47.66 13.21 55.21
C ILE R 300 -47.25 14.24 54.16
N THR R 301 -45.95 14.40 53.96
CA THR R 301 -45.46 15.36 52.99
C THR R 301 -44.44 14.71 52.08
N PRO R 302 -44.13 15.36 50.97
CA PRO R 302 -43.00 14.87 50.18
C PRO R 302 -41.68 15.16 50.89
N PRO R 303 -40.60 14.51 50.47
CA PRO R 303 -39.29 14.79 51.07
C PRO R 303 -38.80 16.17 50.68
N ALA R 304 -37.66 16.59 51.21
CA ALA R 304 -37.08 17.86 50.77
C ALA R 304 -36.33 17.65 49.45
N LYS R 305 -36.36 18.66 48.58
CA LYS R 305 -35.78 18.54 47.25
C LYS R 305 -34.83 19.68 46.99
N PHE R 306 -33.67 19.38 46.41
CA PHE R 306 -32.65 20.39 46.12
C PHE R 306 -32.36 20.36 44.65
N VAL R 307 -32.46 21.49 43.98
CA VAL R 307 -32.30 21.42 42.55
C VAL R 307 -31.50 22.60 41.98
N HIS R 308 -30.92 22.34 40.81
CA HIS R 308 -30.01 23.24 40.06
C HIS R 308 -28.62 23.19 40.64
N ASP R 309 -27.68 23.12 39.71
CA ASP R 309 -26.28 22.95 40.01
C ASP R 309 -25.51 23.44 38.78
N ASP R 310 -25.83 24.65 38.32
CA ASP R 310 -25.15 25.20 37.17
C ASP R 310 -24.27 26.35 37.63
N GLU R 311 -23.61 27.02 36.69
CA GLU R 311 -22.62 28.01 37.04
C GLU R 311 -23.21 29.18 37.82
N ASP R 312 -24.49 29.44 37.61
CA ASP R 312 -25.13 30.63 38.16
C ASP R 312 -25.96 30.36 39.43
N ARG R 313 -26.43 29.12 39.60
CA ARG R 313 -27.34 28.81 40.71
C ARG R 313 -27.19 27.38 41.18
N ARG R 314 -27.28 27.19 42.48
CA ARG R 314 -27.15 25.88 43.07
C ARG R 314 -28.05 25.77 44.28
N GLY R 315 -29.03 24.89 44.22
CA GLY R 315 -29.89 24.67 45.36
C GLY R 315 -29.19 23.79 46.39
N SER R 316 -28.93 24.36 47.56
CA SER R 316 -28.27 23.60 48.61
C SER R 316 -28.47 24.21 49.99
N ALA R 317 -28.41 23.35 51.00
CA ALA R 317 -28.52 23.77 52.38
C ALA R 317 -27.24 23.41 53.10
N VAL R 318 -26.67 24.39 53.80
CA VAL R 318 -25.46 24.16 54.57
C VAL R 318 -25.67 24.63 56.01
N SER R 319 -25.26 23.81 56.97
CA SER R 319 -25.49 24.09 58.39
C SER R 319 -26.92 24.50 58.63
N SER R 320 -27.85 23.72 58.10
CA SER R 320 -29.27 24.09 58.13
C SER R 320 -30.15 22.90 58.47
N VAL R 321 -31.37 23.21 58.88
CA VAL R 321 -32.39 22.20 59.11
C VAL R 321 -33.56 22.48 58.18
N VAL R 322 -34.02 21.46 57.45
CA VAL R 322 -35.02 21.64 56.40
C VAL R 322 -36.11 20.56 56.46
N SER R 323 -37.37 20.99 56.45
CA SER R 323 -38.50 20.08 56.66
C SER R 323 -39.05 19.51 55.36
N GLY R 324 -40.12 18.72 55.49
CA GLY R 324 -40.75 18.10 54.34
C GLY R 324 -41.43 19.10 53.46
N ASP R 325 -41.69 18.72 52.21
CA ASP R 325 -42.40 19.57 51.26
C ASP R 325 -41.65 20.89 51.00
N CYS R 326 -40.35 20.91 51.28
CA CYS R 326 -39.52 22.07 50.93
C CYS R 326 -38.85 21.86 49.57
N ILE R 327 -38.87 22.89 48.74
CA ILE R 327 -38.20 22.82 47.45
C ILE R 327 -37.17 23.93 47.38
N ILE R 328 -35.90 23.54 47.38
CA ILE R 328 -34.79 24.48 47.38
C ILE R 328 -34.26 24.53 45.95
N SER R 329 -34.77 25.50 45.19
CA SER R 329 -34.56 25.57 43.75
C SER R 329 -33.56 26.66 43.40
N GLY R 330 -32.31 26.27 43.14
CA GLY R 330 -31.28 27.21 42.76
C GLY R 330 -30.96 28.22 43.85
N ALA R 331 -31.40 27.91 45.07
CA ALA R 331 -31.27 28.83 46.19
C ALA R 331 -30.23 28.35 47.20
N ALA R 332 -29.46 29.27 47.76
CA ALA R 332 -28.42 28.91 48.73
C ALA R 332 -28.89 29.13 50.17
N LEU R 333 -28.88 28.07 50.98
CA LEU R 333 -29.26 28.22 52.38
C LEU R 333 -28.08 27.96 53.29
N ASN R 334 -27.90 28.86 54.26
CA ASN R 334 -26.80 28.77 55.20
C ASN R 334 -27.30 29.14 56.59
N ARG R 335 -27.05 28.28 57.56
CA ARG R 335 -27.48 28.49 58.95
C ARG R 335 -28.95 28.92 59.03
N SER R 336 -29.85 28.09 58.53
CA SER R 336 -31.25 28.43 58.57
C SER R 336 -32.12 27.25 58.93
N LEU R 337 -33.31 27.56 59.44
CA LEU R 337 -34.26 26.52 59.83
C LEU R 337 -35.51 26.71 58.99
N LEU R 338 -35.81 25.74 58.14
CA LEU R 338 -36.99 25.83 57.30
C LEU R 338 -38.07 24.90 57.78
N PHE R 339 -39.22 25.47 58.11
CA PHE R 339 -40.41 24.70 58.44
C PHE R 339 -41.01 24.10 57.18
N THR R 340 -42.06 23.29 57.35
CA THR R 340 -42.66 22.58 56.24
C THR R 340 -43.19 23.47 55.13
N GLY R 341 -42.96 23.09 53.87
CA GLY R 341 -43.66 23.73 52.77
C GLY R 341 -43.03 24.96 52.15
N VAL R 342 -41.74 25.20 52.42
CA VAL R 342 -41.07 26.37 51.90
C VAL R 342 -40.64 26.18 50.44
N ARG R 343 -40.79 27.24 49.63
CA ARG R 343 -40.32 27.25 48.25
C ARG R 343 -39.30 28.34 48.08
N ALA R 344 -38.02 27.97 48.00
CA ALA R 344 -36.97 28.97 47.76
C ALA R 344 -36.54 28.88 46.31
N ASN R 345 -36.63 30.00 45.57
CA ASN R 345 -36.43 29.97 44.13
C ASN R 345 -35.07 30.53 43.71
N SER R 346 -34.79 30.45 42.41
CA SER R 346 -33.42 30.56 41.88
C SER R 346 -32.74 31.88 42.18
N TYR R 347 -31.44 31.80 42.45
CA TYR R 347 -30.57 32.95 42.72
C TYR R 347 -30.88 33.64 44.05
N SER R 348 -31.75 33.06 44.86
CA SER R 348 -32.05 33.61 46.17
C SER R 348 -31.05 33.07 47.18
N ARG R 349 -30.95 33.73 48.33
CA ARG R 349 -30.05 33.30 49.41
C ARG R 349 -30.68 33.57 50.76
N LEU R 350 -30.56 32.61 51.69
CA LEU R 350 -30.99 32.79 53.07
C LEU R 350 -29.87 32.46 54.02
N GLU R 351 -29.58 33.36 54.95
CA GLU R 351 -28.55 33.15 55.97
C GLU R 351 -29.10 33.57 57.32
N ASN R 352 -28.88 32.74 58.35
CA ASN R 352 -29.36 33.06 59.69
C ASN R 352 -30.85 33.32 59.71
N ALA R 353 -31.61 32.46 59.05
CA ALA R 353 -33.03 32.69 58.88
C ALA R 353 -33.86 31.62 59.58
N VAL R 354 -34.90 32.04 60.29
CA VAL R 354 -35.95 31.15 60.75
C VAL R 354 -37.16 31.32 59.82
N VAL R 355 -37.52 30.28 59.09
CA VAL R 355 -38.51 30.42 58.03
C VAL R 355 -39.71 29.52 58.31
N LEU R 356 -40.84 30.13 58.66
CA LEU R 356 -42.00 29.40 59.14
C LEU R 356 -42.74 28.72 57.97
N PRO R 357 -43.78 27.91 58.23
CA PRO R 357 -44.24 27.04 57.14
C PRO R 357 -44.81 27.76 55.92
N SER R 358 -44.58 27.20 54.75
CA SER R 358 -45.21 27.64 53.51
C SER R 358 -44.72 28.99 53.00
N VAL R 359 -43.54 29.43 53.43
CA VAL R 359 -42.97 30.69 52.95
C VAL R 359 -42.49 30.48 51.53
N LYS R 360 -42.61 31.50 50.68
CA LYS R 360 -42.06 31.45 49.33
C LYS R 360 -40.98 32.51 49.18
N ILE R 361 -39.82 32.13 48.64
CA ILE R 361 -38.73 33.10 48.46
C ILE R 361 -38.51 33.35 46.98
N GLY R 362 -38.86 34.55 46.52
CA GLY R 362 -38.74 34.91 45.12
C GLY R 362 -37.31 34.91 44.60
N ARG R 363 -37.16 34.72 43.31
CA ARG R 363 -35.86 34.75 42.65
C ARG R 363 -35.08 35.98 43.05
N HIS R 364 -33.79 35.79 43.29
CA HIS R 364 -32.80 36.84 43.56
C HIS R 364 -32.92 37.47 44.95
N ALA R 365 -33.90 37.09 45.74
CA ALA R 365 -34.02 37.70 47.06
C ALA R 365 -32.87 37.26 47.96
N GLN R 366 -32.40 38.14 48.84
CA GLN R 366 -31.29 37.82 49.74
C GLN R 366 -31.62 38.27 51.16
N LEU R 367 -31.91 37.32 52.04
CA LEU R 367 -32.34 37.63 53.40
C LEU R 367 -31.36 37.10 54.43
N SER R 368 -30.96 37.96 55.37
CA SER R 368 -30.05 37.58 56.43
C SER R 368 -30.55 38.07 57.78
N ASN R 369 -30.47 37.18 58.77
CA ASN R 369 -30.85 37.45 60.17
C ASN R 369 -32.31 37.83 60.30
N VAL R 370 -33.16 36.90 59.89
CA VAL R 370 -34.58 37.16 59.84
C VAL R 370 -35.40 36.05 60.48
N VAL R 371 -36.61 36.42 60.89
CA VAL R 371 -37.70 35.49 61.14
C VAL R 371 -38.79 35.83 60.14
N ILE R 372 -39.18 34.85 59.32
CA ILE R 372 -40.23 35.10 58.35
C ILE R 372 -41.50 34.41 58.77
N ASP R 373 -42.59 35.16 58.87
CA ASP R 373 -43.87 34.64 59.33
C ASP R 373 -44.46 33.58 58.40
N HIS R 374 -45.27 32.71 59.00
CA HIS R 374 -46.07 31.72 58.28
C HIS R 374 -46.78 32.34 57.07
N GLY R 375 -46.58 31.74 55.89
CA GLY R 375 -47.31 32.09 54.67
C GLY R 375 -46.71 33.19 53.82
N VAL R 376 -45.69 33.87 54.31
CA VAL R 376 -45.18 35.08 53.67
C VAL R 376 -44.63 34.83 52.27
N VAL R 377 -45.01 35.66 51.31
CA VAL R 377 -44.41 35.62 49.99
C VAL R 377 -43.38 36.73 49.86
N ILE R 378 -42.11 36.36 49.84
CA ILE R 378 -41.03 37.33 49.71
C ILE R 378 -40.87 37.71 48.25
N PRO R 379 -41.10 39.00 47.94
CA PRO R 379 -41.04 39.43 46.53
C PRO R 379 -39.66 39.22 45.93
N GLU R 380 -39.61 39.02 44.61
CA GLU R 380 -38.34 38.82 43.93
C GLU R 380 -37.36 39.97 44.23
N GLY R 381 -36.09 39.63 44.42
CA GLY R 381 -35.05 40.62 44.62
C GLY R 381 -35.04 41.45 45.90
N LEU R 382 -35.91 41.13 46.86
CA LEU R 382 -35.87 41.83 48.14
C LEU R 382 -34.56 41.56 48.86
N ILE R 383 -33.94 42.60 49.41
CA ILE R 383 -32.72 42.42 50.19
C ILE R 383 -32.97 42.83 51.64
N VAL R 384 -32.63 41.95 52.58
CA VAL R 384 -32.78 42.21 54.00
C VAL R 384 -31.49 41.78 54.68
N GLY R 385 -30.98 42.63 55.57
CA GLY R 385 -29.74 42.36 56.28
C GLY R 385 -28.53 42.97 55.61
N GLU R 386 -28.73 44.11 54.96
CA GLU R 386 -27.66 44.82 54.27
C GLU R 386 -27.65 46.28 54.73
N ASP R 387 -28.84 46.82 54.97
CA ASP R 387 -29.04 48.22 55.31
C ASP R 387 -29.92 48.31 56.54
N PRO R 388 -29.32 48.42 57.72
CA PRO R 388 -30.07 48.45 58.97
C PRO R 388 -31.16 49.52 59.01
N GLU R 389 -30.87 50.73 58.53
CA GLU R 389 -31.84 51.81 58.58
C GLU R 389 -33.08 51.46 57.77
N LEU R 390 -32.84 51.02 56.54
CA LEU R 390 -33.92 50.62 55.66
C LEU R 390 -34.70 49.49 56.31
N ASP R 391 -33.99 48.43 56.66
CA ASP R 391 -34.61 47.24 57.27
C ASP R 391 -35.49 47.58 58.47
N ALA R 392 -35.01 48.50 59.31
CA ALA R 392 -35.78 48.92 60.49
C ALA R 392 -37.03 49.76 60.12
N LYS R 393 -37.00 50.42 58.97
CA LYS R 393 -38.17 51.16 58.50
C LYS R 393 -39.20 50.24 57.86
N ARG R 394 -38.72 49.20 57.18
CA ARG R 394 -39.59 48.27 56.47
C ARG R 394 -40.16 47.20 57.38
N PHE R 395 -39.37 46.77 58.37
CA PHE R 395 -39.72 45.59 59.14
C PHE R 395 -39.63 45.82 60.64
N ARG R 396 -39.88 44.77 61.41
CA ARG R 396 -39.65 44.83 62.85
C ARG R 396 -38.24 44.37 63.17
N ARG R 397 -37.36 45.33 63.42
CA ARG R 397 -35.95 45.00 63.66
C ARG R 397 -35.62 45.09 65.15
N THR R 398 -35.06 44.01 65.70
CA THR R 398 -34.63 44.05 67.10
C THR R 398 -33.33 44.86 67.15
N GLU R 399 -32.93 45.26 68.34
CA GLU R 399 -31.72 46.05 68.50
C GLU R 399 -30.49 45.27 68.04
N SER R 400 -30.53 43.95 68.22
CA SER R 400 -29.41 43.11 67.82
C SER R 400 -29.48 42.72 66.33
N GLY R 401 -30.45 43.28 65.62
CA GLY R 401 -30.46 43.18 64.17
C GLY R 401 -31.24 42.05 63.53
N ILE R 402 -32.15 41.43 64.28
CA ILE R 402 -33.03 40.43 63.72
C ILE R 402 -34.27 41.12 63.14
N CYS R 403 -34.60 40.84 61.88
CA CYS R 403 -35.83 41.37 61.33
C CYS R 403 -36.93 40.33 61.32
N LEU R 404 -38.07 40.69 61.90
CA LEU R 404 -39.29 39.91 61.76
C LEU R 404 -40.03 40.40 60.52
N ILE R 405 -40.34 39.49 59.60
CA ILE R 405 -41.02 39.85 58.36
C ILE R 405 -42.40 39.23 58.28
N THR R 406 -43.39 40.06 58.03
CA THR R 406 -44.78 39.64 57.95
CA THR R 406 -44.77 39.59 57.90
C THR R 406 -45.35 40.03 56.57
N GLN R 407 -46.40 39.34 56.12
CA GLN R 407 -47.01 39.67 54.84
C GLN R 407 -47.53 41.10 54.80
N SER R 408 -48.03 41.60 55.93
CA SER R 408 -48.55 42.97 55.98
C SER R 408 -47.43 43.99 55.79
N MET R 409 -46.26 43.71 56.35
CA MET R 409 -45.10 44.56 56.11
C MET R 409 -44.72 44.54 54.63
N ILE R 410 -44.76 43.36 54.02
CA ILE R 410 -44.41 43.22 52.61
C ILE R 410 -45.45 43.94 51.76
N ASP R 411 -46.70 43.91 52.20
CA ASP R 411 -47.78 44.59 51.47
C ASP R 411 -47.53 46.09 51.42
N LYS R 412 -47.17 46.68 52.55
CA LYS R 412 -46.93 48.13 52.63
C LYS R 412 -45.68 48.58 51.86
N LEU R 413 -45.01 47.66 51.18
CA LEU R 413 -43.73 47.99 50.54
C LEU R 413 -43.77 48.56 49.13
N ASP R 414 -42.79 49.41 48.88
CA ASP R 414 -42.15 49.57 47.58
C ASP R 414 -40.83 50.32 47.86
N LEU R 415 -40.54 50.45 49.16
CA LEU R 415 -39.25 50.88 49.70
C LEU R 415 -39.27 50.75 51.22
N VAL S 1 26.09 -81.31 -11.69
CA VAL S 1 26.60 -82.01 -12.86
C VAL S 1 26.06 -81.40 -14.16
N GLN S 2 24.77 -81.07 -14.18
CA GLN S 2 24.14 -80.41 -15.33
C GLN S 2 24.71 -79.02 -15.59
N PRO S 3 25.06 -78.73 -16.85
CA PRO S 3 25.47 -77.37 -17.21
C PRO S 3 24.37 -76.36 -16.92
N LEU S 4 24.75 -75.21 -16.35
CA LEU S 4 23.76 -74.24 -15.91
C LEU S 4 23.12 -73.54 -17.11
N ALA S 5 23.83 -73.54 -18.24
CA ALA S 5 23.36 -72.90 -19.47
C ALA S 5 22.00 -73.46 -19.92
N ARG S 6 21.75 -74.73 -19.61
CA ARG S 6 20.46 -75.33 -19.95
C ARG S 6 19.31 -74.53 -19.34
N ASP S 7 19.58 -73.93 -18.18
CA ASP S 7 18.57 -73.21 -17.41
C ASP S 7 18.62 -71.71 -17.61
N ALA S 8 19.44 -71.25 -18.54
CA ALA S 8 19.65 -69.82 -18.66
C ALA S 8 18.96 -69.26 -19.88
N MET S 9 18.69 -67.96 -19.83
CA MET S 9 18.19 -67.23 -20.99
C MET S 9 19.07 -66.02 -21.23
N ALA S 10 19.54 -65.86 -22.46
CA ALA S 10 20.31 -64.66 -22.82
C ALA S 10 19.38 -63.52 -23.20
N TYR S 11 19.54 -62.38 -22.56
CA TYR S 11 18.71 -61.24 -22.89
C TYR S 11 19.62 -60.13 -23.41
N VAL S 12 19.63 -59.92 -24.72
CA VAL S 12 20.57 -58.99 -25.34
C VAL S 12 19.95 -57.60 -25.51
N LEU S 13 20.63 -56.58 -24.98
CA LEU S 13 20.15 -55.21 -25.12
C LEU S 13 20.72 -54.63 -26.40
N ALA S 14 19.85 -54.34 -27.36
CA ALA S 14 20.29 -54.02 -28.71
C ALA S 14 19.76 -52.66 -29.12
N GLY S 15 19.73 -51.72 -28.16
CA GLY S 15 19.25 -50.38 -28.41
C GLY S 15 20.33 -49.36 -28.72
N GLY S 16 21.59 -49.78 -28.67
CA GLY S 16 22.72 -48.88 -28.87
C GLY S 16 22.63 -47.97 -30.08
N ARG S 17 22.69 -46.66 -29.83
CA ARG S 17 22.58 -45.65 -30.89
C ARG S 17 23.86 -45.53 -31.70
N GLY S 18 25.00 -45.68 -31.04
CA GLY S 18 26.27 -45.43 -31.69
C GLY S 18 26.32 -44.01 -32.23
N SER S 19 26.07 -43.04 -31.36
CA SER S 19 26.02 -41.63 -31.75
C SER S 19 27.30 -41.17 -32.43
N ARG S 20 28.45 -41.38 -31.80
CA ARG S 20 29.71 -40.95 -32.39
C ARG S 20 30.06 -41.63 -33.73
N LEU S 21 29.34 -42.69 -34.09
CA LEU S 21 29.53 -43.36 -35.38
C LEU S 21 28.92 -42.50 -36.48
N LYS S 22 28.18 -41.48 -36.05
CA LYS S 22 27.68 -40.44 -36.95
C LYS S 22 26.79 -41.00 -38.04
N GLU S 23 27.10 -40.71 -39.30
CA GLU S 23 26.21 -41.12 -40.37
C GLU S 23 26.16 -42.64 -40.57
N LEU S 24 27.11 -43.34 -39.96
CA LEU S 24 27.16 -44.79 -40.05
C LEU S 24 25.95 -45.42 -39.38
N THR S 25 25.43 -44.77 -38.34
CA THR S 25 24.26 -45.27 -37.61
C THR S 25 23.05 -44.33 -37.73
N ASP S 26 23.03 -43.50 -38.76
CA ASP S 26 21.92 -42.58 -38.95
C ASP S 26 20.65 -43.33 -39.30
N ARG S 27 20.77 -44.49 -39.93
CA ARG S 27 19.60 -45.27 -40.32
C ARG S 27 19.71 -46.75 -39.92
N ARG S 28 20.54 -47.02 -38.92
CA ARG S 28 20.65 -48.36 -38.35
C ARG S 28 21.12 -48.22 -36.92
N ALA S 29 20.79 -49.19 -36.08
CA ALA S 29 21.27 -49.20 -34.71
C ALA S 29 22.71 -49.72 -34.71
N LYS S 30 23.45 -49.45 -33.65
CA LYS S 30 24.84 -49.90 -33.59
C LYS S 30 25.02 -51.42 -33.68
N PRO S 31 24.14 -52.22 -33.04
CA PRO S 31 24.34 -53.67 -33.20
C PRO S 31 24.20 -54.15 -34.65
N ALA S 32 23.55 -53.38 -35.52
CA ALA S 32 23.37 -53.78 -36.91
C ALA S 32 24.50 -53.31 -37.82
N VAL S 33 25.51 -52.65 -37.25
CA VAL S 33 26.63 -52.20 -38.08
C VAL S 33 27.47 -53.41 -38.50
N TYR S 34 27.75 -53.51 -39.79
CA TYR S 34 28.63 -54.52 -40.37
C TYR S 34 30.04 -54.55 -39.77
N PHE S 35 30.58 -55.76 -39.62
CA PHE S 35 31.96 -55.89 -39.19
C PHE S 35 32.64 -57.13 -39.77
N GLY S 36 33.91 -56.99 -40.11
CA GLY S 36 34.74 -58.15 -40.42
C GLY S 36 34.59 -58.72 -41.81
N GLY S 37 33.66 -58.22 -42.60
CA GLY S 37 33.49 -58.69 -43.96
C GLY S 37 32.20 -59.45 -44.22
N LYS S 38 31.67 -60.09 -43.18
CA LYS S 38 30.45 -60.90 -43.37
C LYS S 38 29.38 -60.60 -42.33
N ALA S 39 29.79 -60.47 -41.07
CA ALA S 39 28.85 -60.44 -39.95
C ALA S 39 28.42 -59.02 -39.56
N ARG S 40 27.56 -58.94 -38.56
CA ARG S 40 27.22 -57.66 -37.95
C ARG S 40 27.61 -57.74 -36.49
N ILE S 41 27.73 -56.60 -35.83
CA ILE S 41 28.21 -56.54 -34.46
C ILE S 41 27.43 -57.47 -33.55
N ILE S 42 26.10 -57.42 -33.64
CA ILE S 42 25.27 -58.18 -32.72
C ILE S 42 25.52 -59.68 -32.80
N ASP S 43 26.09 -60.17 -33.90
CA ASP S 43 26.31 -61.60 -34.08
C ASP S 43 27.31 -62.17 -33.09
N PHE S 44 28.08 -61.30 -32.44
CA PHE S 44 29.06 -61.81 -31.50
C PHE S 44 28.39 -62.24 -30.19
N ALA S 45 27.61 -61.35 -29.57
CA ALA S 45 26.87 -61.73 -28.36
C ALA S 45 25.98 -62.95 -28.60
N LEU S 46 25.26 -62.95 -29.71
CA LEU S 46 24.34 -64.05 -30.02
C LEU S 46 25.13 -65.34 -30.18
N SER S 47 26.28 -65.28 -30.82
CA SER S 47 27.07 -66.48 -31.06
C SER S 47 27.68 -66.97 -29.75
N ASN S 48 28.08 -66.04 -28.88
CA ASN S 48 28.60 -66.41 -27.56
C ASN S 48 27.56 -67.21 -26.75
N ALA S 49 26.34 -66.67 -26.70
CA ALA S 49 25.24 -67.34 -26.03
C ALA S 49 25.01 -68.72 -26.63
N LEU S 50 24.91 -68.79 -27.96
CA LEU S 50 24.75 -70.07 -28.66
C LEU S 50 25.85 -71.05 -28.28
N ASN S 51 27.10 -70.61 -28.41
CA ASN S 51 28.26 -71.46 -28.15
C ASN S 51 28.44 -71.83 -26.66
N SER S 52 27.88 -71.02 -25.76
CA SER S 52 27.93 -71.31 -24.32
C SER S 52 26.83 -72.29 -23.91
N GLY S 53 25.95 -72.61 -24.85
CA GLY S 53 24.90 -73.58 -24.58
C GLY S 53 23.58 -72.97 -24.15
N ILE S 54 23.47 -71.65 -24.23
CA ILE S 54 22.23 -70.98 -23.88
C ILE S 54 21.28 -71.10 -25.08
N ARG S 55 20.12 -71.71 -24.83
CA ARG S 55 19.23 -72.10 -25.91
C ARG S 55 18.03 -71.17 -26.02
N ARG S 56 17.92 -70.21 -25.11
CA ARG S 56 16.88 -69.20 -25.22
C ARG S 56 17.46 -67.80 -25.25
N ILE S 57 17.08 -67.06 -26.27
CA ILE S 57 17.58 -65.71 -26.46
C ILE S 57 16.43 -64.72 -26.61
N GLY S 58 16.53 -63.58 -25.92
CA GLY S 58 15.64 -62.47 -26.17
C GLY S 58 16.46 -61.26 -26.59
N VAL S 59 16.00 -60.52 -27.61
CA VAL S 59 16.74 -59.35 -28.07
C VAL S 59 15.83 -58.13 -28.07
N ALA S 60 16.11 -57.20 -27.16
CA ALA S 60 15.34 -55.96 -27.04
C ALA S 60 15.95 -54.88 -27.92
N THR S 61 15.17 -54.34 -28.84
CA THR S 61 15.68 -53.30 -29.72
C THR S 61 14.93 -52.00 -29.48
N GLN S 62 15.37 -50.91 -30.10
CA GLN S 62 14.66 -49.64 -29.94
C GLN S 62 14.80 -48.72 -31.16
N TYR S 63 15.85 -47.92 -31.19
CA TYR S 63 15.98 -46.91 -32.23
C TYR S 63 16.55 -47.47 -33.54
N LYS S 64 15.95 -47.06 -34.65
CA LYS S 64 16.45 -47.36 -35.99
C LYS S 64 16.65 -48.86 -36.20
N ALA S 65 15.67 -49.64 -35.76
CA ALA S 65 15.89 -51.07 -35.58
C ALA S 65 15.42 -51.93 -36.76
N HIS S 66 14.94 -51.33 -37.84
CA HIS S 66 14.37 -52.17 -38.91
C HIS S 66 15.37 -53.15 -39.52
N SER S 67 16.55 -52.67 -39.89
CA SER S 67 17.51 -53.54 -40.55
C SER S 67 18.05 -54.58 -39.58
N LEU S 68 18.12 -54.22 -38.29
CA LEU S 68 18.56 -55.17 -37.26
C LEU S 68 17.57 -56.31 -37.13
N ILE S 69 16.29 -55.96 -37.05
CA ILE S 69 15.26 -56.98 -36.89
C ILE S 69 15.17 -57.86 -38.13
N ARG S 70 15.33 -57.27 -39.30
CA ARG S 70 15.35 -58.06 -40.54
C ARG S 70 16.51 -59.05 -40.51
N HIS S 71 17.69 -58.57 -40.13
CA HIS S 71 18.87 -59.43 -39.97
C HIS S 71 18.57 -60.61 -39.02
N LEU S 72 17.97 -60.32 -37.88
CA LEU S 72 17.65 -61.35 -36.91
C LEU S 72 16.61 -62.34 -37.45
N GLN S 73 15.64 -61.82 -38.19
CA GLN S 73 14.59 -62.66 -38.77
C GLN S 73 15.16 -63.62 -39.80
N ARG S 74 16.17 -63.19 -40.55
CA ARG S 74 16.72 -64.01 -41.62
C ARG S 74 17.90 -64.87 -41.19
N GLY S 75 18.71 -64.36 -40.26
CA GLY S 75 19.90 -65.09 -39.83
C GLY S 75 19.73 -65.98 -38.62
N TRP S 76 18.88 -65.57 -37.69
CA TRP S 76 18.73 -66.30 -36.44
C TRP S 76 17.35 -66.96 -36.34
N ASP S 77 17.05 -67.78 -37.35
CA ASP S 77 15.73 -68.34 -37.58
C ASP S 77 15.61 -69.83 -37.28
N PHE S 78 16.64 -70.40 -36.68
CA PHE S 78 16.74 -71.85 -36.58
C PHE S 78 16.40 -72.41 -35.18
N PHE S 79 15.86 -71.58 -34.29
CA PHE S 79 15.47 -72.01 -32.94
C PHE S 79 14.05 -72.58 -32.92
N ARG S 80 13.86 -73.78 -32.38
CA ARG S 80 12.52 -74.37 -32.32
C ARG S 80 12.04 -74.59 -30.88
N PRO S 81 10.88 -74.01 -30.52
CA PRO S 81 10.31 -74.06 -29.17
C PRO S 81 10.06 -75.47 -28.63
N GLU S 82 9.70 -76.43 -29.46
CA GLU S 82 9.40 -77.74 -28.89
C GLU S 82 10.72 -78.46 -28.59
N ARG S 83 11.86 -77.88 -28.99
CA ARG S 83 13.16 -78.37 -28.56
C ARG S 83 13.73 -77.56 -27.39
N ASN S 84 12.86 -76.81 -26.72
CA ASN S 84 13.24 -75.90 -25.63
C ASN S 84 14.27 -74.85 -26.00
N GLU S 85 14.20 -74.40 -27.25
CA GLU S 85 15.00 -73.30 -27.76
C GLU S 85 14.01 -72.20 -28.07
N SER S 86 14.46 -70.96 -28.09
CA SER S 86 13.58 -69.87 -28.47
C SER S 86 14.40 -68.64 -28.81
N PHE S 87 13.87 -67.85 -29.73
CA PHE S 87 14.56 -66.64 -30.10
C PHE S 87 13.51 -65.54 -30.28
N ASP S 88 13.46 -64.62 -29.33
CA ASP S 88 12.44 -63.58 -29.36
C ASP S 88 13.01 -62.24 -29.76
N ILE S 89 12.39 -61.61 -30.76
CA ILE S 89 12.75 -60.27 -31.18
C ILE S 89 11.72 -59.33 -30.59
N LEU S 90 12.15 -58.43 -29.72
CA LEU S 90 11.25 -57.66 -28.87
C LEU S 90 11.41 -56.15 -29.03
N PRO S 91 10.81 -55.60 -30.10
CA PRO S 91 10.87 -54.18 -30.42
C PRO S 91 9.89 -53.39 -29.57
N ARG S 95 5.58 -56.04 -31.57
CA ARG S 95 6.75 -55.82 -32.43
C ARG S 95 6.49 -54.67 -33.39
N THR S 99 3.71 -44.71 -28.27
CA THR S 99 3.30 -44.35 -26.91
C THR S 99 4.39 -44.67 -25.88
N GLN S 100 4.25 -45.83 -25.27
CA GLN S 100 5.25 -46.35 -24.36
C GLN S 100 6.62 -46.35 -25.05
N TYR S 102 10.98 -48.26 -24.63
CA TYR S 102 11.47 -48.57 -23.29
C TYR S 102 11.95 -47.29 -22.62
N GLU S 103 12.00 -47.31 -21.29
CA GLU S 103 12.50 -46.18 -20.54
C GLU S 103 13.93 -46.40 -20.08
N GLY S 104 14.49 -47.51 -20.49
CA GLY S 104 15.84 -47.86 -20.09
C GLY S 104 16.07 -49.33 -20.33
N THR S 105 17.25 -49.80 -19.98
CA THR S 105 17.61 -51.18 -20.23
C THR S 105 16.92 -52.07 -19.21
N ALA S 106 16.52 -51.47 -18.10
CA ALA S 106 15.73 -52.19 -17.11
C ALA S 106 14.29 -52.34 -17.60
N ASP S 107 13.77 -51.28 -18.21
CA ASP S 107 12.43 -51.31 -18.73
C ASP S 107 12.36 -52.26 -19.90
N ALA S 108 13.50 -52.51 -20.55
CA ALA S 108 13.57 -53.46 -21.65
C ALA S 108 13.35 -54.88 -21.18
N VAL S 109 13.70 -55.15 -19.93
CA VAL S 109 13.38 -56.43 -19.30
C VAL S 109 11.99 -56.42 -18.64
N TYR S 110 11.63 -55.30 -18.02
CA TYR S 110 10.35 -55.19 -17.32
C TYR S 110 9.15 -55.32 -18.25
N GLN S 111 9.22 -54.68 -19.41
CA GLN S 111 8.13 -54.71 -20.37
C GLN S 111 7.94 -56.10 -21.01
N ASN S 112 8.80 -57.04 -20.65
CA ASN S 112 8.81 -58.34 -21.31
C ASN S 112 8.83 -59.51 -20.33
N ILE S 113 8.36 -59.29 -19.12
CA ILE S 113 8.31 -60.35 -18.11
C ILE S 113 7.35 -61.45 -18.56
N ASP S 114 6.33 -61.08 -19.32
CA ASP S 114 5.33 -62.04 -19.77
C ASP S 114 5.81 -62.93 -20.90
N ILE S 115 6.97 -62.60 -21.47
CA ILE S 115 7.60 -63.45 -22.47
C ILE S 115 8.57 -64.40 -21.77
N ILE S 116 9.23 -63.88 -20.74
CA ILE S 116 10.29 -64.56 -20.04
C ILE S 116 9.80 -65.62 -19.06
N GLU S 117 8.89 -65.24 -18.18
CA GLU S 117 8.46 -66.13 -17.11
C GLU S 117 7.79 -67.43 -17.59
N PRO S 118 6.94 -67.39 -18.63
CA PRO S 118 6.48 -68.63 -19.27
C PRO S 118 7.61 -69.60 -19.50
N TYR S 119 8.76 -69.07 -19.90
CA TYR S 119 9.95 -69.88 -20.11
C TYR S 119 10.57 -70.40 -18.81
N ALA S 120 10.26 -69.76 -17.69
CA ALA S 120 10.79 -70.17 -16.38
C ALA S 120 12.29 -70.48 -16.35
N PRO S 121 13.14 -69.64 -16.99
CA PRO S 121 14.56 -69.99 -16.88
C PRO S 121 15.11 -69.69 -15.49
N GLU S 122 16.08 -70.45 -15.02
CA GLU S 122 16.66 -70.22 -13.70
C GLU S 122 17.49 -68.95 -13.66
N TYR S 123 18.27 -68.72 -14.72
CA TYR S 123 19.22 -67.61 -14.73
C TYR S 123 19.00 -66.71 -15.93
N MET S 124 19.28 -65.43 -15.74
CA MET S 124 19.25 -64.48 -16.82
C MET S 124 20.65 -63.93 -17.07
N VAL S 125 21.12 -64.05 -18.30
CA VAL S 125 22.37 -63.44 -18.73
C VAL S 125 22.03 -62.19 -19.54
N ILE S 126 22.20 -61.03 -18.92
CA ILE S 126 21.89 -59.76 -19.57
C ILE S 126 23.08 -59.24 -20.35
N LEU S 127 22.99 -59.19 -21.67
CA LEU S 127 24.12 -58.84 -22.53
C LEU S 127 23.92 -57.53 -23.29
N ALA S 128 25.02 -56.80 -23.49
CA ALA S 128 25.03 -55.68 -24.41
C ALA S 128 25.34 -56.21 -25.80
N GLY S 129 24.60 -55.77 -26.80
CA GLY S 129 24.77 -56.30 -28.15
C GLY S 129 25.61 -55.45 -29.09
N ASP S 130 26.45 -54.58 -28.53
CA ASP S 130 27.18 -53.63 -29.36
C ASP S 130 28.69 -53.74 -29.20
N HIS S 131 29.18 -54.86 -28.67
CA HIS S 131 30.62 -55.07 -28.55
C HIS S 131 31.06 -56.33 -29.28
N ILE S 132 32.31 -56.35 -29.72
CA ILE S 132 32.88 -57.50 -30.40
C ILE S 132 33.80 -58.23 -29.46
N TYR S 133 33.49 -59.49 -29.17
CA TYR S 133 34.23 -60.29 -28.21
C TYR S 133 33.72 -61.73 -28.20
N LYS S 134 34.52 -62.64 -27.65
CA LYS S 134 34.18 -64.05 -27.55
C LYS S 134 34.34 -64.54 -26.12
N MET S 135 33.24 -65.01 -25.54
CA MET S 135 33.17 -65.29 -24.12
C MET S 135 32.23 -66.45 -23.83
N ASP S 136 32.73 -67.43 -23.09
CA ASP S 136 31.95 -68.60 -22.70
C ASP S 136 31.19 -68.28 -21.40
N TYR S 137 29.88 -68.13 -21.49
CA TYR S 137 29.11 -67.63 -20.36
C TYR S 137 28.90 -68.65 -19.23
N GLU S 138 29.31 -69.90 -19.45
CA GLU S 138 29.11 -70.94 -18.44
C GLU S 138 29.96 -70.68 -17.20
N TYR S 139 31.14 -70.10 -17.40
CA TYR S 139 31.99 -69.72 -16.28
C TYR S 139 31.30 -68.69 -15.39
N MET S 140 30.75 -67.65 -16.01
CA MET S 140 30.01 -66.63 -15.28
C MET S 140 28.84 -67.23 -14.52
N LEU S 141 28.13 -68.14 -15.18
CA LEU S 141 27.00 -68.82 -14.56
C LEU S 141 27.45 -69.58 -13.32
N GLN S 142 28.52 -70.36 -13.43
CA GLN S 142 28.97 -71.19 -12.31
C GLN S 142 29.91 -70.45 -11.34
N GLN S 143 29.86 -69.12 -11.40
CA GLN S 143 30.51 -68.28 -10.41
C GLN S 143 29.41 -67.51 -9.68
N HIS S 144 28.31 -67.27 -10.36
CA HIS S 144 27.19 -66.53 -9.76
C HIS S 144 26.44 -67.36 -8.71
N VAL S 145 26.17 -68.63 -9.00
CA VAL S 145 25.49 -69.48 -8.03
C VAL S 145 26.49 -69.92 -6.95
N ASP S 146 27.75 -70.08 -7.33
CA ASP S 146 28.78 -70.46 -6.36
C ASP S 146 29.00 -69.35 -5.34
N SER S 147 29.16 -68.13 -5.85
CA SER S 147 29.40 -66.98 -4.97
C SER S 147 28.13 -66.61 -4.20
N GLY S 148 26.99 -67.01 -4.73
CA GLY S 148 25.72 -66.68 -4.11
C GLY S 148 25.44 -65.20 -4.15
N ALA S 149 25.89 -64.52 -5.20
CA ALA S 149 25.70 -63.08 -5.27
C ALA S 149 24.36 -62.74 -5.92
N ASP S 150 23.92 -61.49 -5.77
CA ASP S 150 22.64 -61.06 -6.35
C ASP S 150 22.80 -60.66 -7.81
N VAL S 151 23.97 -60.14 -8.18
CA VAL S 151 24.29 -59.91 -9.58
C VAL S 151 25.78 -60.03 -9.82
N THR S 152 26.14 -60.82 -10.82
CA THR S 152 27.51 -61.04 -11.24
C THR S 152 27.81 -60.21 -12.47
N ILE S 153 28.80 -59.31 -12.37
CA ILE S 153 29.05 -58.37 -13.44
C ILE S 153 30.36 -58.65 -14.16
N GLY S 154 30.28 -58.79 -15.48
CA GLY S 154 31.46 -59.02 -16.29
C GLY S 154 32.30 -57.77 -16.42
N CYS S 155 33.59 -57.91 -16.12
CA CYS S 155 34.49 -56.78 -16.08
C CYS S 155 35.78 -57.02 -16.87
N LEU S 156 36.21 -56.00 -17.60
CA LEU S 156 37.54 -55.97 -18.23
C LEU S 156 38.61 -55.52 -17.24
N GLU S 157 39.76 -56.20 -17.24
CA GLU S 157 40.90 -55.74 -16.47
C GLU S 157 41.78 -54.87 -17.35
N VAL S 158 41.73 -53.56 -17.11
CA VAL S 158 42.29 -52.54 -18.00
C VAL S 158 43.21 -51.56 -17.29
N PRO S 159 44.17 -50.97 -18.03
CA PRO S 159 45.06 -49.99 -17.41
C PRO S 159 44.24 -48.85 -16.85
N ARG S 160 44.63 -48.33 -15.70
CA ARG S 160 43.84 -47.28 -15.05
C ARG S 160 43.60 -46.11 -15.98
N MET S 161 44.65 -45.68 -16.68
CA MET S 161 44.53 -44.58 -17.61
C MET S 161 43.49 -44.85 -18.69
N GLU S 162 43.34 -46.11 -19.03
CA GLU S 162 42.41 -46.51 -20.06
C GLU S 162 41.03 -46.80 -19.46
N ALA S 163 40.96 -46.88 -18.14
CA ALA S 163 39.70 -47.17 -17.48
C ALA S 163 38.86 -45.91 -17.33
N THR S 164 39.40 -44.75 -17.71
CA THR S 164 38.77 -43.47 -17.41
C THR S 164 37.56 -43.19 -18.30
N GLY S 165 37.40 -44.01 -19.33
CA GLY S 165 36.31 -43.89 -20.26
C GLY S 165 35.29 -44.99 -20.09
N PHE S 166 35.44 -45.79 -19.02
CA PHE S 166 34.49 -46.84 -18.68
C PHE S 166 33.68 -46.53 -17.42
N GLY S 167 32.59 -47.27 -17.22
CA GLY S 167 31.93 -47.26 -15.93
C GLY S 167 32.74 -48.25 -15.12
N VAL S 168 33.31 -47.81 -14.00
CA VAL S 168 34.30 -48.64 -13.31
C VAL S 168 33.71 -49.30 -12.06
N MET S 169 34.03 -50.56 -11.85
CA MET S 169 33.62 -51.22 -10.62
C MET S 169 34.75 -51.15 -9.61
N HIS S 170 34.45 -50.64 -8.43
CA HIS S 170 35.40 -50.63 -7.33
C HIS S 170 35.21 -51.89 -6.49
N VAL S 171 36.31 -52.58 -6.25
CA VAL S 171 36.28 -53.96 -5.77
C VAL S 171 37.17 -54.21 -4.55
N ASN S 172 36.86 -55.25 -3.78
CA ASN S 172 37.73 -55.61 -2.66
C ASN S 172 38.65 -56.79 -2.96
N GLU S 173 39.21 -57.39 -1.92
CA GLU S 173 40.11 -58.52 -2.08
C GLU S 173 39.38 -59.75 -2.60
N LYS S 174 38.06 -59.71 -2.52
CA LYS S 174 37.25 -60.88 -2.79
C LYS S 174 36.37 -60.61 -4.02
N ASP S 175 36.82 -59.64 -4.81
CA ASP S 175 36.16 -59.19 -6.03
C ASP S 175 34.69 -58.76 -5.82
N GLU S 176 34.33 -58.34 -4.62
CA GLU S 176 33.02 -57.75 -4.45
C GLU S 176 33.01 -56.28 -4.83
N ILE S 177 31.96 -55.84 -5.51
CA ILE S 177 31.81 -54.42 -5.77
C ILE S 177 31.35 -53.71 -4.53
N ILE S 178 32.16 -52.74 -4.12
CA ILE S 178 31.82 -51.91 -3.01
C ILE S 178 31.41 -50.54 -3.54
N ASP S 179 31.68 -50.28 -4.82
CA ASP S 179 31.24 -49.02 -5.41
C ASP S 179 31.24 -49.06 -6.93
N PHE S 180 30.47 -48.16 -7.54
CA PHE S 180 30.47 -48.05 -8.98
C PHE S 180 30.50 -46.58 -9.37
N ILE S 181 31.51 -46.16 -10.12
CA ILE S 181 31.59 -44.78 -10.58
C ILE S 181 31.59 -44.70 -12.10
N GLU S 182 30.75 -43.81 -12.63
CA GLU S 182 30.72 -43.52 -14.04
C GLU S 182 31.92 -42.65 -14.44
N LYS S 183 32.81 -43.22 -15.25
CA LYS S 183 33.96 -42.52 -15.83
C LYS S 183 34.81 -41.72 -14.84
N PRO S 184 35.48 -42.42 -13.91
CA PRO S 184 36.31 -41.72 -12.92
C PRO S 184 37.58 -41.11 -13.53
N ALA S 185 37.91 -39.88 -13.14
CA ALA S 185 39.14 -39.23 -13.60
C ALA S 185 40.37 -40.02 -13.15
N ASP S 186 40.29 -40.58 -11.96
CA ASP S 186 41.33 -41.49 -11.48
C ASP S 186 40.65 -42.74 -10.97
N PRO S 187 40.55 -43.77 -11.83
CA PRO S 187 39.85 -45.02 -11.54
C PRO S 187 40.46 -45.78 -10.36
N PRO S 188 39.65 -46.15 -9.36
CA PRO S 188 40.12 -47.00 -8.25
C PRO S 188 40.68 -48.30 -8.78
N GLY S 189 41.91 -48.64 -8.38
CA GLY S 189 42.58 -49.80 -8.93
C GLY S 189 42.31 -51.06 -8.13
N ILE S 190 42.72 -52.19 -8.65
CA ILE S 190 42.42 -53.46 -8.00
C ILE S 190 43.29 -53.67 -6.76
N PRO S 191 42.70 -54.03 -5.62
CA PRO S 191 43.47 -54.29 -4.41
C PRO S 191 44.59 -55.29 -4.63
N GLY S 192 45.83 -54.82 -4.52
CA GLY S 192 47.00 -55.65 -4.69
C GLY S 192 47.48 -55.65 -6.12
N ASN S 193 46.72 -54.97 -6.99
CA ASN S 193 47.05 -54.88 -8.40
C ASN S 193 46.62 -53.52 -8.95
N GLU S 194 47.13 -52.45 -8.35
CA GLU S 194 46.82 -51.10 -8.81
C GLU S 194 47.40 -50.93 -10.21
N GLY S 195 47.03 -49.87 -10.88
CA GLY S 195 47.45 -49.73 -12.27
C GLY S 195 46.43 -50.37 -13.17
N PHE S 196 45.65 -51.29 -12.61
CA PHE S 196 44.54 -51.88 -13.33
C PHE S 196 43.21 -51.62 -12.62
N ALA S 197 42.19 -51.27 -13.41
CA ALA S 197 40.84 -51.08 -12.90
C ALA S 197 39.90 -52.08 -13.58
N LEU S 198 38.82 -52.45 -12.90
CA LEU S 198 37.82 -53.33 -13.50
C LEU S 198 36.82 -52.53 -14.30
N ALA S 199 36.90 -52.65 -15.62
CA ALA S 199 35.99 -51.98 -16.54
C ALA S 199 34.78 -52.87 -16.80
N SER S 200 33.59 -52.39 -16.47
CA SER S 200 32.39 -53.19 -16.64
C SER S 200 31.96 -53.27 -18.10
N MET S 201 31.58 -54.48 -18.52
CA MET S 201 31.22 -54.75 -19.89
C MET S 201 29.72 -54.64 -20.20
N GLY S 202 28.91 -54.36 -19.19
CA GLY S 202 27.47 -54.36 -19.40
C GLY S 202 26.94 -55.78 -19.56
N ILE S 203 27.57 -56.71 -18.87
CA ILE S 203 27.17 -58.11 -18.84
C ILE S 203 26.79 -58.48 -17.40
N TYR S 204 25.56 -58.91 -17.17
CA TYR S 204 25.14 -59.21 -15.80
C TYR S 204 24.41 -60.53 -15.72
N VAL S 205 24.77 -61.36 -14.75
CA VAL S 205 24.07 -62.61 -14.51
C VAL S 205 23.18 -62.46 -13.29
N PHE S 206 21.92 -62.87 -13.42
CA PHE S 206 20.95 -62.86 -12.33
C PHE S 206 20.31 -64.23 -12.14
N HIS S 207 19.82 -64.48 -10.93
CA HIS S 207 18.77 -65.46 -10.74
C HIS S 207 17.52 -64.82 -11.28
N THR S 208 16.72 -65.56 -12.05
CA THR S 208 15.57 -64.95 -12.69
C THR S 208 14.60 -64.41 -11.66
N LYS S 209 14.48 -65.09 -10.53
CA LYS S 209 13.57 -64.63 -9.49
C LYS S 209 13.98 -63.27 -8.99
N PHE S 210 15.26 -63.10 -8.66
CA PHE S 210 15.72 -61.84 -8.10
C PHE S 210 15.56 -60.73 -9.14
N LEU S 211 15.76 -61.05 -10.41
CA LEU S 211 15.71 -60.03 -11.45
C LEU S 211 14.30 -59.49 -11.68
N MET S 212 13.30 -60.34 -11.69
CA MET S 212 11.92 -59.85 -11.79
C MET S 212 11.60 -58.99 -10.58
N GLU S 213 12.05 -59.43 -9.40
CA GLU S 213 11.91 -58.65 -8.17
C GLU S 213 12.60 -57.30 -8.32
N ALA S 214 13.92 -57.34 -8.47
CA ALA S 214 14.77 -56.15 -8.58
C ALA S 214 14.24 -55.13 -9.58
N LEU S 215 13.60 -55.65 -10.60
CA LEU S 215 13.24 -54.83 -11.73
C LEU S 215 11.78 -54.38 -11.74
N ARG S 216 10.92 -55.12 -11.07
CA ARG S 216 9.59 -54.61 -10.77
C ARG S 216 9.72 -53.44 -9.80
N ARG S 217 10.59 -53.63 -8.80
CA ARG S 217 10.95 -52.57 -7.88
C ARG S 217 11.38 -51.29 -8.60
N ASP S 218 12.30 -51.44 -9.55
CA ASP S 218 12.81 -50.32 -10.32
C ASP S 218 11.70 -49.60 -11.07
N ALA S 219 10.66 -50.32 -11.43
CA ALA S 219 9.55 -49.74 -12.15
C ALA S 219 8.67 -48.91 -11.22
N ALA S 220 8.70 -49.27 -9.94
CA ALA S 220 7.93 -48.56 -8.90
C ALA S 220 8.73 -47.46 -8.20
N ASP S 221 10.04 -47.54 -8.32
CA ASP S 221 10.92 -46.52 -7.73
C ASP S 221 10.95 -45.28 -8.60
N PRO S 222 10.40 -44.17 -8.09
CA PRO S 222 10.21 -43.01 -8.96
C PRO S 222 11.50 -42.23 -9.22
N THR S 223 12.55 -42.46 -8.42
CA THR S 223 13.82 -41.74 -8.61
C THR S 223 14.74 -42.47 -9.59
N SER S 224 14.19 -43.48 -10.24
CA SER S 224 14.99 -44.32 -11.12
C SER S 224 14.91 -43.89 -12.59
N SER S 225 16.05 -43.91 -13.26
CA SER S 225 16.12 -43.69 -14.70
C SER S 225 15.87 -45.00 -15.47
N ARG S 226 15.60 -46.06 -14.72
CA ARG S 226 15.24 -47.38 -15.26
C ARG S 226 16.33 -47.99 -16.14
N ASP S 227 17.58 -47.77 -15.77
CA ASP S 227 18.71 -48.39 -16.47
C ASP S 227 19.38 -49.41 -15.56
N PHE S 228 19.97 -50.43 -16.15
CA PHE S 228 20.70 -51.43 -15.39
C PHE S 228 21.95 -50.83 -14.77
N GLY S 229 22.66 -50.03 -15.56
CA GLY S 229 23.94 -49.50 -15.15
C GLY S 229 23.80 -48.39 -14.13
N LYS S 230 22.88 -47.47 -14.39
CA LYS S 230 22.70 -46.31 -13.51
C LYS S 230 21.84 -46.64 -12.28
N ASP S 231 20.82 -47.48 -12.45
CA ASP S 231 19.83 -47.68 -11.41
C ASP S 231 19.91 -49.03 -10.70
N ILE S 232 19.66 -50.10 -11.43
CA ILE S 232 19.56 -51.42 -10.80
C ILE S 232 20.86 -51.83 -10.13
N ILE S 233 21.95 -51.80 -10.88
CA ILE S 233 23.24 -52.28 -10.37
C ILE S 233 23.79 -51.47 -9.18
N PRO S 234 23.79 -50.12 -9.24
CA PRO S 234 24.28 -49.41 -8.08
C PRO S 234 23.45 -49.67 -6.82
N TYR S 235 22.15 -49.90 -7.02
CA TYR S 235 21.29 -50.31 -5.91
C TYR S 235 21.89 -51.57 -5.33
N ILE S 236 21.94 -52.66 -6.10
CA ILE S 236 22.36 -53.92 -5.48
C ILE S 236 23.79 -53.87 -4.92
N VAL S 237 24.60 -52.96 -5.45
CA VAL S 237 25.97 -52.78 -4.96
C VAL S 237 26.02 -52.28 -3.49
N GLU S 238 25.13 -51.38 -3.12
CA GLU S 238 25.20 -50.62 -1.87
C GLU S 238 24.31 -51.24 -0.80
N HIS S 239 23.36 -51.98 -1.36
CA HIS S 239 22.12 -52.41 -0.75
C HIS S 239 22.08 -53.92 -0.64
N GLY S 240 23.07 -54.60 -1.24
CA GLY S 240 23.15 -56.06 -1.29
C GLY S 240 24.52 -56.55 -1.71
N LYS S 241 24.58 -57.62 -2.49
CA LYS S 241 25.86 -58.27 -2.80
C LYS S 241 26.15 -58.41 -4.29
N ALA S 242 27.17 -57.69 -4.76
CA ALA S 242 27.62 -57.78 -6.15
C ALA S 242 29.08 -58.22 -6.24
N VAL S 243 29.38 -59.12 -7.17
CA VAL S 243 30.74 -59.67 -7.32
C VAL S 243 31.25 -59.58 -8.76
N ALA S 244 32.56 -59.42 -8.93
CA ALA S 244 33.13 -59.22 -10.25
C ALA S 244 33.58 -60.49 -10.93
N HIS S 245 33.21 -60.60 -12.20
CA HIS S 245 33.75 -61.66 -13.04
C HIS S 245 34.70 -61.04 -14.05
N ARG S 246 35.93 -61.52 -14.07
CA ARG S 246 36.94 -61.00 -14.98
C ARG S 246 36.88 -61.67 -16.34
N PHE S 247 36.84 -60.84 -17.38
CA PHE S 247 36.75 -61.29 -18.78
C PHE S 247 37.83 -62.30 -19.14
N ALA S 248 39.04 -62.09 -18.63
CA ALA S 248 40.14 -63.01 -18.90
C ALA S 248 39.79 -64.44 -18.50
N ASP S 249 38.99 -64.61 -17.45
CA ASP S 249 38.64 -65.94 -16.95
C ASP S 249 37.68 -66.68 -17.90
N SER S 250 36.89 -65.92 -18.65
CA SER S 250 35.85 -66.51 -19.51
C SER S 250 36.11 -66.29 -20.98
N CYS S 251 37.08 -65.46 -21.30
CA CYS S 251 37.36 -65.15 -22.69
C CYS S 251 37.70 -66.41 -23.46
N VAL S 252 37.20 -66.50 -24.67
CA VAL S 252 37.53 -67.61 -25.55
C VAL S 252 38.64 -67.16 -26.50
N ARG S 253 39.88 -67.44 -26.12
CA ARG S 253 41.04 -67.00 -26.89
C ARG S 253 41.48 -68.09 -27.87
N SER S 254 41.59 -67.74 -29.15
CA SER S 254 42.08 -68.68 -30.15
C SER S 254 43.60 -68.87 -29.98
N ASP S 255 44.16 -69.90 -30.63
CA ASP S 255 45.61 -70.11 -30.57
C ASP S 255 46.36 -68.99 -31.28
N PHE S 256 45.66 -68.25 -32.13
CA PHE S 256 46.29 -67.19 -32.92
C PHE S 256 45.94 -65.78 -32.43
N GLU S 257 45.30 -65.70 -31.26
CA GLU S 257 45.06 -64.42 -30.62
C GLU S 257 46.01 -64.24 -29.43
N HIS S 258 46.84 -63.22 -29.47
CA HIS S 258 47.85 -63.04 -28.43
C HIS S 258 47.26 -62.60 -27.09
N GLU S 259 46.12 -61.92 -27.14
CA GLU S 259 45.47 -61.36 -25.95
C GLU S 259 43.96 -61.50 -26.04
N PRO S 260 43.27 -61.45 -24.89
CA PRO S 260 41.80 -61.40 -24.89
C PRO S 260 41.28 -60.23 -25.70
N TYR S 261 40.42 -60.52 -26.66
CA TYR S 261 39.92 -59.52 -27.60
C TYR S 261 38.56 -58.98 -27.18
N TRP S 262 38.46 -57.67 -27.10
CA TRP S 262 37.19 -57.00 -26.86
C TRP S 262 37.26 -55.61 -27.50
N ARG S 263 36.26 -55.28 -28.30
CA ARG S 263 36.22 -53.97 -28.95
C ARG S 263 34.87 -53.29 -28.87
N ASP S 264 34.91 -52.01 -28.56
CA ASP S 264 33.71 -51.20 -28.43
C ASP S 264 33.31 -50.62 -29.77
N VAL S 265 34.29 -50.44 -30.65
CA VAL S 265 34.18 -49.69 -31.90
C VAL S 265 33.20 -48.51 -31.75
N GLY S 266 33.50 -47.65 -30.77
CA GLY S 266 32.62 -46.56 -30.40
C GLY S 266 32.82 -45.29 -31.18
N THR S 267 33.88 -45.21 -31.98
CA THR S 267 34.14 -44.01 -32.80
C THR S 267 34.44 -44.46 -34.22
N ILE S 268 34.37 -43.55 -35.18
CA ILE S 268 34.64 -43.89 -36.57
C ILE S 268 36.09 -44.36 -36.76
N ASP S 269 37.03 -43.78 -36.03
CA ASP S 269 38.41 -44.26 -36.12
C ASP S 269 38.56 -45.64 -35.52
N ALA S 270 37.83 -45.89 -34.43
CA ALA S 270 37.83 -47.19 -33.77
C ALA S 270 37.25 -48.25 -34.70
N TYR S 271 36.14 -47.92 -35.34
CA TYR S 271 35.51 -48.80 -36.31
C TYR S 271 36.47 -49.14 -37.44
N TRP S 272 37.02 -48.10 -38.04
CA TRP S 272 37.98 -48.25 -39.13
C TRP S 272 39.14 -49.14 -38.73
N GLN S 273 39.74 -48.85 -37.58
CA GLN S 273 40.94 -49.57 -37.13
C GLN S 273 40.67 -51.05 -36.83
N ALA S 274 39.53 -51.34 -36.20
CA ALA S 274 39.19 -52.72 -35.86
C ALA S 274 38.99 -53.58 -37.11
N ASN S 275 38.43 -53.00 -38.16
CA ASN S 275 38.23 -53.73 -39.40
C ASN S 275 39.53 -53.90 -40.17
N ILE S 276 40.27 -52.80 -40.30
CA ILE S 276 41.46 -52.82 -41.14
C ILE S 276 42.54 -53.70 -40.50
N ASP S 277 42.51 -53.85 -39.18
CA ASP S 277 43.46 -54.71 -38.49
C ASP S 277 43.31 -56.18 -38.89
N LEU S 278 42.14 -56.55 -39.41
CA LEU S 278 41.95 -57.90 -39.92
C LEU S 278 42.77 -58.18 -41.18
N THR S 279 43.31 -57.14 -41.81
CA THR S 279 44.21 -57.34 -42.94
C THR S 279 45.65 -57.62 -42.51
N ASP S 280 45.94 -57.56 -41.21
CA ASP S 280 47.29 -57.86 -40.72
C ASP S 280 47.70 -59.29 -41.02
N VAL S 281 49.01 -59.57 -41.05
CA VAL S 281 49.49 -60.95 -41.21
C VAL S 281 49.04 -61.81 -40.03
N VAL S 282 49.19 -61.27 -38.82
CA VAL S 282 48.66 -61.89 -37.61
C VAL S 282 47.71 -60.92 -36.95
N PRO S 283 46.40 -61.09 -37.18
CA PRO S 283 45.42 -60.17 -36.62
C PRO S 283 45.16 -60.40 -35.13
N ASP S 284 44.69 -59.36 -34.43
CA ASP S 284 44.36 -59.49 -33.02
C ASP S 284 43.11 -60.36 -32.81
N LEU S 285 42.27 -60.41 -33.85
CA LEU S 285 41.07 -61.25 -33.85
C LEU S 285 41.21 -62.31 -34.92
N ASP S 286 41.02 -63.57 -34.52
CA ASP S 286 41.17 -64.69 -35.43
C ASP S 286 39.82 -65.09 -35.99
N ILE S 287 39.54 -64.67 -37.21
CA ILE S 287 38.23 -64.96 -37.80
C ILE S 287 38.21 -66.35 -38.43
N TYR S 288 39.37 -66.99 -38.52
CA TYR S 288 39.46 -68.32 -39.13
C TYR S 288 39.41 -69.43 -38.07
N ASP S 289 39.03 -69.06 -36.84
CA ASP S 289 38.82 -70.02 -35.77
C ASP S 289 37.49 -70.73 -35.96
N LYS S 290 37.47 -72.03 -35.67
CA LYS S 290 36.28 -72.85 -35.85
C LYS S 290 35.82 -73.47 -34.54
N SER S 291 36.56 -73.23 -33.46
CA SER S 291 36.19 -73.80 -32.17
C SER S 291 35.27 -72.87 -31.37
N TRP S 292 35.11 -71.63 -31.81
CA TRP S 292 34.09 -70.74 -31.26
C TRP S 292 33.54 -69.89 -32.38
N PRO S 293 32.75 -70.51 -33.26
CA PRO S 293 32.39 -69.88 -34.53
C PRO S 293 31.35 -68.79 -34.37
N ILE S 294 31.42 -67.78 -35.22
CA ILE S 294 30.44 -66.71 -35.23
C ILE S 294 29.44 -66.97 -36.36
N TRP S 295 28.19 -67.23 -35.99
CA TRP S 295 27.12 -67.41 -36.96
C TRP S 295 26.62 -66.03 -37.41
N THR S 296 26.19 -65.93 -38.67
CA THR S 296 25.59 -64.68 -39.14
C THR S 296 24.59 -64.97 -40.27
N TYR S 297 23.94 -63.93 -40.78
CA TYR S 297 23.15 -64.10 -41.99
C TYR S 297 24.07 -64.06 -43.20
N ALA S 298 24.09 -65.14 -43.97
CA ALA S 298 24.92 -65.23 -45.15
C ALA S 298 24.14 -65.87 -46.30
N GLU S 299 24.33 -65.34 -47.50
CA GLU S 299 23.69 -65.92 -48.65
C GLU S 299 24.71 -66.62 -49.52
N ILE S 300 24.28 -67.62 -50.26
CA ILE S 300 25.15 -68.25 -51.23
C ILE S 300 25.54 -67.19 -52.26
N THR S 301 26.83 -67.00 -52.47
CA THR S 301 27.28 -66.00 -53.42
C THR S 301 28.28 -66.62 -54.38
N PRO S 302 28.49 -65.98 -55.52
CA PRO S 302 29.63 -66.35 -56.36
C PRO S 302 30.95 -66.03 -55.67
N PRO S 303 32.05 -66.67 -56.10
CA PRO S 303 33.36 -66.39 -55.49
C PRO S 303 33.84 -64.98 -55.81
N ALA S 304 34.99 -64.59 -55.27
CA ALA S 304 35.59 -63.30 -55.62
C ALA S 304 36.32 -63.43 -56.96
N LYS S 305 36.30 -62.38 -57.75
CA LYS S 305 36.89 -62.42 -59.10
C LYS S 305 37.82 -61.25 -59.30
N PHE S 306 38.97 -61.52 -59.91
CA PHE S 306 39.99 -60.51 -60.16
C PHE S 306 40.30 -60.53 -61.64
N VAL S 307 40.22 -59.38 -62.28
CA VAL S 307 40.36 -59.41 -63.72
C VAL S 307 41.15 -58.22 -64.25
N HIS S 308 41.74 -58.42 -65.42
CA HIS S 308 42.61 -57.48 -66.14
C HIS S 308 44.03 -57.57 -65.62
N ASP S 309 44.95 -57.49 -66.56
CA ASP S 309 46.34 -57.81 -66.34
C ASP S 309 47.14 -57.18 -67.48
N ASP S 310 46.87 -55.92 -67.79
CA ASP S 310 47.61 -55.26 -68.86
C ASP S 310 48.50 -54.16 -68.31
N GLU S 311 49.01 -53.35 -69.22
CA GLU S 311 49.94 -52.29 -68.85
C GLU S 311 49.25 -51.23 -68.00
N ASP S 312 47.98 -51.00 -68.29
CA ASP S 312 47.26 -49.88 -67.70
C ASP S 312 46.47 -50.25 -66.46
N ARG S 313 46.05 -51.50 -66.37
CA ARG S 313 45.13 -51.93 -65.32
C ARG S 313 45.30 -53.38 -64.90
N ARG S 314 45.36 -53.60 -63.59
CA ARG S 314 45.44 -54.94 -63.04
C ARG S 314 44.51 -55.05 -61.85
N GLY S 315 43.55 -55.96 -61.94
CA GLY S 315 42.64 -56.18 -60.82
C GLY S 315 43.34 -57.07 -59.83
N SER S 316 43.67 -56.55 -58.66
CA SER S 316 44.35 -57.35 -57.66
C SER S 316 44.16 -56.80 -56.28
N ALA S 317 44.30 -57.68 -55.29
CA ALA S 317 44.22 -57.29 -53.90
C ALA S 317 45.48 -57.74 -53.20
N VAL S 318 46.14 -56.78 -52.57
CA VAL S 318 47.34 -57.03 -51.79
C VAL S 318 47.07 -56.67 -50.34
N SER S 319 47.49 -57.53 -49.40
CA SER S 319 47.32 -57.27 -47.98
C SER S 319 45.89 -56.90 -47.68
N SER S 320 44.96 -57.64 -48.25
CA SER S 320 43.55 -57.30 -48.20
C SER S 320 42.66 -58.50 -47.91
N VAL S 321 41.42 -58.22 -47.54
CA VAL S 321 40.41 -59.25 -47.34
C VAL S 321 39.21 -58.93 -48.24
N VAL S 322 38.73 -59.93 -48.97
CA VAL S 322 37.73 -59.70 -50.01
C VAL S 322 36.65 -60.77 -49.94
N SER S 323 35.40 -60.35 -49.84
CA SER S 323 34.30 -61.29 -49.65
C SER S 323 33.73 -61.82 -50.95
N GLY S 324 32.69 -62.64 -50.82
CA GLY S 324 32.06 -63.23 -51.97
C GLY S 324 31.34 -62.19 -52.79
N ASP S 325 31.06 -62.53 -54.04
CA ASP S 325 30.32 -61.63 -54.92
C ASP S 325 31.06 -60.30 -55.17
N CYS S 326 32.37 -60.26 -54.91
CA CYS S 326 33.16 -59.09 -55.28
C CYS S 326 33.79 -59.28 -56.65
N ILE S 327 33.73 -58.24 -57.48
CA ILE S 327 34.40 -58.27 -58.78
C ILE S 327 35.38 -57.12 -58.86
N ILE S 328 36.67 -57.47 -58.84
CA ILE S 328 37.75 -56.50 -58.80
C ILE S 328 38.29 -56.35 -60.22
N SER S 329 37.77 -55.36 -60.93
CA SER S 329 38.00 -55.24 -62.36
C SER S 329 39.00 -54.14 -62.67
N GLY S 330 40.25 -54.50 -62.92
CA GLY S 330 41.26 -53.51 -63.25
C GLY S 330 41.57 -52.57 -62.11
N ALA S 331 41.08 -52.92 -60.93
CA ALA S 331 41.21 -52.07 -59.75
C ALA S 331 42.30 -52.59 -58.83
N ALA S 332 43.10 -51.68 -58.26
CA ALA S 332 44.13 -52.06 -57.32
C ALA S 332 43.64 -51.90 -55.90
N LEU S 333 43.70 -52.97 -55.14
CA LEU S 333 43.33 -52.93 -53.74
C LEU S 333 44.55 -53.17 -52.86
N ASN S 334 44.76 -52.30 -51.88
CA ASN S 334 45.86 -52.44 -50.97
C ASN S 334 45.38 -52.15 -49.56
N ARG S 335 45.68 -53.06 -48.63
CA ARG S 335 45.29 -52.91 -47.24
C ARG S 335 43.82 -52.51 -47.11
N SER S 336 42.93 -53.33 -47.64
CA SER S 336 41.53 -52.99 -47.61
C SER S 336 40.68 -54.18 -47.23
N LEU S 337 39.49 -53.89 -46.71
CA LEU S 337 38.54 -54.91 -46.29
C LEU S 337 37.24 -54.69 -47.06
N LEU S 338 36.92 -55.62 -47.94
CA LEU S 338 35.74 -55.54 -48.80
C LEU S 338 34.65 -56.51 -48.37
N PHE S 339 33.47 -55.99 -48.07
CA PHE S 339 32.32 -56.80 -47.73
C PHE S 339 31.70 -57.35 -49.01
N THR S 340 30.65 -58.15 -48.84
CA THR S 340 29.94 -58.81 -49.94
C THR S 340 29.44 -57.89 -51.05
N GLY S 341 29.73 -58.23 -52.30
CA GLY S 341 29.08 -57.58 -53.42
C GLY S 341 29.65 -56.28 -53.93
N VAL S 342 30.94 -56.04 -53.68
CA VAL S 342 31.62 -54.84 -54.17
C VAL S 342 31.99 -54.98 -55.65
N ARG S 343 31.85 -53.89 -56.39
CA ARG S 343 32.27 -53.83 -57.78
C ARG S 343 33.26 -52.70 -57.94
N ALA S 344 34.56 -53.01 -57.92
CA ALA S 344 35.57 -51.99 -58.14
C ALA S 344 35.99 -52.05 -59.58
N ASN S 345 35.97 -50.90 -60.27
CA ASN S 345 36.12 -50.86 -61.71
C ASN S 345 37.47 -50.34 -62.17
N SER S 346 37.72 -50.47 -63.48
CA SER S 346 39.05 -50.25 -64.05
C SER S 346 39.70 -48.92 -63.70
N TYR S 347 40.99 -49.01 -63.39
CA TYR S 347 41.87 -47.87 -63.08
C TYR S 347 41.60 -47.25 -61.72
N SER S 348 40.67 -47.83 -60.96
CA SER S 348 40.43 -47.31 -59.62
C SER S 348 41.46 -47.87 -58.63
N ARG S 349 41.57 -47.24 -57.46
CA ARG S 349 42.50 -47.65 -56.42
C ARG S 349 41.88 -47.50 -55.03
N LEU S 350 42.06 -48.51 -54.17
CA LEU S 350 41.64 -48.41 -52.78
C LEU S 350 42.80 -48.76 -51.86
N GLU S 351 43.13 -47.86 -50.95
CA GLU S 351 44.15 -48.10 -49.93
C GLU S 351 43.58 -47.79 -48.58
N ASN S 352 43.86 -48.64 -47.60
CA ASN S 352 43.41 -48.41 -46.24
C ASN S 352 41.91 -48.16 -46.16
N ALA S 353 41.14 -49.00 -46.84
CA ALA S 353 39.70 -48.78 -46.96
C ALA S 353 38.88 -49.89 -46.31
N VAL S 354 37.82 -49.51 -45.62
CA VAL S 354 36.83 -50.47 -45.16
C VAL S 354 35.59 -50.26 -46.02
N VAL S 355 35.25 -51.25 -46.86
CA VAL S 355 34.22 -51.06 -47.88
C VAL S 355 33.04 -51.98 -47.62
N LEU S 356 31.89 -51.40 -47.30
CA LEU S 356 30.73 -52.16 -46.81
C LEU S 356 29.97 -52.78 -47.98
N PRO S 357 28.94 -53.61 -47.72
CA PRO S 357 28.43 -54.39 -48.87
C PRO S 357 27.83 -53.59 -50.00
N SER S 358 27.99 -54.12 -51.21
CA SER S 358 27.34 -53.61 -52.41
C SER S 358 27.79 -52.21 -52.84
N VAL S 359 28.96 -51.77 -52.36
CA VAL S 359 29.57 -50.55 -52.86
C VAL S 359 30.03 -50.70 -54.32
N LYS S 360 29.93 -49.63 -55.09
CA LYS S 360 30.49 -49.60 -56.44
C LYS S 360 31.55 -48.53 -56.54
N ILE S 361 32.77 -48.91 -56.91
CA ILE S 361 33.84 -47.94 -57.16
C ILE S 361 33.99 -47.67 -58.66
N GLY S 362 33.58 -46.47 -59.10
CA GLY S 362 33.68 -46.11 -60.49
C GLY S 362 35.12 -46.06 -61.01
N ARG S 363 35.28 -46.25 -62.31
CA ARG S 363 36.58 -46.11 -62.95
C ARG S 363 37.33 -44.84 -62.55
N HIS S 364 38.64 -45.01 -62.37
CA HIS S 364 39.59 -43.94 -62.09
C HIS S 364 39.51 -43.36 -60.69
N ALA S 365 38.58 -43.82 -59.88
CA ALA S 365 38.47 -43.29 -58.51
C ALA S 365 39.67 -43.73 -57.64
N GLN S 366 40.15 -42.83 -56.80
CA GLN S 366 41.23 -43.15 -55.86
C GLN S 366 40.89 -42.74 -54.43
N LEU S 367 40.62 -43.71 -53.58
CA LEU S 367 40.24 -43.42 -52.19
C LEU S 367 41.22 -44.03 -51.19
N SER S 368 41.67 -43.24 -50.23
CA SER S 368 42.56 -43.72 -49.17
C SER S 368 42.10 -43.28 -47.78
N ASN S 369 42.18 -44.21 -46.83
CA ASN S 369 41.75 -43.98 -45.45
C ASN S 369 40.28 -43.65 -45.34
N VAL S 370 39.45 -44.59 -45.76
CA VAL S 370 38.01 -44.36 -45.80
C VAL S 370 37.20 -45.51 -45.20
N VAL S 371 35.98 -45.16 -44.80
CA VAL S 371 34.90 -46.10 -44.58
C VAL S 371 33.80 -45.70 -45.57
N ILE S 372 33.40 -46.64 -46.41
CA ILE S 372 32.36 -46.38 -47.39
C ILE S 372 31.10 -47.10 -46.94
N ASP S 373 30.02 -46.37 -46.79
CA ASP S 373 28.76 -46.90 -46.26
C ASP S 373 28.17 -47.96 -47.19
N HIS S 374 27.33 -48.82 -46.63
CA HIS S 374 26.59 -49.80 -47.41
C HIS S 374 25.97 -49.24 -48.69
N GLY S 375 26.30 -49.86 -49.82
CA GLY S 375 25.61 -49.56 -51.07
C GLY S 375 25.98 -48.28 -51.81
N VAL S 376 26.87 -47.47 -51.24
CA VAL S 376 27.33 -46.22 -51.84
C VAL S 376 27.86 -46.41 -53.26
N VAL S 377 27.47 -45.53 -54.17
CA VAL S 377 28.07 -45.54 -55.50
C VAL S 377 29.07 -44.40 -55.63
N ILE S 378 30.35 -44.77 -55.66
CA ILE S 378 31.45 -43.83 -55.78
C ILE S 378 31.58 -43.39 -57.22
N PRO S 379 31.31 -42.11 -57.50
CA PRO S 379 31.35 -41.66 -58.90
C PRO S 379 32.76 -41.72 -59.48
N GLU S 380 32.84 -41.96 -60.78
CA GLU S 380 34.12 -42.08 -61.48
C GLU S 380 35.05 -40.89 -61.26
N GLY S 381 36.34 -41.18 -61.08
CA GLY S 381 37.35 -40.15 -60.94
C GLY S 381 37.45 -39.47 -59.59
N LEU S 382 36.56 -39.80 -58.66
CA LEU S 382 36.60 -39.17 -57.33
C LEU S 382 37.94 -39.45 -56.67
N ILE S 383 38.49 -38.45 -55.99
CA ILE S 383 39.73 -38.60 -55.24
C ILE S 383 39.53 -38.27 -53.78
N VAL S 384 39.79 -39.23 -52.91
CA VAL S 384 39.68 -38.98 -51.49
C VAL S 384 41.01 -39.33 -50.82
N GLY S 385 41.46 -38.47 -49.93
CA GLY S 385 42.63 -38.73 -49.13
C GLY S 385 43.79 -37.84 -49.51
N GLU S 386 43.60 -37.04 -50.55
CA GLU S 386 44.68 -36.21 -51.08
C GLU S 386 44.61 -34.76 -50.62
N ASP S 387 43.41 -34.29 -50.32
CA ASP S 387 43.17 -32.91 -49.90
C ASP S 387 42.30 -32.88 -48.66
N PRO S 388 42.92 -32.88 -47.47
CA PRO S 388 42.18 -32.91 -46.20
C PRO S 388 41.06 -31.87 -46.15
N GLU S 389 41.36 -30.64 -46.55
CA GLU S 389 40.39 -29.56 -46.55
C GLU S 389 39.18 -29.88 -47.41
N LEU S 390 39.45 -30.24 -48.66
CA LEU S 390 38.39 -30.65 -49.58
C LEU S 390 37.66 -31.88 -49.06
N ASP S 391 38.42 -32.81 -48.51
CA ASP S 391 37.85 -34.04 -47.95
C ASP S 391 36.96 -33.73 -46.77
N ALA S 392 37.40 -32.77 -45.95
CA ALA S 392 36.69 -32.39 -44.75
C ALA S 392 35.40 -31.65 -45.08
N LYS S 393 35.39 -30.97 -46.23
CA LYS S 393 34.19 -30.25 -46.64
C LYS S 393 33.15 -31.22 -47.19
N ARG S 394 33.61 -32.22 -47.96
CA ARG S 394 32.73 -33.17 -48.62
C ARG S 394 32.21 -34.27 -47.71
N PHE S 395 33.09 -34.81 -46.86
CA PHE S 395 32.75 -35.99 -46.09
C PHE S 395 32.96 -35.84 -44.60
N ARG S 396 32.52 -36.85 -43.86
CA ARG S 396 32.80 -36.95 -42.44
C ARG S 396 34.25 -37.33 -42.25
N ARG S 397 35.09 -36.37 -41.89
CA ARG S 397 36.51 -36.66 -41.72
C ARG S 397 36.93 -36.54 -40.27
N THR S 398 37.48 -37.61 -39.73
CA THR S 398 38.01 -37.61 -38.37
C THR S 398 39.31 -36.81 -38.31
N GLU S 399 39.79 -36.55 -37.11
CA GLU S 399 41.00 -35.75 -36.93
C GLU S 399 42.27 -36.52 -37.27
N SER S 400 42.14 -37.84 -37.43
CA SER S 400 43.29 -38.65 -37.84
C SER S 400 43.24 -38.95 -39.33
N GLY S 401 42.23 -38.41 -40.00
CA GLY S 401 42.18 -38.45 -41.45
C GLY S 401 41.29 -39.48 -42.10
N ILE S 402 40.46 -40.16 -41.31
CA ILE S 402 39.54 -41.13 -41.89
C ILE S 402 38.28 -40.43 -42.41
N CYS S 403 37.96 -40.64 -43.68
CA CYS S 403 36.70 -40.13 -44.22
C CYS S 403 35.63 -41.22 -44.20
N LEU S 404 34.52 -40.93 -43.55
CA LEU S 404 33.32 -41.73 -43.71
C LEU S 404 32.54 -41.23 -44.90
N ILE S 405 32.37 -42.06 -45.93
CA ILE S 405 31.64 -41.63 -47.12
C ILE S 405 30.27 -42.28 -47.25
N THR S 406 29.22 -41.46 -47.30
CA THR S 406 27.85 -41.91 -47.41
CA THR S 406 27.87 -41.97 -47.46
C THR S 406 27.29 -41.48 -48.75
N GLN S 407 26.13 -42.01 -49.12
CA GLN S 407 25.53 -41.69 -50.40
C GLN S 407 24.95 -40.28 -50.38
N SER S 408 24.37 -39.91 -49.25
CA SER S 408 23.83 -38.57 -49.07
C SER S 408 24.92 -37.51 -49.23
N MET S 409 26.14 -37.82 -48.79
CA MET S 409 27.27 -36.92 -49.00
C MET S 409 27.67 -36.88 -50.47
N ILE S 410 27.66 -38.04 -51.13
CA ILE S 410 28.02 -38.11 -52.54
C ILE S 410 27.00 -37.35 -53.38
N ASP S 411 25.75 -37.39 -52.95
CA ASP S 411 24.68 -36.73 -53.68
C ASP S 411 24.84 -35.22 -53.72
N LYS S 412 25.24 -34.64 -52.59
CA LYS S 412 25.42 -33.19 -52.48
C LYS S 412 26.58 -32.69 -53.29
N LEU S 413 27.28 -33.60 -53.96
CA LEU S 413 28.53 -33.28 -54.58
C LEU S 413 28.34 -32.56 -55.91
N ASP S 414 28.96 -31.41 -56.01
CA ASP S 414 29.37 -30.87 -57.29
C ASP S 414 30.89 -30.84 -57.23
N LEU S 415 31.40 -30.52 -56.04
CA LEU S 415 32.81 -30.61 -55.64
C LEU S 415 32.92 -30.48 -54.13
N VAL T 1 -3.78 -72.68 -68.75
CA VAL T 1 -3.14 -71.42 -68.38
C VAL T 1 -2.20 -71.64 -67.16
N GLN T 2 -2.53 -72.67 -66.40
CA GLN T 2 -1.70 -73.14 -65.28
C GLN T 2 -0.41 -73.74 -65.78
N PRO T 3 0.72 -73.36 -65.17
CA PRO T 3 2.00 -73.96 -65.54
C PRO T 3 1.98 -75.48 -65.36
N LEU T 4 2.56 -76.18 -66.31
CA LEU T 4 2.58 -77.64 -66.30
C LEU T 4 3.57 -78.20 -65.29
N ALA T 5 4.53 -77.37 -64.88
CA ALA T 5 5.58 -77.81 -63.95
C ALA T 5 4.98 -78.13 -62.58
N ARG T 6 3.85 -77.50 -62.28
CA ARG T 6 3.09 -77.84 -61.10
C ARG T 6 2.81 -79.32 -61.00
N ASP T 7 2.66 -79.97 -62.15
CA ASP T 7 2.22 -81.35 -62.22
C ASP T 7 3.33 -82.29 -62.66
N ALA T 8 4.58 -81.84 -62.55
CA ALA T 8 5.72 -82.62 -63.02
C ALA T 8 6.60 -83.09 -61.89
N MET T 9 7.36 -84.13 -62.17
CA MET T 9 8.41 -84.56 -61.27
C MET T 9 9.70 -84.78 -62.06
N ALA T 10 10.78 -84.14 -61.63
CA ALA T 10 12.08 -84.30 -62.26
C ALA T 10 12.77 -85.51 -61.67
N TYR T 11 13.28 -86.38 -62.53
CA TYR T 11 13.91 -87.62 -62.08
C TYR T 11 15.34 -87.67 -62.57
N VAL T 12 16.28 -87.38 -61.68
CA VAL T 12 17.66 -87.18 -62.08
C VAL T 12 18.47 -88.48 -62.00
N LEU T 13 19.03 -88.90 -63.13
CA LEU T 13 19.91 -90.05 -63.14
C LEU T 13 21.32 -89.59 -62.84
N ALA T 14 21.84 -90.03 -61.70
CA ALA T 14 23.08 -89.51 -61.17
C ALA T 14 24.09 -90.61 -60.86
N GLY T 15 24.03 -91.69 -61.63
CA GLY T 15 24.93 -92.81 -61.40
C GLY T 15 26.17 -92.74 -62.26
N GLY T 16 26.24 -91.72 -63.12
CA GLY T 16 27.32 -91.57 -64.08
C GLY T 16 28.71 -91.72 -63.50
N ARG T 17 29.54 -92.51 -64.19
CA ARG T 17 30.84 -92.90 -63.68
C ARG T 17 31.91 -91.86 -63.93
N GLY T 18 31.82 -91.17 -65.06
CA GLY T 18 32.86 -90.24 -65.47
C GLY T 18 34.21 -90.94 -65.53
N SER T 19 34.24 -92.08 -66.21
CA SER T 19 35.45 -92.91 -66.24
C SER T 19 36.67 -92.20 -66.82
N ARG T 20 36.47 -91.39 -67.86
CA ARG T 20 37.58 -90.65 -68.47
C ARG T 20 38.12 -89.50 -67.59
N LEU T 21 37.51 -89.28 -66.43
CA LEU T 21 38.02 -88.32 -65.48
C LEU T 21 39.02 -89.00 -64.54
N LYS T 22 39.17 -90.30 -64.72
CA LYS T 22 40.16 -91.10 -64.01
C LYS T 22 40.09 -90.89 -62.50
N GLU T 23 41.20 -90.53 -61.89
CA GLU T 23 41.25 -90.45 -60.44
C GLU T 23 40.32 -89.37 -59.87
N LEU T 24 39.86 -88.46 -60.72
CA LEU T 24 38.93 -87.42 -60.28
C LEU T 24 37.62 -88.03 -59.79
N THR T 25 37.29 -89.18 -60.35
CA THR T 25 36.12 -89.93 -59.92
C THR T 25 36.51 -91.29 -59.33
N ASP T 26 37.69 -91.36 -58.75
CA ASP T 26 38.13 -92.55 -58.05
C ASP T 26 37.12 -92.98 -57.00
N ARG T 27 36.67 -92.03 -56.19
CA ARG T 27 35.76 -92.34 -55.12
C ARG T 27 34.62 -91.34 -54.97
N ARG T 28 34.15 -90.85 -56.12
CA ARG T 28 32.95 -90.02 -56.17
C ARG T 28 32.35 -90.14 -57.55
N ALA T 29 31.03 -90.06 -57.64
CA ALA T 29 30.34 -90.12 -58.92
C ALA T 29 30.55 -88.81 -59.68
N LYS T 30 30.43 -88.86 -61.00
CA LYS T 30 30.62 -87.65 -61.80
C LYS T 30 29.73 -86.48 -61.36
N PRO T 31 28.43 -86.73 -61.07
CA PRO T 31 27.62 -85.60 -60.62
C PRO T 31 28.12 -84.93 -59.34
N ALA T 32 28.92 -85.64 -58.55
CA ALA T 32 29.46 -85.08 -57.30
C ALA T 32 30.76 -84.31 -57.52
N VAL T 33 31.22 -84.23 -58.77
CA VAL T 33 32.44 -83.49 -59.05
C VAL T 33 32.21 -81.98 -58.91
N TYR T 34 33.10 -81.32 -58.20
CA TYR T 34 33.03 -79.88 -57.99
C TYR T 34 33.11 -79.11 -59.30
N PHE T 35 32.54 -77.91 -59.31
CA PHE T 35 32.64 -77.06 -60.50
C PHE T 35 32.28 -75.61 -60.19
N GLY T 36 33.03 -74.68 -60.78
CA GLY T 36 32.70 -73.27 -60.70
C GLY T 36 33.24 -72.53 -59.49
N GLY T 37 33.74 -73.27 -58.52
CA GLY T 37 34.28 -72.67 -57.32
C GLY T 37 33.45 -72.89 -56.07
N LYS T 38 32.17 -73.18 -56.25
CA LYS T 38 31.23 -73.28 -55.12
C LYS T 38 30.26 -74.47 -55.19
N ALA T 39 29.98 -74.93 -56.41
CA ALA T 39 28.92 -75.92 -56.64
C ALA T 39 29.47 -77.24 -57.16
N ARG T 40 28.60 -78.23 -57.30
CA ARG T 40 28.94 -79.49 -57.95
C ARG T 40 28.08 -79.62 -59.18
N ILE T 41 28.45 -80.54 -60.07
CA ILE T 41 27.81 -80.62 -61.37
C ILE T 41 26.31 -80.88 -61.25
N ILE T 42 25.90 -81.77 -60.34
CA ILE T 42 24.47 -82.10 -60.26
C ILE T 42 23.60 -80.89 -59.89
N ASP T 43 24.18 -79.86 -59.27
CA ASP T 43 23.39 -78.69 -58.85
C ASP T 43 22.74 -77.95 -60.01
N PHE T 44 23.30 -78.10 -61.21
CA PHE T 44 22.74 -77.42 -62.38
C PHE T 44 21.40 -78.04 -62.78
N ALA T 45 21.38 -79.35 -63.01
CA ALA T 45 20.12 -80.02 -63.31
C ALA T 45 19.10 -79.80 -62.18
N LEU T 46 19.54 -79.89 -60.92
CA LEU T 46 18.62 -79.66 -59.80
C LEU T 46 18.11 -78.22 -59.77
N SER T 47 18.99 -77.26 -60.02
CA SER T 47 18.57 -75.86 -60.01
C SER T 47 17.70 -75.54 -61.22
N ASN T 48 17.94 -76.20 -62.36
CA ASN T 48 17.02 -76.08 -63.49
C ASN T 48 15.61 -76.50 -63.13
N ALA T 49 15.48 -77.63 -62.43
CA ALA T 49 14.17 -78.13 -62.04
C ALA T 49 13.46 -77.12 -61.15
N LEU T 50 14.16 -76.70 -60.10
CA LEU T 50 13.63 -75.75 -59.14
C LEU T 50 13.22 -74.43 -59.80
N ASN T 51 14.09 -73.87 -60.64
CA ASN T 51 13.82 -72.58 -61.28
C ASN T 51 12.68 -72.67 -62.30
N SER T 52 12.54 -73.84 -62.92
CA SER T 52 11.45 -74.12 -63.88
C SER T 52 10.11 -74.31 -63.19
N GLY T 53 10.12 -74.52 -61.88
CA GLY T 53 8.87 -74.63 -61.14
C GLY T 53 8.52 -76.05 -60.77
N ILE T 54 9.41 -76.98 -61.06
CA ILE T 54 9.22 -78.37 -60.67
C ILE T 54 9.69 -78.55 -59.23
N ARG T 55 8.74 -78.78 -58.32
CA ARG T 55 9.07 -78.87 -56.91
C ARG T 55 9.06 -80.32 -56.40
N ARG T 56 8.94 -81.28 -57.31
CA ARG T 56 9.15 -82.70 -56.97
C ARG T 56 10.38 -83.24 -57.68
N ILE T 57 11.38 -83.68 -56.91
CA ILE T 57 12.61 -84.16 -57.49
C ILE T 57 12.96 -85.52 -56.89
N GLY T 58 13.43 -86.41 -57.75
CA GLY T 58 14.03 -87.66 -57.33
C GLY T 58 15.40 -87.81 -57.99
N VAL T 59 16.37 -88.34 -57.24
CA VAL T 59 17.74 -88.47 -57.75
C VAL T 59 18.21 -89.89 -57.58
N ALA T 60 18.39 -90.60 -58.68
CA ALA T 60 18.86 -91.98 -58.64
C ALA T 60 20.39 -92.00 -58.63
N THR T 61 20.98 -92.75 -57.69
CA THR T 61 22.44 -92.86 -57.58
C THR T 61 22.89 -94.32 -57.66
N GLN T 62 24.17 -94.54 -57.94
CA GLN T 62 24.74 -95.89 -58.10
C GLN T 62 26.13 -96.04 -57.46
N TYR T 63 27.17 -95.90 -58.28
CA TYR T 63 28.53 -96.20 -57.85
C TYR T 63 29.20 -95.01 -57.16
N LYS T 64 29.80 -95.28 -56.01
CA LYS T 64 30.64 -94.31 -55.29
C LYS T 64 29.82 -93.09 -54.93
N ALA T 65 28.72 -93.36 -54.22
CA ALA T 65 27.69 -92.35 -53.97
C ALA T 65 27.69 -91.56 -52.70
N HIS T 66 28.27 -92.03 -51.60
CA HIS T 66 28.10 -91.22 -50.38
C HIS T 66 28.60 -89.77 -50.30
N SER T 67 29.61 -89.33 -51.04
CA SER T 67 29.78 -87.88 -51.03
C SER T 67 28.61 -87.20 -51.79
N LEU T 68 28.12 -87.81 -52.87
CA LEU T 68 26.97 -87.25 -53.59
C LEU T 68 25.73 -87.21 -52.72
N ILE T 69 25.46 -88.32 -52.04
CA ILE T 69 24.32 -88.39 -51.14
C ILE T 69 24.42 -87.40 -49.98
N ARG T 70 25.61 -87.26 -49.39
CA ARG T 70 25.81 -86.31 -48.30
C ARG T 70 25.56 -84.88 -48.79
N HIS T 71 26.04 -84.57 -49.98
CA HIS T 71 25.80 -83.26 -50.61
C HIS T 71 24.31 -82.99 -50.75
N LEU T 72 23.57 -83.96 -51.24
CA LEU T 72 22.13 -83.82 -51.43
C LEU T 72 21.41 -83.60 -50.09
N GLN T 73 21.73 -84.44 -49.11
CA GLN T 73 21.18 -84.31 -47.75
C GLN T 73 21.48 -82.95 -47.11
N ARG T 74 22.68 -82.43 -47.36
CA ARG T 74 23.13 -81.19 -46.76
C ARG T 74 22.60 -79.95 -47.47
N GLY T 75 22.62 -79.99 -48.79
CA GLY T 75 22.30 -78.80 -49.58
C GLY T 75 20.88 -78.72 -50.08
N TRP T 76 20.26 -79.86 -50.33
CA TRP T 76 18.94 -79.88 -50.97
C TRP T 76 17.88 -80.38 -49.98
N ASP T 77 17.80 -79.66 -48.86
CA ASP T 77 17.07 -80.12 -47.66
C ASP T 77 15.80 -79.32 -47.35
N PHE T 78 15.43 -78.41 -48.25
CA PHE T 78 14.40 -77.44 -47.94
C PHE T 78 13.03 -77.73 -48.57
N PHE T 79 12.81 -78.97 -48.98
CA PHE T 79 11.53 -79.37 -49.57
C PHE T 79 10.59 -79.97 -48.51
N ARG T 80 9.37 -79.47 -48.41
CA ARG T 80 8.41 -80.00 -47.44
C ARG T 80 7.20 -80.60 -48.14
N PRO T 81 6.89 -81.88 -47.86
CA PRO T 81 5.77 -82.53 -48.56
C PRO T 81 4.40 -81.88 -48.32
N GLU T 82 4.22 -81.12 -47.24
CA GLU T 82 2.92 -80.50 -47.02
C GLU T 82 2.74 -79.27 -47.93
N ARG T 83 3.80 -78.85 -48.62
CA ARG T 83 3.70 -77.78 -49.62
C ARG T 83 3.74 -78.40 -51.02
N ASN T 84 3.55 -79.72 -51.06
CA ASN T 84 3.61 -80.52 -52.28
C ASN T 84 4.99 -80.48 -52.95
N GLU T 85 6.02 -80.35 -52.13
CA GLU T 85 7.41 -80.39 -52.57
C GLU T 85 8.02 -81.67 -52.06
N SER T 86 8.88 -82.29 -52.85
CA SER T 86 9.57 -83.46 -52.33
C SER T 86 10.94 -83.57 -52.94
N PHE T 87 11.85 -84.16 -52.18
CA PHE T 87 13.19 -84.43 -52.67
C PHE T 87 13.59 -85.80 -52.16
N ASP T 88 13.60 -86.78 -53.05
CA ASP T 88 13.88 -88.15 -52.64
C ASP T 88 15.23 -88.60 -53.18
N ILE T 89 16.06 -89.11 -52.29
CA ILE T 89 17.35 -89.63 -52.68
C ILE T 89 17.21 -91.14 -52.76
N LEU T 90 17.54 -91.73 -53.91
CA LEU T 90 17.19 -93.13 -54.17
C LEU T 90 18.35 -93.98 -54.64
N PRO T 91 19.22 -94.40 -53.71
CA PRO T 91 20.38 -95.24 -54.05
C PRO T 91 19.94 -96.64 -54.48
N ALA T 92 20.79 -97.31 -55.25
CA ALA T 92 20.49 -98.54 -55.99
C ALA T 92 19.46 -99.50 -55.38
N SER T 93 19.69 -99.97 -54.17
CA SER T 93 18.70 -100.81 -53.52
C SER T 93 18.38 -100.25 -52.14
N GLN T 94 17.09 -99.97 -51.92
CA GLN T 94 16.61 -99.40 -50.66
C GLN T 94 17.34 -98.11 -50.29
N TRP T 101 22.52 -103.20 -57.17
CA TRP T 101 22.66 -102.13 -58.14
C TRP T 101 21.46 -102.03 -59.07
N TYR T 102 21.25 -100.85 -59.65
CA TYR T 102 20.29 -100.73 -60.74
C TYR T 102 20.90 -101.37 -61.98
N GLU T 103 20.09 -102.05 -62.77
CA GLU T 103 20.61 -102.74 -63.94
C GLU T 103 20.74 -101.78 -65.10
N GLY T 104 20.36 -100.54 -64.85
CA GLY T 104 20.38 -99.52 -65.88
C GLY T 104 19.50 -98.34 -65.47
N THR T 105 19.40 -97.38 -66.38
CA THR T 105 18.74 -96.12 -66.07
C THR T 105 17.22 -96.30 -66.05
N ALA T 106 16.71 -97.24 -66.84
CA ALA T 106 15.27 -97.51 -66.83
C ALA T 106 14.91 -98.29 -65.58
N ASP T 107 15.76 -99.24 -65.23
CA ASP T 107 15.61 -99.98 -63.97
C ASP T 107 15.63 -99.01 -62.77
N ALA T 108 16.35 -97.89 -62.90
CA ALA T 108 16.37 -96.85 -61.87
C ALA T 108 14.99 -96.19 -61.69
N VAL T 109 14.20 -96.12 -62.76
CA VAL T 109 12.82 -95.65 -62.64
C VAL T 109 11.90 -96.80 -62.22
N TYR T 110 12.16 -97.98 -62.76
CA TYR T 110 11.36 -99.15 -62.46
C TYR T 110 11.38 -99.51 -60.97
N GLN T 111 12.58 -99.62 -60.40
CA GLN T 111 12.71 -99.97 -58.98
C GLN T 111 11.94 -99.01 -58.06
N ASN T 112 11.67 -97.80 -58.52
CA ASN T 112 11.12 -96.76 -57.66
C ASN T 112 9.75 -96.27 -58.08
N ILE T 113 8.97 -97.15 -58.69
CA ILE T 113 7.58 -96.84 -58.99
C ILE T 113 6.78 -96.65 -57.70
N ASP T 114 7.15 -97.35 -56.64
CA ASP T 114 6.42 -97.22 -55.39
C ASP T 114 6.70 -95.88 -54.72
N ILE T 115 7.81 -95.24 -55.07
CA ILE T 115 8.10 -93.92 -54.54
C ILE T 115 7.37 -92.85 -55.32
N ILE T 116 7.27 -93.04 -56.64
CA ILE T 116 6.69 -92.04 -57.55
C ILE T 116 5.16 -91.98 -57.53
N GLU T 117 4.50 -93.13 -57.53
CA GLU T 117 3.04 -93.17 -57.64
C GLU T 117 2.24 -92.48 -56.51
N PRO T 118 2.69 -92.59 -55.24
CA PRO T 118 2.01 -91.78 -54.22
C PRO T 118 1.94 -90.30 -54.56
N TYR T 119 2.90 -89.79 -55.33
CA TYR T 119 2.92 -88.39 -55.72
C TYR T 119 1.99 -88.07 -56.89
N ALA T 120 1.72 -89.08 -57.70
CA ALA T 120 0.84 -88.98 -58.86
C ALA T 120 1.12 -87.80 -59.80
N PRO T 121 2.39 -87.58 -60.19
CA PRO T 121 2.64 -86.45 -61.08
C PRO T 121 2.11 -86.73 -62.47
N GLU T 122 1.66 -85.68 -63.16
CA GLU T 122 1.14 -85.81 -64.51
C GLU T 122 2.26 -86.12 -65.52
N TYR T 123 3.41 -85.47 -65.34
CA TYR T 123 4.54 -85.58 -66.26
C TYR T 123 5.83 -85.96 -65.55
N MET T 124 6.69 -86.68 -66.25
CA MET T 124 8.00 -87.01 -65.72
C MET T 124 9.08 -86.39 -66.59
N VAL T 125 9.97 -85.64 -65.97
CA VAL T 125 11.12 -85.08 -66.67
C VAL T 125 12.38 -85.83 -66.25
N ILE T 126 12.83 -86.74 -67.11
CA ILE T 126 14.05 -87.53 -66.90
C ILE T 126 15.28 -86.68 -67.30
N LEU T 127 16.19 -86.46 -66.35
CA LEU T 127 17.31 -85.52 -66.53
C LEU T 127 18.66 -86.18 -66.31
N ALA T 128 19.65 -85.88 -67.14
CA ALA T 128 20.99 -86.35 -66.86
C ALA T 128 21.64 -85.43 -65.81
N GLY T 129 22.12 -86.00 -64.71
CA GLY T 129 22.71 -85.24 -63.62
C GLY T 129 24.20 -84.93 -63.73
N ASP T 130 24.78 -85.13 -64.90
CA ASP T 130 26.22 -84.91 -65.06
C ASP T 130 26.61 -83.93 -66.16
N HIS T 131 25.70 -83.01 -66.53
CA HIS T 131 26.03 -81.96 -67.49
C HIS T 131 25.85 -80.58 -66.88
N ILE T 132 26.61 -79.62 -67.38
CA ILE T 132 26.51 -78.24 -66.92
C ILE T 132 25.78 -77.38 -67.94
N TYR T 133 24.56 -76.97 -67.59
CA TYR T 133 23.72 -76.18 -68.50
C TYR T 133 22.56 -75.53 -67.75
N LYS T 134 21.93 -74.54 -68.38
CA LYS T 134 20.75 -73.91 -67.81
C LYS T 134 19.59 -74.01 -68.79
N MET T 135 18.45 -74.47 -68.29
CA MET T 135 17.32 -74.76 -69.16
C MET T 135 16.01 -74.64 -68.41
N ASP T 136 15.02 -74.05 -69.07
CA ASP T 136 13.67 -73.86 -68.55
C ASP T 136 12.79 -75.01 -69.04
N TYR T 137 12.44 -75.94 -68.16
CA TYR T 137 11.79 -77.17 -68.62
C TYR T 137 10.31 -76.96 -68.95
N GLU T 138 9.77 -75.79 -68.58
CA GLU T 138 8.37 -75.47 -68.86
C GLU T 138 8.12 -75.42 -70.37
N TYR T 139 9.08 -74.86 -71.11
CA TYR T 139 9.01 -74.84 -72.57
C TYR T 139 8.84 -76.25 -73.09
N MET T 140 9.71 -77.12 -72.60
CA MET T 140 9.70 -78.49 -73.04
C MET T 140 8.37 -79.18 -72.68
N LEU T 141 7.87 -78.93 -71.47
CA LEU T 141 6.64 -79.58 -71.01
C LEU T 141 5.46 -79.16 -71.90
N GLN T 142 5.44 -77.87 -72.21
CA GLN T 142 4.38 -77.32 -73.04
C GLN T 142 4.38 -78.01 -74.39
N GLN T 143 5.56 -78.13 -74.98
CA GLN T 143 5.69 -78.80 -76.26
C GLN T 143 5.21 -80.24 -76.21
N HIS T 144 5.55 -80.96 -75.15
CA HIS T 144 5.18 -82.37 -75.06
C HIS T 144 3.67 -82.61 -75.05
N VAL T 145 2.92 -81.82 -74.29
CA VAL T 145 1.47 -82.01 -74.25
C VAL T 145 0.85 -81.50 -75.55
N ASP T 146 1.34 -80.39 -76.07
CA ASP T 146 0.77 -79.82 -77.30
C ASP T 146 1.01 -80.73 -78.48
N SER T 147 2.16 -81.41 -78.49
CA SER T 147 2.56 -82.19 -79.64
C SER T 147 1.88 -83.55 -79.65
N GLY T 148 1.42 -84.00 -78.49
CA GLY T 148 0.85 -85.33 -78.38
C GLY T 148 1.89 -86.43 -78.48
N ALA T 149 3.17 -86.07 -78.35
CA ALA T 149 4.25 -87.06 -78.45
C ALA T 149 4.19 -88.09 -77.33
N ASP T 150 4.80 -89.25 -77.57
CA ASP T 150 4.97 -90.25 -76.51
C ASP T 150 6.19 -89.89 -75.67
N VAL T 151 7.24 -89.44 -76.33
CA VAL T 151 8.40 -88.92 -75.62
C VAL T 151 8.93 -87.71 -76.34
N THR T 152 9.33 -86.72 -75.56
CA THR T 152 9.93 -85.51 -76.07
C THR T 152 11.38 -85.46 -75.62
N ILE T 153 12.31 -85.37 -76.58
CA ILE T 153 13.74 -85.51 -76.29
C ILE T 153 14.51 -84.22 -76.50
N GLY T 154 15.22 -83.77 -75.46
CA GLY T 154 16.04 -82.58 -75.54
C GLY T 154 17.29 -82.78 -76.38
N CYS T 155 17.53 -81.86 -77.32
CA CYS T 155 18.59 -82.04 -78.29
C CYS T 155 19.46 -80.80 -78.50
N LEU T 156 20.77 -81.02 -78.62
CA LEU T 156 21.68 -79.95 -79.02
C LEU T 156 21.81 -79.90 -80.53
N GLU T 157 21.76 -78.70 -81.08
CA GLU T 157 22.02 -78.48 -82.49
C GLU T 157 23.53 -78.37 -82.72
N VAL T 158 24.15 -79.46 -83.17
CA VAL T 158 25.61 -79.62 -83.21
C VAL T 158 26.11 -79.82 -84.64
N PRO T 159 27.23 -79.15 -85.00
CA PRO T 159 27.83 -79.38 -86.32
C PRO T 159 28.06 -80.85 -86.57
N ARG T 160 27.88 -81.31 -87.80
CA ARG T 160 27.92 -82.73 -88.10
C ARG T 160 29.20 -83.42 -87.70
N MET T 161 30.34 -82.77 -87.87
CA MET T 161 31.56 -83.46 -87.49
C MET T 161 31.63 -83.70 -85.99
N GLU T 162 31.07 -82.77 -85.22
CA GLU T 162 31.13 -82.87 -83.77
C GLU T 162 30.02 -83.79 -83.25
N ALA T 163 29.01 -84.01 -84.07
CA ALA T 163 27.89 -84.86 -83.70
C ALA T 163 28.24 -86.34 -83.77
N THR T 164 29.42 -86.66 -84.28
CA THR T 164 29.84 -88.04 -84.43
C THR T 164 30.07 -88.71 -83.08
N GLY T 165 30.24 -87.90 -82.05
CA GLY T 165 30.49 -88.41 -80.71
C GLY T 165 29.24 -88.52 -79.85
N PHE T 166 28.13 -87.99 -80.36
CA PHE T 166 26.89 -87.96 -79.62
C PHE T 166 25.95 -89.09 -80.00
N GLY T 167 24.89 -89.26 -79.23
CA GLY T 167 23.76 -90.06 -79.67
C GLY T 167 22.91 -89.14 -80.52
N VAL T 168 22.67 -89.53 -81.78
CA VAL T 168 22.06 -88.60 -82.74
C VAL T 168 20.64 -88.98 -83.15
N MET T 169 19.78 -87.97 -83.19
CA MET T 169 18.39 -88.13 -83.57
C MET T 169 18.19 -87.73 -85.03
N HIS T 170 17.55 -88.62 -85.79
CA HIS T 170 17.19 -88.36 -87.17
C HIS T 170 15.76 -87.83 -87.24
N VAL T 171 15.61 -86.60 -87.69
CA VAL T 171 14.37 -85.84 -87.53
C VAL T 171 13.86 -85.33 -88.86
N ASN T 172 12.53 -85.29 -89.03
CA ASN T 172 11.96 -84.86 -90.29
C ASN T 172 11.70 -83.37 -90.27
N GLU T 173 10.79 -82.95 -91.12
CA GLU T 173 10.57 -81.54 -91.36
C GLU T 173 9.71 -80.93 -90.23
N LYS T 174 9.06 -81.78 -89.43
CA LYS T 174 8.28 -81.31 -88.29
C LYS T 174 8.96 -81.64 -86.94
N ASP T 175 10.28 -81.73 -86.97
CA ASP T 175 11.05 -82.08 -85.77
C ASP T 175 10.61 -83.38 -85.12
N GLU T 176 10.06 -84.30 -85.90
CA GLU T 176 9.70 -85.60 -85.38
C GLU T 176 10.84 -86.60 -85.62
N ILE T 177 11.08 -87.48 -84.65
CA ILE T 177 12.23 -88.37 -84.73
C ILE T 177 11.90 -89.69 -85.42
N ILE T 178 12.63 -90.01 -86.49
CA ILE T 178 12.42 -91.26 -87.22
C ILE T 178 13.54 -92.28 -87.07
N ASP T 179 14.63 -91.88 -86.42
CA ASP T 179 15.71 -92.83 -86.13
C ASP T 179 16.67 -92.28 -85.08
N PHE T 180 17.24 -93.19 -84.29
CA PHE T 180 18.28 -92.83 -83.35
C PHE T 180 19.57 -93.58 -83.72
N ILE T 181 20.71 -92.89 -83.73
CA ILE T 181 21.99 -93.53 -84.01
C ILE T 181 23.04 -93.18 -82.97
N GLU T 182 23.63 -94.20 -82.33
CA GLU T 182 24.71 -93.96 -81.39
C GLU T 182 26.04 -93.75 -82.09
N LYS T 183 26.56 -92.53 -82.00
CA LYS T 183 27.86 -92.17 -82.57
C LYS T 183 27.96 -92.51 -84.06
N PRO T 184 27.19 -91.81 -84.90
CA PRO T 184 27.23 -92.05 -86.34
C PRO T 184 28.50 -91.51 -86.97
N ALA T 185 29.10 -92.28 -87.88
CA ALA T 185 30.27 -91.79 -88.62
C ALA T 185 29.86 -90.61 -89.50
N ASP T 186 28.67 -90.70 -90.07
CA ASP T 186 28.11 -89.59 -90.83
C ASP T 186 26.74 -89.26 -90.25
N PRO T 187 26.69 -88.28 -89.35
CA PRO T 187 25.48 -87.90 -88.63
C PRO T 187 24.42 -87.33 -89.55
N PRO T 188 23.20 -87.88 -89.49
CA PRO T 188 22.09 -87.35 -90.29
C PRO T 188 21.85 -85.87 -90.00
N GLY T 189 21.73 -85.08 -91.05
CA GLY T 189 21.56 -83.64 -90.89
C GLY T 189 20.11 -83.28 -90.68
N ILE T 190 19.85 -82.07 -90.21
CA ILE T 190 18.49 -81.57 -90.07
C ILE T 190 17.97 -81.11 -91.42
N PRO T 191 16.73 -81.47 -91.77
CA PRO T 191 16.15 -81.07 -93.05
C PRO T 191 16.19 -79.55 -93.26
N GLY T 192 16.76 -79.12 -94.39
CA GLY T 192 16.85 -77.70 -94.69
C GLY T 192 18.03 -77.02 -94.00
N ASN T 193 18.75 -77.78 -93.17
CA ASN T 193 19.86 -77.26 -92.37
C ASN T 193 20.93 -78.34 -92.13
N GLU T 194 21.45 -78.85 -93.25
CA GLU T 194 22.15 -80.13 -93.29
C GLU T 194 23.50 -80.17 -92.61
N GLY T 195 24.10 -79.02 -92.37
CA GLY T 195 25.41 -78.97 -91.73
C GLY T 195 25.33 -79.13 -90.22
N PHE T 196 24.12 -79.36 -89.71
CA PHE T 196 23.93 -79.56 -88.27
C PHE T 196 23.19 -80.85 -88.00
N ALA T 197 23.41 -81.43 -86.83
CA ALA T 197 22.72 -82.64 -86.43
C ALA T 197 22.18 -82.47 -85.01
N LEU T 198 21.09 -83.16 -84.69
CA LEU T 198 20.56 -83.09 -83.34
C LEU T 198 21.21 -84.12 -82.43
N ALA T 199 21.87 -83.60 -81.39
CA ALA T 199 22.56 -84.44 -80.41
C ALA T 199 21.71 -84.56 -79.14
N SER T 200 21.43 -85.79 -78.74
CA SER T 200 20.58 -86.06 -77.56
C SER T 200 21.26 -85.64 -76.26
N MET T 201 20.55 -84.84 -75.47
CA MET T 201 21.03 -84.35 -74.19
C MET T 201 20.82 -85.33 -73.05
N GLY T 202 19.99 -86.35 -73.28
CA GLY T 202 19.66 -87.27 -72.21
C GLY T 202 18.55 -86.73 -71.33
N ILE T 203 17.83 -85.75 -71.86
CA ILE T 203 16.64 -85.18 -71.22
C ILE T 203 15.39 -85.70 -71.95
N TYR T 204 14.55 -86.44 -71.23
CA TYR T 204 13.34 -87.04 -71.81
C TYR T 204 12.09 -86.63 -71.04
N VAL T 205 11.00 -86.40 -71.75
CA VAL T 205 9.75 -86.06 -71.08
C VAL T 205 8.64 -87.04 -71.47
N PHE T 206 7.91 -87.49 -70.45
CA PHE T 206 6.83 -88.43 -70.62
C PHE T 206 5.59 -87.98 -69.87
N HIS T 207 4.43 -88.49 -70.28
CA HIS T 207 3.29 -88.60 -69.39
C HIS T 207 3.60 -89.77 -68.48
N THR T 208 3.37 -89.61 -67.19
CA THR T 208 3.84 -90.58 -66.21
C THR T 208 3.29 -91.98 -66.45
N LYS T 209 2.01 -92.10 -66.74
CA LYS T 209 1.42 -93.43 -66.81
C LYS T 209 1.92 -94.14 -68.05
N PHE T 210 2.26 -93.37 -69.08
CA PHE T 210 2.90 -93.93 -70.27
C PHE T 210 4.29 -94.43 -69.93
N LEU T 211 5.07 -93.58 -69.25
CA LEU T 211 6.39 -93.97 -68.79
C LEU T 211 6.25 -95.21 -67.93
N MET T 212 5.33 -95.19 -66.97
CA MET T 212 5.25 -96.26 -65.98
C MET T 212 5.20 -97.68 -66.55
N GLU T 213 4.30 -97.95 -67.51
CA GLU T 213 4.25 -99.31 -68.06
C GLU T 213 5.29 -99.52 -69.11
N ALA T 214 5.89 -98.43 -69.57
CA ALA T 214 7.05 -98.54 -70.45
C ALA T 214 8.23 -99.24 -69.76
N LEU T 215 8.44 -99.02 -68.46
CA LEU T 215 9.62 -99.63 -67.81
C LEU T 215 9.35 -101.01 -67.18
N ARG T 216 8.09 -101.28 -66.84
CA ARG T 216 7.77 -102.63 -66.41
C ARG T 216 7.69 -103.52 -67.64
N ARG T 217 7.46 -102.92 -68.82
CA ARG T 217 7.62 -103.66 -70.06
C ARG T 217 9.09 -104.00 -70.20
N ASP T 218 9.91 -102.98 -70.11
CA ASP T 218 11.37 -103.11 -70.14
C ASP T 218 11.87 -104.15 -69.15
N ALA T 219 11.24 -104.19 -67.98
CA ALA T 219 11.65 -105.09 -66.92
C ALA T 219 11.31 -106.54 -67.23
N ALA T 220 10.30 -106.74 -68.06
CA ALA T 220 9.85 -108.09 -68.41
C ALA T 220 10.64 -108.63 -69.61
N ASP T 221 11.46 -107.78 -70.21
CA ASP T 221 12.32 -108.17 -71.32
C ASP T 221 13.69 -108.59 -70.80
N PRO T 222 13.93 -109.92 -70.77
CA PRO T 222 15.14 -110.46 -70.16
C PRO T 222 16.39 -110.21 -71.00
N THR T 223 16.21 -109.60 -72.16
CA THR T 223 17.29 -109.33 -73.10
C THR T 223 17.75 -107.90 -72.97
N SER T 224 16.86 -107.06 -72.46
CA SER T 224 17.09 -105.63 -72.31
C SER T 224 18.22 -105.35 -71.34
N SER T 225 19.08 -104.40 -71.71
CA SER T 225 20.14 -103.92 -70.84
C SER T 225 19.58 -102.91 -69.83
N ARG T 226 18.27 -102.67 -69.94
CA ARG T 226 17.51 -101.91 -68.95
C ARG T 226 17.90 -100.42 -68.93
N ASP T 227 18.17 -99.84 -70.10
CA ASP T 227 18.56 -98.43 -70.16
C ASP T 227 17.63 -97.60 -71.04
N PHE T 228 17.44 -96.33 -70.68
CA PHE T 228 16.66 -95.41 -71.49
C PHE T 228 17.23 -95.27 -72.89
N GLY T 229 18.50 -94.85 -72.94
CA GLY T 229 19.17 -94.61 -74.20
C GLY T 229 19.18 -95.79 -75.14
N LYS T 230 19.43 -96.98 -74.61
CA LYS T 230 19.58 -98.15 -75.47
C LYS T 230 18.29 -99.01 -75.59
N ASP T 231 17.39 -98.93 -74.61
CA ASP T 231 16.18 -99.76 -74.70
C ASP T 231 14.83 -99.04 -74.79
N ILE T 232 14.56 -98.04 -73.96
CA ILE T 232 13.27 -97.34 -73.98
C ILE T 232 13.09 -96.51 -75.26
N ILE T 233 13.87 -95.45 -75.36
CA ILE T 233 13.80 -94.48 -76.44
C ILE T 233 13.78 -95.07 -77.87
N PRO T 234 14.69 -96.01 -78.20
CA PRO T 234 14.67 -96.48 -79.59
C PRO T 234 13.38 -97.23 -79.94
N TYR T 235 12.82 -97.89 -78.93
CA TYR T 235 11.58 -98.63 -79.10
C TYR T 235 10.45 -97.66 -79.39
N ILE T 236 10.47 -96.52 -78.71
CA ILE T 236 9.44 -95.53 -78.90
C ILE T 236 9.64 -94.79 -80.22
N VAL T 237 10.89 -94.55 -80.57
CA VAL T 237 11.20 -93.94 -81.87
C VAL T 237 10.68 -94.83 -82.98
N GLU T 238 10.91 -96.14 -82.86
CA GLU T 238 10.47 -97.12 -83.87
C GLU T 238 8.94 -97.36 -83.86
N HIS T 239 8.34 -97.51 -82.67
CA HIS T 239 6.93 -97.92 -82.56
C HIS T 239 5.95 -96.82 -82.12
N GLY T 240 6.46 -95.69 -81.65
CA GLY T 240 5.59 -94.63 -81.16
C GLY T 240 5.91 -93.29 -81.78
N LYS T 241 5.55 -92.20 -81.10
CA LYS T 241 5.89 -90.87 -81.58
C LYS T 241 6.92 -90.21 -80.66
N ALA T 242 8.17 -90.21 -81.11
CA ALA T 242 9.25 -89.52 -80.43
C ALA T 242 9.51 -88.21 -81.14
N VAL T 243 9.53 -87.12 -80.37
CA VAL T 243 9.74 -85.77 -80.91
C VAL T 243 10.91 -85.07 -80.20
N ALA T 244 11.65 -84.25 -80.94
CA ALA T 244 12.86 -83.62 -80.42
C ALA T 244 12.59 -82.18 -79.97
N HIS T 245 13.27 -81.75 -78.92
CA HIS T 245 13.18 -80.36 -78.47
C HIS T 245 14.52 -79.63 -78.67
N ARG T 246 14.46 -78.40 -79.17
CA ARG T 246 15.69 -77.62 -79.40
C ARG T 246 16.14 -76.89 -78.14
N PHE T 247 17.36 -77.19 -77.69
CA PHE T 247 17.94 -76.55 -76.51
C PHE T 247 17.88 -75.03 -76.65
N ALA T 248 18.11 -74.54 -77.87
CA ALA T 248 18.08 -73.10 -78.11
C ALA T 248 16.71 -72.50 -77.81
N ASP T 249 15.66 -73.32 -77.85
CA ASP T 249 14.30 -72.86 -77.54
C ASP T 249 14.04 -72.79 -76.03
N SER T 250 14.86 -73.48 -75.25
CA SER T 250 14.65 -73.61 -73.81
C SER T 250 15.79 -73.03 -73.00
N CYS T 251 16.98 -73.04 -73.58
CA CYS T 251 18.19 -72.61 -72.88
C CYS T 251 17.96 -71.30 -72.19
N VAL T 252 18.48 -71.19 -70.97
CA VAL T 252 18.44 -69.94 -70.26
C VAL T 252 19.79 -69.27 -70.45
N ARG T 253 19.78 -68.18 -71.21
CA ARG T 253 20.99 -67.52 -71.64
C ARG T 253 21.04 -66.07 -71.15
N SER T 254 21.98 -65.80 -70.26
CA SER T 254 22.27 -64.43 -69.85
C SER T 254 22.66 -63.61 -71.07
N ASP T 255 22.38 -62.30 -71.03
CA ASP T 255 22.74 -61.42 -72.13
C ASP T 255 24.26 -61.31 -72.28
N PHE T 256 24.98 -61.80 -71.26
CA PHE T 256 26.43 -61.80 -71.27
C PHE T 256 26.98 -63.18 -71.63
N GLU T 257 26.13 -63.99 -72.26
CA GLU T 257 26.51 -65.30 -72.77
C GLU T 257 26.27 -65.36 -74.28
N HIS T 258 27.34 -65.48 -75.06
CA HIS T 258 27.22 -65.29 -76.50
C HIS T 258 26.55 -66.45 -77.26
N GLU T 259 26.32 -67.56 -76.59
CA GLU T 259 25.59 -68.69 -77.18
C GLU T 259 25.09 -69.62 -76.06
N PRO T 260 24.07 -70.44 -76.36
CA PRO T 260 23.60 -71.44 -75.39
C PRO T 260 24.76 -72.25 -74.78
N TYR T 261 24.82 -72.32 -73.46
CA TYR T 261 25.93 -72.98 -72.78
C TYR T 261 25.54 -74.40 -72.35
N TRP T 262 26.34 -75.37 -72.76
CA TRP T 262 26.17 -76.76 -72.35
C TRP T 262 27.52 -77.46 -72.32
N ARG T 263 27.87 -78.09 -71.21
CA ARG T 263 29.14 -78.79 -71.12
C ARG T 263 28.96 -80.13 -70.47
N ASP T 264 29.69 -81.10 -71.00
CA ASP T 264 29.66 -82.48 -70.54
C ASP T 264 30.81 -82.75 -69.58
N VAL T 265 31.82 -81.87 -69.62
CA VAL T 265 33.11 -82.03 -68.93
C VAL T 265 33.53 -83.50 -68.78
N GLY T 266 33.63 -84.19 -69.91
CA GLY T 266 33.81 -85.64 -69.92
C GLY T 266 35.24 -86.14 -69.86
N THR T 267 36.20 -85.23 -70.04
CA THR T 267 37.62 -85.55 -69.97
C THR T 267 38.36 -84.53 -69.10
N ILE T 268 39.54 -84.89 -68.62
CA ILE T 268 40.31 -84.01 -67.75
C ILE T 268 40.60 -82.67 -68.42
N ASP T 269 40.83 -82.69 -69.72
CA ASP T 269 41.06 -81.44 -70.43
C ASP T 269 39.78 -80.58 -70.51
N ALA T 270 38.65 -81.22 -70.75
CA ALA T 270 37.37 -80.49 -70.84
C ALA T 270 36.99 -79.91 -69.48
N TYR T 271 37.19 -80.71 -68.43
CA TYR T 271 36.97 -80.26 -67.06
C TYR T 271 37.82 -79.07 -66.67
N TRP T 272 39.11 -79.14 -66.97
CA TRP T 272 40.04 -78.08 -66.65
C TRP T 272 39.67 -76.80 -67.40
N GLN T 273 39.37 -76.95 -68.70
CA GLN T 273 39.05 -75.81 -69.54
C GLN T 273 37.77 -75.10 -69.09
N ALA T 274 36.71 -75.87 -68.85
CA ALA T 274 35.44 -75.32 -68.41
C ALA T 274 35.60 -74.50 -67.12
N ASN T 275 36.42 -75.00 -66.20
CA ASN T 275 36.65 -74.27 -64.97
C ASN T 275 37.54 -73.06 -65.17
N ILE T 276 38.56 -73.18 -66.02
CA ILE T 276 39.53 -72.12 -66.13
C ILE T 276 38.99 -71.00 -67.03
N ASP T 277 38.00 -71.34 -67.85
CA ASP T 277 37.41 -70.34 -68.73
C ASP T 277 36.62 -69.35 -67.91
N LEU T 278 36.21 -69.75 -66.71
CA LEU T 278 35.51 -68.84 -65.81
C LEU T 278 36.42 -67.72 -65.34
N THR T 279 37.71 -67.82 -65.64
CA THR T 279 38.64 -66.76 -65.26
C THR T 279 38.68 -65.62 -66.28
N ASP T 280 38.03 -65.79 -67.43
CA ASP T 280 38.05 -64.78 -68.50
C ASP T 280 37.43 -63.44 -68.11
N VAL T 281 37.75 -62.41 -68.89
CA VAL T 281 37.11 -61.11 -68.77
C VAL T 281 35.65 -61.24 -69.17
N VAL T 282 35.40 -62.01 -70.23
CA VAL T 282 34.04 -62.31 -70.66
C VAL T 282 33.84 -63.82 -70.72
N PRO T 283 33.43 -64.41 -69.60
CA PRO T 283 33.33 -65.88 -69.59
C PRO T 283 32.14 -66.40 -70.40
N ASP T 284 32.26 -67.62 -70.93
CA ASP T 284 31.18 -68.29 -71.65
C ASP T 284 29.97 -68.53 -70.75
N LEU T 285 30.23 -68.89 -69.48
CA LEU T 285 29.21 -69.11 -68.49
C LEU T 285 29.10 -67.92 -67.57
N ASP T 286 27.90 -67.38 -67.43
CA ASP T 286 27.68 -66.23 -66.56
C ASP T 286 27.25 -66.67 -65.17
N ILE T 287 28.21 -66.82 -64.25
CA ILE T 287 27.89 -67.20 -62.86
C ILE T 287 27.39 -66.01 -62.04
N TYR T 288 26.89 -64.99 -62.74
CA TYR T 288 26.37 -63.76 -62.12
C TYR T 288 24.95 -63.42 -62.57
N ASP T 289 24.38 -64.25 -63.44
CA ASP T 289 23.00 -64.02 -63.85
C ASP T 289 22.05 -64.41 -62.72
N LYS T 290 21.68 -63.42 -61.91
CA LYS T 290 20.81 -63.64 -60.77
C LYS T 290 19.40 -64.07 -61.17
N SER T 291 19.11 -64.06 -62.45
CA SER T 291 17.77 -64.40 -62.91
C SER T 291 17.52 -65.90 -62.86
N TRP T 292 18.58 -66.70 -62.95
CA TRP T 292 18.44 -68.15 -62.95
C TRP T 292 19.53 -68.78 -62.07
N PRO T 293 19.40 -68.61 -60.75
CA PRO T 293 20.46 -68.94 -59.81
C PRO T 293 20.75 -70.43 -59.67
N ILE T 294 22.00 -70.77 -59.36
CA ILE T 294 22.38 -72.14 -59.08
C ILE T 294 22.52 -72.32 -57.57
N TRP T 295 21.54 -72.99 -56.97
CA TRP T 295 21.58 -73.33 -55.56
C TRP T 295 22.59 -74.44 -55.33
N THR T 296 23.27 -74.42 -54.19
CA THR T 296 24.16 -75.52 -53.83
C THR T 296 24.33 -75.64 -52.32
N TYR T 297 25.20 -76.54 -51.87
CA TYR T 297 25.58 -76.57 -50.46
C TYR T 297 26.72 -75.59 -50.21
N ALA T 298 26.45 -74.62 -49.34
CA ALA T 298 27.48 -73.67 -48.94
C ALA T 298 27.35 -73.40 -47.44
N GLU T 299 28.49 -73.34 -46.78
CA GLU T 299 28.54 -72.98 -45.39
C GLU T 299 28.96 -71.56 -45.28
N ILE T 300 28.75 -70.99 -44.10
CA ILE T 300 29.29 -69.69 -43.82
C ILE T 300 30.80 -69.83 -43.66
N THR T 301 31.54 -68.97 -44.35
CA THR T 301 32.99 -69.04 -44.33
C THR T 301 33.52 -67.63 -44.14
N PRO T 302 34.78 -67.50 -43.72
CA PRO T 302 35.45 -66.20 -43.74
C PRO T 302 35.73 -65.74 -45.18
N PRO T 303 35.96 -64.44 -45.36
CA PRO T 303 36.31 -63.95 -46.71
C PRO T 303 37.71 -64.38 -47.12
N ALA T 304 38.04 -64.28 -48.41
CA ALA T 304 39.39 -64.58 -48.87
C ALA T 304 40.39 -63.53 -48.36
N LYS T 305 41.61 -63.97 -48.06
CA LYS T 305 42.61 -63.13 -47.44
C LYS T 305 43.89 -63.19 -48.25
N PHE T 306 44.48 -62.02 -48.51
CA PHE T 306 45.76 -61.96 -49.21
C PHE T 306 46.75 -61.30 -48.31
N VAL T 307 47.92 -61.87 -48.16
CA VAL T 307 48.86 -61.23 -47.28
C VAL T 307 50.31 -61.34 -47.77
N HIS T 308 51.18 -60.48 -47.21
CA HIS T 308 52.59 -60.29 -47.57
C HIS T 308 52.77 -59.51 -48.87
N ASP T 309 53.67 -58.54 -48.85
CA ASP T 309 54.03 -57.83 -50.07
C ASP T 309 55.43 -57.26 -49.93
N ASP T 310 56.41 -57.91 -50.54
CA ASP T 310 57.77 -57.40 -50.53
C ASP T 310 58.54 -57.86 -51.76
N GLU T 311 59.85 -57.66 -51.75
CA GLU T 311 60.67 -57.87 -52.95
C GLU T 311 60.57 -59.30 -53.47
N ASP T 312 60.32 -60.26 -52.59
CA ASP T 312 60.40 -61.66 -52.98
C ASP T 312 59.07 -62.41 -52.91
N ARG T 313 58.14 -61.91 -52.12
CA ARG T 313 56.84 -62.55 -52.02
C ARG T 313 55.70 -61.54 -51.99
N ARG T 314 54.58 -61.94 -52.57
CA ARG T 314 53.38 -61.12 -52.58
C ARG T 314 52.20 -62.05 -52.70
N GLY T 315 51.35 -62.08 -51.68
CA GLY T 315 50.13 -62.85 -51.78
C GLY T 315 49.13 -62.09 -52.63
N SER T 316 48.85 -62.59 -53.82
CA SER T 316 47.87 -61.92 -54.69
C SER T 316 47.35 -62.84 -55.78
N ALA T 317 46.17 -62.50 -56.30
CA ALA T 317 45.59 -63.22 -57.42
C ALA T 317 45.39 -62.26 -58.58
N VAL T 318 45.70 -62.74 -59.77
CA VAL T 318 45.49 -61.97 -60.98
C VAL T 318 44.75 -62.85 -61.98
N SER T 319 43.77 -62.29 -62.69
CA SER T 319 42.98 -63.05 -63.66
C SER T 319 42.52 -64.38 -63.05
N SER T 320 42.06 -64.31 -61.81
CA SER T 320 41.74 -65.50 -61.04
C SER T 320 40.40 -65.35 -60.31
N VAL T 321 39.88 -66.48 -59.85
CA VAL T 321 38.62 -66.56 -59.14
C VAL T 321 38.89 -67.28 -57.82
N VAL T 322 38.59 -66.64 -56.70
CA VAL T 322 39.00 -67.18 -55.40
C VAL T 322 37.81 -67.23 -54.45
N SER T 323 37.61 -68.38 -53.82
CA SER T 323 36.47 -68.58 -52.93
C SER T 323 36.75 -68.19 -51.50
N GLY T 324 35.73 -68.32 -50.66
CA GLY T 324 35.86 -67.98 -49.26
C GLY T 324 36.78 -68.93 -48.54
N ASP T 325 37.21 -68.52 -47.35
CA ASP T 325 38.10 -69.32 -46.51
C ASP T 325 39.39 -69.70 -47.25
N CYS T 326 39.81 -68.87 -48.19
CA CYS T 326 41.09 -69.07 -48.85
C CYS T 326 42.10 -68.09 -48.28
N ILE T 327 43.29 -68.56 -47.96
CA ILE T 327 44.33 -67.66 -47.47
C ILE T 327 45.48 -67.72 -48.45
N ILE T 328 45.77 -66.58 -49.07
CA ILE T 328 46.82 -66.49 -50.08
C ILE T 328 47.99 -65.74 -49.45
N SER T 329 48.89 -66.51 -48.86
CA SER T 329 49.95 -66.01 -47.99
C SER T 329 51.29 -66.03 -48.70
N GLY T 330 51.68 -64.90 -49.28
CA GLY T 330 52.93 -64.82 -50.03
C GLY T 330 52.91 -65.63 -51.32
N ALA T 331 51.73 -66.03 -51.76
CA ALA T 331 51.59 -66.86 -52.96
C ALA T 331 51.06 -66.05 -54.16
N ALA T 332 51.65 -66.29 -55.33
CA ALA T 332 51.24 -65.56 -56.53
C ALA T 332 50.38 -66.43 -57.43
N LEU T 333 49.11 -66.04 -57.61
CA LEU T 333 48.20 -66.82 -58.46
C LEU T 333 47.87 -66.08 -59.74
N ASN T 334 47.83 -66.82 -60.85
CA ASN T 334 47.46 -66.27 -62.14
C ASN T 334 46.61 -67.25 -62.91
N ARG T 335 45.53 -66.77 -63.51
CA ARG T 335 44.66 -67.59 -64.34
C ARG T 335 44.29 -68.89 -63.62
N SER T 336 43.90 -68.76 -62.36
CA SER T 336 43.57 -69.92 -61.53
C SER T 336 42.21 -69.77 -60.89
N LEU T 337 41.58 -70.90 -60.62
CA LEU T 337 40.30 -70.91 -59.93
C LEU T 337 40.46 -71.70 -58.63
N LEU T 338 40.19 -71.06 -57.49
CA LEU T 338 40.34 -71.71 -56.20
C LEU T 338 38.99 -71.93 -55.56
N PHE T 339 38.71 -73.18 -55.19
CA PHE T 339 37.50 -73.52 -54.45
C PHE T 339 37.69 -73.16 -52.99
N THR T 340 36.64 -73.33 -52.19
CA THR T 340 36.68 -72.98 -50.77
C THR T 340 37.78 -73.67 -49.94
N GLY T 341 38.50 -72.90 -49.14
CA GLY T 341 39.36 -73.49 -48.13
C GLY T 341 40.82 -73.59 -48.47
N VAL T 342 41.20 -73.13 -49.66
CA VAL T 342 42.57 -73.35 -50.13
C VAL T 342 43.56 -72.52 -49.32
N ARG T 343 44.68 -73.13 -48.96
CA ARG T 343 45.77 -72.43 -48.31
C ARG T 343 46.94 -72.40 -49.29
N ALA T 344 47.45 -71.21 -49.58
CA ALA T 344 48.61 -71.09 -50.46
C ALA T 344 49.69 -70.33 -49.71
N ASN T 345 50.86 -70.94 -49.56
CA ASN T 345 51.85 -70.41 -48.63
C ASN T 345 52.99 -69.71 -49.33
N SER T 346 53.85 -69.07 -48.54
CA SER T 346 54.89 -68.17 -49.03
C SER T 346 55.77 -68.74 -50.14
N TYR T 347 56.00 -67.90 -51.14
CA TYR T 347 56.91 -68.17 -52.25
C TYR T 347 56.35 -69.20 -53.22
N SER T 348 55.13 -69.66 -53.01
CA SER T 348 54.53 -70.60 -53.95
C SER T 348 53.91 -69.82 -55.11
N ARG T 349 53.75 -70.49 -56.25
CA ARG T 349 53.16 -69.89 -57.44
C ARG T 349 52.16 -70.84 -58.10
N LEU T 350 50.97 -70.33 -58.46
CA LEU T 350 49.99 -71.10 -59.21
C LEU T 350 49.65 -70.44 -60.54
N GLU T 351 49.70 -71.20 -61.62
CA GLU T 351 49.27 -70.73 -62.93
C GLU T 351 48.38 -71.73 -63.63
N ASN T 352 47.30 -71.26 -64.24
CA ASN T 352 46.42 -72.13 -64.99
C ASN T 352 45.97 -73.30 -64.12
N ALA T 353 45.63 -73.00 -62.87
CA ALA T 353 45.34 -74.05 -61.90
C ALA T 353 43.88 -74.10 -61.53
N VAL T 354 43.31 -75.30 -61.49
CA VAL T 354 41.98 -75.51 -60.94
C VAL T 354 42.17 -76.24 -59.62
N VAL T 355 41.88 -75.56 -58.52
CA VAL T 355 42.24 -76.05 -57.20
C VAL T 355 40.99 -76.33 -56.38
N LEU T 356 40.75 -77.61 -56.10
CA LEU T 356 39.51 -78.06 -55.46
C LEU T 356 39.52 -77.76 -53.95
N PRO T 357 38.40 -78.00 -53.23
CA PRO T 357 38.40 -77.44 -51.86
C PRO T 357 39.49 -77.93 -50.89
N SER T 358 39.91 -77.03 -50.00
CA SER T 358 40.76 -77.35 -48.86
C SER T 358 42.17 -77.83 -49.23
N VAL T 359 42.60 -77.57 -50.46
CA VAL T 359 43.98 -77.87 -50.87
C VAL T 359 44.97 -77.00 -50.11
N LYS T 360 46.13 -77.55 -49.75
CA LYS T 360 47.21 -76.75 -49.17
C LYS T 360 48.40 -76.74 -50.11
N ILE T 361 48.92 -75.55 -50.39
CA ILE T 361 50.11 -75.44 -51.24
C ILE T 361 51.29 -75.08 -50.36
N GLY T 362 52.34 -75.90 -50.38
CA GLY T 362 53.48 -75.67 -49.53
C GLY T 362 54.38 -74.56 -50.04
N ARG T 363 55.18 -73.98 -49.14
CA ARG T 363 56.09 -72.91 -49.51
C ARG T 363 56.95 -73.34 -50.69
N HIS T 364 57.18 -72.39 -51.58
CA HIS T 364 58.12 -72.53 -52.70
C HIS T 364 57.62 -73.46 -53.82
N ALA T 365 56.48 -74.12 -53.63
CA ALA T 365 55.93 -74.95 -54.69
C ALA T 365 55.51 -74.11 -55.90
N GLN T 366 55.75 -74.63 -57.10
CA GLN T 366 55.32 -73.95 -58.33
C GLN T 366 54.53 -74.90 -59.20
N LEU T 367 53.26 -74.58 -59.42
CA LEU T 367 52.38 -75.44 -60.19
C LEU T 367 51.76 -74.67 -61.33
N SER T 368 51.88 -75.20 -62.55
CA SER T 368 51.16 -74.64 -63.68
C SER T 368 50.31 -75.70 -64.35
N ASN T 369 49.19 -75.29 -64.95
CA ASN T 369 48.34 -76.17 -65.76
C ASN T 369 47.99 -77.49 -65.08
N VAL T 370 47.27 -77.38 -63.96
CA VAL T 370 46.96 -78.51 -63.13
C VAL T 370 45.50 -78.52 -62.72
N VAL T 371 45.02 -79.70 -62.33
CA VAL T 371 43.81 -79.81 -61.54
C VAL T 371 44.20 -80.51 -60.25
N ILE T 372 44.02 -79.85 -59.12
CA ILE T 372 44.42 -80.43 -57.85
C ILE T 372 43.19 -80.94 -57.09
N ASP T 373 43.11 -82.25 -56.87
CA ASP T 373 41.97 -82.88 -56.23
C ASP T 373 41.70 -82.29 -54.85
N HIS T 374 40.48 -82.37 -54.40
CA HIS T 374 40.19 -81.91 -53.06
C HIS T 374 40.89 -82.55 -51.87
N GLY T 375 41.31 -81.68 -50.94
CA GLY T 375 42.05 -82.11 -49.78
C GLY T 375 43.56 -82.29 -49.92
N VAL T 376 44.08 -82.21 -51.14
CA VAL T 376 45.48 -82.56 -51.42
C VAL T 376 46.46 -81.59 -50.73
N VAL T 377 47.51 -82.15 -50.15
CA VAL T 377 48.57 -81.35 -49.56
C VAL T 377 49.80 -81.39 -50.44
N ILE T 378 50.11 -80.26 -51.06
CA ILE T 378 51.22 -80.14 -51.97
C ILE T 378 52.49 -79.89 -51.17
N PRO T 379 53.52 -80.73 -51.36
CA PRO T 379 54.75 -80.60 -50.57
C PRO T 379 55.51 -79.32 -50.89
N GLU T 380 56.25 -78.79 -49.94
CA GLU T 380 57.07 -77.61 -50.17
C GLU T 380 58.01 -77.86 -51.33
N GLY T 381 58.24 -76.83 -52.13
CA GLY T 381 59.16 -76.92 -53.23
C GLY T 381 58.74 -77.75 -54.45
N LEU T 382 57.58 -78.40 -54.41
CA LEU T 382 57.15 -79.20 -55.55
C LEU T 382 57.00 -78.35 -56.81
N ILE T 383 57.46 -78.86 -57.95
CA ILE T 383 57.33 -78.16 -59.22
C ILE T 383 56.56 -78.99 -60.23
N VAL T 384 55.48 -78.44 -60.76
CA VAL T 384 54.74 -79.13 -61.80
C VAL T 384 54.60 -78.22 -62.98
N GLY T 385 54.89 -78.77 -64.16
CA GLY T 385 54.73 -78.01 -65.39
C GLY T 385 56.00 -77.43 -65.94
N GLU T 386 57.11 -78.00 -65.51
CA GLU T 386 58.41 -77.65 -66.01
C GLU T 386 58.93 -78.77 -66.89
N ASP T 387 58.73 -80.00 -66.41
CA ASP T 387 59.31 -81.20 -67.00
C ASP T 387 58.23 -82.16 -67.43
N PRO T 388 57.77 -82.03 -68.69
CA PRO T 388 56.64 -82.82 -69.21
C PRO T 388 56.84 -84.32 -69.02
N GLU T 389 58.09 -84.76 -68.96
CA GLU T 389 58.43 -86.16 -68.80
C GLU T 389 58.31 -86.59 -67.34
N LEU T 390 58.91 -85.81 -66.45
CA LEU T 390 58.83 -86.10 -65.03
C LEU T 390 57.39 -86.06 -64.55
N ASP T 391 56.60 -85.18 -65.16
CA ASP T 391 55.23 -84.94 -64.72
C ASP T 391 54.29 -86.08 -65.07
N ALA T 392 54.41 -86.59 -66.29
CA ALA T 392 53.61 -87.73 -66.72
C ALA T 392 53.93 -88.96 -65.87
N LYS T 393 55.14 -89.03 -65.34
CA LYS T 393 55.57 -90.15 -64.52
C LYS T 393 55.04 -90.04 -63.09
N ARG T 394 54.94 -88.82 -62.59
CA ARG T 394 54.47 -88.61 -61.23
C ARG T 394 52.96 -88.56 -61.14
N PHE T 395 52.31 -88.00 -62.15
CA PHE T 395 50.87 -87.74 -62.09
C PHE T 395 50.17 -88.19 -63.35
N ARG T 396 48.84 -88.15 -63.31
CA ARG T 396 48.03 -88.31 -64.51
C ARG T 396 48.17 -87.05 -65.36
N ARG T 397 48.82 -87.18 -66.52
CA ARG T 397 49.01 -86.03 -67.40
C ARG T 397 48.30 -86.23 -68.73
N THR T 398 47.57 -85.24 -69.19
CA THR T 398 46.90 -85.35 -70.48
C THR T 398 47.89 -85.03 -71.59
N GLU T 399 47.48 -85.28 -72.83
CA GLU T 399 48.32 -85.00 -74.00
C GLU T 399 48.46 -83.50 -74.23
N SER T 400 47.52 -82.73 -73.71
CA SER T 400 47.60 -81.27 -73.81
C SER T 400 48.45 -80.68 -72.68
N GLY T 401 48.80 -81.53 -71.71
CA GLY T 401 49.75 -81.13 -70.69
C GLY T 401 49.16 -80.73 -69.36
N ILE T 402 47.89 -81.06 -69.14
CA ILE T 402 47.24 -80.82 -67.87
C ILE T 402 47.53 -81.97 -66.90
N CYS T 403 48.03 -81.66 -65.70
CA CYS T 403 48.26 -82.69 -64.69
C CYS T 403 47.17 -82.74 -63.63
N LEU T 404 46.54 -83.90 -63.51
CA LEU T 404 45.61 -84.17 -62.41
C LEU T 404 46.40 -84.72 -61.22
N ILE T 405 46.38 -83.99 -60.12
CA ILE T 405 47.15 -84.34 -58.93
C ILE T 405 46.26 -84.79 -57.78
N THR T 406 46.46 -86.03 -57.34
CA THR T 406 45.71 -86.63 -56.24
CA THR T 406 45.70 -86.55 -56.19
C THR T 406 46.64 -86.88 -55.05
N GLN T 407 46.09 -87.06 -53.86
CA GLN T 407 46.93 -87.29 -52.69
C GLN T 407 47.69 -88.60 -52.79
N SER T 408 47.08 -89.60 -53.43
CA SER T 408 47.76 -90.87 -53.62
C SER T 408 49.03 -90.69 -54.44
N MET T 409 48.93 -89.97 -55.55
CA MET T 409 50.10 -89.65 -56.38
C MET T 409 51.21 -88.95 -55.58
N ILE T 410 50.83 -87.93 -54.81
CA ILE T 410 51.77 -87.20 -53.97
C ILE T 410 52.47 -88.13 -52.99
N ASP T 411 51.71 -89.05 -52.41
CA ASP T 411 52.23 -89.94 -51.39
C ASP T 411 53.27 -90.91 -51.93
N LYS T 412 53.25 -91.12 -53.24
CA LYS T 412 54.22 -92.00 -53.90
C LYS T 412 55.51 -91.27 -54.24
N LEU T 413 55.62 -90.02 -53.85
CA LEU T 413 56.76 -89.21 -54.28
C LEU T 413 57.99 -89.36 -53.38
N ASP T 414 59.08 -89.70 -54.06
CA ASP T 414 60.42 -89.56 -53.54
C ASP T 414 61.24 -89.35 -54.80
N LEU T 415 60.53 -89.46 -55.92
CA LEU T 415 61.01 -89.10 -57.24
C LEU T 415 59.80 -88.71 -58.08
#